data_7SFV
#
_entry.id   7SFV
#
_cell.length_a   1.00
_cell.length_b   1.00
_cell.length_c   1.00
_cell.angle_alpha   90.00
_cell.angle_beta   90.00
_cell.angle_gamma   90.00
#
_symmetry.space_group_name_H-M   'P 1'
#
loop_
_entity.id
_entity.type
_entity.pdbx_description
1 polymer 'Spike glycoprotein E1'
2 polymer 'Spike glycoprotein E2'
3 polymer 'Capsid protein'
4 polymer 'hVEEV-63 Fab heavy chain'
5 polymer 'hVEEV-63 Fab light chain'
6 non-polymer 2-acetamido-2-deoxy-beta-D-glucopyranose
#
loop_
_entity_poly.entity_id
_entity_poly.type
_entity_poly.pdbx_seq_one_letter_code
_entity_poly.pdbx_strand_id
1 'polypeptide(L)'
;YEHATTMPSQAGISYNTIVNRAGYAPLPISITPTKIKLIPTVNLEYVTCHYKTGMDSPAIKCCGSQECTPTYRPDEQCKV
FTGVYPFMWGGAYCFCDTENTQVSKAYVMKSDDCLADHAEAYKAHTASVQAFLNITVGEHSIVTTVYVNGETPVNFNGVK
ITAGPLSTAWTPFDRKIVQYAGEIYNYDFPEYGAGQPGAFGDIQSRTVSSSDLYANTNLVLQRPKAGAIHVPYTQAPSGF
EQWKKDKAPSLKFTAPFGCEIYTNPIRAENCAVGSIPLAFDIPDALFTRVSETPTLSAAECTLNECVYSSDFGGIATVKY
SASKSGKCAVHVPSGTATLKEAAVELTEQGSATIHFSTANIHPEFRLQICTSYVTCKGDCHPPKDHIVTHPQYHAQTFTA
AVSKTAWTWLTSLLGGSAVIIIIGLVLATIVAMYVLTNQK
;
A,D,G,J
2 'polypeptide(L)'
;STEELFNEYKLTRPYMARCIRCAVGSCHSPIAIEAVKSDGHDGYVRLQTSSQYGLDSSGNLKGRTMRYDMHGTIKEIPLH
QVSLYTSRPCHIVDGHGYFLLARCPAGDSITMEFKKDSVRHSCSVPYEVKFNPVGRELYTHPPEHGVEQACQVYAHDAQN
RGAYVEMHLPGSEVDSSLVSLSGSSVTVTPPDGTSALVECECGGTKISETINKTKQFSQCTKKEQCRAYRLQNDKWVYNS
DKLPKAAGATLKGKLHVPFLLADGKCTVPLAPEPMITFGFRSVSLKLHPKNPTYLITRQLADEPHYTHELISEPAVRNFT
VTEKGWEFVWGNHPPKRFWAQETAPGNPHGLPHEVITHYYHRYPMSTILGLSICAAIATVSVAASTWLFCRSRVACLTPY
RLTPNARIPFCLAVLCCA
;
B,E,H,K
3 'polypeptide(L)'
;RMVMKLESDKTFPIMLEGKINGYACVVGGKLFRPMHVEGKIDNDVLAALKTKKASKYDLEYADVPQNMRADTFKYTHEKP
QGYYSWHHGAVQYENGRFTVPKGVGAKGDSGRPILDNQGRVVAIVLGGVNEGSRTALSVVMWNEKGVTVKYTPENCEQW
;
C,F,I,L
4 'polypeptide(L)'
;QVQLVQSGAEVKKPGASVKVSCKSSGYTFTNYIIHWVRQAPGQRLEWMGWINAGNGNTKYSQKFQGRISVTRDTSASAAY
MELSSLKSEDTALYYCATLQMDYGGNGDLDYWGQGTLVTVSSASTKGPSVFPLAPSSKSTSGGTAALGCLVKDYFPEPVT
VSWNSGALTSGVHTFPAVLQSSGLYSLSSVVTVPSSSLGTQTYICNVNHKPSNTKVDK
;
M,O,Q,S
5 'polypeptide(L)'
;YELTQPPSVSVSPGQTARITCSGDALPKQYVYWYQQKPGQAPVLVIYKDSERPSGIPERFSGSSSGTTVTLTISGVQAED
DADYYCQAADSSNTEYVFGTGTKVTVLQPKANPTVTLFPPSSEELQANKATLVCLISDFYPGAVTVAWKADGSPVKAGVE
TTKPSKQSNNKYAASSYLSLTPEQWKSHRSYSCQVTHEGSTVEKTVAPT
;
N,P,R,T
#
# COMPACT_ATOMS: atom_id res chain seq x y z
N TYR A 1 -14.82 -4.63 38.48
CA TYR A 1 -16.10 -4.32 39.13
C TYR A 1 -16.75 -3.09 38.48
N GLU A 2 -18.00 -3.24 38.07
CA GLU A 2 -18.74 -2.18 37.39
C GLU A 2 -19.74 -1.57 38.36
N HIS A 3 -19.66 -0.26 38.55
CA HIS A 3 -20.59 0.50 39.37
C HIS A 3 -21.34 1.49 38.51
N ALA A 4 -22.58 1.78 38.90
CA ALA A 4 -23.39 2.74 38.17
C ALA A 4 -24.12 3.64 39.15
N THR A 5 -24.20 4.93 38.81
CA THR A 5 -24.90 5.89 39.65
C THR A 5 -25.48 6.98 38.76
N THR A 6 -26.21 7.91 39.37
CA THR A 6 -26.86 8.99 38.63
C THR A 6 -26.70 10.26 39.45
N MET A 7 -25.81 11.15 39.01
CA MET A 7 -25.54 12.38 39.73
C MET A 7 -26.37 13.51 39.14
N PRO A 8 -27.18 14.22 39.93
CA PRO A 8 -27.95 15.34 39.38
C PRO A 8 -27.02 16.41 38.83
N SER A 9 -27.43 17.03 37.72
CA SER A 9 -26.64 18.06 37.06
C SER A 9 -26.83 19.36 37.82
N GLN A 10 -25.94 19.62 38.77
CA GLN A 10 -26.00 20.83 39.58
C GLN A 10 -24.57 21.20 39.96
N ALA A 11 -24.06 22.29 39.39
CA ALA A 11 -22.68 22.69 39.64
C ALA A 11 -22.51 23.17 41.07
N GLY A 12 -21.34 22.88 41.64
CA GLY A 12 -21.00 23.36 42.96
C GLY A 12 -21.48 22.51 44.11
N ILE A 13 -22.25 21.46 43.84
CA ILE A 13 -22.78 20.58 44.88
C ILE A 13 -22.14 19.21 44.71
N SER A 14 -21.48 18.73 45.76
CA SER A 14 -20.80 17.44 45.69
C SER A 14 -21.81 16.30 45.64
N TYR A 15 -21.34 15.15 45.17
CA TYR A 15 -22.13 13.92 45.14
C TYR A 15 -21.25 12.80 45.68
N ASN A 16 -21.57 12.33 46.88
CA ASN A 16 -20.80 11.30 47.56
C ASN A 16 -21.57 10.00 47.54
N THR A 17 -20.90 8.92 47.12
CA THR A 17 -21.48 7.59 47.13
C THR A 17 -20.42 6.61 47.64
N ILE A 18 -20.82 5.36 47.80
CA ILE A 18 -19.94 4.35 48.36
C ILE A 18 -20.16 3.04 47.59
N VAL A 19 -19.07 2.34 47.34
CA VAL A 19 -19.09 1.05 46.65
C VAL A 19 -18.82 -0.03 47.68
N ASN A 20 -19.78 -0.92 47.87
CA ASN A 20 -19.72 -1.96 48.90
C ASN A 20 -19.65 -3.31 48.21
N ARG A 21 -18.45 -3.89 48.17
CA ARG A 21 -18.33 -5.28 47.79
C ARG A 21 -18.79 -6.17 48.95
N ALA A 22 -19.01 -7.45 48.64
CA ALA A 22 -19.61 -8.35 49.62
C ALA A 22 -18.71 -8.52 50.84
N GLY A 23 -17.41 -8.67 50.62
CA GLY A 23 -16.50 -8.92 51.74
C GLY A 23 -15.24 -8.10 51.74
N TYR A 24 -15.32 -6.86 51.27
CA TYR A 24 -14.14 -5.99 51.16
C TYR A 24 -14.45 -4.62 51.70
N ALA A 25 -13.38 -3.86 51.96
CA ALA A 25 -13.53 -2.54 52.55
C ALA A 25 -14.31 -1.62 51.61
N PRO A 26 -15.24 -0.83 52.13
CA PRO A 26 -16.01 0.08 51.28
C PRO A 26 -15.11 1.10 50.60
N LEU A 27 -15.50 1.48 49.38
CA LEU A 27 -14.74 2.43 48.58
C LEU A 27 -15.52 3.74 48.47
N PRO A 28 -15.01 4.85 49.00
CA PRO A 28 -15.73 6.12 48.87
C PRO A 28 -15.47 6.78 47.52
N ILE A 29 -16.54 7.31 46.92
CA ILE A 29 -16.46 8.00 45.65
C ILE A 29 -17.11 9.37 45.80
N SER A 30 -16.45 10.39 45.28
CA SER A 30 -16.99 11.75 45.33
C SER A 30 -16.81 12.42 43.98
N ILE A 31 -17.90 13.00 43.47
CA ILE A 31 -17.88 13.74 42.21
C ILE A 31 -18.34 15.16 42.51
N THR A 32 -17.50 16.14 42.17
CA THR A 32 -17.84 17.55 42.37
C THR A 32 -17.86 18.27 41.04
N PRO A 33 -19.03 18.62 40.51
CA PRO A 33 -19.10 19.36 39.24
C PRO A 33 -18.87 20.84 39.47
N THR A 34 -17.77 21.37 38.95
CA THR A 34 -17.50 22.79 39.05
C THR A 34 -18.10 23.59 37.90
N LYS A 35 -18.38 22.96 36.76
CA LYS A 35 -18.97 23.62 35.63
C LYS A 35 -19.54 22.57 34.67
N ILE A 36 -20.73 22.83 34.15
CA ILE A 36 -21.37 21.97 33.17
C ILE A 36 -21.69 22.83 31.96
N LYS A 37 -21.06 22.53 30.83
CA LYS A 37 -21.17 23.35 29.62
C LYS A 37 -21.95 22.61 28.56
N LEU A 38 -22.90 23.31 27.94
CA LEU A 38 -23.68 22.81 26.81
C LEU A 38 -23.36 23.69 25.62
N ILE A 39 -22.65 23.12 24.65
CA ILE A 39 -22.15 23.87 23.50
C ILE A 39 -22.86 23.41 22.23
N PRO A 40 -23.81 24.18 21.70
CA PRO A 40 -24.46 23.78 20.45
C PRO A 40 -23.50 23.93 19.27
N THR A 41 -23.76 23.13 18.23
CA THR A 41 -22.98 23.22 16.99
C THR A 41 -23.59 24.31 16.13
N VAL A 42 -22.91 25.44 16.06
CA VAL A 42 -23.40 26.63 15.36
C VAL A 42 -22.60 26.84 14.09
N ASN A 43 -23.29 27.13 13.00
CA ASN A 43 -22.67 27.50 11.74
C ASN A 43 -23.16 28.89 11.33
N LEU A 44 -22.23 29.74 10.94
CA LEU A 44 -22.58 31.12 10.60
C LEU A 44 -23.41 31.16 9.32
N GLU A 45 -24.51 31.91 9.36
CA GLU A 45 -25.32 32.14 8.17
C GLU A 45 -24.89 33.41 7.46
N TYR A 46 -24.91 34.53 8.17
CA TYR A 46 -24.45 35.80 7.62
C TYR A 46 -24.15 36.75 8.76
N VAL A 47 -23.75 37.97 8.40
CA VAL A 47 -23.41 39.01 9.36
C VAL A 47 -24.08 40.31 8.92
N THR A 48 -24.68 41.02 9.88
CA THR A 48 -25.43 42.23 9.60
C THR A 48 -24.81 43.40 10.37
N CYS A 49 -24.92 44.59 9.79
CA CYS A 49 -24.45 45.81 10.43
C CYS A 49 -25.17 47.00 9.80
N HIS A 50 -24.92 48.18 10.33
CA HIS A 50 -25.46 49.40 9.75
C HIS A 50 -24.95 49.55 8.32
N TYR A 51 -25.81 50.08 7.45
CA TYR A 51 -25.42 50.27 6.07
C TYR A 51 -25.01 51.72 5.83
N LYS A 52 -24.25 51.92 4.76
CA LYS A 52 -23.86 53.24 4.30
C LYS A 52 -24.33 53.40 2.86
N THR A 53 -25.08 54.46 2.59
CA THR A 53 -25.60 54.71 1.25
C THR A 53 -24.60 55.55 0.47
N GLY A 54 -23.44 54.95 0.23
CA GLY A 54 -22.46 55.57 -0.65
C GLY A 54 -23.02 55.70 -2.04
N MET A 55 -22.91 56.89 -2.62
CA MET A 55 -23.58 57.21 -3.86
C MET A 55 -22.71 58.11 -4.72
N ASP A 56 -22.62 57.77 -6.00
CA ASP A 56 -21.68 58.41 -6.90
C ASP A 56 -22.06 59.87 -7.15
N SER A 57 -21.07 60.63 -7.63
CA SER A 57 -21.30 62.02 -7.97
C SER A 57 -22.30 62.11 -9.12
N PRO A 58 -23.15 63.14 -9.12
CA PRO A 58 -24.15 63.28 -10.19
C PRO A 58 -23.50 63.88 -11.43
N ALA A 59 -23.50 63.11 -12.52
CA ALA A 59 -22.88 63.57 -13.75
C ALA A 59 -23.87 64.44 -14.52
N ILE A 60 -23.50 65.70 -14.74
CA ILE A 60 -24.35 66.66 -15.43
C ILE A 60 -23.84 66.85 -16.85
N LYS A 61 -24.75 66.71 -17.82
CA LYS A 61 -24.46 66.97 -19.22
C LYS A 61 -25.30 68.14 -19.69
N CYS A 62 -24.65 69.14 -20.29
CA CYS A 62 -25.32 70.33 -20.76
C CYS A 62 -25.79 70.15 -22.19
N CYS A 63 -27.02 70.60 -22.47
CA CYS A 63 -27.56 70.71 -23.82
C CYS A 63 -27.64 69.37 -24.53
N GLY A 64 -27.53 68.27 -23.79
CA GLY A 64 -27.52 66.95 -24.39
C GLY A 64 -28.35 65.92 -23.64
N SER A 65 -27.95 64.66 -23.71
CA SER A 65 -28.67 63.58 -23.04
C SER A 65 -27.69 62.49 -22.62
N GLN A 66 -28.11 61.70 -21.65
CA GLN A 66 -27.28 60.65 -21.07
C GLN A 66 -28.07 59.37 -20.92
N GLU A 67 -27.34 58.26 -20.81
CA GLU A 67 -27.94 56.95 -20.58
C GLU A 67 -27.37 56.34 -19.31
N CYS A 68 -28.08 55.36 -18.77
CA CYS A 68 -27.77 54.78 -17.48
C CYS A 68 -27.09 53.42 -17.65
N THR A 69 -26.06 53.18 -16.85
CA THR A 69 -25.36 51.91 -16.81
C THR A 69 -25.58 51.21 -15.48
N PRO A 70 -25.73 49.88 -15.48
CA PRO A 70 -26.05 49.17 -14.22
C PRO A 70 -24.94 49.22 -13.19
N THR A 71 -23.72 48.83 -13.59
CA THR A 71 -22.51 48.87 -12.77
C THR A 71 -22.52 47.79 -11.69
N TYR A 72 -23.67 47.13 -11.48
CA TYR A 72 -23.79 45.92 -10.68
C TYR A 72 -23.23 46.12 -9.27
N ARG A 73 -23.92 46.97 -8.51
CA ARG A 73 -23.61 47.22 -7.11
C ARG A 73 -24.84 46.94 -6.26
N PRO A 74 -24.66 46.60 -4.98
CA PRO A 74 -25.79 46.15 -4.17
C PRO A 74 -26.88 47.22 -4.05
N ASP A 75 -28.09 46.84 -4.44
CA ASP A 75 -29.26 47.72 -4.37
C ASP A 75 -29.00 49.06 -5.06
N GLU A 76 -28.33 49.00 -6.21
CA GLU A 76 -28.01 50.22 -6.94
C GLU A 76 -29.21 50.73 -7.72
N GLN A 77 -29.43 52.03 -7.65
CA GLN A 77 -30.46 52.69 -8.44
C GLN A 77 -29.82 53.84 -9.20
N CYS A 78 -30.00 53.85 -10.51
CA CYS A 78 -29.48 54.89 -11.39
C CYS A 78 -30.64 55.54 -12.12
N LYS A 79 -30.62 56.87 -12.18
CA LYS A 79 -31.72 57.58 -12.83
C LYS A 79 -31.22 58.90 -13.40
N VAL A 80 -31.73 59.25 -14.58
CA VAL A 80 -31.35 60.48 -15.26
C VAL A 80 -32.55 61.43 -15.24
N PHE A 81 -32.32 62.64 -14.74
CA PHE A 81 -33.35 63.67 -14.67
C PHE A 81 -33.06 64.73 -15.72
N THR A 82 -34.08 65.07 -16.50
CA THR A 82 -33.96 66.04 -17.59
C THR A 82 -34.65 67.34 -17.20
N GLY A 83 -34.00 68.46 -17.50
CA GLY A 83 -34.51 69.76 -17.18
C GLY A 83 -33.88 70.43 -15.98
N VAL A 84 -32.67 70.06 -15.61
CA VAL A 84 -31.99 70.61 -14.44
C VAL A 84 -31.26 71.88 -14.85
N TYR A 85 -31.11 72.80 -13.89
CA TYR A 85 -30.35 74.02 -14.06
C TYR A 85 -29.44 74.19 -12.85
N PRO A 86 -28.39 73.38 -12.74
CA PRO A 86 -27.60 73.35 -11.50
C PRO A 86 -26.84 74.65 -11.27
N PHE A 87 -26.62 74.95 -10.00
CA PHE A 87 -25.88 76.13 -9.57
C PHE A 87 -24.69 75.74 -8.72
N MET A 88 -23.62 76.51 -8.82
CA MET A 88 -22.44 76.36 -7.99
C MET A 88 -22.22 77.62 -7.15
N TRP A 89 -21.10 77.63 -6.43
CA TRP A 89 -20.69 78.84 -5.73
C TRP A 89 -20.25 79.92 -6.71
N GLY A 90 -19.76 79.53 -7.89
CA GLY A 90 -19.35 80.47 -8.91
C GLY A 90 -20.46 81.08 -9.71
N GLY A 91 -21.65 80.47 -9.70
CA GLY A 91 -22.79 80.94 -10.47
C GLY A 91 -23.48 79.78 -11.13
N ALA A 92 -24.21 80.08 -12.20
CA ALA A 92 -24.91 79.04 -12.95
C ALA A 92 -23.90 78.10 -13.60
N TYR A 93 -24.10 76.80 -13.40
CA TYR A 93 -23.15 75.81 -13.91
C TYR A 93 -23.34 75.51 -15.39
N CYS A 94 -24.53 75.73 -15.93
CA CYS A 94 -24.82 75.27 -17.29
C CYS A 94 -25.43 76.41 -18.09
N PHE A 95 -25.20 76.39 -19.40
CA PHE A 95 -25.56 77.49 -20.28
C PHE A 95 -26.79 77.23 -21.14
N CYS A 96 -27.43 76.07 -21.00
CA CYS A 96 -28.72 75.80 -21.63
C CYS A 96 -29.80 75.83 -20.56
N ASP A 97 -30.86 76.60 -20.82
CA ASP A 97 -31.92 76.75 -19.82
C ASP A 97 -32.66 75.43 -19.61
N THR A 98 -32.81 74.64 -20.66
CA THR A 98 -33.49 73.35 -20.56
C THR A 98 -32.62 72.25 -21.16
N GLU A 99 -33.21 71.06 -21.34
CA GLU A 99 -32.57 69.90 -22.00
C GLU A 99 -31.18 69.60 -21.44
N ASN A 100 -30.92 70.01 -20.20
CA ASN A 100 -29.75 69.55 -19.46
C ASN A 100 -30.12 68.33 -18.66
N THR A 101 -29.23 67.34 -18.63
CA THR A 101 -29.51 66.10 -17.92
C THR A 101 -28.55 65.94 -16.75
N GLN A 102 -29.02 65.27 -15.71
CA GLN A 102 -28.20 64.91 -14.56
C GLN A 102 -28.48 63.46 -14.22
N VAL A 103 -27.46 62.61 -14.34
CA VAL A 103 -27.59 61.20 -14.00
C VAL A 103 -27.03 60.99 -12.60
N SER A 104 -27.84 60.37 -11.74
CA SER A 104 -27.51 60.15 -10.34
C SER A 104 -27.57 58.67 -10.04
N LYS A 105 -26.54 58.18 -9.34
CA LYS A 105 -26.44 56.80 -8.93
C LYS A 105 -26.44 56.73 -7.41
N ALA A 106 -27.02 55.66 -6.87
CA ALA A 106 -27.05 55.48 -5.42
C ALA A 106 -27.05 53.99 -5.12
N TYR A 107 -25.99 53.52 -4.45
CA TYR A 107 -25.87 52.14 -4.02
C TYR A 107 -25.69 52.12 -2.51
N VAL A 108 -25.50 50.93 -1.96
CA VAL A 108 -25.39 50.75 -0.51
C VAL A 108 -24.32 49.71 -0.23
N MET A 109 -23.51 49.95 0.80
CA MET A 109 -22.50 49.01 1.25
C MET A 109 -22.48 48.96 2.77
N LYS A 110 -21.64 48.09 3.30
CA LYS A 110 -21.44 48.02 4.74
C LYS A 110 -20.82 49.30 5.27
N SER A 111 -21.20 49.67 6.49
CA SER A 111 -20.67 50.88 7.09
C SER A 111 -19.19 50.71 7.39
N ASP A 112 -18.53 51.83 7.69
CA ASP A 112 -17.11 51.81 7.99
C ASP A 112 -16.80 51.08 9.30
N ASP A 113 -17.79 50.94 10.18
CA ASP A 113 -17.61 50.32 11.48
C ASP A 113 -18.09 48.87 11.50
N CYS A 114 -18.36 48.27 10.35
CA CYS A 114 -18.88 46.91 10.31
C CYS A 114 -17.88 45.87 10.80
N LEU A 115 -16.60 46.22 10.95
CA LEU A 115 -15.62 45.28 11.45
C LEU A 115 -15.68 45.11 12.97
N ALA A 116 -16.41 45.98 13.66
CA ALA A 116 -16.53 45.90 15.11
C ALA A 116 -17.97 45.87 15.59
N ASP A 117 -18.88 46.57 14.90
CA ASP A 117 -20.29 46.64 15.28
C ASP A 117 -21.10 45.84 14.28
N HIS A 118 -21.23 44.54 14.55
CA HIS A 118 -21.99 43.67 13.67
C HIS A 118 -22.59 42.53 14.50
N ALA A 119 -23.70 41.99 13.99
CA ALA A 119 -24.40 40.86 14.61
C ALA A 119 -24.32 39.67 13.68
N GLU A 120 -23.91 38.52 14.22
CA GLU A 120 -23.76 37.30 13.45
C GLU A 120 -24.98 36.42 13.65
N ALA A 121 -25.51 35.88 12.55
CA ALA A 121 -26.69 35.03 12.58
C ALA A 121 -26.25 33.57 12.48
N TYR A 122 -26.44 32.81 13.55
CA TYR A 122 -26.04 31.41 13.61
C TYR A 122 -27.26 30.50 13.58
N LYS A 123 -27.03 29.26 13.19
CA LYS A 123 -27.99 28.19 13.31
C LYS A 123 -27.43 27.13 14.24
N ALA A 124 -28.19 26.76 15.26
CA ALA A 124 -27.73 25.87 16.30
C ALA A 124 -28.49 24.54 16.26
N HIS A 125 -27.76 23.46 16.53
CA HIS A 125 -28.35 22.13 16.59
C HIS A 125 -27.36 21.19 17.23
N THR A 126 -27.86 20.03 17.70
CA THR A 126 -27.06 18.94 18.24
C THR A 126 -26.05 19.44 19.28
N ALA A 127 -26.60 19.95 20.37
CA ALA A 127 -25.77 20.45 21.46
C ALA A 127 -24.95 19.33 22.08
N SER A 128 -23.71 19.66 22.45
CA SER A 128 -22.80 18.73 23.10
C SER A 128 -22.49 19.23 24.51
N VAL A 129 -22.45 18.30 25.46
CA VAL A 129 -22.32 18.63 26.88
C VAL A 129 -20.94 18.24 27.37
N GLN A 130 -20.32 19.14 28.13
CA GLN A 130 -19.06 18.89 28.81
C GLN A 130 -19.19 19.29 30.26
N ALA A 131 -18.38 18.67 31.12
CA ALA A 131 -18.46 18.93 32.55
C ALA A 131 -17.06 18.91 33.16
N PHE A 132 -16.77 19.93 33.97
CA PHE A 132 -15.53 19.97 34.73
C PHE A 132 -15.77 19.29 36.06
N LEU A 133 -15.06 18.20 36.31
CA LEU A 133 -15.31 17.34 37.45
C LEU A 133 -14.06 17.23 38.32
N ASN A 134 -14.25 17.36 39.64
CA ASN A 134 -13.27 16.94 40.62
C ASN A 134 -13.71 15.57 41.14
N ILE A 135 -12.99 14.52 40.75
CA ILE A 135 -13.33 13.15 41.07
C ILE A 135 -12.35 12.63 42.11
N THR A 136 -12.86 11.89 43.09
CA THR A 136 -12.04 11.26 44.10
C THR A 136 -12.58 9.87 44.36
N VAL A 137 -11.85 8.85 43.92
CA VAL A 137 -12.22 7.45 44.10
C VAL A 137 -11.11 6.78 44.90
N GLY A 138 -11.43 6.36 46.11
CA GLY A 138 -10.48 5.63 46.94
C GLY A 138 -9.18 6.37 47.18
N GLU A 139 -9.28 7.66 47.53
CA GLU A 139 -8.17 8.58 47.76
C GLU A 139 -7.43 8.94 46.48
N HIS A 140 -7.80 8.34 45.34
CA HIS A 140 -7.22 8.70 44.05
C HIS A 140 -8.02 9.86 43.47
N SER A 141 -7.38 11.01 43.32
CA SER A 141 -8.05 12.24 42.93
C SER A 141 -7.67 12.64 41.50
N ILE A 142 -8.55 13.43 40.89
CA ILE A 142 -8.32 13.96 39.55
C ILE A 142 -9.24 15.16 39.38
N VAL A 143 -8.79 16.12 38.56
CA VAL A 143 -9.62 17.24 38.13
C VAL A 143 -9.53 17.28 36.61
N THR A 144 -10.67 17.11 35.94
CA THR A 144 -10.62 16.88 34.51
C THR A 144 -11.91 17.31 33.84
N THR A 145 -11.82 17.56 32.54
CA THR A 145 -12.98 17.86 31.71
C THR A 145 -13.46 16.55 31.07
N VAL A 146 -14.70 16.17 31.34
CA VAL A 146 -15.28 14.96 30.81
C VAL A 146 -16.38 15.34 29.82
N TYR A 147 -16.38 14.67 28.67
CA TYR A 147 -17.44 14.85 27.69
C TYR A 147 -18.61 13.97 28.08
N VAL A 148 -19.81 14.56 28.11
CA VAL A 148 -20.94 13.94 28.79
C VAL A 148 -21.68 13.07 27.77
N ASN A 149 -21.04 12.80 26.64
CA ASN A 149 -21.50 11.71 25.80
C ASN A 149 -21.20 10.39 26.50
N GLY A 150 -22.13 9.44 26.40
CA GLY A 150 -22.06 8.24 27.21
C GLY A 150 -20.97 7.26 26.81
N GLU A 151 -20.00 7.71 26.02
CA GLU A 151 -19.00 6.79 25.47
C GLU A 151 -17.58 7.22 25.77
N THR A 152 -17.31 8.52 25.79
CA THR A 152 -15.94 8.99 25.97
C THR A 152 -15.49 8.77 27.41
N PRO A 153 -14.43 8.00 27.64
CA PRO A 153 -14.02 7.71 29.01
C PRO A 153 -12.92 8.63 29.52
N VAL A 154 -12.97 8.89 30.82
CA VAL A 154 -11.86 9.50 31.55
C VAL A 154 -11.28 8.42 32.45
N ASN A 155 -9.97 8.19 32.32
CA ASN A 155 -9.33 7.09 33.01
C ASN A 155 -8.15 7.58 33.84
N PHE A 156 -8.01 7.00 35.03
CA PHE A 156 -6.93 7.36 35.94
C PHE A 156 -6.78 6.27 36.99
N ASN A 157 -5.52 5.89 37.25
CA ASN A 157 -5.20 4.86 38.24
C ASN A 157 -5.94 3.54 37.95
N GLY A 158 -6.13 3.24 36.67
CA GLY A 158 -6.84 2.04 36.27
C GLY A 158 -8.34 2.14 36.31
N VAL A 159 -8.90 3.18 36.92
CA VAL A 159 -10.33 3.36 37.03
C VAL A 159 -10.83 4.13 35.81
N LYS A 160 -11.91 3.63 35.21
CA LYS A 160 -12.53 4.27 34.07
C LYS A 160 -13.87 4.88 34.49
N ILE A 161 -14.18 6.06 33.95
CA ILE A 161 -15.44 6.73 34.23
C ILE A 161 -16.03 7.22 32.92
N THR A 162 -17.27 6.82 32.65
CA THR A 162 -18.01 7.33 31.49
C THR A 162 -19.24 8.07 31.99
N ALA A 163 -19.36 9.33 31.62
CA ALA A 163 -20.47 10.17 32.05
C ALA A 163 -21.50 10.31 30.94
N GLY A 164 -22.73 10.60 31.34
CA GLY A 164 -23.80 10.86 30.41
C GLY A 164 -24.31 9.60 29.73
N PRO A 165 -25.16 9.77 28.71
CA PRO A 165 -25.58 11.06 28.17
C PRO A 165 -26.60 11.76 29.06
N LEU A 166 -26.68 13.08 28.96
CA LEU A 166 -27.62 13.84 29.78
C LEU A 166 -29.04 13.34 29.56
N SER A 167 -29.79 13.20 30.65
CA SER A 167 -31.11 12.59 30.58
C SER A 167 -32.08 13.39 29.72
N THR A 168 -31.80 14.67 29.49
CA THR A 168 -32.66 15.52 28.67
C THR A 168 -31.89 16.04 27.47
N ALA A 169 -32.61 16.27 26.37
CA ALA A 169 -32.07 16.88 25.17
C ALA A 169 -32.40 18.37 25.08
N TRP A 170 -32.90 18.95 26.16
CA TRP A 170 -33.28 20.36 26.15
C TRP A 170 -32.06 21.25 26.01
N THR A 171 -32.20 22.30 25.20
CA THR A 171 -31.17 23.30 25.00
C THR A 171 -31.81 24.68 25.03
N PRO A 172 -31.16 25.67 25.64
CA PRO A 172 -31.76 27.01 25.71
C PRO A 172 -31.88 27.69 24.36
N PHE A 173 -31.13 27.26 23.35
CA PHE A 173 -31.12 27.92 22.05
C PHE A 173 -32.15 27.29 21.13
N ASP A 174 -32.80 28.13 20.32
CA ASP A 174 -33.66 27.64 19.26
C ASP A 174 -32.79 27.29 18.06
N ARG A 175 -33.42 27.03 16.92
CA ARG A 175 -32.65 26.65 15.73
C ARG A 175 -31.93 27.84 15.11
N LYS A 176 -32.36 29.06 15.38
CA LYS A 176 -31.73 30.27 14.86
C LYS A 176 -31.43 31.21 16.01
N ILE A 177 -30.17 31.65 16.11
CA ILE A 177 -29.76 32.58 17.14
C ILE A 177 -29.03 33.75 16.50
N VAL A 178 -28.98 34.86 17.21
CA VAL A 178 -28.30 36.07 16.76
C VAL A 178 -27.36 36.52 17.87
N GLN A 179 -26.07 36.56 17.59
CA GLN A 179 -25.06 36.98 18.55
C GLN A 179 -24.62 38.40 18.23
N TYR A 180 -24.81 39.31 19.18
CA TYR A 180 -24.43 40.69 19.01
C TYR A 180 -23.85 41.21 20.32
N ALA A 181 -22.72 41.92 20.23
CA ALA A 181 -22.07 42.53 21.39
C ALA A 181 -21.77 41.49 22.46
N GLY A 182 -21.35 40.30 22.04
CA GLY A 182 -21.05 39.24 22.98
C GLY A 182 -22.25 38.84 23.83
N GLU A 183 -23.41 38.71 23.20
CA GLU A 183 -24.65 38.44 23.93
C GLU A 183 -25.61 37.75 22.98
N ILE A 184 -26.03 36.53 23.32
CA ILE A 184 -26.82 35.72 22.42
C ILE A 184 -28.29 36.11 22.52
N TYR A 185 -28.89 36.40 21.37
CA TYR A 185 -30.32 36.65 21.28
C TYR A 185 -30.97 35.51 20.51
N ASN A 186 -32.19 35.16 20.91
CA ASN A 186 -32.91 34.04 20.31
C ASN A 186 -33.90 34.63 19.29
N TYR A 187 -33.40 34.86 18.08
CA TYR A 187 -34.11 35.60 17.05
C TYR A 187 -34.30 34.74 15.82
N ASP A 188 -35.44 34.91 15.15
CA ASP A 188 -35.76 34.20 13.92
C ASP A 188 -35.43 35.10 12.74
N PHE A 189 -34.13 35.19 12.44
CA PHE A 189 -33.66 36.09 11.41
C PHE A 189 -34.07 35.62 10.02
N PRO A 190 -34.20 36.53 9.06
CA PRO A 190 -34.48 36.12 7.68
C PRO A 190 -33.32 35.33 7.10
N GLU A 191 -33.65 34.42 6.19
CA GLU A 191 -32.64 33.64 5.51
C GLU A 191 -31.80 34.54 4.61
N TYR A 192 -30.61 34.05 4.25
CA TYR A 192 -29.73 34.84 3.38
C TYR A 192 -30.38 35.02 2.01
N GLY A 193 -30.28 36.23 1.49
CA GLY A 193 -30.95 36.56 0.25
C GLY A 193 -32.45 36.76 0.37
N ALA A 194 -32.97 36.87 1.60
CA ALA A 194 -34.40 37.07 1.82
C ALA A 194 -34.67 38.18 2.83
N GLY A 195 -33.70 39.06 3.06
CA GLY A 195 -33.90 40.16 3.98
C GLY A 195 -34.90 41.17 3.45
N GLN A 196 -35.49 41.92 4.38
CA GLN A 196 -36.50 42.90 4.04
C GLN A 196 -36.11 44.27 4.59
N PRO A 197 -36.49 45.35 3.91
CA PRO A 197 -36.12 46.68 4.38
C PRO A 197 -36.73 46.99 5.74
N GLY A 198 -35.98 47.74 6.55
CA GLY A 198 -36.45 48.19 7.84
C GLY A 198 -36.41 47.15 8.94
N ALA A 199 -35.89 45.96 8.68
CA ALA A 199 -35.86 44.89 9.66
C ALA A 199 -34.46 44.28 9.70
N PHE A 200 -34.25 43.40 10.68
CA PHE A 200 -32.96 42.76 10.85
C PHE A 200 -32.56 42.02 9.59
N GLY A 201 -31.31 42.21 9.16
CA GLY A 201 -30.82 41.53 7.98
C GLY A 201 -31.28 42.13 6.67
N ASP A 202 -31.56 43.43 6.63
CA ASP A 202 -31.87 44.07 5.36
C ASP A 202 -30.68 44.02 4.42
N ILE A 203 -29.47 44.23 4.94
CA ILE A 203 -28.23 43.96 4.23
C ILE A 203 -27.57 42.76 4.90
N GLN A 204 -27.08 41.84 4.08
CA GLN A 204 -26.49 40.60 4.57
C GLN A 204 -25.20 40.33 3.84
N SER A 205 -24.18 39.92 4.60
CA SER A 205 -22.91 39.48 4.04
C SER A 205 -22.58 38.11 4.60
N ARG A 206 -22.10 37.22 3.72
CA ARG A 206 -21.82 35.85 4.16
C ARG A 206 -20.75 35.81 5.24
N THR A 207 -19.84 36.78 5.24
CA THR A 207 -18.77 36.85 6.21
C THR A 207 -18.39 38.31 6.36
N VAL A 208 -17.71 38.63 7.47
CA VAL A 208 -17.34 40.01 7.76
C VAL A 208 -16.49 40.58 6.63
N SER A 209 -15.59 39.77 6.07
CA SER A 209 -14.70 40.20 4.99
C SER A 209 -15.17 39.73 3.62
N SER A 210 -16.37 39.15 3.54
CA SER A 210 -16.85 38.61 2.27
C SER A 210 -17.12 39.72 1.27
N SER A 211 -16.89 39.41 -0.02
CA SER A 211 -17.09 40.39 -1.07
C SER A 211 -18.57 40.58 -1.41
N ASP A 212 -19.35 39.49 -1.36
CA ASP A 212 -20.76 39.57 -1.69
C ASP A 212 -21.53 40.31 -0.60
N LEU A 213 -22.60 40.99 -1.00
CA LEU A 213 -23.42 41.73 -0.05
C LEU A 213 -24.84 41.85 -0.63
N TYR A 214 -25.75 41.02 -0.12
CA TYR A 214 -27.16 41.23 -0.40
C TYR A 214 -27.65 42.47 0.32
N ALA A 215 -28.48 43.26 -0.34
CA ALA A 215 -28.98 44.50 0.24
C ALA A 215 -30.35 44.82 -0.34
N ASN A 216 -31.36 44.84 0.54
CA ASN A 216 -32.74 45.18 0.16
C ASN A 216 -33.22 46.22 1.15
N THR A 217 -32.97 47.50 0.85
CA THR A 217 -33.27 48.59 1.77
C THR A 217 -34.31 49.55 1.21
N ASN A 218 -35.02 49.16 0.16
CA ASN A 218 -36.09 49.97 -0.43
C ASN A 218 -35.58 51.36 -0.83
N LEU A 219 -34.47 51.37 -1.56
CA LEU A 219 -33.82 52.60 -1.97
C LEU A 219 -34.43 53.10 -3.28
N VAL A 220 -34.88 54.35 -3.28
CA VAL A 220 -35.39 55.01 -4.48
C VAL A 220 -34.72 56.37 -4.60
N LEU A 221 -34.83 56.95 -5.80
CA LEU A 221 -34.20 58.23 -6.10
C LEU A 221 -35.26 59.27 -6.39
N GLN A 222 -35.04 60.49 -5.88
CA GLN A 222 -35.94 61.61 -6.06
C GLN A 222 -35.30 62.66 -6.96
N ARG A 223 -36.13 63.49 -7.56
CA ARG A 223 -35.63 64.54 -8.44
C ARG A 223 -34.89 65.60 -7.62
N PRO A 224 -33.72 66.04 -8.08
CA PRO A 224 -32.98 67.06 -7.32
C PRO A 224 -33.75 68.36 -7.25
N LYS A 225 -33.57 69.08 -6.14
CA LYS A 225 -34.14 70.40 -6.00
C LYS A 225 -33.60 71.33 -7.07
N ALA A 226 -34.47 72.17 -7.61
CA ALA A 226 -34.08 73.06 -8.70
C ALA A 226 -32.93 73.95 -8.28
N GLY A 227 -31.91 74.04 -9.14
CA GLY A 227 -30.72 74.80 -8.83
C GLY A 227 -29.90 74.24 -7.69
N ALA A 228 -29.69 72.93 -7.66
CA ALA A 228 -28.90 72.30 -6.61
C ALA A 228 -28.28 71.03 -7.16
N ILE A 229 -27.03 70.77 -6.76
CA ILE A 229 -26.30 69.58 -7.17
C ILE A 229 -26.23 68.64 -5.98
N HIS A 230 -27.04 67.59 -6.01
CA HIS A 230 -27.04 66.56 -4.98
C HIS A 230 -27.89 65.39 -5.48
N VAL A 231 -27.81 64.28 -4.76
CA VAL A 231 -28.57 63.08 -5.14
C VAL A 231 -29.57 62.78 -4.03
N PRO A 232 -30.82 63.24 -4.16
CA PRO A 232 -31.83 62.89 -3.15
C PRO A 232 -32.18 61.41 -3.21
N TYR A 233 -32.47 60.85 -2.04
CA TYR A 233 -32.90 59.46 -1.96
C TYR A 233 -33.69 59.27 -0.67
N THR A 234 -34.64 58.34 -0.72
CA THR A 234 -35.48 58.02 0.44
C THR A 234 -35.57 56.50 0.54
N GLN A 235 -34.90 55.94 1.54
CA GLN A 235 -34.93 54.50 1.78
C GLN A 235 -35.32 54.24 3.21
N ALA A 236 -35.81 53.02 3.45
CA ALA A 236 -36.21 52.64 4.80
C ALA A 236 -35.01 52.69 5.73
N PRO A 237 -35.16 53.18 6.96
CA PRO A 237 -34.02 53.29 7.87
C PRO A 237 -33.38 51.94 8.13
N SER A 238 -32.20 51.99 8.75
CA SER A 238 -31.41 50.79 8.96
C SER A 238 -32.19 49.77 9.77
N GLY A 239 -32.18 48.52 9.30
CA GLY A 239 -32.86 47.46 10.04
C GLY A 239 -32.08 47.00 11.26
N PHE A 240 -30.76 47.18 11.25
CA PHE A 240 -29.95 46.82 12.41
C PHE A 240 -30.24 47.75 13.58
N GLU A 241 -30.28 49.06 13.32
CA GLU A 241 -30.59 50.01 14.39
C GLU A 241 -32.03 49.82 14.87
N GLN A 242 -32.95 49.54 13.96
CA GLN A 242 -34.33 49.29 14.36
C GLN A 242 -34.44 48.04 15.21
N TRP A 243 -33.68 46.99 14.87
CA TRP A 243 -33.67 45.78 15.69
C TRP A 243 -33.08 46.07 17.07
N LYS A 244 -32.04 46.88 17.13
CA LYS A 244 -31.43 47.20 18.42
C LYS A 244 -32.32 48.09 19.27
N LYS A 245 -33.18 48.90 18.64
CA LYS A 245 -34.08 49.76 19.41
C LYS A 245 -35.05 48.94 20.25
N ASP A 246 -35.40 47.73 19.80
CA ASP A 246 -36.26 46.84 20.58
C ASP A 246 -35.91 45.41 20.18
N LYS A 247 -35.23 44.70 21.08
CA LYS A 247 -34.79 43.34 20.80
C LYS A 247 -35.04 42.37 21.95
N ALA A 248 -35.68 42.82 23.04
CA ALA A 248 -35.99 42.02 24.22
C ALA A 248 -34.71 41.64 24.96
N PRO A 249 -34.79 41.28 26.23
CA PRO A 249 -33.57 40.84 26.94
C PRO A 249 -32.98 39.59 26.31
N SER A 250 -31.67 39.48 26.40
CA SER A 250 -30.95 38.36 25.80
C SER A 250 -31.21 37.08 26.58
N LEU A 251 -30.59 36.00 26.14
CA LEU A 251 -30.71 34.72 26.83
C LEU A 251 -30.04 34.71 28.19
N LYS A 252 -29.19 35.69 28.49
CA LYS A 252 -28.65 35.81 29.83
C LYS A 252 -29.75 35.99 30.86
N PHE A 253 -30.86 36.61 30.46
CA PHE A 253 -31.92 36.99 31.37
C PHE A 253 -33.22 36.24 31.14
N THR A 254 -33.34 35.46 30.07
CA THR A 254 -34.58 34.77 29.75
C THR A 254 -34.44 33.26 29.62
N ALA A 255 -33.22 32.72 29.70
CA ALA A 255 -33.04 31.29 29.53
C ALA A 255 -33.62 30.53 30.72
N PRO A 256 -34.37 29.47 30.49
CA PRO A 256 -34.92 28.67 31.60
C PRO A 256 -33.82 27.94 32.35
N PHE A 257 -34.17 27.48 33.55
CA PHE A 257 -33.30 26.72 34.44
C PHE A 257 -32.11 27.53 34.93
N GLY A 258 -32.12 28.84 34.75
CA GLY A 258 -31.02 29.67 35.21
C GLY A 258 -29.71 29.42 34.52
N CYS A 259 -29.73 29.18 33.21
CA CYS A 259 -28.50 28.98 32.47
C CYS A 259 -27.74 30.30 32.34
N GLU A 260 -26.41 30.20 32.35
CA GLU A 260 -25.55 31.34 32.05
C GLU A 260 -25.11 31.23 30.60
N ILE A 261 -25.37 32.27 29.82
CA ILE A 261 -25.13 32.24 28.38
C ILE A 261 -23.83 32.99 28.09
N TYR A 262 -22.88 32.29 27.47
CA TYR A 262 -21.58 32.86 27.18
C TYR A 262 -21.26 32.70 25.70
N THR A 263 -20.29 33.49 25.23
CA THR A 263 -19.91 33.55 23.83
C THR A 263 -18.43 33.20 23.69
N ASN A 264 -18.07 32.72 22.51
CA ASN A 264 -16.70 32.34 22.15
C ASN A 264 -16.17 31.25 23.07
N PRO A 265 -16.67 30.01 22.96
CA PRO A 265 -17.74 29.58 22.04
C PRO A 265 -19.12 29.83 22.62
N ILE A 266 -20.13 29.88 21.75
CA ILE A 266 -21.51 30.03 22.22
C ILE A 266 -21.88 28.83 23.06
N ARG A 267 -22.12 29.04 24.35
CA ARG A 267 -22.41 27.93 25.25
C ARG A 267 -23.34 28.39 26.36
N ALA A 268 -23.96 27.40 26.99
CA ALA A 268 -24.73 27.59 28.21
C ALA A 268 -24.02 26.88 29.35
N GLU A 269 -24.13 27.42 30.55
CA GLU A 269 -23.40 26.89 31.70
C GLU A 269 -24.33 26.79 32.90
N ASN A 270 -24.12 25.74 33.69
CA ASN A 270 -24.80 25.54 34.97
C ASN A 270 -26.32 25.50 34.79
N CYS A 271 -26.77 24.83 33.74
CA CYS A 271 -28.19 24.57 33.55
C CYS A 271 -28.62 23.45 34.49
N ALA A 272 -29.51 23.78 35.42
CA ALA A 272 -29.95 22.82 36.44
C ALA A 272 -31.14 22.00 35.94
N VAL A 273 -30.90 21.22 34.89
CA VAL A 273 -31.89 20.35 34.31
C VAL A 273 -31.27 18.99 34.04
N GLY A 274 -32.02 17.94 34.33
CA GLY A 274 -31.58 16.59 34.05
C GLY A 274 -30.52 16.11 35.02
N SER A 275 -30.07 14.87 34.78
CA SER A 275 -29.04 14.24 35.60
C SER A 275 -28.09 13.47 34.71
N ILE A 276 -26.84 13.39 35.14
CA ILE A 276 -25.79 12.70 34.39
C ILE A 276 -25.64 11.29 34.94
N PRO A 277 -25.88 10.25 34.14
CA PRO A 277 -25.65 8.87 34.61
C PRO A 277 -24.17 8.53 34.52
N LEU A 278 -23.54 8.31 35.66
CA LEU A 278 -22.12 7.98 35.74
C LEU A 278 -21.93 6.47 35.78
N ALA A 279 -20.93 5.99 35.05
CA ALA A 279 -20.57 4.58 35.05
C ALA A 279 -19.10 4.44 35.40
N PHE A 280 -18.82 3.76 36.51
CA PHE A 280 -17.47 3.50 36.97
C PHE A 280 -17.06 2.08 36.65
N ASP A 281 -15.80 1.90 36.25
CA ASP A 281 -15.17 0.61 36.14
C ASP A 281 -13.94 0.65 37.04
N ILE A 282 -14.04 0.00 38.20
CA ILE A 282 -12.97 -0.03 39.19
C ILE A 282 -12.30 -1.39 39.09
N PRO A 283 -11.00 -1.46 38.80
CA PRO A 283 -10.32 -2.76 38.78
C PRO A 283 -10.28 -3.37 40.17
N ASP A 284 -10.19 -4.70 40.20
CA ASP A 284 -10.26 -5.42 41.47
C ASP A 284 -9.11 -5.09 42.42
N ALA A 285 -8.04 -4.47 41.90
CA ALA A 285 -6.87 -4.19 42.75
C ALA A 285 -7.18 -3.18 43.84
N LEU A 286 -8.05 -2.20 43.57
CA LEU A 286 -8.32 -1.14 44.54
C LEU A 286 -9.16 -1.62 45.73
N PHE A 287 -9.73 -2.82 45.66
CA PHE A 287 -10.57 -3.32 46.75
C PHE A 287 -9.68 -4.07 47.74
N THR A 288 -9.37 -3.41 48.85
CA THR A 288 -8.51 -3.99 49.88
C THR A 288 -9.33 -4.91 50.77
N ARG A 289 -8.72 -5.43 51.83
CA ARG A 289 -9.37 -6.37 52.72
C ARG A 289 -10.03 -5.64 53.89
N VAL A 290 -10.98 -6.33 54.51
CA VAL A 290 -11.71 -5.73 55.63
C VAL A 290 -10.80 -5.54 56.84
N SER A 291 -9.88 -6.47 57.06
CA SER A 291 -8.98 -6.37 58.21
C SER A 291 -8.08 -5.15 58.11
N GLU A 292 -7.78 -4.69 56.89
CA GLU A 292 -6.89 -3.55 56.74
C GLU A 292 -7.57 -2.25 57.14
N THR A 293 -8.85 -2.10 56.83
CA THR A 293 -9.59 -0.92 57.26
C THR A 293 -10.08 -1.11 58.70
N PRO A 294 -10.29 -0.01 59.43
CA PRO A 294 -10.84 -0.14 60.78
C PRO A 294 -12.21 -0.82 60.76
N THR A 295 -12.45 -1.67 61.75
CA THR A 295 -13.71 -2.38 61.91
C THR A 295 -14.43 -1.83 63.13
N LEU A 296 -15.69 -1.47 62.96
CA LEU A 296 -16.43 -0.75 63.98
C LEU A 296 -17.29 -1.71 64.80
N SER A 297 -17.29 -1.51 66.12
CA SER A 297 -18.09 -2.30 67.04
C SER A 297 -18.69 -1.39 68.11
N ALA A 298 -19.95 -1.64 68.47
CA ALA A 298 -20.64 -0.94 69.54
C ALA A 298 -20.69 0.57 69.27
N ALA A 299 -21.39 0.91 68.19
CA ALA A 299 -21.59 2.29 67.77
C ALA A 299 -23.06 2.64 67.83
N GLU A 300 -23.36 3.88 68.24
CA GLU A 300 -24.73 4.36 68.31
C GLU A 300 -24.78 5.81 67.84
N CYS A 301 -25.90 6.19 67.23
CA CYS A 301 -26.09 7.53 66.70
C CYS A 301 -26.98 8.34 67.62
N THR A 302 -26.55 9.55 67.95
CA THR A 302 -27.32 10.49 68.75
C THR A 302 -27.47 11.78 67.95
N LEU A 303 -28.70 12.24 67.78
CA LEU A 303 -28.98 13.46 67.02
C LEU A 303 -28.98 14.64 67.98
N ASN A 304 -27.85 15.35 68.02
CA ASN A 304 -27.74 16.49 68.94
C ASN A 304 -28.81 17.54 68.63
N GLU A 305 -28.89 17.97 67.38
CA GLU A 305 -29.93 18.88 66.95
C GLU A 305 -30.11 18.74 65.44
N CYS A 306 -31.34 18.90 64.99
CA CYS A 306 -31.65 18.88 63.56
C CYS A 306 -32.50 20.08 63.21
N VAL A 307 -32.10 20.82 62.19
CA VAL A 307 -32.92 21.86 61.57
C VAL A 307 -32.92 21.59 60.07
N TYR A 308 -34.10 21.34 59.51
CA TYR A 308 -34.19 20.87 58.12
C TYR A 308 -34.15 22.08 57.18
N SER A 309 -33.00 22.74 57.18
CA SER A 309 -32.76 23.86 56.29
C SER A 309 -32.17 23.36 54.97
N SER A 310 -31.88 24.29 54.06
CA SER A 310 -31.30 23.92 52.78
C SER A 310 -29.87 23.42 52.94
N ASP A 311 -29.09 24.10 53.78
CA ASP A 311 -27.69 23.73 53.98
C ASP A 311 -27.59 22.57 54.97
N PHE A 312 -26.37 22.26 55.40
CA PHE A 312 -26.13 21.18 56.35
C PHE A 312 -26.49 21.67 57.75
N GLY A 313 -27.79 21.66 58.03
CA GLY A 313 -28.29 22.12 59.31
C GLY A 313 -28.36 21.08 60.41
N GLY A 314 -28.21 19.80 60.07
CA GLY A 314 -28.28 18.74 61.05
C GLY A 314 -26.92 18.21 61.43
N ILE A 315 -26.79 17.76 62.67
CA ILE A 315 -25.55 17.21 63.19
C ILE A 315 -25.87 15.92 63.94
N ALA A 316 -24.88 15.04 64.03
CA ALA A 316 -25.04 13.79 64.75
C ALA A 316 -23.70 13.39 65.36
N THR A 317 -23.76 12.63 66.45
CA THR A 317 -22.57 12.11 67.09
C THR A 317 -22.71 10.60 67.25
N VAL A 318 -21.68 9.86 66.81
CA VAL A 318 -21.68 8.42 66.88
C VAL A 318 -20.70 7.98 67.95
N LYS A 319 -21.19 7.26 68.95
CA LYS A 319 -20.36 6.62 69.97
C LYS A 319 -19.82 5.32 69.39
N TYR A 320 -18.50 5.23 69.27
CA TYR A 320 -17.86 4.12 68.59
C TYR A 320 -16.72 3.54 69.42
N SER A 321 -16.52 2.24 69.25
CA SER A 321 -15.40 1.49 69.81
C SER A 321 -14.76 0.72 68.65
N ALA A 322 -13.84 1.38 67.95
CA ALA A 322 -13.28 0.83 66.73
C ALA A 322 -12.11 -0.12 67.03
N SER A 323 -11.80 -0.96 66.05
CA SER A 323 -10.68 -1.88 66.18
C SER A 323 -9.35 -1.14 66.17
N LYS A 324 -9.24 -0.09 65.36
CA LYS A 324 -8.01 0.69 65.26
C LYS A 324 -8.35 2.05 64.64
N SER A 325 -7.34 2.91 64.57
CA SER A 325 -7.51 4.25 64.02
C SER A 325 -7.39 4.21 62.49
N GLY A 326 -7.71 5.34 61.88
CA GLY A 326 -7.56 5.52 60.44
C GLY A 326 -8.78 6.17 59.83
N LYS A 327 -8.73 6.30 58.50
CA LYS A 327 -9.84 6.86 57.76
C LYS A 327 -10.97 5.82 57.65
N CYS A 328 -12.21 6.28 57.77
CA CYS A 328 -13.35 5.40 57.68
C CYS A 328 -14.45 6.08 56.88
N ALA A 329 -15.05 5.34 55.94
CA ALA A 329 -16.08 5.89 55.08
C ALA A 329 -17.43 5.93 55.79
N VAL A 330 -18.18 7.00 55.56
CA VAL A 330 -19.52 7.17 56.09
C VAL A 330 -20.46 7.46 54.94
N HIS A 331 -21.70 6.97 55.03
CA HIS A 331 -22.66 7.14 53.96
C HIS A 331 -24.08 7.02 54.52
N VAL A 332 -25.05 7.45 53.72
CA VAL A 332 -26.46 7.23 54.03
C VAL A 332 -27.11 6.57 52.81
N PRO A 333 -27.31 5.25 52.82
CA PRO A 333 -27.91 4.59 51.65
C PRO A 333 -29.28 5.12 51.29
N SER A 334 -30.08 5.52 52.27
CA SER A 334 -31.38 6.08 51.98
C SER A 334 -31.24 7.50 51.43
N GLY A 335 -32.35 8.04 50.92
CA GLY A 335 -32.35 9.38 50.37
C GLY A 335 -32.91 10.41 51.35
N THR A 336 -32.97 10.05 52.62
CA THR A 336 -33.54 10.90 53.64
C THR A 336 -32.53 11.85 54.29
N ALA A 337 -31.25 11.71 53.96
CA ALA A 337 -30.23 12.57 54.53
C ALA A 337 -28.98 12.48 53.67
N THR A 338 -28.28 13.60 53.54
CA THR A 338 -27.03 13.68 52.78
C THR A 338 -25.94 14.22 53.69
N LEU A 339 -24.85 13.47 53.84
CA LEU A 339 -23.75 13.90 54.68
C LEU A 339 -22.90 14.94 53.98
N LYS A 340 -22.30 15.82 54.76
CA LYS A 340 -21.34 16.77 54.21
C LYS A 340 -20.07 16.06 53.73
N GLU A 341 -19.57 15.11 54.52
CA GLU A 341 -18.32 14.43 54.24
C GLU A 341 -18.56 12.95 54.01
N ALA A 342 -17.73 12.35 53.17
CA ALA A 342 -17.80 10.93 52.87
C ALA A 342 -16.74 10.12 53.62
N ALA A 343 -16.01 10.75 54.54
CA ALA A 343 -14.98 10.06 55.31
C ALA A 343 -14.78 10.77 56.64
N VAL A 344 -14.20 10.06 57.59
CA VAL A 344 -13.96 10.61 58.92
C VAL A 344 -12.77 9.89 59.53
N GLU A 345 -11.93 10.65 60.24
CA GLU A 345 -10.87 10.04 61.02
C GLU A 345 -11.47 9.33 62.23
N LEU A 346 -10.92 8.16 62.56
CA LEU A 346 -11.53 7.29 63.55
C LEU A 346 -10.46 6.77 64.49
N THR A 347 -10.68 6.92 65.79
CA THR A 347 -9.77 6.44 66.81
C THR A 347 -10.25 5.09 67.35
N GLU A 348 -9.52 4.57 68.34
CA GLU A 348 -9.91 3.31 68.97
C GLU A 348 -11.25 3.43 69.68
N GLN A 349 -11.44 4.53 70.42
CA GLN A 349 -12.63 4.75 71.21
C GLN A 349 -13.03 6.22 71.08
N GLY A 350 -14.32 6.49 71.12
CA GLY A 350 -14.71 7.88 71.24
C GLY A 350 -16.04 8.16 70.56
N SER A 351 -16.17 9.39 70.09
CA SER A 351 -17.37 9.85 69.40
C SER A 351 -16.96 10.63 68.16
N ALA A 352 -17.68 10.40 67.07
CA ALA A 352 -17.42 11.04 65.78
C ALA A 352 -18.57 11.97 65.43
N THR A 353 -18.23 13.18 64.98
CA THR A 353 -19.22 14.20 64.64
C THR A 353 -19.45 14.19 63.13
N ILE A 354 -20.71 14.12 62.72
CA ILE A 354 -21.09 14.03 61.31
C ILE A 354 -22.13 15.10 61.02
N HIS A 355 -21.87 15.91 59.99
CA HIS A 355 -22.80 16.95 59.55
C HIS A 355 -23.61 16.44 58.39
N PHE A 356 -24.92 16.68 58.40
CA PHE A 356 -25.80 16.19 57.36
C PHE A 356 -26.94 17.17 57.16
N SER A 357 -27.58 17.05 56.00
CA SER A 357 -28.75 17.84 55.64
C SER A 357 -29.91 16.91 55.32
N THR A 358 -31.10 17.28 55.78
CA THR A 358 -32.28 16.44 55.61
C THR A 358 -33.50 17.35 55.46
N ALA A 359 -34.57 16.76 54.90
CA ALA A 359 -35.83 17.45 54.74
C ALA A 359 -36.95 16.85 55.58
N ASN A 360 -36.64 15.86 56.42
CA ASN A 360 -37.63 15.18 57.23
C ASN A 360 -37.87 15.93 58.53
N ILE A 361 -39.12 15.90 58.99
CA ILE A 361 -39.43 16.41 60.32
C ILE A 361 -38.84 15.50 61.38
N HIS A 362 -39.01 14.19 61.22
CA HIS A 362 -38.47 13.20 62.15
C HIS A 362 -37.60 12.23 61.35
N PRO A 363 -36.29 12.46 61.32
CA PRO A 363 -35.41 11.60 60.51
C PRO A 363 -35.41 10.17 61.02
N GLU A 364 -35.35 9.23 60.09
CA GLU A 364 -35.11 7.82 60.38
C GLU A 364 -34.16 7.34 59.28
N PHE A 365 -32.86 7.49 59.51
CA PHE A 365 -31.91 7.14 58.46
C PHE A 365 -30.89 6.14 58.98
N ARG A 366 -30.59 5.15 58.15
CA ARG A 366 -29.77 4.00 58.53
C ARG A 366 -28.35 4.27 58.03
N LEU A 367 -27.62 5.05 58.83
CA LEU A 367 -26.29 5.49 58.46
C LEU A 367 -25.33 4.31 58.40
N GLN A 368 -24.39 4.36 57.44
CA GLN A 368 -23.36 3.35 57.31
C GLN A 368 -22.01 3.94 57.70
N ILE A 369 -21.30 3.22 58.54
CA ILE A 369 -19.93 3.53 58.96
C ILE A 369 -19.11 2.31 58.53
N CYS A 370 -17.84 2.25 58.94
CA CYS A 370 -16.82 1.40 58.34
C CYS A 370 -17.35 0.10 57.76
N THR A 371 -18.05 -0.69 58.57
CA THR A 371 -18.77 -1.84 58.06
C THR A 371 -20.15 -1.94 58.70
N SER A 372 -20.30 -1.35 59.87
CA SER A 372 -21.54 -1.45 60.62
C SER A 372 -22.54 -0.40 60.16
N TYR A 373 -23.82 -0.69 60.40
CA TYR A 373 -24.92 0.21 60.06
C TYR A 373 -25.64 0.59 61.35
N VAL A 374 -25.70 1.89 61.64
CA VAL A 374 -26.34 2.41 62.84
C VAL A 374 -27.58 3.19 62.42
N THR A 375 -28.71 2.88 63.05
CA THR A 375 -29.94 3.62 62.81
C THR A 375 -29.92 4.91 63.61
N CYS A 376 -30.25 6.02 62.95
CA CYS A 376 -30.21 7.33 63.59
C CYS A 376 -31.58 7.98 63.46
N LYS A 377 -32.08 8.50 64.58
CA LYS A 377 -33.43 9.03 64.68
C LYS A 377 -33.40 10.45 65.22
N GLY A 378 -34.56 11.00 65.55
CA GLY A 378 -34.63 12.29 66.20
C GLY A 378 -35.77 13.12 65.64
N ASP A 379 -35.71 14.42 65.91
CA ASP A 379 -36.71 15.38 65.44
C ASP A 379 -36.00 16.60 64.87
N CYS A 380 -36.66 17.26 63.92
CA CYS A 380 -36.13 18.45 63.30
C CYS A 380 -37.09 19.63 63.49
N HIS A 381 -36.53 20.82 63.38
CA HIS A 381 -37.26 22.07 63.60
C HIS A 381 -37.09 22.97 62.38
N PRO A 382 -38.06 23.86 62.13
CA PRO A 382 -37.99 24.68 60.92
C PRO A 382 -36.80 25.62 60.97
N PRO A 383 -36.22 25.95 59.82
CA PRO A 383 -35.11 26.91 59.81
C PRO A 383 -35.57 28.32 60.15
N LYS A 384 -34.62 29.12 60.61
CA LYS A 384 -34.89 30.44 61.16
C LYS A 384 -34.84 31.56 60.12
N ASP A 385 -34.60 31.24 58.86
CA ASP A 385 -34.61 32.23 57.79
C ASP A 385 -35.51 31.78 56.65
N HIS A 386 -36.29 32.73 56.12
CA HIS A 386 -37.29 32.39 55.12
C HIS A 386 -36.65 32.12 53.76
N ILE A 387 -35.67 32.93 53.38
CA ILE A 387 -35.09 32.89 52.05
C ILE A 387 -33.57 32.79 52.18
N VAL A 388 -32.97 31.88 51.42
CA VAL A 388 -31.52 31.71 51.43
C VAL A 388 -30.96 32.05 50.06
N THR A 389 -29.63 31.97 49.92
CA THR A 389 -28.95 32.33 48.69
C THR A 389 -28.23 31.15 48.04
N HIS A 390 -28.48 29.93 48.50
CA HIS A 390 -27.83 28.74 47.96
C HIS A 390 -28.88 27.68 47.66
N PRO A 391 -28.62 26.80 46.70
CA PRO A 391 -29.62 25.78 46.34
C PRO A 391 -29.78 24.74 47.44
N GLN A 392 -30.73 23.84 47.21
CA GLN A 392 -31.02 22.79 48.18
C GLN A 392 -29.94 21.71 48.12
N TYR A 393 -29.45 21.30 49.29
CA TYR A 393 -28.37 20.34 49.38
C TYR A 393 -28.86 18.89 49.52
N HIS A 394 -30.16 18.66 49.44
CA HIS A 394 -30.71 17.32 49.58
C HIS A 394 -31.84 17.15 48.58
N ALA A 395 -32.60 16.06 48.73
CA ALA A 395 -33.77 15.78 47.92
C ALA A 395 -34.92 15.41 48.83
N GLN A 396 -36.11 15.92 48.52
CA GLN A 396 -37.28 15.71 49.36
C GLN A 396 -38.19 14.64 48.77
N THR A 397 -38.99 14.03 49.64
CA THR A 397 -39.97 13.03 49.27
C THR A 397 -41.36 13.55 49.60
N PHE A 398 -42.38 12.90 49.00
CA PHE A 398 -43.75 13.35 49.22
C PHE A 398 -44.20 13.13 50.65
N THR A 399 -43.58 12.17 51.35
CA THR A 399 -43.91 11.86 52.74
C THR A 399 -42.84 12.34 53.71
N ALA A 400 -42.01 13.29 53.30
CA ALA A 400 -40.88 13.69 54.12
C ALA A 400 -41.31 14.49 55.34
N ALA A 401 -42.23 15.45 55.16
CA ALA A 401 -42.56 16.41 56.21
C ALA A 401 -43.95 16.18 56.79
N VAL A 402 -44.40 14.93 56.85
CA VAL A 402 -45.73 14.65 57.37
C VAL A 402 -45.76 14.85 58.88
N SER A 403 -44.69 14.45 59.59
CA SER A 403 -44.57 14.54 61.04
C SER A 403 -45.50 13.57 61.75
N LYS A 404 -45.14 13.17 62.97
CA LYS A 404 -45.81 12.06 63.64
C LYS A 404 -47.27 12.37 63.95
N THR A 405 -47.58 13.62 64.33
CA THR A 405 -48.94 13.94 64.77
C THR A 405 -49.93 13.92 63.61
N ALA A 406 -49.50 14.39 62.43
CA ALA A 406 -50.34 14.26 61.25
C ALA A 406 -50.55 12.79 60.87
N TRP A 407 -49.51 11.97 61.04
CA TRP A 407 -49.70 10.53 60.90
C TRP A 407 -50.74 10.02 61.88
N THR A 408 -50.72 10.51 63.11
CA THR A 408 -51.69 10.07 64.11
C THR A 408 -53.11 10.40 63.67
N TRP A 409 -53.34 11.63 63.23
CA TRP A 409 -54.70 11.99 62.77
C TRP A 409 -55.09 11.17 61.54
N LEU A 410 -54.18 11.04 60.57
CA LEU A 410 -54.54 10.36 59.33
C LEU A 410 -54.82 8.88 59.58
N THR A 411 -54.07 8.26 60.48
CA THR A 411 -54.29 6.85 60.79
C THR A 411 -55.56 6.66 61.61
N SER A 412 -55.78 7.52 62.60
CA SER A 412 -56.99 7.39 63.43
C SER A 412 -58.25 7.61 62.61
N LEU A 413 -58.24 8.59 61.71
CA LEU A 413 -59.42 8.87 60.91
C LEU A 413 -59.63 7.77 59.87
N LEU A 414 -58.56 7.35 59.19
CA LEU A 414 -58.70 6.28 58.20
C LEU A 414 -58.86 4.92 58.89
N GLY A 415 -58.10 4.66 59.95
CA GLY A 415 -58.28 3.43 60.69
C GLY A 415 -59.64 3.35 61.36
N GLY A 416 -60.06 4.44 62.00
CA GLY A 416 -61.40 4.49 62.56
C GLY A 416 -62.47 4.34 61.50
N SER A 417 -62.20 4.82 60.27
CA SER A 417 -63.12 4.58 59.17
C SER A 417 -63.27 3.10 58.89
N ALA A 418 -62.17 2.34 58.94
CA ALA A 418 -62.23 0.91 58.70
C ALA A 418 -62.77 0.14 59.89
N VAL A 419 -62.48 0.58 61.12
CA VAL A 419 -62.91 -0.16 62.30
C VAL A 419 -64.42 -0.21 62.42
N ILE A 420 -65.08 0.93 62.18
CA ILE A 420 -66.53 0.97 62.28
C ILE A 420 -67.17 0.12 61.19
N ILE A 421 -66.58 0.10 60.00
CA ILE A 421 -67.08 -0.76 58.92
C ILE A 421 -66.93 -2.23 59.31
N ILE A 422 -65.78 -2.59 59.89
CA ILE A 422 -65.57 -3.97 60.31
C ILE A 422 -66.58 -4.36 61.38
N ILE A 423 -66.86 -3.45 62.32
CA ILE A 423 -67.87 -3.71 63.34
C ILE A 423 -69.23 -3.91 62.71
N GLY A 424 -69.58 -3.09 61.72
CA GLY A 424 -70.85 -3.24 61.05
C GLY A 424 -71.00 -4.57 60.35
N LEU A 425 -69.96 -4.99 59.62
CA LEU A 425 -69.99 -6.29 58.97
C LEU A 425 -70.07 -7.43 59.98
N VAL A 426 -69.34 -7.32 61.09
CA VAL A 426 -69.39 -8.37 62.11
C VAL A 426 -70.79 -8.47 62.69
N LEU A 427 -71.41 -7.33 63.00
CA LEU A 427 -72.76 -7.34 63.54
C LEU A 427 -73.76 -7.91 62.52
N ALA A 428 -73.61 -7.54 61.25
CA ALA A 428 -74.50 -8.06 60.23
C ALA A 428 -74.39 -9.58 60.11
N THR A 429 -73.16 -10.10 60.10
CA THR A 429 -72.97 -11.54 60.05
C THR A 429 -73.55 -12.23 61.27
N ILE A 430 -73.33 -11.64 62.45
CA ILE A 430 -73.83 -12.24 63.69
C ILE A 430 -75.36 -12.31 63.67
N VAL A 431 -76.01 -11.22 63.29
CA VAL A 431 -77.47 -11.22 63.30
C VAL A 431 -78.02 -12.11 62.20
N ALA A 432 -77.33 -12.22 61.05
CA ALA A 432 -77.77 -13.15 60.02
C ALA A 432 -77.71 -14.58 60.53
N MET A 433 -76.61 -14.95 61.19
CA MET A 433 -76.51 -16.30 61.76
C MET A 433 -77.58 -16.53 62.82
N TYR A 434 -77.84 -15.53 63.65
CA TYR A 434 -78.86 -15.66 64.70
C TYR A 434 -80.24 -15.86 64.09
N VAL A 435 -80.55 -15.11 63.03
CA VAL A 435 -81.84 -15.27 62.34
C VAL A 435 -81.95 -16.66 61.73
N LEU A 436 -80.89 -17.12 61.06
CA LEU A 436 -80.91 -18.46 60.48
C LEU A 436 -81.08 -19.53 61.56
N THR A 437 -80.51 -19.31 62.74
CA THR A 437 -80.71 -20.27 63.83
C THR A 437 -82.13 -20.19 64.39
N ASN A 438 -82.80 -19.03 64.26
CA ASN A 438 -84.18 -18.94 64.71
C ASN A 438 -85.16 -19.73 63.85
N GLN A 439 -84.73 -20.21 62.69
CA GLN A 439 -85.62 -20.93 61.77
C GLN A 439 -85.89 -22.33 62.34
N LYS A 440 -86.83 -22.38 63.28
CA LYS A 440 -87.22 -23.63 63.94
C LYS A 440 -86.04 -24.35 64.56
N SER B 1 3.08 59.81 12.70
CA SER B 1 2.00 60.76 12.41
C SER B 1 1.92 61.06 10.91
N THR B 2 3.04 61.49 10.34
CA THR B 2 3.07 61.82 8.92
C THR B 2 2.91 60.59 8.03
N GLU B 3 3.14 59.40 8.59
CA GLU B 3 2.90 58.17 7.82
C GLU B 3 1.42 57.98 7.51
N GLU B 4 0.55 58.44 8.41
CA GLU B 4 -0.88 58.31 8.23
C GLU B 4 -1.42 59.23 7.15
N LEU B 5 -0.67 60.27 6.77
CA LEU B 5 -1.12 61.30 5.86
C LEU B 5 -0.43 61.20 4.51
N PHE B 6 -0.09 59.99 4.08
CA PHE B 6 0.65 59.81 2.83
C PHE B 6 -0.16 60.25 1.62
N ASN B 7 -1.45 60.00 1.61
CA ASN B 7 -2.31 60.42 0.51
C ASN B 7 -3.45 61.32 0.95
N GLU B 8 -4.09 61.00 2.08
CA GLU B 8 -5.24 61.71 2.64
C GLU B 8 -5.07 63.22 2.54
N TYR B 9 -3.87 63.71 2.81
CA TYR B 9 -3.61 65.13 2.86
C TYR B 9 -2.55 65.58 1.87
N LYS B 10 -1.79 64.66 1.28
CA LYS B 10 -0.86 65.07 0.24
C LYS B 10 -1.57 65.32 -1.09
N LEU B 11 -2.66 64.59 -1.38
CA LEU B 11 -3.50 64.90 -2.55
C LEU B 11 -4.94 65.00 -2.03
N THR B 12 -5.30 66.19 -1.57
CA THR B 12 -6.44 66.35 -0.69
C THR B 12 -7.57 67.23 -1.23
N ARG B 13 -7.30 68.49 -1.58
CA ARG B 13 -8.26 69.46 -2.10
C ARG B 13 -9.59 69.48 -1.36
N PRO B 14 -9.67 70.06 -0.17
CA PRO B 14 -10.99 70.25 0.47
C PRO B 14 -11.89 71.11 -0.41
N TYR B 15 -13.18 70.82 -0.37
CA TYR B 15 -14.13 71.38 -1.34
C TYR B 15 -15.21 72.20 -0.63
N MET B 16 -16.03 72.84 -1.46
CA MET B 16 -17.22 73.56 -1.02
C MET B 16 -18.46 72.81 -1.50
N ALA B 17 -19.44 72.66 -0.63
CA ALA B 17 -20.64 71.90 -0.96
C ALA B 17 -21.87 72.61 -0.40
N ARG B 18 -23.02 72.29 -0.98
CA ARG B 18 -24.27 72.97 -0.62
C ARG B 18 -24.67 72.64 0.81
N CYS B 19 -25.04 73.67 1.57
CA CYS B 19 -25.61 73.52 2.90
C CYS B 19 -27.02 74.10 2.90
N ILE B 20 -27.99 73.29 3.31
CA ILE B 20 -29.39 73.68 3.23
C ILE B 20 -29.74 74.76 4.25
N ARG B 21 -29.18 74.66 5.45
CA ARG B 21 -29.45 75.61 6.51
C ARG B 21 -28.15 76.37 6.80
N CYS B 22 -27.93 77.44 6.04
CA CYS B 22 -26.74 78.26 6.14
C CYS B 22 -26.99 79.39 7.13
N ALA B 23 -26.07 80.36 7.17
CA ALA B 23 -26.21 81.46 8.11
C ALA B 23 -27.40 82.36 7.78
N VAL B 24 -27.70 82.54 6.50
CA VAL B 24 -28.74 83.49 6.10
C VAL B 24 -29.67 82.79 5.11
N GLY B 25 -29.55 81.48 4.97
CA GLY B 25 -30.39 80.74 4.04
C GLY B 25 -29.82 79.41 3.63
N SER B 26 -29.75 79.17 2.32
CA SER B 26 -29.14 77.97 1.76
C SER B 26 -27.91 78.39 0.96
N CYS B 27 -26.73 77.98 1.43
CA CYS B 27 -25.48 78.48 0.87
C CYS B 27 -24.71 77.34 0.20
N HIS B 28 -23.56 77.70 -0.34
CA HIS B 28 -22.52 76.75 -0.70
C HIS B 28 -21.41 76.94 0.33
N SER B 29 -21.46 76.13 1.38
CA SER B 29 -20.57 76.32 2.52
C SER B 29 -19.26 75.56 2.31
N PRO B 30 -18.18 76.05 2.91
CA PRO B 30 -16.91 75.31 2.92
C PRO B 30 -16.82 74.27 4.03
N ILE B 31 -17.82 74.20 4.90
CA ILE B 31 -17.81 73.28 6.04
C ILE B 31 -19.03 72.37 5.96
N ALA B 32 -19.47 72.05 4.74
CA ALA B 32 -20.68 71.27 4.56
C ALA B 32 -20.51 69.86 5.12
N ILE B 33 -21.41 69.49 6.03
CA ILE B 33 -21.42 68.16 6.64
C ILE B 33 -22.28 67.25 5.78
N GLU B 34 -21.78 66.05 5.48
CA GLU B 34 -22.56 65.10 4.72
C GLU B 34 -22.62 63.71 5.35
N ALA B 35 -22.18 63.57 6.60
CA ALA B 35 -22.29 62.31 7.32
C ALA B 35 -22.05 62.56 8.79
N VAL B 36 -22.94 62.04 9.63
CA VAL B 36 -22.81 62.14 11.08
C VAL B 36 -23.05 60.76 11.68
N LYS B 37 -21.97 60.04 11.98
CA LYS B 37 -22.07 58.70 12.55
C LYS B 37 -22.07 58.81 14.07
N SER B 38 -23.19 58.43 14.69
CA SER B 38 -23.35 58.50 16.13
C SER B 38 -23.73 57.15 16.70
N ASP B 39 -23.06 56.09 16.24
CA ASP B 39 -23.29 54.75 16.76
C ASP B 39 -22.40 54.43 17.95
N GLY B 40 -21.51 55.34 18.34
CA GLY B 40 -20.75 55.18 19.56
C GLY B 40 -21.61 55.41 20.78
N HIS B 41 -21.08 55.00 21.93
CA HIS B 41 -21.89 54.97 23.14
C HIS B 41 -21.99 56.33 23.81
N ASP B 42 -20.87 56.85 24.31
CA ASP B 42 -20.93 58.01 25.20
C ASP B 42 -20.92 59.33 24.45
N GLY B 43 -21.83 59.50 23.50
CA GLY B 43 -22.01 60.78 22.85
C GLY B 43 -20.94 61.16 21.85
N TYR B 44 -20.05 60.24 21.49
CA TYR B 44 -18.99 60.54 20.54
C TYR B 44 -19.50 60.38 19.13
N VAL B 45 -19.23 61.37 18.29
CA VAL B 45 -19.69 61.40 16.90
C VAL B 45 -18.49 61.59 15.99
N ARG B 46 -18.45 60.81 14.91
CA ARG B 46 -17.44 60.94 13.86
C ARG B 46 -18.10 61.66 12.69
N LEU B 47 -18.15 62.98 12.78
CA LEU B 47 -18.74 63.80 11.73
C LEU B 47 -17.84 63.79 10.50
N GLN B 48 -18.45 63.84 9.33
CA GLN B 48 -17.73 63.85 8.06
C GLN B 48 -18.19 65.06 7.26
N THR B 49 -17.23 65.93 6.94
CA THR B 49 -17.53 67.24 6.37
C THR B 49 -16.64 67.50 5.16
N SER B 50 -16.92 68.61 4.48
CA SER B 50 -16.17 68.97 3.29
C SER B 50 -14.79 69.51 3.63
N SER B 51 -14.67 70.27 4.71
CA SER B 51 -13.40 70.85 5.11
C SER B 51 -12.48 69.74 5.63
N GLN B 52 -11.28 70.12 6.07
CA GLN B 52 -10.28 69.14 6.46
C GLN B 52 -9.46 69.67 7.62
N TYR B 53 -8.85 68.75 8.35
CA TYR B 53 -8.29 69.04 9.67
C TYR B 53 -6.88 68.49 9.76
N GLY B 54 -5.92 69.34 10.10
CA GLY B 54 -4.55 68.91 10.34
C GLY B 54 -3.52 69.48 9.38
N LEU B 55 -3.92 70.22 8.34
CA LEU B 55 -2.97 70.80 7.40
C LEU B 55 -3.24 72.28 7.22
N ASP B 56 -2.22 73.00 6.77
CA ASP B 56 -2.34 74.40 6.43
C ASP B 56 -2.63 74.52 4.93
N SER B 57 -2.65 75.76 4.43
CA SER B 57 -2.91 75.97 3.01
C SER B 57 -1.85 75.31 2.14
N SER B 58 -0.59 75.39 2.55
CA SER B 58 0.53 74.87 1.78
C SER B 58 0.74 73.36 1.94
N GLY B 59 -0.24 72.65 2.51
CA GLY B 59 -0.14 71.20 2.59
C GLY B 59 0.93 70.67 3.52
N ASN B 60 1.12 71.28 4.69
CA ASN B 60 2.06 70.83 5.69
C ASN B 60 1.32 70.43 6.96
N LEU B 61 1.87 69.44 7.68
CA LEU B 61 1.20 68.95 8.88
C LEU B 61 1.11 70.03 9.94
N LYS B 62 -0.07 70.16 10.54
CA LYS B 62 -0.29 71.04 11.68
C LYS B 62 -1.18 70.34 12.67
N GLY B 63 -0.93 70.59 13.95
CA GLY B 63 -1.55 69.81 15.02
C GLY B 63 -3.05 69.94 15.17
N ARG B 64 -3.55 71.16 15.34
CA ARG B 64 -4.92 71.41 15.75
C ARG B 64 -5.56 72.49 14.90
N THR B 65 -5.48 72.35 13.57
CA THR B 65 -6.05 73.34 12.67
C THR B 65 -7.03 72.70 11.70
N MET B 66 -8.00 73.48 11.27
CA MET B 66 -8.93 73.12 10.20
C MET B 66 -8.55 73.87 8.93
N ARG B 67 -8.68 73.19 7.79
CA ARG B 67 -8.37 73.78 6.50
C ARG B 67 -9.57 73.58 5.57
N TYR B 68 -9.90 74.63 4.83
CA TYR B 68 -11.03 74.59 3.91
C TYR B 68 -10.65 75.38 2.67
N ASP B 69 -11.63 75.66 1.81
CA ASP B 69 -11.40 76.57 0.70
C ASP B 69 -12.59 77.51 0.55
N MET B 70 -12.29 78.72 0.05
CA MET B 70 -13.30 79.71 -0.28
C MET B 70 -13.10 80.08 -1.74
N HIS B 71 -14.08 79.73 -2.58
CA HIS B 71 -14.08 80.08 -4.00
C HIS B 71 -12.77 79.67 -4.67
N GLY B 72 -12.27 78.49 -4.32
CA GLY B 72 -11.06 77.96 -4.92
C GLY B 72 -9.78 78.25 -4.17
N THR B 73 -9.78 79.22 -3.27
CA THR B 73 -8.57 79.59 -2.53
C THR B 73 -8.55 78.85 -1.21
N ILE B 74 -7.51 78.04 -0.98
CA ILE B 74 -7.42 77.25 0.24
C ILE B 74 -7.06 78.17 1.40
N LYS B 75 -7.84 78.08 2.48
CA LYS B 75 -7.63 78.89 3.67
C LYS B 75 -7.61 77.99 4.90
N GLU B 76 -7.29 78.60 6.04
CA GLU B 76 -6.98 77.89 7.26
C GLU B 76 -7.56 78.63 8.47
N ILE B 77 -7.79 77.90 9.55
CA ILE B 77 -8.12 78.50 10.84
C ILE B 77 -7.71 77.49 11.92
N PRO B 78 -7.39 77.92 13.14
CA PRO B 78 -7.21 76.96 14.22
C PRO B 78 -8.52 76.27 14.58
N LEU B 79 -8.40 75.04 15.08
CA LEU B 79 -9.57 74.23 15.41
C LEU B 79 -10.35 74.79 16.59
N HIS B 80 -9.76 75.65 17.40
CA HIS B 80 -10.44 76.18 18.57
C HIS B 80 -11.39 77.33 18.22
N GLN B 81 -11.40 77.78 16.97
CA GLN B 81 -12.31 78.85 16.57
C GLN B 81 -13.63 78.32 16.01
N VAL B 82 -13.58 77.20 15.29
CA VAL B 82 -14.80 76.58 14.77
C VAL B 82 -15.47 75.79 15.88
N SER B 83 -16.80 75.84 15.94
CA SER B 83 -17.54 75.19 17.02
C SER B 83 -18.80 74.57 16.46
N LEU B 84 -18.96 73.26 16.64
CA LEU B 84 -20.20 72.60 16.28
C LEU B 84 -21.04 72.37 17.52
N TYR B 85 -22.35 72.27 17.34
CA TYR B 85 -23.22 72.00 18.46
C TYR B 85 -24.51 71.34 17.98
N THR B 86 -25.38 71.10 18.96
CA THR B 86 -26.66 70.40 18.89
C THR B 86 -27.55 71.09 19.92
N SER B 87 -28.56 70.39 20.41
CA SER B 87 -29.35 70.89 21.55
C SER B 87 -28.47 71.62 22.57
N ARG B 88 -27.32 71.05 22.90
CA ARG B 88 -26.32 71.69 23.73
C ARG B 88 -24.99 71.73 22.98
N PRO B 89 -24.08 72.63 23.35
CA PRO B 89 -22.79 72.72 22.66
C PRO B 89 -21.99 71.43 22.76
N CYS B 90 -21.26 71.14 21.70
CA CYS B 90 -20.36 69.99 21.64
C CYS B 90 -18.93 70.41 21.96
N HIS B 91 -18.06 69.42 22.09
CA HIS B 91 -16.64 69.64 22.38
C HIS B 91 -15.81 68.81 21.41
N ILE B 92 -15.11 69.48 20.49
CA ILE B 92 -14.29 68.77 19.51
C ILE B 92 -13.17 68.03 20.22
N VAL B 93 -13.03 66.74 19.91
CA VAL B 93 -11.92 65.95 20.44
C VAL B 93 -10.72 65.98 19.51
N ASP B 94 -10.94 65.75 18.22
CA ASP B 94 -9.83 65.70 17.27
C ASP B 94 -10.37 65.88 15.86
N GLY B 95 -9.45 66.10 14.93
CA GLY B 95 -9.79 66.15 13.53
C GLY B 95 -8.70 65.53 12.67
N HIS B 96 -9.10 64.73 11.67
CA HIS B 96 -8.14 64.06 10.81
C HIS B 96 -8.82 63.75 9.49
N GLY B 97 -8.11 64.00 8.39
CA GLY B 97 -8.72 63.79 7.10
C GLY B 97 -9.91 64.69 6.90
N TYR B 98 -10.92 64.18 6.19
CA TYR B 98 -12.20 64.86 6.10
C TYR B 98 -13.00 64.77 7.38
N PHE B 99 -12.55 63.96 8.35
CA PHE B 99 -13.37 63.55 9.47
C PHE B 99 -13.03 64.34 10.73
N LEU B 100 -14.02 64.48 11.61
CA LEU B 100 -13.88 65.22 12.85
C LEU B 100 -14.55 64.43 13.96
N LEU B 101 -13.78 64.10 15.00
CA LEU B 101 -14.29 63.36 16.14
C LEU B 101 -14.65 64.34 17.25
N ALA B 102 -15.92 64.40 17.61
CA ALA B 102 -16.43 65.33 18.60
C ALA B 102 -17.22 64.58 19.65
N ARG B 103 -17.48 65.26 20.76
CA ARG B 103 -18.27 64.71 21.86
C ARG B 103 -19.54 65.54 21.99
N CYS B 104 -20.63 65.05 21.40
CA CYS B 104 -21.87 65.79 21.28
C CYS B 104 -22.96 65.21 22.18
N PRO B 105 -23.88 66.03 22.66
CA PRO B 105 -25.07 65.52 23.33
C PRO B 105 -26.15 65.19 22.31
N ALA B 106 -27.22 64.58 22.79
CA ALA B 106 -28.32 64.20 21.91
C ALA B 106 -28.95 65.45 21.28
N GLY B 107 -29.35 65.32 20.02
CA GLY B 107 -29.97 66.42 19.31
C GLY B 107 -30.59 65.93 18.03
N ASP B 108 -31.40 66.80 17.43
CA ASP B 108 -32.11 66.47 16.21
C ASP B 108 -31.50 67.09 14.96
N SER B 109 -30.53 67.98 15.11
CA SER B 109 -29.92 68.65 13.96
C SER B 109 -28.54 69.13 14.36
N ILE B 110 -27.51 68.59 13.74
CA ILE B 110 -26.12 68.94 14.06
C ILE B 110 -25.73 70.14 13.23
N THR B 111 -25.15 71.16 13.89
CA THR B 111 -24.78 72.38 13.19
C THR B 111 -23.33 72.72 13.51
N MET B 112 -22.75 73.54 12.63
CA MET B 112 -21.35 73.92 12.72
C MET B 112 -21.25 75.42 12.47
N GLU B 113 -20.97 76.18 13.53
CA GLU B 113 -20.69 77.60 13.46
C GLU B 113 -19.20 77.81 13.25
N PHE B 114 -18.87 78.91 12.57
CA PHE B 114 -17.50 79.17 12.17
C PHE B 114 -17.36 80.67 11.92
N LYS B 115 -16.30 81.26 12.47
CA LYS B 115 -16.15 82.71 12.47
C LYS B 115 -14.91 83.11 11.68
N LYS B 116 -15.05 84.17 10.89
CA LYS B 116 -13.94 84.71 10.12
C LYS B 116 -13.83 86.21 10.44
N ASP B 117 -13.05 86.96 9.67
CA ASP B 117 -12.82 88.37 9.95
C ASP B 117 -14.14 89.14 10.02
N SER B 118 -14.97 89.00 9.01
CA SER B 118 -16.26 89.69 9.00
C SER B 118 -17.43 88.76 8.72
N VAL B 119 -17.24 87.76 7.86
CA VAL B 119 -18.32 86.84 7.52
C VAL B 119 -18.41 85.74 8.56
N ARG B 120 -19.62 85.29 8.83
CA ARG B 120 -19.88 84.21 9.78
C ARG B 120 -20.46 83.04 9.02
N HIS B 121 -19.66 81.98 8.87
CA HIS B 121 -20.10 80.79 8.16
C HIS B 121 -20.81 79.84 9.11
N SER B 122 -21.78 79.10 8.58
CA SER B 122 -22.54 78.15 9.37
C SER B 122 -23.10 77.08 8.45
N CYS B 123 -23.23 75.88 8.99
CA CYS B 123 -23.83 74.77 8.24
C CYS B 123 -24.59 73.89 9.22
N SER B 124 -25.92 73.90 9.11
CA SER B 124 -26.78 73.10 9.96
C SER B 124 -27.44 72.03 9.12
N VAL B 125 -27.30 70.77 9.53
CA VAL B 125 -27.88 69.66 8.80
C VAL B 125 -28.75 68.84 9.74
N PRO B 126 -29.89 68.33 9.27
CA PRO B 126 -30.82 67.60 10.13
C PRO B 126 -30.50 66.09 10.21
N TYR B 127 -29.28 65.78 10.61
CA TYR B 127 -28.89 64.41 10.89
C TYR B 127 -29.04 64.16 12.39
N GLU B 128 -29.72 63.08 12.74
CA GLU B 128 -29.98 62.78 14.14
C GLU B 128 -28.69 62.43 14.86
N VAL B 129 -28.47 63.07 16.00
CA VAL B 129 -27.36 62.76 16.90
C VAL B 129 -27.96 62.20 18.17
N LYS B 130 -27.65 60.93 18.47
CA LYS B 130 -28.27 60.22 19.57
C LYS B 130 -27.23 59.87 20.62
N PHE B 131 -27.53 60.21 21.87
CA PHE B 131 -26.73 59.74 23.00
C PHE B 131 -27.38 58.47 23.53
N ASN B 132 -26.68 57.35 23.40
CA ASN B 132 -27.17 56.08 23.88
C ASN B 132 -26.27 55.53 24.99
N PRO B 133 -26.82 55.19 26.14
CA PRO B 133 -26.00 54.85 27.30
C PRO B 133 -25.40 53.45 27.19
N VAL B 134 -24.69 53.06 28.24
CA VAL B 134 -24.12 51.74 28.37
C VAL B 134 -24.73 51.07 29.59
N GLY B 135 -25.09 49.81 29.45
CA GLY B 135 -25.66 49.06 30.54
C GLY B 135 -27.15 49.25 30.67
N ARG B 136 -27.67 48.79 31.81
CA ARG B 136 -29.10 48.74 32.06
C ARG B 136 -29.63 49.94 32.83
N GLU B 137 -28.79 50.94 33.09
CA GLU B 137 -29.22 52.19 33.72
C GLU B 137 -29.12 53.29 32.67
N LEU B 138 -30.25 53.95 32.41
CA LEU B 138 -30.40 54.87 31.28
C LEU B 138 -30.09 56.28 31.75
N TYR B 139 -28.84 56.69 31.61
CA TYR B 139 -28.38 58.02 31.94
C TYR B 139 -28.29 58.88 30.69
N THR B 140 -28.42 60.20 30.89
CA THR B 140 -28.25 61.16 29.81
C THR B 140 -26.93 61.91 29.88
N HIS B 141 -26.03 61.48 30.77
CA HIS B 141 -24.70 62.06 30.91
C HIS B 141 -23.82 61.06 31.63
N PRO B 142 -22.58 60.85 31.19
CA PRO B 142 -21.74 59.83 31.81
C PRO B 142 -21.56 60.10 33.29
N PRO B 143 -21.50 59.07 34.11
CA PRO B 143 -21.45 59.26 35.56
C PRO B 143 -20.03 59.51 36.04
N GLU B 144 -19.94 60.01 37.27
CA GLU B 144 -18.65 60.30 37.87
C GLU B 144 -17.93 59.04 38.34
N HIS B 145 -18.67 58.00 38.69
CA HIS B 145 -18.09 56.78 39.24
C HIS B 145 -19.01 55.61 38.89
N GLY B 146 -18.70 54.44 39.44
CA GLY B 146 -19.48 53.24 39.23
C GLY B 146 -18.66 52.15 38.56
N VAL B 147 -19.27 50.99 38.43
CA VAL B 147 -18.62 49.89 37.73
C VAL B 147 -18.50 50.22 36.25
N GLU B 148 -17.61 49.48 35.57
CA GLU B 148 -17.36 49.70 34.16
C GLU B 148 -17.38 48.36 33.42
N GLN B 149 -17.81 48.40 32.17
CA GLN B 149 -17.80 47.20 31.35
C GLN B 149 -17.63 47.58 29.89
N ALA B 150 -17.86 46.62 29.00
CA ALA B 150 -17.55 46.78 27.59
C ALA B 150 -18.40 47.87 26.95
N CYS B 151 -17.76 48.65 26.09
CA CYS B 151 -18.41 49.76 25.39
C CYS B 151 -17.81 49.85 24.00
N GLN B 152 -18.58 50.43 23.07
CA GLN B 152 -18.12 50.73 21.73
C GLN B 152 -18.06 52.23 21.57
N VAL B 153 -16.85 52.77 21.37
CA VAL B 153 -16.67 54.21 21.25
C VAL B 153 -15.83 54.51 20.01
N TYR B 154 -16.09 55.67 19.41
CA TYR B 154 -15.26 56.13 18.30
C TYR B 154 -13.88 56.50 18.85
N ALA B 155 -12.89 55.65 18.57
CA ALA B 155 -11.60 55.77 19.21
C ALA B 155 -10.90 57.06 18.80
N HIS B 156 -9.91 57.45 19.61
CA HIS B 156 -9.15 58.68 19.39
C HIS B 156 -7.82 58.40 18.69
N ASP B 157 -7.80 57.43 17.77
CA ASP B 157 -6.62 57.15 16.97
C ASP B 157 -6.97 57.22 15.49
N ALA B 158 -6.03 57.73 14.70
CA ALA B 158 -6.20 57.87 13.27
C ALA B 158 -5.43 56.80 12.49
N GLN B 159 -5.02 55.73 13.17
CA GLN B 159 -4.26 54.68 12.50
C GLN B 159 -5.08 54.02 11.41
N ASN B 160 -4.39 53.54 10.39
CA ASN B 160 -5.03 53.01 9.18
C ASN B 160 -5.64 51.65 9.51
N ARG B 161 -6.93 51.64 9.83
CA ARG B 161 -7.65 50.41 10.06
C ARG B 161 -8.24 49.91 8.74
N GLY B 162 -9.15 48.94 8.81
CA GLY B 162 -9.58 48.25 7.60
C GLY B 162 -10.36 49.11 6.63
N ALA B 163 -11.21 50.00 7.14
CA ALA B 163 -12.15 50.70 6.29
C ALA B 163 -11.47 51.81 5.48
N TYR B 164 -11.99 52.04 4.27
CA TYR B 164 -11.42 53.00 3.34
C TYR B 164 -12.53 53.70 2.56
N VAL B 165 -12.52 55.03 2.55
CA VAL B 165 -13.35 55.80 1.63
C VAL B 165 -12.55 55.99 0.35
N GLU B 166 -13.20 56.45 -0.72
CA GLU B 166 -12.55 56.63 -2.01
C GLU B 166 -12.32 58.10 -2.29
N MET B 167 -11.22 58.40 -2.99
CA MET B 167 -10.95 59.74 -3.49
C MET B 167 -10.99 59.72 -5.02
N HIS B 168 -11.55 60.76 -5.61
CA HIS B 168 -11.84 60.79 -7.03
C HIS B 168 -11.24 62.03 -7.67
N LEU B 169 -11.03 61.95 -8.98
CA LEU B 169 -10.59 63.10 -9.75
C LEU B 169 -11.66 64.19 -9.68
N PRO B 170 -11.31 65.42 -9.32
CA PRO B 170 -12.33 66.45 -9.13
C PRO B 170 -12.96 66.88 -10.45
N GLY B 171 -14.16 67.43 -10.34
CA GLY B 171 -14.83 68.01 -11.48
C GLY B 171 -14.34 69.41 -11.78
N SER B 172 -14.98 70.05 -12.74
CA SER B 172 -14.66 71.41 -13.13
C SER B 172 -15.67 72.36 -12.50
N GLU B 173 -15.19 73.26 -11.64
CA GLU B 173 -16.04 74.17 -10.90
C GLU B 173 -16.21 75.46 -11.68
N VAL B 174 -17.45 75.76 -12.08
CA VAL B 174 -17.71 76.98 -12.83
C VAL B 174 -17.40 78.20 -11.96
N ASP B 175 -16.87 79.25 -12.59
CA ASP B 175 -16.56 80.49 -11.90
C ASP B 175 -16.92 81.64 -12.84
N SER B 176 -17.98 82.38 -12.48
CA SER B 176 -18.42 83.51 -13.28
C SER B 176 -17.64 84.79 -12.98
N SER B 177 -16.75 84.75 -11.98
CA SER B 177 -15.91 85.92 -11.72
C SER B 177 -14.81 86.06 -12.76
N LEU B 178 -14.40 84.95 -13.37
CA LEU B 178 -13.37 85.01 -14.40
C LEU B 178 -13.85 85.79 -15.62
N VAL B 179 -15.11 85.57 -16.02
CA VAL B 179 -15.66 86.22 -17.21
C VAL B 179 -15.97 87.68 -16.89
N SER B 180 -15.07 88.57 -17.27
CA SER B 180 -15.30 90.00 -17.15
C SER B 180 -15.85 90.55 -18.46
N LEU B 181 -16.31 91.79 -18.41
CA LEU B 181 -16.93 92.44 -19.58
C LEU B 181 -16.06 93.60 -20.02
N SER B 182 -15.27 93.38 -21.08
CA SER B 182 -14.62 94.47 -21.77
C SER B 182 -15.62 95.13 -22.71
N GLY B 183 -15.19 96.18 -23.40
CA GLY B 183 -16.13 96.96 -24.18
C GLY B 183 -16.88 96.13 -25.21
N SER B 184 -18.15 95.84 -24.90
CA SER B 184 -19.02 95.01 -25.73
C SER B 184 -18.34 93.69 -26.11
N SER B 185 -17.60 93.11 -25.16
CA SER B 185 -16.93 91.84 -25.40
C SER B 185 -16.71 91.14 -24.06
N VAL B 186 -16.53 89.82 -24.11
CA VAL B 186 -16.25 89.06 -22.90
C VAL B 186 -14.75 88.84 -22.81
N THR B 187 -14.25 88.70 -21.59
CA THR B 187 -12.81 88.53 -21.37
C THR B 187 -12.64 87.45 -20.30
N VAL B 188 -12.01 86.35 -20.66
CA VAL B 188 -11.72 85.28 -19.72
C VAL B 188 -10.28 85.44 -19.26
N THR B 189 -10.11 85.63 -17.96
CA THR B 189 -8.80 85.85 -17.34
C THR B 189 -8.62 84.83 -16.22
N PRO B 190 -8.20 83.61 -16.56
CA PRO B 190 -8.09 82.54 -15.56
C PRO B 190 -7.04 82.89 -14.51
N PRO B 191 -7.15 82.33 -13.31
CA PRO B 191 -6.18 82.65 -12.26
C PRO B 191 -4.79 82.17 -12.63
N ASP B 192 -3.80 82.81 -12.01
CA ASP B 192 -2.41 82.54 -12.33
C ASP B 192 -2.07 81.07 -12.12
N GLY B 193 -1.47 80.46 -13.14
CA GLY B 193 -1.10 79.06 -13.08
C GLY B 193 -2.23 78.09 -13.27
N THR B 194 -3.40 78.55 -13.68
CA THR B 194 -4.57 77.68 -13.81
C THR B 194 -5.32 78.04 -15.09
N SER B 195 -5.77 77.01 -15.80
CA SER B 195 -6.58 77.19 -17.00
C SER B 195 -8.07 77.22 -16.65
N ALA B 196 -8.88 77.60 -17.63
CA ALA B 196 -10.33 77.72 -17.41
C ALA B 196 -11.04 77.45 -18.73
N LEU B 197 -11.52 76.22 -18.91
CA LEU B 197 -12.20 75.85 -20.14
C LEU B 197 -13.44 76.70 -20.36
N VAL B 198 -13.60 77.23 -21.57
CA VAL B 198 -14.65 78.19 -21.87
C VAL B 198 -15.68 77.52 -22.78
N GLU B 199 -16.92 77.43 -22.30
CA GLU B 199 -18.06 77.04 -23.12
C GLU B 199 -18.90 78.29 -23.38
N CYS B 200 -19.03 78.67 -24.65
CA CYS B 200 -19.52 79.99 -24.98
C CYS B 200 -20.28 79.90 -26.29
N GLU B 201 -21.53 80.36 -26.30
CA GLU B 201 -22.48 80.04 -27.36
C GLU B 201 -23.18 81.29 -27.89
N CYS B 202 -22.44 82.39 -28.03
CA CYS B 202 -23.06 83.60 -28.57
C CYS B 202 -23.30 83.45 -30.06
N GLY B 203 -22.23 83.31 -30.84
CA GLY B 203 -22.33 82.85 -32.21
C GLY B 203 -21.39 81.70 -32.44
N GLY B 204 -21.93 80.49 -32.65
CA GLY B 204 -21.09 79.32 -32.78
C GLY B 204 -20.57 78.83 -31.44
N THR B 205 -20.50 77.52 -31.26
CA THR B 205 -19.99 76.96 -30.02
C THR B 205 -18.48 76.91 -30.05
N LYS B 206 -17.85 77.34 -28.95
CA LYS B 206 -16.40 77.35 -28.81
C LYS B 206 -16.00 76.63 -27.54
N ILE B 207 -14.98 75.78 -27.63
CA ILE B 207 -14.56 74.92 -26.54
C ILE B 207 -13.08 75.16 -26.25
N SER B 208 -12.61 76.39 -26.42
CA SER B 208 -11.18 76.66 -26.37
C SER B 208 -10.62 76.48 -24.97
N GLU B 209 -10.11 75.28 -24.69
CA GLU B 209 -9.58 74.96 -23.37
C GLU B 209 -8.20 75.56 -23.16
N THR B 210 -7.39 75.67 -24.22
CA THR B 210 -6.00 76.09 -24.07
C THR B 210 -5.92 77.58 -23.76
N ILE B 211 -6.46 77.96 -22.61
CA ILE B 211 -6.50 79.34 -22.14
C ILE B 211 -5.96 79.38 -20.72
N ASN B 212 -4.83 80.05 -20.53
CA ASN B 212 -4.24 80.15 -19.19
C ASN B 212 -3.65 81.51 -18.85
N LYS B 213 -3.66 82.48 -19.78
CA LYS B 213 -3.17 83.82 -19.47
C LYS B 213 -4.26 84.87 -19.52
N THR B 214 -4.91 85.06 -20.67
CA THR B 214 -5.99 86.00 -20.86
C THR B 214 -6.53 85.84 -22.28
N LYS B 215 -7.82 86.03 -22.49
CA LYS B 215 -8.35 86.01 -23.86
C LYS B 215 -9.60 86.87 -23.94
N GLN B 216 -9.68 87.66 -25.01
CA GLN B 216 -10.83 88.51 -25.28
C GLN B 216 -11.63 87.90 -26.41
N PHE B 217 -12.87 87.51 -26.13
CA PHE B 217 -13.81 87.05 -27.14
C PHE B 217 -14.75 88.21 -27.45
N SER B 218 -14.61 88.79 -28.63
CA SER B 218 -15.49 89.86 -29.07
C SER B 218 -16.71 89.34 -29.82
N GLN B 219 -16.76 88.04 -30.11
CA GLN B 219 -17.92 87.48 -30.78
C GLN B 219 -19.17 87.56 -29.90
N CYS B 220 -18.99 87.68 -28.59
CA CYS B 220 -20.09 87.64 -27.63
C CYS B 220 -20.21 88.97 -26.92
N THR B 221 -21.44 89.45 -26.78
CA THR B 221 -21.68 90.76 -26.20
C THR B 221 -21.91 90.72 -24.69
N LYS B 222 -22.66 89.74 -24.20
CA LYS B 222 -23.06 89.69 -22.81
C LYS B 222 -22.40 88.53 -22.07
N LYS B 223 -22.25 88.70 -20.76
CA LYS B 223 -21.58 87.70 -19.93
C LYS B 223 -22.45 86.47 -19.72
N GLU B 224 -23.77 86.62 -19.73
CA GLU B 224 -24.67 85.55 -19.32
C GLU B 224 -24.58 84.33 -20.23
N GLN B 225 -24.16 84.53 -21.49
CA GLN B 225 -24.14 83.45 -22.46
C GLN B 225 -22.77 82.81 -22.62
N CYS B 226 -21.84 83.05 -21.69
CA CYS B 226 -20.45 82.62 -21.85
C CYS B 226 -19.92 82.16 -20.50
N ARG B 227 -19.77 80.85 -20.32
CA ARG B 227 -19.37 80.27 -19.05
C ARG B 227 -17.91 79.81 -19.12
N ALA B 228 -17.22 79.96 -17.99
CA ALA B 228 -15.81 79.58 -17.88
C ALA B 228 -15.63 78.66 -16.68
N TYR B 229 -15.53 77.36 -16.94
CA TYR B 229 -15.30 76.38 -15.90
C TYR B 229 -13.84 76.37 -15.52
N ARG B 230 -13.56 76.64 -14.25
CA ARG B 230 -12.20 76.53 -13.75
C ARG B 230 -11.72 75.09 -13.85
N LEU B 231 -10.48 74.91 -14.30
CA LEU B 231 -9.91 73.60 -14.55
C LEU B 231 -8.63 73.46 -13.73
N GLN B 232 -8.68 72.65 -12.67
CA GLN B 232 -7.54 72.44 -11.80
C GLN B 232 -7.01 71.02 -11.91
N ASN B 233 -7.84 70.02 -11.60
CA ASN B 233 -7.56 68.60 -11.85
C ASN B 233 -6.16 68.18 -11.38
N ASP B 234 -5.66 68.80 -10.32
CA ASP B 234 -4.34 68.48 -9.79
C ASP B 234 -4.41 67.70 -8.49
N LYS B 235 -5.26 68.11 -7.55
CA LYS B 235 -5.45 67.44 -6.28
C LYS B 235 -6.80 66.74 -6.30
N TRP B 236 -6.81 65.45 -5.97
CA TRP B 236 -8.06 64.72 -6.04
C TRP B 236 -8.94 65.02 -4.83
N VAL B 237 -10.22 64.67 -4.95
CA VAL B 237 -11.23 65.06 -3.99
C VAL B 237 -12.08 63.84 -3.67
N TYR B 238 -12.76 63.91 -2.52
CA TYR B 238 -13.67 62.85 -2.13
C TYR B 238 -14.86 62.76 -3.09
N ASN B 239 -15.38 61.55 -3.26
CA ASN B 239 -16.50 61.31 -4.15
C ASN B 239 -17.79 61.82 -3.51
N SER B 240 -17.91 63.15 -3.39
CA SER B 240 -19.00 63.74 -2.61
C SER B 240 -20.29 63.77 -3.40
N ASP B 241 -21.38 64.07 -2.68
CA ASP B 241 -22.68 64.24 -3.32
C ASP B 241 -22.71 65.47 -4.20
N LYS B 242 -22.12 66.57 -3.75
CA LYS B 242 -22.32 67.87 -4.36
C LYS B 242 -21.27 68.23 -5.41
N LEU B 243 -20.37 67.31 -5.73
CA LEU B 243 -19.39 67.57 -6.79
C LEU B 243 -19.84 66.90 -8.08
N PRO B 244 -19.79 67.59 -9.21
CA PRO B 244 -20.12 66.94 -10.48
C PRO B 244 -19.12 65.85 -10.82
N LYS B 245 -19.61 64.83 -11.50
CA LYS B 245 -18.75 63.73 -11.90
C LYS B 245 -17.84 64.17 -13.05
N ALA B 246 -16.55 63.92 -12.91
CA ALA B 246 -15.61 64.28 -13.96
C ALA B 246 -15.65 63.25 -15.09
N ALA B 247 -15.32 63.70 -16.29
CA ALA B 247 -15.39 62.84 -17.46
C ALA B 247 -14.36 61.72 -17.37
N GLY B 248 -14.76 60.53 -17.83
CA GLY B 248 -13.88 59.39 -17.82
C GLY B 248 -13.80 58.73 -16.45
N ALA B 249 -12.91 57.75 -16.36
CA ALA B 249 -12.67 57.07 -15.09
C ALA B 249 -12.04 58.04 -14.09
N THR B 250 -12.59 58.08 -12.87
CA THR B 250 -12.22 59.08 -11.90
C THR B 250 -11.57 58.53 -10.63
N LEU B 251 -11.75 57.24 -10.34
CA LEU B 251 -11.18 56.68 -9.11
C LEU B 251 -9.66 56.76 -9.15
N LYS B 252 -9.08 57.28 -8.06
CA LYS B 252 -7.64 57.47 -7.99
C LYS B 252 -6.99 56.85 -6.77
N GLY B 253 -7.73 56.55 -5.71
CA GLY B 253 -7.13 55.93 -4.55
C GLY B 253 -8.10 55.90 -3.39
N LYS B 254 -7.58 55.43 -2.26
CA LYS B 254 -8.38 55.25 -1.05
C LYS B 254 -7.80 56.06 0.09
N LEU B 255 -8.69 56.56 0.94
CA LEU B 255 -8.35 57.27 2.17
C LEU B 255 -8.78 56.44 3.37
N HIS B 256 -7.85 56.16 4.26
CA HIS B 256 -8.21 55.47 5.50
C HIS B 256 -9.09 56.38 6.35
N VAL B 257 -10.13 55.79 6.93
CA VAL B 257 -11.06 56.54 7.78
C VAL B 257 -10.58 56.48 9.23
N PRO B 258 -10.39 57.62 9.88
CA PRO B 258 -9.94 57.64 11.27
C PRO B 258 -11.13 57.56 12.23
N PHE B 259 -10.80 57.36 13.51
CA PHE B 259 -11.78 57.32 14.58
C PHE B 259 -12.83 56.24 14.34
N LEU B 260 -12.38 55.05 13.97
CA LEU B 260 -13.31 53.94 13.81
C LEU B 260 -13.79 53.45 15.17
N LEU B 261 -14.95 52.81 15.15
CA LEU B 261 -15.57 52.33 16.37
C LEU B 261 -14.76 51.17 16.94
N ALA B 262 -14.39 51.27 18.21
CA ALA B 262 -13.53 50.30 18.86
C ALA B 262 -14.10 49.90 20.22
N ASP B 263 -13.75 48.70 20.64
CA ASP B 263 -14.21 48.15 21.91
C ASP B 263 -13.26 48.55 23.03
N GLY B 264 -13.83 49.03 24.13
CA GLY B 264 -13.06 49.36 25.31
C GLY B 264 -13.87 49.12 26.57
N LYS B 265 -13.39 49.61 27.70
CA LYS B 265 -14.12 49.55 28.96
C LYS B 265 -14.49 50.98 29.37
N CYS B 266 -15.77 51.21 29.60
CA CYS B 266 -16.24 52.51 30.03
C CYS B 266 -17.18 52.34 31.22
N THR B 267 -17.31 53.42 31.99
CA THR B 267 -17.95 53.40 33.29
C THR B 267 -19.46 53.60 33.18
N VAL B 268 -20.20 52.82 33.94
CA VAL B 268 -21.66 52.92 34.00
C VAL B 268 -22.07 53.18 35.44
N PRO B 269 -23.21 53.83 35.68
CA PRO B 269 -23.62 54.07 37.06
C PRO B 269 -24.04 52.79 37.76
N LEU B 270 -23.95 52.81 39.09
CA LEU B 270 -24.34 51.68 39.92
C LEU B 270 -25.54 52.11 40.76
N ALA B 271 -26.66 51.43 40.57
CA ALA B 271 -27.89 51.81 41.24
C ALA B 271 -27.78 51.57 42.74
N PRO B 272 -28.49 52.35 43.56
CA PRO B 272 -28.50 52.11 45.00
C PRO B 272 -29.05 50.74 45.33
N GLU B 273 -28.50 50.13 46.38
CA GLU B 273 -28.87 48.77 46.75
C GLU B 273 -30.35 48.71 47.11
N PRO B 274 -31.11 47.77 46.55
CA PRO B 274 -32.52 47.64 46.91
C PRO B 274 -32.67 47.09 48.32
N MET B 275 -33.76 47.49 48.97
CA MET B 275 -34.10 46.98 50.30
C MET B 275 -34.97 45.73 50.13
N ILE B 276 -34.45 44.59 50.58
CA ILE B 276 -35.08 43.30 50.34
C ILE B 276 -35.68 42.81 51.65
N THR B 277 -36.98 42.52 51.62
CA THR B 277 -37.71 41.95 52.74
C THR B 277 -38.12 40.52 52.38
N PHE B 278 -37.88 39.59 53.28
CA PHE B 278 -38.11 38.17 53.02
C PHE B 278 -39.35 37.70 53.75
N GLY B 279 -40.27 37.05 53.03
CA GLY B 279 -41.40 36.39 53.64
C GLY B 279 -41.50 34.98 53.08
N PHE B 280 -42.45 34.22 53.64
CA PHE B 280 -42.60 32.82 53.25
C PHE B 280 -42.85 32.71 51.75
N ARG B 281 -41.85 32.19 51.03
CA ARG B 281 -41.89 32.06 49.58
C ARG B 281 -42.24 33.39 48.92
N SER B 282 -41.58 34.46 49.37
CA SER B 282 -41.84 35.78 48.82
C SER B 282 -40.65 36.69 49.08
N VAL B 283 -40.30 37.49 48.08
CA VAL B 283 -39.23 38.47 48.19
C VAL B 283 -39.78 39.82 47.75
N SER B 284 -39.66 40.82 48.62
CA SER B 284 -40.16 42.16 48.37
C SER B 284 -38.98 43.10 48.19
N LEU B 285 -38.92 43.78 47.05
CA LEU B 285 -37.87 44.75 46.76
C LEU B 285 -38.47 46.14 46.82
N LYS B 286 -38.11 46.89 47.85
CA LYS B 286 -38.39 48.32 47.92
C LYS B 286 -37.15 49.04 47.40
N LEU B 287 -37.28 49.70 46.26
CA LEU B 287 -36.10 50.13 45.51
C LEU B 287 -36.33 51.51 44.92
N HIS B 288 -35.29 52.34 45.00
CA HIS B 288 -35.39 53.78 44.77
C HIS B 288 -34.39 54.18 43.71
N PRO B 289 -34.78 54.19 42.43
CA PRO B 289 -33.80 54.49 41.37
C PRO B 289 -33.38 55.96 41.39
N LYS B 290 -32.16 56.19 40.93
CA LYS B 290 -31.67 57.54 40.67
C LYS B 290 -31.82 57.92 39.21
N ASN B 291 -31.65 56.97 38.30
CA ASN B 291 -31.86 57.11 36.88
C ASN B 291 -32.82 56.01 36.42
N PRO B 292 -33.53 56.22 35.31
CA PRO B 292 -34.38 55.15 34.77
C PRO B 292 -33.62 53.84 34.63
N THR B 293 -34.00 52.85 35.43
CA THR B 293 -33.19 51.65 35.63
C THR B 293 -34.03 50.41 35.31
N TYR B 294 -33.38 49.42 34.70
CA TYR B 294 -34.05 48.21 34.27
C TYR B 294 -33.94 47.14 35.35
N LEU B 295 -35.08 46.62 35.80
CA LEU B 295 -35.14 45.47 36.67
C LEU B 295 -35.54 44.25 35.84
N ILE B 296 -34.69 43.24 35.82
CA ILE B 296 -34.97 41.99 35.12
C ILE B 296 -35.06 40.87 36.14
N THR B 297 -36.04 40.01 35.97
CA THR B 297 -36.35 38.97 36.93
C THR B 297 -36.69 37.68 36.18
N ARG B 298 -36.25 36.55 36.73
CA ARG B 298 -36.55 35.26 36.12
C ARG B 298 -36.53 34.19 37.21
N GLN B 299 -37.05 33.02 36.86
CA GLN B 299 -37.12 31.89 37.76
C GLN B 299 -36.17 30.79 37.34
N LEU B 300 -35.76 29.97 38.31
CA LEU B 300 -34.85 28.86 38.08
C LEU B 300 -35.57 27.57 37.71
N ALA B 301 -36.77 27.66 37.15
CA ALA B 301 -37.58 26.52 36.79
C ALA B 301 -37.68 26.39 35.28
N ASP B 302 -38.46 25.40 34.83
CA ASP B 302 -38.65 25.18 33.40
C ASP B 302 -39.47 26.28 32.74
N GLU B 303 -40.24 27.05 33.51
CA GLU B 303 -40.83 28.29 33.02
C GLU B 303 -40.15 29.47 33.71
N PRO B 304 -39.45 30.33 32.99
CA PRO B 304 -38.69 31.40 33.64
C PRO B 304 -39.58 32.54 34.12
N HIS B 305 -40.64 32.84 33.37
CA HIS B 305 -41.57 33.91 33.70
C HIS B 305 -40.84 35.23 33.91
N TYR B 306 -39.91 35.52 33.01
CA TYR B 306 -39.06 36.70 33.15
C TYR B 306 -39.88 37.97 33.01
N THR B 307 -39.59 38.95 33.87
CA THR B 307 -40.19 40.28 33.80
C THR B 307 -39.07 41.29 33.64
N HIS B 308 -39.19 42.13 32.62
CA HIS B 308 -38.16 43.11 32.27
C HIS B 308 -38.84 44.48 32.25
N GLU B 309 -38.67 45.26 33.32
CA GLU B 309 -39.38 46.52 33.43
C GLU B 309 -38.43 47.67 33.74
N LEU B 310 -38.66 48.79 33.07
CA LEU B 310 -37.91 50.01 33.34
C LEU B 310 -38.65 50.82 34.39
N ILE B 311 -38.04 51.01 35.55
CA ILE B 311 -38.62 51.80 36.63
C ILE B 311 -37.76 53.03 36.85
N SER B 312 -38.40 54.19 37.00
CA SER B 312 -37.71 55.45 37.19
C SER B 312 -38.15 56.21 38.42
N GLU B 313 -39.17 55.72 39.12
CA GLU B 313 -39.66 56.30 40.37
C GLU B 313 -39.55 55.25 41.46
N PRO B 314 -39.52 55.66 42.73
CA PRO B 314 -39.45 54.69 43.81
C PRO B 314 -40.60 53.69 43.73
N ALA B 315 -40.28 52.42 43.93
CA ALA B 315 -41.26 51.37 43.69
C ALA B 315 -41.05 50.24 44.69
N VAL B 316 -42.09 49.42 44.82
CA VAL B 316 -42.05 48.21 45.62
C VAL B 316 -42.58 47.07 44.75
N ARG B 317 -41.70 46.16 44.37
CA ARG B 317 -42.07 45.01 43.55
C ARG B 317 -41.88 43.74 44.37
N ASN B 318 -42.94 42.95 44.51
CA ASN B 318 -42.90 41.77 45.36
C ASN B 318 -43.18 40.54 44.52
N PHE B 319 -42.24 39.60 44.53
CA PHE B 319 -42.27 38.42 43.69
C PHE B 319 -42.37 37.16 44.54
N THR B 320 -42.84 36.09 43.91
CA THR B 320 -42.96 34.78 44.54
C THR B 320 -41.71 33.97 44.24
N VAL B 321 -41.03 33.54 45.30
CA VAL B 321 -39.80 32.75 45.19
C VAL B 321 -40.12 31.35 45.70
N THR B 322 -39.94 30.36 44.83
CA THR B 322 -40.23 28.97 45.17
C THR B 322 -38.94 28.24 45.51
N GLU B 323 -39.05 26.93 45.74
CA GLU B 323 -37.88 26.13 46.07
C GLU B 323 -36.97 25.91 44.87
N LYS B 324 -37.49 26.07 43.65
CA LYS B 324 -36.64 25.94 42.47
C LYS B 324 -35.58 27.02 42.45
N GLY B 325 -35.97 28.26 42.67
CA GLY B 325 -35.03 29.36 42.72
C GLY B 325 -35.66 30.62 42.17
N TRP B 326 -34.87 31.70 42.19
CA TRP B 326 -35.32 32.98 41.68
C TRP B 326 -34.08 33.85 41.47
N GLU B 327 -34.07 34.63 40.39
CA GLU B 327 -32.92 35.48 40.07
C GLU B 327 -33.41 36.85 39.65
N PHE B 328 -32.73 37.89 40.12
CA PHE B 328 -33.04 39.24 39.69
C PHE B 328 -31.76 40.03 39.50
N VAL B 329 -31.71 40.82 38.42
CA VAL B 329 -30.63 41.76 38.17
C VAL B 329 -31.24 43.17 38.14
N TRP B 330 -30.65 44.06 38.92
CA TRP B 330 -31.18 45.41 39.13
C TRP B 330 -30.13 46.41 38.66
N GLY B 331 -30.38 47.03 37.52
CA GLY B 331 -29.41 47.95 36.98
C GLY B 331 -28.15 47.22 36.54
N ASN B 332 -27.01 47.74 36.98
CA ASN B 332 -25.70 47.21 36.60
C ASN B 332 -25.10 46.32 37.68
N HIS B 333 -25.89 45.97 38.70
CA HIS B 333 -25.41 45.05 39.72
C HIS B 333 -25.33 43.64 39.15
N PRO B 334 -24.47 42.79 39.71
CA PRO B 334 -24.47 41.39 39.31
C PRO B 334 -25.77 40.72 39.72
N PRO B 335 -26.22 39.70 38.98
CA PRO B 335 -27.49 39.05 39.32
C PRO B 335 -27.44 38.41 40.69
N LYS B 336 -28.56 38.48 41.40
CA LYS B 336 -28.70 37.90 42.73
C LYS B 336 -29.72 36.78 42.69
N ARG B 337 -29.36 35.62 43.24
CA ARG B 337 -30.21 34.44 43.28
C ARG B 337 -30.64 34.15 44.70
N PHE B 338 -31.91 33.78 44.84
CA PHE B 338 -32.52 33.45 46.12
C PHE B 338 -33.30 32.16 46.00
N TRP B 339 -33.33 31.39 47.09
CA TRP B 339 -34.04 30.14 47.18
C TRP B 339 -34.91 30.13 48.43
N ALA B 340 -36.09 29.53 48.33
CA ALA B 340 -37.05 29.52 49.42
C ALA B 340 -36.95 28.24 50.23
N GLN B 341 -37.05 28.39 51.54
CA GLN B 341 -37.10 27.26 52.47
C GLN B 341 -38.52 27.07 52.98
N GLU B 342 -38.77 25.90 53.54
CA GLU B 342 -40.07 25.58 54.12
C GLU B 342 -40.02 25.90 55.61
N THR B 343 -40.54 27.07 55.98
CA THR B 343 -40.42 27.58 57.34
C THR B 343 -41.75 27.82 58.02
N ALA B 344 -42.66 28.54 57.38
CA ALA B 344 -43.84 29.08 58.06
C ALA B 344 -45.07 28.89 57.19
N PRO B 345 -46.30 29.15 57.71
CA PRO B 345 -46.69 29.42 59.09
C PRO B 345 -47.41 28.25 59.76
N GLY B 346 -47.91 28.49 60.97
CA GLY B 346 -48.56 27.44 61.73
C GLY B 346 -47.56 26.64 62.54
N ASN B 347 -48.03 25.49 63.01
CA ASN B 347 -47.16 24.64 63.81
C ASN B 347 -47.52 23.18 63.55
N PRO B 348 -46.60 22.39 62.98
CA PRO B 348 -46.95 21.03 62.57
C PRO B 348 -47.30 20.08 63.70
N HIS B 349 -46.92 20.39 64.94
CA HIS B 349 -47.21 19.52 66.09
C HIS B 349 -48.06 20.29 67.08
N GLY B 350 -49.36 20.39 66.81
CA GLY B 350 -50.24 21.17 67.66
C GLY B 350 -51.71 20.90 67.44
N LEU B 351 -52.53 21.94 67.55
CA LEU B 351 -53.96 21.79 67.38
C LEU B 351 -54.29 21.47 65.91
N PRO B 352 -55.42 20.78 65.66
CA PRO B 352 -55.74 20.40 64.28
C PRO B 352 -55.82 21.58 63.31
N HIS B 353 -56.36 22.72 63.76
CA HIS B 353 -56.45 23.87 62.86
C HIS B 353 -55.08 24.42 62.52
N GLU B 354 -54.15 24.42 63.48
CA GLU B 354 -52.78 24.85 63.19
C GLU B 354 -52.13 23.92 62.17
N VAL B 355 -52.32 22.61 62.32
CA VAL B 355 -51.76 21.66 61.38
C VAL B 355 -52.35 21.87 59.99
N ILE B 356 -53.67 22.10 59.92
CA ILE B 356 -54.32 22.31 58.63
C ILE B 356 -53.78 23.57 57.96
N THR B 357 -53.62 24.65 58.72
CA THR B 357 -53.08 25.88 58.15
C THR B 357 -51.65 25.67 57.66
N HIS B 358 -50.82 25.01 58.47
CA HIS B 358 -49.43 24.79 58.09
C HIS B 358 -49.32 23.93 56.84
N TYR B 359 -50.12 22.87 56.75
CA TYR B 359 -50.07 21.97 55.61
C TYR B 359 -50.92 22.43 54.44
N TYR B 360 -51.63 23.55 54.58
CA TYR B 360 -52.28 24.19 53.45
C TYR B 360 -51.43 25.29 52.84
N HIS B 361 -50.78 26.11 53.66
CA HIS B 361 -49.90 27.14 53.12
C HIS B 361 -48.67 26.52 52.46
N ARG B 362 -48.08 25.50 53.09
CA ARG B 362 -47.15 24.63 52.40
C ARG B 362 -47.93 23.49 51.75
N TYR B 363 -47.48 23.05 50.59
CA TYR B 363 -48.20 22.08 49.76
C TYR B 363 -49.65 22.52 49.48
N PRO B 364 -49.85 23.62 48.76
CA PRO B 364 -51.21 23.94 48.30
C PRO B 364 -51.70 22.92 47.30
N MET B 365 -53.03 22.82 47.21
CA MET B 365 -53.77 21.96 46.28
C MET B 365 -53.57 20.48 46.55
N SER B 366 -52.78 20.10 47.54
CA SER B 366 -52.69 18.72 48.00
C SER B 366 -53.36 18.51 49.35
N THR B 367 -53.44 19.55 50.17
CA THR B 367 -54.21 19.47 51.41
C THR B 367 -55.70 19.61 51.15
N ILE B 368 -56.09 20.41 50.16
CA ILE B 368 -57.50 20.52 49.81
C ILE B 368 -58.00 19.19 49.25
N LEU B 369 -57.28 18.64 48.28
CA LEU B 369 -57.68 17.35 47.69
C LEU B 369 -57.58 16.23 48.71
N GLY B 370 -56.47 16.18 49.46
CA GLY B 370 -56.29 15.10 50.42
C GLY B 370 -57.31 15.13 51.53
N LEU B 371 -57.54 16.31 52.11
CA LEU B 371 -58.52 16.42 53.18
C LEU B 371 -59.93 16.17 52.66
N SER B 372 -60.24 16.64 51.44
CA SER B 372 -61.56 16.38 50.87
C SER B 372 -61.78 14.89 50.67
N ILE B 373 -60.80 14.18 50.12
CA ILE B 373 -60.93 12.75 49.91
C ILE B 373 -61.06 12.03 51.24
N CYS B 374 -60.26 12.41 52.23
CA CYS B 374 -60.31 11.76 53.54
C CYS B 374 -61.66 11.98 54.20
N ALA B 375 -62.19 13.19 54.13
CA ALA B 375 -63.51 13.48 54.71
C ALA B 375 -64.60 12.72 53.98
N ALA B 376 -64.51 12.63 52.65
CA ALA B 376 -65.49 11.85 51.89
C ALA B 376 -65.46 10.39 52.30
N ILE B 377 -64.26 9.83 52.46
CA ILE B 377 -64.13 8.43 52.89
C ILE B 377 -64.74 8.26 54.27
N ALA B 378 -64.46 9.18 55.19
CA ALA B 378 -65.00 9.08 56.54
C ALA B 378 -66.52 9.14 56.53
N THR B 379 -67.09 10.08 55.76
CA THR B 379 -68.54 10.19 55.70
C THR B 379 -69.17 8.96 55.08
N VAL B 380 -68.57 8.43 54.01
CA VAL B 380 -69.11 7.22 53.38
C VAL B 380 -69.07 6.05 54.35
N SER B 381 -67.96 5.90 55.07
CA SER B 381 -67.84 4.81 56.04
C SER B 381 -68.88 4.95 57.15
N VAL B 382 -69.05 6.17 57.66
CA VAL B 382 -70.02 6.38 58.73
C VAL B 382 -71.44 6.08 58.25
N ALA B 383 -71.78 6.56 57.06
CA ALA B 383 -73.11 6.30 56.51
C ALA B 383 -73.33 4.80 56.28
N ALA B 384 -72.33 4.11 55.74
CA ALA B 384 -72.48 2.67 55.50
C ALA B 384 -72.62 1.91 56.81
N SER B 385 -71.85 2.29 57.83
CA SER B 385 -71.95 1.61 59.11
C SER B 385 -73.30 1.87 59.77
N THR B 386 -73.80 3.10 59.69
CA THR B 386 -75.11 3.40 60.25
C THR B 386 -76.21 2.63 59.52
N TRP B 387 -76.12 2.55 58.19
CA TRP B 387 -77.10 1.78 57.43
C TRP B 387 -77.04 0.30 57.80
N LEU B 388 -75.83 -0.24 57.96
CA LEU B 388 -75.69 -1.64 58.35
C LEU B 388 -76.25 -1.88 59.74
N PHE B 389 -76.02 -0.95 60.68
CA PHE B 389 -76.57 -1.10 62.01
C PHE B 389 -78.09 -1.06 61.99
N CYS B 390 -78.67 -0.15 61.21
CA CYS B 390 -80.12 -0.08 61.12
C CYS B 390 -80.70 -1.35 60.50
N ARG B 391 -80.06 -1.86 59.44
CA ARG B 391 -80.51 -3.09 58.82
C ARG B 391 -80.41 -4.27 59.78
N SER B 392 -79.32 -4.33 60.56
CA SER B 392 -79.15 -5.40 61.53
C SER B 392 -80.22 -5.32 62.63
N ARG B 393 -80.51 -4.11 63.10
CA ARG B 393 -81.54 -3.96 64.11
C ARG B 393 -82.91 -4.37 63.58
N VAL B 394 -83.21 -3.99 62.33
CA VAL B 394 -84.48 -4.41 61.73
C VAL B 394 -84.54 -5.91 61.60
N ALA B 395 -83.46 -6.54 61.13
CA ALA B 395 -83.45 -7.98 60.95
C ALA B 395 -83.55 -8.73 62.27
N CYS B 396 -83.02 -8.15 63.35
CA CYS B 396 -83.06 -8.80 64.66
C CYS B 396 -84.30 -8.44 65.47
N LEU B 397 -85.09 -7.45 65.02
CA LEU B 397 -86.30 -7.07 65.74
C LEU B 397 -87.59 -7.49 65.06
N THR B 398 -87.68 -7.37 63.74
CA THR B 398 -88.92 -7.72 63.04
C THR B 398 -89.43 -9.14 63.32
N PRO B 399 -88.59 -10.17 63.46
CA PRO B 399 -89.14 -11.48 63.86
C PRO B 399 -89.88 -11.46 65.19
N TYR B 400 -89.58 -10.49 66.05
CA TYR B 400 -90.27 -10.37 67.34
C TYR B 400 -91.35 -9.31 67.35
N ARG B 401 -91.19 -8.24 66.57
CA ARG B 401 -92.14 -7.12 66.63
C ARG B 401 -93.53 -7.53 66.17
N LEU B 402 -93.64 -8.28 65.08
CA LEU B 402 -94.92 -8.55 64.45
C LEU B 402 -95.66 -9.74 65.05
N THR B 403 -95.05 -10.45 65.99
CA THR B 403 -95.76 -11.51 66.68
C THR B 403 -96.88 -10.91 67.53
N PRO B 404 -98.09 -11.47 67.48
CA PRO B 404 -99.19 -10.91 68.28
C PRO B 404 -98.88 -10.84 69.76
N ASN B 405 -98.13 -11.80 70.30
CA ASN B 405 -97.69 -11.71 71.68
C ASN B 405 -96.72 -10.54 71.88
N ALA B 406 -95.90 -10.24 70.86
CA ALA B 406 -94.93 -9.15 70.91
C ALA B 406 -93.96 -9.34 72.08
N ARG B 407 -93.20 -10.43 72.01
CA ARG B 407 -92.20 -10.71 73.03
C ARG B 407 -90.91 -9.94 72.74
N ILE B 408 -91.05 -8.64 72.55
CA ILE B 408 -89.88 -7.79 72.30
C ILE B 408 -88.88 -7.81 73.45
N PRO B 409 -89.29 -7.70 74.73
CA PRO B 409 -88.29 -7.54 75.80
C PRO B 409 -87.23 -8.62 75.88
N PHE B 410 -87.38 -9.75 75.18
CA PHE B 410 -86.31 -10.74 75.17
C PHE B 410 -85.05 -10.18 74.50
N CYS B 411 -85.20 -9.65 73.29
CA CYS B 411 -84.06 -9.07 72.59
C CYS B 411 -83.62 -7.77 73.26
N LEU B 412 -84.57 -6.96 73.72
CA LEU B 412 -84.26 -5.73 74.45
C LEU B 412 -83.60 -6.00 75.78
N ALA B 413 -83.66 -7.24 76.29
CA ALA B 413 -83.01 -7.59 77.55
C ALA B 413 -81.71 -8.34 77.35
N VAL B 414 -81.51 -9.00 76.21
CA VAL B 414 -80.24 -9.68 75.98
C VAL B 414 -79.20 -8.74 75.36
N LEU B 415 -79.63 -7.76 74.56
CA LEU B 415 -78.69 -6.84 73.94
C LEU B 415 -79.11 -5.38 73.99
N CYS B 416 -80.35 -5.05 74.36
CA CYS B 416 -80.83 -3.67 74.43
C CYS B 416 -80.65 -2.96 73.09
N CYS B 417 -81.06 -3.63 72.01
CA CYS B 417 -80.94 -3.05 70.68
C CYS B 417 -81.80 -1.80 70.54
N ALA B 418 -83.02 -1.83 71.03
CA ALA B 418 -83.92 -0.69 70.95
C ALA B 418 -83.72 0.26 72.12
N ARG C 1 -117.55 -30.76 54.19
CA ARG C 1 -118.63 -30.25 55.03
C ARG C 1 -118.10 -29.76 56.37
N MET C 2 -117.38 -30.63 57.07
CA MET C 2 -116.89 -30.30 58.40
C MET C 2 -115.86 -29.17 58.36
N VAL C 3 -115.17 -29.00 57.23
CA VAL C 3 -114.10 -28.01 57.15
C VAL C 3 -114.61 -26.64 56.72
N MET C 4 -115.77 -26.55 56.06
CA MET C 4 -116.25 -25.28 55.54
C MET C 4 -117.08 -24.50 56.54
N LYS C 5 -117.70 -25.15 57.51
CA LYS C 5 -118.53 -24.43 58.48
C LYS C 5 -117.72 -23.62 59.48
N LEU C 6 -116.42 -23.84 59.56
CA LEU C 6 -115.57 -23.03 60.42
C LEU C 6 -115.37 -21.66 59.78
N GLU C 7 -116.41 -20.83 59.83
CA GLU C 7 -116.42 -19.54 59.15
C GLU C 7 -116.27 -18.42 60.17
N SER C 8 -115.33 -17.51 59.91
CA SER C 8 -115.11 -16.34 60.74
C SER C 8 -115.09 -15.10 59.86
N ASP C 9 -115.73 -14.04 60.32
CA ASP C 9 -115.85 -12.80 59.57
C ASP C 9 -114.71 -11.83 59.86
N LYS C 10 -113.70 -12.24 60.64
CA LYS C 10 -112.59 -11.36 60.95
C LYS C 10 -111.74 -11.06 59.73
N THR C 11 -111.67 -11.99 58.77
CA THR C 11 -110.93 -11.72 57.54
C THR C 11 -111.65 -10.68 56.70
N PHE C 12 -110.87 -9.84 56.02
CA PHE C 12 -111.40 -8.73 55.23
C PHE C 12 -110.74 -8.71 53.86
N PRO C 13 -111.50 -8.78 52.78
CA PRO C 13 -110.90 -8.70 51.45
C PRO C 13 -110.32 -7.31 51.19
N ILE C 14 -109.32 -7.28 50.30
CA ILE C 14 -108.72 -6.02 49.83
C ILE C 14 -109.33 -5.68 48.49
N MET C 15 -109.75 -4.43 48.33
CA MET C 15 -110.54 -3.98 47.19
C MET C 15 -109.71 -3.05 46.31
N LEU C 16 -109.40 -3.49 45.10
CA LEU C 16 -108.88 -2.58 44.08
C LEU C 16 -109.09 -3.26 42.73
N GLU C 17 -109.18 -2.44 41.68
CA GLU C 17 -109.82 -2.78 40.40
C GLU C 17 -111.28 -3.19 40.56
N GLY C 18 -111.87 -2.95 41.72
CA GLY C 18 -113.21 -3.45 41.98
C GLY C 18 -113.32 -4.95 41.96
N LYS C 19 -112.29 -5.66 42.41
CA LYS C 19 -112.30 -7.11 42.43
C LYS C 19 -111.45 -7.61 43.59
N ILE C 20 -111.71 -8.85 43.99
CA ILE C 20 -110.99 -9.46 45.10
C ILE C 20 -109.63 -9.92 44.62
N ASN C 21 -108.57 -9.55 45.36
CA ASN C 21 -107.23 -10.00 45.06
C ASN C 21 -106.49 -10.55 46.27
N GLY C 22 -107.09 -10.52 47.45
CA GLY C 22 -106.45 -11.07 48.63
C GLY C 22 -107.24 -10.74 49.88
N TYR C 23 -106.86 -11.39 50.97
CA TYR C 23 -107.51 -11.25 52.26
C TYR C 23 -106.49 -10.79 53.30
N ALA C 24 -106.91 -9.86 54.16
CA ALA C 24 -106.12 -9.41 55.29
C ALA C 24 -106.81 -9.84 56.57
N CYS C 25 -106.02 -10.31 57.54
CA CYS C 25 -106.58 -10.96 58.72
C CYS C 25 -106.10 -10.28 59.99
N VAL C 26 -107.01 -10.14 60.95
CA VAL C 26 -106.67 -9.61 62.27
C VAL C 26 -106.44 -10.79 63.21
N VAL C 27 -105.21 -10.90 63.71
CA VAL C 27 -104.81 -12.01 64.56
C VAL C 27 -104.12 -11.45 65.80
N GLY C 28 -104.64 -11.81 66.97
CA GLY C 28 -103.97 -11.49 68.22
C GLY C 28 -103.71 -10.02 68.45
N GLY C 29 -104.49 -9.15 67.83
CA GLY C 29 -104.30 -7.72 67.97
C GLY C 29 -103.48 -7.06 66.90
N LYS C 30 -103.18 -7.75 65.80
CA LYS C 30 -102.43 -7.17 64.71
C LYS C 30 -103.09 -7.52 63.38
N LEU C 31 -103.19 -6.53 62.50
CA LEU C 31 -103.75 -6.73 61.17
C LEU C 31 -102.62 -7.05 60.18
N PHE C 32 -102.75 -8.17 59.49
CA PHE C 32 -101.73 -8.67 58.56
C PHE C 32 -102.28 -8.62 57.14
N ARG C 33 -101.44 -8.16 56.21
CA ARG C 33 -101.80 -8.20 54.78
C ARG C 33 -100.53 -8.35 53.95
N PRO C 34 -100.55 -9.09 52.84
CA PRO C 34 -99.34 -9.33 52.07
C PRO C 34 -98.92 -8.11 51.24
N MET C 35 -97.68 -8.16 50.74
CA MET C 35 -97.22 -7.18 49.76
C MET C 35 -98.10 -7.16 48.52
N HIS C 36 -98.35 -8.34 47.94
CA HIS C 36 -98.84 -8.42 46.56
C HIS C 36 -100.27 -7.94 46.40
N VAL C 37 -100.99 -7.72 47.48
CA VAL C 37 -102.36 -7.23 47.40
C VAL C 37 -102.35 -5.72 47.50
N GLU C 38 -103.04 -5.07 46.56
CA GLU C 38 -103.17 -3.63 46.53
C GLU C 38 -104.64 -3.24 46.71
N GLY C 39 -104.86 -2.15 47.44
CA GLY C 39 -106.19 -1.62 47.65
C GLY C 39 -106.40 -1.24 49.09
N LYS C 40 -107.67 -1.01 49.43
CA LYS C 40 -108.07 -0.60 50.76
C LYS C 40 -108.87 -1.71 51.43
N ILE C 41 -108.71 -1.84 52.75
CA ILE C 41 -109.48 -2.82 53.50
C ILE C 41 -110.96 -2.45 53.43
N ASP C 42 -111.81 -3.48 53.42
CA ASP C 42 -113.25 -3.23 53.38
C ASP C 42 -113.71 -2.46 54.61
N ASN C 43 -113.16 -2.79 55.77
CA ASN C 43 -113.44 -2.01 56.98
C ASN C 43 -112.75 -0.67 56.90
N ASP C 44 -113.51 0.42 56.98
CA ASP C 44 -112.96 1.75 56.81
C ASP C 44 -111.97 2.09 57.93
N VAL C 45 -112.27 1.67 59.16
CA VAL C 45 -111.41 1.99 60.29
C VAL C 45 -110.02 1.38 60.12
N LEU C 46 -109.96 0.14 59.62
CA LEU C 46 -108.67 -0.46 59.32
C LEU C 46 -108.11 0.04 57.99
N ALA C 47 -108.97 0.46 57.07
CA ALA C 47 -108.50 1.03 55.81
C ALA C 47 -107.70 2.30 56.06
N ALA C 48 -108.14 3.13 57.00
CA ALA C 48 -107.44 4.35 57.36
C ALA C 48 -106.30 4.12 58.34
N LEU C 49 -106.08 2.88 58.78
CA LEU C 49 -105.05 2.59 59.76
C LEU C 49 -103.70 2.44 59.08
N LYS C 50 -102.70 3.15 59.60
CA LYS C 50 -101.37 3.10 59.02
C LYS C 50 -100.71 1.74 59.26
N THR C 51 -99.92 1.30 58.29
CA THR C 51 -99.26 0.01 58.33
C THR C 51 -97.74 0.18 58.26
N LYS C 52 -97.03 -0.75 58.89
CA LYS C 52 -95.57 -0.77 58.88
C LYS C 52 -95.08 -1.89 57.97
N LYS C 53 -94.13 -1.57 57.11
CA LYS C 53 -93.67 -2.51 56.10
C LYS C 53 -92.67 -3.49 56.68
N ALA C 54 -92.82 -4.77 56.32
CA ALA C 54 -91.84 -5.81 56.61
C ALA C 54 -91.70 -6.62 55.31
N SER C 55 -90.79 -6.16 54.44
CA SER C 55 -90.70 -6.73 53.10
C SER C 55 -90.10 -8.12 53.11
N LYS C 56 -89.10 -8.36 53.97
CA LYS C 56 -88.41 -9.65 53.94
C LYS C 56 -89.28 -10.76 54.51
N TYR C 57 -90.25 -10.42 55.35
CA TYR C 57 -91.25 -11.38 55.81
C TYR C 57 -92.52 -11.34 54.98
N ASP C 58 -92.66 -10.35 54.10
CA ASP C 58 -93.80 -10.25 53.16
C ASP C 58 -95.11 -10.19 53.94
N LEU C 59 -95.24 -9.19 54.80
CA LEU C 59 -96.52 -8.87 55.43
C LEU C 59 -96.43 -7.49 56.07
N GLU C 60 -97.34 -6.60 55.69
CA GLU C 60 -97.62 -5.40 56.47
C GLU C 60 -98.40 -5.77 57.70
N TYR C 61 -97.96 -5.27 58.84
CA TYR C 61 -98.64 -5.44 60.12
C TYR C 61 -99.06 -4.07 60.64
N ALA C 62 -100.25 -4.03 61.22
CA ALA C 62 -100.80 -2.79 61.75
C ALA C 62 -101.35 -3.04 63.14
N ASP C 63 -101.16 -2.07 64.04
CA ASP C 63 -101.64 -2.19 65.40
C ASP C 63 -103.12 -1.86 65.46
N VAL C 64 -103.94 -2.85 65.82
CA VAL C 64 -105.38 -2.69 65.89
C VAL C 64 -105.70 -1.75 67.05
N PRO C 65 -106.77 -0.95 66.96
CA PRO C 65 -107.16 -0.12 68.10
C PRO C 65 -107.54 -0.98 69.31
N GLN C 66 -107.36 -0.40 70.50
CA GLN C 66 -107.55 -1.15 71.74
C GLN C 66 -108.97 -1.70 71.87
N ASN C 67 -109.96 -0.99 71.32
CA ASN C 67 -111.34 -1.43 71.45
C ASN C 67 -111.58 -2.77 70.75
N MET C 68 -110.96 -2.96 69.59
CA MET C 68 -111.19 -4.15 68.77
C MET C 68 -110.27 -5.31 69.13
N ARG C 69 -109.42 -5.17 70.15
CA ARG C 69 -108.57 -6.26 70.57
C ARG C 69 -109.37 -7.43 71.14
N ALA C 70 -110.61 -7.20 71.57
CA ALA C 70 -111.40 -8.27 72.17
C ALA C 70 -111.75 -9.35 71.16
N ASP C 71 -112.10 -8.97 69.94
CA ASP C 71 -112.52 -9.91 68.90
C ASP C 71 -111.42 -10.01 67.85
N THR C 72 -110.61 -11.05 67.95
CA THR C 72 -109.54 -11.31 66.99
C THR C 72 -109.17 -12.78 67.06
N PHE C 73 -108.49 -13.23 66.01
CA PHE C 73 -108.04 -14.62 65.96
C PHE C 73 -107.00 -14.90 67.05
N LYS C 74 -106.94 -16.15 67.48
CA LYS C 74 -105.98 -16.60 68.49
C LYS C 74 -104.82 -17.30 67.80
N TYR C 75 -103.61 -16.78 68.00
CA TYR C 75 -102.43 -17.38 67.40
C TYR C 75 -102.06 -18.67 68.13
N THR C 76 -101.33 -19.54 67.42
CA THR C 76 -100.93 -20.84 67.94
C THR C 76 -99.47 -21.08 67.62
N HIS C 77 -98.75 -21.66 68.58
CA HIS C 77 -97.33 -21.95 68.40
C HIS C 77 -97.03 -23.43 68.19
N GLU C 78 -97.96 -24.33 68.52
CA GLU C 78 -97.79 -25.75 68.31
C GLU C 78 -98.49 -26.18 67.03
N LYS C 79 -97.83 -27.04 66.26
CA LYS C 79 -98.33 -27.51 64.97
C LYS C 79 -98.31 -29.03 64.96
N PRO C 80 -99.31 -29.67 65.57
CA PRO C 80 -99.38 -31.14 65.53
C PRO C 80 -99.53 -31.65 64.10
N GLN C 81 -98.98 -32.84 63.88
CA GLN C 81 -99.01 -33.47 62.55
C GLN C 81 -100.46 -33.72 62.13
N GLY C 82 -100.74 -33.52 60.83
CA GLY C 82 -102.04 -33.96 60.39
C GLY C 82 -102.84 -32.84 59.74
N TYR C 83 -104.14 -33.03 59.65
CA TYR C 83 -105.00 -32.14 58.88
C TYR C 83 -105.50 -30.96 59.71
N TYR C 84 -105.76 -29.86 59.02
CA TYR C 84 -106.20 -28.61 59.64
C TYR C 84 -107.33 -28.02 58.81
N SER C 85 -108.17 -27.23 59.47
CA SER C 85 -109.27 -26.56 58.80
C SER C 85 -108.76 -25.39 57.96
N TRP C 86 -109.57 -24.98 57.00
CA TRP C 86 -109.25 -23.87 56.12
C TRP C 86 -110.55 -23.38 55.48
N HIS C 87 -110.45 -22.28 54.74
CA HIS C 87 -111.61 -21.76 54.04
C HIS C 87 -112.08 -22.72 52.95
N HIS C 88 -111.15 -23.34 52.23
CA HIS C 88 -111.49 -24.23 51.13
C HIS C 88 -111.68 -25.67 51.60
N GLY C 89 -110.63 -26.27 52.16
CA GLY C 89 -110.69 -27.65 52.57
C GLY C 89 -109.56 -27.99 53.52
N ALA C 90 -109.46 -29.28 53.83
CA ALA C 90 -108.45 -29.75 54.77
C ALA C 90 -107.05 -29.51 54.22
N VAL C 91 -106.16 -29.01 55.09
CA VAL C 91 -104.78 -28.72 54.74
C VAL C 91 -103.89 -29.62 55.59
N GLN C 92 -103.03 -30.40 54.94
CA GLN C 92 -102.22 -31.39 55.65
C GLN C 92 -100.88 -30.78 56.01
N TYR C 93 -100.57 -30.77 57.30
CA TYR C 93 -99.24 -30.42 57.79
C TYR C 93 -98.44 -31.71 57.94
N GLU C 94 -97.45 -31.88 57.08
CA GLU C 94 -96.59 -33.06 57.06
C GLU C 94 -95.15 -32.64 56.80
N ASN C 95 -94.23 -33.25 57.55
CA ASN C 95 -92.80 -33.00 57.38
C ASN C 95 -92.46 -31.52 57.47
N GLY C 96 -93.16 -30.81 58.36
CA GLY C 96 -92.97 -29.39 58.49
C GLY C 96 -93.33 -28.61 57.24
N ARG C 97 -94.43 -28.99 56.58
CA ARG C 97 -94.86 -28.32 55.36
C ARG C 97 -96.37 -28.42 55.24
N PHE C 98 -96.99 -27.31 54.83
CA PHE C 98 -98.44 -27.25 54.62
C PHE C 98 -98.74 -27.57 53.16
N THR C 99 -99.65 -28.52 52.94
CA THR C 99 -100.00 -28.96 51.59
C THR C 99 -101.52 -29.00 51.43
N VAL C 100 -101.98 -28.73 50.22
CA VAL C 100 -103.41 -28.75 49.92
C VAL C 100 -103.63 -29.63 48.69
N PRO C 101 -104.84 -30.18 48.54
CA PRO C 101 -105.13 -31.02 47.37
C PRO C 101 -104.95 -30.27 46.06
N LYS C 102 -105.06 -31.04 44.97
CA LYS C 102 -104.88 -30.50 43.63
C LYS C 102 -105.89 -29.40 43.34
N GLY C 103 -105.42 -28.32 42.70
CA GLY C 103 -106.27 -27.27 42.21
C GLY C 103 -106.75 -26.26 43.24
N VAL C 104 -106.88 -26.67 44.51
CA VAL C 104 -107.39 -25.77 45.53
C VAL C 104 -106.39 -24.66 45.78
N GLY C 105 -106.87 -23.42 45.73
CA GLY C 105 -106.00 -22.26 45.92
C GLY C 105 -105.49 -21.70 44.61
N ALA C 106 -105.68 -20.40 44.40
CA ALA C 106 -105.25 -19.74 43.17
C ALA C 106 -105.00 -18.27 43.47
N LYS C 107 -104.86 -17.48 42.41
CA LYS C 107 -104.65 -16.05 42.57
C LYS C 107 -105.86 -15.40 43.23
N GLY C 108 -105.61 -14.41 44.09
CA GLY C 108 -106.65 -13.78 44.86
C GLY C 108 -107.02 -14.48 46.15
N ASP C 109 -106.41 -15.63 46.42
CA ASP C 109 -106.63 -16.36 47.67
C ASP C 109 -105.53 -16.12 48.69
N SER C 110 -104.52 -15.33 48.34
CA SER C 110 -103.40 -15.08 49.23
C SER C 110 -103.84 -14.28 50.45
N GLY C 111 -103.19 -14.55 51.57
CA GLY C 111 -103.51 -13.90 52.83
C GLY C 111 -104.53 -14.61 53.68
N ARG C 112 -105.14 -15.67 53.17
CA ARG C 112 -106.12 -16.41 53.96
C ARG C 112 -105.43 -17.16 55.09
N PRO C 113 -106.10 -17.31 56.23
CA PRO C 113 -105.46 -17.98 57.37
C PRO C 113 -105.78 -19.47 57.45
N ILE C 114 -104.78 -20.27 57.81
CA ILE C 114 -104.98 -21.68 58.13
C ILE C 114 -105.17 -21.80 59.64
N LEU C 115 -106.33 -22.31 60.04
CA LEU C 115 -106.68 -22.54 61.42
C LEU C 115 -106.53 -24.03 61.74
N ASP C 116 -106.75 -24.38 63.00
CA ASP C 116 -106.74 -25.77 63.45
C ASP C 116 -108.16 -26.22 63.74
N ASN C 117 -108.30 -27.50 64.11
CA ASN C 117 -109.61 -28.04 64.47
C ASN C 117 -110.17 -27.37 65.71
N GLN C 118 -109.33 -26.79 66.56
CA GLN C 118 -109.82 -26.09 67.73
C GLN C 118 -110.61 -24.84 67.35
N GLY C 119 -110.25 -24.21 66.24
CA GLY C 119 -110.91 -23.01 65.79
C GLY C 119 -110.11 -21.73 65.88
N ARG C 120 -108.78 -21.81 65.92
CA ARG C 120 -107.92 -20.64 66.02
C ARG C 120 -106.83 -20.71 64.97
N VAL C 121 -106.38 -19.53 64.53
CA VAL C 121 -105.41 -19.46 63.43
C VAL C 121 -104.09 -20.05 63.87
N VAL C 122 -103.52 -20.92 63.02
CA VAL C 122 -102.20 -21.47 63.27
C VAL C 122 -101.15 -20.92 62.30
N ALA C 123 -101.56 -20.43 61.13
CA ALA C 123 -100.62 -19.82 60.20
C ALA C 123 -101.40 -18.97 59.20
N ILE C 124 -100.67 -18.23 58.37
CA ILE C 124 -101.30 -17.47 57.30
C ILE C 124 -100.48 -17.64 56.02
N VAL C 125 -101.17 -17.81 54.89
CA VAL C 125 -100.55 -18.13 53.62
C VAL C 125 -100.24 -16.85 52.85
N LEU C 126 -99.22 -16.91 52.01
CA LEU C 126 -98.87 -15.83 51.10
C LEU C 126 -98.76 -16.27 49.66
N GLY C 127 -98.81 -17.57 49.37
CA GLY C 127 -98.69 -18.06 48.00
C GLY C 127 -98.61 -19.57 48.01
N GLY C 128 -98.77 -20.13 46.81
CA GLY C 128 -98.76 -21.58 46.68
C GLY C 128 -98.03 -22.09 45.46
N VAL C 129 -97.30 -23.19 45.61
CA VAL C 129 -96.56 -23.81 44.52
C VAL C 129 -97.14 -25.21 44.28
N ASN C 130 -97.41 -25.53 43.02
CA ASN C 130 -98.04 -26.80 42.66
C ASN C 130 -96.94 -27.83 42.51
N GLU C 131 -96.94 -28.83 43.39
CA GLU C 131 -95.98 -29.92 43.36
C GLU C 131 -96.49 -31.16 42.63
N GLY C 132 -97.68 -31.10 42.05
CA GLY C 132 -98.25 -32.24 41.36
C GLY C 132 -99.62 -32.61 41.86
N SER C 133 -99.81 -33.88 42.24
CA SER C 133 -101.08 -34.31 42.79
C SER C 133 -101.41 -33.59 44.09
N ARG C 134 -100.41 -33.11 44.81
CA ARG C 134 -100.58 -32.36 46.04
C ARG C 134 -99.83 -31.04 45.93
N THR C 135 -100.47 -29.96 46.35
CA THR C 135 -99.94 -28.61 46.18
C THR C 135 -99.41 -28.10 47.51
N ALA C 136 -98.16 -27.64 47.51
CA ALA C 136 -97.54 -27.06 48.69
C ALA C 136 -97.84 -25.56 48.77
N LEU C 137 -97.74 -25.03 49.98
CA LEU C 137 -98.12 -23.65 50.27
C LEU C 137 -96.94 -22.88 50.85
N SER C 138 -96.77 -21.65 50.36
CA SER C 138 -95.88 -20.70 51.01
C SER C 138 -96.64 -20.04 52.14
N VAL C 139 -96.19 -20.25 53.38
CA VAL C 139 -96.99 -19.91 54.55
C VAL C 139 -96.04 -19.47 55.66
N VAL C 140 -96.53 -18.57 56.51
CA VAL C 140 -95.77 -18.12 57.67
C VAL C 140 -96.57 -18.45 58.93
N MET C 141 -95.88 -19.01 59.92
CA MET C 141 -96.50 -19.48 61.16
C MET C 141 -95.81 -18.86 62.37
N TRP C 142 -96.15 -19.35 63.56
CA TRP C 142 -95.68 -18.76 64.81
C TRP C 142 -95.01 -19.83 65.65
N ASN C 143 -93.90 -19.48 66.28
CA ASN C 143 -93.14 -20.41 67.11
C ASN C 143 -93.44 -20.18 68.58
N GLU C 144 -92.87 -21.05 69.43
CA GLU C 144 -93.06 -20.91 70.86
C GLU C 144 -92.38 -19.66 71.41
N LYS C 145 -91.31 -19.22 70.77
CA LYS C 145 -90.62 -17.99 71.15
C LYS C 145 -91.12 -16.78 70.38
N GLY C 146 -92.09 -16.97 69.48
CA GLY C 146 -92.60 -15.87 68.67
C GLY C 146 -91.57 -15.32 67.71
N VAL C 147 -90.77 -16.19 67.10
CA VAL C 147 -89.75 -15.77 66.15
C VAL C 147 -90.29 -15.68 64.73
N THR C 148 -91.50 -16.19 64.47
CA THR C 148 -92.18 -16.05 63.19
C THR C 148 -91.35 -16.64 62.04
N VAL C 149 -91.19 -17.95 62.11
CA VAL C 149 -90.49 -18.66 61.04
C VAL C 149 -91.34 -18.64 59.78
N LYS C 150 -90.73 -18.25 58.66
CA LYS C 150 -91.39 -18.21 57.36
C LYS C 150 -90.88 -19.35 56.50
N TYR C 151 -91.80 -20.15 55.96
CA TYR C 151 -91.48 -21.30 55.13
C TYR C 151 -91.86 -20.98 53.70
N THR C 152 -90.86 -20.83 52.83
CA THR C 152 -91.08 -20.52 51.42
C THR C 152 -90.50 -21.63 50.57
N PRO C 153 -91.33 -22.43 49.90
CA PRO C 153 -90.80 -23.51 49.05
C PRO C 153 -90.04 -22.95 47.85
N GLU C 154 -89.35 -23.85 47.16
CA GLU C 154 -88.58 -23.46 45.99
C GLU C 154 -89.50 -22.92 44.89
N ASN C 155 -89.01 -21.91 44.17
CA ASN C 155 -89.64 -21.27 43.01
C ASN C 155 -91.16 -21.21 43.12
N CYS C 156 -91.65 -20.77 44.29
CA CYS C 156 -93.08 -20.78 44.55
C CYS C 156 -93.80 -19.75 43.69
N GLU C 157 -94.88 -20.19 43.03
CA GLU C 157 -95.73 -19.27 42.31
C GLU C 157 -96.48 -18.38 43.29
N GLN C 158 -96.46 -17.07 43.05
CA GLN C 158 -97.00 -16.10 43.98
C GLN C 158 -98.47 -15.84 43.68
N TRP C 159 -99.32 -15.98 44.70
CA TRP C 159 -100.74 -15.75 44.54
C TRP C 159 -101.09 -14.29 44.79
N TYR D 1 -48.75 34.04 -7.01
CA TYR D 1 -49.02 32.66 -7.38
C TYR D 1 -47.95 31.73 -6.82
N GLU D 2 -48.39 30.66 -6.17
CA GLU D 2 -47.51 29.67 -5.56
C GLU D 2 -47.75 28.32 -6.23
N HIS D 3 -46.67 27.70 -6.73
CA HIS D 3 -46.73 26.43 -7.42
C HIS D 3 -45.82 25.43 -6.72
N ALA D 4 -46.42 24.39 -6.13
CA ALA D 4 -45.68 23.39 -5.39
C ALA D 4 -45.65 22.09 -6.19
N THR D 5 -44.47 21.51 -6.33
CA THR D 5 -44.29 20.25 -7.04
C THR D 5 -43.23 19.43 -6.33
N THR D 6 -42.86 18.29 -6.92
CA THR D 6 -41.79 17.46 -6.40
C THR D 6 -40.92 17.01 -7.56
N MET D 7 -39.66 16.71 -7.26
CA MET D 7 -38.71 16.30 -8.28
C MET D 7 -37.91 15.10 -7.79
N PRO D 8 -37.80 14.04 -8.59
CA PRO D 8 -36.94 12.92 -8.19
C PRO D 8 -35.49 13.36 -8.04
N SER D 9 -34.82 12.84 -7.03
CA SER D 9 -33.42 13.20 -6.75
C SER D 9 -32.49 12.31 -7.58
N GLN D 10 -32.49 12.57 -8.88
CA GLN D 10 -31.67 11.83 -9.83
C GLN D 10 -30.88 12.85 -10.67
N ALA D 11 -29.57 12.87 -10.49
CA ALA D 11 -28.73 13.84 -11.19
C ALA D 11 -28.71 13.57 -12.68
N GLY D 12 -28.72 14.65 -13.46
CA GLY D 12 -28.60 14.55 -14.90
C GLY D 12 -29.91 14.58 -15.65
N ILE D 13 -30.93 13.91 -15.11
CA ILE D 13 -32.21 13.78 -15.80
C ILE D 13 -33.01 15.06 -15.56
N SER D 14 -33.27 15.80 -16.65
CA SER D 14 -34.04 17.02 -16.55
C SER D 14 -35.50 16.72 -16.20
N TYR D 15 -36.08 17.53 -15.33
CA TYR D 15 -37.46 17.40 -14.92
C TYR D 15 -38.23 18.61 -15.45
N ASN D 16 -39.23 18.36 -16.28
CA ASN D 16 -39.97 19.40 -16.97
C ASN D 16 -41.42 19.42 -16.48
N THR D 17 -41.95 20.62 -16.35
CA THR D 17 -43.31 20.82 -15.85
C THR D 17 -43.92 22.00 -16.59
N ILE D 18 -45.25 22.04 -16.62
CA ILE D 18 -45.97 23.19 -17.15
C ILE D 18 -46.94 23.66 -16.07
N VAL D 19 -46.97 24.97 -15.83
CA VAL D 19 -47.90 25.56 -14.86
C VAL D 19 -48.94 26.36 -15.63
N ASN D 20 -50.21 26.07 -15.35
CA ASN D 20 -51.33 26.60 -16.09
C ASN D 20 -52.13 27.55 -15.21
N ARG D 21 -52.35 28.77 -15.71
CA ARG D 21 -53.19 29.74 -15.03
C ARG D 21 -54.61 29.66 -15.58
N ALA D 22 -55.48 30.51 -15.03
CA ALA D 22 -56.90 30.45 -15.39
C ALA D 22 -57.11 30.77 -16.86
N GLY D 23 -56.57 31.90 -17.32
CA GLY D 23 -56.76 32.29 -18.71
C GLY D 23 -55.53 32.91 -19.33
N TYR D 24 -54.36 32.59 -18.77
CA TYR D 24 -53.09 33.14 -19.23
C TYR D 24 -52.27 32.06 -19.91
N ALA D 25 -51.20 32.49 -20.57
CA ALA D 25 -50.36 31.56 -21.31
C ALA D 25 -49.68 30.58 -20.36
N PRO D 26 -49.67 29.29 -20.69
CA PRO D 26 -48.97 28.33 -19.84
C PRO D 26 -47.48 28.64 -19.74
N LEU D 27 -46.92 28.40 -18.55
CA LEU D 27 -45.53 28.75 -18.30
C LEU D 27 -44.71 27.48 -18.11
N PRO D 28 -43.61 27.32 -18.83
CA PRO D 28 -42.78 26.12 -18.69
C PRO D 28 -41.75 26.25 -17.58
N ILE D 29 -41.50 25.12 -16.92
CA ILE D 29 -40.51 25.01 -15.85
C ILE D 29 -39.59 23.86 -16.21
N SER D 30 -38.28 24.07 -16.07
CA SER D 30 -37.30 23.04 -16.36
C SER D 30 -36.21 23.07 -15.30
N ILE D 31 -36.07 21.98 -14.56
CA ILE D 31 -35.05 21.88 -13.51
C ILE D 31 -34.12 20.73 -13.86
N THR D 32 -32.83 21.04 -14.00
CA THR D 32 -31.82 20.04 -14.29
C THR D 32 -30.86 19.95 -13.12
N PRO D 33 -30.92 18.90 -12.31
CA PRO D 33 -29.92 18.72 -11.25
C PRO D 33 -28.62 18.16 -11.81
N THR D 34 -27.61 19.01 -11.93
CA THR D 34 -26.31 18.54 -12.40
C THR D 34 -25.56 17.76 -11.34
N LYS D 35 -25.79 18.06 -10.06
CA LYS D 35 -25.04 17.44 -8.99
C LYS D 35 -25.78 17.66 -7.67
N ILE D 36 -25.85 16.61 -6.86
CA ILE D 36 -26.52 16.66 -5.56
C ILE D 36 -25.51 16.20 -4.52
N LYS D 37 -25.28 17.04 -3.52
CA LYS D 37 -24.34 16.75 -2.45
C LYS D 37 -25.08 16.51 -1.14
N LEU D 38 -24.60 15.55 -0.37
CA LEU D 38 -25.07 15.27 0.98
C LEU D 38 -23.85 15.39 1.90
N ILE D 39 -23.79 16.46 2.69
CA ILE D 39 -22.59 16.81 3.43
C ILE D 39 -22.86 16.70 4.93
N PRO D 40 -22.43 15.62 5.58
CA PRO D 40 -22.62 15.51 7.02
C PRO D 40 -21.71 16.47 7.79
N THR D 41 -22.13 16.79 9.01
CA THR D 41 -21.31 17.57 9.92
C THR D 41 -20.39 16.62 10.67
N VAL D 42 -19.08 16.87 10.60
CA VAL D 42 -18.08 15.96 11.11
C VAL D 42 -17.26 16.67 12.17
N ASN D 43 -17.08 16.01 13.32
CA ASN D 43 -16.21 16.48 14.39
C ASN D 43 -15.01 15.55 14.46
N LEU D 44 -13.81 16.12 14.39
CA LEU D 44 -12.58 15.34 14.46
C LEU D 44 -12.14 15.24 15.92
N GLU D 45 -12.03 14.01 16.43
CA GLU D 45 -11.60 13.83 17.80
C GLU D 45 -10.21 13.22 17.95
N TYR D 46 -9.67 12.55 16.94
CA TYR D 46 -8.26 12.21 16.96
C TYR D 46 -7.81 11.75 15.58
N VAL D 47 -6.49 11.62 15.45
CA VAL D 47 -5.83 11.08 14.26
C VAL D 47 -4.87 9.99 14.70
N THR D 48 -4.59 9.06 13.79
CA THR D 48 -3.75 7.92 14.08
C THR D 48 -2.78 7.70 12.93
N CYS D 49 -1.54 7.33 13.28
CA CYS D 49 -0.54 6.98 12.29
C CYS D 49 0.32 5.86 12.86
N HIS D 50 1.33 5.45 12.09
CA HIS D 50 2.30 4.50 12.61
C HIS D 50 3.07 5.13 13.75
N TYR D 51 3.28 4.38 14.82
CA TYR D 51 4.08 4.91 15.91
C TYR D 51 5.56 4.65 15.66
N LYS D 52 6.39 5.34 16.44
CA LYS D 52 7.83 5.10 16.46
C LYS D 52 8.24 4.96 17.92
N THR D 53 8.81 3.80 18.25
CA THR D 53 9.24 3.56 19.62
C THR D 53 10.59 4.22 19.82
N GLY D 54 10.57 5.38 20.46
CA GLY D 54 11.80 6.04 20.83
C GLY D 54 12.34 5.49 22.13
N MET D 55 13.62 5.74 22.36
CA MET D 55 14.28 5.16 23.52
C MET D 55 15.61 5.85 23.74
N ASP D 56 15.92 6.13 25.01
CA ASP D 56 17.14 6.83 25.35
C ASP D 56 18.33 5.87 25.33
N SER D 57 19.52 6.44 25.24
CA SER D 57 20.72 5.65 25.36
C SER D 57 20.80 5.04 26.76
N PRO D 58 21.17 3.78 26.89
CA PRO D 58 21.24 3.17 28.21
C PRO D 58 22.24 3.90 29.10
N ALA D 59 21.86 4.06 30.37
CA ALA D 59 22.73 4.72 31.35
C ALA D 59 23.42 3.64 32.16
N ILE D 60 24.74 3.51 31.98
CA ILE D 60 25.50 2.40 32.56
C ILE D 60 26.35 2.94 33.70
N LYS D 61 26.28 2.27 34.85
CA LYS D 61 27.08 2.61 36.02
C LYS D 61 27.86 1.38 36.46
N CYS D 62 29.17 1.55 36.59
CA CYS D 62 30.08 0.47 36.96
C CYS D 62 30.29 0.48 38.47
N CYS D 63 30.11 -0.69 39.10
CA CYS D 63 30.09 -0.84 40.55
C CYS D 63 29.20 0.23 41.20
N GLY D 64 27.93 0.17 40.84
CA GLY D 64 26.98 1.14 41.38
C GLY D 64 25.56 0.68 41.16
N SER D 65 24.63 1.55 41.55
CA SER D 65 23.21 1.30 41.39
C SER D 65 22.52 2.59 40.97
N GLN D 66 21.39 2.45 40.30
CA GLN D 66 20.63 3.58 39.77
C GLN D 66 19.16 3.41 40.13
N GLU D 67 18.40 4.48 39.91
CA GLU D 67 16.99 4.52 40.24
C GLU D 67 16.19 5.02 39.03
N CYS D 68 14.94 4.57 38.94
CA CYS D 68 14.10 4.87 37.80
C CYS D 68 13.55 6.29 37.88
N THR D 69 13.73 7.06 36.80
CA THR D 69 13.13 8.37 36.68
C THR D 69 11.63 8.24 36.44
N PRO D 70 10.81 9.09 37.06
CA PRO D 70 9.35 9.00 36.85
C PRO D 70 8.98 9.18 35.38
N THR D 71 7.95 8.45 34.96
CA THR D 71 7.52 8.46 33.57
C THR D 71 6.76 9.74 33.24
N TYR D 72 7.11 10.35 32.10
CA TYR D 72 6.50 11.61 31.70
C TYR D 72 6.22 11.67 30.20
N ARG D 73 6.28 10.56 29.49
CA ARG D 73 6.17 10.52 28.04
C ARG D 73 5.19 9.43 27.64
N PRO D 74 4.68 9.37 26.38
CA PRO D 74 3.68 8.37 26.04
C PRO D 74 4.12 6.90 26.13
N ASP D 75 3.49 6.09 26.97
CA ASP D 75 3.83 4.65 27.20
C ASP D 75 5.28 4.48 27.66
N GLU D 76 5.81 5.39 28.48
CA GLU D 76 7.23 5.33 28.87
C GLU D 76 7.41 4.20 29.84
N GLN D 77 8.41 3.36 29.62
CA GLN D 77 8.71 2.26 30.54
C GLN D 77 10.17 2.45 30.93
N CYS D 78 10.53 2.27 32.18
CA CYS D 78 11.94 2.38 32.64
C CYS D 78 12.28 1.16 33.49
N LYS D 79 13.45 0.53 33.32
CA LYS D 79 13.88 -0.61 34.17
C LYS D 79 15.38 -0.55 34.39
N VAL D 80 15.87 -0.85 35.58
CA VAL D 80 17.32 -0.84 35.92
C VAL D 80 17.79 -2.28 36.01
N PHE D 81 18.41 -2.78 34.95
CA PHE D 81 18.89 -4.16 34.90
C PHE D 81 20.25 -4.23 35.58
N THR D 82 20.36 -5.11 36.58
CA THR D 82 21.55 -5.26 37.38
C THR D 82 22.40 -6.41 36.85
N GLY D 83 23.68 -6.40 37.24
CA GLY D 83 24.59 -7.44 36.83
C GLY D 83 24.88 -7.47 35.34
N VAL D 84 24.97 -6.32 34.71
CA VAL D 84 25.30 -6.23 33.29
C VAL D 84 26.80 -6.06 33.15
N TYR D 85 27.34 -6.50 32.02
CA TYR D 85 28.76 -6.32 31.69
C TYR D 85 28.84 -5.78 30.27
N PRO D 86 28.60 -4.49 30.08
CA PRO D 86 28.62 -3.93 28.72
C PRO D 86 29.99 -4.07 28.09
N PHE D 87 30.00 -4.22 26.76
CA PHE D 87 31.20 -4.58 26.02
C PHE D 87 31.20 -3.76 24.72
N MET D 88 31.89 -2.62 24.75
CA MET D 88 31.90 -1.70 23.63
C MET D 88 32.85 -2.19 22.54
N TRP D 89 33.04 -1.38 21.50
CA TRP D 89 33.99 -1.75 20.45
C TRP D 89 35.43 -1.71 20.95
N GLY D 90 35.72 -0.81 21.89
CA GLY D 90 37.04 -0.74 22.49
C GLY D 90 37.16 -1.56 23.76
N GLY D 91 36.81 -2.84 23.69
CA GLY D 91 36.91 -3.69 24.85
C GLY D 91 35.72 -3.53 25.79
N ALA D 92 35.87 -4.16 26.96
CA ALA D 92 34.82 -4.10 27.97
C ALA D 92 34.64 -2.67 28.46
N TYR D 93 33.39 -2.32 28.80
CA TYR D 93 33.11 -0.95 29.24
C TYR D 93 33.45 -0.75 30.70
N CYS D 94 33.09 -1.70 31.56
CA CYS D 94 33.35 -1.61 32.99
C CYS D 94 34.39 -2.63 33.40
N PHE D 95 35.24 -2.23 34.35
CA PHE D 95 36.21 -3.10 34.99
C PHE D 95 35.62 -3.89 36.15
N CYS D 96 34.31 -4.05 36.18
CA CYS D 96 33.58 -4.45 37.37
C CYS D 96 32.72 -5.66 37.00
N ASP D 97 33.04 -6.82 37.58
CA ASP D 97 32.44 -8.07 37.12
C ASP D 97 30.93 -8.05 37.29
N THR D 98 30.44 -7.58 38.43
CA THR D 98 29.01 -7.51 38.70
C THR D 98 28.75 -6.20 39.44
N GLU D 99 27.57 -6.10 40.06
CA GLU D 99 27.02 -4.86 40.63
C GLU D 99 27.17 -3.68 39.67
N ASN D 100 27.08 -3.96 38.38
CA ASN D 100 26.96 -2.92 37.36
C ASN D 100 25.50 -2.81 36.95
N THR D 101 25.03 -1.59 36.79
CA THR D 101 23.62 -1.34 36.49
C THR D 101 23.47 -0.67 35.15
N GLN D 102 22.37 -0.97 34.47
CA GLN D 102 22.05 -0.33 33.18
C GLN D 102 20.59 0.10 33.23
N VAL D 103 20.36 1.40 33.10
CA VAL D 103 19.02 1.95 33.03
C VAL D 103 18.62 2.03 31.56
N SER D 104 17.52 1.37 31.21
CA SER D 104 16.98 1.41 29.86
C SER D 104 15.52 1.82 29.94
N LYS D 105 15.15 2.84 29.17
CA LYS D 105 13.79 3.34 29.14
C LYS D 105 13.34 3.53 27.70
N ALA D 106 12.04 3.43 27.48
CA ALA D 106 11.47 3.53 26.15
C ALA D 106 10.13 4.25 26.22
N TYR D 107 9.68 4.73 25.07
CA TYR D 107 8.43 5.47 24.97
C TYR D 107 8.00 5.47 23.51
N VAL D 108 6.82 6.02 23.26
CA VAL D 108 6.21 6.00 21.95
C VAL D 108 6.00 7.43 21.48
N MET D 109 6.31 7.70 20.21
CA MET D 109 6.02 8.97 19.57
C MET D 109 5.31 8.72 18.25
N LYS D 110 4.88 9.79 17.61
CA LYS D 110 4.36 9.68 16.25
C LYS D 110 5.51 9.49 15.27
N SER D 111 5.23 8.77 14.19
CA SER D 111 6.25 8.58 13.16
C SER D 111 6.53 9.91 12.45
N ASP D 112 7.69 9.96 11.81
CA ASP D 112 8.10 11.18 11.12
C ASP D 112 7.18 11.51 9.95
N ASP D 113 6.41 10.53 9.46
CA ASP D 113 5.53 10.72 8.32
C ASP D 113 4.07 10.86 8.74
N CYS D 114 3.80 11.20 9.99
CA CYS D 114 2.43 11.37 10.46
C CYS D 114 1.74 12.59 9.86
N LEU D 115 2.49 13.50 9.24
CA LEU D 115 1.87 14.68 8.63
C LEU D 115 1.10 14.30 7.37
N ALA D 116 1.55 13.27 6.65
CA ALA D 116 0.90 12.84 5.42
C ALA D 116 0.23 11.49 5.53
N ASP D 117 0.88 10.50 6.15
CA ASP D 117 0.34 9.14 6.25
C ASP D 117 -0.34 8.98 7.61
N HIS D 118 -1.52 9.57 7.71
CA HIS D 118 -2.34 9.44 8.92
C HIS D 118 -3.80 9.30 8.52
N ALA D 119 -4.58 8.67 9.39
CA ALA D 119 -6.01 8.53 9.22
C ALA D 119 -6.70 9.27 10.35
N GLU D 120 -7.70 10.10 10.00
CA GLU D 120 -8.37 10.94 10.97
C GLU D 120 -9.78 10.43 11.22
N ALA D 121 -10.16 10.31 12.49
CA ALA D 121 -11.43 9.73 12.88
C ALA D 121 -12.44 10.83 13.17
N TYR D 122 -13.59 10.78 12.49
CA TYR D 122 -14.64 11.77 12.61
C TYR D 122 -15.89 11.14 13.20
N LYS D 123 -16.73 12.00 13.78
CA LYS D 123 -18.10 11.65 14.14
C LYS D 123 -19.03 12.44 13.25
N ALA D 124 -19.94 11.75 12.56
CA ALA D 124 -20.77 12.35 11.53
C ALA D 124 -22.23 12.29 11.92
N HIS D 125 -22.94 13.38 11.68
CA HIS D 125 -24.36 13.47 11.97
C HIS D 125 -24.94 14.68 11.25
N THR D 126 -26.27 14.68 11.12
CA THR D 126 -27.04 15.81 10.60
C THR D 126 -26.52 16.24 9.23
N ALA D 127 -26.73 15.34 8.27
CA ALA D 127 -26.31 15.61 6.90
C ALA D 127 -27.04 16.82 6.33
N SER D 128 -26.33 17.62 5.55
CA SER D 128 -26.85 18.84 4.95
C SER D 128 -26.88 18.66 3.44
N VAL D 129 -28.08 18.50 2.88
CA VAL D 129 -28.23 18.23 1.46
C VAL D 129 -28.06 19.52 0.66
N GLN D 130 -27.33 19.44 -0.45
CA GLN D 130 -27.16 20.55 -1.37
C GLN D 130 -27.35 20.05 -2.78
N ALA D 131 -27.71 20.96 -3.68
CA ALA D 131 -27.92 20.60 -5.08
C ALA D 131 -27.37 21.69 -5.97
N PHE D 132 -27.02 21.31 -7.20
CA PHE D 132 -26.61 22.25 -8.25
C PHE D 132 -27.67 22.15 -9.35
N LEU D 133 -28.40 23.24 -9.58
CA LEU D 133 -29.57 23.21 -10.45
C LEU D 133 -29.44 24.21 -11.59
N ASN D 134 -29.86 23.79 -12.79
CA ASN D 134 -30.28 24.69 -13.86
C ASN D 134 -31.78 24.87 -13.70
N ILE D 135 -32.22 26.08 -13.39
CA ILE D 135 -33.65 26.38 -13.36
C ILE D 135 -33.97 27.27 -14.55
N THR D 136 -35.01 26.90 -15.29
CA THR D 136 -35.48 27.69 -16.43
C THR D 136 -36.97 27.92 -16.26
N VAL D 137 -37.37 29.18 -16.11
CA VAL D 137 -38.76 29.56 -15.93
C VAL D 137 -39.06 30.68 -16.92
N GLY D 138 -39.94 30.39 -17.88
CA GLY D 138 -40.38 31.42 -18.81
C GLY D 138 -39.26 32.10 -19.58
N GLU D 139 -38.34 31.30 -20.12
CA GLU D 139 -37.16 31.77 -20.85
C GLU D 139 -36.20 32.55 -19.96
N HIS D 140 -36.33 32.45 -18.64
CA HIS D 140 -35.39 33.03 -17.69
C HIS D 140 -34.60 31.88 -17.05
N SER D 141 -33.29 31.89 -17.25
CA SER D 141 -32.44 30.77 -16.84
C SER D 141 -31.47 31.21 -15.76
N ILE D 142 -31.09 30.24 -14.92
CA ILE D 142 -30.13 30.46 -13.84
C ILE D 142 -29.47 29.14 -13.45
N VAL D 143 -28.15 29.15 -13.33
CA VAL D 143 -27.41 28.02 -12.78
C VAL D 143 -26.93 28.41 -11.39
N THR D 144 -27.27 27.60 -10.39
CA THR D 144 -27.08 28.02 -9.01
C THR D 144 -26.91 26.80 -8.12
N THR D 145 -26.48 27.07 -6.90
CA THR D 145 -26.43 26.07 -5.83
C THR D 145 -27.59 26.33 -4.88
N VAL D 146 -28.38 25.29 -4.61
CA VAL D 146 -29.57 25.39 -3.79
C VAL D 146 -29.38 24.52 -2.56
N TYR D 147 -29.54 25.13 -1.39
CA TYR D 147 -29.54 24.39 -0.14
C TYR D 147 -30.91 23.75 0.04
N VAL D 148 -30.93 22.45 0.32
CA VAL D 148 -32.14 21.66 0.16
C VAL D 148 -32.83 21.58 1.53
N ASN D 149 -32.50 22.54 2.40
CA ASN D 149 -33.37 22.81 3.53
C ASN D 149 -34.58 23.59 3.05
N GLY D 150 -35.74 23.32 3.63
CA GLY D 150 -36.97 23.85 3.10
C GLY D 150 -37.23 25.32 3.35
N GLU D 151 -36.17 26.08 3.61
CA GLU D 151 -36.34 27.49 3.95
C GLU D 151 -35.49 28.44 3.11
N THR D 152 -34.28 28.04 2.73
CA THR D 152 -33.39 28.96 2.02
C THR D 152 -33.91 29.20 0.60
N PRO D 153 -34.23 30.44 0.24
CA PRO D 153 -34.74 30.71 -1.11
C PRO D 153 -33.65 31.13 -2.08
N VAL D 154 -33.92 30.88 -3.35
CA VAL D 154 -33.10 31.39 -4.45
C VAL D 154 -33.96 32.34 -5.27
N ASN D 155 -33.41 33.52 -5.57
CA ASN D 155 -34.13 34.59 -6.24
C ASN D 155 -33.60 34.77 -7.66
N PHE D 156 -34.52 34.87 -8.62
CA PHE D 156 -34.10 35.32 -9.95
C PHE D 156 -35.30 35.86 -10.70
N ASN D 157 -35.14 37.07 -11.26
CA ASN D 157 -36.19 37.74 -12.03
C ASN D 157 -37.50 37.84 -11.23
N GLY D 158 -37.38 38.14 -9.94
CA GLY D 158 -38.53 38.25 -9.08
C GLY D 158 -39.15 36.95 -8.67
N VAL D 159 -38.60 35.81 -9.10
CA VAL D 159 -39.14 34.50 -8.79
C VAL D 159 -38.38 33.94 -7.59
N LYS D 160 -39.14 33.47 -6.60
CA LYS D 160 -38.60 32.77 -5.43
C LYS D 160 -38.68 31.27 -5.69
N ILE D 161 -37.62 30.54 -5.35
CA ILE D 161 -37.67 29.08 -5.39
C ILE D 161 -37.10 28.52 -4.11
N THR D 162 -37.84 27.62 -3.47
CA THR D 162 -37.40 26.95 -2.25
C THR D 162 -37.47 25.45 -2.46
N ALA D 163 -36.36 24.76 -2.26
CA ALA D 163 -36.27 23.32 -2.46
C ALA D 163 -36.03 22.62 -1.13
N GLY D 164 -36.65 21.46 -0.96
CA GLY D 164 -36.45 20.66 0.22
C GLY D 164 -37.54 20.86 1.26
N PRO D 165 -37.41 20.18 2.40
CA PRO D 165 -36.32 19.27 2.74
C PRO D 165 -36.44 17.91 2.04
N LEU D 166 -35.32 17.21 1.87
CA LEU D 166 -35.33 15.94 1.17
C LEU D 166 -36.27 14.96 1.85
N SER D 167 -37.02 14.20 1.03
CA SER D 167 -38.07 13.35 1.54
C SER D 167 -37.54 12.27 2.50
N THR D 168 -36.25 11.96 2.43
CA THR D 168 -35.66 10.93 3.29
C THR D 168 -34.47 11.51 4.02
N ALA D 169 -34.21 10.96 5.21
CA ALA D 169 -33.06 11.35 6.02
C ALA D 169 -31.91 10.36 5.92
N TRP D 170 -31.97 9.45 4.96
CA TRP D 170 -30.93 8.43 4.80
C TRP D 170 -29.59 9.08 4.48
N THR D 171 -28.54 8.61 5.15
CA THR D 171 -27.17 9.02 4.90
C THR D 171 -26.30 7.78 4.87
N PRO D 172 -25.27 7.76 4.01
CA PRO D 172 -24.40 6.58 3.94
C PRO D 172 -23.38 6.50 5.05
N PHE D 173 -23.10 7.60 5.74
CA PHE D 173 -22.09 7.62 6.79
C PHE D 173 -22.70 7.19 8.11
N ASP D 174 -21.98 6.34 8.84
CA ASP D 174 -22.42 5.89 10.15
C ASP D 174 -22.14 6.98 11.17
N ARG D 175 -22.33 6.67 12.45
CA ARG D 175 -22.04 7.66 13.50
C ARG D 175 -20.55 7.98 13.55
N LYS D 176 -19.70 6.97 13.38
CA LYS D 176 -18.26 7.12 13.42
C LYS D 176 -17.66 6.72 12.09
N ILE D 177 -16.88 7.62 11.49
CA ILE D 177 -16.24 7.37 10.20
C ILE D 177 -14.75 7.63 10.32
N VAL D 178 -13.99 7.11 9.37
CA VAL D 178 -12.55 7.28 9.32
C VAL D 178 -12.16 7.74 7.92
N GLN D 179 -11.38 8.81 7.83
CA GLN D 179 -10.81 9.26 6.57
C GLN D 179 -9.36 8.83 6.47
N TYR D 180 -9.01 8.15 5.38
CA TYR D 180 -7.62 7.81 5.13
C TYR D 180 -7.37 7.82 3.63
N ALA D 181 -6.33 8.56 3.21
CA ALA D 181 -5.89 8.58 1.82
C ALA D 181 -7.03 8.96 0.86
N GLY D 182 -7.90 9.87 1.31
CA GLY D 182 -9.00 10.31 0.49
C GLY D 182 -10.17 9.36 0.42
N GLU D 183 -10.24 8.35 1.29
CA GLU D 183 -11.32 7.39 1.28
C GLU D 183 -11.96 7.31 2.66
N ILE D 184 -13.28 7.15 2.69
CA ILE D 184 -14.07 7.16 3.91
C ILE D 184 -14.51 5.75 4.24
N TYR D 185 -14.30 5.35 5.49
CA TYR D 185 -14.65 4.01 5.96
C TYR D 185 -15.62 4.14 7.14
N ASN D 186 -16.62 3.28 7.16
CA ASN D 186 -17.59 3.22 8.26
C ASN D 186 -17.01 2.32 9.35
N TYR D 187 -16.12 2.89 10.15
CA TYR D 187 -15.38 2.16 11.17
C TYR D 187 -15.79 2.63 12.56
N ASP D 188 -16.05 1.68 13.46
CA ASP D 188 -16.40 1.98 14.84
C ASP D 188 -15.13 1.98 15.67
N PHE D 189 -14.38 3.06 15.55
CA PHE D 189 -13.11 3.20 16.24
C PHE D 189 -13.32 3.43 17.74
N PRO D 190 -12.33 3.10 18.55
CA PRO D 190 -12.44 3.39 19.99
C PRO D 190 -12.35 4.89 20.26
N GLU D 191 -12.96 5.29 21.37
CA GLU D 191 -12.93 6.70 21.76
C GLU D 191 -11.52 7.12 22.15
N TYR D 192 -11.28 8.42 22.16
CA TYR D 192 -9.99 8.94 22.58
C TYR D 192 -9.72 8.54 24.02
N GLY D 193 -8.53 8.02 24.27
CA GLY D 193 -8.20 7.48 25.57
C GLY D 193 -8.64 6.06 25.80
N ALA D 194 -9.18 5.39 24.77
CA ALA D 194 -9.60 4.00 24.89
C ALA D 194 -8.97 3.12 23.82
N GLY D 195 -7.87 3.58 23.21
CA GLY D 195 -7.21 2.77 22.21
C GLY D 195 -6.54 1.55 22.82
N GLN D 196 -6.53 0.47 22.03
CA GLN D 196 -5.98 -0.79 22.49
C GLN D 196 -4.78 -1.20 21.64
N PRO D 197 -3.82 -1.91 22.22
CA PRO D 197 -2.63 -2.31 21.46
C PRO D 197 -2.97 -3.21 20.30
N GLY D 198 -2.25 -3.03 19.20
CA GLY D 198 -2.38 -3.88 18.03
C GLY D 198 -3.59 -3.60 17.17
N ALA D 199 -4.39 -2.59 17.50
CA ALA D 199 -5.61 -2.27 16.77
C ALA D 199 -5.59 -0.80 16.41
N PHE D 200 -6.47 -0.42 15.49
CA PHE D 200 -6.58 0.97 15.05
C PHE D 200 -6.77 1.89 16.25
N GLY D 201 -6.02 2.97 16.28
CA GLY D 201 -6.09 3.90 17.39
C GLY D 201 -5.31 3.49 18.61
N ASP D 202 -4.29 2.62 18.46
CA ASP D 202 -3.45 2.28 19.60
C ASP D 202 -2.72 3.50 20.12
N ILE D 203 -2.26 4.36 19.22
CA ILE D 203 -1.77 5.69 19.57
C ILE D 203 -2.76 6.71 19.03
N GLN D 204 -3.04 7.75 19.82
CA GLN D 204 -4.05 8.73 19.46
C GLN D 204 -3.54 10.12 19.77
N SER D 205 -3.72 11.04 18.82
CA SER D 205 -3.42 12.44 19.01
C SER D 205 -4.65 13.25 18.62
N ARG D 206 -4.97 14.27 19.43
CA ARG D 206 -6.20 15.03 19.22
C ARG D 206 -6.21 15.69 17.85
N THR D 207 -5.10 16.31 17.46
CA THR D 207 -4.91 16.84 16.12
C THR D 207 -3.53 16.42 15.63
N VAL D 208 -3.22 16.75 14.37
CA VAL D 208 -1.93 16.41 13.82
C VAL D 208 -0.81 17.18 14.53
N SER D 209 -1.06 18.45 14.83
CA SER D 209 -0.07 19.31 15.46
C SER D 209 -0.15 19.34 16.97
N SER D 210 -1.08 18.59 17.57
CA SER D 210 -1.23 18.61 19.02
C SER D 210 -0.02 17.97 19.69
N SER D 211 0.33 18.49 20.86
CA SER D 211 1.46 17.98 21.63
C SER D 211 1.10 16.79 22.51
N ASP D 212 -0.18 16.43 22.59
CA ASP D 212 -0.61 15.30 23.39
C ASP D 212 -0.63 14.03 22.54
N LEU D 213 -0.40 12.90 23.21
CA LEU D 213 -0.41 11.61 22.52
C LEU D 213 -0.75 10.52 23.53
N TYR D 214 -1.87 9.85 23.31
CA TYR D 214 -2.24 8.67 24.09
C TYR D 214 -1.72 7.44 23.39
N ALA D 215 -0.82 6.71 24.04
CA ALA D 215 -0.20 5.53 23.47
C ALA D 215 -0.44 4.34 24.38
N ASN D 216 -0.90 3.23 23.79
CA ASN D 216 -1.14 1.97 24.51
C ASN D 216 -0.77 0.83 23.56
N THR D 217 0.49 0.36 23.65
CA THR D 217 1.02 -0.61 22.70
C THR D 217 1.65 -1.83 23.35
N ASN D 218 1.43 -2.05 24.66
CA ASN D 218 2.09 -3.13 25.39
C ASN D 218 3.60 -3.08 25.26
N LEU D 219 4.15 -1.87 25.33
CA LEU D 219 5.61 -1.74 25.34
C LEU D 219 6.16 -2.35 26.61
N VAL D 220 7.08 -3.30 26.47
CA VAL D 220 7.66 -4.00 27.62
C VAL D 220 9.16 -4.10 27.39
N LEU D 221 9.94 -3.73 28.39
CA LEU D 221 11.40 -3.76 28.29
C LEU D 221 11.91 -5.11 28.73
N GLN D 222 12.85 -5.66 27.96
CA GLN D 222 13.46 -6.95 28.24
C GLN D 222 14.90 -6.77 28.67
N ARG D 223 15.44 -7.83 29.27
CA ARG D 223 16.81 -7.77 29.78
C ARG D 223 17.81 -7.77 28.62
N PRO D 224 18.81 -6.90 28.63
CA PRO D 224 19.78 -6.87 27.53
C PRO D 224 20.59 -8.14 27.45
N LYS D 225 20.98 -8.49 26.24
CA LYS D 225 21.85 -9.64 26.03
C LYS D 225 23.21 -9.38 26.68
N ALA D 226 23.82 -10.45 27.19
CA ALA D 226 25.08 -10.32 27.89
C ALA D 226 26.15 -9.71 27.01
N GLY D 227 26.84 -8.70 27.52
CA GLY D 227 27.90 -8.06 26.78
C GLY D 227 27.45 -7.19 25.63
N ALA D 228 26.22 -6.70 25.67
CA ALA D 228 25.68 -5.88 24.59
C ALA D 228 25.03 -4.63 25.16
N ILE D 229 25.29 -3.49 24.52
CA ILE D 229 24.69 -2.22 24.89
C ILE D 229 23.56 -1.96 23.91
N HIS D 230 22.33 -2.25 24.34
CA HIS D 230 21.15 -1.96 23.54
C HIS D 230 19.94 -2.03 24.46
N VAL D 231 18.81 -1.51 23.97
CA VAL D 231 17.58 -1.52 24.74
C VAL D 231 16.61 -2.50 24.08
N PRO D 232 16.48 -3.72 24.61
CA PRO D 232 15.52 -4.67 24.04
C PRO D 232 14.12 -4.40 24.58
N TYR D 233 13.16 -4.29 23.68
CA TYR D 233 11.78 -4.04 24.04
C TYR D 233 10.88 -5.00 23.29
N THR D 234 9.64 -5.11 23.75
CA THR D 234 8.63 -5.91 23.09
C THR D 234 7.31 -5.16 23.16
N GLN D 235 6.60 -5.10 22.04
CA GLN D 235 5.32 -4.42 22.01
C GLN D 235 4.48 -4.96 20.86
N ALA D 236 3.18 -4.72 20.94
CA ALA D 236 2.27 -5.19 19.91
C ALA D 236 2.55 -4.47 18.59
N PRO D 237 2.48 -5.18 17.46
CA PRO D 237 2.68 -4.52 16.17
C PRO D 237 1.68 -3.40 15.95
N SER D 238 2.10 -2.40 15.17
CA SER D 238 1.33 -1.18 15.02
C SER D 238 -0.09 -1.47 14.56
N GLY D 239 -1.06 -0.83 15.23
CA GLY D 239 -2.45 -1.04 14.88
C GLY D 239 -2.88 -0.35 13.61
N PHE D 240 -2.21 0.75 13.26
CA PHE D 240 -2.52 1.42 12.00
C PHE D 240 -2.15 0.56 10.81
N GLU D 241 -0.98 -0.07 10.83
CA GLU D 241 -0.59 -0.97 9.75
C GLU D 241 -1.52 -2.16 9.67
N GLN D 242 -1.89 -2.74 10.81
CA GLN D 242 -2.81 -3.87 10.82
C GLN D 242 -4.17 -3.47 10.26
N TRP D 243 -4.67 -2.30 10.64
CA TRP D 243 -5.94 -1.82 10.09
C TRP D 243 -5.83 -1.62 8.58
N LYS D 244 -4.71 -1.08 8.11
CA LYS D 244 -4.53 -0.90 6.67
C LYS D 244 -4.52 -2.24 5.95
N LYS D 245 -3.98 -3.28 6.60
CA LYS D 245 -3.90 -4.59 5.95
C LYS D 245 -5.29 -5.13 5.63
N ASP D 246 -6.22 -5.06 6.57
CA ASP D 246 -7.58 -5.57 6.40
C ASP D 246 -8.58 -4.54 6.90
N LYS D 247 -9.04 -3.67 6.00
CA LYS D 247 -9.95 -2.60 6.35
C LYS D 247 -11.24 -2.59 5.53
N ALA D 248 -11.38 -3.50 4.56
CA ALA D 248 -12.57 -3.62 3.71
C ALA D 248 -12.68 -2.42 2.77
N PRO D 249 -13.33 -2.57 1.62
CA PRO D 249 -13.43 -1.44 0.69
C PRO D 249 -14.15 -0.26 1.32
N SER D 250 -13.71 0.94 0.95
CA SER D 250 -14.25 2.16 1.51
C SER D 250 -15.70 2.35 1.07
N LEU D 251 -16.32 3.42 1.56
CA LEU D 251 -17.70 3.72 1.20
C LEU D 251 -17.85 4.00 -0.30
N LYS D 252 -16.75 4.34 -0.98
CA LYS D 252 -16.81 4.59 -2.42
C LYS D 252 -17.32 3.37 -3.18
N PHE D 253 -17.14 2.17 -2.62
CA PHE D 253 -17.51 0.94 -3.30
C PHE D 253 -18.68 0.20 -2.66
N THR D 254 -19.08 0.56 -1.44
CA THR D 254 -20.13 -0.15 -0.74
C THR D 254 -21.34 0.71 -0.40
N ALA D 255 -21.30 2.00 -0.69
CA ALA D 255 -22.41 2.87 -0.31
C ALA D 255 -23.66 2.51 -1.10
N PRO D 256 -24.82 2.40 -0.45
CA PRO D 256 -26.05 2.10 -1.18
C PRO D 256 -26.49 3.27 -2.06
N PHE D 257 -27.43 2.98 -2.95
CA PHE D 257 -28.05 3.95 -3.84
C PHE D 257 -27.05 4.56 -4.82
N GLY D 258 -25.91 3.91 -5.02
CA GLY D 258 -24.93 4.39 -5.97
C GLY D 258 -24.32 5.73 -5.62
N CYS D 259 -24.10 5.99 -4.34
CA CYS D 259 -23.48 7.24 -3.92
C CYS D 259 -22.01 7.26 -4.28
N GLU D 260 -21.51 8.45 -4.58
CA GLU D 260 -20.09 8.68 -4.85
C GLU D 260 -19.52 9.44 -3.66
N ILE D 261 -18.73 8.76 -2.85
CA ILE D 261 -18.22 9.37 -1.62
C ILE D 261 -16.94 10.14 -1.95
N TYR D 262 -17.01 11.46 -1.75
CA TYR D 262 -15.88 12.35 -1.97
C TYR D 262 -15.44 12.96 -0.65
N THR D 263 -14.30 13.65 -0.70
CA THR D 263 -13.64 14.16 0.49
C THR D 263 -13.22 15.60 0.24
N ASN D 264 -13.10 16.36 1.34
CA ASN D 264 -12.74 17.78 1.33
C ASN D 264 -13.77 18.61 0.58
N PRO D 265 -15.00 18.79 1.12
CA PRO D 265 -15.47 18.23 2.40
C PRO D 265 -15.95 16.79 2.26
N ILE D 266 -16.04 16.06 3.37
CA ILE D 266 -16.56 14.70 3.35
C ILE D 266 -18.01 14.75 2.93
N ARG D 267 -18.31 14.18 1.76
CA ARG D 267 -19.65 14.30 1.21
C ARG D 267 -19.99 13.05 0.40
N ALA D 268 -21.28 12.87 0.14
CA ALA D 268 -21.77 11.84 -0.75
C ALA D 268 -22.53 12.51 -1.88
N GLU D 269 -22.10 12.27 -3.11
CA GLU D 269 -22.66 12.94 -4.28
C GLU D 269 -23.49 11.96 -5.09
N ASN D 270 -24.60 12.46 -5.63
CA ASN D 270 -25.42 11.76 -6.62
C ASN D 270 -25.94 10.43 -6.08
N CYS D 271 -26.73 10.53 -5.01
CA CYS D 271 -27.43 9.37 -4.47
C CYS D 271 -28.84 9.32 -5.04
N ALA D 272 -29.22 8.16 -5.56
CA ALA D 272 -30.54 7.99 -6.19
C ALA D 272 -31.56 7.54 -5.15
N VAL D 273 -31.81 8.43 -4.19
CA VAL D 273 -32.73 8.16 -3.09
C VAL D 273 -33.53 9.42 -2.80
N GLY D 274 -34.81 9.24 -2.48
CA GLY D 274 -35.64 10.34 -2.04
C GLY D 274 -36.08 11.25 -3.16
N SER D 275 -36.87 12.26 -2.79
CA SER D 275 -37.35 13.27 -3.70
C SER D 275 -37.24 14.63 -3.04
N ILE D 276 -37.11 15.67 -3.86
CA ILE D 276 -36.93 17.05 -3.42
C ILE D 276 -38.23 17.80 -3.67
N PRO D 277 -38.93 18.25 -2.64
CA PRO D 277 -40.09 19.12 -2.87
C PRO D 277 -39.63 20.51 -3.30
N LEU D 278 -40.34 21.07 -4.28
CA LEU D 278 -40.03 22.38 -4.83
C LEU D 278 -41.22 23.29 -4.66
N ALA D 279 -40.97 24.56 -4.33
CA ALA D 279 -42.01 25.56 -4.20
C ALA D 279 -41.55 26.82 -4.93
N PHE D 280 -42.30 27.20 -5.97
CA PHE D 280 -42.03 28.41 -6.74
C PHE D 280 -43.04 29.49 -6.35
N ASP D 281 -42.53 30.70 -6.14
CA ASP D 281 -43.34 31.89 -6.02
C ASP D 281 -43.05 32.73 -7.27
N ILE D 282 -44.01 32.73 -8.20
CA ILE D 282 -43.86 33.42 -9.48
C ILE D 282 -44.60 34.75 -9.39
N PRO D 283 -43.94 35.88 -9.61
CA PRO D 283 -44.66 37.15 -9.66
C PRO D 283 -45.65 37.15 -10.81
N ASP D 284 -46.79 37.82 -10.59
CA ASP D 284 -47.87 37.80 -11.56
C ASP D 284 -47.53 38.52 -12.85
N ALA D 285 -46.42 39.28 -12.88
CA ALA D 285 -46.02 39.94 -14.12
C ALA D 285 -45.52 38.96 -15.16
N LEU D 286 -45.14 37.75 -14.76
CA LEU D 286 -44.61 36.77 -15.72
C LEU D 286 -45.71 36.14 -16.56
N PHE D 287 -46.92 36.02 -16.02
CA PHE D 287 -48.01 35.41 -16.77
C PHE D 287 -48.52 36.37 -17.84
N THR D 288 -48.62 35.88 -19.07
CA THR D 288 -49.12 36.66 -20.20
C THR D 288 -50.39 36.02 -20.73
N ARG D 289 -51.23 36.86 -21.34
CA ARG D 289 -52.52 36.40 -21.84
C ARG D 289 -52.34 35.42 -23.00
N VAL D 290 -53.36 34.61 -23.21
CA VAL D 290 -53.33 33.60 -24.28
C VAL D 290 -53.22 34.26 -25.65
N SER D 291 -53.71 35.50 -25.77
CA SER D 291 -53.63 36.20 -27.05
C SER D 291 -52.18 36.40 -27.49
N GLU D 292 -51.26 36.62 -26.54
CA GLU D 292 -49.87 36.84 -26.90
C GLU D 292 -49.21 35.56 -27.39
N THR D 293 -49.40 34.46 -26.65
CA THR D 293 -48.85 33.18 -27.09
C THR D 293 -49.60 32.69 -28.32
N PRO D 294 -48.95 31.95 -29.21
CA PRO D 294 -49.65 31.46 -30.40
C PRO D 294 -50.64 30.36 -30.07
N THR D 295 -51.92 30.69 -30.11
CA THR D 295 -52.96 29.71 -29.85
C THR D 295 -53.06 28.72 -31.00
N LEU D 296 -53.57 27.53 -30.69
CA LEU D 296 -53.59 26.42 -31.63
C LEU D 296 -54.98 25.80 -31.68
N SER D 297 -55.35 25.33 -32.87
CA SER D 297 -56.64 24.68 -33.07
C SER D 297 -56.50 23.61 -34.14
N ALA D 298 -57.37 22.61 -34.07
CA ALA D 298 -57.46 21.55 -35.07
C ALA D 298 -56.14 20.78 -35.21
N ALA D 299 -55.78 20.11 -34.12
CA ALA D 299 -54.58 19.29 -34.09
C ALA D 299 -54.91 17.88 -33.60
N GLU D 300 -54.11 16.92 -34.05
CA GLU D 300 -54.21 15.54 -33.60
C GLU D 300 -52.81 14.96 -33.52
N CYS D 301 -52.66 13.94 -32.68
CA CYS D 301 -51.38 13.28 -32.47
C CYS D 301 -51.40 11.91 -33.11
N THR D 302 -50.45 11.65 -34.00
CA THR D 302 -50.25 10.33 -34.59
C THR D 302 -48.91 9.78 -34.10
N LEU D 303 -48.90 8.52 -33.71
CA LEU D 303 -47.71 7.89 -33.15
C LEU D 303 -46.91 7.27 -34.29
N ASN D 304 -45.82 7.93 -34.66
CA ASN D 304 -44.98 7.41 -35.74
C ASN D 304 -44.36 6.07 -35.36
N GLU D 305 -43.52 6.06 -34.34
CA GLU D 305 -42.88 4.80 -33.95
C GLU D 305 -42.54 4.83 -32.47
N CYS D 306 -43.01 3.82 -31.75
CA CYS D 306 -42.80 3.73 -30.31
C CYS D 306 -42.05 2.45 -29.96
N VAL D 307 -41.02 2.58 -29.15
CA VAL D 307 -40.36 1.45 -28.49
C VAL D 307 -40.15 1.84 -27.03
N TYR D 308 -40.63 1.01 -26.10
CA TYR D 308 -40.60 1.37 -24.69
C TYR D 308 -39.24 1.01 -24.09
N SER D 309 -38.23 1.73 -24.53
CA SER D 309 -36.89 1.61 -24.00
C SER D 309 -36.68 2.63 -22.89
N SER D 310 -35.52 2.53 -22.22
CA SER D 310 -35.19 3.46 -21.15
C SER D 310 -35.06 4.88 -21.69
N ASP D 311 -34.42 5.04 -22.84
CA ASP D 311 -34.19 6.35 -23.43
C ASP D 311 -35.45 6.82 -24.15
N PHE D 312 -35.32 7.90 -24.94
CA PHE D 312 -36.45 8.49 -25.66
C PHE D 312 -36.68 7.71 -26.94
N GLY D 313 -37.37 6.58 -26.79
CA GLY D 313 -37.59 5.68 -27.91
C GLY D 313 -38.80 5.98 -28.75
N GLY D 314 -39.75 6.74 -28.21
CA GLY D 314 -40.99 7.03 -28.92
C GLY D 314 -40.91 8.35 -29.68
N ILE D 315 -41.41 8.34 -30.91
CA ILE D 315 -41.45 9.50 -31.77
C ILE D 315 -42.86 9.64 -32.32
N ALA D 316 -43.46 10.81 -32.14
CA ALA D 316 -44.79 11.12 -32.65
C ALA D 316 -44.76 12.48 -33.33
N THR D 317 -45.84 12.80 -34.05
CA THR D 317 -46.00 14.11 -34.66
C THR D 317 -47.42 14.62 -34.45
N VAL D 318 -47.53 15.93 -34.31
CA VAL D 318 -48.80 16.62 -34.17
C VAL D 318 -48.99 17.51 -35.38
N LYS D 319 -50.10 17.33 -36.09
CA LYS D 319 -50.45 18.16 -37.24
C LYS D 319 -51.20 19.38 -36.72
N TYR D 320 -50.53 20.54 -36.74
CA TYR D 320 -51.04 21.74 -36.10
C TYR D 320 -51.45 22.78 -37.14
N SER D 321 -52.54 23.49 -36.82
CA SER D 321 -53.01 24.64 -37.57
C SER D 321 -53.07 25.81 -36.59
N ALA D 322 -51.94 26.48 -36.42
CA ALA D 322 -51.81 27.53 -35.41
C ALA D 322 -52.22 28.88 -35.96
N SER D 323 -52.68 29.74 -35.06
CA SER D 323 -53.03 31.12 -35.46
C SER D 323 -51.79 31.88 -35.92
N LYS D 324 -50.66 31.67 -35.26
CA LYS D 324 -49.43 32.37 -35.60
C LYS D 324 -48.24 31.53 -35.17
N SER D 325 -47.07 31.90 -35.67
CA SER D 325 -45.83 31.21 -35.33
C SER D 325 -45.33 31.65 -33.97
N GLY D 326 -44.43 30.84 -33.40
CA GLY D 326 -43.75 31.21 -32.19
C GLY D 326 -43.50 30.01 -31.28
N LYS D 327 -43.04 30.32 -30.08
CA LYS D 327 -42.78 29.32 -29.07
C LYS D 327 -44.09 28.74 -28.55
N CYS D 328 -44.06 27.44 -28.21
CA CYS D 328 -45.24 26.79 -27.68
C CYS D 328 -44.80 25.62 -26.79
N ALA D 329 -45.34 25.57 -25.58
CA ALA D 329 -44.93 24.56 -24.62
C ALA D 329 -45.73 23.27 -24.81
N VAL D 330 -45.07 22.14 -24.55
CA VAL D 330 -45.67 20.82 -24.66
C VAL D 330 -45.36 20.04 -23.39
N HIS D 331 -46.36 19.33 -22.87
CA HIS D 331 -46.16 18.57 -21.64
C HIS D 331 -47.20 17.47 -21.55
N VAL D 332 -46.83 16.37 -20.90
CA VAL D 332 -47.76 15.28 -20.60
C VAL D 332 -48.11 15.36 -19.11
N PRO D 333 -49.33 15.74 -18.75
CA PRO D 333 -49.67 15.81 -17.32
C PRO D 333 -49.56 14.49 -16.60
N SER D 334 -49.85 13.38 -17.27
CA SER D 334 -49.76 12.07 -16.64
C SER D 334 -48.30 11.61 -16.59
N GLY D 335 -48.08 10.46 -15.96
CA GLY D 335 -46.77 9.86 -15.86
C GLY D 335 -46.52 8.71 -16.81
N THR D 336 -47.41 8.47 -17.77
CA THR D 336 -47.25 7.37 -18.71
C THR D 336 -46.35 7.73 -19.89
N ALA D 337 -45.86 8.97 -19.97
CA ALA D 337 -44.93 9.36 -21.01
C ALA D 337 -44.24 10.64 -20.58
N THR D 338 -42.92 10.70 -20.76
CA THR D 338 -42.13 11.87 -20.42
C THR D 338 -41.52 12.41 -21.71
N LEU D 339 -41.78 13.69 -21.99
CA LEU D 339 -41.31 14.30 -23.21
C LEU D 339 -39.82 14.63 -23.13
N LYS D 340 -39.17 14.63 -24.30
CA LYS D 340 -37.76 14.99 -24.35
C LYS D 340 -37.55 16.48 -24.08
N GLU D 341 -38.45 17.32 -24.60
CA GLU D 341 -38.36 18.76 -24.43
C GLU D 341 -39.67 19.30 -23.90
N ALA D 342 -39.65 20.59 -23.53
CA ALA D 342 -40.84 21.29 -23.06
C ALA D 342 -41.13 22.53 -23.88
N ALA D 343 -40.67 22.58 -25.13
CA ALA D 343 -40.86 23.74 -25.98
C ALA D 343 -40.70 23.32 -27.44
N VAL D 344 -41.45 23.97 -28.32
CA VAL D 344 -41.42 23.67 -29.74
C VAL D 344 -41.78 24.93 -30.51
N GLU D 345 -41.22 25.05 -31.72
CA GLU D 345 -41.52 26.17 -32.60
C GLU D 345 -42.67 25.79 -33.52
N LEU D 346 -43.70 26.62 -33.57
CA LEU D 346 -44.87 26.39 -34.39
C LEU D 346 -44.96 27.43 -35.48
N THR D 347 -45.28 26.97 -36.70
CA THR D 347 -45.52 27.86 -37.83
C THR D 347 -47.03 28.09 -37.97
N GLU D 348 -47.42 28.72 -39.08
CA GLU D 348 -48.84 28.95 -39.33
C GLU D 348 -49.60 27.63 -39.50
N GLN D 349 -48.99 26.68 -40.22
CA GLN D 349 -49.61 25.38 -40.45
C GLN D 349 -48.50 24.38 -40.73
N GLY D 350 -48.65 23.17 -40.21
CA GLY D 350 -47.64 22.16 -40.51
C GLY D 350 -47.73 20.99 -39.54
N SER D 351 -46.59 20.36 -39.32
CA SER D 351 -46.48 19.23 -38.41
C SER D 351 -45.23 19.38 -37.55
N ALA D 352 -45.38 19.10 -36.26
CA ALA D 352 -44.28 19.21 -35.30
C ALA D 352 -43.99 17.85 -34.70
N THR D 353 -42.70 17.52 -34.60
CA THR D 353 -42.27 16.22 -34.10
C THR D 353 -41.92 16.31 -32.63
N ILE D 354 -42.32 15.28 -31.87
CA ILE D 354 -42.12 15.20 -30.43
C ILE D 354 -41.49 13.86 -30.10
N HIS D 355 -40.49 13.88 -29.23
CA HIS D 355 -39.82 12.69 -28.74
C HIS D 355 -40.21 12.45 -27.29
N PHE D 356 -40.62 11.23 -26.98
CA PHE D 356 -41.08 10.90 -25.64
C PHE D 356 -40.57 9.51 -25.26
N SER D 357 -40.50 9.27 -23.96
CA SER D 357 -40.15 7.97 -23.40
C SER D 357 -41.33 7.44 -22.60
N THR D 358 -41.71 6.19 -22.87
CA THR D 358 -42.84 5.56 -22.23
C THR D 358 -42.47 4.16 -21.78
N ALA D 359 -43.22 3.66 -20.79
CA ALA D 359 -43.00 2.33 -20.23
C ALA D 359 -44.12 1.36 -20.54
N ASN D 360 -45.15 1.77 -21.27
CA ASN D 360 -46.31 0.95 -21.53
C ASN D 360 -46.41 0.59 -23.01
N ILE D 361 -47.03 -0.55 -23.28
CA ILE D 361 -47.12 -1.05 -24.66
C ILE D 361 -48.08 -0.19 -25.47
N HIS D 362 -49.18 0.26 -24.87
CA HIS D 362 -50.20 1.06 -25.56
C HIS D 362 -50.31 2.41 -24.87
N PRO D 363 -49.53 3.41 -25.29
CA PRO D 363 -49.58 4.73 -24.65
C PRO D 363 -50.81 5.51 -25.09
N GLU D 364 -51.80 5.60 -24.21
CA GLU D 364 -52.94 6.48 -24.41
C GLU D 364 -52.73 7.77 -23.61
N PHE D 365 -51.71 8.54 -23.99
CA PHE D 365 -51.29 9.66 -23.16
C PHE D 365 -51.89 10.97 -23.65
N ARG D 366 -52.22 11.82 -22.68
CA ARG D 366 -53.06 12.99 -22.89
C ARG D 366 -52.17 14.22 -23.03
N LEU D 367 -51.54 14.33 -24.21
CA LEU D 367 -50.56 15.37 -24.44
C LEU D 367 -51.21 16.74 -24.41
N GLN D 368 -50.46 17.73 -23.92
CA GLN D 368 -50.94 19.08 -23.71
C GLN D 368 -50.02 19.99 -24.51
N ILE D 369 -50.52 20.48 -25.64
CA ILE D 369 -49.89 21.54 -26.41
C ILE D 369 -50.19 22.82 -25.66
N CYS D 370 -49.51 23.93 -26.01
CA CYS D 370 -49.65 25.16 -25.23
C CYS D 370 -51.10 25.61 -25.08
N THR D 371 -51.91 25.47 -26.13
CA THR D 371 -53.32 25.81 -26.01
C THR D 371 -54.23 24.60 -26.17
N SER D 372 -54.12 23.87 -27.29
CA SER D 372 -54.98 22.73 -27.51
C SER D 372 -54.44 21.48 -26.82
N TYR D 373 -55.33 20.56 -26.49
CA TYR D 373 -54.98 19.31 -25.83
C TYR D 373 -55.30 18.16 -26.76
N VAL D 374 -54.32 17.27 -26.99
CA VAL D 374 -54.46 16.19 -27.96
C VAL D 374 -54.19 14.87 -27.26
N THR D 375 -55.07 13.90 -27.48
CA THR D 375 -54.87 12.54 -26.99
C THR D 375 -54.08 11.75 -28.02
N CYS D 376 -53.00 11.10 -27.59
CA CYS D 376 -52.11 10.38 -28.49
C CYS D 376 -52.11 8.91 -28.10
N LYS D 377 -52.28 8.05 -29.10
CA LYS D 377 -52.49 6.62 -28.86
C LYS D 377 -51.75 5.82 -29.93
N GLY D 378 -51.36 4.60 -29.57
CA GLY D 378 -50.67 3.75 -30.52
C GLY D 378 -50.18 2.47 -29.85
N ASP D 379 -49.19 1.85 -30.47
CA ASP D 379 -48.62 0.60 -30.00
C ASP D 379 -47.09 0.73 -29.94
N CYS D 380 -46.48 -0.12 -29.13
CA CYS D 380 -45.04 -0.10 -28.93
C CYS D 380 -44.46 -1.50 -29.01
N HIS D 381 -43.19 -1.58 -29.39
CA HIS D 381 -42.41 -2.80 -29.50
C HIS D 381 -41.33 -2.82 -28.41
N PRO D 382 -40.88 -4.00 -27.99
CA PRO D 382 -39.84 -4.06 -26.95
C PRO D 382 -38.50 -3.62 -27.51
N PRO D 383 -37.61 -3.12 -26.67
CA PRO D 383 -36.28 -2.70 -27.15
C PRO D 383 -35.40 -3.90 -27.48
N LYS D 384 -34.42 -3.65 -28.34
CA LYS D 384 -33.59 -4.73 -28.87
C LYS D 384 -32.55 -5.22 -27.86
N ASP D 385 -31.99 -4.31 -27.07
CA ASP D 385 -30.84 -4.64 -26.22
C ASP D 385 -31.26 -4.85 -24.76
N HIS D 386 -30.67 -5.87 -24.14
CA HIS D 386 -31.05 -6.26 -22.79
C HIS D 386 -30.53 -5.30 -21.72
N ILE D 387 -29.37 -4.70 -21.95
CA ILE D 387 -28.70 -3.87 -20.95
C ILE D 387 -28.29 -2.55 -21.60
N VAL D 388 -28.52 -1.44 -20.90
CA VAL D 388 -28.12 -0.12 -21.37
C VAL D 388 -27.36 0.58 -20.25
N THR D 389 -26.60 1.61 -20.64
CA THR D 389 -25.80 2.38 -19.70
C THR D 389 -26.51 3.63 -19.20
N HIS D 390 -27.77 3.84 -19.58
CA HIS D 390 -28.56 4.96 -19.11
C HIS D 390 -29.47 4.52 -17.97
N PRO D 391 -29.81 5.42 -17.05
CA PRO D 391 -30.86 5.14 -16.09
C PRO D 391 -32.22 5.24 -16.78
N GLN D 392 -33.28 4.96 -16.01
CA GLN D 392 -34.63 4.94 -16.57
C GLN D 392 -35.15 6.38 -16.64
N TYR D 393 -35.52 6.80 -17.85
CA TYR D 393 -35.97 8.17 -18.10
C TYR D 393 -37.46 8.36 -17.89
N HIS D 394 -38.18 7.32 -17.51
CA HIS D 394 -39.62 7.38 -17.34
C HIS D 394 -40.02 6.71 -16.04
N ALA D 395 -41.28 6.89 -15.66
CA ALA D 395 -41.85 6.27 -14.47
C ALA D 395 -42.88 5.24 -14.91
N GLN D 396 -42.74 4.02 -14.39
CA GLN D 396 -43.62 2.91 -14.77
C GLN D 396 -44.68 2.70 -13.71
N THR D 397 -45.87 2.29 -14.15
CA THR D 397 -46.97 1.95 -13.27
C THR D 397 -47.12 0.43 -13.19
N PHE D 398 -47.91 -0.01 -12.21
CA PHE D 398 -48.10 -1.44 -12.01
C PHE D 398 -48.86 -2.08 -13.17
N THR D 399 -49.70 -1.31 -13.86
CA THR D 399 -50.51 -1.81 -14.96
C THR D 399 -50.08 -1.25 -16.32
N ALA D 400 -48.83 -0.77 -16.42
CA ALA D 400 -48.38 -0.17 -17.66
C ALA D 400 -48.18 -1.22 -18.76
N ALA D 401 -47.52 -2.32 -18.42
CA ALA D 401 -47.10 -3.32 -19.41
C ALA D 401 -48.04 -4.51 -19.47
N VAL D 402 -49.34 -4.30 -19.29
CA VAL D 402 -50.29 -5.42 -19.30
C VAL D 402 -50.76 -5.77 -20.72
N SER D 403 -50.66 -4.83 -21.66
CA SER D 403 -51.03 -5.06 -23.06
C SER D 403 -52.53 -5.31 -23.22
N LYS D 404 -52.95 -5.61 -24.45
CA LYS D 404 -54.36 -5.77 -24.76
C LYS D 404 -54.83 -7.22 -24.60
N THR D 405 -54.04 -8.18 -25.06
CA THR D 405 -54.46 -9.58 -25.00
C THR D 405 -54.62 -10.05 -23.56
N ALA D 406 -53.70 -9.65 -22.67
CA ALA D 406 -53.85 -10.00 -21.27
C ALA D 406 -55.06 -9.30 -20.66
N TRP D 407 -55.37 -8.08 -21.09
CA TRP D 407 -56.59 -7.42 -20.63
C TRP D 407 -57.83 -8.20 -21.06
N THR D 408 -57.87 -8.68 -22.30
CA THR D 408 -59.01 -9.48 -22.74
C THR D 408 -59.11 -10.78 -21.95
N TRP D 409 -57.96 -11.43 -21.71
CA TRP D 409 -57.98 -12.68 -20.94
C TRP D 409 -58.45 -12.44 -19.51
N LEU D 410 -58.02 -11.35 -18.89
CA LEU D 410 -58.46 -11.04 -17.54
C LEU D 410 -59.95 -10.71 -17.50
N THR D 411 -60.40 -9.82 -18.39
CA THR D 411 -61.81 -9.47 -18.46
C THR D 411 -62.69 -10.61 -18.92
N SER D 412 -62.09 -11.69 -19.45
CA SER D 412 -62.84 -12.91 -19.66
C SER D 412 -62.91 -13.74 -18.38
N LEU D 413 -61.75 -14.20 -17.89
CA LEU D 413 -61.73 -15.11 -16.75
C LEU D 413 -62.44 -14.50 -15.54
N LEU D 414 -62.06 -13.30 -15.15
CA LEU D 414 -62.93 -12.49 -14.32
C LEU D 414 -63.98 -11.85 -15.22
N GLY D 415 -65.18 -11.65 -14.69
CA GLY D 415 -66.24 -11.16 -15.53
C GLY D 415 -67.15 -12.24 -16.08
N GLY D 416 -66.63 -13.21 -16.83
CA GLY D 416 -67.47 -14.33 -17.23
C GLY D 416 -67.91 -15.16 -16.04
N SER D 417 -67.03 -15.31 -15.05
CA SER D 417 -67.42 -15.98 -13.81
C SER D 417 -68.53 -15.21 -13.10
N ALA D 418 -68.42 -13.88 -13.06
CA ALA D 418 -69.48 -13.07 -12.46
C ALA D 418 -70.78 -13.19 -13.24
N VAL D 419 -70.69 -13.27 -14.56
CA VAL D 419 -71.87 -13.45 -15.39
C VAL D 419 -72.54 -14.79 -15.08
N ILE D 420 -71.74 -15.84 -14.94
CA ILE D 420 -72.30 -17.15 -14.62
C ILE D 420 -72.93 -17.14 -13.24
N ILE D 421 -72.30 -16.45 -12.28
CA ILE D 421 -72.89 -16.31 -10.95
C ILE D 421 -74.22 -15.57 -11.01
N ILE D 422 -74.27 -14.51 -11.81
CA ILE D 422 -75.50 -13.75 -11.97
C ILE D 422 -76.59 -14.62 -12.58
N ILE D 423 -76.23 -15.43 -13.58
CA ILE D 423 -77.19 -16.34 -14.20
C ILE D 423 -77.71 -17.34 -13.17
N GLY D 424 -76.81 -17.88 -12.35
CA GLY D 424 -77.24 -18.82 -11.32
C GLY D 424 -78.18 -18.20 -10.31
N LEU D 425 -77.85 -16.98 -9.85
CA LEU D 425 -78.72 -16.29 -8.90
C LEU D 425 -80.09 -15.99 -9.53
N VAL D 426 -80.10 -15.57 -10.79
CA VAL D 426 -81.36 -15.27 -11.47
C VAL D 426 -82.20 -16.53 -11.59
N LEU D 427 -81.58 -17.66 -11.97
CA LEU D 427 -82.31 -18.91 -12.07
C LEU D 427 -82.86 -19.34 -10.72
N ALA D 428 -82.06 -19.20 -9.67
CA ALA D 428 -82.52 -19.58 -8.34
C ALA D 428 -83.71 -18.73 -7.90
N THR D 429 -83.64 -17.42 -8.12
CA THR D 429 -84.76 -16.55 -7.77
C THR D 429 -86.00 -16.87 -8.59
N ILE D 430 -85.82 -17.15 -9.88
CA ILE D 430 -86.97 -17.46 -10.74
C ILE D 430 -87.64 -18.74 -10.28
N VAL D 431 -86.87 -19.79 -9.99
CA VAL D 431 -87.49 -21.04 -9.58
C VAL D 431 -88.08 -20.93 -8.18
N ALA D 432 -87.48 -20.10 -7.30
CA ALA D 432 -88.09 -19.87 -5.99
C ALA D 432 -89.44 -19.18 -6.14
N MET D 433 -89.52 -18.19 -7.02
CA MET D 433 -90.81 -17.53 -7.28
C MET D 433 -91.80 -18.51 -7.89
N TYR D 434 -91.34 -19.38 -8.80
CA TYR D 434 -92.22 -20.35 -9.43
C TYR D 434 -92.78 -21.33 -8.41
N VAL D 435 -91.93 -21.82 -7.49
CA VAL D 435 -92.40 -22.79 -6.51
C VAL D 435 -93.25 -22.13 -5.45
N LEU D 436 -93.01 -20.84 -5.17
CA LEU D 436 -93.89 -20.13 -4.23
C LEU D 436 -95.25 -19.85 -4.86
N THR D 437 -95.29 -19.61 -6.18
CA THR D 437 -96.56 -19.37 -6.85
C THR D 437 -97.45 -20.60 -6.84
N ASN D 438 -96.86 -21.79 -6.85
CA ASN D 438 -97.62 -23.03 -6.95
C ASN D 438 -98.17 -23.51 -5.61
N GLN D 439 -98.31 -22.62 -4.63
CA GLN D 439 -98.98 -23.01 -3.39
C GLN D 439 -100.44 -23.36 -3.62
N LYS D 440 -101.05 -22.79 -4.66
CA LYS D 440 -102.42 -23.13 -5.03
C LYS D 440 -102.74 -22.61 -6.43
N SER E 1 21.68 23.55 -0.71
CA SER E 1 22.26 22.28 -0.28
C SER E 1 23.05 22.45 1.01
N THR E 2 23.72 23.59 1.15
CA THR E 2 24.52 23.86 2.33
C THR E 2 23.65 24.22 3.53
N GLU E 3 22.50 24.84 3.31
CA GLU E 3 21.64 25.25 4.41
C GLU E 3 21.02 24.06 5.13
N GLU E 4 20.71 22.98 4.40
CA GLU E 4 20.11 21.82 5.02
C GLU E 4 21.08 21.14 5.98
N LEU E 5 22.37 21.16 5.66
CA LEU E 5 23.39 20.35 6.32
C LEU E 5 24.04 21.04 7.50
N PHE E 6 23.59 22.25 7.85
CA PHE E 6 24.23 23.03 8.90
C PHE E 6 24.29 22.28 10.22
N ASN E 7 23.14 22.07 10.85
CA ASN E 7 23.14 21.39 12.14
C ASN E 7 23.45 19.90 11.99
N GLU E 8 23.28 19.35 10.78
CA GLU E 8 23.52 17.93 10.58
C GLU E 8 25.01 17.60 10.61
N TYR E 9 25.85 18.46 10.03
CA TYR E 9 27.24 18.10 9.82
C TYR E 9 28.27 19.11 10.32
N LYS E 10 27.89 20.33 10.69
CA LYS E 10 28.81 21.09 11.51
C LYS E 10 29.06 20.38 12.83
N LEU E 11 28.07 19.60 13.31
CA LEU E 11 28.12 18.92 14.60
C LEU E 11 27.59 17.51 14.35
N THR E 12 28.47 16.61 13.93
CA THR E 12 28.04 15.39 13.25
C THR E 12 28.37 14.09 13.97
N ARG E 13 29.65 13.77 14.20
CA ARG E 13 30.13 12.58 14.91
C ARG E 13 29.39 11.30 14.54
N PRO E 14 29.66 10.69 13.39
CA PRO E 14 29.13 9.34 13.14
C PRO E 14 29.67 8.35 14.16
N TYR E 15 28.89 7.30 14.42
CA TYR E 15 29.22 6.38 15.52
C TYR E 15 29.31 4.94 15.02
N MET E 16 29.78 4.08 15.91
CA MET E 16 29.89 2.64 15.68
C MET E 16 28.93 1.94 16.62
N ALA E 17 28.06 1.08 16.07
CA ALA E 17 27.00 0.48 16.86
C ALA E 17 26.95 -1.02 16.62
N ARG E 18 26.37 -1.73 17.58
CA ARG E 18 26.33 -3.19 17.51
C ARG E 18 25.44 -3.67 16.36
N CYS E 19 25.94 -4.65 15.63
CA CYS E 19 25.19 -5.34 14.59
C CYS E 19 25.17 -6.83 14.91
N ILE E 20 23.99 -7.44 14.80
CA ILE E 20 23.80 -8.83 15.21
C ILE E 20 24.34 -9.81 14.19
N ARG E 21 24.54 -9.39 12.95
CA ARG E 21 25.06 -10.26 11.89
C ARG E 21 25.95 -9.40 10.99
N CYS E 22 27.26 -9.41 11.24
CA CYS E 22 28.21 -8.59 10.49
C CYS E 22 29.28 -9.48 9.89
N ALA E 23 28.92 -10.18 8.81
CA ALA E 23 29.79 -10.91 7.90
C ALA E 23 30.50 -12.08 8.57
N VAL E 24 30.63 -12.04 9.89
CA VAL E 24 30.97 -13.16 10.76
C VAL E 24 30.37 -12.83 12.12
N GLY E 25 29.46 -13.65 12.62
CA GLY E 25 28.95 -13.44 13.96
C GLY E 25 28.33 -12.07 14.13
N SER E 26 28.36 -11.58 15.37
CA SER E 26 27.86 -10.26 15.74
C SER E 26 29.03 -9.42 16.24
N CYS E 27 29.04 -8.14 15.87
CA CYS E 27 30.18 -7.30 16.22
C CYS E 27 29.68 -5.86 16.36
N HIS E 28 30.61 -4.91 16.32
CA HIS E 28 30.30 -3.49 16.36
C HIS E 28 30.64 -2.93 14.98
N SER E 29 29.62 -2.66 14.21
CA SER E 29 29.76 -2.25 12.83
C SER E 29 29.76 -0.72 12.71
N PRO E 30 30.45 -0.20 11.71
CA PRO E 30 30.37 1.24 11.41
C PRO E 30 29.13 1.63 10.63
N ILE E 31 28.36 0.67 10.13
CA ILE E 31 27.19 0.94 9.31
C ILE E 31 25.97 0.25 9.91
N ALA E 32 25.96 0.12 11.23
CA ALA E 32 24.83 -0.52 11.90
C ALA E 32 23.53 0.20 11.57
N ILE E 33 22.51 -0.57 11.23
CA ILE E 33 21.24 -0.04 10.76
C ILE E 33 20.32 0.14 11.96
N GLU E 34 19.80 1.36 12.14
CA GLU E 34 18.96 1.68 13.28
C GLU E 34 17.48 1.46 12.99
N ALA E 35 17.03 1.83 11.80
CA ALA E 35 15.62 1.69 11.45
C ALA E 35 15.49 1.62 9.94
N VAL E 36 14.45 0.91 9.49
CA VAL E 36 14.11 0.82 8.08
C VAL E 36 12.62 1.12 7.96
N LYS E 37 12.29 2.17 7.23
CA LYS E 37 10.90 2.58 7.03
C LYS E 37 10.51 2.28 5.59
N SER E 38 9.46 1.47 5.43
CA SER E 38 8.99 1.04 4.12
C SER E 38 7.48 1.20 4.02
N ASP E 39 6.98 2.35 4.44
CA ASP E 39 5.56 2.65 4.36
C ASP E 39 5.15 3.32 3.06
N GLY E 40 6.11 3.70 2.21
CA GLY E 40 5.80 4.21 0.91
C GLY E 40 5.29 3.11 0.00
N HIS E 41 4.97 3.49 -1.24
CA HIS E 41 4.32 2.55 -2.13
C HIS E 41 5.27 1.82 -3.07
N ASP E 42 5.96 2.53 -3.95
CA ASP E 42 6.68 1.86 -5.03
C ASP E 42 8.06 1.38 -4.61
N GLY E 43 8.13 0.64 -3.51
CA GLY E 43 9.38 0.03 -3.09
C GLY E 43 10.49 0.99 -2.73
N TYR E 44 10.16 2.13 -2.15
CA TYR E 44 11.14 3.10 -1.69
C TYR E 44 11.24 3.03 -0.18
N VAL E 45 12.46 2.83 0.31
CA VAL E 45 12.71 2.71 1.74
C VAL E 45 13.67 3.81 2.18
N ARG E 46 13.55 4.17 3.46
CA ARG E 46 14.39 5.18 4.10
C ARG E 46 15.06 4.53 5.31
N LEU E 47 16.34 4.19 5.15
CA LEU E 47 17.12 3.62 6.23
C LEU E 47 17.70 4.70 7.12
N GLN E 48 17.88 4.37 8.40
CA GLN E 48 18.66 5.19 9.31
C GLN E 48 19.88 4.38 9.74
N THR E 49 21.06 4.93 9.49
CA THR E 49 22.30 4.21 9.67
C THR E 49 23.20 4.98 10.62
N SER E 50 24.11 4.26 11.28
CA SER E 50 25.09 4.90 12.13
C SER E 50 26.06 5.75 11.33
N SER E 51 26.34 5.38 10.09
CA SER E 51 27.20 6.18 9.22
C SER E 51 26.43 7.40 8.73
N GLN E 52 27.09 8.25 7.96
CA GLN E 52 26.52 9.51 7.51
C GLN E 52 26.85 9.74 6.04
N TYR E 53 26.06 10.59 5.39
CA TYR E 53 26.04 10.67 3.94
C TYR E 53 26.11 12.12 3.47
N GLY E 54 26.93 12.36 2.45
CA GLY E 54 26.98 13.62 1.75
C GLY E 54 28.16 14.50 2.08
N LEU E 55 29.02 14.11 3.01
CA LEU E 55 30.21 14.88 3.34
C LEU E 55 31.38 13.96 3.69
N ASP E 56 32.55 14.57 3.70
CA ASP E 56 33.82 13.94 3.93
C ASP E 56 34.17 13.98 5.42
N SER E 57 35.25 13.29 5.77
CA SER E 57 35.65 13.15 7.17
C SER E 57 35.97 14.48 7.83
N SER E 58 36.36 15.50 7.04
CA SER E 58 36.62 16.80 7.64
C SER E 58 35.33 17.53 7.99
N GLY E 59 34.30 17.42 7.17
CA GLY E 59 33.04 18.09 7.44
C GLY E 59 32.63 19.09 6.38
N ASN E 60 33.06 18.87 5.14
CA ASN E 60 32.73 19.74 4.02
C ASN E 60 31.93 18.97 2.98
N LEU E 61 31.03 19.69 2.31
CA LEU E 61 30.05 19.05 1.43
C LEU E 61 30.72 18.29 0.29
N LYS E 62 30.23 17.07 0.05
CA LYS E 62 30.71 16.20 -1.01
C LYS E 62 29.51 15.60 -1.74
N GLY E 63 29.71 15.23 -2.99
CA GLY E 63 28.59 14.81 -3.81
C GLY E 63 27.83 13.60 -3.30
N ARG E 64 28.43 12.42 -3.40
CA ARG E 64 27.80 11.16 -2.96
C ARG E 64 28.84 10.40 -2.16
N THR E 65 28.89 10.64 -0.86
CA THR E 65 29.93 10.07 -0.01
C THR E 65 29.30 9.54 1.28
N MET E 66 29.62 8.30 1.61
CA MET E 66 29.25 7.70 2.88
C MET E 66 30.41 7.83 3.85
N ARG E 67 30.13 8.38 5.03
CA ARG E 67 31.14 8.68 6.04
C ARG E 67 30.86 7.85 7.27
N TYR E 68 31.87 7.10 7.73
CA TYR E 68 31.68 6.14 8.81
C TYR E 68 32.78 6.28 9.85
N ASP E 69 32.42 5.97 11.10
CA ASP E 69 33.39 5.93 12.19
C ASP E 69 34.04 4.57 12.25
N MET E 70 35.37 4.53 12.31
CA MET E 70 36.14 3.30 12.44
C MET E 70 37.08 3.45 13.63
N HIS E 71 36.69 2.89 14.77
CA HIS E 71 37.53 2.84 15.96
C HIS E 71 38.01 4.24 16.36
N GLY E 72 37.13 5.22 16.22
CA GLY E 72 37.43 6.59 16.58
C GLY E 72 37.86 7.48 15.45
N THR E 73 38.24 6.91 14.30
CA THR E 73 38.69 7.70 13.16
C THR E 73 37.59 7.77 12.13
N ILE E 74 37.22 8.99 11.73
CA ILE E 74 36.15 9.19 10.77
C ILE E 74 36.74 9.06 9.37
N LYS E 75 36.18 8.15 8.57
CA LYS E 75 36.68 7.83 7.24
C LYS E 75 35.56 7.93 6.22
N GLU E 76 35.95 7.88 4.94
CA GLU E 76 35.06 8.14 3.83
C GLU E 76 35.05 6.97 2.86
N ILE E 77 33.99 6.90 2.06
CA ILE E 77 33.91 6.00 0.92
C ILE E 77 32.93 6.60 -0.07
N PRO E 78 33.08 6.39 -1.37
CA PRO E 78 32.05 6.81 -2.31
C PRO E 78 30.76 6.04 -2.10
N LEU E 79 29.63 6.70 -2.37
CA LEU E 79 28.34 6.05 -2.18
C LEU E 79 28.09 4.93 -3.17
N HIS E 80 28.82 4.89 -4.28
CA HIS E 80 28.68 3.77 -5.22
C HIS E 80 29.45 2.54 -4.78
N GLN E 81 30.29 2.65 -3.75
CA GLN E 81 31.01 1.50 -3.19
C GLN E 81 30.18 0.75 -2.16
N VAL E 82 29.01 1.26 -1.79
CA VAL E 82 28.15 0.65 -0.79
C VAL E 82 27.05 -0.12 -1.49
N SER E 83 26.78 -1.34 -1.00
CA SER E 83 25.76 -2.20 -1.56
C SER E 83 24.65 -2.42 -0.54
N LEU E 84 23.43 -2.55 -1.03
CA LEU E 84 22.25 -2.76 -0.21
C LEU E 84 21.39 -3.82 -0.85
N TYR E 85 20.82 -4.72 -0.06
CA TYR E 85 19.91 -5.70 -0.62
C TYR E 85 19.02 -6.29 0.46
N THR E 86 17.74 -6.48 0.13
CA THR E 86 16.78 -7.16 1.01
C THR E 86 16.65 -8.64 0.64
N SER E 87 16.21 -8.93 -0.58
CA SER E 87 16.17 -10.28 -1.11
C SER E 87 16.87 -10.29 -2.46
N ARG E 88 16.84 -9.15 -3.13
CA ARG E 88 17.55 -8.86 -4.37
C ARG E 88 18.25 -7.53 -4.20
N PRO E 89 19.27 -7.24 -5.01
CA PRO E 89 20.01 -6.00 -4.83
C PRO E 89 19.11 -4.77 -4.91
N CYS E 90 19.32 -3.86 -3.95
CA CYS E 90 18.66 -2.57 -3.93
C CYS E 90 19.48 -1.54 -4.72
N HIS E 91 18.90 -0.36 -4.91
CA HIS E 91 19.55 0.72 -5.64
C HIS E 91 19.44 1.99 -4.80
N ILE E 92 20.56 2.42 -4.23
CA ILE E 92 20.56 3.62 -3.40
C ILE E 92 20.22 4.83 -4.27
N VAL E 93 19.23 5.60 -3.83
CA VAL E 93 18.84 6.81 -4.54
C VAL E 93 19.66 8.00 -4.06
N ASP E 94 19.75 8.20 -2.75
CA ASP E 94 20.50 9.32 -2.21
C ASP E 94 20.78 9.08 -0.73
N GLY E 95 21.54 9.98 -0.13
CA GLY E 95 21.81 9.92 1.29
C GLY E 95 21.90 11.32 1.86
N HIS E 96 21.52 11.46 3.12
CA HIS E 96 21.50 12.76 3.79
C HIS E 96 21.45 12.53 5.29
N GLY E 97 22.36 13.14 6.02
CA GLY E 97 22.41 12.93 7.46
C GLY E 97 22.69 11.49 7.78
N TYR E 98 21.98 10.97 8.78
CA TYR E 98 22.03 9.55 9.12
C TYR E 98 21.15 8.70 8.23
N PHE E 99 20.44 9.31 7.28
CA PHE E 99 19.38 8.67 6.54
C PHE E 99 19.80 8.39 5.10
N LEU E 100 19.26 7.31 4.55
CA LEU E 100 19.57 6.87 3.21
C LEU E 100 18.28 6.50 2.49
N LEU E 101 18.05 7.07 1.32
CA LEU E 101 16.89 6.76 0.51
C LEU E 101 17.30 5.79 -0.57
N ALA E 102 16.66 4.61 -0.57
CA ALA E 102 16.98 3.55 -1.52
C ALA E 102 15.69 2.99 -2.09
N ARG E 103 15.83 2.26 -3.19
CA ARG E 103 14.72 1.60 -3.89
C ARG E 103 14.91 0.10 -3.77
N CYS E 104 14.13 -0.53 -2.89
CA CYS E 104 14.36 -1.91 -2.50
C CYS E 104 13.17 -2.80 -2.85
N PRO E 105 13.42 -4.07 -3.16
CA PRO E 105 12.33 -5.05 -3.23
C PRO E 105 11.94 -5.53 -1.84
N ALA E 106 10.86 -6.32 -1.80
CA ALA E 106 10.39 -6.85 -0.54
C ALA E 106 11.32 -7.94 -0.01
N GLY E 107 11.50 -7.97 1.29
CA GLY E 107 12.37 -8.97 1.90
C GLY E 107 12.16 -9.03 3.39
N ASP E 108 12.62 -10.13 3.97
CA ASP E 108 12.49 -10.37 5.40
C ASP E 108 13.61 -9.75 6.23
N SER E 109 14.60 -9.15 5.58
CA SER E 109 15.72 -8.52 6.25
C SER E 109 16.34 -7.53 5.27
N ILE E 110 17.36 -6.79 5.74
CA ILE E 110 18.08 -5.89 4.87
C ILE E 110 19.55 -5.92 5.23
N THR E 111 20.42 -5.91 4.21
CA THR E 111 21.85 -6.04 4.38
C THR E 111 22.56 -4.90 3.68
N MET E 112 23.53 -4.30 4.37
CA MET E 112 24.37 -3.24 3.84
C MET E 112 25.83 -3.67 3.91
N GLU E 113 26.56 -3.47 2.82
CA GLU E 113 27.93 -3.97 2.70
C GLU E 113 28.82 -2.92 2.05
N PHE E 114 30.12 -3.03 2.32
CA PHE E 114 31.17 -2.30 1.61
C PHE E 114 32.52 -2.84 2.04
N LYS E 115 33.50 -2.77 1.15
CA LYS E 115 34.87 -3.15 1.46
C LYS E 115 35.77 -1.93 1.27
N LYS E 116 36.48 -1.53 2.33
CA LYS E 116 37.34 -0.36 2.22
C LYS E 116 38.79 -0.69 1.93
N ASP E 117 39.47 -1.36 2.86
CA ASP E 117 40.90 -1.61 2.67
C ASP E 117 41.14 -3.02 2.14
N SER E 118 40.84 -4.02 2.96
CA SER E 118 40.89 -5.42 2.56
C SER E 118 39.73 -6.25 3.06
N VAL E 119 39.03 -5.82 4.11
CA VAL E 119 38.00 -6.61 4.76
C VAL E 119 36.63 -6.08 4.35
N ARG E 120 35.64 -6.95 4.41
CA ARG E 120 34.27 -6.63 4.01
C ARG E 120 33.46 -6.31 5.26
N HIS E 121 33.01 -5.07 5.37
CA HIS E 121 32.12 -4.66 6.44
C HIS E 121 30.68 -4.87 5.98
N SER E 122 29.92 -5.61 6.77
CA SER E 122 28.54 -5.91 6.46
C SER E 122 27.70 -5.77 7.71
N CYS E 123 26.41 -5.50 7.51
CA CYS E 123 25.45 -5.48 8.61
C CYS E 123 24.10 -5.87 8.04
N SER E 124 23.54 -6.96 8.57
CA SER E 124 22.23 -7.45 8.15
C SER E 124 21.30 -7.43 9.36
N VAL E 125 20.14 -6.80 9.19
CA VAL E 125 19.19 -6.69 10.29
C VAL E 125 17.84 -7.26 9.87
N PRO E 126 17.09 -7.87 10.80
CA PRO E 126 15.82 -8.51 10.48
C PRO E 126 14.64 -7.54 10.52
N TYR E 127 14.70 -6.51 9.67
CA TYR E 127 13.61 -5.54 9.54
C TYR E 127 12.88 -5.83 8.24
N GLU E 128 11.61 -6.20 8.35
CA GLU E 128 10.82 -6.56 7.18
C GLU E 128 10.64 -5.35 6.27
N VAL E 129 10.94 -5.53 5.00
CA VAL E 129 10.77 -4.50 3.97
C VAL E 129 9.56 -4.88 3.13
N LYS E 130 8.65 -3.93 2.95
CA LYS E 130 7.38 -4.18 2.28
C LYS E 130 7.33 -3.44 0.97
N PHE E 131 6.73 -4.08 -0.04
CA PHE E 131 6.42 -3.45 -1.31
C PHE E 131 4.91 -3.27 -1.37
N ASN E 132 4.46 -2.03 -1.50
CA ASN E 132 3.03 -1.72 -1.46
C ASN E 132 2.56 -1.26 -2.82
N PRO E 133 1.79 -2.08 -3.55
CA PRO E 133 1.26 -1.63 -4.83
C PRO E 133 0.25 -0.51 -4.65
N VAL E 134 0.09 0.28 -5.72
CA VAL E 134 -0.86 1.38 -5.74
C VAL E 134 -2.07 0.93 -6.56
N GLY E 135 -3.26 1.11 -6.01
CA GLY E 135 -4.48 0.80 -6.74
C GLY E 135 -4.98 -0.60 -6.46
N ARG E 136 -5.76 -1.10 -7.43
CA ARG E 136 -6.49 -2.36 -7.29
C ARG E 136 -5.94 -3.46 -8.18
N GLU E 137 -4.67 -3.35 -8.56
CA GLU E 137 -3.96 -4.41 -9.27
C GLU E 137 -2.67 -4.70 -8.52
N LEU E 138 -2.55 -5.91 -7.99
CA LEU E 138 -1.46 -6.24 -7.07
C LEU E 138 -0.24 -6.68 -7.86
N TYR E 139 0.46 -5.70 -8.41
CA TYR E 139 1.72 -5.98 -9.07
C TYR E 139 2.84 -6.15 -8.03
N THR E 140 3.98 -6.63 -8.50
CA THR E 140 5.18 -6.70 -7.68
C THR E 140 6.31 -5.83 -8.19
N HIS E 141 6.34 -5.57 -9.49
CA HIS E 141 7.29 -4.68 -10.14
C HIS E 141 6.52 -3.59 -10.87
N PRO E 142 6.81 -2.32 -10.63
CA PRO E 142 5.98 -1.24 -11.19
C PRO E 142 5.89 -1.32 -12.70
N PRO E 143 4.70 -1.06 -13.25
CA PRO E 143 4.50 -1.26 -14.69
C PRO E 143 5.19 -0.19 -15.53
N GLU E 144 5.40 -0.53 -16.80
CA GLU E 144 5.98 0.42 -17.75
C GLU E 144 4.98 1.44 -18.24
N HIS E 145 3.69 1.17 -18.13
CA HIS E 145 2.67 2.09 -18.58
C HIS E 145 1.37 1.77 -17.86
N GLY E 146 0.38 2.64 -18.04
CA GLY E 146 -0.91 2.46 -17.40
C GLY E 146 -1.66 3.76 -17.22
N VAL E 147 -2.12 4.03 -16.01
CA VAL E 147 -2.81 5.26 -15.67
C VAL E 147 -2.25 5.77 -14.35
N GLU E 148 -2.10 7.09 -14.25
CA GLU E 148 -1.51 7.69 -13.07
C GLU E 148 -2.54 7.76 -11.94
N GLN E 149 -2.13 7.33 -10.75
CA GLN E 149 -2.94 7.42 -9.55
C GLN E 149 -2.14 8.09 -8.44
N ALA E 150 -2.85 8.73 -7.52
CA ALA E 150 -2.21 9.36 -6.39
C ALA E 150 -1.58 8.31 -5.47
N CYS E 151 -0.43 8.64 -4.91
CA CYS E 151 0.27 7.73 -4.04
C CYS E 151 1.19 8.52 -3.10
N GLN E 152 1.66 7.82 -2.07
CA GLN E 152 2.60 8.37 -1.09
C GLN E 152 3.93 7.68 -1.28
N VAL E 153 4.97 8.45 -1.57
CA VAL E 153 6.31 7.90 -1.76
C VAL E 153 7.31 8.71 -0.96
N TYR E 154 8.42 8.08 -0.63
CA TYR E 154 9.51 8.76 0.07
C TYR E 154 10.22 9.67 -0.92
N ALA E 155 10.02 10.97 -0.78
CA ALA E 155 10.47 11.92 -1.79
C ALA E 155 11.99 11.99 -1.83
N HIS E 156 12.51 12.38 -2.99
CA HIS E 156 13.95 12.53 -3.21
C HIS E 156 14.46 13.92 -2.85
N ASP E 157 13.75 14.62 -1.97
CA ASP E 157 14.21 15.92 -1.49
C ASP E 157 14.59 15.84 -0.01
N ALA E 158 15.58 16.64 0.36
CA ALA E 158 16.11 16.66 1.72
C ALA E 158 15.80 17.97 2.43
N GLN E 159 14.74 18.66 2.00
CA GLN E 159 14.37 19.92 2.60
C GLN E 159 13.91 19.71 4.04
N ASN E 160 13.83 20.82 4.78
CA ASN E 160 13.48 20.78 6.20
C ASN E 160 11.96 20.81 6.31
N ARG E 161 11.35 19.63 6.50
CA ARG E 161 9.95 19.54 6.81
C ARG E 161 9.78 19.52 8.33
N GLY E 162 8.58 19.17 8.80
CA GLY E 162 8.29 19.27 10.22
C GLY E 162 8.82 18.16 11.09
N ALA E 163 9.50 17.17 10.52
CA ALA E 163 10.00 16.02 11.28
C ALA E 163 11.44 16.24 11.70
N TYR E 164 11.72 15.95 12.98
CA TYR E 164 13.05 16.14 13.55
C TYR E 164 13.42 14.95 14.40
N VAL E 165 14.73 14.73 14.55
CA VAL E 165 15.28 13.80 15.52
C VAL E 165 16.31 14.55 16.36
N GLU E 166 16.61 14.00 17.52
CA GLU E 166 17.43 14.68 18.51
C GLU E 166 18.91 14.34 18.34
N MET E 167 19.75 15.35 18.52
CA MET E 167 21.20 15.16 18.67
C MET E 167 21.55 15.31 20.14
N HIS E 168 22.44 14.47 20.62
CA HIS E 168 22.75 14.41 22.04
C HIS E 168 24.26 14.42 22.24
N LEU E 169 24.65 14.70 23.48
CA LEU E 169 26.06 14.66 23.85
C LEU E 169 26.53 13.22 23.89
N PRO E 170 27.56 12.84 23.12
CA PRO E 170 27.99 11.44 23.12
C PRO E 170 28.58 11.03 24.46
N GLY E 171 28.35 9.77 24.81
CA GLY E 171 28.94 9.22 26.01
C GLY E 171 30.39 8.82 25.78
N SER E 172 31.13 8.70 26.89
CA SER E 172 32.52 8.32 26.81
C SER E 172 32.63 6.87 26.34
N GLU E 173 33.44 6.64 25.30
CA GLU E 173 33.58 5.33 24.70
C GLU E 173 34.94 4.75 25.10
N VAL E 174 34.92 3.61 25.78
CA VAL E 174 36.16 3.00 26.26
C VAL E 174 36.99 2.54 25.07
N ASP E 175 38.31 2.72 25.18
CA ASP E 175 39.26 2.25 24.19
C ASP E 175 40.38 1.52 24.94
N SER E 176 40.49 0.22 24.73
CA SER E 176 41.51 -0.57 25.40
C SER E 176 42.85 -0.53 24.71
N SER E 177 42.92 0.04 23.50
CA SER E 177 44.20 0.14 22.79
C SER E 177 45.09 1.22 23.37
N LEU E 178 44.51 2.19 24.11
CA LEU E 178 45.32 3.22 24.75
C LEU E 178 46.20 2.63 25.84
N VAL E 179 45.65 1.71 26.63
CA VAL E 179 46.36 1.14 27.77
C VAL E 179 47.41 0.15 27.29
N SER E 180 48.66 0.59 27.24
CA SER E 180 49.79 -0.29 26.95
C SER E 180 50.50 -0.63 28.25
N LEU E 181 51.54 -1.47 28.16
CA LEU E 181 52.24 -1.96 29.33
C LEU E 181 53.73 -1.73 29.20
N SER E 182 54.25 -0.78 29.97
CA SER E 182 55.68 -0.74 30.24
C SER E 182 56.00 -1.81 31.28
N GLY E 183 57.27 -1.94 31.62
CA GLY E 183 57.68 -3.04 32.48
C GLY E 183 56.93 -3.06 33.80
N SER E 184 55.97 -3.98 33.90
CA SER E 184 55.11 -4.13 35.08
C SER E 184 54.45 -2.81 35.46
N SER E 185 53.97 -2.06 34.48
CA SER E 185 53.32 -0.78 34.76
C SER E 185 52.41 -0.40 33.60
N VAL E 186 51.14 -0.14 33.90
CA VAL E 186 50.23 0.31 32.85
C VAL E 186 50.58 1.73 32.44
N THR E 187 50.34 2.05 31.18
CA THR E 187 50.66 3.37 30.63
C THR E 187 49.57 3.76 29.65
N VAL E 188 49.01 4.95 29.85
CA VAL E 188 47.93 5.45 29.00
C VAL E 188 48.48 6.60 28.17
N THR E 189 48.42 6.44 26.84
CA THR E 189 48.79 7.47 25.89
C THR E 189 47.55 7.84 25.07
N PRO E 190 46.85 8.90 25.42
CA PRO E 190 45.61 9.24 24.72
C PRO E 190 45.89 9.63 23.28
N PRO E 191 44.87 9.63 22.41
CA PRO E 191 45.08 10.06 21.03
C PRO E 191 45.60 11.50 20.99
N ASP E 192 46.46 11.76 20.01
CA ASP E 192 47.20 13.02 19.93
C ASP E 192 46.26 14.22 19.99
N GLY E 193 46.41 15.02 21.04
CA GLY E 193 45.57 16.19 21.21
C GLY E 193 44.17 15.91 21.72
N THR E 194 43.98 14.85 22.50
CA THR E 194 42.67 14.48 23.01
C THR E 194 42.82 13.92 24.41
N SER E 195 41.82 14.21 25.26
CA SER E 195 41.85 13.77 26.65
C SER E 195 41.45 12.30 26.75
N ALA E 196 41.56 11.77 27.97
CA ALA E 196 41.19 10.38 28.25
C ALA E 196 41.01 10.22 29.74
N LEU E 197 39.82 9.76 30.16
CA LEU E 197 39.52 9.51 31.57
C LEU E 197 39.97 8.10 31.92
N VAL E 198 41.03 7.97 32.70
CA VAL E 198 41.57 6.68 33.08
C VAL E 198 40.93 6.29 34.42
N GLU E 199 39.92 5.44 34.37
CA GLU E 199 39.30 4.90 35.57
C GLU E 199 40.04 3.61 35.89
N CYS E 200 40.85 3.66 36.94
CA CYS E 200 41.83 2.61 37.18
C CYS E 200 41.75 2.16 38.63
N GLU E 201 41.41 0.88 38.83
CA GLU E 201 41.20 0.31 40.15
C GLU E 201 42.28 -0.75 40.40
N CYS E 202 43.19 -0.45 41.31
CA CYS E 202 44.13 -1.39 41.91
C CYS E 202 44.40 -0.85 43.31
N GLY E 203 45.53 -1.23 43.90
CA GLY E 203 45.83 -0.68 45.21
C GLY E 203 45.80 0.84 45.15
N GLY E 204 44.74 1.41 45.70
CA GLY E 204 44.41 2.81 45.49
C GLY E 204 43.58 3.03 44.25
N THR E 205 42.49 3.79 44.37
CA THR E 205 41.58 4.03 43.25
C THR E 205 41.93 5.34 42.56
N LYS E 206 41.86 5.33 41.22
CA LYS E 206 42.34 6.44 40.40
C LYS E 206 41.28 6.83 39.38
N ILE E 207 40.94 8.12 39.35
CA ILE E 207 39.91 8.63 38.43
C ILE E 207 40.55 9.77 37.64
N SER E 208 41.84 9.66 37.36
CA SER E 208 42.56 10.71 36.64
C SER E 208 41.94 11.00 35.29
N GLU E 209 41.38 12.20 35.13
CA GLU E 209 40.72 12.58 33.89
C GLU E 209 41.66 13.37 32.98
N THR E 210 42.17 14.49 33.47
CA THR E 210 42.87 15.44 32.62
C THR E 210 44.28 14.98 32.25
N ILE E 211 44.38 13.88 31.51
CA ILE E 211 45.64 13.49 30.88
C ILE E 211 45.53 13.79 29.39
N ASN E 212 46.58 14.36 28.82
CA ASN E 212 46.57 14.79 27.44
C ASN E 212 47.67 14.22 26.59
N LYS E 213 48.83 13.90 27.17
CA LYS E 213 49.99 13.49 26.40
C LYS E 213 50.41 12.05 26.66
N THR E 214 50.72 11.72 27.92
CA THR E 214 51.12 10.37 28.30
C THR E 214 51.20 10.32 29.81
N LYS E 215 50.74 9.21 30.40
CA LYS E 215 50.87 9.02 31.83
C LYS E 215 51.19 7.56 32.10
N GLN E 216 51.93 7.31 33.18
CA GLN E 216 52.31 5.97 33.60
C GLN E 216 51.76 5.71 34.99
N PHE E 217 50.81 4.78 35.09
CA PHE E 217 50.18 4.48 36.38
C PHE E 217 50.82 3.21 36.95
N SER E 218 52.01 3.39 37.51
CA SER E 218 52.83 2.26 37.93
C SER E 218 52.22 1.48 39.09
N GLN E 219 51.17 1.98 39.73
CA GLN E 219 50.54 1.25 40.82
C GLN E 219 49.85 -0.01 40.37
N CYS E 220 49.47 -0.09 39.09
CA CYS E 220 48.63 -1.16 38.59
C CYS E 220 49.45 -2.01 37.64
N THR E 221 49.32 -3.33 37.77
CA THR E 221 50.29 -4.24 37.16
C THR E 221 49.94 -4.63 35.72
N LYS E 222 48.69 -5.00 35.46
CA LYS E 222 48.31 -5.54 34.17
C LYS E 222 47.34 -4.63 33.44
N LYS E 223 47.35 -4.72 32.10
CA LYS E 223 46.54 -3.82 31.27
C LYS E 223 45.05 -4.01 31.54
N GLU E 224 44.61 -5.27 31.60
CA GLU E 224 43.19 -5.57 31.78
C GLU E 224 42.66 -5.18 33.15
N GLN E 225 43.50 -4.59 34.01
CA GLN E 225 43.07 -4.28 35.37
C GLN E 225 42.28 -2.99 35.45
N CYS E 226 42.25 -2.18 34.40
CA CYS E 226 41.53 -0.92 34.48
C CYS E 226 41.35 -0.32 33.09
N ARG E 227 40.45 0.67 33.00
CA ARG E 227 39.95 1.15 31.72
C ARG E 227 40.35 2.61 31.47
N ALA E 228 40.42 2.96 30.19
CA ALA E 228 40.77 4.32 29.75
C ALA E 228 39.72 4.78 28.75
N TYR E 229 38.69 5.45 29.25
CA TYR E 229 37.62 5.95 28.40
C TYR E 229 38.09 7.14 27.59
N ARG E 230 37.61 7.22 26.34
CA ARG E 230 38.02 8.25 25.42
C ARG E 230 37.02 9.41 25.45
N LEU E 231 37.53 10.63 25.64
CA LEU E 231 36.70 11.82 25.76
C LEU E 231 37.00 12.76 24.60
N GLN E 232 36.02 12.97 23.72
CA GLN E 232 36.07 14.09 22.78
C GLN E 232 34.93 15.07 23.02
N ASN E 233 33.67 14.61 22.97
CA ASN E 233 32.50 15.40 23.38
C ASN E 233 32.49 16.79 22.77
N ASP E 234 32.90 16.89 21.51
CA ASP E 234 32.82 18.14 20.77
C ASP E 234 31.84 18.09 19.61
N LYS E 235 31.69 16.94 18.96
CA LYS E 235 30.69 16.72 17.93
C LYS E 235 29.58 15.86 18.54
N TRP E 236 28.34 16.31 18.42
CA TRP E 236 27.26 15.58 19.06
C TRP E 236 26.66 14.54 18.12
N VAL E 237 25.97 13.57 18.72
CA VAL E 237 25.60 12.33 18.06
C VAL E 237 24.12 12.08 18.27
N TYR E 238 23.55 11.23 17.42
CA TYR E 238 22.15 10.85 17.54
C TYR E 238 21.91 10.07 18.84
N ASN E 239 20.68 10.16 19.33
CA ASN E 239 20.30 9.52 20.59
C ASN E 239 20.10 8.02 20.40
N SER E 240 21.14 7.32 19.97
CA SER E 240 21.04 5.90 19.70
C SER E 240 20.94 5.11 20.99
N ASP E 241 20.20 4.00 20.93
CA ASP E 241 20.11 3.08 22.06
C ASP E 241 21.27 2.09 22.10
N LYS E 242 22.15 2.12 21.10
CA LYS E 242 23.31 1.24 21.06
C LYS E 242 24.59 1.95 21.46
N LEU E 243 24.46 3.08 22.16
CA LEU E 243 25.56 3.87 22.69
C LEU E 243 25.32 4.15 24.16
N PRO E 244 26.37 4.36 24.94
CA PRO E 244 26.17 4.78 26.34
C PRO E 244 25.72 6.23 26.41
N LYS E 245 25.10 6.56 27.54
CA LYS E 245 24.55 7.89 27.76
C LYS E 245 25.51 8.73 28.59
N ALA E 246 25.69 9.98 28.19
CA ALA E 246 26.53 10.92 28.91
C ALA E 246 25.73 11.59 30.02
N ALA E 247 26.34 11.68 31.20
CA ALA E 247 25.66 12.19 32.37
C ALA E 247 25.31 13.67 32.22
N GLY E 248 24.23 14.08 32.88
CA GLY E 248 23.82 15.47 32.87
C GLY E 248 22.76 15.77 31.82
N ALA E 249 22.65 17.05 31.49
CA ALA E 249 21.76 17.47 30.41
C ALA E 249 22.40 17.11 29.07
N THR E 250 21.71 16.30 28.28
CA THR E 250 22.32 15.68 27.10
C THR E 250 21.80 16.25 25.78
N LEU E 251 20.56 16.73 25.74
CA LEU E 251 20.00 17.23 24.49
C LEU E 251 20.75 18.47 24.01
N LYS E 252 20.99 18.54 22.70
CA LYS E 252 21.77 19.62 22.12
C LYS E 252 21.19 20.22 20.86
N GLY E 253 20.07 19.72 20.35
CA GLY E 253 19.49 20.28 19.15
C GLY E 253 18.60 19.26 18.46
N LYS E 254 18.17 19.63 17.25
CA LYS E 254 17.28 18.80 16.45
C LYS E 254 17.85 18.62 15.06
N LEU E 255 17.74 17.39 14.54
CA LEU E 255 18.14 17.05 13.19
C LEU E 255 16.89 16.79 12.36
N HIS E 256 16.72 17.56 11.29
CA HIS E 256 15.55 17.37 10.43
C HIS E 256 15.69 16.06 9.65
N VAL E 257 14.58 15.34 9.53
CA VAL E 257 14.56 14.06 8.83
C VAL E 257 14.33 14.35 7.35
N PRO E 258 15.22 13.92 6.46
CA PRO E 258 14.98 14.11 5.03
C PRO E 258 14.21 12.96 4.43
N PHE E 259 13.88 13.04 3.14
CA PHE E 259 13.19 11.96 2.42
C PHE E 259 11.89 11.58 3.10
N LEU E 260 11.13 12.59 3.53
CA LEU E 260 9.85 12.33 4.17
C LEU E 260 8.82 11.85 3.15
N LEU E 261 7.80 11.17 3.66
CA LEU E 261 6.73 10.66 2.81
C LEU E 261 5.93 11.84 2.25
N ALA E 262 5.71 11.84 0.94
CA ALA E 262 5.06 12.95 0.26
C ALA E 262 4.10 12.42 -0.79
N ASP E 263 3.11 13.26 -1.11
CA ASP E 263 2.13 12.96 -2.12
C ASP E 263 2.70 13.12 -3.52
N GLY E 264 2.26 12.25 -4.41
CA GLY E 264 2.62 12.35 -5.81
C GLY E 264 1.70 11.50 -6.65
N LYS E 265 2.06 11.33 -7.91
CA LYS E 265 1.31 10.45 -8.79
C LYS E 265 2.26 9.43 -9.40
N CYS E 266 1.80 8.18 -9.45
CA CYS E 266 2.61 7.09 -9.95
C CYS E 266 1.75 6.22 -10.86
N THR E 267 2.43 5.54 -11.79
CA THR E 267 1.75 4.76 -12.81
C THR E 267 1.31 3.41 -12.25
N VAL E 268 0.05 3.06 -12.48
CA VAL E 268 -0.49 1.77 -12.07
C VAL E 268 -0.96 1.03 -13.32
N PRO E 269 -0.98 -0.29 -13.34
CA PRO E 269 -1.34 -1.02 -14.55
C PRO E 269 -2.82 -0.89 -14.87
N LEU E 270 -3.14 -1.14 -16.14
CA LEU E 270 -4.51 -1.13 -16.63
C LEU E 270 -4.88 -2.55 -17.03
N ALA E 271 -5.85 -3.13 -16.34
CA ALA E 271 -6.24 -4.51 -16.60
C ALA E 271 -6.87 -4.64 -17.98
N PRO E 272 -6.77 -5.82 -18.61
CA PRO E 272 -7.41 -6.03 -19.90
C PRO E 272 -8.92 -5.81 -19.80
N GLU E 273 -9.49 -5.26 -20.87
CA GLU E 273 -10.91 -4.96 -20.87
C GLU E 273 -11.71 -6.25 -20.72
N PRO E 274 -12.67 -6.31 -19.80
CA PRO E 274 -13.48 -7.52 -19.67
C PRO E 274 -14.34 -7.74 -20.90
N MET E 275 -14.65 -9.02 -21.16
CA MET E 275 -15.56 -9.37 -22.24
C MET E 275 -16.96 -9.47 -21.65
N ILE E 276 -17.83 -8.53 -22.03
CA ILE E 276 -19.12 -8.36 -21.39
C ILE E 276 -20.19 -8.93 -22.30
N THR E 277 -20.95 -9.88 -21.79
CA THR E 277 -22.06 -10.49 -22.52
C THR E 277 -23.37 -10.11 -21.82
N PHE E 278 -24.28 -9.51 -22.58
CA PHE E 278 -25.56 -9.08 -22.05
C PHE E 278 -26.63 -10.14 -22.27
N GLY E 279 -27.43 -10.37 -21.23
CA GLY E 279 -28.59 -11.24 -21.34
C GLY E 279 -29.71 -10.61 -20.54
N PHE E 280 -30.89 -11.23 -20.63
CA PHE E 280 -32.07 -10.67 -19.98
C PHE E 280 -31.82 -10.50 -18.49
N ARG E 281 -31.71 -9.24 -18.05
CA ARG E 281 -31.45 -8.91 -16.65
C ARG E 281 -30.21 -9.62 -16.13
N SER E 282 -29.15 -9.67 -16.95
CA SER E 282 -27.95 -10.35 -16.55
C SER E 282 -26.75 -9.83 -17.34
N VAL E 283 -25.60 -9.76 -16.67
CA VAL E 283 -24.34 -9.39 -17.31
C VAL E 283 -23.28 -10.42 -16.92
N SER E 284 -22.62 -10.98 -17.93
CA SER E 284 -21.54 -11.95 -17.71
C SER E 284 -20.22 -11.30 -18.08
N LEU E 285 -19.28 -11.27 -17.13
CA LEU E 285 -17.96 -10.70 -17.34
C LEU E 285 -16.96 -11.84 -17.48
N LYS E 286 -16.25 -11.87 -18.61
CA LYS E 286 -15.12 -12.76 -18.82
C LYS E 286 -13.85 -11.98 -18.57
N LEU E 287 -13.08 -12.41 -17.57
CA LEU E 287 -11.99 -11.64 -17.01
C LEU E 287 -10.69 -12.42 -17.20
N HIS E 288 -9.72 -11.81 -17.87
CA HIS E 288 -8.39 -12.39 -18.05
C HIS E 288 -7.37 -11.40 -17.48
N PRO E 289 -7.02 -11.53 -16.21
CA PRO E 289 -6.08 -10.58 -15.61
C PRO E 289 -4.63 -10.93 -15.90
N LYS E 290 -3.78 -9.90 -15.87
CA LYS E 290 -2.34 -10.08 -15.96
C LYS E 290 -1.73 -10.29 -14.58
N ASN E 291 -1.99 -9.35 -13.68
CA ASN E 291 -1.66 -9.46 -12.26
C ASN E 291 -2.90 -9.81 -11.47
N PRO E 292 -2.77 -10.15 -10.19
CA PRO E 292 -3.96 -10.27 -9.35
C PRO E 292 -4.74 -8.96 -9.34
N THR E 293 -6.02 -9.04 -9.69
CA THR E 293 -6.83 -7.86 -9.95
C THR E 293 -8.10 -7.91 -9.11
N TYR E 294 -8.54 -6.75 -8.64
CA TYR E 294 -9.71 -6.66 -7.79
C TYR E 294 -10.95 -6.34 -8.61
N LEU E 295 -11.97 -7.19 -8.50
CA LEU E 295 -13.28 -6.92 -9.06
C LEU E 295 -14.21 -6.55 -7.92
N ILE E 296 -14.78 -5.34 -7.99
CA ILE E 296 -15.70 -4.84 -6.97
C ILE E 296 -17.04 -4.59 -7.63
N THR E 297 -18.10 -5.03 -6.97
CA THR E 297 -19.45 -5.04 -7.54
C THR E 297 -20.43 -4.46 -6.55
N ARG E 298 -21.38 -3.67 -7.05
CA ARG E 298 -22.33 -2.98 -6.20
C ARG E 298 -23.67 -2.85 -6.93
N GLN E 299 -24.76 -2.99 -6.18
CA GLN E 299 -26.10 -2.78 -6.71
C GLN E 299 -26.56 -1.37 -6.35
N LEU E 300 -27.05 -0.62 -7.33
CA LEU E 300 -27.49 0.75 -7.11
C LEU E 300 -28.91 0.77 -6.53
N ALA E 301 -29.06 0.11 -5.39
CA ALA E 301 -30.34 -0.02 -4.72
C ALA E 301 -30.13 0.21 -3.23
N ASP E 302 -31.19 0.01 -2.44
CA ASP E 302 -31.10 0.18 -1.00
C ASP E 302 -30.17 -0.86 -0.35
N GLU E 303 -30.00 -2.01 -0.99
CA GLU E 303 -29.06 -3.03 -0.53
C GLU E 303 -27.98 -3.19 -1.57
N PRO E 304 -26.79 -2.63 -1.37
CA PRO E 304 -25.75 -2.69 -2.42
C PRO E 304 -25.31 -4.10 -2.77
N HIS E 305 -25.33 -5.01 -1.80
CA HIS E 305 -24.91 -6.40 -2.03
C HIS E 305 -23.53 -6.45 -2.68
N TYR E 306 -22.62 -5.63 -2.16
CA TYR E 306 -21.32 -5.48 -2.81
C TYR E 306 -20.50 -6.75 -2.68
N THR E 307 -19.78 -7.07 -3.75
CA THR E 307 -18.80 -8.14 -3.73
C THR E 307 -17.41 -7.55 -3.96
N HIS E 308 -16.39 -8.21 -3.42
CA HIS E 308 -15.02 -7.71 -3.50
C HIS E 308 -14.11 -8.93 -3.63
N GLU E 309 -13.71 -9.24 -4.86
CA GLU E 309 -13.00 -10.48 -5.15
C GLU E 309 -11.64 -10.18 -5.75
N LEU E 310 -10.66 -11.02 -5.41
CA LEU E 310 -9.33 -10.97 -5.99
C LEU E 310 -9.23 -12.09 -7.02
N ILE E 311 -9.21 -11.71 -8.30
CA ILE E 311 -9.19 -12.64 -9.41
C ILE E 311 -7.77 -12.64 -9.98
N SER E 312 -7.15 -13.83 -9.99
CA SER E 312 -5.80 -13.99 -10.49
C SER E 312 -5.71 -14.87 -11.73
N GLU E 313 -6.79 -15.51 -12.12
CA GLU E 313 -6.86 -16.39 -13.28
C GLU E 313 -8.09 -16.04 -14.09
N PRO E 314 -8.15 -16.44 -15.36
CA PRO E 314 -9.36 -16.18 -16.15
C PRO E 314 -10.59 -16.76 -15.47
N ALA E 315 -11.66 -15.97 -15.47
CA ALA E 315 -12.88 -16.36 -14.76
C ALA E 315 -14.08 -15.68 -15.38
N VAL E 316 -15.22 -16.37 -15.32
CA VAL E 316 -16.50 -15.84 -15.79
C VAL E 316 -17.36 -15.59 -14.56
N ARG E 317 -17.81 -14.35 -14.40
CA ARG E 317 -18.66 -13.97 -13.28
C ARG E 317 -19.98 -13.42 -13.82
N ASN E 318 -21.08 -14.01 -13.40
CA ASN E 318 -22.41 -13.59 -13.85
C ASN E 318 -23.10 -12.82 -12.72
N PHE E 319 -23.70 -11.69 -13.08
CA PHE E 319 -24.38 -10.84 -12.12
C PHE E 319 -25.76 -10.49 -12.65
N THR E 320 -26.69 -10.26 -11.72
CA THR E 320 -28.07 -9.92 -12.04
C THR E 320 -28.21 -8.41 -12.01
N VAL E 321 -28.45 -7.81 -13.18
CA VAL E 321 -28.68 -6.39 -13.31
C VAL E 321 -30.18 -6.16 -13.43
N THR E 322 -30.73 -5.29 -12.60
CA THR E 322 -32.15 -5.01 -12.56
C THR E 322 -32.41 -3.61 -13.09
N GLU E 323 -33.68 -3.21 -13.03
CA GLU E 323 -34.07 -1.86 -13.44
C GLU E 323 -33.46 -0.79 -12.55
N LYS E 324 -33.07 -1.15 -11.32
CA LYS E 324 -32.52 -0.17 -10.40
C LYS E 324 -31.10 0.24 -10.78
N GLY E 325 -30.28 -0.73 -11.18
CA GLY E 325 -28.93 -0.42 -11.61
C GLY E 325 -27.90 -1.42 -11.14
N TRP E 326 -26.66 -1.25 -11.60
CA TRP E 326 -25.57 -2.13 -11.24
C TRP E 326 -24.26 -1.44 -11.59
N GLU E 327 -23.22 -1.73 -10.83
CA GLU E 327 -21.94 -1.05 -11.01
C GLU E 327 -20.81 -2.02 -10.72
N PHE E 328 -19.74 -1.95 -11.52
CA PHE E 328 -18.56 -2.76 -11.25
C PHE E 328 -17.29 -1.99 -11.59
N VAL E 329 -16.27 -2.21 -10.77
CA VAL E 329 -14.93 -1.66 -10.95
C VAL E 329 -13.99 -2.83 -11.15
N TRP E 330 -13.27 -2.83 -12.26
CA TRP E 330 -12.35 -3.91 -12.61
C TRP E 330 -10.94 -3.34 -12.60
N GLY E 331 -10.18 -3.68 -11.57
CA GLY E 331 -8.83 -3.17 -11.46
C GLY E 331 -8.81 -1.66 -11.31
N ASN E 332 -7.97 -1.02 -12.12
CA ASN E 332 -7.80 0.42 -12.09
C ASN E 332 -8.65 1.13 -13.14
N HIS E 333 -9.60 0.41 -13.75
CA HIS E 333 -10.51 1.04 -14.69
C HIS E 333 -11.54 1.88 -13.94
N PRO E 334 -12.09 2.92 -14.57
CA PRO E 334 -13.19 3.65 -13.96
C PRO E 334 -14.41 2.76 -13.85
N PRO E 335 -15.28 3.01 -12.86
CA PRO E 335 -16.46 2.16 -12.69
C PRO E 335 -17.39 2.22 -13.88
N LYS E 336 -18.04 1.09 -14.16
CA LYS E 336 -19.02 0.98 -15.23
C LYS E 336 -20.37 0.65 -14.63
N ARG E 337 -21.41 1.38 -15.06
CA ARG E 337 -22.77 1.19 -14.59
C ARG E 337 -23.65 0.68 -15.70
N PHE E 338 -24.51 -0.28 -15.36
CA PHE E 338 -25.41 -0.94 -16.30
C PHE E 338 -26.82 -0.97 -15.72
N TRP E 339 -27.80 -0.78 -16.59
CA TRP E 339 -29.21 -0.88 -16.23
C TRP E 339 -29.90 -1.84 -17.18
N ALA E 340 -30.93 -2.51 -16.67
CA ALA E 340 -31.65 -3.54 -17.41
C ALA E 340 -32.94 -2.98 -17.99
N GLN E 341 -33.25 -3.36 -19.23
CA GLN E 341 -34.48 -2.98 -19.89
C GLN E 341 -35.49 -4.13 -19.83
N GLU E 342 -36.69 -3.88 -20.33
CA GLU E 342 -37.75 -4.88 -20.38
C GLU E 342 -37.83 -5.38 -21.82
N THR E 343 -37.12 -6.46 -22.10
CA THR E 343 -36.91 -6.92 -23.48
C THR E 343 -37.53 -8.27 -23.79
N ALA E 344 -37.17 -9.30 -23.04
CA ALA E 344 -37.46 -10.67 -23.45
C ALA E 344 -38.01 -11.48 -22.29
N PRO E 345 -38.52 -12.71 -22.53
CA PRO E 345 -38.81 -13.39 -23.78
C PRO E 345 -40.30 -13.55 -24.04
N GLY E 346 -40.66 -14.16 -25.17
CA GLY E 346 -42.04 -14.43 -25.49
C GLY E 346 -42.74 -13.25 -26.11
N ASN E 347 -43.99 -13.48 -26.50
CA ASN E 347 -44.82 -12.45 -27.12
C ASN E 347 -46.07 -12.22 -26.28
N PRO E 348 -46.20 -11.08 -25.60
CA PRO E 348 -47.45 -10.80 -24.88
C PRO E 348 -48.64 -10.65 -25.80
N HIS E 349 -48.43 -10.39 -27.09
CA HIS E 349 -49.51 -10.33 -28.07
C HIS E 349 -49.63 -11.67 -28.79
N GLY E 350 -49.92 -12.71 -28.02
CA GLY E 350 -49.95 -14.04 -28.58
C GLY E 350 -50.73 -15.08 -27.78
N LEU E 351 -50.31 -16.33 -27.92
CA LEU E 351 -51.02 -17.44 -27.28
C LEU E 351 -50.88 -17.37 -25.76
N PRO E 352 -51.80 -18.00 -25.03
CA PRO E 352 -51.74 -17.91 -23.56
C PRO E 352 -50.42 -18.40 -22.96
N HIS E 353 -49.82 -19.46 -23.51
CA HIS E 353 -48.57 -19.95 -22.93
C HIS E 353 -47.43 -18.95 -23.15
N GLU E 354 -47.38 -18.33 -24.32
CA GLU E 354 -46.38 -17.30 -24.57
C GLU E 354 -46.59 -16.11 -23.64
N VAL E 355 -47.84 -15.72 -23.42
CA VAL E 355 -48.14 -14.61 -22.53
C VAL E 355 -47.71 -14.94 -21.10
N ILE E 356 -47.99 -16.17 -20.66
CA ILE E 356 -47.62 -16.56 -19.30
C ILE E 356 -46.11 -16.60 -19.14
N THR E 357 -45.39 -17.11 -20.14
CA THR E 357 -43.93 -17.11 -20.07
C THR E 357 -43.38 -15.69 -20.01
N HIS E 358 -43.92 -14.79 -20.85
CA HIS E 358 -43.44 -13.42 -20.89
C HIS E 358 -43.72 -12.70 -19.57
N TYR E 359 -44.88 -12.93 -18.97
CA TYR E 359 -45.25 -12.27 -17.74
C TYR E 359 -44.81 -13.05 -16.51
N TYR E 360 -44.12 -14.18 -16.68
CA TYR E 360 -43.43 -14.84 -15.60
C TYR E 360 -41.95 -14.44 -15.54
N HIS E 361 -41.27 -14.46 -16.69
CA HIS E 361 -39.89 -13.97 -16.72
C HIS E 361 -39.83 -12.49 -16.39
N ARG E 362 -40.77 -11.71 -16.92
CA ARG E 362 -40.95 -10.32 -16.54
C ARG E 362 -42.05 -10.23 -15.51
N TYR E 363 -41.79 -9.51 -14.41
CA TYR E 363 -42.67 -9.47 -13.23
C TYR E 363 -42.90 -10.87 -12.67
N PRO E 364 -41.88 -11.53 -12.10
CA PRO E 364 -42.12 -12.83 -11.47
C PRO E 364 -42.78 -12.66 -10.10
N MET E 365 -43.35 -13.76 -9.62
CA MET E 365 -43.94 -13.87 -8.28
C MET E 365 -45.25 -13.08 -8.22
N SER E 366 -45.57 -12.33 -9.27
CA SER E 366 -46.85 -11.66 -9.39
C SER E 366 -47.79 -12.35 -10.36
N THR E 367 -47.25 -13.08 -11.34
CA THR E 367 -48.05 -13.92 -12.20
C THR E 367 -48.31 -15.30 -11.60
N ILE E 368 -47.64 -15.64 -10.52
CA ILE E 368 -47.94 -16.87 -9.78
C ILE E 368 -49.08 -16.65 -8.80
N LEU E 369 -49.00 -15.56 -8.03
CA LEU E 369 -50.11 -15.17 -7.16
C LEU E 369 -51.33 -14.81 -7.98
N GLY E 370 -51.15 -14.06 -9.07
CA GLY E 370 -52.29 -13.65 -9.88
C GLY E 370 -52.98 -14.82 -10.54
N LEU E 371 -52.21 -15.72 -11.14
CA LEU E 371 -52.80 -16.88 -11.80
C LEU E 371 -53.50 -17.79 -10.79
N SER E 372 -52.89 -17.99 -9.63
CA SER E 372 -53.52 -18.82 -8.60
C SER E 372 -54.81 -18.20 -8.11
N ILE E 373 -54.82 -16.87 -7.90
CA ILE E 373 -56.03 -16.19 -7.46
C ILE E 373 -57.11 -16.30 -8.52
N CYS E 374 -56.75 -16.12 -9.79
CA CYS E 374 -57.72 -16.22 -10.87
C CYS E 374 -58.30 -17.63 -10.96
N ALA E 375 -57.44 -18.64 -10.84
CA ALA E 375 -57.91 -20.02 -10.90
C ALA E 375 -58.83 -20.34 -9.73
N ALA E 376 -58.48 -19.86 -8.53
CA ALA E 376 -59.34 -20.08 -7.36
C ALA E 376 -60.68 -19.40 -7.55
N ILE E 377 -60.68 -18.17 -8.06
CA ILE E 377 -61.93 -17.46 -8.29
C ILE E 377 -62.80 -18.20 -9.30
N ALA E 378 -62.19 -18.66 -10.40
CA ALA E 378 -62.94 -19.39 -11.41
C ALA E 378 -63.52 -20.68 -10.84
N THR E 379 -62.72 -21.43 -10.07
CA THR E 379 -63.22 -22.68 -9.51
C THR E 379 -64.35 -22.44 -8.52
N VAL E 380 -64.22 -21.42 -7.65
CA VAL E 380 -65.27 -21.12 -6.70
C VAL E 380 -66.54 -20.69 -7.41
N SER E 381 -66.41 -19.84 -8.44
CA SER E 381 -67.59 -19.40 -9.18
C SER E 381 -68.28 -20.58 -9.88
N VAL E 382 -67.50 -21.45 -10.51
CA VAL E 382 -68.09 -22.59 -11.20
C VAL E 382 -68.77 -23.52 -10.21
N ALA E 383 -68.14 -23.80 -9.07
CA ALA E 383 -68.74 -24.67 -8.07
C ALA E 383 -70.02 -24.07 -7.51
N ALA E 384 -70.01 -22.75 -7.23
CA ALA E 384 -71.20 -22.11 -6.70
C ALA E 384 -72.34 -22.13 -7.72
N SER E 385 -72.02 -21.88 -8.99
CA SER E 385 -73.06 -21.91 -10.02
C SER E 385 -73.62 -23.32 -10.20
N THR E 386 -72.76 -24.33 -10.17
CA THR E 386 -73.23 -25.71 -10.27
C THR E 386 -74.12 -26.07 -9.08
N TRP E 387 -73.72 -25.66 -7.88
CA TRP E 387 -74.53 -25.92 -6.70
C TRP E 387 -75.88 -25.22 -6.80
N LEU E 388 -75.89 -23.97 -7.26
CA LEU E 388 -77.15 -23.25 -7.43
C LEU E 388 -78.04 -23.93 -8.46
N PHE E 389 -77.45 -24.40 -9.57
CA PHE E 389 -78.24 -25.09 -10.59
C PHE E 389 -78.81 -26.40 -10.05
N CYS E 390 -78.03 -27.16 -9.29
CA CYS E 390 -78.53 -28.40 -8.71
C CYS E 390 -79.65 -28.13 -7.71
N ARG E 391 -79.48 -27.11 -6.86
CA ARG E 391 -80.54 -26.76 -5.92
C ARG E 391 -81.79 -26.29 -6.64
N SER E 392 -81.62 -25.53 -7.72
CA SER E 392 -82.75 -25.10 -8.53
C SER E 392 -83.49 -26.29 -9.13
N ARG E 393 -82.75 -27.24 -9.70
CA ARG E 393 -83.38 -28.41 -10.30
C ARG E 393 -84.11 -29.23 -9.26
N VAL E 394 -83.51 -29.40 -8.08
CA VAL E 394 -84.17 -30.15 -7.01
C VAL E 394 -85.45 -29.44 -6.56
N ALA E 395 -85.36 -28.13 -6.30
CA ALA E 395 -86.50 -27.40 -5.80
C ALA E 395 -87.59 -27.23 -6.85
N CYS E 396 -87.27 -27.42 -8.13
CA CYS E 396 -88.28 -27.34 -9.18
C CYS E 396 -88.82 -28.70 -9.58
N LEU E 397 -88.12 -29.80 -9.27
CA LEU E 397 -88.58 -31.13 -9.64
C LEU E 397 -89.22 -31.90 -8.50
N THR E 398 -88.76 -31.74 -7.26
CA THR E 398 -89.38 -32.46 -6.15
C THR E 398 -90.87 -32.19 -5.99
N PRO E 399 -91.41 -30.98 -6.19
CA PRO E 399 -92.88 -30.84 -6.13
C PRO E 399 -93.59 -31.69 -7.15
N TYR E 400 -92.95 -32.01 -8.28
CA TYR E 400 -93.55 -32.84 -9.31
C TYR E 400 -93.15 -34.30 -9.22
N ARG E 401 -91.94 -34.59 -8.73
CA ARG E 401 -91.42 -35.95 -8.79
C ARG E 401 -92.06 -36.87 -7.76
N LEU E 402 -92.31 -36.37 -6.55
CA LEU E 402 -92.76 -37.23 -5.46
C LEU E 402 -94.28 -37.34 -5.37
N THR E 403 -94.99 -36.93 -6.41
CA THR E 403 -96.42 -37.23 -6.47
C THR E 403 -96.61 -38.72 -6.68
N PRO E 404 -97.78 -39.27 -6.31
CA PRO E 404 -97.97 -40.73 -6.40
C PRO E 404 -97.72 -41.29 -7.79
N ASN E 405 -98.44 -40.80 -8.81
CA ASN E 405 -98.21 -41.29 -10.16
C ASN E 405 -96.90 -40.79 -10.75
N ALA E 406 -96.35 -39.69 -10.22
CA ALA E 406 -95.07 -39.13 -10.66
C ALA E 406 -95.11 -38.80 -12.16
N ARG E 407 -96.03 -37.91 -12.52
CA ARG E 407 -96.20 -37.43 -13.89
C ARG E 407 -95.55 -36.05 -13.99
N ILE E 408 -94.53 -35.93 -14.83
CA ILE E 408 -93.77 -34.69 -14.93
C ILE E 408 -93.67 -34.20 -16.37
N PRO E 409 -94.79 -34.00 -17.11
CA PRO E 409 -94.65 -33.52 -18.49
C PRO E 409 -94.34 -32.03 -18.57
N PHE E 410 -94.95 -31.25 -17.68
CA PHE E 410 -94.92 -29.79 -17.83
C PHE E 410 -93.52 -29.23 -17.58
N CYS E 411 -92.90 -29.63 -16.47
CA CYS E 411 -91.60 -29.07 -16.11
C CYS E 411 -90.55 -29.38 -17.15
N LEU E 412 -90.52 -30.62 -17.65
CA LEU E 412 -89.58 -30.98 -18.70
C LEU E 412 -89.90 -30.27 -20.01
N ALA E 413 -91.16 -29.88 -20.22
CA ALA E 413 -91.56 -29.22 -21.45
C ALA E 413 -91.16 -27.74 -21.46
N VAL E 414 -91.15 -27.08 -20.31
CA VAL E 414 -90.97 -25.63 -20.27
C VAL E 414 -89.50 -25.24 -20.15
N LEU E 415 -88.72 -25.95 -19.34
CA LEU E 415 -87.30 -25.63 -19.19
C LEU E 415 -86.35 -26.80 -19.43
N CYS E 416 -86.87 -28.03 -19.58
CA CYS E 416 -86.05 -29.21 -19.83
C CYS E 416 -84.99 -29.38 -18.74
N CYS E 417 -85.45 -29.31 -17.48
CA CYS E 417 -84.52 -29.43 -16.35
C CYS E 417 -83.86 -30.80 -16.33
N ALA E 418 -84.62 -31.86 -16.57
CA ALA E 418 -84.07 -33.22 -16.58
C ALA E 418 -83.45 -33.55 -17.93
N ARG F 1 -120.50 -44.62 13.39
CA ARG F 1 -119.06 -44.42 13.43
C ARG F 1 -118.42 -44.77 12.08
N MET F 2 -117.23 -44.24 11.83
CA MET F 2 -116.51 -44.48 10.58
C MET F 2 -115.13 -45.10 10.81
N VAL F 3 -114.79 -45.44 12.05
CA VAL F 3 -113.47 -46.01 12.32
C VAL F 3 -113.37 -47.42 11.73
N MET F 4 -114.44 -48.21 11.83
CA MET F 4 -114.37 -49.60 11.37
C MET F 4 -114.19 -49.69 9.86
N LYS F 5 -114.61 -48.66 9.11
CA LYS F 5 -114.47 -48.65 7.66
C LYS F 5 -113.17 -48.02 7.20
N LEU F 6 -112.30 -47.63 8.13
CA LEU F 6 -110.98 -47.09 7.81
C LEU F 6 -109.88 -48.14 7.93
N GLU F 7 -110.25 -49.42 8.05
CA GLU F 7 -109.24 -50.48 8.08
C GLU F 7 -108.43 -50.48 6.80
N SER F 8 -107.12 -50.66 6.94
CA SER F 8 -106.22 -50.62 5.79
C SER F 8 -104.92 -51.29 6.18
N ASP F 9 -104.60 -52.39 5.51
CA ASP F 9 -103.33 -53.07 5.72
C ASP F 9 -102.16 -52.40 4.99
N LYS F 10 -102.45 -51.41 4.14
CA LYS F 10 -101.38 -50.74 3.39
C LYS F 10 -100.44 -49.98 4.32
N THR F 11 -100.99 -49.28 5.32
CA THR F 11 -100.16 -48.50 6.23
C THR F 11 -99.30 -49.42 7.09
N PHE F 12 -98.07 -49.00 7.34
CA PHE F 12 -97.14 -49.78 8.15
C PHE F 12 -96.50 -48.88 9.20
N PRO F 13 -96.14 -49.45 10.35
CA PRO F 13 -95.47 -48.65 11.38
C PRO F 13 -93.95 -48.74 11.34
N ILE F 14 -93.28 -47.66 11.75
CA ILE F 14 -91.84 -47.63 11.95
C ILE F 14 -91.59 -47.72 13.44
N MET F 15 -90.95 -48.80 13.87
CA MET F 15 -90.66 -49.08 15.26
C MET F 15 -89.33 -48.44 15.67
N LEU F 16 -89.17 -48.26 16.97
CA LEU F 16 -87.91 -47.76 17.55
C LEU F 16 -87.74 -48.44 18.91
N GLU F 17 -86.86 -49.44 18.95
CA GLU F 17 -86.66 -50.28 20.14
C GLU F 17 -87.98 -50.88 20.60
N GLY F 18 -88.74 -51.42 19.64
CA GLY F 18 -90.01 -52.06 19.93
C GLY F 18 -91.10 -51.14 20.43
N LYS F 19 -91.18 -49.92 19.89
CA LYS F 19 -92.25 -49.00 20.23
C LYS F 19 -92.66 -48.22 18.99
N ILE F 20 -93.91 -47.80 18.94
CA ILE F 20 -94.43 -47.07 17.79
C ILE F 20 -93.76 -45.71 17.72
N ASN F 21 -93.10 -45.44 16.60
CA ASN F 21 -92.43 -44.16 16.40
C ASN F 21 -92.92 -43.41 15.17
N GLY F 22 -93.16 -44.10 14.06
CA GLY F 22 -93.61 -43.45 12.84
C GLY F 22 -94.61 -44.30 12.09
N TYR F 23 -95.10 -43.75 10.98
CA TYR F 23 -96.04 -44.46 10.12
C TYR F 23 -95.73 -44.14 8.66
N ALA F 24 -95.41 -45.17 7.90
CA ALA F 24 -95.13 -45.06 6.47
C ALA F 24 -96.28 -45.67 5.69
N CYS F 25 -96.74 -44.96 4.67
CA CYS F 25 -97.90 -45.37 3.91
C CYS F 25 -97.57 -45.50 2.43
N VAL F 26 -98.13 -46.51 1.77
CA VAL F 26 -97.97 -46.69 0.34
C VAL F 26 -99.20 -46.11 -0.36
N VAL F 27 -98.98 -45.07 -1.15
CA VAL F 27 -100.04 -44.38 -1.87
C VAL F 27 -99.64 -44.27 -3.34
N GLY F 28 -100.58 -44.60 -4.23
CA GLY F 28 -100.34 -44.45 -5.65
C GLY F 28 -99.09 -45.13 -6.15
N GLY F 29 -98.77 -46.30 -5.59
CA GLY F 29 -97.53 -46.97 -5.94
C GLY F 29 -96.28 -46.24 -5.51
N LYS F 30 -96.27 -45.69 -4.30
CA LYS F 30 -95.09 -45.00 -3.79
C LYS F 30 -95.16 -44.98 -2.26
N LEU F 31 -94.05 -45.35 -1.63
CA LEU F 31 -93.98 -45.43 -0.16
C LEU F 31 -93.48 -44.11 0.40
N PHE F 32 -94.21 -43.58 1.39
CA PHE F 32 -93.92 -42.29 2.01
C PHE F 32 -93.69 -42.47 3.50
N ARG F 33 -92.67 -41.78 4.01
CA ARG F 33 -92.43 -41.70 5.44
C ARG F 33 -91.82 -40.35 5.78
N PRO F 34 -91.99 -39.87 7.01
CA PRO F 34 -91.49 -38.55 7.38
C PRO F 34 -89.97 -38.52 7.62
N MET F 35 -89.42 -37.31 7.59
CA MET F 35 -88.03 -37.11 7.98
C MET F 35 -87.81 -37.48 9.43
N HIS F 36 -88.64 -36.92 10.33
CA HIS F 36 -88.38 -36.87 11.76
C HIS F 36 -88.62 -38.19 12.49
N VAL F 37 -89.09 -39.22 11.80
CA VAL F 37 -89.27 -40.52 12.44
C VAL F 37 -88.02 -41.38 12.17
N GLU F 38 -87.43 -41.88 13.24
CA GLU F 38 -86.23 -42.71 13.15
C GLU F 38 -86.59 -44.15 13.49
N GLY F 39 -86.01 -45.08 12.76
CA GLY F 39 -86.24 -46.49 12.97
C GLY F 39 -86.28 -47.21 11.64
N LYS F 40 -86.73 -48.47 11.70
CA LYS F 40 -86.86 -49.32 10.53
C LYS F 40 -88.31 -49.73 10.35
N ILE F 41 -88.81 -49.64 9.12
CA ILE F 41 -90.17 -50.08 8.83
C ILE F 41 -90.28 -51.57 9.12
N ASP F 42 -91.44 -51.98 9.64
CA ASP F 42 -91.61 -53.38 10.04
C ASP F 42 -91.58 -54.31 8.84
N ASN F 43 -92.17 -53.89 7.72
CA ASN F 43 -92.20 -54.73 6.52
C ASN F 43 -90.80 -54.85 5.95
N ASP F 44 -90.34 -56.10 5.79
CA ASP F 44 -88.96 -56.34 5.35
C ASP F 44 -88.74 -55.90 3.91
N VAL F 45 -89.75 -56.05 3.04
CA VAL F 45 -89.57 -55.72 1.64
C VAL F 45 -89.31 -54.22 1.46
N LEU F 46 -90.03 -53.38 2.21
CA LEU F 46 -89.78 -51.94 2.15
C LEU F 46 -88.53 -51.54 2.90
N ALA F 47 -88.17 -52.28 3.96
CA ALA F 47 -86.91 -52.02 4.65
C ALA F 47 -85.73 -52.28 3.73
N ALA F 48 -85.83 -53.27 2.84
CA ALA F 48 -84.76 -53.51 1.88
C ALA F 48 -84.69 -52.43 0.82
N LEU F 49 -85.81 -51.73 0.57
CA LEU F 49 -85.83 -50.68 -0.44
C LEU F 49 -84.96 -49.50 -0.01
N LYS F 50 -84.37 -48.83 -0.99
CA LYS F 50 -83.55 -47.65 -0.76
C LYS F 50 -84.37 -46.41 -1.10
N THR F 51 -84.49 -45.49 -0.15
CA THR F 51 -85.31 -44.31 -0.29
C THR F 51 -84.46 -43.05 -0.44
N LYS F 52 -85.00 -42.07 -1.13
CA LYS F 52 -84.36 -40.78 -1.34
C LYS F 52 -84.97 -39.72 -0.43
N LYS F 53 -84.19 -38.69 -0.15
CA LYS F 53 -84.56 -37.65 0.79
C LYS F 53 -85.29 -36.50 0.10
N ALA F 54 -86.11 -35.80 0.88
CA ALA F 54 -86.71 -34.53 0.47
C ALA F 54 -86.88 -33.69 1.73
N SER F 55 -85.88 -32.85 2.01
CA SER F 55 -85.83 -32.13 3.28
C SER F 55 -86.94 -31.09 3.38
N LYS F 56 -87.19 -30.35 2.29
CA LYS F 56 -88.16 -29.26 2.35
C LYS F 56 -89.57 -29.79 2.59
N TYR F 57 -89.94 -30.88 1.92
CA TYR F 57 -91.29 -31.42 2.02
C TYR F 57 -91.43 -32.52 3.06
N ASP F 58 -90.34 -32.89 3.74
CA ASP F 58 -90.38 -33.81 4.87
C ASP F 58 -90.99 -35.16 4.46
N LEU F 59 -90.40 -35.77 3.43
CA LEU F 59 -90.89 -37.04 2.92
C LEU F 59 -89.76 -37.83 2.28
N GLU F 60 -89.46 -39.01 2.82
CA GLU F 60 -88.78 -40.05 2.08
C GLU F 60 -89.81 -40.79 1.23
N TYR F 61 -89.59 -40.82 -0.08
CA TYR F 61 -90.48 -41.47 -1.02
C TYR F 61 -89.70 -42.48 -1.83
N ALA F 62 -90.24 -43.69 -1.95
CA ALA F 62 -89.58 -44.77 -2.67
C ALA F 62 -90.56 -45.42 -3.62
N ASP F 63 -90.04 -45.96 -4.72
CA ASP F 63 -90.86 -46.62 -5.73
C ASP F 63 -91.07 -48.07 -5.33
N VAL F 64 -92.32 -48.46 -5.15
CA VAL F 64 -92.68 -49.83 -4.75
C VAL F 64 -92.44 -50.76 -5.93
N PRO F 65 -92.20 -52.05 -5.69
CA PRO F 65 -92.03 -52.99 -6.80
C PRO F 65 -93.35 -53.23 -7.52
N GLN F 66 -93.26 -53.93 -8.65
CA GLN F 66 -94.43 -54.10 -9.51
C GLN F 66 -95.54 -54.87 -8.81
N ASN F 67 -95.19 -55.93 -8.07
CA ASN F 67 -96.19 -56.71 -7.37
C ASN F 67 -96.88 -55.90 -6.27
N MET F 68 -96.18 -54.92 -5.68
CA MET F 68 -96.76 -54.13 -4.61
C MET F 68 -97.80 -53.13 -5.12
N ARG F 69 -97.73 -52.76 -6.41
CA ARG F 69 -98.67 -51.78 -6.97
C ARG F 69 -100.09 -52.30 -7.07
N ALA F 70 -100.31 -53.61 -6.89
CA ALA F 70 -101.65 -54.16 -7.04
C ALA F 70 -102.61 -53.59 -6.01
N ASP F 71 -102.18 -53.50 -4.75
CA ASP F 71 -103.01 -52.98 -3.67
C ASP F 71 -102.30 -51.83 -2.97
N THR F 72 -102.83 -50.62 -3.15
CA THR F 72 -102.26 -49.43 -2.52
C THR F 72 -103.36 -48.37 -2.44
N PHE F 73 -103.09 -47.36 -1.63
CA PHE F 73 -104.04 -46.26 -1.47
C PHE F 73 -104.16 -45.47 -2.77
N LYS F 74 -105.34 -44.88 -2.96
CA LYS F 74 -105.61 -44.03 -4.11
C LYS F 74 -105.68 -42.57 -3.66
N TYR F 75 -105.08 -41.68 -4.43
CA TYR F 75 -105.00 -40.27 -4.08
C TYR F 75 -105.85 -39.45 -5.03
N THR F 76 -106.38 -38.34 -4.53
CA THR F 76 -107.14 -37.40 -5.34
C THR F 76 -106.80 -35.98 -4.89
N HIS F 77 -107.05 -35.02 -5.77
CA HIS F 77 -106.69 -33.64 -5.49
C HIS F 77 -107.82 -32.83 -4.88
N GLU F 78 -109.06 -33.08 -5.30
CA GLU F 78 -110.18 -32.28 -4.81
C GLU F 78 -110.42 -32.56 -3.33
N LYS F 79 -110.59 -31.47 -2.57
CA LYS F 79 -110.84 -31.55 -1.13
C LYS F 79 -112.02 -30.64 -0.79
N PRO F 80 -113.25 -31.11 -1.01
CA PRO F 80 -114.42 -30.32 -0.61
C PRO F 80 -114.43 -30.04 0.89
N GLN F 81 -114.91 -28.87 1.25
CA GLN F 81 -114.96 -28.46 2.65
C GLN F 81 -115.85 -29.41 3.45
N GLY F 82 -115.47 -29.65 4.71
CA GLY F 82 -116.31 -30.51 5.52
C GLY F 82 -115.50 -31.55 6.26
N TYR F 83 -116.19 -32.60 6.72
CA TYR F 83 -115.57 -33.59 7.59
C TYR F 83 -114.90 -34.69 6.78
N TYR F 84 -113.79 -35.19 7.30
CA TYR F 84 -113.02 -36.26 6.70
C TYR F 84 -112.68 -37.28 7.76
N SER F 85 -112.32 -38.49 7.32
CA SER F 85 -112.10 -39.62 8.20
C SER F 85 -110.62 -39.85 8.43
N TRP F 86 -110.23 -39.97 9.70
CA TRP F 86 -108.86 -40.24 10.10
C TRP F 86 -108.85 -41.42 11.05
N HIS F 87 -107.70 -42.09 11.15
CA HIS F 87 -107.62 -43.32 11.93
C HIS F 87 -108.00 -43.08 13.38
N HIS F 88 -107.51 -41.99 13.98
CA HIS F 88 -107.87 -41.67 15.35
C HIS F 88 -109.34 -41.27 15.47
N GLY F 89 -109.85 -40.52 14.50
CA GLY F 89 -111.22 -40.07 14.58
C GLY F 89 -111.55 -39.17 13.40
N ALA F 90 -112.62 -38.39 13.55
CA ALA F 90 -113.03 -37.48 12.51
C ALA F 90 -112.24 -36.18 12.57
N VAL F 91 -111.98 -35.61 11.39
CA VAL F 91 -111.32 -34.31 11.27
C VAL F 91 -112.22 -33.42 10.43
N GLN F 92 -111.94 -32.12 10.43
CA GLN F 92 -112.71 -31.22 9.58
C GLN F 92 -111.80 -30.24 8.86
N TYR F 93 -112.21 -29.93 7.63
CA TYR F 93 -111.45 -29.12 6.67
C TYR F 93 -112.24 -27.84 6.39
N GLU F 94 -111.68 -26.70 6.81
CA GLU F 94 -112.29 -25.40 6.55
C GLU F 94 -111.23 -24.38 6.21
N ASN F 95 -111.57 -23.48 5.28
CA ASN F 95 -110.71 -22.36 4.91
C ASN F 95 -109.32 -22.82 4.47
N GLY F 96 -109.28 -23.93 3.73
CA GLY F 96 -108.01 -24.45 3.28
C GLY F 96 -107.13 -25.00 4.37
N ARG F 97 -107.70 -25.33 5.53
CA ARG F 97 -106.95 -25.84 6.67
C ARG F 97 -107.63 -27.08 7.23
N PHE F 98 -106.85 -28.14 7.39
CA PHE F 98 -107.26 -29.32 8.13
C PHE F 98 -107.15 -29.05 9.63
N THR F 99 -108.05 -29.66 10.41
CA THR F 99 -107.94 -29.56 11.85
C THR F 99 -108.62 -30.77 12.49
N VAL F 100 -108.24 -31.02 13.74
CA VAL F 100 -108.69 -32.19 14.49
C VAL F 100 -109.21 -31.72 15.85
N PRO F 101 -110.04 -32.54 16.51
CA PRO F 101 -110.51 -32.17 17.85
C PRO F 101 -109.37 -32.06 18.85
N LYS F 102 -109.73 -31.63 20.06
CA LYS F 102 -108.75 -31.41 21.12
C LYS F 102 -107.99 -32.68 21.47
N GLY F 103 -106.67 -32.56 21.58
CA GLY F 103 -105.85 -33.64 22.07
C GLY F 103 -105.83 -34.89 21.22
N VAL F 104 -106.27 -34.82 19.97
CA VAL F 104 -106.30 -35.97 19.07
C VAL F 104 -105.02 -35.90 18.24
N GLY F 105 -103.97 -36.57 18.70
CA GLY F 105 -102.70 -36.55 17.99
C GLY F 105 -101.56 -36.22 18.94
N ALA F 106 -100.51 -37.02 18.87
CA ALA F 106 -99.34 -36.86 19.74
C ALA F 106 -98.15 -37.50 19.04
N LYS F 107 -97.07 -37.69 19.80
CA LYS F 107 -95.87 -38.33 19.26
C LYS F 107 -96.18 -39.73 18.77
N GLY F 108 -95.63 -40.07 17.61
CA GLY F 108 -95.87 -41.36 17.00
C GLY F 108 -97.06 -41.41 16.07
N ASP F 109 -97.87 -40.36 16.03
CA ASP F 109 -99.02 -40.29 15.13
C ASP F 109 -98.69 -39.69 13.78
N SER F 110 -97.47 -39.19 13.60
CA SER F 110 -97.08 -38.59 12.33
C SER F 110 -96.97 -39.65 11.25
N GLY F 111 -97.26 -39.24 10.02
CA GLY F 111 -97.21 -40.13 8.88
C GLY F 111 -98.50 -40.84 8.57
N ARG F 112 -99.51 -40.76 9.44
CA ARG F 112 -100.79 -41.38 9.16
C ARG F 112 -101.49 -40.65 8.01
N PRO F 113 -102.22 -41.36 7.16
CA PRO F 113 -102.94 -40.71 6.07
C PRO F 113 -104.31 -40.21 6.52
N ILE F 114 -104.88 -39.32 5.71
CA ILE F 114 -106.22 -38.80 5.93
C ILE F 114 -107.12 -39.33 4.82
N LEU F 115 -108.31 -39.78 5.20
CA LEU F 115 -109.24 -40.42 4.28
C LEU F 115 -110.51 -39.59 4.13
N ASP F 116 -111.19 -39.80 3.02
CA ASP F 116 -112.50 -39.20 2.76
C ASP F 116 -113.59 -40.27 2.80
N ASN F 117 -114.81 -39.85 2.45
CA ASN F 117 -115.94 -40.75 2.54
C ASN F 117 -115.87 -41.91 1.54
N GLN F 118 -115.41 -41.65 0.32
CA GLN F 118 -115.43 -42.67 -0.72
C GLN F 118 -114.24 -43.62 -0.65
N GLY F 119 -113.34 -43.44 0.31
CA GLY F 119 -112.28 -44.39 0.53
C GLY F 119 -111.03 -44.16 -0.31
N ARG F 120 -110.46 -42.97 -0.22
CA ARG F 120 -109.19 -42.69 -0.88
C ARG F 120 -108.48 -41.58 -0.11
N VAL F 121 -107.16 -41.68 -0.04
CA VAL F 121 -106.36 -40.75 0.74
C VAL F 121 -106.22 -39.44 -0.04
N VAL F 122 -106.25 -38.33 0.69
CA VAL F 122 -106.03 -37.03 0.09
C VAL F 122 -104.81 -36.31 0.63
N ALA F 123 -104.27 -36.72 1.79
CA ALA F 123 -103.12 -36.03 2.35
C ALA F 123 -102.48 -36.90 3.43
N ILE F 124 -101.26 -36.52 3.81
CA ILE F 124 -100.45 -37.26 4.78
C ILE F 124 -100.10 -36.31 5.92
N VAL F 125 -100.37 -36.74 7.15
CA VAL F 125 -100.18 -35.90 8.33
C VAL F 125 -98.73 -35.97 8.79
N LEU F 126 -98.17 -34.81 9.15
CA LEU F 126 -96.80 -34.74 9.65
C LEU F 126 -96.67 -34.23 11.07
N GLY F 127 -97.62 -33.43 11.54
CA GLY F 127 -97.55 -32.89 12.89
C GLY F 127 -98.73 -31.97 13.12
N GLY F 128 -98.77 -31.38 14.32
CA GLY F 128 -99.88 -30.53 14.68
C GLY F 128 -99.51 -29.51 15.73
N VAL F 129 -100.47 -28.61 15.99
CA VAL F 129 -100.34 -27.58 17.02
C VAL F 129 -101.73 -27.16 17.44
N ASN F 130 -101.88 -26.79 18.71
CA ASN F 130 -103.16 -26.49 19.30
C ASN F 130 -103.14 -25.14 20.00
N GLU F 131 -104.17 -24.33 19.74
CA GLU F 131 -104.39 -23.08 20.45
C GLU F 131 -105.74 -23.03 21.16
N GLY F 132 -106.79 -23.54 20.55
CA GLY F 132 -108.10 -23.65 21.16
C GLY F 132 -108.56 -25.09 21.17
N SER F 133 -109.88 -25.27 21.15
CA SER F 133 -110.45 -26.62 21.06
C SER F 133 -110.02 -27.30 19.77
N ARG F 134 -110.05 -26.57 18.65
CA ARG F 134 -109.53 -27.10 17.40
C ARG F 134 -108.02 -27.24 17.47
N THR F 135 -107.49 -28.17 16.70
CA THR F 135 -106.05 -28.43 16.65
C THR F 135 -105.64 -28.57 15.18
N ALA F 136 -105.26 -27.46 14.57
CA ALA F 136 -104.76 -27.48 13.20
C ALA F 136 -103.47 -28.29 13.14
N LEU F 137 -103.37 -29.15 12.14
CA LEU F 137 -102.26 -30.11 12.05
C LEU F 137 -101.54 -29.95 10.72
N SER F 138 -100.22 -30.00 10.78
CA SER F 138 -99.40 -29.93 9.57
C SER F 138 -99.62 -31.16 8.70
N VAL F 139 -99.78 -30.94 7.41
CA VAL F 139 -100.19 -32.01 6.51
C VAL F 139 -99.76 -31.65 5.10
N VAL F 140 -99.43 -32.67 4.30
CA VAL F 140 -99.01 -32.49 2.92
C VAL F 140 -100.09 -33.09 2.03
N MET F 141 -100.56 -32.30 1.07
CA MET F 141 -101.66 -32.70 0.19
C MET F 141 -101.23 -32.56 -1.26
N TRP F 142 -102.19 -32.71 -2.17
CA TRP F 142 -101.94 -32.69 -3.61
C TRP F 142 -102.90 -31.74 -4.29
N ASN F 143 -102.39 -30.97 -5.25
CA ASN F 143 -103.20 -30.06 -6.03
C ASN F 143 -103.67 -30.72 -7.32
N GLU F 144 -104.59 -30.03 -8.02
CA GLU F 144 -105.09 -30.55 -9.29
C GLU F 144 -103.98 -30.65 -10.33
N LYS F 145 -102.96 -29.79 -10.24
CA LYS F 145 -101.80 -29.88 -11.12
C LYS F 145 -100.82 -30.96 -10.68
N GLY F 146 -100.96 -31.48 -9.46
CA GLY F 146 -100.03 -32.46 -8.94
C GLY F 146 -98.69 -31.85 -8.57
N VAL F 147 -98.70 -30.93 -7.60
CA VAL F 147 -97.49 -30.24 -7.18
C VAL F 147 -97.16 -30.48 -5.72
N THR F 148 -98.00 -31.20 -4.98
CA THR F 148 -97.74 -31.61 -3.60
C THR F 148 -97.48 -30.38 -2.71
N VAL F 149 -98.55 -29.60 -2.54
CA VAL F 149 -98.49 -28.45 -1.65
C VAL F 149 -98.40 -28.92 -0.20
N LYS F 150 -97.58 -28.24 0.59
CA LYS F 150 -97.37 -28.56 2.00
C LYS F 150 -97.86 -27.38 2.83
N TYR F 151 -99.04 -27.52 3.43
CA TYR F 151 -99.56 -26.54 4.38
C TYR F 151 -99.00 -26.83 5.77
N THR F 152 -98.62 -25.78 6.48
CA THR F 152 -98.00 -25.92 7.79
C THR F 152 -98.44 -24.78 8.70
N PRO F 153 -98.95 -25.07 9.88
CA PRO F 153 -99.33 -24.00 10.81
C PRO F 153 -98.13 -23.42 11.54
N GLU F 154 -98.33 -22.24 12.10
CA GLU F 154 -97.23 -21.49 12.71
C GLU F 154 -96.77 -22.18 13.99
N ASN F 155 -95.45 -22.19 14.18
CA ASN F 155 -94.65 -22.95 15.16
C ASN F 155 -95.25 -24.32 15.48
N CYS F 156 -95.61 -25.07 14.44
CA CYS F 156 -96.16 -26.41 14.65
C CYS F 156 -95.12 -27.31 15.30
N GLU F 157 -95.50 -27.94 16.41
CA GLU F 157 -94.60 -28.85 17.11
C GLU F 157 -94.62 -30.22 16.45
N GLN F 158 -93.45 -30.81 16.31
CA GLN F 158 -93.30 -32.06 15.56
C GLN F 158 -93.99 -33.21 16.28
N TRP F 159 -94.64 -34.06 15.51
CA TRP F 159 -95.32 -35.23 16.05
C TRP F 159 -94.47 -36.48 15.90
N TYR G 1 4.50 -44.53 69.66
CA TYR G 1 3.16 -44.28 69.11
C TYR G 1 3.15 -44.50 67.61
N GLU G 2 2.02 -44.98 67.09
CA GLU G 2 1.89 -45.30 65.68
C GLU G 2 0.73 -44.50 65.08
N HIS G 3 0.96 -43.96 63.89
CA HIS G 3 -0.03 -43.19 63.14
C HIS G 3 -0.04 -43.66 61.70
N ALA G 4 -1.21 -43.57 61.06
CA ALA G 4 -1.36 -43.90 59.64
C ALA G 4 -2.21 -42.80 59.01
N THR G 5 -1.56 -41.84 58.36
CA THR G 5 -2.23 -40.74 57.71
C THR G 5 -2.10 -40.86 56.19
N THR G 6 -2.80 -39.98 55.48
CA THR G 6 -2.75 -39.96 54.03
C THR G 6 -2.86 -38.52 53.56
N MET G 7 -1.93 -38.10 52.70
CA MET G 7 -1.92 -36.72 52.25
C MET G 7 -1.95 -36.65 50.73
N PRO G 8 -2.65 -35.66 50.17
CA PRO G 8 -2.64 -35.51 48.70
C PRO G 8 -1.25 -35.20 48.18
N SER G 9 -0.95 -35.75 47.01
CA SER G 9 0.37 -35.59 46.40
C SER G 9 0.40 -34.34 45.52
N GLN G 10 0.02 -33.21 46.12
CA GLN G 10 0.03 -31.92 45.45
C GLN G 10 1.27 -31.16 45.92
N ALA G 11 2.21 -30.94 45.00
CA ALA G 11 3.46 -30.28 45.35
C ALA G 11 3.23 -28.82 45.68
N GLY G 12 3.97 -28.32 46.66
CA GLY G 12 3.94 -26.93 47.02
C GLY G 12 2.85 -26.53 47.99
N ILE G 13 2.01 -27.45 48.43
CA ILE G 13 0.92 -27.17 49.35
C ILE G 13 1.20 -27.91 50.66
N SER G 14 1.25 -27.16 51.75
CA SER G 14 1.50 -27.76 53.05
C SER G 14 0.26 -28.49 53.55
N TYR G 15 0.48 -29.51 54.38
CA TYR G 15 -0.59 -30.34 54.90
C TYR G 15 -0.35 -30.55 56.39
N ASN G 16 -1.33 -30.18 57.21
CA ASN G 16 -1.21 -30.19 58.66
C ASN G 16 -2.13 -31.22 59.27
N THR G 17 -1.65 -31.89 60.32
CA THR G 17 -2.42 -32.89 61.04
C THR G 17 -2.05 -32.80 62.52
N ILE G 18 -2.91 -33.36 63.37
CA ILE G 18 -2.72 -33.33 64.81
C ILE G 18 -2.79 -34.76 65.32
N VAL G 19 -1.98 -35.06 66.34
CA VAL G 19 -1.98 -36.36 67.01
C VAL G 19 -2.42 -36.16 68.45
N ASN G 20 -3.35 -37.02 68.89
CA ASN G 20 -3.98 -36.92 70.21
C ASN G 20 -3.77 -38.22 70.97
N ARG G 21 -3.64 -38.11 72.29
CA ARG G 21 -3.55 -39.27 73.16
C ARG G 21 -4.46 -39.07 74.36
N ALA G 22 -4.66 -40.16 75.11
CA ALA G 22 -5.55 -40.11 76.27
C ALA G 22 -5.03 -39.14 77.33
N GLY G 23 -3.72 -39.17 77.59
CA GLY G 23 -3.14 -38.34 78.63
C GLY G 23 -1.89 -37.59 78.18
N TYR G 24 -1.86 -37.18 76.92
CA TYR G 24 -0.73 -36.47 76.36
C TYR G 24 -1.20 -35.26 75.58
N ALA G 25 -0.35 -34.24 75.53
CA ALA G 25 -0.69 -33.02 74.79
C ALA G 25 -0.73 -33.32 73.29
N PRO G 26 -1.67 -32.71 72.57
CA PRO G 26 -1.70 -32.89 71.11
C PRO G 26 -0.43 -32.38 70.46
N LEU G 27 0.00 -33.05 69.39
CA LEU G 27 1.20 -32.62 68.70
C LEU G 27 0.93 -32.39 67.22
N PRO G 28 1.47 -31.31 66.65
CA PRO G 28 1.24 -31.02 65.23
C PRO G 28 2.29 -31.61 64.31
N ILE G 29 1.82 -32.11 63.17
CA ILE G 29 2.68 -32.69 62.14
C ILE G 29 2.38 -31.97 60.83
N SER G 30 3.38 -31.32 60.25
CA SER G 30 3.23 -30.60 59.00
C SER G 30 4.15 -31.20 57.95
N ILE G 31 3.59 -31.52 56.79
CA ILE G 31 4.33 -32.09 55.68
C ILE G 31 4.16 -31.18 54.47
N THR G 32 5.27 -30.80 53.85
CA THR G 32 5.24 -29.95 52.65
C THR G 32 6.02 -30.64 51.54
N PRO G 33 5.34 -31.21 50.53
CA PRO G 33 6.05 -31.80 49.39
C PRO G 33 6.49 -30.72 48.42
N THR G 34 7.80 -30.45 48.40
CA THR G 34 8.33 -29.43 47.50
C THR G 34 8.52 -29.97 46.09
N LYS G 35 8.69 -31.28 45.93
CA LYS G 35 8.89 -31.87 44.62
C LYS G 35 8.63 -33.36 44.70
N ILE G 36 7.74 -33.85 43.83
CA ILE G 36 7.40 -35.27 43.74
C ILE G 36 7.82 -35.75 42.37
N LYS G 37 8.71 -36.72 42.33
CA LYS G 37 9.29 -37.22 41.08
C LYS G 37 8.78 -38.61 40.77
N LEU G 38 8.77 -38.93 39.47
CA LEU G 38 8.37 -40.24 38.97
C LEU G 38 9.38 -40.62 37.91
N ILE G 39 10.25 -41.57 38.23
CA ILE G 39 11.38 -41.94 37.39
C ILE G 39 11.19 -43.37 36.91
N PRO G 40 10.68 -43.57 35.70
CA PRO G 40 10.58 -44.93 35.15
C PRO G 40 11.95 -45.50 34.84
N THR G 41 12.06 -46.81 34.91
CA THR G 41 13.27 -47.50 34.49
C THR G 41 13.23 -47.66 32.98
N VAL G 42 14.29 -47.19 32.30
CA VAL G 42 14.31 -47.11 30.85
C VAL G 42 15.47 -47.93 30.31
N ASN G 43 15.23 -48.63 29.22
CA ASN G 43 16.24 -49.40 28.51
C ASN G 43 16.44 -48.78 27.13
N LEU G 44 17.67 -48.47 26.78
CA LEU G 44 17.97 -47.85 25.49
C LEU G 44 17.80 -48.89 24.39
N GLU G 45 16.65 -48.87 23.73
CA GLU G 45 16.42 -49.79 22.62
C GLU G 45 17.39 -49.51 21.48
N TYR G 46 17.45 -48.27 21.01
CA TYR G 46 18.41 -47.94 19.95
C TYR G 46 18.51 -46.42 19.80
N VAL G 47 19.27 -46.00 18.78
CA VAL G 47 19.56 -44.60 18.50
C VAL G 47 19.39 -44.37 17.00
N THR G 48 18.67 -43.30 16.64
CA THR G 48 18.41 -42.96 15.25
C THR G 48 18.88 -41.54 14.96
N CYS G 49 19.49 -41.35 13.80
CA CYS G 49 19.90 -40.03 13.35
C CYS G 49 19.79 -39.96 11.84
N HIS G 50 20.16 -38.81 11.29
CA HIS G 50 20.22 -38.67 9.83
C HIS G 50 21.25 -39.64 9.26
N TYR G 51 20.91 -40.25 8.13
CA TYR G 51 21.85 -41.14 7.50
C TYR G 51 22.70 -40.38 6.49
N LYS G 52 23.66 -41.08 5.89
CA LYS G 52 24.53 -40.50 4.87
C LYS G 52 24.81 -41.59 3.85
N THR G 53 24.45 -41.34 2.59
CA THR G 53 24.70 -42.30 1.54
C THR G 53 26.13 -42.15 1.03
N GLY G 54 26.94 -43.18 1.27
CA GLY G 54 28.32 -43.19 0.83
C GLY G 54 28.48 -44.07 -0.39
N MET G 55 29.11 -43.52 -1.42
CA MET G 55 29.33 -44.21 -2.68
C MET G 55 30.82 -44.42 -2.88
N ASP G 56 31.20 -45.65 -3.22
CA ASP G 56 32.57 -45.91 -3.62
C ASP G 56 32.83 -45.30 -4.99
N SER G 57 34.08 -44.90 -5.22
CA SER G 57 34.44 -44.35 -6.52
C SER G 57 34.15 -45.39 -7.60
N PRO G 58 33.48 -45.02 -8.70
CA PRO G 58 33.08 -46.01 -9.70
C PRO G 58 34.28 -46.76 -10.25
N ALA G 59 34.13 -48.06 -10.39
CA ALA G 59 35.20 -48.91 -10.90
C ALA G 59 35.00 -49.02 -12.41
N ILE G 60 35.77 -48.24 -13.17
CA ILE G 60 35.62 -48.17 -14.62
C ILE G 60 36.64 -49.11 -15.26
N LYS G 61 36.15 -50.08 -16.02
CA LYS G 61 36.98 -51.01 -16.77
C LYS G 61 36.77 -50.75 -18.25
N CYS G 62 37.86 -50.43 -18.95
CA CYS G 62 37.81 -50.13 -20.37
C CYS G 62 37.99 -51.40 -21.18
N CYS G 63 37.09 -51.63 -22.14
CA CYS G 63 37.15 -52.79 -23.02
C CYS G 63 37.16 -54.09 -22.23
N GLY G 64 36.35 -54.15 -21.18
CA GLY G 64 36.30 -55.33 -20.34
C GLY G 64 35.00 -55.39 -19.57
N SER G 65 34.93 -56.38 -18.67
CA SER G 65 33.75 -56.59 -17.84
C SER G 65 34.18 -56.85 -16.41
N GLN G 66 33.29 -56.53 -15.47
CA GLN G 66 33.54 -56.67 -14.04
C GLN G 66 32.41 -57.46 -13.41
N GLU G 67 32.60 -57.80 -12.13
CA GLU G 67 31.64 -58.59 -11.38
C GLU G 67 31.30 -57.86 -10.09
N CYS G 68 30.14 -58.20 -9.53
CA CYS G 68 29.65 -57.54 -8.33
C CYS G 68 30.30 -58.14 -7.09
N THR G 69 31.05 -57.34 -6.37
CA THR G 69 31.59 -57.75 -5.08
C THR G 69 30.41 -57.99 -4.12
N PRO G 70 30.42 -59.08 -3.35
CA PRO G 70 29.27 -59.39 -2.50
C PRO G 70 29.05 -58.35 -1.40
N THR G 71 27.80 -58.26 -0.97
CA THR G 71 27.36 -57.19 -0.07
C THR G 71 27.81 -57.46 1.36
N TYR G 72 28.37 -56.44 2.01
CA TYR G 72 28.83 -56.57 3.38
C TYR G 72 28.55 -55.34 4.24
N ARG G 73 27.81 -54.36 3.76
CA ARG G 73 27.63 -53.09 4.46
C ARG G 73 26.14 -52.77 4.60
N PRO G 74 25.78 -51.85 5.50
CA PRO G 74 24.35 -51.54 5.69
C PRO G 74 23.73 -51.00 4.41
N ASP G 75 22.61 -51.63 4.01
CA ASP G 75 21.88 -51.27 2.79
C ASP G 75 22.79 -51.23 1.57
N GLU G 76 23.88 -51.99 1.59
CA GLU G 76 24.88 -51.92 0.55
C GLU G 76 24.36 -52.55 -0.74
N GLN G 77 24.56 -51.86 -1.85
CA GLN G 77 24.17 -52.35 -3.17
C GLN G 77 25.27 -52.09 -4.17
N CYS G 78 25.40 -53.00 -5.13
CA CYS G 78 26.40 -52.92 -6.18
C CYS G 78 25.76 -53.29 -7.50
N LYS G 79 26.14 -52.60 -8.58
CA LYS G 79 25.59 -52.89 -9.89
C LYS G 79 26.62 -52.55 -10.95
N VAL G 80 26.69 -53.37 -12.00
CA VAL G 80 27.62 -53.18 -13.10
C VAL G 80 26.84 -52.68 -14.30
N PHE G 81 27.16 -51.48 -14.77
CA PHE G 81 26.53 -50.88 -15.94
C PHE G 81 27.47 -51.04 -17.13
N THR G 82 26.96 -51.64 -18.20
CA THR G 82 27.76 -51.90 -19.40
C THR G 82 27.52 -50.82 -20.45
N GLY G 83 28.44 -50.74 -21.40
CA GLY G 83 28.33 -49.77 -22.47
C GLY G 83 28.43 -48.33 -22.04
N VAL G 84 29.38 -48.01 -21.17
CA VAL G 84 29.59 -46.63 -20.71
C VAL G 84 30.79 -46.06 -21.44
N TYR G 85 30.78 -44.74 -21.62
CA TYR G 85 31.87 -44.01 -22.27
C TYR G 85 32.19 -42.80 -21.42
N PRO G 86 32.91 -43.00 -20.31
CA PRO G 86 33.13 -41.90 -19.37
C PRO G 86 34.01 -40.81 -19.94
N PHE G 87 33.85 -39.61 -19.39
CA PHE G 87 34.65 -38.46 -19.75
C PHE G 87 35.27 -37.86 -18.49
N MET G 88 36.46 -37.28 -18.65
CA MET G 88 37.14 -36.55 -17.59
C MET G 88 37.60 -35.22 -18.16
N TRP G 89 38.25 -34.41 -17.32
CA TRP G 89 38.73 -33.11 -17.79
C TRP G 89 39.81 -33.27 -18.85
N GLY G 90 40.59 -34.35 -18.78
CA GLY G 90 41.56 -34.60 -19.83
C GLY G 90 40.92 -34.96 -21.16
N GLY G 91 39.87 -35.76 -21.11
CA GLY G 91 39.18 -36.18 -22.31
C GLY G 91 38.48 -37.51 -22.08
N ALA G 92 38.22 -38.21 -23.18
CA ALA G 92 37.59 -39.52 -23.09
C ALA G 92 38.46 -40.48 -22.29
N TYR G 93 37.84 -41.24 -21.40
CA TYR G 93 38.60 -42.13 -20.52
C TYR G 93 38.93 -43.44 -21.21
N CYS G 94 37.93 -44.09 -21.80
CA CYS G 94 38.13 -45.34 -22.52
C CYS G 94 38.24 -45.07 -24.02
N PHE G 95 38.87 -46.01 -24.72
CA PHE G 95 38.97 -45.92 -26.18
C PHE G 95 38.02 -46.85 -26.91
N CYS G 96 37.40 -47.81 -26.22
CA CYS G 96 36.36 -48.63 -26.83
C CYS G 96 35.02 -47.90 -26.71
N ASP G 97 34.30 -47.81 -27.83
CA ASP G 97 33.00 -47.16 -27.81
C ASP G 97 31.99 -47.95 -26.99
N THR G 98 32.08 -49.28 -27.02
CA THR G 98 31.18 -50.14 -26.26
C THR G 98 31.99 -51.10 -25.40
N GLU G 99 31.32 -52.13 -24.84
CA GLU G 99 31.92 -53.17 -24.01
C GLU G 99 32.85 -52.60 -22.94
N ASN G 100 32.55 -51.40 -22.45
CA ASN G 100 33.16 -50.85 -21.26
C ASN G 100 32.17 -50.97 -20.11
N THR G 101 32.69 -51.16 -18.90
CA THR G 101 31.84 -51.37 -17.74
C THR G 101 32.19 -50.39 -16.64
N GLN G 102 31.19 -50.09 -15.81
CA GLN G 102 31.39 -49.26 -14.63
C GLN G 102 30.64 -49.92 -13.47
N VAL G 103 31.37 -50.20 -12.39
CA VAL G 103 30.77 -50.74 -11.19
C VAL G 103 30.42 -49.58 -10.27
N SER G 104 29.13 -49.44 -9.98
CA SER G 104 28.63 -48.47 -9.02
C SER G 104 28.27 -49.17 -7.73
N LYS G 105 28.57 -48.53 -6.61
CA LYS G 105 28.44 -49.18 -5.31
C LYS G 105 28.06 -48.13 -4.27
N ALA G 106 26.99 -48.40 -3.52
CA ALA G 106 26.49 -47.45 -2.54
C ALA G 106 26.17 -48.18 -1.24
N TYR G 107 26.17 -47.42 -0.15
CA TYR G 107 25.80 -47.96 1.16
C TYR G 107 25.39 -46.79 2.05
N VAL G 108 24.97 -47.11 3.27
CA VAL G 108 24.41 -46.13 4.20
C VAL G 108 25.25 -46.14 5.47
N MET G 109 25.62 -44.96 5.96
CA MET G 109 26.32 -44.81 7.22
C MET G 109 25.58 -43.80 8.09
N LYS G 110 25.98 -43.71 9.35
CA LYS G 110 25.49 -42.65 10.21
C LYS G 110 26.11 -41.32 9.79
N SER G 111 25.34 -40.25 9.97
CA SER G 111 25.85 -38.92 9.68
C SER G 111 26.96 -38.57 10.66
N ASP G 112 27.81 -37.63 10.25
CA ASP G 112 28.93 -37.22 11.09
C ASP G 112 28.45 -36.56 12.39
N ASP G 113 27.21 -36.08 12.42
CA ASP G 113 26.66 -35.37 13.57
C ASP G 113 25.78 -36.26 14.44
N CYS G 114 25.88 -37.57 14.29
CA CYS G 114 25.06 -38.48 15.08
C CYS G 114 25.42 -38.47 16.56
N LEU G 115 26.62 -38.01 16.91
CA LEU G 115 27.01 -37.95 18.31
C LEU G 115 26.25 -36.87 19.07
N ALA G 116 25.71 -35.88 18.37
CA ALA G 116 24.99 -34.78 19.01
C ALA G 116 23.53 -34.72 18.61
N ASP G 117 23.23 -34.74 17.31
CA ASP G 117 21.85 -34.65 16.82
C ASP G 117 21.35 -36.07 16.56
N HIS G 118 20.92 -36.72 17.63
CA HIS G 118 20.35 -38.07 17.55
C HIS G 118 19.20 -38.19 18.51
N ALA G 119 18.32 -39.15 18.23
CA ALA G 119 17.16 -39.44 19.06
C ALA G 119 17.30 -40.85 19.62
N GLU G 120 17.06 -40.98 20.92
CA GLU G 120 17.22 -42.27 21.61
C GLU G 120 15.84 -42.88 21.83
N ALA G 121 15.64 -44.08 21.29
CA ALA G 121 14.40 -44.83 21.47
C ALA G 121 14.58 -45.76 22.66
N TYR G 122 13.74 -45.55 23.69
CA TYR G 122 13.76 -46.24 24.96
C TYR G 122 12.48 -47.04 25.15
N LYS G 123 12.58 -48.06 26.00
CA LYS G 123 11.41 -48.75 26.55
C LYS G 123 11.28 -48.38 28.02
N ALA G 124 10.11 -47.87 28.40
CA ALA G 124 9.88 -47.30 29.71
C ALA G 124 8.90 -48.15 30.50
N HIS G 125 9.25 -48.49 31.73
CA HIS G 125 8.39 -49.26 32.61
C HIS G 125 8.90 -49.11 34.04
N THR G 126 8.11 -49.63 34.98
CA THR G 126 8.48 -49.72 36.40
C THR G 126 8.81 -48.33 36.95
N ALA G 127 7.76 -47.54 37.08
CA ALA G 127 7.90 -46.20 37.64
C ALA G 127 8.23 -46.26 39.13
N SER G 128 9.10 -45.35 39.56
CA SER G 128 9.44 -45.21 40.97
C SER G 128 9.23 -43.76 41.38
N VAL G 129 8.84 -43.55 42.63
CA VAL G 129 8.41 -42.24 43.12
C VAL G 129 9.31 -41.82 44.28
N GLN G 130 9.71 -40.55 44.27
CA GLN G 130 10.44 -39.94 45.35
C GLN G 130 9.79 -38.61 45.70
N ALA G 131 9.84 -38.24 46.98
CA ALA G 131 9.20 -37.02 47.46
C ALA G 131 10.16 -36.25 48.33
N PHE G 132 10.30 -34.94 48.06
CA PHE G 132 11.16 -34.04 48.83
C PHE G 132 10.25 -33.35 49.85
N LEU G 133 10.17 -33.92 51.04
CA LEU G 133 9.24 -33.43 52.06
C LEU G 133 9.98 -32.58 53.08
N ASN G 134 9.44 -31.39 53.36
CA ASN G 134 9.74 -30.66 54.57
C ASN G 134 8.81 -31.18 55.66
N ILE G 135 9.38 -31.81 56.68
CA ILE G 135 8.59 -32.46 57.73
C ILE G 135 8.87 -31.77 59.05
N THR G 136 7.81 -31.32 59.72
CA THR G 136 7.92 -30.66 61.02
C THR G 136 7.00 -31.37 61.99
N VAL G 137 7.60 -32.10 62.93
CA VAL G 137 6.87 -32.79 63.99
C VAL G 137 7.52 -32.45 65.33
N GLY G 138 6.69 -32.08 66.31
CA GLY G 138 7.19 -31.75 67.62
C GLY G 138 8.21 -30.63 67.60
N GLU G 139 7.89 -29.55 66.88
CA GLU G 139 8.79 -28.41 66.64
C GLU G 139 10.18 -28.87 66.21
N HIS G 140 10.25 -30.01 65.53
CA HIS G 140 11.47 -30.53 64.92
C HIS G 140 11.27 -30.55 63.42
N SER G 141 12.11 -29.82 62.69
CA SER G 141 11.94 -29.62 61.25
C SER G 141 13.13 -30.19 60.50
N ILE G 142 12.84 -30.97 59.46
CA ILE G 142 13.85 -31.58 58.61
C ILE G 142 13.38 -31.52 57.16
N VAL G 143 14.30 -31.83 56.25
CA VAL G 143 14.02 -31.98 54.83
C VAL G 143 14.56 -33.34 54.39
N THR G 144 13.72 -34.15 53.76
CA THR G 144 14.12 -35.49 53.39
C THR G 144 13.62 -35.86 52.00
N THR G 145 14.45 -36.59 51.25
CA THR G 145 14.08 -37.14 49.95
C THR G 145 13.69 -38.59 50.19
N VAL G 146 12.43 -38.80 50.54
CA VAL G 146 11.94 -40.12 50.92
C VAL G 146 11.43 -40.85 49.69
N TYR G 147 11.79 -42.12 49.57
CA TYR G 147 11.27 -42.96 48.51
C TYR G 147 9.85 -43.37 48.86
N VAL G 148 8.97 -43.37 47.86
CA VAL G 148 7.55 -43.57 48.09
C VAL G 148 7.17 -45.05 47.92
N ASN G 149 8.16 -45.94 47.90
CA ASN G 149 7.88 -47.35 48.06
C ASN G 149 7.61 -47.65 49.53
N GLY G 150 6.74 -48.63 49.77
CA GLY G 150 6.34 -48.94 51.12
C GLY G 150 7.38 -49.69 51.94
N GLU G 151 8.57 -49.93 51.39
CA GLU G 151 9.57 -50.78 52.01
C GLU G 151 10.61 -49.99 52.81
N THR G 152 11.00 -48.80 52.36
CA THR G 152 12.12 -48.08 52.94
C THR G 152 11.64 -47.01 53.92
N PRO G 153 11.93 -47.13 55.21
CA PRO G 153 11.68 -46.04 56.15
C PRO G 153 12.72 -44.94 56.06
N VAL G 154 12.44 -43.84 56.74
CA VAL G 154 13.39 -42.77 57.00
C VAL G 154 13.33 -42.41 58.48
N ASN G 155 14.49 -42.29 59.12
CA ASN G 155 14.59 -42.11 60.56
C ASN G 155 15.22 -40.76 60.89
N PHE G 156 14.69 -40.10 61.92
CA PHE G 156 15.27 -38.86 62.42
C PHE G 156 14.76 -38.61 63.82
N ASN G 157 15.67 -38.41 64.77
CA ASN G 157 15.33 -38.13 66.17
C ASN G 157 14.41 -39.18 66.75
N GLY G 158 14.65 -40.44 66.38
CA GLY G 158 13.83 -41.54 66.84
C GLY G 158 12.49 -41.70 66.14
N VAL G 159 12.15 -40.78 65.24
CA VAL G 159 10.90 -40.84 64.49
C VAL G 159 11.13 -41.61 63.21
N LYS G 160 10.20 -42.49 62.88
CA LYS G 160 10.24 -43.30 61.66
C LYS G 160 9.09 -42.89 60.76
N ILE G 161 9.38 -42.67 59.48
CA ILE G 161 8.38 -42.34 58.48
C ILE G 161 8.48 -43.34 57.34
N THR G 162 7.38 -44.00 57.03
CA THR G 162 7.30 -44.93 55.91
C THR G 162 6.26 -44.39 54.94
N ALA G 163 6.70 -43.95 53.77
CA ALA G 163 5.82 -43.36 52.77
C ALA G 163 5.40 -44.40 51.74
N GLY G 164 4.26 -44.15 51.12
CA GLY G 164 3.78 -44.97 50.03
C GLY G 164 3.20 -46.29 50.49
N PRO G 165 2.85 -47.16 49.53
CA PRO G 165 3.01 -46.96 48.09
C PRO G 165 1.98 -45.99 47.51
N LEU G 166 2.29 -45.41 46.35
CA LEU G 166 1.41 -44.42 45.75
C LEU G 166 0.05 -45.02 45.44
N SER G 167 -0.99 -44.20 45.61
CA SER G 167 -2.36 -44.69 45.43
C SER G 167 -2.62 -45.12 43.99
N THR G 168 -2.12 -44.36 43.03
CA THR G 168 -2.37 -44.62 41.62
C THR G 168 -1.07 -45.04 40.93
N ALA G 169 -1.18 -46.06 40.09
CA ALA G 169 -0.05 -46.53 39.28
C ALA G 169 0.05 -45.82 37.94
N TRP G 170 -0.76 -44.78 37.72
CA TRP G 170 -0.73 -44.05 36.47
C TRP G 170 0.63 -43.39 36.25
N THR G 171 1.06 -43.36 35.00
CA THR G 171 2.30 -42.73 34.60
C THR G 171 2.11 -42.05 33.25
N PRO G 172 2.80 -40.92 33.02
CA PRO G 172 2.65 -40.26 31.72
C PRO G 172 3.34 -41.00 30.59
N PHE G 173 4.52 -41.57 30.83
CA PHE G 173 5.22 -42.32 29.81
C PHE G 173 4.53 -43.65 29.55
N ASP G 174 4.41 -44.00 28.28
CA ASP G 174 3.92 -45.31 27.89
C ASP G 174 5.10 -46.27 27.73
N ARG G 175 4.85 -47.45 27.16
CA ARG G 175 5.90 -48.47 27.10
C ARG G 175 7.09 -48.02 26.27
N LYS G 176 6.83 -47.39 25.12
CA LYS G 176 7.88 -46.99 24.19
C LYS G 176 7.95 -45.48 24.12
N ILE G 177 9.11 -44.91 24.42
CA ILE G 177 9.30 -43.47 24.42
C ILE G 177 10.51 -43.11 23.58
N VAL G 178 10.56 -41.84 23.17
CA VAL G 178 11.66 -41.33 22.35
C VAL G 178 12.15 -40.03 22.99
N GLN G 179 13.45 -39.96 23.26
CA GLN G 179 14.07 -38.75 23.79
C GLN G 179 14.82 -38.04 22.68
N TYR G 180 14.49 -36.78 22.45
CA TYR G 180 15.20 -35.96 21.47
C TYR G 180 15.25 -34.52 21.96
N ALA G 181 16.45 -33.94 21.94
CA ALA G 181 16.66 -32.53 22.24
C ALA G 181 16.11 -32.17 23.62
N GLY G 182 16.26 -33.07 24.57
CA GLY G 182 15.79 -32.82 25.92
C GLY G 182 14.29 -32.91 26.09
N GLU G 183 13.58 -33.49 25.13
CA GLU G 183 12.13 -33.64 25.22
C GLU G 183 11.76 -35.09 25.00
N ILE G 184 10.64 -35.50 25.61
CA ILE G 184 10.19 -36.89 25.60
C ILE G 184 8.90 -36.97 24.82
N TYR G 185 8.84 -37.91 23.87
CA TYR G 185 7.67 -38.13 23.04
C TYR G 185 7.19 -39.55 23.24
N ASN G 186 5.86 -39.72 23.28
CA ASN G 186 5.25 -41.04 23.32
C ASN G 186 5.10 -41.51 21.88
N TYR G 187 6.09 -42.25 21.41
CA TYR G 187 6.15 -42.69 20.03
C TYR G 187 6.28 -44.20 19.98
N ASP G 188 5.51 -44.83 19.08
CA ASP G 188 5.55 -46.28 18.89
C ASP G 188 6.58 -46.61 17.80
N PHE G 189 7.85 -46.44 18.16
CA PHE G 189 8.92 -46.63 17.21
C PHE G 189 9.04 -48.10 16.81
N PRO G 190 9.53 -48.39 15.62
CA PRO G 190 9.74 -49.78 15.22
C PRO G 190 10.84 -50.43 16.05
N GLU G 191 10.74 -51.74 16.20
CA GLU G 191 11.76 -52.48 16.95
C GLU G 191 13.07 -52.51 16.16
N TYR G 192 14.15 -52.81 16.87
CA TYR G 192 15.45 -52.89 16.22
C TYR G 192 15.44 -53.98 15.15
N GLY G 193 15.93 -53.63 13.97
CA GLY G 193 15.86 -54.54 12.84
C GLY G 193 14.54 -54.54 12.12
N ALA G 194 13.62 -53.64 12.45
CA ALA G 194 12.32 -53.57 11.82
C ALA G 194 12.00 -52.16 11.36
N GLY G 195 13.01 -51.36 11.06
CA GLY G 195 12.79 -50.03 10.55
C GLY G 195 12.32 -50.05 9.10
N GLN G 196 11.65 -48.97 8.72
CA GLN G 196 11.07 -48.87 7.39
C GLN G 196 11.53 -47.59 6.71
N PRO G 197 11.62 -47.60 5.38
CA PRO G 197 12.11 -46.42 4.66
C PRO G 197 11.23 -45.20 4.90
N GLY G 198 11.86 -44.03 4.96
CA GLY G 198 11.14 -42.78 5.07
C GLY G 198 10.40 -42.56 6.37
N ALA G 199 10.65 -43.38 7.38
CA ALA G 199 10.01 -43.25 8.68
C ALA G 199 11.06 -43.30 9.77
N PHE G 200 10.66 -42.91 10.98
CA PHE G 200 11.57 -42.92 12.11
C PHE G 200 12.14 -44.32 12.33
N GLY G 201 13.45 -44.38 12.60
CA GLY G 201 14.10 -45.66 12.75
C GLY G 201 14.43 -46.36 11.45
N ASP G 202 14.46 -45.63 10.34
CA ASP G 202 14.85 -46.25 9.07
C ASP G 202 16.29 -46.73 9.11
N ILE G 203 17.15 -46.05 9.86
CA ILE G 203 18.46 -46.56 10.23
C ILE G 203 18.55 -46.58 11.75
N GLN G 204 19.12 -47.64 12.29
CA GLN G 204 19.14 -47.86 13.73
C GLN G 204 20.52 -48.31 14.18
N SER G 205 20.97 -47.76 15.30
CA SER G 205 22.21 -48.18 15.94
C SER G 205 21.92 -48.50 17.40
N ARG G 206 22.51 -49.58 17.89
CA ARG G 206 22.25 -49.99 19.27
C ARG G 206 22.73 -48.94 20.25
N THR G 207 23.88 -48.31 19.98
CA THR G 207 24.42 -47.26 20.82
C THR G 207 25.01 -46.20 19.90
N VAL G 208 25.09 -44.96 20.41
CA VAL G 208 25.61 -43.86 19.61
C VAL G 208 27.02 -44.11 19.13
N SER G 209 27.80 -44.92 19.85
CA SER G 209 29.16 -45.27 19.46
C SER G 209 29.27 -46.71 18.97
N SER G 210 28.14 -47.40 18.77
CA SER G 210 28.17 -48.80 18.38
C SER G 210 28.68 -48.96 16.96
N SER G 211 29.20 -50.15 16.67
CA SER G 211 29.75 -50.47 15.36
C SER G 211 28.73 -51.11 14.42
N ASP G 212 27.53 -51.40 14.91
CA ASP G 212 26.48 -51.97 14.08
C ASP G 212 25.56 -50.89 13.55
N LEU G 213 24.86 -51.22 12.46
CA LEU G 213 23.90 -50.30 11.87
C LEU G 213 22.95 -51.08 10.99
N TYR G 214 21.68 -51.11 11.36
CA TYR G 214 20.63 -51.63 10.49
C TYR G 214 20.12 -50.47 9.64
N ALA G 215 20.15 -50.64 8.32
CA ALA G 215 19.72 -49.60 7.40
C ALA G 215 18.64 -50.16 6.48
N ASN G 216 17.57 -49.39 6.31
CA ASN G 216 16.49 -49.74 5.39
C ASN G 216 15.92 -48.43 4.85
N THR G 217 16.45 -47.98 3.71
CA THR G 217 16.10 -46.69 3.15
C THR G 217 15.67 -46.75 1.70
N ASN G 218 15.41 -47.95 1.16
CA ASN G 218 15.00 -48.13 -0.23
C ASN G 218 16.03 -47.56 -1.21
N LEU G 219 17.30 -47.75 -0.90
CA LEU G 219 18.36 -47.32 -1.80
C LEU G 219 18.35 -48.18 -3.05
N VAL G 220 18.34 -47.53 -4.22
CA VAL G 220 18.48 -48.20 -5.50
C VAL G 220 19.47 -47.41 -6.34
N LEU G 221 20.10 -48.08 -7.30
CA LEU G 221 21.11 -47.48 -8.15
C LEU G 221 20.54 -47.23 -9.54
N GLN G 222 20.74 -46.02 -10.05
CA GLN G 222 20.34 -45.65 -11.41
C GLN G 222 21.55 -45.71 -12.34
N ARG G 223 21.26 -45.77 -13.64
CA ARG G 223 22.33 -45.82 -14.62
C ARG G 223 23.02 -44.47 -14.73
N PRO G 224 24.34 -44.44 -14.78
CA PRO G 224 25.05 -43.16 -14.94
C PRO G 224 24.69 -42.49 -16.25
N LYS G 225 24.68 -41.16 -16.23
CA LYS G 225 24.44 -40.39 -17.44
C LYS G 225 25.54 -40.65 -18.45
N ALA G 226 25.18 -40.55 -19.73
CA ALA G 226 26.15 -40.81 -20.80
C ALA G 226 27.30 -39.82 -20.72
N GLY G 227 28.52 -40.35 -20.75
CA GLY G 227 29.71 -39.52 -20.64
C GLY G 227 29.84 -38.81 -19.31
N ALA G 228 29.61 -39.53 -18.21
CA ALA G 228 29.70 -38.95 -16.88
C ALA G 228 30.20 -40.00 -15.92
N ILE G 229 31.01 -39.57 -14.94
CA ILE G 229 31.53 -40.45 -13.91
C ILE G 229 30.87 -40.05 -12.60
N HIS G 230 29.87 -40.80 -12.18
CA HIS G 230 29.21 -40.60 -10.90
C HIS G 230 28.39 -41.84 -10.59
N VAL G 231 27.91 -41.93 -9.36
CA VAL G 231 27.06 -43.04 -8.95
C VAL G 231 25.68 -42.50 -8.66
N PRO G 232 24.75 -42.51 -9.62
CA PRO G 232 23.38 -42.12 -9.33
C PRO G 232 22.71 -43.11 -8.41
N TYR G 233 21.81 -42.60 -7.58
CA TYR G 233 21.06 -43.45 -6.67
C TYR G 233 19.75 -42.76 -6.33
N THR G 234 18.79 -43.55 -5.87
CA THR G 234 17.50 -43.02 -5.44
C THR G 234 17.17 -43.62 -4.08
N GLN G 235 16.79 -42.76 -3.14
CA GLN G 235 16.52 -43.18 -1.78
C GLN G 235 15.23 -42.54 -1.28
N ALA G 236 14.59 -43.21 -0.33
CA ALA G 236 13.52 -42.58 0.41
C ALA G 236 14.10 -41.49 1.30
N PRO G 237 13.50 -40.31 1.37
CA PRO G 237 14.07 -39.23 2.18
C PRO G 237 14.20 -39.65 3.63
N SER G 238 15.09 -38.96 4.35
CA SER G 238 15.45 -39.37 5.69
C SER G 238 14.23 -39.45 6.59
N GLY G 239 14.12 -40.54 7.34
CA GLY G 239 13.01 -40.69 8.26
C GLY G 239 13.14 -39.86 9.50
N PHE G 240 14.39 -39.60 9.93
CA PHE G 240 14.60 -38.74 11.09
C PHE G 240 14.15 -37.31 10.82
N GLU G 241 14.50 -36.77 9.66
CA GLU G 241 14.11 -35.40 9.35
C GLU G 241 12.61 -35.28 9.13
N GLN G 242 12.01 -36.28 8.49
CA GLN G 242 10.55 -36.30 8.35
C GLN G 242 9.87 -36.39 9.70
N TRP G 243 10.40 -37.22 10.61
CA TRP G 243 9.85 -37.29 11.96
C TRP G 243 9.95 -35.94 12.66
N LYS G 244 11.08 -35.26 12.51
CA LYS G 244 11.22 -33.93 13.08
C LYS G 244 10.24 -32.95 12.48
N LYS G 245 9.85 -33.15 11.22
CA LYS G 245 8.82 -32.30 10.63
C LYS G 245 7.44 -32.55 11.23
N ASP G 246 7.18 -33.74 11.75
CA ASP G 246 5.87 -34.12 12.25
C ASP G 246 5.96 -34.75 13.64
N LYS G 247 6.73 -34.12 14.53
CA LYS G 247 6.91 -34.68 15.86
C LYS G 247 5.61 -34.68 16.66
N ALA G 248 4.84 -33.59 16.58
CA ALA G 248 3.74 -33.23 17.49
C ALA G 248 4.36 -32.78 18.82
N PRO G 249 3.63 -32.02 19.64
CA PRO G 249 4.25 -31.49 20.86
C PRO G 249 4.72 -32.59 21.80
N SER G 250 5.77 -32.26 22.56
CA SER G 250 6.39 -33.23 23.46
C SER G 250 5.48 -33.53 24.64
N LEU G 251 5.98 -34.35 25.56
CA LEU G 251 5.19 -34.72 26.72
C LEU G 251 5.04 -33.56 27.69
N LYS G 252 6.03 -32.65 27.74
CA LYS G 252 5.92 -31.50 28.62
C LYS G 252 4.75 -30.60 28.24
N PHE G 253 4.21 -30.74 27.04
CA PHE G 253 3.07 -29.96 26.58
C PHE G 253 1.78 -30.76 26.51
N THR G 254 1.84 -32.10 26.49
CA THR G 254 0.67 -32.93 26.32
C THR G 254 0.48 -33.93 27.46
N ALA G 255 1.06 -33.65 28.64
CA ALA G 255 0.89 -34.64 29.68
C ALA G 255 -0.29 -34.30 30.58
N PRO G 256 -1.02 -35.29 31.06
CA PRO G 256 -2.15 -35.03 31.97
C PRO G 256 -1.66 -34.74 33.38
N PHE G 257 -2.59 -34.25 34.21
CA PHE G 257 -2.37 -33.97 35.62
C PHE G 257 -1.28 -32.93 35.85
N GLY G 258 -0.94 -32.13 34.83
CA GLY G 258 0.02 -31.07 35.01
C GLY G 258 1.45 -31.53 35.23
N CYS G 259 1.79 -32.73 34.79
CA CYS G 259 3.14 -33.26 34.96
C CYS G 259 4.15 -32.42 34.17
N GLU G 260 5.35 -32.29 34.73
CA GLU G 260 6.45 -31.59 34.07
C GLU G 260 7.51 -32.61 33.72
N ILE G 261 7.81 -32.76 32.44
CA ILE G 261 8.71 -33.81 31.97
C ILE G 261 10.13 -33.27 31.87
N TYR G 262 11.07 -33.98 32.48
CA TYR G 262 12.48 -33.62 32.46
C TYR G 262 13.29 -34.83 32.01
N THR G 263 14.53 -34.56 31.59
CA THR G 263 15.43 -35.60 31.12
C THR G 263 16.72 -35.57 31.93
N ASN G 264 17.47 -36.67 31.83
CA ASN G 264 18.73 -36.88 32.53
C ASN G 264 18.57 -36.73 34.04
N PRO G 265 17.88 -37.67 34.72
CA PRO G 265 17.17 -38.84 34.18
C PRO G 265 15.78 -38.48 33.65
N ILE G 266 15.20 -39.36 32.85
CA ILE G 266 13.85 -39.14 32.32
C ILE G 266 12.87 -39.28 33.48
N ARG G 267 12.18 -38.20 33.81
CA ARG G 267 11.31 -38.17 34.97
C ARG G 267 10.13 -37.25 34.73
N ALA G 268 9.08 -37.46 35.52
CA ALA G 268 7.92 -36.59 35.54
C ALA G 268 7.76 -36.01 36.94
N GLU G 269 7.68 -34.69 37.04
CA GLU G 269 7.66 -34.01 38.32
C GLU G 269 6.32 -33.33 38.55
N ASN G 270 5.88 -33.31 39.81
CA ASN G 270 4.73 -32.54 40.27
C ASN G 270 3.45 -32.95 39.54
N CYS G 271 3.24 -34.27 39.44
CA CYS G 271 1.97 -34.79 38.95
C CYS G 271 0.93 -34.72 40.05
N ALA G 272 -0.15 -33.99 39.81
CA ALA G 272 -1.20 -33.80 40.81
C ALA G 272 -2.22 -34.94 40.74
N VAL G 273 -1.74 -36.15 41.02
CA VAL G 273 -2.57 -37.34 40.99
C VAL G 273 -2.23 -38.22 42.18
N GLY G 274 -3.23 -38.92 42.69
CA GLY G 274 -3.02 -39.88 43.76
C GLY G 274 -2.82 -39.23 45.11
N SER G 275 -2.50 -40.08 46.09
CA SER G 275 -2.26 -39.64 47.45
C SER G 275 -1.18 -40.51 48.06
N ILE G 276 -0.32 -39.89 48.86
CA ILE G 276 0.79 -40.59 49.52
C ILE G 276 0.32 -41.02 50.90
N PRO G 277 0.33 -42.32 51.22
CA PRO G 277 0.04 -42.76 52.58
C PRO G 277 1.30 -42.75 53.44
N LEU G 278 1.25 -42.05 54.58
CA LEU G 278 2.38 -41.95 55.48
C LEU G 278 2.11 -42.77 56.74
N ALA G 279 3.12 -43.50 57.19
CA ALA G 279 3.07 -44.24 58.43
C ALA G 279 4.11 -43.66 59.38
N PHE G 280 3.67 -43.22 60.55
CA PHE G 280 4.52 -42.54 61.51
C PHE G 280 4.73 -43.44 62.73
N ASP G 281 5.98 -43.53 63.18
CA ASP G 281 6.34 -44.16 64.44
C ASP G 281 7.05 -43.09 65.26
N ILE G 282 6.35 -42.52 66.22
CA ILE G 282 6.82 -41.36 66.98
C ILE G 282 7.23 -41.83 68.37
N PRO G 283 8.45 -41.56 68.81
CA PRO G 283 8.83 -41.90 70.19
C PRO G 283 8.07 -41.06 71.19
N ASP G 284 7.89 -41.62 72.39
CA ASP G 284 7.16 -40.94 73.45
C ASP G 284 7.92 -39.75 74.03
N ALA G 285 9.19 -39.58 73.68
CA ALA G 285 9.96 -38.46 74.20
C ALA G 285 9.39 -37.12 73.75
N LEU G 286 8.95 -37.03 72.49
CA LEU G 286 8.39 -35.78 72.00
C LEU G 286 7.07 -35.45 72.68
N PHE G 287 6.28 -36.46 73.03
CA PHE G 287 5.00 -36.22 73.67
C PHE G 287 5.17 -35.59 75.04
N THR G 288 4.25 -34.70 75.40
CA THR G 288 4.23 -34.05 76.70
C THR G 288 2.89 -34.30 77.36
N ARG G 289 2.90 -34.43 78.69
CA ARG G 289 1.67 -34.68 79.42
C ARG G 289 0.77 -33.43 79.40
N VAL G 290 -0.49 -33.65 79.75
CA VAL G 290 -1.47 -32.56 79.73
C VAL G 290 -1.09 -31.48 80.74
N SER G 291 -0.53 -31.87 81.88
CA SER G 291 -0.15 -30.89 82.90
C SER G 291 0.93 -29.95 82.38
N GLU G 292 1.92 -30.49 81.67
CA GLU G 292 3.01 -29.64 81.19
C GLU G 292 2.53 -28.61 80.18
N THR G 293 1.67 -29.02 79.26
CA THR G 293 1.19 -28.11 78.23
C THR G 293 0.17 -27.12 78.84
N PRO G 294 0.09 -25.91 78.30
CA PRO G 294 -0.95 -24.99 78.75
C PRO G 294 -2.34 -25.53 78.44
N THR G 295 -3.28 -25.23 79.34
CA THR G 295 -4.67 -25.64 79.20
C THR G 295 -5.52 -24.41 78.92
N LEU G 296 -6.34 -24.48 77.89
CA LEU G 296 -7.14 -23.34 77.46
C LEU G 296 -8.48 -23.29 78.19
N SER G 297 -8.96 -22.07 78.40
CA SER G 297 -10.25 -21.85 79.03
C SER G 297 -10.81 -20.50 78.58
N ALA G 298 -12.14 -20.41 78.50
CA ALA G 298 -12.85 -19.18 78.15
C ALA G 298 -12.38 -18.63 76.80
N ALA G 299 -12.62 -19.43 75.77
CA ALA G 299 -12.23 -19.09 74.40
C ALA G 299 -13.46 -18.94 73.53
N GLU G 300 -13.51 -17.86 72.75
CA GLU G 300 -14.62 -17.60 71.84
C GLU G 300 -14.06 -17.21 70.47
N CYS G 301 -14.63 -17.80 69.42
CA CYS G 301 -14.17 -17.56 68.05
C CYS G 301 -15.12 -16.62 67.33
N THR G 302 -14.55 -15.61 66.67
CA THR G 302 -15.30 -14.68 65.85
C THR G 302 -14.67 -14.61 64.47
N LEU G 303 -15.51 -14.71 63.44
CA LEU G 303 -15.05 -14.61 62.05
C LEU G 303 -15.15 -13.15 61.61
N ASN G 304 -14.10 -12.39 61.94
CA ASN G 304 -14.09 -10.97 61.58
C ASN G 304 -13.89 -10.74 60.10
N GLU G 305 -13.54 -11.77 59.34
CA GLU G 305 -13.35 -11.65 57.89
C GLU G 305 -13.35 -13.04 57.27
N CYS G 306 -14.11 -13.20 56.18
CA CYS G 306 -14.09 -14.46 55.45
C CYS G 306 -14.51 -14.24 54.01
N VAL G 307 -13.67 -14.71 53.10
CA VAL G 307 -14.02 -14.86 51.69
C VAL G 307 -13.60 -16.26 51.26
N TYR G 308 -14.52 -17.01 50.64
CA TYR G 308 -14.23 -18.40 50.28
C TYR G 308 -13.41 -18.42 48.99
N SER G 309 -12.16 -17.98 49.13
CA SER G 309 -11.19 -17.97 48.04
C SER G 309 -10.34 -19.23 48.08
N SER G 310 -9.54 -19.42 47.03
CA SER G 310 -8.66 -20.58 46.98
C SER G 310 -7.60 -20.52 48.07
N ASP G 311 -7.03 -19.34 48.31
CA ASP G 311 -6.01 -19.17 49.34
C ASP G 311 -6.68 -19.02 50.70
N PHE G 312 -5.90 -18.63 51.71
CA PHE G 312 -6.40 -18.47 53.08
C PHE G 312 -7.20 -17.17 53.15
N GLY G 313 -8.45 -17.24 52.69
CA GLY G 313 -9.30 -16.07 52.65
C GLY G 313 -10.18 -15.90 53.87
N GLY G 314 -9.67 -16.26 55.04
CA GLY G 314 -10.43 -16.08 56.26
C GLY G 314 -9.57 -15.87 57.48
N ILE G 315 -10.01 -15.02 58.39
CA ILE G 315 -9.30 -14.76 59.65
C ILE G 315 -10.27 -15.01 60.78
N ALA G 316 -9.85 -15.82 61.76
CA ALA G 316 -10.65 -16.11 62.94
C ALA G 316 -9.91 -15.58 64.17
N THR G 317 -10.60 -14.80 64.99
CA THR G 317 -10.04 -14.26 66.21
C THR G 317 -10.65 -14.99 67.40
N VAL G 318 -9.80 -15.58 68.24
CA VAL G 318 -10.26 -16.33 69.40
C VAL G 318 -9.80 -15.61 70.66
N LYS G 319 -10.75 -15.30 71.53
CA LYS G 319 -10.47 -14.73 72.84
C LYS G 319 -10.23 -15.88 73.82
N TYR G 320 -9.07 -15.86 74.48
CA TYR G 320 -8.63 -16.96 75.32
C TYR G 320 -8.17 -16.49 76.68
N SER G 321 -8.39 -17.36 77.67
CA SER G 321 -7.96 -17.18 79.05
C SER G 321 -7.21 -18.45 79.44
N ALA G 322 -5.93 -18.51 79.09
CA ALA G 322 -5.14 -19.71 79.27
C ALA G 322 -4.49 -19.75 80.65
N SER G 323 -4.14 -20.97 81.08
CA SER G 323 -3.47 -21.13 82.36
C SER G 323 -2.05 -20.57 82.32
N LYS G 324 -1.36 -20.73 81.20
CA LYS G 324 0.03 -20.30 81.08
C LYS G 324 0.38 -20.15 79.60
N SER G 325 1.51 -19.51 79.35
CA SER G 325 2.01 -19.39 77.98
C SER G 325 2.49 -20.73 77.47
N GLY G 326 2.51 -20.87 76.14
CA GLY G 326 2.93 -22.12 75.54
C GLY G 326 2.58 -22.17 74.06
N LYS G 327 2.44 -23.38 73.55
CA LYS G 327 2.13 -23.61 72.14
C LYS G 327 0.91 -24.53 72.04
N CYS G 328 -0.04 -24.17 71.17
CA CYS G 328 -1.20 -25.00 70.89
C CYS G 328 -1.12 -25.55 69.48
N ALA G 329 -1.42 -26.83 69.34
CA ALA G 329 -1.55 -27.47 68.03
C ALA G 329 -2.96 -27.19 67.54
N VAL G 330 -3.15 -26.00 66.99
CA VAL G 330 -4.46 -25.59 66.51
C VAL G 330 -4.81 -26.40 65.27
N HIS G 331 -6.02 -26.94 65.23
CA HIS G 331 -6.42 -27.84 64.15
C HIS G 331 -7.92 -27.91 64.09
N VAL G 332 -8.43 -28.10 62.87
CA VAL G 332 -9.87 -28.32 62.65
C VAL G 332 -10.07 -29.80 62.30
N PRO G 333 -10.64 -30.61 63.18
CA PRO G 333 -10.85 -32.03 62.85
C PRO G 333 -11.72 -32.24 61.62
N SER G 334 -12.71 -31.38 61.40
CA SER G 334 -13.56 -31.50 60.22
C SER G 334 -12.83 -30.95 58.99
N GLY G 335 -13.40 -31.23 57.83
CA GLY G 335 -12.91 -30.72 56.57
C GLY G 335 -13.47 -29.38 56.17
N THR G 336 -14.15 -28.69 57.09
CA THR G 336 -14.77 -27.40 56.76
C THR G 336 -13.72 -26.36 56.37
N ALA G 337 -12.62 -26.30 57.11
CA ALA G 337 -11.60 -25.28 56.88
C ALA G 337 -10.23 -25.91 56.95
N THR G 338 -9.28 -25.27 56.26
CA THR G 338 -7.87 -25.65 56.30
C THR G 338 -7.08 -24.53 56.97
N LEU G 339 -6.29 -24.89 57.96
CA LEU G 339 -5.58 -23.90 58.77
C LEU G 339 -4.20 -23.63 58.20
N LYS G 340 -3.86 -22.35 58.04
CA LYS G 340 -2.53 -21.99 57.59
C LYS G 340 -1.47 -22.38 58.62
N GLU G 341 -1.76 -22.21 59.90
CA GLU G 341 -0.81 -22.49 60.97
C GLU G 341 -1.18 -23.79 61.66
N ALA G 342 -0.19 -24.67 61.81
CA ALA G 342 -0.38 -25.90 62.57
C ALA G 342 -0.11 -25.72 64.05
N ALA G 343 0.41 -24.56 64.46
CA ALA G 343 0.66 -24.29 65.87
C ALA G 343 0.59 -22.78 66.09
N VAL G 344 0.15 -22.40 67.28
CA VAL G 344 -0.06 -21.00 67.63
C VAL G 344 0.51 -20.73 69.02
N GLU G 345 1.18 -19.60 69.16
CA GLU G 345 1.66 -19.16 70.46
C GLU G 345 0.48 -18.78 71.35
N LEU G 346 0.64 -19.02 72.66
CA LEU G 346 -0.44 -18.83 73.62
C LEU G 346 0.09 -18.08 74.83
N THR G 347 -0.66 -17.09 75.28
CA THR G 347 -0.31 -16.30 76.46
C THR G 347 -1.34 -16.54 77.56
N GLU G 348 -1.16 -15.82 78.67
CA GLU G 348 -2.05 -15.97 79.82
C GLU G 348 -3.47 -15.51 79.47
N GLN G 349 -3.58 -14.41 78.75
CA GLN G 349 -4.86 -13.78 78.48
C GLN G 349 -4.76 -12.98 77.19
N GLY G 350 -5.72 -13.14 76.30
CA GLY G 350 -5.68 -12.25 75.14
C GLY G 350 -6.51 -12.77 73.98
N SER G 351 -6.08 -12.40 72.78
CA SER G 351 -6.72 -12.80 71.54
C SER G 351 -5.67 -13.34 70.58
N ALA G 352 -6.01 -14.42 69.90
CA ALA G 352 -5.15 -15.05 68.92
C ALA G 352 -5.82 -15.10 67.56
N THR G 353 -5.07 -14.79 66.51
CA THR G 353 -5.59 -14.77 65.15
C THR G 353 -5.10 -15.99 64.38
N ILE G 354 -6.02 -16.63 63.66
CA ILE G 354 -5.72 -17.83 62.89
C ILE G 354 -6.22 -17.63 61.47
N HIS G 355 -5.36 -17.88 60.49
CA HIS G 355 -5.73 -17.75 59.09
C HIS G 355 -6.20 -19.10 58.57
N PHE G 356 -7.39 -19.12 57.98
CA PHE G 356 -8.01 -20.35 57.51
C PHE G 356 -8.60 -20.12 56.13
N SER G 357 -8.71 -21.21 55.37
CA SER G 357 -9.29 -21.21 54.04
C SER G 357 -10.47 -22.16 54.01
N THR G 358 -11.62 -21.67 53.56
CA THR G 358 -12.84 -22.46 53.52
C THR G 358 -13.54 -22.26 52.20
N ALA G 359 -14.28 -23.29 51.77
CA ALA G 359 -15.15 -23.21 50.61
C ALA G 359 -16.61 -23.01 50.97
N ASN G 360 -16.92 -22.90 52.26
CA ASN G 360 -18.29 -22.79 52.74
C ASN G 360 -18.72 -21.33 52.75
N ILE G 361 -19.89 -21.06 52.15
CA ILE G 361 -20.45 -19.72 52.20
C ILE G 361 -20.87 -19.36 53.62
N HIS G 362 -21.37 -20.34 54.37
CA HIS G 362 -21.73 -20.17 55.78
C HIS G 362 -20.94 -21.20 56.58
N PRO G 363 -19.72 -20.88 56.99
CA PRO G 363 -18.90 -21.85 57.69
C PRO G 363 -19.26 -21.97 59.16
N GLU G 364 -19.11 -23.19 59.67
CA GLU G 364 -19.29 -23.44 61.11
C GLU G 364 -18.51 -24.71 61.44
N PHE G 365 -17.39 -24.56 62.13
CA PHE G 365 -16.52 -25.68 62.42
C PHE G 365 -16.18 -25.70 63.90
N ARG G 366 -15.48 -26.75 64.31
CA ARG G 366 -15.07 -26.95 65.69
C ARG G 366 -13.55 -26.84 65.75
N LEU G 367 -13.08 -25.62 65.96
CA LEU G 367 -11.64 -25.36 66.02
C LEU G 367 -11.07 -25.96 67.30
N GLN G 368 -10.10 -26.85 67.17
CA GLN G 368 -9.45 -27.49 68.31
C GLN G 368 -8.15 -26.77 68.62
N ILE G 369 -7.95 -26.45 69.90
CA ILE G 369 -6.77 -25.77 70.40
C ILE G 369 -6.18 -26.74 71.42
N CYS G 370 -5.15 -26.33 72.17
CA CYS G 370 -4.43 -27.25 73.06
C CYS G 370 -5.31 -28.30 73.72
N THR G 371 -6.42 -27.90 74.33
CA THR G 371 -7.36 -28.89 74.85
C THR G 371 -8.79 -28.55 74.46
N SER G 372 -9.07 -27.26 74.27
CA SER G 372 -10.44 -26.80 74.08
C SER G 372 -10.95 -27.12 72.67
N TYR G 373 -12.28 -27.08 72.53
CA TYR G 373 -12.96 -27.28 71.25
C TYR G 373 -13.93 -26.11 71.07
N VAL G 374 -13.45 -25.02 70.50
CA VAL G 374 -14.29 -23.85 70.28
C VAL G 374 -15.17 -24.09 69.06
N THR G 375 -16.40 -23.59 69.12
CA THR G 375 -17.32 -23.66 67.98
C THR G 375 -17.33 -22.31 67.30
N CYS G 376 -16.87 -22.26 66.05
CA CYS G 376 -16.60 -21.02 65.36
C CYS G 376 -17.46 -20.94 64.11
N LYS G 377 -18.20 -19.84 63.97
CA LYS G 377 -19.18 -19.67 62.90
C LYS G 377 -19.05 -18.27 62.32
N GLY G 378 -19.69 -18.06 61.17
CA GLY G 378 -19.65 -16.77 60.52
C GLY G 378 -20.24 -16.85 59.13
N ASP G 379 -19.93 -15.83 58.32
CA ASP G 379 -20.38 -15.75 56.94
C ASP G 379 -19.21 -15.34 56.05
N CYS G 380 -19.14 -15.94 54.87
CA CYS G 380 -18.11 -15.62 53.89
C CYS G 380 -18.73 -15.05 52.63
N HIS G 381 -17.91 -14.38 51.83
CA HIS G 381 -18.36 -13.66 50.66
C HIS G 381 -17.52 -14.03 49.45
N PRO G 382 -18.09 -13.94 48.24
CA PRO G 382 -17.33 -14.31 47.05
C PRO G 382 -16.13 -13.40 46.87
N PRO G 383 -15.03 -13.93 46.34
CA PRO G 383 -13.81 -13.13 46.22
C PRO G 383 -13.80 -12.28 44.96
N LYS G 384 -12.80 -11.39 44.88
CA LYS G 384 -12.68 -10.49 43.74
C LYS G 384 -12.32 -11.24 42.47
N ASP G 385 -11.28 -12.07 42.53
CA ASP G 385 -10.64 -12.59 41.33
C ASP G 385 -11.46 -13.73 40.73
N HIS G 386 -11.75 -13.63 39.44
CA HIS G 386 -12.38 -14.74 38.73
C HIS G 386 -11.39 -15.88 38.55
N ILE G 387 -10.12 -15.57 38.35
CA ILE G 387 -9.08 -16.55 38.09
C ILE G 387 -7.85 -16.20 38.94
N VAL G 388 -7.23 -17.22 39.53
CA VAL G 388 -6.01 -17.03 40.29
C VAL G 388 -4.89 -17.89 39.70
N THR G 389 -3.71 -17.85 40.33
CA THR G 389 -2.54 -18.56 39.83
C THR G 389 -2.05 -19.61 40.82
N HIS G 390 -2.91 -20.11 41.70
CA HIS G 390 -2.56 -21.13 42.65
C HIS G 390 -3.73 -22.09 42.82
N PRO G 391 -3.46 -23.36 43.13
CA PRO G 391 -4.56 -24.31 43.35
C PRO G 391 -5.26 -24.04 44.68
N GLN G 392 -6.49 -24.54 44.77
CA GLN G 392 -7.29 -24.31 45.97
C GLN G 392 -6.72 -25.09 47.14
N TYR G 393 -6.52 -24.41 48.27
CA TYR G 393 -5.98 -25.06 49.46
C TYR G 393 -7.04 -25.89 50.19
N HIS G 394 -8.29 -25.45 50.16
CA HIS G 394 -9.37 -26.12 50.88
C HIS G 394 -9.90 -27.28 50.05
N ALA G 395 -11.02 -27.86 50.50
CA ALA G 395 -11.70 -28.92 49.78
C ALA G 395 -13.17 -28.59 49.67
N GLN G 396 -13.78 -28.97 48.54
CA GLN G 396 -15.17 -28.65 48.27
C GLN G 396 -16.07 -29.80 48.71
N THR G 397 -16.95 -29.52 49.66
CA THR G 397 -17.95 -30.46 50.12
C THR G 397 -19.19 -30.36 49.24
N PHE G 398 -20.01 -31.42 49.25
CA PHE G 398 -21.20 -31.44 48.43
C PHE G 398 -22.13 -30.27 48.76
N THR G 399 -22.31 -29.97 50.03
CA THR G 399 -23.15 -28.87 50.48
C THR G 399 -22.35 -27.64 50.88
N ALA G 400 -21.17 -27.45 50.28
CA ALA G 400 -20.31 -26.34 50.68
C ALA G 400 -20.96 -24.99 50.41
N ALA G 401 -21.22 -24.69 49.15
CA ALA G 401 -21.76 -23.39 48.75
C ALA G 401 -23.25 -23.55 48.49
N VAL G 402 -24.03 -23.43 49.56
CA VAL G 402 -25.48 -23.62 49.49
C VAL G 402 -26.25 -22.53 50.22
N SER G 403 -25.57 -21.55 50.80
CA SER G 403 -26.18 -20.35 51.40
C SER G 403 -27.13 -20.79 52.53
N LYS G 404 -28.10 -19.95 52.87
CA LYS G 404 -29.13 -20.29 53.84
C LYS G 404 -30.51 -20.04 53.26
N THR G 405 -30.62 -19.03 52.38
CA THR G 405 -31.87 -18.80 51.66
C THR G 405 -32.23 -20.01 50.82
N ALA G 406 -31.23 -20.67 50.24
CA ALA G 406 -31.49 -21.90 49.51
C ALA G 406 -32.02 -22.99 50.43
N TRP G 407 -31.49 -23.09 51.66
CA TRP G 407 -32.06 -24.04 52.60
C TRP G 407 -33.50 -23.72 52.91
N THR G 408 -33.83 -22.44 53.14
CA THR G 408 -35.21 -22.09 53.45
C THR G 408 -36.14 -22.43 52.30
N TRP G 409 -35.74 -22.11 51.08
CA TRP G 409 -36.58 -22.42 49.93
C TRP G 409 -36.72 -23.93 49.73
N LEU G 410 -35.63 -24.68 49.88
CA LEU G 410 -35.68 -26.12 49.70
C LEU G 410 -36.54 -26.78 50.76
N THR G 411 -36.44 -26.31 52.01
CA THR G 411 -37.27 -26.85 53.08
C THR G 411 -38.74 -26.52 52.85
N SER G 412 -39.03 -25.31 52.36
CA SER G 412 -40.41 -24.96 52.05
C SER G 412 -40.97 -25.85 50.95
N LEU G 413 -40.19 -26.07 49.88
CA LEU G 413 -40.66 -26.96 48.82
C LEU G 413 -40.59 -28.42 49.24
N LEU G 414 -39.51 -28.83 49.91
CA LEU G 414 -39.33 -30.20 50.40
C LEU G 414 -39.40 -30.15 51.92
N GLY G 415 -40.61 -30.33 52.45
CA GLY G 415 -40.83 -30.23 53.88
C GLY G 415 -42.14 -29.54 54.17
N GLY G 416 -42.58 -28.69 53.25
CA GLY G 416 -43.91 -28.11 53.31
C GLY G 416 -44.90 -29.00 52.59
N SER G 417 -44.44 -29.61 51.49
CA SER G 417 -45.27 -30.58 50.79
C SER G 417 -45.55 -31.79 51.68
N ALA G 418 -44.56 -32.22 52.46
CA ALA G 418 -44.78 -33.30 53.42
C ALA G 418 -45.80 -32.88 54.47
N VAL G 419 -45.77 -31.61 54.89
CA VAL G 419 -46.74 -31.11 55.84
C VAL G 419 -48.15 -31.16 55.24
N ILE G 420 -48.28 -30.77 53.98
CA ILE G 420 -49.59 -30.83 53.32
C ILE G 420 -50.07 -32.27 53.21
N ILE G 421 -49.17 -33.20 52.88
CA ILE G 421 -49.53 -34.60 52.81
C ILE G 421 -49.99 -35.11 54.17
N ILE G 422 -49.28 -34.73 55.22
CA ILE G 422 -49.66 -35.15 56.58
C ILE G 422 -51.03 -34.60 56.94
N ILE G 423 -51.30 -33.34 56.59
CA ILE G 423 -52.60 -32.73 56.87
C ILE G 423 -53.69 -33.49 56.13
N GLY G 424 -53.46 -33.80 54.86
CA GLY G 424 -54.45 -34.56 54.10
C GLY G 424 -54.70 -35.94 54.67
N LEU G 425 -53.63 -36.63 55.08
CA LEU G 425 -53.78 -37.95 55.68
C LEU G 425 -54.57 -37.88 56.98
N VAL G 426 -54.28 -36.88 57.82
CA VAL G 426 -54.99 -36.73 59.07
C VAL G 426 -56.46 -36.45 58.81
N LEU G 427 -56.76 -35.57 57.85
CA LEU G 427 -58.15 -35.28 57.53
C LEU G 427 -58.87 -36.51 57.02
N ALA G 428 -58.23 -37.29 56.14
CA ALA G 428 -58.85 -38.49 55.62
C ALA G 428 -59.11 -39.51 56.72
N THR G 429 -58.14 -39.71 57.62
CA THR G 429 -58.34 -40.64 58.72
C THR G 429 -59.46 -40.18 59.64
N ILE G 430 -59.52 -38.88 59.93
CA ILE G 430 -60.57 -38.36 60.80
C ILE G 430 -61.94 -38.56 60.16
N VAL G 431 -62.06 -38.27 58.86
CA VAL G 431 -63.34 -38.43 58.18
C VAL G 431 -63.75 -39.89 58.15
N ALA G 432 -62.81 -40.80 57.86
CA ALA G 432 -63.12 -42.22 57.81
C ALA G 432 -63.57 -42.74 59.18
N MET G 433 -62.85 -42.35 60.23
CA MET G 433 -63.24 -42.78 61.57
C MET G 433 -64.61 -42.22 61.96
N TYR G 434 -64.87 -40.96 61.62
CA TYR G 434 -66.14 -40.34 61.94
C TYR G 434 -67.30 -41.06 61.25
N VAL G 435 -67.16 -41.31 59.95
CA VAL G 435 -68.25 -41.96 59.22
C VAL G 435 -68.42 -43.40 59.69
N LEU G 436 -67.32 -44.10 59.97
CA LEU G 436 -67.42 -45.48 60.44
C LEU G 436 -68.10 -45.55 61.80
N THR G 437 -67.77 -44.63 62.70
CA THR G 437 -68.39 -44.62 64.02
C THR G 437 -69.83 -44.11 63.99
N ASN G 438 -70.20 -43.37 62.95
CA ASN G 438 -71.55 -42.84 62.86
C ASN G 438 -72.50 -43.74 62.05
N GLN G 439 -72.03 -44.87 61.54
CA GLN G 439 -72.93 -45.81 60.87
C GLN G 439 -73.86 -46.48 61.88
N LYS G 440 -73.30 -46.99 62.97
CA LYS G 440 -74.08 -47.70 63.97
C LYS G 440 -74.75 -46.74 64.94
N SER H 1 47.22 -24.79 15.87
CA SER H 1 46.45 -24.87 14.64
C SER H 1 47.04 -25.90 13.68
N THR H 2 48.36 -25.95 13.60
CA THR H 2 49.03 -26.91 12.71
C THR H 2 48.88 -28.34 13.19
N GLU H 3 48.45 -28.56 14.44
CA GLU H 3 48.24 -29.90 14.96
C GLU H 3 47.00 -30.57 14.39
N GLU H 4 46.13 -29.82 13.71
CA GLU H 4 44.88 -30.35 13.18
C GLU H 4 45.00 -30.83 11.73
N LEU H 5 46.16 -30.68 11.12
CA LEU H 5 46.27 -30.89 9.67
C LEU H 5 47.47 -31.77 9.31
N PHE H 6 47.80 -32.76 10.14
CA PHE H 6 48.83 -33.72 9.73
C PHE H 6 48.40 -34.50 8.50
N ASN H 7 47.13 -34.92 8.45
CA ASN H 7 46.67 -35.80 7.39
C ASN H 7 45.54 -35.22 6.56
N GLU H 8 44.70 -34.34 7.12
CA GLU H 8 43.54 -33.86 6.37
C GLU H 8 43.94 -32.98 5.19
N TYR H 9 45.14 -32.47 5.20
CA TYR H 9 45.57 -31.72 4.03
C TYR H 9 46.88 -32.22 3.44
N LYS H 10 47.87 -32.56 4.28
CA LYS H 10 49.24 -32.71 3.81
C LYS H 10 49.42 -33.86 2.82
N LEU H 11 48.41 -34.73 2.67
CA LEU H 11 48.49 -35.88 1.78
C LEU H 11 47.25 -35.98 0.90
N THR H 12 46.62 -34.84 0.57
CA THR H 12 45.22 -34.90 0.18
C THR H 12 44.94 -34.51 -1.27
N ARG H 13 45.58 -33.44 -1.81
CA ARG H 13 45.47 -33.18 -3.25
C ARG H 13 44.06 -32.92 -3.76
N PRO H 14 43.53 -31.69 -3.65
CA PRO H 14 42.20 -31.40 -4.17
C PRO H 14 42.03 -31.93 -5.59
N TYR H 15 40.82 -32.34 -5.93
CA TYR H 15 40.55 -32.94 -7.22
C TYR H 15 39.56 -32.09 -8.01
N MET H 16 39.33 -32.51 -9.25
CA MET H 16 38.39 -31.87 -10.15
C MET H 16 37.29 -32.86 -10.48
N ALA H 17 36.04 -32.46 -10.26
CA ALA H 17 34.93 -33.39 -10.32
C ALA H 17 33.79 -32.82 -11.15
N ARG H 18 32.90 -33.70 -11.59
CA ARG H 18 31.78 -33.29 -12.43
C ARG H 18 30.85 -32.34 -11.69
N CYS H 19 30.49 -31.26 -12.36
CA CYS H 19 29.49 -30.32 -11.87
C CYS H 19 28.40 -30.17 -12.93
N ILE H 20 27.16 -30.07 -12.46
CA ILE H 20 26.02 -30.01 -13.38
C ILE H 20 25.84 -28.64 -14.00
N ARG H 21 26.44 -27.60 -13.43
CA ARG H 21 26.22 -26.23 -13.89
C ARG H 21 27.47 -25.40 -13.61
N CYS H 22 28.19 -25.00 -14.65
CA CYS H 22 29.38 -24.15 -14.55
C CYS H 22 29.25 -22.91 -15.41
N ALA H 23 28.08 -22.28 -15.36
CA ALA H 23 27.77 -21.03 -16.03
C ALA H 23 27.66 -21.22 -17.54
N VAL H 24 28.10 -22.38 -18.04
CA VAL H 24 27.76 -22.87 -19.37
C VAL H 24 27.63 -24.39 -19.29
N GLY H 25 26.38 -24.88 -19.33
CA GLY H 25 26.16 -26.31 -19.43
C GLY H 25 26.74 -27.11 -18.26
N SER H 26 26.99 -28.39 -18.55
CA SER H 26 27.62 -29.29 -17.59
C SER H 26 29.12 -28.98 -17.54
N CYS H 27 29.88 -29.77 -16.77
CA CYS H 27 31.16 -29.23 -16.34
C CYS H 27 32.01 -30.29 -15.65
N HIS H 28 33.32 -30.05 -15.70
CA HIS H 28 34.30 -30.67 -14.81
C HIS H 28 34.94 -29.52 -14.04
N SER H 29 34.41 -29.24 -12.84
CA SER H 29 34.72 -28.08 -12.04
C SER H 29 35.78 -28.40 -10.99
N PRO H 30 36.60 -27.40 -10.65
CA PRO H 30 37.54 -27.55 -9.54
C PRO H 30 36.91 -27.30 -8.17
N ILE H 31 35.68 -26.81 -8.13
CA ILE H 31 35.00 -26.47 -6.89
C ILE H 31 33.70 -27.24 -6.78
N ALA H 32 33.66 -28.44 -7.35
CA ALA H 32 32.46 -29.27 -7.32
C ALA H 32 32.04 -29.53 -5.88
N ILE H 33 30.75 -29.38 -5.62
CA ILE H 33 30.21 -29.54 -4.27
C ILE H 33 29.74 -30.97 -4.10
N GLU H 34 30.24 -31.64 -3.06
CA GLU H 34 29.92 -33.04 -2.81
C GLU H 34 28.75 -33.22 -1.85
N ALA H 35 28.62 -32.34 -0.86
CA ALA H 35 27.53 -32.43 0.10
C ALA H 35 27.30 -31.07 0.73
N VAL H 36 26.05 -30.81 1.10
CA VAL H 36 25.67 -29.59 1.81
C VAL H 36 24.79 -30.01 2.97
N LYS H 37 25.31 -29.84 4.19
CA LYS H 37 24.58 -30.19 5.39
C LYS H 37 24.03 -28.93 6.04
N SER H 38 22.72 -28.90 6.27
CA SER H 38 22.04 -27.76 6.86
C SER H 38 21.09 -28.22 7.95
N ASP H 39 21.57 -29.12 8.80
CA ASP H 39 20.78 -29.63 9.91
C ASP H 39 20.98 -28.83 11.20
N GLY H 40 21.75 -27.76 11.15
CA GLY H 40 21.90 -26.86 12.28
C GLY H 40 20.66 -26.03 12.50
N HIS H 41 20.82 -24.89 13.16
CA HIS H 41 19.68 -24.05 13.47
C HIS H 41 19.73 -22.69 12.76
N ASP H 42 20.76 -21.89 13.01
CA ASP H 42 20.71 -20.49 12.57
C ASP H 42 21.40 -20.28 11.22
N GLY H 43 21.02 -21.07 10.23
CA GLY H 43 21.50 -20.85 8.87
C GLY H 43 22.93 -21.22 8.61
N TYR H 44 23.60 -21.90 9.53
CA TYR H 44 24.98 -22.32 9.32
C TYR H 44 25.00 -23.65 8.59
N VAL H 45 25.77 -23.70 7.50
CA VAL H 45 25.87 -24.88 6.65
C VAL H 45 27.33 -25.31 6.55
N ARG H 46 27.54 -26.61 6.62
CA ARG H 46 28.85 -27.22 6.34
C ARG H 46 28.79 -27.82 4.94
N LEU H 47 29.72 -27.40 4.09
CA LEU H 47 29.72 -27.73 2.68
C LEU H 47 31.00 -28.48 2.35
N GLN H 48 30.86 -29.70 1.83
CA GLN H 48 32.01 -30.47 1.37
C GLN H 48 32.18 -30.26 -0.12
N THR H 49 33.40 -29.90 -0.53
CA THR H 49 33.69 -29.57 -1.91
C THR H 49 34.97 -30.27 -2.33
N SER H 50 35.27 -30.18 -3.63
CA SER H 50 36.50 -30.75 -4.15
C SER H 50 37.70 -29.87 -3.91
N SER H 51 37.49 -28.59 -3.57
CA SER H 51 38.57 -27.70 -3.24
C SER H 51 39.09 -28.00 -1.83
N GLN H 52 40.15 -27.31 -1.44
CA GLN H 52 40.71 -27.44 -0.11
C GLN H 52 41.04 -26.08 0.46
N TYR H 53 40.96 -25.97 1.78
CA TYR H 53 40.98 -24.68 2.45
C TYR H 53 42.00 -24.69 3.57
N GLY H 54 42.40 -23.48 3.97
CA GLY H 54 43.21 -23.26 5.13
C GLY H 54 44.71 -23.27 4.91
N LEU H 55 45.18 -23.63 3.72
CA LEU H 55 46.61 -23.59 3.42
C LEU H 55 46.86 -23.81 1.93
N ASP H 56 48.03 -23.30 1.48
CA ASP H 56 48.28 -22.96 0.09
C ASP H 56 48.67 -24.17 -0.75
N SER H 57 49.00 -23.91 -2.02
CA SER H 57 49.24 -24.96 -2.98
C SER H 57 50.44 -25.82 -2.61
N SER H 58 51.51 -25.19 -2.12
CA SER H 58 52.73 -25.91 -1.79
C SER H 58 52.49 -26.91 -0.67
N GLY H 59 51.69 -26.54 0.33
CA GLY H 59 51.41 -27.41 1.44
C GLY H 59 51.74 -26.79 2.78
N ASN H 60 51.77 -25.47 2.84
CA ASN H 60 52.12 -24.72 4.03
C ASN H 60 50.91 -23.94 4.55
N LEU H 61 50.78 -23.87 5.87
CA LEU H 61 49.61 -23.24 6.48
C LEU H 61 49.46 -21.79 6.04
N LYS H 62 48.23 -21.43 5.67
CA LYS H 62 47.86 -20.05 5.37
C LYS H 62 46.60 -19.69 6.14
N GLY H 63 46.31 -18.39 6.19
CA GLY H 63 45.19 -17.90 6.95
C GLY H 63 43.85 -18.36 6.42
N ARG H 64 43.43 -17.81 5.27
CA ARG H 64 42.15 -18.15 4.65
C ARG H 64 42.41 -18.28 3.15
N THR H 65 42.72 -19.50 2.71
CA THR H 65 43.12 -19.75 1.34
C THR H 65 42.44 -21.00 0.82
N MET H 66 41.87 -20.93 -0.37
CA MET H 66 41.30 -22.08 -1.05
C MET H 66 42.31 -22.65 -2.03
N ARG H 67 42.50 -23.97 -2.00
CA ARG H 67 43.42 -24.65 -2.90
C ARG H 67 42.59 -25.50 -3.84
N TYR H 68 42.80 -25.34 -5.15
CA TYR H 68 41.98 -26.06 -6.12
C TYR H 68 42.84 -26.65 -7.23
N ASP H 69 42.37 -27.76 -7.78
CA ASP H 69 43.04 -28.42 -8.89
C ASP H 69 42.55 -27.82 -10.21
N MET H 70 43.50 -27.45 -11.07
CA MET H 70 43.20 -26.91 -12.39
C MET H 70 43.98 -27.75 -13.40
N HIS H 71 43.28 -28.68 -14.05
CA HIS H 71 43.82 -29.44 -15.17
C HIS H 71 45.17 -30.08 -14.81
N GLY H 72 45.28 -30.58 -13.59
CA GLY H 72 46.45 -31.29 -13.14
C GLY H 72 47.40 -30.46 -12.28
N THR H 73 47.42 -29.14 -12.46
CA THR H 73 48.28 -28.29 -11.66
C THR H 73 47.48 -27.63 -10.55
N ILE H 74 48.09 -27.49 -9.39
CA ILE H 74 47.38 -27.08 -8.18
C ILE H 74 47.60 -25.59 -7.94
N LYS H 75 46.52 -24.85 -7.74
CA LYS H 75 46.56 -23.40 -7.59
C LYS H 75 45.88 -22.99 -6.29
N GLU H 76 46.09 -21.73 -5.90
CA GLU H 76 45.52 -21.18 -4.68
C GLU H 76 44.87 -19.83 -4.98
N ILE H 77 43.93 -19.47 -4.12
CA ILE H 77 43.23 -18.20 -4.22
C ILE H 77 42.74 -17.81 -2.83
N PRO H 78 42.87 -16.55 -2.41
CA PRO H 78 42.37 -16.15 -1.09
C PRO H 78 40.87 -16.35 -0.99
N LEU H 79 40.42 -16.68 0.23
CA LEU H 79 39.03 -17.04 0.45
C LEU H 79 38.08 -15.86 0.26
N HIS H 80 38.57 -14.62 0.34
CA HIS H 80 37.67 -13.49 0.16
C HIS H 80 37.34 -13.23 -1.30
N GLN H 81 38.02 -13.88 -2.23
CA GLN H 81 37.62 -13.87 -3.63
C GLN H 81 36.64 -14.99 -3.95
N VAL H 82 36.49 -15.97 -3.06
CA VAL H 82 35.54 -17.06 -3.23
C VAL H 82 34.22 -16.64 -2.61
N SER H 83 33.15 -16.71 -3.40
CA SER H 83 31.81 -16.38 -2.94
C SER H 83 30.88 -17.56 -3.16
N LEU H 84 29.81 -17.61 -2.38
CA LEU H 84 28.76 -18.58 -2.63
C LEU H 84 27.45 -17.97 -2.21
N TYR H 85 26.36 -18.53 -2.72
CA TYR H 85 25.05 -17.99 -2.43
C TYR H 85 23.99 -19.06 -2.57
N THR H 86 22.82 -18.74 -2.04
CA THR H 86 21.56 -19.44 -2.20
C THR H 86 20.62 -18.37 -2.73
N SER H 87 19.30 -18.54 -2.55
CA SER H 87 18.34 -17.48 -2.89
C SER H 87 18.91 -16.08 -2.61
N ARG H 88 19.59 -15.91 -1.48
CA ARG H 88 20.33 -14.71 -1.15
C ARG H 88 21.79 -15.05 -0.95
N PRO H 89 22.68 -14.05 -1.01
CA PRO H 89 24.10 -14.31 -0.79
C PRO H 89 24.40 -14.90 0.58
N CYS H 90 25.40 -15.77 0.62
CA CYS H 90 25.90 -16.39 1.83
C CYS H 90 27.16 -15.69 2.31
N HIS H 91 27.56 -16.01 3.55
CA HIS H 91 28.75 -15.44 4.17
C HIS H 91 29.61 -16.58 4.69
N ILE H 92 30.85 -16.67 4.19
CA ILE H 92 31.77 -17.72 4.63
C ILE H 92 32.26 -17.41 6.03
N VAL H 93 32.18 -18.40 6.91
CA VAL H 93 32.75 -18.28 8.24
C VAL H 93 34.19 -18.79 8.27
N ASP H 94 34.42 -19.99 7.76
CA ASP H 94 35.77 -20.56 7.80
C ASP H 94 35.86 -21.70 6.80
N GLY H 95 37.07 -22.25 6.66
CA GLY H 95 37.30 -23.41 5.83
C GLY H 95 38.41 -24.26 6.40
N HIS H 96 38.32 -25.56 6.17
CA HIS H 96 39.30 -26.50 6.70
C HIS H 96 39.22 -27.79 5.90
N GLY H 97 40.34 -28.20 5.31
CA GLY H 97 40.34 -29.41 4.51
C GLY H 97 39.38 -29.31 3.35
N TYR H 98 38.54 -30.32 3.20
CA TYR H 98 37.52 -30.35 2.16
C TYR H 98 36.25 -29.60 2.54
N PHE H 99 36.19 -29.04 3.75
CA PHE H 99 34.93 -28.55 4.30
C PHE H 99 34.95 -27.05 4.46
N LEU H 100 33.78 -26.44 4.32
CA LEU H 100 33.61 -25.00 4.40
C LEU H 100 32.41 -24.69 5.27
N LEU H 101 32.60 -23.86 6.28
CA LEU H 101 31.53 -23.44 7.17
C LEU H 101 31.06 -22.05 6.74
N ALA H 102 29.79 -21.94 6.35
CA ALA H 102 29.22 -20.71 5.85
C ALA H 102 27.90 -20.45 6.57
N ARG H 103 27.40 -19.22 6.43
CA ARG H 103 26.12 -18.81 7.01
C ARG H 103 25.17 -18.49 5.86
N CYS H 104 24.25 -19.42 5.58
CA CYS H 104 23.44 -19.34 4.38
C CYS H 104 21.96 -19.20 4.72
N PRO H 105 21.21 -18.45 3.94
CA PRO H 105 19.75 -18.42 4.08
C PRO H 105 19.12 -19.61 3.37
N ALA H 106 17.81 -19.73 3.52
CA ALA H 106 17.08 -20.84 2.91
C ALA H 106 17.08 -20.72 1.40
N GLY H 107 17.22 -21.86 0.74
CA GLY H 107 17.17 -21.90 -0.72
C GLY H 107 17.09 -23.32 -1.21
N ASP H 108 16.66 -23.45 -2.48
CA ASP H 108 16.51 -24.76 -3.11
C ASP H 108 17.79 -25.27 -3.73
N SER H 109 18.81 -24.42 -3.86
CA SER H 109 20.08 -24.82 -4.46
C SER H 109 21.17 -23.96 -3.83
N ILE H 110 22.42 -24.32 -4.10
CA ILE H 110 23.55 -23.52 -3.63
C ILE H 110 24.58 -23.43 -4.75
N THR H 111 25.10 -22.22 -4.95
CA THR H 111 26.06 -21.92 -6.02
C THR H 111 27.33 -21.38 -5.39
N MET H 112 28.48 -21.74 -5.98
CA MET H 112 29.78 -21.29 -5.51
C MET H 112 30.57 -20.78 -6.71
N GLU H 113 31.08 -19.55 -6.60
CA GLU H 113 31.78 -18.90 -7.70
C GLU H 113 33.07 -18.28 -7.23
N PHE H 114 34.01 -18.15 -8.16
CA PHE H 114 35.16 -17.27 -8.01
C PHE H 114 35.64 -16.89 -9.40
N LYS H 115 36.59 -15.97 -9.46
CA LYS H 115 37.09 -15.44 -10.72
C LYS H 115 38.61 -15.36 -10.65
N LYS H 116 39.29 -16.09 -11.54
CA LYS H 116 40.74 -16.20 -11.47
C LYS H 116 41.46 -15.19 -12.34
N ASP H 117 41.30 -15.28 -13.67
CA ASP H 117 41.94 -14.33 -14.57
C ASP H 117 40.92 -13.51 -15.34
N SER H 118 40.08 -14.16 -16.15
CA SER H 118 38.87 -13.55 -16.68
C SER H 118 37.74 -14.55 -16.79
N VAL H 119 37.96 -15.80 -16.37
CA VAL H 119 36.95 -16.86 -16.44
C VAL H 119 36.35 -17.06 -15.06
N ARG H 120 35.03 -17.06 -14.99
CA ARG H 120 34.32 -17.26 -13.73
C ARG H 120 34.06 -18.75 -13.55
N HIS H 121 34.66 -19.33 -12.52
CA HIS H 121 34.42 -20.71 -12.16
C HIS H 121 33.23 -20.75 -11.20
N SER H 122 32.16 -21.41 -11.62
CA SER H 122 30.94 -21.51 -10.84
C SER H 122 30.49 -22.96 -10.82
N CYS H 123 29.88 -23.37 -9.71
CA CYS H 123 29.28 -24.69 -9.59
C CYS H 123 28.02 -24.57 -8.75
N SER H 124 26.90 -25.00 -9.32
CA SER H 124 25.60 -24.92 -8.65
C SER H 124 25.05 -26.33 -8.48
N VAL H 125 24.59 -26.65 -7.28
CA VAL H 125 24.00 -27.96 -7.04
C VAL H 125 22.61 -27.80 -6.41
N PRO H 126 21.67 -28.69 -6.74
CA PRO H 126 20.30 -28.59 -6.22
C PRO H 126 20.10 -29.26 -4.86
N TYR H 127 20.97 -28.93 -3.91
CA TYR H 127 20.86 -29.42 -2.55
C TYR H 127 20.12 -28.38 -1.72
N GLU H 128 18.95 -28.77 -1.20
CA GLU H 128 18.13 -27.85 -0.43
C GLU H 128 18.88 -27.36 0.80
N VAL H 129 18.83 -26.05 1.03
CA VAL H 129 19.41 -25.43 2.21
C VAL H 129 18.26 -25.00 3.12
N LYS H 130 18.33 -25.38 4.38
CA LYS H 130 17.24 -25.18 5.32
C LYS H 130 17.63 -24.18 6.40
N PHE H 131 16.66 -23.37 6.82
CA PHE H 131 16.80 -22.50 7.97
C PHE H 131 15.89 -23.04 9.07
N ASN H 132 16.47 -23.32 10.23
CA ASN H 132 15.76 -23.98 11.32
C ASN H 132 15.61 -23.05 12.51
N PRO H 133 14.46 -22.42 12.69
CA PRO H 133 14.27 -21.56 13.87
C PRO H 133 14.35 -22.37 15.15
N VAL H 134 14.83 -21.73 16.21
CA VAL H 134 14.90 -22.33 17.54
C VAL H 134 13.72 -21.84 18.35
N GLY H 135 13.06 -22.76 19.04
CA GLY H 135 11.93 -22.40 19.86
C GLY H 135 10.61 -22.50 19.13
N ARG H 136 9.61 -21.78 19.66
CA ARG H 136 8.25 -21.86 19.18
C ARG H 136 7.78 -20.57 18.52
N GLU H 137 8.71 -19.76 18.03
CA GLU H 137 8.40 -18.61 17.19
C GLU H 137 9.17 -18.74 15.89
N LEU H 138 8.45 -18.76 14.77
CA LEU H 138 9.02 -19.10 13.47
C LEU H 138 9.55 -17.82 12.82
N TYR H 139 10.85 -17.60 12.94
CA TYR H 139 11.52 -16.48 12.31
C TYR H 139 12.34 -16.95 11.12
N THR H 140 12.59 -16.03 10.19
CA THR H 140 13.45 -16.31 9.05
C THR H 140 14.82 -15.66 9.18
N HIS H 141 14.96 -14.65 10.03
CA HIS H 141 16.23 -14.02 10.31
C HIS H 141 16.40 -13.97 11.83
N PRO H 142 17.57 -14.33 12.36
CA PRO H 142 17.74 -14.37 13.82
C PRO H 142 17.46 -13.02 14.45
N PRO H 143 16.78 -13.00 15.59
CA PRO H 143 16.40 -11.72 16.20
C PRO H 143 17.59 -11.01 16.82
N GLU H 144 17.43 -9.69 16.98
CA GLU H 144 18.47 -8.90 17.64
C GLU H 144 18.48 -9.11 19.14
N HIS H 145 17.36 -9.51 19.72
CA HIS H 145 17.28 -9.74 21.15
C HIS H 145 16.17 -10.74 21.42
N GLY H 146 16.17 -11.28 22.65
CA GLY H 146 15.20 -12.27 23.03
C GLY H 146 15.57 -12.97 24.32
N VAL H 147 15.53 -14.30 24.31
CA VAL H 147 15.94 -15.10 25.45
C VAL H 147 16.83 -16.23 24.94
N GLU H 148 17.77 -16.66 25.77
CA GLU H 148 18.72 -17.69 25.36
C GLU H 148 18.08 -19.07 25.48
N GLN H 149 18.09 -19.83 24.37
CA GLN H 149 17.58 -21.18 24.33
C GLN H 149 18.64 -22.11 23.79
N ALA H 150 18.57 -23.37 24.22
CA ALA H 150 19.54 -24.36 23.77
C ALA H 150 19.28 -24.76 22.32
N CYS H 151 20.34 -24.76 21.52
CA CYS H 151 20.26 -25.17 20.13
C CYS H 151 21.52 -25.91 19.75
N GLN H 152 21.53 -26.44 18.53
CA GLN H 152 22.70 -27.09 17.95
C GLN H 152 23.09 -26.38 16.67
N VAL H 153 24.34 -25.94 16.59
CA VAL H 153 24.83 -25.24 15.42
C VAL H 153 26.18 -25.83 15.03
N TYR H 154 26.53 -25.65 13.76
CA TYR H 154 27.83 -26.12 13.27
C TYR H 154 28.91 -25.25 13.87
N ALA H 155 29.61 -25.78 14.86
CA ALA H 155 30.57 -24.98 15.63
C ALA H 155 31.72 -24.52 14.76
N HIS H 156 32.19 -23.31 15.02
CA HIS H 156 33.35 -22.75 14.31
C HIS H 156 34.64 -23.19 14.99
N ASP H 157 34.87 -24.50 14.97
CA ASP H 157 36.13 -25.07 15.42
C ASP H 157 36.45 -26.30 14.58
N ALA H 158 37.73 -26.48 14.26
CA ALA H 158 38.19 -27.58 13.44
C ALA H 158 38.83 -28.69 14.27
N GLN H 159 38.35 -28.91 15.48
CA GLN H 159 38.90 -29.93 16.35
C GLN H 159 38.65 -31.32 15.77
N ASN H 160 39.21 -32.33 16.43
CA ASN H 160 39.11 -33.71 15.99
C ASN H 160 38.18 -34.45 16.95
N ARG H 161 36.92 -34.59 16.56
CA ARG H 161 35.98 -35.43 17.26
C ARG H 161 35.91 -36.79 16.57
N GLY H 162 34.92 -37.60 16.95
CA GLY H 162 34.82 -38.95 16.42
C GLY H 162 34.50 -39.03 14.95
N ALA H 163 34.04 -37.94 14.34
CA ALA H 163 33.65 -37.97 12.94
C ALA H 163 34.87 -38.13 12.05
N TYR H 164 34.73 -38.96 11.01
CA TYR H 164 35.83 -39.25 10.11
C TYR H 164 35.30 -39.54 8.71
N VAL H 165 36.06 -39.13 7.71
CA VAL H 165 35.87 -39.55 6.33
C VAL H 165 37.12 -40.30 5.90
N GLU H 166 36.99 -41.07 4.83
CA GLU H 166 38.10 -41.87 4.34
C GLU H 166 38.86 -41.15 3.24
N MET H 167 40.18 -41.30 3.24
CA MET H 167 41.04 -40.77 2.20
C MET H 167 41.66 -41.93 1.45
N HIS H 168 41.58 -41.88 0.13
CA HIS H 168 41.88 -43.04 -0.71
C HIS H 168 42.94 -42.69 -1.74
N LEU H 169 43.58 -43.73 -2.25
CA LEU H 169 44.55 -43.58 -3.31
C LEU H 169 43.84 -43.18 -4.59
N PRO H 170 44.19 -42.06 -5.22
CA PRO H 170 43.45 -41.61 -6.40
C PRO H 170 43.69 -42.51 -7.60
N GLY H 171 42.68 -42.60 -8.45
CA GLY H 171 42.81 -43.31 -9.70
C GLY H 171 43.54 -42.49 -10.75
N SER H 172 44.00 -43.18 -11.78
CA SER H 172 44.67 -42.50 -12.88
C SER H 172 43.70 -41.59 -13.62
N GLU H 173 44.14 -40.38 -13.93
CA GLU H 173 43.32 -39.39 -14.59
C GLU H 173 43.81 -39.21 -16.03
N VAL H 174 42.94 -39.52 -16.99
CA VAL H 174 43.30 -39.40 -18.39
C VAL H 174 43.60 -37.94 -18.71
N ASP H 175 44.62 -37.73 -19.54
CA ASP H 175 44.98 -36.40 -20.03
C ASP H 175 45.31 -36.52 -21.51
N SER H 176 44.52 -35.86 -22.36
CA SER H 176 44.73 -35.91 -23.79
C SER H 176 45.63 -34.79 -24.30
N SER H 177 46.06 -33.88 -23.42
CA SER H 177 47.01 -32.85 -23.82
C SER H 177 48.42 -33.40 -23.94
N LEU H 178 48.72 -34.49 -23.22
CA LEU H 178 50.03 -35.13 -23.35
C LEU H 178 50.22 -35.72 -24.75
N VAL H 179 49.16 -36.32 -25.29
CA VAL H 179 49.24 -36.99 -26.59
C VAL H 179 49.22 -35.94 -27.69
N SER H 180 50.21 -36.00 -28.58
CA SER H 180 50.28 -35.10 -29.73
C SER H 180 50.74 -35.87 -30.95
N LEU H 181 50.79 -35.19 -32.09
CA LEU H 181 51.26 -35.79 -33.34
C LEU H 181 52.51 -35.07 -33.82
N SER H 182 53.57 -35.83 -34.05
CA SER H 182 54.79 -35.32 -34.66
C SER H 182 55.12 -36.18 -35.87
N GLY H 183 55.23 -35.54 -37.03
CA GLY H 183 55.59 -36.26 -38.25
C GLY H 183 54.65 -37.40 -38.58
N SER H 184 53.34 -37.17 -38.40
CA SER H 184 52.29 -38.16 -38.61
C SER H 184 52.41 -39.37 -37.71
N SER H 185 53.15 -39.26 -36.60
CA SER H 185 53.25 -40.33 -35.62
C SER H 185 52.89 -39.79 -34.25
N VAL H 186 52.08 -40.55 -33.51
CA VAL H 186 51.63 -40.11 -32.20
C VAL H 186 52.81 -40.17 -31.23
N THR H 187 52.88 -39.18 -30.34
CA THR H 187 53.91 -39.13 -29.33
C THR H 187 53.29 -38.69 -28.00
N VAL H 188 53.91 -39.12 -26.91
CA VAL H 188 53.47 -38.80 -25.55
C VAL H 188 54.63 -38.14 -24.83
N THR H 189 54.36 -36.98 -24.23
CA THR H 189 55.35 -36.21 -23.47
C THR H 189 54.77 -35.99 -22.08
N PRO H 190 55.05 -36.87 -21.12
CA PRO H 190 54.49 -36.68 -19.78
C PRO H 190 55.06 -35.44 -19.13
N PRO H 191 54.32 -34.81 -18.21
CA PRO H 191 54.86 -33.65 -17.51
C PRO H 191 56.10 -34.01 -16.71
N ASP H 192 57.00 -33.03 -16.58
CA ASP H 192 58.29 -33.28 -15.98
C ASP H 192 58.14 -33.79 -14.54
N GLY H 193 58.86 -34.87 -14.22
CA GLY H 193 58.88 -35.43 -12.90
C GLY H 193 57.86 -36.51 -12.62
N THR H 194 56.90 -36.73 -13.53
CA THR H 194 55.86 -37.73 -13.33
C THR H 194 55.78 -38.65 -14.55
N SER H 195 55.46 -39.91 -14.29
CA SER H 195 55.27 -40.89 -15.35
C SER H 195 53.89 -40.74 -15.95
N ALA H 196 53.59 -41.56 -16.97
CA ALA H 196 52.29 -41.51 -17.62
C ALA H 196 52.05 -42.83 -18.33
N LEU H 197 51.07 -43.61 -17.84
CA LEU H 197 50.63 -44.79 -18.57
C LEU H 197 50.12 -44.39 -19.94
N VAL H 198 50.44 -45.19 -20.95
CA VAL H 198 49.98 -44.96 -22.32
C VAL H 198 49.34 -46.24 -22.81
N GLU H 199 48.02 -46.21 -23.00
CA GLU H 199 47.27 -47.35 -23.49
C GLU H 199 46.81 -47.05 -24.90
N CYS H 200 47.21 -47.91 -25.83
CA CYS H 200 46.87 -47.76 -27.24
C CYS H 200 46.41 -49.07 -27.84
N GLU H 201 45.39 -48.98 -28.69
CA GLU H 201 44.90 -50.12 -29.47
C GLU H 201 44.80 -49.69 -30.94
N CYS H 202 45.94 -49.69 -31.61
CA CYS H 202 46.06 -49.75 -33.06
C CYS H 202 46.50 -51.16 -33.43
N GLY H 203 46.91 -51.36 -34.68
CA GLY H 203 47.54 -52.62 -35.00
C GLY H 203 48.73 -52.85 -34.08
N GLY H 204 48.56 -53.76 -33.12
CA GLY H 204 49.49 -53.86 -32.00
C GLY H 204 49.02 -53.04 -30.82
N THR H 205 49.02 -53.63 -29.62
CA THR H 205 48.49 -53.00 -28.43
C THR H 205 49.64 -52.55 -27.53
N LYS H 206 49.58 -51.30 -27.07
CA LYS H 206 50.60 -50.71 -26.23
C LYS H 206 50.04 -50.48 -24.84
N ILE H 207 50.74 -50.96 -23.81
CA ILE H 207 50.35 -50.77 -22.42
C ILE H 207 51.52 -50.09 -21.72
N SER H 208 52.21 -49.19 -22.44
CA SER H 208 53.49 -48.68 -21.97
C SER H 208 53.33 -47.88 -20.68
N GLU H 209 53.75 -48.46 -19.56
CA GLU H 209 53.52 -47.84 -18.25
C GLU H 209 54.59 -46.82 -17.91
N THR H 210 55.84 -47.25 -17.83
CA THR H 210 56.91 -46.42 -17.28
C THR H 210 57.62 -45.65 -18.38
N ILE H 211 56.92 -44.63 -18.89
CA ILE H 211 57.54 -43.59 -19.71
C ILE H 211 57.65 -42.35 -18.85
N ASN H 212 58.80 -41.69 -18.91
CA ASN H 212 59.10 -40.58 -18.02
C ASN H 212 59.39 -39.27 -18.71
N LYS H 213 60.01 -39.30 -19.90
CA LYS H 213 60.41 -38.06 -20.56
C LYS H 213 59.66 -37.83 -21.85
N THR H 214 59.78 -38.74 -22.83
CA THR H 214 59.09 -38.65 -24.11
C THR H 214 58.97 -40.06 -24.67
N LYS H 215 58.10 -40.22 -25.66
CA LYS H 215 58.07 -41.46 -26.43
C LYS H 215 57.29 -41.21 -27.71
N GLN H 216 57.66 -41.92 -28.78
CA GLN H 216 56.99 -41.81 -30.07
C GLN H 216 56.48 -43.20 -30.45
N PHE H 217 55.16 -43.37 -30.44
CA PHE H 217 54.54 -44.66 -30.74
C PHE H 217 54.09 -44.65 -32.20
N SER H 218 55.04 -44.89 -33.10
CA SER H 218 54.75 -44.80 -34.53
C SER H 218 53.80 -45.88 -35.02
N GLN H 219 53.51 -46.91 -34.20
CA GLN H 219 52.52 -47.90 -34.59
C GLN H 219 51.14 -47.27 -34.74
N CYS H 220 50.75 -46.44 -33.79
CA CYS H 220 49.50 -45.70 -33.87
C CYS H 220 49.74 -44.38 -34.58
N THR H 221 48.75 -43.95 -35.39
CA THR H 221 48.93 -42.81 -36.27
C THR H 221 47.91 -41.68 -36.02
N LYS H 222 47.15 -41.74 -34.94
CA LYS H 222 46.16 -40.71 -34.67
C LYS H 222 46.13 -40.39 -33.17
N LYS H 223 45.96 -39.11 -32.86
CA LYS H 223 45.83 -38.70 -31.46
C LYS H 223 44.59 -39.31 -30.83
N GLU H 224 43.47 -39.33 -31.55
CA GLU H 224 42.24 -39.90 -31.05
C GLU H 224 42.32 -41.40 -30.89
N GLN H 225 43.36 -42.04 -31.41
CA GLN H 225 43.44 -43.49 -31.41
C GLN H 225 43.74 -44.08 -30.03
N CYS H 226 44.39 -43.33 -29.15
CA CYS H 226 44.75 -43.92 -27.86
C CYS H 226 45.01 -42.84 -26.82
N ARG H 227 45.09 -43.28 -25.56
CA ARG H 227 44.98 -42.37 -24.43
C ARG H 227 46.13 -42.54 -23.44
N ALA H 228 46.57 -41.41 -22.88
CA ALA H 228 47.61 -41.38 -21.87
C ALA H 228 47.00 -40.94 -20.54
N TYR H 229 47.17 -41.76 -19.51
CA TYR H 229 46.74 -41.44 -18.16
C TYR H 229 47.95 -41.00 -17.35
N ARG H 230 47.88 -39.81 -16.76
CA ARG H 230 48.97 -39.32 -15.94
C ARG H 230 48.92 -39.98 -14.57
N LEU H 231 50.05 -40.54 -14.14
CA LEU H 231 50.14 -41.25 -12.87
C LEU H 231 50.77 -40.33 -11.82
N GLN H 232 50.03 -40.06 -10.76
CA GLN H 232 50.57 -39.33 -9.62
C GLN H 232 50.64 -40.20 -8.36
N ASN H 233 49.50 -40.77 -7.93
CA ASN H 233 49.44 -41.79 -6.89
C ASN H 233 50.37 -41.56 -5.71
N ASP H 234 50.54 -40.30 -5.32
CA ASP H 234 51.37 -39.96 -4.16
C ASP H 234 50.61 -39.17 -3.11
N LYS H 235 49.67 -38.33 -3.50
CA LYS H 235 48.76 -37.65 -2.59
C LYS H 235 47.38 -38.30 -2.71
N TRP H 236 46.76 -38.58 -1.58
CA TRP H 236 45.57 -39.43 -1.53
C TRP H 236 44.32 -38.56 -1.38
N VAL H 237 43.32 -38.82 -2.22
CA VAL H 237 42.13 -38.00 -2.29
C VAL H 237 40.99 -38.67 -1.54
N TYR H 238 39.93 -37.91 -1.30
CA TYR H 238 38.68 -38.44 -0.79
C TYR H 238 38.08 -39.43 -1.78
N ASN H 239 37.41 -40.46 -1.25
CA ASN H 239 36.81 -41.48 -2.10
C ASN H 239 35.57 -40.91 -2.79
N SER H 240 35.79 -39.98 -3.70
CA SER H 240 34.70 -39.20 -4.26
C SER H 240 33.82 -40.04 -5.16
N ASP H 241 32.54 -39.66 -5.22
CA ASP H 241 31.60 -40.28 -6.14
C ASP H 241 32.01 -40.04 -7.60
N LYS H 242 32.68 -38.92 -7.87
CA LYS H 242 32.93 -38.47 -9.23
C LYS H 242 34.38 -38.66 -9.67
N LEU H 243 35.10 -39.58 -9.06
CA LEU H 243 36.46 -39.90 -9.48
C LEU H 243 36.59 -41.38 -9.80
N PRO H 244 37.41 -41.75 -10.78
CA PRO H 244 37.63 -43.17 -11.06
C PRO H 244 38.35 -43.85 -9.90
N LYS H 245 38.04 -45.13 -9.71
CA LYS H 245 38.65 -45.89 -8.63
C LYS H 245 39.98 -46.48 -9.08
N ALA H 246 40.86 -46.67 -8.11
CA ALA H 246 42.17 -47.26 -8.36
C ALA H 246 42.13 -48.77 -8.08
N ALA H 247 43.07 -49.49 -8.69
CA ALA H 247 43.13 -50.93 -8.53
C ALA H 247 43.65 -51.29 -7.15
N GLY H 248 43.22 -52.47 -6.67
CA GLY H 248 43.66 -52.96 -5.38
C GLY H 248 43.00 -52.24 -4.23
N ALA H 249 43.57 -52.46 -3.05
CA ALA H 249 43.09 -51.78 -1.85
C ALA H 249 43.52 -50.32 -1.88
N THR H 250 42.55 -49.42 -1.78
CA THR H 250 42.80 -48.00 -1.97
C THR H 250 42.72 -47.17 -0.71
N LEU H 251 42.19 -47.71 0.39
CA LEU H 251 42.07 -46.96 1.62
C LEU H 251 43.47 -46.66 2.18
N LYS H 252 43.72 -45.40 2.52
CA LYS H 252 45.06 -44.96 2.91
C LYS H 252 45.08 -44.10 4.16
N GLY H 253 43.96 -43.93 4.85
CA GLY H 253 43.96 -43.14 6.07
C GLY H 253 42.55 -42.71 6.43
N LYS H 254 42.48 -41.70 7.31
CA LYS H 254 41.20 -41.20 7.79
C LYS H 254 41.34 -39.71 8.09
N LEU H 255 40.60 -38.90 7.34
CA LEU H 255 40.49 -37.47 7.60
C LEU H 255 39.44 -37.25 8.69
N HIS H 256 39.59 -36.17 9.45
CA HIS H 256 38.57 -35.80 10.40
C HIS H 256 37.68 -34.69 9.83
N VAL H 257 36.46 -34.61 10.32
CA VAL H 257 35.45 -33.69 9.82
C VAL H 257 35.43 -32.48 10.74
N PRO H 258 35.78 -31.29 10.27
CA PRO H 258 35.65 -30.09 11.09
C PRO H 258 34.22 -29.55 11.06
N PHE H 259 33.97 -28.56 11.90
CA PHE H 259 32.68 -27.88 12.00
C PHE H 259 31.54 -28.87 12.22
N LEU H 260 31.65 -29.62 13.30
CA LEU H 260 30.58 -30.54 13.65
C LEU H 260 29.45 -29.81 14.35
N LEU H 261 28.33 -30.51 14.50
CA LEU H 261 27.14 -29.95 15.14
C LEU H 261 27.34 -30.00 16.65
N ALA H 262 27.51 -28.83 17.27
CA ALA H 262 27.76 -28.73 18.69
C ALA H 262 26.62 -27.98 19.36
N ASP H 263 26.40 -28.30 20.64
CA ASP H 263 25.36 -27.67 21.43
C ASP H 263 25.82 -26.31 21.94
N GLY H 264 24.86 -25.39 22.02
CA GLY H 264 25.14 -24.08 22.57
C GLY H 264 23.85 -23.36 22.88
N LYS H 265 23.97 -22.08 23.19
CA LYS H 265 22.82 -21.23 23.44
C LYS H 265 22.73 -20.16 22.36
N CYS H 266 21.52 -19.92 21.87
CA CYS H 266 21.26 -18.91 20.87
C CYS H 266 20.04 -18.10 21.28
N THR H 267 20.01 -16.85 20.82
CA THR H 267 18.92 -15.95 21.18
C THR H 267 17.71 -16.21 20.30
N VAL H 268 16.57 -16.50 20.94
CA VAL H 268 15.31 -16.70 20.23
C VAL H 268 14.42 -15.52 20.56
N PRO H 269 13.45 -15.17 19.71
CA PRO H 269 12.63 -13.98 19.99
C PRO H 269 11.73 -14.15 21.19
N LEU H 270 11.00 -13.10 21.54
CA LEU H 270 10.07 -13.13 22.66
C LEU H 270 8.79 -12.46 22.19
N ALA H 271 7.72 -13.24 22.06
CA ALA H 271 6.47 -12.74 21.52
C ALA H 271 5.87 -11.70 22.44
N PRO H 272 5.10 -10.76 21.90
CA PRO H 272 4.45 -9.75 22.74
C PRO H 272 3.55 -10.39 23.78
N GLU H 273 3.52 -9.80 24.96
CA GLU H 273 2.76 -10.36 26.06
C GLU H 273 1.28 -10.42 25.70
N PRO H 274 0.62 -11.56 25.89
CA PRO H 274 -0.82 -11.63 25.59
C PRO H 274 -1.62 -10.73 26.50
N MET H 275 -2.72 -10.21 25.96
CA MET H 275 -3.68 -9.42 26.74
C MET H 275 -4.73 -10.37 27.28
N ILE H 276 -4.75 -10.55 28.60
CA ILE H 276 -5.53 -11.59 29.25
C ILE H 276 -6.71 -10.92 29.94
N THR H 277 -7.91 -11.40 29.65
CA THR H 277 -9.11 -10.95 30.34
C THR H 277 -9.76 -12.14 31.03
N PHE H 278 -10.11 -11.96 32.30
CA PHE H 278 -10.66 -13.03 33.13
C PHE H 278 -12.17 -12.91 33.21
N GLY H 279 -12.86 -14.04 33.08
CA GLY H 279 -14.28 -14.13 33.34
C GLY H 279 -14.57 -15.40 34.10
N PHE H 280 -15.83 -15.55 34.49
CA PHE H 280 -16.22 -16.71 35.30
C PHE H 280 -15.89 -17.99 34.56
N ARG H 281 -14.89 -18.72 35.06
CA ARG H 281 -14.41 -19.95 34.43
C ARG H 281 -14.04 -19.72 32.96
N SER H 282 -13.34 -18.63 32.69
CA SER H 282 -12.96 -18.33 31.31
C SER H 282 -11.76 -17.40 31.30
N VAL H 283 -10.87 -17.62 30.35
CA VAL H 283 -9.75 -16.72 30.09
C VAL H 283 -9.73 -16.42 28.60
N SER H 284 -9.76 -15.14 28.25
CA SER H 284 -9.69 -14.69 26.86
C SER H 284 -8.30 -14.12 26.61
N LEU H 285 -7.62 -14.68 25.60
CA LEU H 285 -6.29 -14.26 25.21
C LEU H 285 -6.39 -13.43 23.93
N LYS H 286 -5.85 -12.22 23.97
CA LYS H 286 -5.70 -11.39 22.78
C LYS H 286 -4.23 -11.41 22.40
N LEU H 287 -3.94 -11.90 21.20
CA LEU H 287 -2.59 -12.25 20.77
C LEU H 287 -2.24 -11.44 19.53
N HIS H 288 -1.12 -10.72 19.58
CA HIS H 288 -0.61 -9.95 18.46
C HIS H 288 0.82 -10.39 18.20
N PRO H 289 1.03 -11.43 17.41
CA PRO H 289 2.38 -11.90 17.15
C PRO H 289 3.07 -11.10 16.06
N LYS H 290 4.40 -11.06 16.15
CA LYS H 290 5.22 -10.46 15.11
C LYS H 290 5.69 -11.51 14.11
N ASN H 291 5.98 -12.71 14.58
CA ASN H 291 6.34 -13.87 13.79
C ASN H 291 5.31 -14.96 14.03
N PRO H 292 5.16 -15.92 13.10
CA PRO H 292 4.28 -17.06 13.36
C PRO H 292 4.65 -17.76 14.65
N THR H 293 3.77 -17.68 15.64
CA THR H 293 4.08 -18.08 17.01
C THR H 293 3.18 -19.24 17.42
N TYR H 294 3.73 -20.17 18.18
CA TYR H 294 2.98 -21.35 18.62
C TYR H 294 2.32 -21.09 19.96
N LEU H 295 1.02 -21.35 20.02
CA LEU H 295 0.25 -21.32 21.27
C LEU H 295 -0.09 -22.76 21.62
N ILE H 296 0.46 -23.23 22.74
CA ILE H 296 0.17 -24.56 23.25
C ILE H 296 -0.65 -24.41 24.53
N THR H 297 -1.56 -25.34 24.76
CA THR H 297 -2.52 -25.21 25.84
C THR H 297 -2.92 -26.58 26.36
N ARG H 298 -3.08 -26.70 27.68
CA ARG H 298 -3.54 -27.97 28.23
C ARG H 298 -4.20 -27.74 29.58
N GLN H 299 -5.26 -28.51 29.84
CA GLN H 299 -5.88 -28.54 31.15
C GLN H 299 -5.05 -29.38 32.11
N LEU H 300 -4.98 -28.95 33.36
CA LEU H 300 -4.25 -29.68 34.40
C LEU H 300 -5.13 -30.73 35.07
N ALA H 301 -5.73 -31.61 34.27
CA ALA H 301 -6.64 -32.62 34.78
C ALA H 301 -6.37 -33.99 34.16
N ASP H 302 -7.27 -34.93 34.36
CA ASP H 302 -7.07 -36.28 33.81
C ASP H 302 -7.13 -36.29 32.30
N GLU H 303 -7.86 -35.35 31.71
CA GLU H 303 -7.93 -35.20 30.26
C GLU H 303 -7.38 -33.83 29.88
N PRO H 304 -6.11 -33.75 29.45
CA PRO H 304 -5.54 -32.42 29.16
C PRO H 304 -6.26 -31.67 28.07
N HIS H 305 -6.77 -32.37 27.06
CA HIS H 305 -7.42 -31.74 25.90
C HIS H 305 -6.51 -30.66 25.31
N TYR H 306 -5.25 -31.04 25.09
CA TYR H 306 -4.24 -30.08 24.66
C TYR H 306 -4.56 -29.56 23.26
N THR H 307 -4.38 -28.25 23.09
CA THR H 307 -4.46 -27.61 21.79
C THR H 307 -3.08 -27.06 21.42
N HIS H 308 -2.79 -27.07 20.12
CA HIS H 308 -1.47 -26.67 19.62
C HIS H 308 -1.70 -25.96 18.30
N GLU H 309 -1.61 -24.63 18.32
CA GLU H 309 -1.95 -23.83 17.15
C GLU H 309 -0.78 -22.94 16.77
N LEU H 310 -0.70 -22.62 15.49
CA LEU H 310 0.27 -21.67 14.97
C LEU H 310 -0.48 -20.42 14.54
N ILE H 311 -0.10 -19.27 15.11
CA ILE H 311 -0.85 -18.02 14.96
C ILE H 311 0.06 -17.01 14.27
N SER H 312 -0.41 -16.47 13.15
CA SER H 312 0.30 -15.46 12.39
C SER H 312 -0.36 -14.10 12.46
N GLU H 313 -1.66 -14.04 12.24
CA GLU H 313 -2.45 -12.82 12.34
C GLU H 313 -2.90 -12.60 13.78
N PRO H 314 -3.27 -11.36 14.14
CA PRO H 314 -3.81 -11.12 15.47
C PRO H 314 -5.06 -11.97 15.70
N ALA H 315 -5.19 -12.49 16.93
CA ALA H 315 -6.25 -13.44 17.22
C ALA H 315 -6.80 -13.22 18.62
N VAL H 316 -8.02 -13.70 18.84
CA VAL H 316 -8.64 -13.75 20.16
C VAL H 316 -9.09 -15.18 20.39
N ARG H 317 -8.60 -15.80 21.46
CA ARG H 317 -8.89 -17.19 21.78
C ARG H 317 -9.44 -17.27 23.19
N ASN H 318 -10.65 -17.80 23.33
CA ASN H 318 -11.22 -18.02 24.65
C ASN H 318 -11.00 -19.48 25.07
N PHE H 319 -10.67 -19.68 26.33
CA PHE H 319 -10.51 -21.00 26.88
C PHE H 319 -11.25 -21.09 28.22
N THR H 320 -11.71 -22.30 28.53
CA THR H 320 -12.43 -22.55 29.77
C THR H 320 -11.45 -23.05 30.82
N VAL H 321 -11.36 -22.32 31.93
CA VAL H 321 -10.50 -22.68 33.05
C VAL H 321 -11.40 -23.12 34.19
N THR H 322 -11.17 -24.31 34.70
CA THR H 322 -11.93 -24.87 35.82
C THR H 322 -11.07 -24.87 37.07
N GLU H 323 -11.64 -25.38 38.16
CA GLU H 323 -10.92 -25.46 39.43
C GLU H 323 -9.75 -26.43 39.38
N LYS H 324 -9.68 -27.28 38.36
CA LYS H 324 -8.58 -28.24 38.25
C LYS H 324 -7.30 -27.57 37.77
N GLY H 325 -7.41 -26.60 36.88
CA GLY H 325 -6.27 -25.87 36.37
C GLY H 325 -6.26 -25.82 34.85
N TRP H 326 -5.38 -24.95 34.34
CA TRP H 326 -5.26 -24.75 32.91
C TRP H 326 -4.00 -23.95 32.61
N GLU H 327 -3.12 -24.41 31.71
CA GLU H 327 -1.91 -23.66 31.43
C GLU H 327 -1.75 -23.46 29.93
N PHE H 328 -1.06 -22.37 29.59
CA PHE H 328 -0.74 -22.08 28.20
C PHE H 328 0.71 -21.63 28.09
N VAL H 329 1.32 -21.99 26.96
CA VAL H 329 2.65 -21.54 26.57
C VAL H 329 2.48 -20.72 25.30
N TRP H 330 2.92 -19.47 25.35
CA TRP H 330 2.83 -18.55 24.22
C TRP H 330 4.24 -18.29 23.71
N GLY H 331 4.58 -18.91 22.58
CA GLY H 331 5.91 -18.74 22.03
C GLY H 331 6.97 -19.27 22.97
N ASN H 332 7.99 -18.44 23.20
CA ASN H 332 9.12 -18.81 24.04
C ASN H 332 8.94 -18.35 25.48
N HIS H 333 7.77 -17.83 25.84
CA HIS H 333 7.50 -17.46 27.21
C HIS H 333 7.36 -18.72 28.07
N PRO H 334 7.67 -18.63 29.36
CA PRO H 334 7.45 -19.77 30.24
C PRO H 334 5.96 -20.06 30.38
N PRO H 335 5.58 -21.31 30.63
CA PRO H 335 4.16 -21.63 30.74
C PRO H 335 3.51 -20.90 31.91
N LYS H 336 2.27 -20.48 31.70
CA LYS H 336 1.49 -19.80 32.74
C LYS H 336 0.27 -20.64 33.07
N ARG H 337 0.04 -20.83 34.37
CA ARG H 337 -1.03 -21.67 34.88
C ARG H 337 -2.08 -20.81 35.58
N PHE H 338 -3.34 -21.18 35.41
CA PHE H 338 -4.48 -20.45 35.95
C PHE H 338 -5.48 -21.45 36.52
N TRP H 339 -6.16 -21.03 37.59
CA TRP H 339 -7.19 -21.82 38.24
C TRP H 339 -8.44 -20.98 38.41
N ALA H 340 -9.60 -21.59 38.19
CA ALA H 340 -10.86 -20.88 38.35
C ALA H 340 -11.15 -20.67 39.84
N GLN H 341 -12.26 -20.00 40.12
CA GLN H 341 -12.58 -19.61 41.47
C GLN H 341 -14.05 -19.22 41.53
N GLU H 342 -14.79 -19.81 42.48
CA GLU H 342 -16.24 -19.62 42.55
C GLU H 342 -16.53 -18.17 42.95
N THR H 343 -16.98 -17.37 41.99
CA THR H 343 -17.19 -15.96 42.25
C THR H 343 -18.57 -15.45 41.84
N ALA H 344 -19.11 -15.92 40.72
CA ALA H 344 -20.22 -15.21 40.09
C ALA H 344 -21.04 -16.17 39.23
N PRO H 345 -22.15 -15.73 38.62
CA PRO H 345 -22.93 -14.48 38.76
C PRO H 345 -24.24 -14.67 39.52
N GLY H 346 -24.72 -13.60 40.13
CA GLY H 346 -25.96 -13.66 40.89
C GLY H 346 -25.74 -13.42 42.36
N ASN H 347 -26.72 -13.78 43.18
CA ASN H 347 -26.60 -13.58 44.61
C ASN H 347 -27.44 -14.63 45.34
N PRO H 348 -26.82 -15.59 46.02
CA PRO H 348 -27.62 -16.62 46.71
C PRO H 348 -28.46 -16.08 47.85
N HIS H 349 -28.10 -14.94 48.42
CA HIS H 349 -28.90 -14.30 49.47
C HIS H 349 -29.89 -13.29 48.88
N GLY H 350 -30.68 -13.74 47.91
CA GLY H 350 -31.59 -12.84 47.23
C GLY H 350 -32.87 -13.49 46.76
N LEU H 351 -33.49 -12.90 45.74
CA LEU H 351 -34.76 -13.39 45.23
C LEU H 351 -34.56 -14.74 44.53
N PRO H 352 -35.64 -15.51 44.37
CA PRO H 352 -35.49 -16.85 43.77
C PRO H 352 -34.83 -16.87 42.41
N HIS H 353 -35.10 -15.87 41.56
CA HIS H 353 -34.47 -15.87 40.24
C HIS H 353 -32.96 -15.70 40.35
N GLU H 354 -32.50 -14.81 41.24
CA GLU H 354 -31.06 -14.64 41.44
C GLU H 354 -30.43 -15.91 41.98
N VAL H 355 -31.11 -16.57 42.94
CA VAL H 355 -30.59 -17.80 43.51
C VAL H 355 -30.48 -18.88 42.44
N ILE H 356 -31.51 -19.00 41.59
CA ILE H 356 -31.49 -20.01 40.54
C ILE H 356 -30.39 -19.71 39.53
N THR H 357 -30.22 -18.43 39.17
CA THR H 357 -29.15 -18.08 38.24
C THR H 357 -27.78 -18.42 38.81
N HIS H 358 -27.56 -18.08 40.09
CA HIS H 358 -26.27 -18.34 40.72
C HIS H 358 -25.99 -19.83 40.81
N TYR H 359 -26.99 -20.63 41.18
CA TYR H 359 -26.81 -22.06 41.34
C TYR H 359 -27.02 -22.83 40.05
N TYR H 360 -27.28 -22.15 38.93
CA TYR H 360 -27.27 -22.76 37.62
C TYR H 360 -25.97 -22.51 36.88
N HIS H 361 -25.50 -21.25 36.85
CA HIS H 361 -24.20 -20.98 36.22
C HIS H 361 -23.09 -21.72 36.94
N ARG H 362 -23.09 -21.70 38.26
CA ARG H 362 -22.31 -22.64 39.05
C ARG H 362 -23.14 -23.90 39.26
N TYR H 363 -22.47 -25.05 39.30
CA TYR H 363 -23.13 -26.35 39.43
C TYR H 363 -24.22 -26.57 38.38
N PRO H 364 -23.88 -26.51 37.09
CA PRO H 364 -24.88 -26.84 36.07
C PRO H 364 -25.18 -28.33 36.07
N MET H 365 -26.40 -28.65 35.64
CA MET H 365 -26.96 -30.00 35.57
C MET H 365 -27.20 -30.58 36.96
N SER H 366 -26.79 -29.90 38.03
CA SER H 366 -27.16 -30.25 39.39
C SER H 366 -28.28 -29.38 39.93
N THR H 367 -28.59 -28.28 39.26
CA THR H 367 -29.74 -27.45 39.57
C THR H 367 -30.93 -27.83 38.69
N ILE H 368 -30.69 -28.03 37.39
CA ILE H 368 -31.78 -28.42 36.49
C ILE H 368 -32.39 -29.73 36.93
N LEU H 369 -31.56 -30.69 37.35
CA LEU H 369 -32.08 -31.94 37.89
C LEU H 369 -32.77 -31.72 39.23
N GLY H 370 -32.11 -30.99 40.14
CA GLY H 370 -32.68 -30.77 41.45
C GLY H 370 -33.95 -29.94 41.42
N LEU H 371 -33.95 -28.86 40.64
CA LEU H 371 -35.15 -28.02 40.55
C LEU H 371 -36.31 -28.78 39.95
N SER H 372 -36.06 -29.57 38.90
CA SER H 372 -37.11 -30.37 38.31
C SER H 372 -37.64 -31.42 39.28
N ILE H 373 -36.75 -32.07 40.03
CA ILE H 373 -37.18 -33.06 41.01
C ILE H 373 -38.05 -32.41 42.08
N CYS H 374 -37.61 -31.24 42.59
CA CYS H 374 -38.39 -30.56 43.62
C CYS H 374 -39.74 -30.12 43.09
N ALA H 375 -39.79 -29.59 41.86
CA ALA H 375 -41.07 -29.18 41.29
C ALA H 375 -42.00 -30.36 41.09
N ALA H 376 -41.47 -31.49 40.61
CA ALA H 376 -42.29 -32.68 40.43
C ALA H 376 -42.83 -33.18 41.75
N ILE H 377 -41.98 -33.20 42.79
CA ILE H 377 -42.41 -33.66 44.10
C ILE H 377 -43.50 -32.74 44.65
N ALA H 378 -43.32 -31.43 44.50
CA ALA H 378 -44.32 -30.49 45.00
C ALA H 378 -45.64 -30.65 44.27
N THR H 379 -45.60 -30.81 42.94
CA THR H 379 -46.83 -30.97 42.18
C THR H 379 -47.55 -32.26 42.55
N VAL H 380 -46.79 -33.36 42.68
CA VAL H 380 -47.41 -34.63 43.06
C VAL H 380 -48.02 -34.54 44.45
N SER H 381 -47.32 -33.90 45.39
CA SER H 381 -47.84 -33.74 46.74
C SER H 381 -49.11 -32.91 46.75
N VAL H 382 -49.13 -31.80 46.00
CA VAL H 382 -50.32 -30.95 45.97
C VAL H 382 -51.50 -31.71 45.35
N ALA H 383 -51.26 -32.42 44.24
CA ALA H 383 -52.33 -33.17 43.61
C ALA H 383 -52.86 -34.26 44.53
N ALA H 384 -51.96 -34.98 45.22
CA ALA H 384 -52.40 -36.03 46.12
C ALA H 384 -53.18 -35.45 47.29
N SER H 385 -52.75 -34.32 47.84
CA SER H 385 -53.47 -33.70 48.94
C SER H 385 -54.86 -33.26 48.50
N THR H 386 -54.97 -32.68 47.31
CA THR H 386 -56.28 -32.30 46.78
C THR H 386 -57.16 -33.53 46.58
N TRP H 387 -56.59 -34.62 46.07
CA TRP H 387 -57.34 -35.83 45.86
C TRP H 387 -57.87 -36.39 47.17
N LEU H 388 -57.01 -36.45 48.19
CA LEU H 388 -57.46 -36.94 49.50
C LEU H 388 -58.51 -36.01 50.12
N PHE H 389 -58.35 -34.70 49.96
CA PHE H 389 -59.34 -33.78 50.52
C PHE H 389 -60.70 -33.96 49.83
N CYS H 390 -60.70 -34.09 48.50
CA CYS H 390 -61.95 -34.31 47.79
C CYS H 390 -62.59 -35.65 48.17
N ARG H 391 -61.76 -36.70 48.30
CA ARG H 391 -62.29 -38.00 48.71
C ARG H 391 -62.88 -37.94 50.11
N SER H 392 -62.22 -37.23 51.03
CA SER H 392 -62.73 -37.09 52.38
C SER H 392 -64.03 -36.30 52.39
N ARG H 393 -64.12 -35.23 51.59
CA ARG H 393 -65.35 -34.47 51.52
C ARG H 393 -66.50 -35.33 50.99
N VAL H 394 -66.23 -36.12 49.94
CA VAL H 394 -67.27 -36.99 49.39
C VAL H 394 -67.70 -38.02 50.43
N ALA H 395 -66.73 -38.65 51.10
CA ALA H 395 -67.05 -39.69 52.08
C ALA H 395 -67.74 -39.14 53.31
N CYS H 396 -67.56 -37.86 53.61
CA CYS H 396 -68.24 -37.26 54.75
C CYS H 396 -69.57 -36.61 54.39
N LEU H 397 -69.81 -36.34 53.11
CA LEU H 397 -71.06 -35.71 52.69
C LEU H 397 -72.08 -36.69 52.13
N THR H 398 -71.65 -37.65 51.31
CA THR H 398 -72.61 -38.57 50.70
C THR H 398 -73.49 -39.32 51.71
N PRO H 399 -73.00 -39.78 52.86
CA PRO H 399 -73.94 -40.35 53.84
C PRO H 399 -75.03 -39.38 54.25
N TYR H 400 -74.72 -38.10 54.36
CA TYR H 400 -75.72 -37.08 54.63
C TYR H 400 -76.38 -36.53 53.37
N ARG H 401 -75.70 -36.63 52.22
CA ARG H 401 -76.20 -35.99 51.01
C ARG H 401 -77.37 -36.72 50.39
N LEU H 402 -77.33 -38.05 50.35
CA LEU H 402 -78.34 -38.82 49.64
C LEU H 402 -79.55 -39.16 50.51
N THR H 403 -79.65 -38.56 51.69
CA THR H 403 -80.90 -38.60 52.43
C THR H 403 -82.00 -37.95 51.59
N PRO H 404 -83.19 -38.53 51.51
CA PRO H 404 -84.21 -37.98 50.60
C PRO H 404 -84.54 -36.52 50.84
N ASN H 405 -84.57 -36.07 52.09
CA ASN H 405 -84.85 -34.67 52.38
C ASN H 405 -83.59 -33.82 52.46
N ALA H 406 -82.40 -34.43 52.43
CA ALA H 406 -81.12 -33.72 52.34
C ALA H 406 -80.95 -32.71 53.47
N ARG H 407 -80.90 -33.22 54.69
CA ARG H 407 -80.60 -32.42 55.87
C ARG H 407 -79.13 -32.60 56.22
N ILE H 408 -78.35 -31.53 56.07
CA ILE H 408 -76.90 -31.61 56.28
C ILE H 408 -76.42 -30.50 57.22
N PRO H 409 -76.93 -30.41 58.45
CA PRO H 409 -76.48 -29.34 59.35
C PRO H 409 -75.17 -29.65 60.06
N PHE H 410 -74.99 -30.91 60.45
CA PHE H 410 -73.94 -31.26 61.41
C PHE H 410 -72.54 -31.08 60.79
N CYS H 411 -72.32 -31.66 59.61
CA CYS H 411 -71.01 -31.57 58.99
C CYS H 411 -70.68 -30.14 58.59
N LEU H 412 -71.66 -29.42 58.03
CA LEU H 412 -71.44 -28.04 57.64
C LEU H 412 -71.19 -27.14 58.84
N ALA H 413 -71.73 -27.52 60.01
CA ALA H 413 -71.49 -26.73 61.20
C ALA H 413 -70.15 -27.05 61.87
N VAL H 414 -69.70 -28.31 61.79
CA VAL H 414 -68.46 -28.69 62.46
C VAL H 414 -67.23 -28.41 61.59
N LEU H 415 -67.35 -28.44 60.27
CA LEU H 415 -66.19 -28.21 59.42
C LEU H 415 -66.42 -27.28 58.24
N CYS H 416 -67.67 -26.97 57.88
CA CYS H 416 -67.98 -26.16 56.70
C CYS H 416 -67.34 -26.75 55.45
N CYS H 417 -67.60 -28.05 55.24
CA CYS H 417 -67.02 -28.73 54.08
C CYS H 417 -67.53 -28.14 52.77
N ALA H 418 -68.82 -27.82 52.71
CA ALA H 418 -69.41 -27.25 51.50
C ALA H 418 -69.07 -25.77 51.39
N ARG I 1 -104.72 -58.38 52.52
CA ARG I 1 -103.80 -57.81 53.50
C ARG I 1 -102.46 -57.48 52.85
N MET I 2 -101.75 -58.50 52.40
CA MET I 2 -100.47 -58.30 51.72
C MET I 2 -100.65 -57.61 50.37
N VAL I 3 -101.84 -57.71 49.76
CA VAL I 3 -102.07 -57.09 48.46
C VAL I 3 -102.29 -55.60 48.53
N MET I 4 -102.46 -55.04 49.73
CA MET I 4 -102.65 -53.62 49.92
C MET I 4 -101.32 -52.86 50.03
N LYS I 5 -100.22 -53.47 49.58
CA LYS I 5 -98.92 -52.81 49.55
C LYS I 5 -98.24 -52.95 48.19
N LEU I 6 -98.98 -53.36 47.15
CA LEU I 6 -98.44 -53.47 45.81
C LEU I 6 -99.08 -52.50 44.83
N GLU I 7 -99.98 -51.64 45.29
CA GLU I 7 -100.60 -50.63 44.44
C GLU I 7 -99.81 -49.33 44.46
N SER I 8 -98.50 -49.45 44.23
CA SER I 8 -97.58 -48.31 44.25
C SER I 8 -97.04 -48.14 42.83
N ASP I 9 -97.63 -47.22 42.08
CA ASP I 9 -97.18 -46.92 40.73
C ASP I 9 -95.95 -46.04 40.70
N LYS I 10 -95.51 -45.52 41.84
CA LYS I 10 -94.36 -44.64 41.91
C LYS I 10 -93.03 -45.37 41.75
N THR I 11 -93.02 -46.69 41.78
CA THR I 11 -91.82 -47.43 41.40
C THR I 11 -91.74 -47.51 39.87
N PHE I 12 -90.53 -47.77 39.38
CA PHE I 12 -90.31 -47.76 37.93
C PHE I 12 -89.34 -48.85 37.52
N PRO I 13 -89.62 -49.54 36.41
CA PRO I 13 -88.73 -50.59 35.94
C PRO I 13 -87.56 -50.04 35.13
N ILE I 14 -86.55 -50.88 34.97
CA ILE I 14 -85.37 -50.58 34.18
C ILE I 14 -85.31 -51.55 33.02
N MET I 15 -85.31 -51.03 31.80
CA MET I 15 -85.35 -51.85 30.59
C MET I 15 -83.94 -52.03 30.04
N LEU I 16 -83.60 -53.28 29.71
CA LEU I 16 -82.34 -53.58 29.00
C LEU I 16 -82.66 -54.61 27.94
N GLU I 17 -82.64 -54.18 26.68
CA GLU I 17 -82.92 -55.06 25.54
C GLU I 17 -84.27 -55.75 25.74
N GLY I 18 -85.23 -54.98 26.25
CA GLY I 18 -86.57 -55.49 26.46
C GLY I 18 -86.74 -56.34 27.70
N LYS I 19 -85.71 -56.52 28.52
CA LYS I 19 -85.78 -57.34 29.71
C LYS I 19 -85.68 -56.49 30.96
N ILE I 20 -86.12 -57.07 32.07
CA ILE I 20 -86.09 -56.42 33.38
C ILE I 20 -84.90 -56.94 34.16
N ASN I 21 -84.15 -56.02 34.78
CA ASN I 21 -83.00 -56.41 35.60
C ASN I 21 -82.88 -55.57 36.87
N GLY I 22 -83.82 -54.68 37.14
CA GLY I 22 -83.75 -53.85 38.32
C GLY I 22 -84.87 -52.84 38.33
N TYR I 23 -85.02 -52.20 39.48
CA TYR I 23 -86.11 -51.24 39.70
C TYR I 23 -85.54 -49.96 40.30
N ALA I 24 -85.98 -48.82 39.76
CA ALA I 24 -85.61 -47.52 40.28
C ALA I 24 -86.79 -46.95 41.06
N CYS I 25 -86.54 -46.52 42.29
CA CYS I 25 -87.61 -46.13 43.20
C CYS I 25 -87.43 -44.68 43.64
N VAL I 26 -88.53 -43.97 43.79
CA VAL I 26 -88.51 -42.57 44.19
C VAL I 26 -88.97 -42.46 45.64
N VAL I 27 -88.15 -41.84 46.47
CA VAL I 27 -88.41 -41.70 47.90
C VAL I 27 -88.06 -40.27 48.31
N GLY I 28 -89.00 -39.61 48.97
CA GLY I 28 -88.74 -38.31 49.56
C GLY I 28 -88.26 -37.26 48.58
N GLY I 29 -88.80 -37.26 47.36
CA GLY I 29 -88.37 -36.32 46.36
C GLY I 29 -87.03 -36.60 45.72
N LYS I 30 -86.49 -37.82 45.90
CA LYS I 30 -85.23 -38.18 45.27
C LYS I 30 -85.38 -39.56 44.63
N LEU I 31 -84.86 -39.70 43.41
CA LEU I 31 -84.94 -40.94 42.66
C LEU I 31 -83.65 -41.73 42.88
N PHE I 32 -83.78 -42.96 43.38
CA PHE I 32 -82.66 -43.85 43.65
C PHE I 32 -82.69 -45.01 42.66
N ARG I 33 -81.56 -45.25 42.00
CA ARG I 33 -81.43 -46.35 41.06
C ARG I 33 -80.18 -47.15 41.42
N PRO I 34 -80.28 -48.47 41.57
CA PRO I 34 -79.09 -49.26 41.88
C PRO I 34 -78.02 -49.10 40.81
N MET I 35 -76.77 -49.00 41.25
CA MET I 35 -75.68 -48.69 40.33
C MET I 35 -75.33 -49.88 39.46
N HIS I 36 -75.32 -51.09 40.03
CA HIS I 36 -74.92 -52.27 39.28
C HIS I 36 -75.93 -52.68 38.22
N VAL I 37 -77.14 -52.13 38.25
CA VAL I 37 -78.17 -52.47 37.26
C VAL I 37 -77.98 -51.58 36.04
N GLU I 38 -77.80 -52.21 34.89
CA GLU I 38 -77.64 -51.49 33.63
C GLU I 38 -78.96 -51.46 32.87
N GLY I 39 -79.26 -50.33 32.26
CA GLY I 39 -80.46 -50.17 31.47
C GLY I 39 -80.96 -48.75 31.55
N LYS I 40 -82.21 -48.56 31.11
CA LYS I 40 -82.85 -47.26 31.08
C LYS I 40 -84.23 -47.36 31.72
N ILE I 41 -84.57 -46.36 32.54
CA ILE I 41 -85.89 -46.31 33.16
C ILE I 41 -86.94 -46.08 32.08
N ASP I 42 -88.06 -46.80 32.19
CA ASP I 42 -89.10 -46.72 31.17
C ASP I 42 -89.69 -45.30 31.08
N ASN I 43 -89.90 -44.66 32.22
CA ASN I 43 -90.47 -43.32 32.22
C ASN I 43 -89.48 -42.33 31.60
N ASP I 44 -89.94 -41.55 30.64
CA ASP I 44 -89.05 -40.65 29.91
C ASP I 44 -88.59 -39.49 30.79
N VAL I 45 -89.50 -38.92 31.58
CA VAL I 45 -89.15 -37.74 32.38
C VAL I 45 -88.10 -38.10 33.44
N LEU I 46 -88.22 -39.29 34.04
CA LEU I 46 -87.21 -39.71 35.00
C LEU I 46 -85.94 -40.20 34.32
N ALA I 47 -86.06 -40.78 33.13
CA ALA I 47 -84.86 -41.22 32.40
C ALA I 47 -84.01 -40.03 32.00
N ALA I 48 -84.64 -38.92 31.59
CA ALA I 48 -83.90 -37.74 31.17
C ALA I 48 -83.13 -37.09 32.32
N LEU I 49 -83.44 -37.42 33.57
CA LEU I 49 -82.76 -36.82 34.71
C LEU I 49 -81.31 -37.28 34.77
N LYS I 50 -80.42 -36.34 35.10
CA LYS I 50 -79.01 -36.64 35.28
C LYS I 50 -78.77 -36.98 36.75
N THR I 51 -78.21 -38.17 37.00
CA THR I 51 -78.01 -38.67 38.35
C THR I 51 -76.54 -38.56 38.76
N LYS I 52 -76.32 -38.41 40.06
CA LYS I 52 -74.99 -38.34 40.63
C LYS I 52 -74.67 -39.66 41.32
N LYS I 53 -73.54 -40.26 40.95
CA LYS I 53 -73.20 -41.58 41.43
C LYS I 53 -72.79 -41.56 42.90
N ALA I 54 -72.87 -42.72 43.53
CA ALA I 54 -72.37 -42.92 44.89
C ALA I 54 -71.86 -44.36 44.96
N SER I 55 -70.55 -44.52 44.72
CA SER I 55 -69.99 -45.87 44.59
C SER I 55 -69.97 -46.61 45.92
N LYS I 56 -69.71 -45.89 47.01
CA LYS I 56 -69.58 -46.56 48.31
C LYS I 56 -70.89 -47.20 48.74
N TYR I 57 -72.01 -46.49 48.59
CA TYR I 57 -73.31 -47.01 49.01
C TYR I 57 -74.04 -47.77 47.90
N ASP I 58 -73.47 -47.81 46.70
CA ASP I 58 -73.95 -48.64 45.60
C ASP I 58 -75.39 -48.27 45.23
N LEU I 59 -75.54 -47.00 44.84
CA LEU I 59 -76.76 -46.49 44.24
C LEU I 59 -76.54 -45.06 43.76
N GLU I 60 -77.23 -44.67 42.69
CA GLU I 60 -77.14 -43.32 42.16
C GLU I 60 -78.45 -42.59 42.44
N TYR I 61 -78.34 -41.34 42.89
CA TYR I 61 -79.49 -40.55 43.28
C TYR I 61 -79.62 -39.33 42.38
N ALA I 62 -80.86 -38.91 42.15
CA ALA I 62 -81.15 -37.74 41.34
C ALA I 62 -82.30 -36.97 41.97
N ASP I 63 -82.38 -35.68 41.65
CA ASP I 63 -83.43 -34.82 42.17
C ASP I 63 -84.60 -34.81 41.19
N VAL I 64 -85.76 -35.26 41.67
CA VAL I 64 -86.95 -35.37 40.83
C VAL I 64 -87.49 -33.98 40.54
N PRO I 65 -88.26 -33.80 39.46
CA PRO I 65 -88.83 -32.47 39.18
C PRO I 65 -89.87 -32.08 40.23
N GLN I 66 -90.22 -30.79 40.20
CA GLN I 66 -91.16 -30.25 41.17
C GLN I 66 -92.53 -30.90 41.04
N ASN I 67 -93.00 -31.09 39.81
CA ASN I 67 -94.33 -31.65 39.59
C ASN I 67 -94.44 -33.11 39.99
N MET I 68 -93.32 -33.80 40.15
CA MET I 68 -93.33 -35.20 40.55
C MET I 68 -93.13 -35.40 42.05
N ARG I 69 -92.79 -34.34 42.78
CA ARG I 69 -92.47 -34.47 44.20
C ARG I 69 -93.69 -34.87 45.03
N ALA I 70 -94.89 -34.53 44.56
CA ALA I 70 -96.09 -34.78 45.35
C ALA I 70 -96.32 -36.27 45.56
N ASP I 71 -96.33 -37.05 44.47
CA ASP I 71 -96.58 -38.49 44.55
C ASP I 71 -95.24 -39.20 44.67
N THR I 72 -94.85 -39.47 45.92
CA THR I 72 -93.54 -40.04 46.20
C THR I 72 -93.60 -40.77 47.54
N PHE I 73 -92.81 -41.83 47.66
CA PHE I 73 -92.73 -42.58 48.91
C PHE I 73 -92.29 -41.69 50.06
N LYS I 74 -92.51 -42.17 51.28
CA LYS I 74 -92.09 -41.50 52.49
C LYS I 74 -91.17 -42.41 53.29
N TYR I 75 -89.99 -41.92 53.63
CA TYR I 75 -89.02 -42.72 54.36
C TYR I 75 -89.29 -42.64 55.86
N THR I 76 -88.72 -43.60 56.60
CA THR I 76 -88.90 -43.70 58.03
C THR I 76 -87.56 -43.92 58.70
N HIS I 77 -87.30 -43.19 59.78
CA HIS I 77 -86.04 -43.31 60.51
C HIS I 77 -86.10 -44.33 61.63
N GLU I 78 -87.26 -44.92 61.91
CA GLU I 78 -87.40 -45.94 62.94
C GLU I 78 -87.75 -47.27 62.29
N LYS I 79 -87.08 -48.33 62.76
CA LYS I 79 -87.26 -49.68 62.22
C LYS I 79 -87.52 -50.63 63.37
N PRO I 80 -88.76 -50.69 63.86
CA PRO I 80 -89.06 -51.62 64.96
C PRO I 80 -88.95 -53.08 64.52
N GLN I 81 -88.53 -53.90 65.48
CA GLN I 81 -88.33 -55.33 65.25
C GLN I 81 -89.60 -56.02 64.78
N GLY I 82 -89.47 -56.94 63.82
CA GLY I 82 -90.55 -57.85 63.47
C GLY I 82 -90.97 -57.70 62.02
N TYR I 83 -92.29 -57.77 61.80
CA TYR I 83 -92.86 -57.99 60.48
C TYR I 83 -92.68 -56.76 59.58
N TYR I 84 -92.63 -57.02 58.27
CA TYR I 84 -92.57 -55.98 57.25
C TYR I 84 -93.17 -56.52 55.96
N SER I 85 -93.69 -55.61 55.14
CA SER I 85 -94.36 -55.96 53.90
C SER I 85 -93.45 -55.71 52.70
N TRP I 86 -93.49 -56.62 51.74
CA TRP I 86 -92.73 -56.51 50.51
C TRP I 86 -93.56 -57.09 49.37
N HIS I 87 -93.25 -56.67 48.15
CA HIS I 87 -94.04 -57.10 47.00
C HIS I 87 -93.97 -58.61 46.81
N HIS I 88 -92.79 -59.21 46.99
CA HIS I 88 -92.68 -60.66 46.90
C HIS I 88 -93.39 -61.36 48.05
N GLY I 89 -93.38 -60.76 49.24
CA GLY I 89 -94.04 -61.37 50.37
C GLY I 89 -93.59 -60.73 51.67
N ALA I 90 -93.82 -61.45 52.77
CA ALA I 90 -93.43 -60.95 54.07
C ALA I 90 -91.92 -60.97 54.25
N VAL I 91 -91.41 -59.96 54.97
CA VAL I 91 -90.01 -59.89 55.34
C VAL I 91 -89.97 -59.70 56.85
N GLN I 92 -88.90 -60.13 57.50
CA GLN I 92 -88.81 -60.04 58.94
C GLN I 92 -87.49 -59.43 59.38
N TYR I 93 -87.58 -58.45 60.26
CA TYR I 93 -86.44 -57.69 60.77
C TYR I 93 -86.04 -58.23 62.14
N GLU I 94 -84.81 -58.74 62.23
CA GLU I 94 -84.23 -59.22 63.49
C GLU I 94 -82.80 -58.72 63.61
N ASN I 95 -82.49 -58.09 64.73
CA ASN I 95 -81.12 -57.73 65.09
C ASN I 95 -80.43 -56.93 63.99
N GLY I 96 -81.17 -56.01 63.39
CA GLY I 96 -80.61 -55.16 62.35
C GLY I 96 -80.49 -55.79 60.98
N ARG I 97 -81.12 -56.94 60.76
CA ARG I 97 -81.05 -57.62 59.47
C ARG I 97 -82.45 -57.96 58.97
N PHE I 98 -82.65 -57.76 57.67
CA PHE I 98 -83.86 -58.21 56.99
C PHE I 98 -83.64 -59.64 56.50
N THR I 99 -84.62 -60.51 56.73
CA THR I 99 -84.57 -61.87 56.22
C THR I 99 -85.89 -62.23 55.54
N VAL I 100 -85.78 -63.07 54.52
CA VAL I 100 -86.92 -63.49 53.71
C VAL I 100 -86.90 -65.01 53.58
N PRO I 101 -88.03 -65.62 53.25
CA PRO I 101 -88.03 -67.06 52.98
C PRO I 101 -87.11 -67.43 51.84
N LYS I 102 -86.90 -68.74 51.68
CA LYS I 102 -85.95 -69.24 50.70
C LYS I 102 -86.40 -68.92 49.28
N GLY I 103 -85.43 -68.63 48.41
CA GLY I 103 -85.71 -68.40 47.01
C GLY I 103 -86.41 -67.10 46.69
N VAL I 104 -86.54 -66.20 47.67
CA VAL I 104 -87.20 -64.92 47.45
C VAL I 104 -86.15 -63.88 47.10
N GLY I 105 -86.32 -63.21 45.96
CA GLY I 105 -85.33 -62.25 45.50
C GLY I 105 -84.29 -62.90 44.62
N ALA I 106 -84.16 -62.41 43.39
CA ALA I 106 -83.26 -63.02 42.42
C ALA I 106 -82.90 -61.97 41.38
N LYS I 107 -82.35 -62.42 40.25
CA LYS I 107 -82.01 -61.54 39.14
C LYS I 107 -83.17 -60.63 38.78
N GLY I 108 -82.95 -59.33 38.91
CA GLY I 108 -83.98 -58.35 38.60
C GLY I 108 -84.86 -57.95 39.77
N ASP I 109 -84.44 -58.23 41.00
CA ASP I 109 -85.21 -57.90 42.19
C ASP I 109 -84.43 -56.97 43.11
N SER I 110 -83.81 -55.94 42.54
CA SER I 110 -83.05 -54.95 43.31
C SER I 110 -83.65 -53.57 43.07
N GLY I 111 -83.44 -52.69 44.04
CA GLY I 111 -84.13 -51.42 44.05
C GLY I 111 -85.53 -51.48 44.60
N ARG I 112 -85.95 -52.63 45.08
CA ARG I 112 -87.29 -52.81 45.64
C ARG I 112 -87.35 -52.15 47.01
N PRO I 113 -88.24 -51.17 47.21
CA PRO I 113 -88.37 -50.58 48.55
C PRO I 113 -89.09 -51.54 49.49
N ILE I 114 -88.50 -51.77 50.65
CA ILE I 114 -89.11 -52.63 51.66
C ILE I 114 -90.09 -51.79 52.47
N LEU I 115 -91.38 -51.93 52.15
CA LEU I 115 -92.40 -51.16 52.83
C LEU I 115 -92.56 -51.63 54.27
N ASP I 116 -93.16 -50.77 55.09
CA ASP I 116 -93.43 -51.11 56.48
C ASP I 116 -94.90 -51.49 56.64
N ASN I 117 -95.25 -51.91 57.85
CA ASN I 117 -96.65 -52.22 58.15
C ASN I 117 -97.54 -50.99 58.04
N GLN I 118 -96.97 -49.79 58.16
CA GLN I 118 -97.75 -48.57 57.99
C GLN I 118 -98.05 -48.29 56.52
N GLY I 119 -97.11 -48.60 55.63
CA GLY I 119 -97.31 -48.38 54.21
C GLY I 119 -96.36 -47.35 53.63
N ARG I 120 -95.16 -47.24 54.21
CA ARG I 120 -94.15 -46.29 53.75
C ARG I 120 -92.79 -46.94 53.81
N VAL I 121 -91.90 -46.52 52.89
CA VAL I 121 -90.62 -47.18 52.71
C VAL I 121 -89.73 -46.94 53.93
N VAL I 122 -89.01 -47.99 54.34
CA VAL I 122 -88.01 -47.85 55.38
C VAL I 122 -86.60 -48.11 54.87
N ALA I 123 -86.44 -48.78 53.73
CA ALA I 123 -85.12 -49.11 53.21
C ALA I 123 -85.27 -49.60 51.78
N ILE I 124 -84.13 -49.69 51.09
CA ILE I 124 -84.07 -50.18 49.72
C ILE I 124 -83.07 -51.33 49.66
N VAL I 125 -83.52 -52.48 49.15
CA VAL I 125 -82.70 -53.68 49.11
C VAL I 125 -81.97 -53.76 47.78
N LEU I 126 -80.67 -54.03 47.83
CA LEU I 126 -79.84 -54.11 46.64
C LEU I 126 -79.40 -55.53 46.30
N GLY I 127 -79.58 -56.47 47.21
CA GLY I 127 -79.19 -57.85 46.96
C GLY I 127 -79.37 -58.68 48.20
N GLY I 128 -79.33 -59.99 48.01
CA GLY I 128 -79.51 -60.92 49.11
C GLY I 128 -78.63 -62.13 48.95
N VAL I 129 -78.22 -62.69 50.09
CA VAL I 129 -77.38 -63.88 50.12
C VAL I 129 -77.98 -64.87 51.12
N ASN I 130 -77.71 -66.15 50.90
CA ASN I 130 -78.18 -67.22 51.78
C ASN I 130 -76.96 -67.95 52.31
N GLU I 131 -76.63 -67.71 53.59
CA GLU I 131 -75.50 -68.34 54.25
C GLU I 131 -76.00 -69.45 55.17
N GLY I 132 -75.39 -70.62 55.06
CA GLY I 132 -75.83 -71.77 55.84
C GLY I 132 -77.24 -72.17 55.49
N SER I 133 -78.18 -71.91 56.40
CA SER I 133 -79.59 -72.17 56.16
C SER I 133 -80.46 -70.93 56.27
N ARG I 134 -79.86 -69.75 56.38
CA ARG I 134 -80.59 -68.50 56.53
C ARG I 134 -80.28 -67.55 55.38
N THR I 135 -81.29 -66.80 54.94
CA THR I 135 -81.16 -65.86 53.85
C THR I 135 -81.27 -64.45 54.39
N ALA I 136 -80.27 -63.62 54.10
CA ALA I 136 -80.25 -62.22 54.51
C ALA I 136 -80.16 -61.32 53.29
N LEU I 137 -80.51 -60.06 53.47
CA LEU I 137 -80.57 -59.10 52.38
C LEU I 137 -79.57 -57.97 52.62
N SER I 138 -78.81 -57.63 51.58
CA SER I 138 -78.04 -56.39 51.60
C SER I 138 -78.98 -55.24 51.29
N VAL I 139 -79.02 -54.25 52.19
CA VAL I 139 -80.06 -53.24 52.15
C VAL I 139 -79.51 -51.94 52.74
N VAL I 140 -79.95 -50.82 52.18
CA VAL I 140 -79.58 -49.50 52.67
C VAL I 140 -80.81 -48.87 53.32
N MET I 141 -80.65 -48.44 54.57
CA MET I 141 -81.74 -47.87 55.35
C MET I 141 -81.40 -46.41 55.68
N TRP I 142 -82.19 -45.81 56.56
CA TRP I 142 -81.99 -44.43 56.98
C TRP I 142 -81.99 -44.37 58.50
N ASN I 143 -80.99 -43.70 59.06
CA ASN I 143 -80.86 -43.57 60.51
C ASN I 143 -81.74 -42.42 61.01
N GLU I 144 -81.78 -42.27 62.35
CA GLU I 144 -82.58 -41.20 62.92
C GLU I 144 -82.02 -39.83 62.55
N LYS I 145 -80.70 -39.70 62.48
CA LYS I 145 -80.07 -38.44 62.09
C LYS I 145 -80.01 -38.25 60.58
N GLY I 146 -80.31 -39.30 59.81
CA GLY I 146 -80.29 -39.19 58.36
C GLY I 146 -78.92 -39.36 57.76
N VAL I 147 -78.21 -40.43 58.15
CA VAL I 147 -76.88 -40.70 57.63
C VAL I 147 -76.89 -41.82 56.60
N THR I 148 -78.05 -42.43 56.33
CA THR I 148 -78.21 -43.45 55.29
C THR I 148 -77.22 -44.60 55.47
N VAL I 149 -77.27 -45.20 56.66
CA VAL I 149 -76.40 -46.34 56.95
C VAL I 149 -76.81 -47.52 56.09
N LYS I 150 -75.82 -48.30 55.66
CA LYS I 150 -76.03 -49.51 54.87
C LYS I 150 -75.55 -50.71 55.66
N TYR I 151 -76.37 -51.76 55.73
CA TYR I 151 -75.99 -53.03 56.33
C TYR I 151 -75.91 -54.08 55.23
N THR I 152 -74.77 -54.76 55.13
CA THR I 152 -74.54 -55.74 54.08
C THR I 152 -73.98 -57.01 54.71
N PRO I 153 -74.63 -58.16 54.53
CA PRO I 153 -74.08 -59.41 55.08
C PRO I 153 -72.83 -59.83 54.34
N GLU I 154 -72.04 -60.67 55.01
CA GLU I 154 -70.79 -61.14 54.44
C GLU I 154 -71.04 -61.99 53.21
N ASN I 155 -70.15 -61.86 52.22
CA ASN I 155 -70.24 -62.60 50.95
C ASN I 155 -71.59 -62.40 50.29
N CYS I 156 -72.04 -61.15 50.26
CA CYS I 156 -73.36 -60.83 49.72
C CYS I 156 -73.45 -61.21 48.25
N GLU I 157 -74.58 -61.83 47.88
CA GLU I 157 -74.84 -62.22 46.50
C GLU I 157 -75.69 -61.13 45.84
N GLN I 158 -75.28 -60.72 44.65
CA GLN I 158 -75.95 -59.60 44.00
C GLN I 158 -77.37 -59.97 43.60
N TRP I 159 -78.29 -59.03 43.83
CA TRP I 159 -79.71 -59.20 43.52
C TRP I 159 -80.30 -60.42 44.22
N TYR J 1 -10.07 -75.64 -47.44
CA TYR J 1 -10.76 -75.79 -46.17
C TYR J 1 -10.83 -74.46 -45.43
N GLU J 2 -12.04 -73.93 -45.28
CA GLU J 2 -12.26 -72.65 -44.63
C GLU J 2 -12.59 -72.86 -43.17
N HIS J 3 -11.84 -72.19 -42.30
CA HIS J 3 -12.04 -72.25 -40.86
C HIS J 3 -12.37 -70.85 -40.35
N ALA J 4 -13.19 -70.78 -39.31
CA ALA J 4 -13.59 -69.50 -38.73
C ALA J 4 -13.44 -69.56 -37.22
N THR J 5 -13.07 -68.43 -36.63
CA THR J 5 -12.94 -68.34 -35.17
C THR J 5 -13.06 -66.88 -34.78
N THR J 6 -13.11 -66.64 -33.47
CA THR J 6 -13.04 -65.30 -32.92
C THR J 6 -12.02 -65.29 -31.80
N MET J 7 -11.33 -64.17 -31.64
CA MET J 7 -10.32 -64.09 -30.60
C MET J 7 -10.35 -62.71 -29.95
N PRO J 8 -10.27 -62.64 -28.62
CA PRO J 8 -10.37 -61.34 -27.95
C PRO J 8 -9.13 -60.50 -28.21
N SER J 9 -9.35 -59.23 -28.56
CA SER J 9 -8.27 -58.33 -28.93
C SER J 9 -7.47 -57.91 -27.68
N GLN J 10 -6.79 -58.89 -27.10
CA GLN J 10 -5.92 -58.69 -25.95
C GLN J 10 -4.49 -58.94 -26.40
N ALA J 11 -3.70 -57.88 -26.49
CA ALA J 11 -2.32 -58.00 -26.94
C ALA J 11 -1.47 -58.75 -25.91
N GLY J 12 -0.59 -59.61 -26.40
CA GLY J 12 0.33 -60.32 -25.55
C GLY J 12 -0.18 -61.61 -24.96
N ILE J 13 -1.41 -62.02 -25.26
CA ILE J 13 -1.97 -63.26 -24.75
C ILE J 13 -2.18 -64.19 -25.94
N SER J 14 -1.57 -65.38 -25.87
CA SER J 14 -1.66 -66.34 -26.96
C SER J 14 -3.07 -66.94 -27.03
N TYR J 15 -3.51 -67.21 -28.24
CA TYR J 15 -4.80 -67.82 -28.51
C TYR J 15 -4.56 -69.06 -29.36
N ASN J 16 -4.99 -70.21 -28.86
CA ASN J 16 -4.70 -71.50 -29.47
C ASN J 16 -6.00 -72.18 -29.89
N THR J 17 -6.03 -72.66 -31.14
CA THR J 17 -7.13 -73.48 -31.63
C THR J 17 -6.55 -74.64 -32.43
N ILE J 18 -7.43 -75.51 -32.91
CA ILE J 18 -7.05 -76.56 -33.85
C ILE J 18 -8.13 -76.64 -34.92
N VAL J 19 -7.71 -76.85 -36.15
CA VAL J 19 -8.64 -77.16 -37.23
C VAL J 19 -8.79 -78.68 -37.31
N ASN J 20 -10.04 -79.14 -37.28
CA ASN J 20 -10.37 -80.56 -37.15
C ASN J 20 -11.00 -81.02 -38.47
N ARG J 21 -10.16 -81.44 -39.41
CA ARG J 21 -10.66 -82.10 -40.60
C ARG J 21 -10.85 -83.58 -40.30
N ALA J 22 -11.97 -84.14 -40.76
CA ALA J 22 -12.35 -85.49 -40.37
C ALA J 22 -11.31 -86.51 -40.81
N GLY J 23 -10.82 -86.40 -42.03
CA GLY J 23 -9.88 -87.36 -42.56
C GLY J 23 -8.42 -87.06 -42.32
N TYR J 24 -8.09 -86.00 -41.60
CA TYR J 24 -6.72 -85.60 -41.40
C TYR J 24 -6.48 -85.26 -39.93
N ALA J 25 -5.21 -85.20 -39.56
CA ALA J 25 -4.84 -84.93 -38.17
C ALA J 25 -5.27 -83.51 -37.79
N PRO J 26 -5.72 -83.30 -36.55
CA PRO J 26 -6.03 -81.95 -36.10
C PRO J 26 -4.80 -81.06 -36.18
N LEU J 27 -4.92 -79.96 -36.93
CA LEU J 27 -3.78 -79.09 -37.17
C LEU J 27 -3.84 -77.91 -36.23
N PRO J 28 -2.85 -77.72 -35.36
CA PRO J 28 -2.92 -76.65 -34.37
C PRO J 28 -2.55 -75.29 -34.95
N ILE J 29 -3.18 -74.26 -34.39
CA ILE J 29 -2.97 -72.87 -34.78
C ILE J 29 -2.74 -72.06 -33.52
N SER J 30 -1.67 -71.27 -33.50
CA SER J 30 -1.36 -70.39 -32.38
C SER J 30 -1.23 -68.97 -32.90
N ILE J 31 -1.84 -68.02 -32.19
CA ILE J 31 -1.89 -66.63 -32.62
C ILE J 31 -1.56 -65.73 -31.45
N THR J 32 -0.57 -64.88 -31.61
CA THR J 32 -0.19 -63.92 -30.57
C THR J 32 -0.18 -62.51 -31.14
N PRO J 33 -1.12 -61.65 -30.78
CA PRO J 33 -1.08 -60.25 -31.23
C PRO J 33 -0.12 -59.46 -30.36
N THR J 34 1.03 -59.10 -30.93
CA THR J 34 2.01 -58.30 -30.21
C THR J 34 1.67 -56.81 -30.20
N LYS J 35 0.75 -56.37 -31.06
CA LYS J 35 0.39 -54.96 -31.15
C LYS J 35 -0.89 -54.78 -31.95
N ILE J 36 -1.82 -53.99 -31.44
CA ILE J 36 -3.08 -53.70 -32.11
C ILE J 36 -3.18 -52.19 -32.24
N LYS J 37 -3.12 -51.69 -33.46
CA LYS J 37 -3.17 -50.26 -33.73
C LYS J 37 -4.56 -49.82 -34.12
N LEU J 38 -4.90 -48.59 -33.74
CA LEU J 38 -6.18 -47.96 -34.08
C LEU J 38 -5.82 -46.55 -34.54
N ILE J 39 -5.89 -46.31 -35.85
CA ILE J 39 -5.38 -45.09 -36.45
C ILE J 39 -6.53 -44.28 -37.04
N PRO J 40 -6.96 -43.21 -36.38
CA PRO J 40 -8.04 -42.39 -36.93
C PRO J 40 -7.56 -41.59 -38.13
N THR J 41 -8.54 -41.19 -38.95
CA THR J 41 -8.28 -40.34 -40.11
C THR J 41 -8.39 -38.89 -39.66
N VAL J 42 -7.25 -38.21 -39.53
CA VAL J 42 -7.19 -36.88 -38.95
C VAL J 42 -6.98 -35.87 -40.07
N ASN J 43 -7.77 -34.80 -40.04
CA ASN J 43 -7.59 -33.65 -40.92
C ASN J 43 -7.17 -32.46 -40.07
N LEU J 44 -6.07 -31.81 -40.46
CA LEU J 44 -5.51 -30.73 -39.67
C LEU J 44 -6.37 -29.48 -39.84
N GLU J 45 -7.20 -29.20 -38.83
CA GLU J 45 -8.02 -28.00 -38.90
C GLU J 45 -7.16 -26.74 -38.89
N TYR J 46 -6.27 -26.61 -37.91
CA TYR J 46 -5.38 -25.44 -37.88
C TYR J 46 -4.27 -25.66 -36.86
N VAL J 47 -3.52 -24.60 -36.59
CA VAL J 47 -2.39 -24.63 -35.67
C VAL J 47 -2.41 -23.37 -34.80
N THR J 48 -1.93 -23.50 -33.56
CA THR J 48 -1.92 -22.41 -32.60
C THR J 48 -0.59 -22.43 -31.84
N CYS J 49 -0.13 -21.25 -31.45
CA CYS J 49 1.08 -21.11 -30.65
C CYS J 49 0.99 -19.81 -29.86
N HIS J 50 2.07 -19.51 -29.15
CA HIS J 50 2.18 -18.20 -28.50
C HIS J 50 2.26 -17.11 -29.55
N TYR J 51 1.64 -15.96 -29.26
CA TYR J 51 1.69 -14.85 -30.18
C TYR J 51 2.75 -13.85 -29.75
N LYS J 52 3.11 -12.96 -30.67
CA LYS J 52 4.00 -11.84 -30.40
C LYS J 52 3.29 -10.59 -30.87
N THR J 53 3.17 -9.61 -29.99
CA THR J 53 2.55 -8.34 -30.33
C THR J 53 3.61 -7.45 -30.98
N GLY J 54 3.54 -7.32 -32.29
CA GLY J 54 4.39 -6.38 -32.99
C GLY J 54 3.75 -5.02 -33.04
N MET J 55 4.56 -4.01 -33.36
CA MET J 55 4.07 -2.65 -33.31
C MET J 55 5.05 -1.73 -34.01
N ASP J 56 4.50 -0.80 -34.80
CA ASP J 56 5.32 0.14 -35.53
C ASP J 56 5.95 1.16 -34.59
N SER J 57 7.06 1.74 -35.02
CA SER J 57 7.64 2.83 -34.28
C SER J 57 6.68 4.02 -34.28
N PRO J 58 6.52 4.70 -33.15
CA PRO J 58 5.58 5.83 -33.09
C PRO J 58 5.93 6.89 -34.11
N ALA J 59 4.91 7.40 -34.80
CA ALA J 59 5.08 8.47 -35.77
C ALA J 59 4.73 9.77 -35.09
N ILE J 60 5.75 10.55 -34.73
CA ILE J 60 5.58 11.78 -33.96
C ILE J 60 5.67 12.96 -34.92
N LYS J 61 4.64 13.82 -34.90
CA LYS J 61 4.61 15.03 -35.70
C LYS J 61 4.45 16.22 -34.75
N CYS J 62 5.34 17.20 -34.91
CA CYS J 62 5.39 18.37 -34.03
C CYS J 62 4.24 19.30 -34.39
N CYS J 63 3.17 19.23 -33.60
CA CYS J 63 1.93 19.98 -33.78
C CYS J 63 1.49 20.07 -35.24
N GLY J 64 1.24 18.91 -35.84
CA GLY J 64 0.56 18.82 -37.11
C GLY J 64 -0.37 17.63 -37.09
N SER J 65 -1.51 17.73 -37.76
CA SER J 65 -2.49 16.65 -37.74
C SER J 65 -1.95 15.43 -38.47
N GLN J 66 -2.42 14.25 -38.05
CA GLN J 66 -2.01 12.99 -38.64
C GLN J 66 -3.23 12.12 -38.87
N GLU J 67 -3.05 11.09 -39.70
CA GLU J 67 -4.11 10.17 -40.06
C GLU J 67 -3.65 8.74 -39.81
N CYS J 68 -4.62 7.87 -39.48
CA CYS J 68 -4.35 6.46 -39.21
C CYS J 68 -4.43 5.69 -40.52
N THR J 69 -3.27 5.36 -41.07
CA THR J 69 -3.24 4.56 -42.30
C THR J 69 -3.68 3.14 -41.97
N PRO J 70 -4.74 2.62 -42.58
CA PRO J 70 -5.28 1.31 -42.19
C PRO J 70 -4.65 0.11 -42.90
N THR J 71 -3.46 -0.26 -42.45
CA THR J 71 -2.85 -1.51 -42.90
C THR J 71 -3.64 -2.69 -42.33
N TYR J 72 -3.69 -3.77 -43.09
CA TYR J 72 -4.50 -4.94 -42.75
C TYR J 72 -3.58 -6.03 -42.23
N ARG J 73 -3.41 -6.05 -40.90
CA ARG J 73 -2.63 -7.04 -40.19
C ARG J 73 -3.48 -7.65 -39.08
N PRO J 74 -3.17 -8.88 -38.66
CA PRO J 74 -4.04 -9.56 -37.69
C PRO J 74 -4.20 -8.75 -36.41
N ASP J 75 -5.45 -8.47 -36.07
CA ASP J 75 -5.81 -7.73 -34.85
C ASP J 75 -5.09 -6.39 -34.77
N GLU J 76 -4.88 -5.74 -35.92
CA GLU J 76 -4.20 -4.45 -35.93
C GLU J 76 -5.11 -3.37 -35.39
N GLN J 77 -4.58 -2.57 -34.46
CA GLN J 77 -5.27 -1.40 -33.93
C GLN J 77 -4.36 -0.19 -34.06
N CYS J 78 -4.87 0.86 -34.70
CA CYS J 78 -4.13 2.10 -34.92
C CYS J 78 -4.86 3.25 -34.25
N LYS J 79 -4.09 4.18 -33.67
CA LYS J 79 -4.70 5.28 -32.95
C LYS J 79 -3.73 6.45 -32.91
N VAL J 80 -4.27 7.66 -33.00
CA VAL J 80 -3.50 8.90 -32.97
C VAL J 80 -3.83 9.64 -31.68
N PHE J 81 -2.81 10.05 -30.95
CA PHE J 81 -2.97 10.77 -29.69
C PHE J 81 -2.43 12.18 -29.85
N THR J 82 -3.16 13.15 -29.31
CA THR J 82 -2.79 14.56 -29.38
C THR J 82 -2.25 15.02 -28.04
N GLY J 83 -1.59 16.17 -28.06
CA GLY J 83 -1.04 16.75 -26.84
C GLY J 83 0.08 15.96 -26.23
N VAL J 84 0.95 15.37 -27.05
CA VAL J 84 2.11 14.63 -26.57
C VAL J 84 3.33 15.53 -26.65
N TYR J 85 4.24 15.39 -25.68
CA TYR J 85 5.48 16.14 -25.63
C TYR J 85 6.61 15.15 -25.42
N PRO J 86 7.01 14.44 -26.48
CA PRO J 86 7.97 13.34 -26.31
C PRO J 86 9.35 13.83 -25.91
N PHE J 87 10.08 12.95 -25.24
CA PHE J 87 11.46 13.19 -24.83
C PHE J 87 12.35 12.06 -25.31
N MET J 88 13.53 12.42 -25.79
CA MET J 88 14.56 11.45 -26.16
C MET J 88 15.76 11.65 -25.24
N TRP J 89 16.84 10.91 -25.52
CA TRP J 89 18.04 11.07 -24.71
C TRP J 89 18.68 12.44 -24.88
N GLY J 90 18.36 13.15 -25.97
CA GLY J 90 18.90 14.46 -26.20
C GLY J 90 17.90 15.58 -26.02
N GLY J 91 17.00 15.44 -25.05
CA GLY J 91 16.06 16.49 -24.73
C GLY J 91 14.71 16.31 -25.41
N ALA J 92 13.91 17.36 -25.32
CA ALA J 92 12.56 17.34 -25.88
C ALA J 92 12.61 17.18 -27.39
N TYR J 93 11.72 16.33 -27.91
CA TYR J 93 11.73 16.03 -29.34
C TYR J 93 11.10 17.15 -30.17
N CYS J 94 10.07 17.79 -29.64
CA CYS J 94 9.34 18.80 -30.39
C CYS J 94 9.50 20.18 -29.75
N PHE J 95 9.70 21.18 -30.60
CA PHE J 95 9.78 22.59 -30.22
C PHE J 95 8.41 23.22 -29.98
N CYS J 96 7.35 22.42 -29.92
CA CYS J 96 5.99 22.91 -29.94
C CYS J 96 5.30 22.45 -28.66
N ASP J 97 4.73 23.40 -27.92
CA ASP J 97 4.30 23.12 -26.55
C ASP J 97 3.17 22.09 -26.50
N THR J 98 2.13 22.28 -27.30
CA THR J 98 0.93 21.46 -27.19
C THR J 98 0.47 21.03 -28.58
N GLU J 99 -0.61 20.25 -28.59
CA GLU J 99 -1.29 19.73 -29.78
C GLU J 99 -0.31 19.15 -30.81
N ASN J 100 0.81 18.58 -30.34
CA ASN J 100 1.58 17.65 -31.14
C ASN J 100 0.81 16.33 -31.27
N THR J 101 1.22 15.51 -32.24
CA THR J 101 0.52 14.26 -32.47
C THR J 101 1.51 13.10 -32.49
N GLN J 102 1.02 11.93 -32.05
CA GLN J 102 1.77 10.69 -32.13
C GLN J 102 0.82 9.60 -32.60
N VAL J 103 1.19 8.93 -33.69
CA VAL J 103 0.42 7.80 -34.22
C VAL J 103 1.09 6.52 -33.77
N SER J 104 0.32 5.63 -33.14
CA SER J 104 0.81 4.34 -32.70
C SER J 104 -0.13 3.26 -33.17
N LYS J 105 0.44 2.15 -33.67
CA LYS J 105 -0.36 1.03 -34.11
C LYS J 105 0.31 -0.27 -33.67
N ALA J 106 -0.52 -1.28 -33.44
CA ALA J 106 -0.04 -2.58 -32.99
C ALA J 106 -0.76 -3.68 -33.76
N TYR J 107 -0.17 -4.86 -33.76
CA TYR J 107 -0.73 -6.01 -34.46
C TYR J 107 -0.20 -7.28 -33.81
N VAL J 108 -0.84 -8.39 -34.13
CA VAL J 108 -0.49 -9.70 -33.59
C VAL J 108 0.14 -10.54 -34.69
N MET J 109 1.23 -11.23 -34.36
CA MET J 109 1.91 -12.09 -35.31
C MET J 109 2.32 -13.36 -34.58
N LYS J 110 2.75 -14.36 -35.35
CA LYS J 110 3.22 -15.60 -34.75
C LYS J 110 4.56 -15.39 -34.05
N SER J 111 4.75 -16.10 -32.94
CA SER J 111 6.03 -16.04 -32.25
C SER J 111 7.11 -16.74 -33.06
N ASP J 112 8.36 -16.36 -32.78
CA ASP J 112 9.49 -16.90 -33.52
C ASP J 112 9.67 -18.39 -33.32
N ASP J 113 9.19 -18.93 -32.21
CA ASP J 113 9.34 -20.34 -31.89
C ASP J 113 8.13 -21.18 -32.33
N CYS J 114 7.22 -20.61 -33.11
CA CYS J 114 6.03 -21.33 -33.53
C CYS J 114 6.33 -22.50 -34.46
N LEU J 115 7.54 -22.58 -35.02
CA LEU J 115 7.86 -23.71 -35.87
C LEU J 115 8.13 -24.96 -35.04
N ALA J 116 8.64 -24.80 -33.82
CA ALA J 116 8.96 -25.92 -32.95
C ALA J 116 7.99 -26.11 -31.79
N ASP J 117 7.36 -25.04 -31.32
CA ASP J 117 6.47 -25.09 -30.15
C ASP J 117 5.09 -24.61 -30.59
N HIS J 118 4.26 -25.56 -31.03
CA HIS J 118 2.91 -25.24 -31.47
C HIS J 118 2.01 -26.44 -31.24
N ALA J 119 0.78 -26.17 -30.83
CA ALA J 119 -0.26 -27.19 -30.81
C ALA J 119 -1.00 -27.18 -32.13
N GLU J 120 -1.49 -28.34 -32.54
CA GLU J 120 -2.17 -28.46 -33.81
C GLU J 120 -3.52 -29.14 -33.62
N ALA J 121 -4.57 -28.51 -34.13
CA ALA J 121 -5.94 -28.94 -33.93
C ALA J 121 -6.41 -29.71 -35.14
N TYR J 122 -6.76 -30.99 -34.90
CA TYR J 122 -7.23 -31.96 -35.89
C TYR J 122 -8.71 -32.28 -35.66
N LYS J 123 -9.33 -32.79 -36.71
CA LYS J 123 -10.62 -33.46 -36.64
C LYS J 123 -10.42 -34.94 -36.94
N ALA J 124 -10.81 -35.80 -36.01
CA ALA J 124 -10.54 -37.23 -36.09
C ALA J 124 -11.83 -38.01 -36.31
N HIS J 125 -11.79 -38.97 -37.23
CA HIS J 125 -12.96 -39.78 -37.55
C HIS J 125 -12.52 -41.03 -38.27
N THR J 126 -13.42 -42.00 -38.33
CA THR J 126 -13.28 -43.23 -39.13
C THR J 126 -11.94 -43.92 -38.86
N ALA J 127 -11.80 -44.39 -37.63
CA ALA J 127 -10.57 -45.07 -37.23
C ALA J 127 -10.41 -46.39 -37.99
N SER J 128 -9.15 -46.78 -38.17
CA SER J 128 -8.79 -48.01 -38.86
C SER J 128 -7.91 -48.85 -37.94
N VAL J 129 -8.17 -50.16 -37.91
CA VAL J 129 -7.53 -51.07 -36.97
C VAL J 129 -6.56 -51.97 -37.72
N GLN J 130 -5.37 -52.15 -37.16
CA GLN J 130 -4.38 -53.10 -37.65
C GLN J 130 -3.90 -53.97 -36.50
N ALA J 131 -3.40 -55.15 -36.84
CA ALA J 131 -2.90 -56.10 -35.85
C ALA J 131 -1.56 -56.65 -36.29
N PHE J 132 -0.64 -56.78 -35.34
CA PHE J 132 0.69 -57.33 -35.59
C PHE J 132 0.71 -58.73 -34.98
N LEU J 133 0.38 -59.72 -35.81
CA LEU J 133 0.12 -61.07 -35.33
C LEU J 133 1.29 -62.00 -35.61
N ASN J 134 1.72 -62.73 -34.59
CA ASN J 134 2.53 -63.94 -34.78
C ASN J 134 1.57 -65.10 -35.01
N ILE J 135 1.61 -65.68 -36.20
CA ILE J 135 0.75 -66.81 -36.55
C ILE J 135 1.63 -68.02 -36.80
N THR J 136 1.37 -69.09 -36.06
CA THR J 136 2.05 -70.37 -36.25
C THR J 136 1.00 -71.42 -36.56
N VAL J 137 1.01 -71.91 -37.79
CA VAL J 137 0.10 -72.98 -38.23
C VAL J 137 0.95 -74.14 -38.76
N GLY J 138 0.73 -75.32 -38.18
CA GLY J 138 1.42 -76.52 -38.63
C GLY J 138 2.93 -76.41 -38.61
N GLU J 139 3.50 -75.90 -37.51
CA GLU J 139 4.93 -75.67 -37.33
C GLU J 139 5.49 -74.64 -38.30
N HIS J 140 4.62 -73.96 -39.06
CA HIS J 140 5.02 -72.89 -39.97
C HIS J 140 4.67 -71.56 -39.31
N SER J 141 5.69 -70.77 -38.97
CA SER J 141 5.50 -69.55 -38.22
C SER J 141 5.79 -68.33 -39.08
N ILE J 142 5.12 -67.23 -38.78
CA ILE J 142 5.34 -65.96 -39.48
C ILE J 142 4.85 -64.84 -38.58
N VAL J 143 5.38 -63.64 -38.79
CA VAL J 143 4.90 -62.43 -38.16
C VAL J 143 4.39 -61.50 -39.26
N THR J 144 3.16 -61.03 -39.13
CA THR J 144 2.53 -60.27 -40.20
C THR J 144 1.73 -59.12 -39.62
N THR J 145 1.39 -58.18 -40.49
CA THR J 145 0.45 -57.11 -40.18
C THR J 145 -0.84 -57.34 -40.97
N VAL J 146 -1.95 -57.36 -40.26
CA VAL J 146 -3.25 -57.68 -40.83
C VAL J 146 -4.20 -56.52 -40.57
N TYR J 147 -4.83 -56.04 -41.63
CA TYR J 147 -5.87 -55.02 -41.49
C TYR J 147 -7.15 -55.68 -40.98
N VAL J 148 -7.87 -54.97 -40.13
CA VAL J 148 -8.99 -55.56 -39.41
C VAL J 148 -10.28 -55.05 -40.05
N ASN J 149 -10.21 -54.72 -41.33
CA ASN J 149 -11.41 -54.46 -42.12
C ASN J 149 -11.99 -55.80 -42.55
N GLY J 150 -13.13 -55.76 -43.25
CA GLY J 150 -13.79 -56.98 -43.67
C GLY J 150 -13.03 -57.81 -44.69
N GLU J 151 -12.43 -57.15 -45.68
CA GLU J 151 -11.93 -57.85 -46.86
C GLU J 151 -10.45 -58.22 -46.77
N THR J 152 -9.58 -57.21 -46.62
CA THR J 152 -8.15 -57.31 -46.89
C THR J 152 -7.50 -58.54 -46.25
N PRO J 153 -7.11 -59.53 -47.06
CA PRO J 153 -6.47 -60.73 -46.52
C PRO J 153 -4.96 -60.69 -46.58
N VAL J 154 -4.30 -61.53 -45.79
CA VAL J 154 -2.86 -61.74 -45.86
C VAL J 154 -2.61 -63.18 -46.29
N ASN J 155 -1.47 -63.39 -46.94
CA ASN J 155 -1.14 -64.67 -47.56
C ASN J 155 0.24 -65.12 -47.09
N PHE J 156 0.33 -66.39 -46.68
CA PHE J 156 1.64 -67.01 -46.60
C PHE J 156 1.48 -68.52 -46.66
N ASN J 157 2.39 -69.18 -47.39
CA ASN J 157 2.38 -70.63 -47.56
C ASN J 157 1.04 -71.11 -48.14
N GLY J 158 0.51 -70.34 -49.09
CA GLY J 158 -0.78 -70.65 -49.65
C GLY J 158 -1.94 -70.52 -48.68
N VAL J 159 -1.72 -69.88 -47.53
CA VAL J 159 -2.72 -69.75 -46.49
C VAL J 159 -3.27 -68.33 -46.51
N LYS J 160 -4.59 -68.21 -46.63
CA LYS J 160 -5.31 -66.96 -46.51
C LYS J 160 -5.70 -66.71 -45.07
N ILE J 161 -5.54 -65.48 -44.60
CA ILE J 161 -6.10 -65.06 -43.32
C ILE J 161 -6.77 -63.71 -43.49
N THR J 162 -8.03 -63.61 -43.10
CA THR J 162 -8.72 -62.32 -43.01
C THR J 162 -9.16 -62.10 -41.58
N ALA J 163 -8.94 -60.87 -41.08
CA ALA J 163 -9.26 -60.52 -39.71
C ALA J 163 -10.27 -59.38 -39.69
N GLY J 164 -11.23 -59.47 -38.79
CA GLY J 164 -12.20 -58.42 -38.61
C GLY J 164 -13.56 -58.74 -39.20
N PRO J 165 -14.49 -57.78 -39.15
CA PRO J 165 -14.25 -56.45 -38.57
C PRO J 165 -14.30 -56.46 -37.05
N LEU J 166 -13.66 -55.48 -36.43
CA LEU J 166 -13.64 -55.40 -34.97
C LEU J 166 -15.07 -55.33 -34.43
N SER J 167 -15.32 -56.05 -33.34
CA SER J 167 -16.67 -56.19 -32.83
C SER J 167 -17.25 -54.88 -32.30
N THR J 168 -16.42 -53.85 -32.12
CA THR J 168 -16.87 -52.56 -31.64
C THR J 168 -16.28 -51.45 -32.49
N ALA J 169 -16.98 -50.33 -32.56
CA ALA J 169 -16.50 -49.14 -33.24
C ALA J 169 -15.98 -48.09 -32.27
N TRP J 170 -15.75 -48.47 -31.01
CA TRP J 170 -15.29 -47.54 -30.00
C TRP J 170 -13.87 -47.06 -30.32
N THR J 171 -13.65 -45.76 -30.15
CA THR J 171 -12.35 -45.14 -30.33
C THR J 171 -12.08 -44.20 -29.16
N PRO J 172 -10.84 -44.11 -28.69
CA PRO J 172 -10.55 -43.19 -27.58
C PRO J 172 -10.59 -41.73 -27.97
N PHE J 173 -10.38 -41.42 -29.24
CA PHE J 173 -10.48 -40.04 -29.71
C PHE J 173 -11.92 -39.65 -29.96
N ASP J 174 -12.17 -38.35 -30.01
CA ASP J 174 -13.46 -37.79 -30.33
C ASP J 174 -13.34 -36.97 -31.61
N ARG J 175 -14.40 -36.21 -31.93
CA ARG J 175 -14.44 -35.50 -33.19
C ARG J 175 -13.29 -34.51 -33.33
N LYS J 176 -13.03 -33.73 -32.28
CA LYS J 176 -12.02 -32.67 -32.31
C LYS J 176 -10.92 -33.00 -31.32
N ILE J 177 -9.68 -33.08 -31.79
CA ILE J 177 -8.55 -33.38 -30.93
C ILE J 177 -7.45 -32.34 -31.16
N VAL J 178 -6.55 -32.26 -30.17
CA VAL J 178 -5.44 -31.33 -30.20
C VAL J 178 -4.17 -32.10 -29.86
N GLN J 179 -3.15 -31.96 -30.71
CA GLN J 179 -1.85 -32.58 -30.47
C GLN J 179 -0.85 -31.51 -30.05
N TYR J 180 -0.16 -31.76 -28.93
CA TYR J 180 0.89 -30.87 -28.47
C TYR J 180 1.97 -31.69 -27.78
N ALA J 181 3.22 -31.50 -28.22
CA ALA J 181 4.39 -32.13 -27.59
C ALA J 181 4.25 -33.64 -27.53
N GLY J 182 3.70 -34.23 -28.59
CA GLY J 182 3.57 -35.67 -28.64
C GLY J 182 2.47 -36.25 -27.79
N GLU J 183 1.51 -35.44 -27.36
CA GLU J 183 0.39 -35.91 -26.57
C GLU J 183 -0.91 -35.40 -27.17
N ILE J 184 -1.96 -36.22 -27.08
CA ILE J 184 -3.24 -35.93 -27.68
C ILE J 184 -4.23 -35.58 -26.58
N TYR J 185 -4.98 -34.49 -26.77
CA TYR J 185 -5.99 -34.04 -25.82
C TYR J 185 -7.34 -34.00 -26.51
N ASN J 186 -8.36 -34.48 -25.81
CA ASN J 186 -9.74 -34.42 -26.30
C ASN J 186 -10.29 -33.03 -25.99
N TYR J 187 -9.93 -32.08 -26.85
CA TYR J 187 -10.28 -30.68 -26.66
C TYR J 187 -11.23 -30.23 -27.76
N ASP J 188 -12.21 -29.42 -27.38
CA ASP J 188 -13.19 -28.88 -28.33
C ASP J 188 -12.72 -27.48 -28.73
N PHE J 189 -11.74 -27.45 -29.63
CA PHE J 189 -11.15 -26.19 -30.04
C PHE J 189 -12.14 -25.38 -30.88
N PRO J 190 -12.04 -24.05 -30.84
CA PRO J 190 -12.94 -23.23 -31.65
C PRO J 190 -12.69 -23.44 -33.13
N GLU J 191 -13.74 -23.28 -33.92
CA GLU J 191 -13.61 -23.37 -35.38
C GLU J 191 -12.73 -22.24 -35.88
N TYR J 192 -12.09 -22.48 -37.02
CA TYR J 192 -11.20 -21.48 -37.59
C TYR J 192 -11.95 -20.18 -37.86
N GLY J 193 -11.31 -19.07 -37.54
CA GLY J 193 -11.95 -17.78 -37.65
C GLY J 193 -12.91 -17.45 -36.52
N ALA J 194 -12.94 -18.26 -35.46
CA ALA J 194 -13.84 -18.00 -34.35
C ALA J 194 -13.15 -18.15 -32.99
N GLY J 195 -11.82 -18.09 -32.96
CA GLY J 195 -11.11 -18.20 -31.70
C GLY J 195 -11.34 -16.99 -30.82
N GLN J 196 -11.32 -17.23 -29.51
CA GLN J 196 -11.64 -16.18 -28.56
C GLN J 196 -10.39 -15.75 -27.79
N PRO J 197 -10.32 -14.49 -27.37
CA PRO J 197 -9.16 -14.03 -26.60
C PRO J 197 -9.05 -14.75 -25.27
N GLY J 198 -7.81 -15.02 -24.86
CA GLY J 198 -7.54 -15.64 -23.59
C GLY J 198 -7.77 -17.14 -23.54
N ALA J 199 -8.14 -17.76 -24.66
CA ALA J 199 -8.38 -19.19 -24.72
C ALA J 199 -7.64 -19.79 -25.90
N PHE J 200 -7.47 -21.11 -25.86
CA PHE J 200 -6.79 -21.83 -26.94
C PHE J 200 -7.42 -21.49 -28.27
N GLY J 201 -6.62 -20.96 -29.18
CA GLY J 201 -7.10 -20.56 -30.48
C GLY J 201 -7.29 -19.08 -30.67
N ASP J 202 -6.78 -18.24 -29.78
CA ASP J 202 -6.88 -16.80 -29.97
C ASP J 202 -6.11 -16.31 -31.18
N ILE J 203 -5.07 -17.05 -31.60
CA ILE J 203 -4.43 -16.86 -32.88
C ILE J 203 -4.46 -18.19 -33.62
N GLN J 204 -4.81 -18.15 -34.90
CA GLN J 204 -5.01 -19.36 -35.67
C GLN J 204 -4.35 -19.22 -37.04
N SER J 205 -3.65 -20.26 -37.46
CA SER J 205 -3.05 -20.33 -38.78
C SER J 205 -3.40 -21.67 -39.41
N ARG J 206 -3.58 -21.65 -40.74
CA ARG J 206 -3.99 -22.87 -41.44
C ARG J 206 -2.91 -23.94 -41.35
N THR J 207 -1.65 -23.57 -41.51
CA THR J 207 -0.53 -24.48 -41.35
C THR J 207 0.55 -23.79 -40.55
N VAL J 208 1.58 -24.56 -40.18
CA VAL J 208 2.69 -24.02 -39.41
C VAL J 208 3.53 -23.03 -40.22
N SER J 209 3.36 -23.00 -41.54
CA SER J 209 4.12 -22.10 -42.40
C SER J 209 3.22 -21.25 -43.28
N SER J 210 1.93 -21.16 -42.96
CA SER J 210 1.01 -20.40 -43.77
C SER J 210 1.27 -18.90 -43.62
N SER J 211 0.86 -18.15 -44.65
CA SER J 211 1.00 -16.70 -44.64
C SER J 211 -0.20 -15.98 -44.01
N ASP J 212 -1.27 -16.71 -43.71
CA ASP J 212 -2.45 -16.14 -43.09
C ASP J 212 -2.40 -16.33 -41.58
N LEU J 213 -3.14 -15.48 -40.87
CA LEU J 213 -3.21 -15.57 -39.42
C LEU J 213 -4.47 -14.87 -38.94
N TYR J 214 -5.36 -15.61 -38.29
CA TYR J 214 -6.47 -15.04 -37.56
C TYR J 214 -6.02 -14.71 -36.15
N ALA J 215 -6.46 -13.55 -35.65
CA ALA J 215 -6.03 -13.12 -34.32
C ALA J 215 -7.16 -12.41 -33.62
N ASN J 216 -7.49 -12.87 -32.41
CA ASN J 216 -8.51 -12.23 -31.56
C ASN J 216 -7.95 -12.23 -30.15
N THR J 217 -7.41 -11.10 -29.71
CA THR J 217 -6.72 -11.04 -28.43
C THR J 217 -7.09 -9.82 -27.59
N ASN J 218 -8.13 -9.06 -27.96
CA ASN J 218 -8.50 -7.82 -27.28
C ASN J 218 -7.31 -6.87 -27.16
N LEU J 219 -6.60 -6.69 -28.27
CA LEU J 219 -5.52 -5.73 -28.29
C LEU J 219 -6.09 -4.32 -28.34
N VAL J 220 -5.74 -3.50 -27.34
CA VAL J 220 -6.19 -2.12 -27.27
C VAL J 220 -5.01 -1.24 -26.87
N LEU J 221 -4.91 -0.08 -27.52
CA LEU J 221 -3.82 0.85 -27.28
C LEU J 221 -4.23 1.93 -26.29
N GLN J 222 -3.37 2.20 -25.32
CA GLN J 222 -3.60 3.21 -24.31
C GLN J 222 -2.73 4.43 -24.59
N ARG J 223 -3.05 5.54 -23.94
CA ARG J 223 -2.34 6.78 -24.19
C ARG J 223 -0.90 6.69 -23.69
N PRO J 224 0.07 7.15 -24.49
CA PRO J 224 1.47 7.11 -24.04
C PRO J 224 1.69 7.96 -22.80
N LYS J 225 2.61 7.51 -21.97
CA LYS J 225 2.94 8.25 -20.75
C LYS J 225 3.53 9.60 -21.10
N ALA J 226 3.36 10.56 -20.18
CA ALA J 226 3.80 11.93 -20.43
C ALA J 226 5.31 11.98 -20.64
N GLY J 227 5.72 12.53 -21.78
CA GLY J 227 7.12 12.65 -22.10
C GLY J 227 7.83 11.33 -22.33
N ALA J 228 7.15 10.36 -22.94
CA ALA J 228 7.74 9.06 -23.23
C ALA J 228 7.35 8.64 -24.63
N ILE J 229 8.31 8.06 -25.35
CA ILE J 229 8.08 7.53 -26.70
C ILE J 229 7.97 6.02 -26.55
N HIS J 230 6.73 5.52 -26.56
CA HIS J 230 6.49 4.08 -26.58
C HIS J 230 5.05 3.86 -27.01
N VAL J 231 4.74 2.61 -27.34
CA VAL J 231 3.40 2.25 -27.75
C VAL J 231 2.78 1.39 -26.63
N PRO J 232 2.12 2.00 -25.66
CA PRO J 232 1.43 1.20 -24.64
C PRO J 232 0.25 0.48 -25.23
N TYR J 233 -0.06 -0.69 -24.66
CA TYR J 233 -1.19 -1.47 -25.11
C TYR J 233 -1.63 -2.39 -23.98
N THR J 234 -2.87 -2.83 -24.05
CA THR J 234 -3.41 -3.80 -23.10
C THR J 234 -3.98 -4.96 -23.90
N GLN J 235 -3.59 -6.18 -23.55
CA GLN J 235 -3.94 -7.35 -24.32
C GLN J 235 -4.31 -8.49 -23.39
N ALA J 236 -5.20 -9.35 -23.85
CA ALA J 236 -5.53 -10.55 -23.10
C ALA J 236 -4.32 -11.47 -23.10
N PRO J 237 -3.97 -12.07 -21.96
CA PRO J 237 -2.85 -13.02 -21.93
C PRO J 237 -3.06 -14.15 -22.93
N SER J 238 -1.95 -14.76 -23.34
CA SER J 238 -1.98 -15.74 -24.41
C SER J 238 -2.90 -16.90 -24.07
N GLY J 239 -3.77 -17.27 -25.01
CA GLY J 239 -4.63 -18.41 -24.81
C GLY J 239 -3.89 -19.72 -24.87
N PHE J 240 -2.82 -19.79 -25.65
CA PHE J 240 -2.01 -21.00 -25.70
C PHE J 240 -1.36 -21.28 -24.35
N GLU J 241 -0.81 -20.25 -23.70
CA GLU J 241 -0.20 -20.44 -22.39
C GLU J 241 -1.26 -20.83 -21.35
N GLN J 242 -2.43 -20.19 -21.42
CA GLN J 242 -3.50 -20.52 -20.48
C GLN J 242 -3.96 -21.96 -20.65
N TRP J 243 -4.12 -22.42 -21.89
CA TRP J 243 -4.46 -23.81 -22.12
C TRP J 243 -3.36 -24.74 -21.62
N LYS J 244 -2.10 -24.36 -21.85
CA LYS J 244 -0.98 -25.16 -21.37
C LYS J 244 -0.94 -25.24 -19.86
N LYS J 245 -1.49 -24.24 -19.16
CA LYS J 245 -1.59 -24.32 -17.71
C LYS J 245 -2.76 -25.20 -17.28
N ASP J 246 -3.98 -24.83 -17.70
CA ASP J 246 -5.17 -25.65 -17.44
C ASP J 246 -5.12 -26.84 -18.39
N LYS J 247 -4.36 -27.86 -17.98
CA LYS J 247 -3.90 -28.87 -18.93
C LYS J 247 -4.93 -29.96 -19.20
N ALA J 248 -5.57 -30.50 -18.15
CA ALA J 248 -6.45 -31.65 -18.31
C ALA J 248 -5.70 -32.79 -18.98
N PRO J 249 -4.85 -33.53 -18.22
CA PRO J 249 -3.84 -34.42 -18.83
C PRO J 249 -4.32 -35.29 -19.99
N SER J 250 -3.37 -35.62 -20.87
CA SER J 250 -3.65 -36.15 -22.19
C SER J 250 -4.30 -37.53 -22.12
N LEU J 251 -4.68 -38.05 -23.30
CA LEU J 251 -5.37 -39.32 -23.38
C LEU J 251 -4.52 -40.48 -22.89
N LYS J 252 -3.19 -40.33 -22.87
CA LYS J 252 -2.32 -41.41 -22.41
C LYS J 252 -2.59 -41.78 -20.96
N PHE J 253 -3.21 -40.90 -20.19
CA PHE J 253 -3.49 -41.14 -18.79
C PHE J 253 -4.99 -41.24 -18.49
N THR J 254 -5.85 -40.98 -19.48
CA THR J 254 -7.29 -40.97 -19.24
C THR J 254 -8.08 -41.88 -20.17
N ALA J 255 -7.49 -42.41 -21.23
CA ALA J 255 -8.25 -43.21 -22.18
C ALA J 255 -8.75 -44.49 -21.52
N PRO J 256 -9.98 -44.91 -21.82
CA PRO J 256 -10.49 -46.17 -21.26
C PRO J 256 -9.85 -47.37 -21.93
N PHE J 257 -10.09 -48.53 -21.34
CA PHE J 257 -9.65 -49.84 -21.86
C PHE J 257 -8.13 -49.95 -21.94
N GLY J 258 -7.41 -49.10 -21.23
CA GLY J 258 -5.96 -49.18 -21.21
C GLY J 258 -5.29 -48.88 -22.53
N CYS J 259 -5.83 -47.96 -23.31
CA CYS J 259 -5.21 -47.58 -24.57
C CYS J 259 -3.91 -46.82 -24.32
N GLU J 260 -2.97 -47.00 -25.24
CA GLU J 260 -1.68 -46.29 -25.22
C GLU J 260 -1.62 -45.41 -26.45
N ILE J 261 -1.73 -44.10 -26.26
CA ILE J 261 -1.86 -43.17 -27.38
C ILE J 261 -0.48 -42.67 -27.77
N TYR J 262 -0.12 -42.86 -29.03
CA TYR J 262 1.12 -42.38 -29.60
C TYR J 262 0.82 -41.41 -30.73
N THR J 263 1.86 -40.70 -31.16
CA THR J 263 1.73 -39.69 -32.19
C THR J 263 2.75 -39.95 -33.30
N ASN J 264 2.50 -39.34 -34.45
CA ASN J 264 3.31 -39.49 -35.65
C ASN J 264 3.43 -40.95 -36.07
N PRO J 265 2.36 -41.58 -36.57
CA PRO J 265 1.01 -41.03 -36.74
C PRO J 265 0.19 -41.09 -35.45
N ILE J 266 -0.90 -40.32 -35.39
CA ILE J 266 -1.76 -40.35 -34.22
C ILE J 266 -2.48 -41.68 -34.17
N ARG J 267 -2.22 -42.46 -33.11
CA ARG J 267 -2.79 -43.80 -33.02
C ARG J 267 -2.99 -44.16 -31.56
N ALA J 268 -3.85 -45.16 -31.35
CA ALA J 268 -4.05 -45.77 -30.04
C ALA J 268 -3.70 -47.25 -30.13
N GLU J 269 -2.97 -47.75 -29.15
CA GLU J 269 -2.42 -49.09 -29.20
C GLU J 269 -2.92 -49.92 -28.03
N ASN J 270 -3.16 -51.19 -28.29
CA ASN J 270 -3.48 -52.19 -27.27
C ASN J 270 -4.68 -51.79 -26.43
N CYS J 271 -5.74 -51.35 -27.11
CA CYS J 271 -7.02 -51.12 -26.46
C CYS J 271 -7.70 -52.46 -26.21
N ALA J 272 -7.78 -52.87 -24.94
CA ALA J 272 -8.34 -54.17 -24.58
C ALA J 272 -9.86 -54.09 -24.57
N VAL J 273 -10.42 -53.92 -25.77
CA VAL J 273 -11.86 -53.83 -25.95
C VAL J 273 -12.26 -54.68 -27.16
N GLY J 274 -13.35 -55.41 -27.03
CA GLY J 274 -13.90 -56.15 -28.14
C GLY J 274 -13.06 -57.37 -28.52
N SER J 275 -13.54 -58.06 -29.55
CA SER J 275 -12.86 -59.23 -30.10
C SER J 275 -12.90 -59.14 -31.62
N ILE J 276 -11.93 -59.77 -32.26
CA ILE J 276 -11.79 -59.76 -33.71
C ILE J 276 -12.17 -61.13 -34.25
N PRO J 277 -13.10 -61.22 -35.19
CA PRO J 277 -13.28 -62.46 -35.96
C PRO J 277 -12.07 -62.71 -36.84
N LEU J 278 -11.93 -63.96 -37.26
CA LEU J 278 -10.69 -64.37 -37.92
C LEU J 278 -10.98 -65.62 -38.74
N ALA J 279 -10.80 -65.52 -40.06
CA ALA J 279 -11.09 -66.61 -40.97
C ALA J 279 -9.81 -67.04 -41.68
N PHE J 280 -9.58 -68.35 -41.68
CA PHE J 280 -8.43 -68.96 -42.33
C PHE J 280 -8.88 -69.76 -43.54
N ASP J 281 -8.03 -69.79 -44.56
CA ASP J 281 -8.18 -70.68 -45.71
C ASP J 281 -6.87 -71.43 -45.85
N ILE J 282 -6.87 -72.70 -45.49
CA ILE J 282 -5.68 -73.54 -45.44
C ILE J 282 -5.67 -74.43 -46.68
N PRO J 283 -4.56 -74.50 -47.42
CA PRO J 283 -4.48 -75.45 -48.53
C PRO J 283 -4.46 -76.88 -48.00
N ASP J 284 -4.91 -77.80 -48.84
CA ASP J 284 -4.97 -79.21 -48.46
C ASP J 284 -3.60 -79.84 -48.26
N ALA J 285 -2.52 -79.17 -48.69
CA ALA J 285 -1.19 -79.74 -48.53
C ALA J 285 -0.76 -79.75 -47.07
N LEU J 286 -1.18 -78.75 -46.29
CA LEU J 286 -0.74 -78.67 -44.90
C LEU J 286 -1.28 -79.84 -44.07
N PHE J 287 -2.52 -80.24 -44.31
CA PHE J 287 -3.10 -81.35 -43.58
C PHE J 287 -2.40 -82.66 -43.93
N THR J 288 -2.26 -83.53 -42.93
CA THR J 288 -1.64 -84.83 -43.10
C THR J 288 -2.63 -85.93 -42.75
N ARG J 289 -2.54 -87.05 -43.48
CA ARG J 289 -3.45 -88.16 -43.26
C ARG J 289 -3.28 -88.73 -41.86
N VAL J 290 -4.40 -89.19 -41.28
CA VAL J 290 -4.37 -89.68 -39.90
C VAL J 290 -3.48 -90.90 -39.75
N SER J 291 -3.32 -91.69 -40.82
CA SER J 291 -2.49 -92.88 -40.73
C SER J 291 -1.03 -92.57 -40.43
N GLU J 292 -0.58 -91.36 -40.74
CA GLU J 292 0.80 -90.96 -40.45
C GLU J 292 0.95 -90.26 -39.10
N THR J 293 -0.14 -89.98 -38.40
CA THR J 293 -0.04 -89.30 -37.12
C THR J 293 -0.39 -90.25 -35.98
N PRO J 294 0.16 -90.03 -34.78
CA PRO J 294 -0.17 -90.91 -33.65
C PRO J 294 -1.65 -90.94 -33.32
N THR J 295 -2.27 -92.10 -33.49
CA THR J 295 -3.65 -92.32 -33.07
C THR J 295 -3.66 -92.82 -31.64
N LEU J 296 -4.47 -92.20 -30.80
CA LEU J 296 -4.42 -92.42 -29.36
C LEU J 296 -5.69 -93.10 -28.88
N SER J 297 -5.54 -93.99 -27.90
CA SER J 297 -6.65 -94.69 -27.28
C SER J 297 -6.40 -94.83 -25.79
N ALA J 298 -7.48 -94.97 -25.04
CA ALA J 298 -7.45 -95.23 -23.59
C ALA J 298 -6.71 -94.11 -22.84
N ALA J 299 -7.32 -92.93 -22.89
CA ALA J 299 -6.81 -91.76 -22.19
C ALA J 299 -7.75 -91.38 -21.05
N GLU J 300 -7.16 -90.97 -19.93
CA GLU J 300 -7.93 -90.45 -18.80
C GLU J 300 -7.18 -89.26 -18.20
N CYS J 301 -7.93 -88.24 -17.79
CA CYS J 301 -7.37 -87.01 -17.24
C CYS J 301 -7.51 -87.01 -15.73
N THR J 302 -6.39 -86.81 -15.04
CA THR J 302 -6.38 -86.67 -13.59
C THR J 302 -5.70 -85.36 -13.23
N LEU J 303 -6.39 -84.51 -12.47
CA LEU J 303 -5.83 -83.21 -12.09
C LEU J 303 -4.75 -83.41 -11.05
N ASN J 304 -3.49 -83.22 -11.45
CA ASN J 304 -2.41 -83.19 -10.46
C ASN J 304 -2.62 -82.08 -9.46
N GLU J 305 -3.00 -80.89 -9.93
CA GLU J 305 -3.31 -79.79 -9.04
C GLU J 305 -4.14 -78.77 -9.79
N CYS J 306 -5.04 -78.10 -9.08
CA CYS J 306 -5.82 -77.01 -9.67
C CYS J 306 -5.90 -75.85 -8.69
N VAL J 307 -5.45 -74.69 -9.13
CA VAL J 307 -5.72 -73.42 -8.46
C VAL J 307 -6.20 -72.44 -9.52
N TYR J 308 -7.34 -71.81 -9.27
CA TYR J 308 -7.96 -70.96 -10.28
C TYR J 308 -7.39 -69.55 -10.19
N SER J 309 -6.10 -69.45 -10.48
CA SER J 309 -5.40 -68.18 -10.58
C SER J 309 -5.53 -67.64 -12.00
N SER J 310 -5.00 -66.43 -12.22
CA SER J 310 -5.08 -65.83 -13.55
C SER J 310 -4.18 -66.55 -14.54
N ASP J 311 -3.00 -66.98 -14.10
CA ASP J 311 -2.05 -67.67 -14.97
C ASP J 311 -2.43 -69.14 -15.07
N PHE J 312 -1.52 -69.95 -15.63
CA PHE J 312 -1.76 -71.38 -15.82
C PHE J 312 -1.48 -72.11 -14.51
N GLY J 313 -2.41 -71.95 -13.56
CA GLY J 313 -2.25 -72.53 -12.25
C GLY J 313 -2.64 -73.99 -12.13
N GLY J 314 -3.24 -74.56 -13.17
CA GLY J 314 -3.68 -75.94 -13.13
C GLY J 314 -2.75 -76.85 -13.92
N ILE J 315 -2.45 -78.00 -13.35
CA ILE J 315 -1.62 -79.02 -13.98
C ILE J 315 -2.36 -80.35 -13.93
N ALA J 316 -2.42 -81.04 -15.08
CA ALA J 316 -3.14 -82.29 -15.22
C ALA J 316 -2.28 -83.29 -15.97
N THR J 317 -2.60 -84.57 -15.81
CA THR J 317 -1.90 -85.64 -16.50
C THR J 317 -2.90 -86.52 -17.23
N VAL J 318 -2.61 -86.82 -18.49
CA VAL J 318 -3.42 -87.70 -19.32
C VAL J 318 -2.61 -88.97 -19.58
N LYS J 319 -3.16 -90.12 -19.19
CA LYS J 319 -2.48 -91.39 -19.36
C LYS J 319 -2.77 -91.90 -20.77
N TYR J 320 -1.76 -91.85 -21.63
CA TYR J 320 -1.92 -92.17 -23.04
C TYR J 320 -1.33 -93.53 -23.38
N SER J 321 -2.00 -94.23 -24.29
CA SER J 321 -1.55 -95.49 -24.89
C SER J 321 -1.69 -95.31 -26.40
N ALA J 322 -0.65 -94.77 -27.03
CA ALA J 322 -0.72 -94.38 -28.43
C ALA J 322 -0.22 -95.49 -29.35
N SER J 323 -0.54 -95.34 -30.64
CA SER J 323 -0.08 -96.30 -31.64
C SER J 323 1.39 -96.11 -31.98
N LYS J 324 1.85 -94.86 -32.02
CA LYS J 324 3.25 -94.57 -32.34
C LYS J 324 3.61 -93.20 -31.79
N SER J 325 4.91 -92.96 -31.69
CA SER J 325 5.40 -91.69 -31.18
C SER J 325 5.25 -90.58 -32.23
N GLY J 326 5.21 -89.35 -31.75
CA GLY J 326 5.12 -88.20 -32.63
C GLY J 326 4.39 -87.06 -31.94
N LYS J 327 4.08 -86.05 -32.74
CA LYS J 327 3.32 -84.91 -32.24
C LYS J 327 1.86 -85.30 -32.02
N CYS J 328 1.21 -84.60 -31.09
CA CYS J 328 -0.19 -84.88 -30.78
C CYS J 328 -0.83 -83.58 -30.33
N ALA J 329 -1.79 -83.08 -31.11
CA ALA J 329 -2.46 -81.83 -30.78
C ALA J 329 -3.36 -82.00 -29.56
N VAL J 330 -3.47 -80.94 -28.78
CA VAL J 330 -4.31 -80.93 -27.58
C VAL J 330 -5.03 -79.59 -27.51
N HIS J 331 -6.30 -79.62 -27.10
CA HIS J 331 -7.13 -78.43 -27.10
C HIS J 331 -8.39 -78.71 -26.28
N VAL J 332 -8.90 -77.67 -25.64
CA VAL J 332 -10.15 -77.73 -24.88
C VAL J 332 -11.22 -77.04 -25.71
N PRO J 333 -12.20 -77.76 -26.27
CA PRO J 333 -13.23 -77.09 -27.08
C PRO J 333 -14.04 -76.07 -26.31
N SER J 334 -14.32 -76.32 -25.04
CA SER J 334 -15.12 -75.41 -24.25
C SER J 334 -14.25 -74.30 -23.66
N GLY J 335 -14.91 -73.32 -23.05
CA GLY J 335 -14.23 -72.21 -22.41
C GLY J 335 -13.89 -72.43 -20.96
N THR J 336 -14.09 -73.64 -20.44
CA THR J 336 -13.80 -73.90 -19.03
C THR J 336 -12.31 -73.86 -18.74
N ALA J 337 -11.47 -74.13 -19.73
CA ALA J 337 -10.03 -74.14 -19.54
C ALA J 337 -9.34 -73.48 -20.72
N THR J 338 -8.04 -73.26 -20.57
CA THR J 338 -7.22 -72.67 -21.64
C THR J 338 -5.81 -73.22 -21.47
N LEU J 339 -5.46 -74.20 -22.31
CA LEU J 339 -4.18 -74.87 -22.17
C LEU J 339 -3.02 -73.94 -22.52
N LYS J 340 -1.91 -74.13 -21.80
CA LYS J 340 -0.70 -73.35 -22.10
C LYS J 340 -0.13 -73.72 -23.46
N GLU J 341 -0.14 -75.00 -23.80
CA GLU J 341 0.44 -75.50 -25.04
C GLU J 341 -0.65 -75.96 -25.99
N ALA J 342 -0.25 -76.27 -27.23
CA ALA J 342 -1.15 -76.76 -28.25
C ALA J 342 -0.85 -78.18 -28.69
N ALA J 343 0.40 -78.63 -28.60
CA ALA J 343 0.78 -79.97 -29.01
C ALA J 343 1.78 -80.53 -28.01
N VAL J 344 1.78 -81.86 -27.88
CA VAL J 344 2.63 -82.57 -26.94
C VAL J 344 3.28 -83.76 -27.64
N GLU J 345 4.40 -84.20 -27.09
CA GLU J 345 5.03 -85.43 -27.54
C GLU J 345 4.21 -86.63 -27.08
N LEU J 346 4.23 -87.68 -27.89
CA LEU J 346 3.38 -88.84 -27.62
C LEU J 346 4.15 -90.10 -27.96
N THR J 347 4.40 -90.94 -26.95
CA THR J 347 5.11 -92.19 -27.12
C THR J 347 4.14 -93.36 -27.14
N GLU J 348 4.68 -94.58 -27.15
CA GLU J 348 3.84 -95.78 -27.16
C GLU J 348 2.95 -95.84 -25.93
N GLN J 349 3.54 -95.59 -24.76
CA GLN J 349 2.84 -95.67 -23.48
C GLN J 349 3.32 -94.54 -22.59
N GLY J 350 2.48 -94.10 -21.67
CA GLY J 350 2.95 -93.25 -20.61
C GLY J 350 1.89 -92.26 -20.19
N SER J 351 2.35 -91.14 -19.61
CA SER J 351 1.48 -90.06 -19.18
C SER J 351 2.06 -88.75 -19.65
N ALA J 352 1.20 -87.89 -20.21
CA ALA J 352 1.60 -86.58 -20.69
C ALA J 352 0.99 -85.52 -19.79
N THR J 353 1.81 -84.59 -19.32
CA THR J 353 1.37 -83.54 -18.42
C THR J 353 1.08 -82.27 -19.20
N ILE J 354 -0.05 -81.64 -18.88
CA ILE J 354 -0.49 -80.42 -19.54
C ILE J 354 -0.79 -79.36 -18.49
N HIS J 355 -0.64 -78.10 -18.89
CA HIS J 355 -0.88 -76.95 -18.03
C HIS J 355 -2.04 -76.15 -18.58
N PHE J 356 -3.00 -75.82 -17.72
CA PHE J 356 -4.20 -75.11 -18.13
C PHE J 356 -4.57 -74.09 -17.06
N SER J 357 -5.38 -73.12 -17.47
CA SER J 357 -5.90 -72.09 -16.58
C SER J 357 -7.41 -72.15 -16.58
N THR J 358 -8.01 -72.01 -15.39
CA THR J 358 -9.45 -72.11 -15.24
C THR J 358 -9.92 -71.14 -14.15
N ALA J 359 -11.21 -70.82 -14.20
CA ALA J 359 -11.85 -69.98 -13.20
C ALA J 359 -12.89 -70.75 -12.38
N ASN J 360 -12.95 -72.06 -12.52
CA ASN J 360 -13.95 -72.88 -11.87
C ASN J 360 -13.39 -73.49 -10.59
N ILE J 361 -14.20 -73.50 -9.54
CA ILE J 361 -13.83 -74.24 -8.33
C ILE J 361 -13.74 -75.73 -8.61
N HIS J 362 -14.75 -76.26 -9.30
CA HIS J 362 -14.77 -77.66 -9.75
C HIS J 362 -14.75 -77.67 -11.27
N PRO J 363 -13.58 -77.82 -11.89
CA PRO J 363 -13.52 -77.78 -13.35
C PRO J 363 -14.04 -79.07 -13.96
N GLU J 364 -14.89 -78.90 -14.97
CA GLU J 364 -15.54 -80.01 -15.66
C GLU J 364 -15.26 -79.77 -17.14
N PHE J 365 -14.09 -80.16 -17.64
CA PHE J 365 -13.75 -79.80 -19.00
C PHE J 365 -13.46 -81.02 -19.86
N ARG J 366 -14.00 -80.99 -21.08
CA ARG J 366 -14.02 -82.13 -21.98
C ARG J 366 -12.87 -81.99 -22.96
N LEU J 367 -11.68 -82.31 -22.45
CA LEU J 367 -10.44 -82.08 -23.17
C LEU J 367 -10.36 -82.96 -24.42
N GLN J 368 -9.62 -82.48 -25.43
CA GLN J 368 -9.43 -83.22 -26.66
C GLN J 368 -7.95 -83.57 -26.81
N ILE J 369 -7.68 -84.84 -27.06
CA ILE J 369 -6.37 -85.28 -27.49
C ILE J 369 -6.43 -85.47 -29.00
N CYS J 370 -5.26 -85.62 -29.64
CA CYS J 370 -5.17 -85.50 -31.09
C CYS J 370 -6.08 -86.46 -31.85
N THR J 371 -6.61 -87.50 -31.22
CA THR J 371 -7.58 -88.34 -31.91
C THR J 371 -8.83 -88.59 -31.08
N SER J 372 -8.70 -88.55 -29.75
CA SER J 372 -9.78 -88.92 -28.86
C SER J 372 -10.03 -87.81 -27.85
N TYR J 373 -11.27 -87.72 -27.40
CA TYR J 373 -11.70 -86.74 -26.41
C TYR J 373 -11.90 -87.42 -25.07
N VAL J 374 -11.31 -86.85 -24.03
CA VAL J 374 -11.42 -87.38 -22.67
C VAL J 374 -11.97 -86.28 -21.77
N THR J 375 -12.96 -86.63 -20.95
CA THR J 375 -13.43 -85.70 -19.95
C THR J 375 -12.40 -85.59 -18.83
N CYS J 376 -12.44 -84.48 -18.10
CA CYS J 376 -11.48 -84.25 -17.04
C CYS J 376 -12.18 -83.49 -15.92
N LYS J 377 -12.23 -84.13 -14.75
CA LYS J 377 -12.98 -83.66 -13.59
C LYS J 377 -12.04 -82.86 -12.69
N GLY J 378 -12.46 -82.60 -11.45
CA GLY J 378 -11.53 -82.12 -10.45
C GLY J 378 -12.03 -81.08 -9.47
N ASP J 379 -11.16 -80.66 -8.56
CA ASP J 379 -11.42 -79.59 -7.61
C ASP J 379 -10.25 -78.62 -7.63
N CYS J 380 -10.55 -77.35 -7.38
CA CYS J 380 -9.52 -76.31 -7.34
C CYS J 380 -9.59 -75.53 -6.04
N HIS J 381 -8.43 -75.12 -5.55
CA HIS J 381 -8.16 -74.29 -4.38
C HIS J 381 -7.97 -72.83 -4.80
N PRO J 382 -8.30 -71.88 -3.95
CA PRO J 382 -8.13 -70.47 -4.33
C PRO J 382 -6.67 -70.06 -4.28
N PRO J 383 -6.28 -69.05 -5.05
CA PRO J 383 -4.91 -68.56 -4.99
C PRO J 383 -4.68 -67.72 -3.75
N LYS J 384 -3.40 -67.42 -3.49
CA LYS J 384 -3.01 -66.68 -2.30
C LYS J 384 -2.61 -65.24 -2.58
N ASP J 385 -2.19 -64.92 -3.80
CA ASP J 385 -1.79 -63.56 -4.14
C ASP J 385 -3.03 -62.74 -4.47
N HIS J 386 -3.28 -61.70 -3.68
CA HIS J 386 -4.44 -60.84 -3.91
C HIS J 386 -4.35 -60.13 -5.25
N ILE J 387 -3.18 -59.62 -5.59
CA ILE J 387 -2.97 -58.83 -6.79
C ILE J 387 -1.85 -59.45 -7.61
N VAL J 388 -2.08 -59.61 -8.91
CA VAL J 388 -1.10 -60.15 -9.83
C VAL J 388 -0.93 -59.15 -10.98
N THR J 389 0.19 -59.27 -11.68
CA THR J 389 0.54 -58.33 -12.74
C THR J 389 0.23 -58.85 -14.13
N HIS J 390 -0.56 -59.92 -14.24
CA HIS J 390 -0.99 -60.43 -15.53
C HIS J 390 -2.51 -60.34 -15.66
N PRO J 391 -3.02 -60.15 -16.86
CA PRO J 391 -4.47 -60.28 -17.07
C PRO J 391 -4.89 -61.75 -16.99
N GLN J 392 -6.20 -61.96 -16.99
CA GLN J 392 -6.71 -63.33 -16.89
C GLN J 392 -6.44 -64.09 -18.18
N TYR J 393 -5.88 -65.29 -18.04
CA TYR J 393 -5.62 -66.15 -19.18
C TYR J 393 -6.80 -67.07 -19.50
N HIS J 394 -7.86 -67.02 -18.71
CA HIS J 394 -9.03 -67.86 -18.90
C HIS J 394 -10.26 -66.99 -19.16
N ALA J 395 -11.42 -67.64 -19.21
CA ALA J 395 -12.71 -66.96 -19.37
C ALA J 395 -13.60 -67.31 -18.19
N GLN J 396 -14.26 -66.31 -17.63
CA GLN J 396 -15.08 -66.48 -16.44
C GLN J 396 -16.54 -66.65 -16.82
N THR J 397 -17.24 -67.49 -16.07
CA THR J 397 -18.63 -67.85 -16.31
C THR J 397 -19.49 -67.37 -15.15
N PHE J 398 -20.79 -67.18 -15.43
CA PHE J 398 -21.72 -66.75 -14.39
C PHE J 398 -21.72 -67.73 -13.22
N THR J 399 -21.75 -69.03 -13.51
CA THR J 399 -21.73 -70.07 -12.48
C THR J 399 -20.37 -70.74 -12.37
N ALA J 400 -19.29 -70.02 -12.69
CA ALA J 400 -17.97 -70.61 -12.69
C ALA J 400 -17.55 -71.05 -11.30
N ALA J 401 -17.80 -70.22 -10.29
CA ALA J 401 -17.35 -70.49 -8.92
C ALA J 401 -18.59 -70.49 -8.01
N VAL J 402 -19.22 -71.66 -7.89
CA VAL J 402 -20.39 -71.81 -7.02
C VAL J 402 -20.09 -72.88 -5.98
N SER J 403 -19.25 -73.85 -6.34
CA SER J 403 -18.84 -74.94 -5.46
C SER J 403 -20.01 -75.88 -5.13
N LYS J 404 -19.68 -77.10 -4.70
CA LYS J 404 -20.72 -78.09 -4.42
C LYS J 404 -21.58 -77.68 -3.22
N THR J 405 -20.96 -77.11 -2.19
CA THR J 405 -21.69 -76.83 -0.96
C THR J 405 -22.81 -75.82 -1.19
N ALA J 406 -22.53 -74.74 -1.92
CA ALA J 406 -23.58 -73.76 -2.20
C ALA J 406 -24.65 -74.35 -3.09
N TRP J 407 -24.27 -75.22 -4.02
CA TRP J 407 -25.26 -75.91 -4.85
C TRP J 407 -26.20 -76.75 -4.00
N THR J 408 -25.64 -77.50 -3.04
CA THR J 408 -26.48 -78.33 -2.17
C THR J 408 -27.38 -77.47 -1.31
N TRP J 409 -26.85 -76.36 -0.78
CA TRP J 409 -27.69 -75.47 0.02
C TRP J 409 -28.84 -74.89 -0.79
N LEU J 410 -28.55 -74.43 -2.01
CA LEU J 410 -29.60 -73.87 -2.85
C LEU J 410 -30.64 -74.92 -3.23
N THR J 411 -30.20 -76.12 -3.60
CA THR J 411 -31.15 -77.17 -3.96
C THR J 411 -31.96 -77.63 -2.76
N SER J 412 -31.38 -77.58 -1.56
CA SER J 412 -32.11 -77.98 -0.37
C SER J 412 -33.11 -76.92 0.08
N LEU J 413 -32.83 -75.65 -0.19
CA LEU J 413 -33.74 -74.59 0.27
C LEU J 413 -34.54 -73.96 -0.86
N LEU J 414 -34.05 -74.02 -2.10
CA LEU J 414 -34.88 -73.78 -3.28
C LEU J 414 -35.15 -75.12 -3.96
N GLY J 415 -36.43 -75.40 -4.21
CA GLY J 415 -36.80 -76.71 -4.71
C GLY J 415 -37.01 -77.67 -3.56
N GLY J 416 -36.16 -77.58 -2.54
CA GLY J 416 -36.39 -78.32 -1.31
C GLY J 416 -37.66 -77.87 -0.61
N SER J 417 -37.90 -76.56 -0.58
CA SER J 417 -39.15 -76.04 -0.02
C SER J 417 -40.35 -76.48 -0.84
N ALA J 418 -40.18 -76.59 -2.16
CA ALA J 418 -41.26 -77.08 -3.01
C ALA J 418 -41.72 -78.46 -2.57
N VAL J 419 -40.84 -79.24 -1.94
CA VAL J 419 -41.26 -80.51 -1.35
C VAL J 419 -42.27 -80.27 -0.24
N ILE J 420 -42.03 -79.25 0.60
CA ILE J 420 -42.97 -78.94 1.67
C ILE J 420 -44.30 -78.44 1.10
N ILE J 421 -44.25 -77.61 0.05
CA ILE J 421 -45.49 -77.20 -0.60
C ILE J 421 -46.25 -78.42 -1.14
N ILE J 422 -45.53 -79.33 -1.80
CA ILE J 422 -46.17 -80.51 -2.36
C ILE J 422 -46.80 -81.36 -1.26
N ILE J 423 -46.09 -81.54 -0.15
CA ILE J 423 -46.63 -82.30 0.97
C ILE J 423 -47.88 -81.63 1.52
N GLY J 424 -47.86 -80.30 1.65
CA GLY J 424 -49.02 -79.60 2.14
C GLY J 424 -50.23 -79.77 1.22
N LEU J 425 -50.02 -79.65 -0.09
CA LEU J 425 -51.11 -79.84 -1.03
C LEU J 425 -51.64 -81.27 -1.01
N VAL J 426 -50.75 -82.26 -0.92
CA VAL J 426 -51.19 -83.66 -0.86
C VAL J 426 -52.01 -83.89 0.40
N LEU J 427 -51.55 -83.38 1.55
CA LEU J 427 -52.29 -83.54 2.78
C LEU J 427 -53.64 -82.87 2.71
N ALA J 428 -53.70 -81.66 2.14
CA ALA J 428 -54.97 -80.95 2.01
C ALA J 428 -55.94 -81.71 1.12
N THR J 429 -55.46 -82.24 -0.01
CA THR J 429 -56.33 -83.01 -0.89
C THR J 429 -56.81 -84.28 -0.22
N ILE J 430 -55.92 -84.97 0.51
CA ILE J 430 -56.32 -86.19 1.20
C ILE J 430 -57.38 -85.90 2.24
N VAL J 431 -57.21 -84.83 3.01
CA VAL J 431 -58.18 -84.51 4.05
C VAL J 431 -59.50 -84.07 3.43
N ALA J 432 -59.44 -83.33 2.32
CA ALA J 432 -60.68 -82.94 1.64
C ALA J 432 -61.42 -84.16 1.12
N MET J 433 -60.70 -85.12 0.53
CA MET J 433 -61.34 -86.35 0.09
C MET J 433 -61.94 -87.12 1.26
N TYR J 434 -61.24 -87.14 2.39
CA TYR J 434 -61.73 -87.86 3.56
C TYR J 434 -63.00 -87.22 4.11
N VAL J 435 -63.07 -85.89 4.12
CA VAL J 435 -64.26 -85.24 4.67
C VAL J 435 -65.41 -85.26 3.67
N LEU J 436 -65.14 -85.27 2.37
CA LEU J 436 -66.22 -85.39 1.39
C LEU J 436 -66.67 -86.82 1.16
N THR J 437 -65.91 -87.82 1.62
CA THR J 437 -66.38 -89.20 1.53
C THR J 437 -67.12 -89.65 2.77
N ASN J 438 -67.19 -88.81 3.81
CA ASN J 438 -67.95 -89.10 5.02
C ASN J 438 -69.30 -88.42 5.03
N GLN J 439 -69.68 -87.75 3.94
CA GLN J 439 -70.97 -87.08 3.85
C GLN J 439 -72.07 -88.00 3.35
N LYS J 440 -71.89 -89.31 3.46
CA LYS J 440 -72.89 -90.27 3.00
C LYS J 440 -73.55 -90.97 4.19
N SER K 1 31.79 -17.93 -38.82
CA SER K 1 30.73 -17.30 -38.06
C SER K 1 30.29 -15.98 -38.70
N THR K 2 31.08 -15.51 -39.67
CA THR K 2 30.74 -14.29 -40.38
C THR K 2 29.47 -14.43 -41.21
N GLU K 3 29.10 -15.67 -41.58
CA GLU K 3 27.92 -15.88 -42.41
C GLU K 3 26.66 -15.40 -41.71
N GLU K 4 26.55 -15.67 -40.40
CA GLU K 4 25.36 -15.31 -39.65
C GLU K 4 25.24 -13.81 -39.44
N LEU K 5 26.32 -13.06 -39.62
CA LEU K 5 26.36 -11.64 -39.29
C LEU K 5 26.48 -10.75 -40.53
N PHE K 6 26.00 -11.21 -41.68
CA PHE K 6 25.98 -10.35 -42.86
C PHE K 6 25.09 -9.13 -42.65
N ASN K 7 23.84 -9.37 -42.26
CA ASN K 7 22.88 -8.29 -42.06
C ASN K 7 22.40 -8.15 -40.62
N GLU K 8 22.47 -9.22 -39.82
CA GLU K 8 22.06 -9.12 -38.41
C GLU K 8 22.84 -8.04 -37.68
N TYR K 9 24.08 -7.83 -38.06
CA TYR K 9 24.88 -6.83 -37.39
C TYR K 9 25.40 -5.72 -38.29
N LYS K 10 26.01 -6.05 -39.42
CA LYS K 10 26.90 -5.13 -40.12
C LYS K 10 26.21 -3.88 -40.64
N LEU K 11 24.89 -3.78 -40.38
CA LEU K 11 24.11 -2.66 -40.88
C LEU K 11 23.10 -2.19 -39.85
N THR K 12 23.39 -2.35 -38.56
CA THR K 12 22.31 -2.38 -37.59
C THR K 12 22.34 -1.26 -36.53
N ARG K 13 23.52 -0.82 -36.07
CA ARG K 13 23.58 0.36 -35.19
C ARG K 13 22.72 0.26 -33.92
N PRO K 14 23.22 -0.36 -32.85
CA PRO K 14 22.47 -0.40 -31.59
C PRO K 14 21.96 0.98 -31.20
N TYR K 15 20.86 1.00 -30.45
CA TYR K 15 20.18 2.24 -30.15
C TYR K 15 20.06 2.43 -28.63
N MET K 16 19.36 3.49 -28.25
CA MET K 16 19.15 3.88 -26.86
C MET K 16 17.66 4.04 -26.64
N ALA K 17 17.12 3.34 -25.65
CA ALA K 17 15.67 3.31 -25.49
C ALA K 17 15.30 3.51 -24.03
N ARG K 18 14.06 3.96 -23.80
CA ARG K 18 13.62 4.30 -22.46
C ARG K 18 13.53 3.05 -21.58
N CYS K 19 14.04 3.16 -20.36
CA CYS K 19 13.89 2.12 -19.34
C CYS K 19 13.18 2.72 -18.14
N ILE K 20 12.19 1.99 -17.63
CA ILE K 20 11.31 2.48 -16.57
C ILE K 20 12.06 2.56 -15.24
N ARG K 21 13.02 1.66 -15.00
CA ARG K 21 13.73 1.57 -13.74
C ARG K 21 15.20 1.33 -14.03
N CYS K 22 16.00 2.40 -14.03
CA CYS K 22 17.42 2.31 -14.35
C CYS K 22 18.23 3.00 -13.25
N ALA K 23 18.38 2.29 -12.13
CA ALA K 23 19.31 2.57 -11.04
C ALA K 23 19.00 3.88 -10.30
N VAL K 24 18.31 4.81 -10.96
CA VAL K 24 17.65 5.96 -10.35
C VAL K 24 16.45 6.30 -11.22
N GLY K 25 15.24 6.04 -10.73
CA GLY K 25 14.07 6.40 -11.52
C GLY K 25 14.08 5.76 -12.90
N SER K 26 13.51 6.49 -13.85
CA SER K 26 13.47 6.09 -15.25
C SER K 26 14.41 6.96 -16.07
N CYS K 27 14.94 6.40 -17.16
CA CYS K 27 15.87 7.15 -17.98
C CYS K 27 15.89 6.55 -19.38
N HIS K 28 16.89 6.90 -20.18
CA HIS K 28 17.09 6.34 -21.51
C HIS K 28 18.35 5.48 -21.45
N SER K 29 18.15 4.18 -21.35
CA SER K 29 19.25 3.24 -21.17
C SER K 29 19.85 2.87 -22.52
N PRO K 30 21.16 2.61 -22.57
CA PRO K 30 21.75 1.97 -23.75
C PRO K 30 21.45 0.48 -23.82
N ILE K 31 20.98 -0.12 -22.73
CA ILE K 31 20.59 -1.52 -22.70
C ILE K 31 19.13 -1.62 -22.24
N ALA K 32 18.21 -1.59 -23.18
CA ALA K 32 16.79 -1.62 -22.89
C ALA K 32 16.22 -2.96 -23.35
N ILE K 33 15.64 -3.71 -22.42
CA ILE K 33 15.09 -5.01 -22.74
C ILE K 33 13.75 -4.83 -23.43
N GLU K 34 13.61 -5.37 -24.64
CA GLU K 34 12.39 -5.25 -25.41
C GLU K 34 11.46 -6.45 -25.23
N ALA K 35 12.01 -7.62 -24.97
CA ALA K 35 11.21 -8.82 -24.81
C ALA K 35 12.01 -9.85 -24.02
N VAL K 36 11.31 -10.58 -23.15
CA VAL K 36 11.89 -11.69 -22.42
C VAL K 36 11.11 -12.94 -22.81
N LYS K 37 11.80 -13.92 -23.37
CA LYS K 37 11.18 -15.17 -23.79
C LYS K 37 11.65 -16.28 -22.87
N SER K 38 10.70 -16.88 -22.15
CA SER K 38 10.99 -17.97 -21.23
C SER K 38 9.99 -19.09 -21.44
N ASP K 39 9.76 -19.43 -22.70
CA ASP K 39 8.91 -20.56 -23.07
C ASP K 39 9.69 -21.87 -23.19
N GLY K 40 11.00 -21.83 -23.02
CA GLY K 40 11.80 -23.04 -22.95
C GLY K 40 11.60 -23.75 -21.62
N HIS K 41 12.30 -24.86 -21.47
CA HIS K 41 12.06 -25.72 -20.31
C HIS K 41 13.03 -25.44 -19.16
N ASP K 42 14.32 -25.66 -19.37
CA ASP K 42 15.25 -25.72 -18.25
C ASP K 42 15.87 -24.38 -17.91
N GLY K 43 15.04 -23.36 -17.72
CA GLY K 43 15.50 -22.08 -17.23
C GLY K 43 16.27 -21.24 -18.22
N TYR K 44 16.34 -21.65 -19.48
CA TYR K 44 17.01 -20.84 -20.50
C TYR K 44 16.05 -19.78 -21.02
N VAL K 45 16.53 -18.55 -21.09
CA VAL K 45 15.75 -17.42 -21.57
C VAL K 45 16.50 -16.73 -22.69
N ARG K 46 15.75 -16.37 -23.74
CA ARG K 46 16.24 -15.51 -24.80
C ARG K 46 15.73 -14.10 -24.56
N LEU K 47 16.61 -13.12 -24.78
CA LEU K 47 16.40 -11.75 -24.33
C LEU K 47 16.74 -10.83 -25.48
N GLN K 48 15.76 -10.07 -25.96
CA GLN K 48 16.03 -9.05 -26.95
C GLN K 48 16.29 -7.73 -26.25
N THR K 49 17.33 -7.03 -26.69
CA THR K 49 17.77 -5.81 -26.04
C THR K 49 18.04 -4.76 -27.11
N SER K 50 18.34 -3.54 -26.65
CA SER K 50 18.67 -2.46 -27.57
C SER K 50 20.14 -2.42 -27.93
N SER K 51 21.01 -3.04 -27.13
CA SER K 51 22.42 -3.14 -27.45
C SER K 51 22.65 -4.34 -28.38
N GLN K 52 23.90 -4.60 -28.71
CA GLN K 52 24.25 -5.68 -29.63
C GLN K 52 25.41 -6.48 -29.10
N TYR K 53 25.50 -7.72 -29.55
CA TYR K 53 26.51 -8.68 -29.11
C TYR K 53 27.16 -9.34 -30.32
N GLY K 54 28.25 -10.04 -30.06
CA GLY K 54 28.90 -10.85 -31.05
C GLY K 54 30.06 -10.18 -31.77
N LEU K 55 30.14 -8.85 -31.70
CA LEU K 55 31.19 -8.08 -32.36
C LEU K 55 31.04 -6.60 -32.05
N ASP K 56 32.12 -5.86 -32.28
CA ASP K 56 32.43 -4.61 -31.61
C ASP K 56 32.00 -3.38 -32.41
N SER K 57 32.34 -2.20 -31.89
CA SER K 57 31.81 -0.95 -32.42
C SER K 57 32.24 -0.70 -33.86
N SER K 58 33.47 -1.07 -34.21
CA SER K 58 33.94 -0.85 -35.57
C SER K 58 33.10 -1.63 -36.58
N GLY K 59 32.74 -2.87 -36.23
CA GLY K 59 31.90 -3.68 -37.10
C GLY K 59 32.55 -4.98 -37.52
N ASN K 60 33.51 -5.46 -36.74
CA ASN K 60 34.25 -6.66 -37.05
C ASN K 60 34.10 -7.67 -35.93
N LEU K 61 34.06 -8.96 -36.32
CA LEU K 61 33.71 -10.03 -35.40
C LEU K 61 34.64 -10.09 -34.17
N LYS K 62 34.08 -9.81 -33.00
CA LYS K 62 34.78 -9.91 -31.73
C LYS K 62 34.02 -10.88 -30.85
N GLY K 63 34.72 -11.89 -30.32
CA GLY K 63 34.10 -13.07 -29.76
C GLY K 63 32.93 -12.90 -28.82
N ARG K 64 33.17 -12.35 -27.62
CA ARG K 64 32.13 -12.19 -26.59
C ARG K 64 32.18 -10.74 -26.13
N THR K 65 31.46 -9.87 -26.83
CA THR K 65 31.49 -8.43 -26.57
C THR K 65 30.11 -7.85 -26.82
N MET K 66 29.62 -7.04 -25.87
CA MET K 66 28.40 -6.30 -26.05
C MET K 66 28.72 -4.93 -26.62
N ARG K 67 27.91 -4.49 -27.58
CA ARG K 67 28.07 -3.19 -28.21
C ARG K 67 26.80 -2.38 -27.98
N TYR K 68 26.95 -1.18 -27.43
CA TYR K 68 25.81 -0.34 -27.11
C TYR K 68 26.03 1.06 -27.69
N ASP K 69 25.00 1.89 -27.53
CA ASP K 69 24.99 3.26 -28.06
C ASP K 69 24.91 4.22 -26.90
N MET K 70 25.89 5.10 -26.78
CA MET K 70 25.93 6.14 -25.75
C MET K 70 25.85 7.48 -26.44
N HIS K 71 24.64 8.07 -26.43
CA HIS K 71 24.42 9.44 -26.91
C HIS K 71 24.96 9.64 -28.32
N GLY K 72 24.78 8.64 -29.17
CA GLY K 72 25.18 8.73 -30.56
C GLY K 72 26.53 8.11 -30.87
N THR K 73 27.33 7.79 -29.86
CA THR K 73 28.63 7.17 -30.08
C THR K 73 28.56 5.70 -29.70
N ILE K 74 29.03 4.84 -30.60
CA ILE K 74 28.94 3.40 -30.38
C ILE K 74 30.12 2.96 -29.53
N LYS K 75 29.83 2.28 -28.43
CA LYS K 75 30.85 1.81 -27.50
C LYS K 75 30.71 0.31 -27.32
N GLU K 76 31.73 -0.31 -26.70
CA GLU K 76 31.75 -1.75 -26.53
C GLU K 76 32.28 -2.09 -25.14
N ILE K 77 31.96 -3.30 -24.69
CA ILE K 77 32.36 -3.77 -23.37
C ILE K 77 32.38 -5.30 -23.39
N PRO K 78 33.37 -5.96 -22.80
CA PRO K 78 33.39 -7.43 -22.81
C PRO K 78 32.15 -8.00 -22.15
N LEU K 79 31.67 -9.12 -22.69
CA LEU K 79 30.40 -9.70 -22.27
C LEU K 79 30.44 -10.21 -20.83
N HIS K 80 31.62 -10.51 -20.29
CA HIS K 80 31.71 -10.92 -18.90
C HIS K 80 31.59 -9.75 -17.94
N GLN K 81 31.62 -8.53 -18.44
CA GLN K 81 31.49 -7.35 -17.59
C GLN K 81 30.05 -6.93 -17.37
N VAL K 82 29.11 -7.49 -18.12
CA VAL K 82 27.69 -7.17 -18.00
C VAL K 82 26.99 -8.37 -17.35
N SER K 83 26.23 -8.08 -16.30
CA SER K 83 25.48 -9.10 -15.58
C SER K 83 23.99 -8.78 -15.61
N LEU K 84 23.17 -9.83 -15.63
CA LEU K 84 21.74 -9.67 -15.51
C LEU K 84 21.27 -10.63 -14.42
N TYR K 85 20.11 -10.32 -13.85
CA TYR K 85 19.58 -11.22 -12.83
C TYR K 85 18.07 -11.12 -12.75
N THR K 86 17.51 -12.12 -12.09
CA THR K 86 16.12 -12.25 -11.69
C THR K 86 16.18 -12.45 -10.18
N SER K 87 15.16 -13.04 -9.58
CA SER K 87 15.18 -13.40 -8.17
C SER K 87 16.57 -13.85 -7.70
N ARG K 88 17.26 -14.66 -8.51
CA ARG K 88 18.67 -14.98 -8.27
C ARG K 88 19.50 -14.54 -9.47
N PRO K 89 20.83 -14.49 -9.35
CA PRO K 89 21.65 -14.10 -10.50
C PRO K 89 21.54 -15.06 -11.67
N CYS K 90 21.64 -14.51 -12.87
CA CYS K 90 21.60 -15.27 -14.11
C CYS K 90 23.01 -15.46 -14.67
N HIS K 91 23.12 -16.39 -15.63
CA HIS K 91 24.38 -16.68 -16.29
C HIS K 91 24.19 -16.52 -17.79
N ILE K 92 24.88 -15.55 -18.39
CA ILE K 92 24.79 -15.36 -19.83
C ILE K 92 25.47 -16.54 -20.53
N VAL K 93 24.74 -17.16 -21.44
CA VAL K 93 25.29 -18.25 -22.24
C VAL K 93 25.97 -17.73 -23.49
N ASP K 94 25.33 -16.82 -24.21
CA ASP K 94 25.92 -16.26 -25.42
C ASP K 94 25.11 -15.03 -25.84
N GLY K 95 25.59 -14.39 -26.90
CA GLY K 95 24.86 -13.27 -27.48
C GLY K 95 25.09 -13.23 -28.97
N HIS K 96 24.10 -12.69 -29.69
CA HIS K 96 24.18 -12.58 -31.15
C HIS K 96 23.23 -11.48 -31.59
N GLY K 97 23.78 -10.45 -32.25
CA GLY K 97 22.94 -9.36 -32.70
C GLY K 97 22.24 -8.70 -31.53
N TYR K 98 20.93 -8.51 -31.67
CA TYR K 98 20.12 -7.91 -30.61
C TYR K 98 19.77 -8.88 -29.51
N PHE K 99 20.09 -10.17 -29.66
CA PHE K 99 19.57 -11.21 -28.79
C PHE K 99 20.65 -11.76 -27.88
N LEU K 100 20.20 -12.30 -26.75
CA LEU K 100 21.11 -12.81 -25.72
C LEU K 100 20.48 -14.05 -25.10
N LEU K 101 21.28 -15.09 -24.93
CA LEU K 101 20.81 -16.35 -24.34
C LEU K 101 21.47 -16.53 -22.98
N ALA K 102 20.64 -16.78 -21.97
CA ALA K 102 21.13 -16.90 -20.59
C ALA K 102 20.34 -17.98 -19.85
N ARG K 103 20.89 -18.44 -18.73
CA ARG K 103 20.13 -19.26 -17.78
C ARG K 103 19.63 -18.36 -16.65
N CYS K 104 18.32 -18.28 -16.50
CA CYS K 104 17.75 -17.46 -15.45
C CYS K 104 16.82 -18.28 -14.57
N PRO K 105 16.86 -18.06 -13.27
CA PRO K 105 15.86 -18.65 -12.38
C PRO K 105 14.53 -17.92 -12.50
N ALA K 106 13.50 -18.50 -11.90
CA ALA K 106 12.17 -17.92 -11.97
C ALA K 106 12.13 -16.61 -11.20
N GLY K 107 11.59 -15.57 -11.83
CA GLY K 107 11.49 -14.27 -11.21
C GLY K 107 10.34 -13.48 -11.79
N ASP K 108 9.94 -12.44 -11.06
CA ASP K 108 8.85 -11.58 -11.48
C ASP K 108 9.31 -10.42 -12.36
N SER K 109 10.60 -10.24 -12.54
CA SER K 109 11.16 -9.19 -13.35
C SER K 109 12.52 -9.64 -13.85
N ILE K 110 13.21 -8.76 -14.58
CA ILE K 110 14.59 -9.05 -14.95
C ILE K 110 15.33 -7.73 -15.14
N THR K 111 16.54 -7.66 -14.59
CA THR K 111 17.37 -6.47 -14.67
C THR K 111 18.68 -6.82 -15.37
N MET K 112 19.22 -5.84 -16.08
CA MET K 112 20.53 -5.95 -16.72
C MET K 112 21.41 -4.83 -16.21
N GLU K 113 22.64 -5.19 -15.80
CA GLU K 113 23.58 -4.23 -15.25
C GLU K 113 24.96 -4.44 -15.85
N PHE K 114 25.63 -3.34 -16.16
CA PHE K 114 27.07 -3.36 -16.42
C PHE K 114 27.65 -2.07 -15.85
N LYS K 115 28.86 -2.17 -15.30
CA LYS K 115 29.51 -1.03 -14.67
C LYS K 115 30.62 -0.53 -15.57
N LYS K 116 30.54 0.74 -15.95
CA LYS K 116 31.65 1.41 -16.61
C LYS K 116 32.62 1.89 -15.53
N ASP K 117 33.77 2.41 -15.97
CA ASP K 117 34.79 2.86 -15.03
C ASP K 117 34.30 3.99 -14.13
N SER K 118 33.21 4.67 -14.51
CA SER K 118 32.68 5.78 -13.73
C SER K 118 31.29 5.48 -13.16
N VAL K 119 30.32 5.11 -14.01
CA VAL K 119 28.94 4.99 -13.60
C VAL K 119 28.43 3.59 -13.89
N ARG K 120 27.34 3.23 -13.21
CA ARG K 120 26.69 1.94 -13.36
C ARG K 120 25.41 2.09 -14.15
N HIS K 121 25.25 1.28 -15.19
CA HIS K 121 24.04 1.29 -16.02
C HIS K 121 23.20 0.06 -15.69
N SER K 122 21.92 0.28 -15.37
CA SER K 122 20.99 -0.77 -15.05
C SER K 122 19.72 -0.58 -15.86
N CYS K 123 18.93 -1.65 -15.96
CA CYS K 123 17.61 -1.56 -16.58
C CYS K 123 16.78 -2.73 -16.10
N SER K 124 15.68 -2.45 -15.40
CA SER K 124 14.78 -3.46 -14.88
C SER K 124 13.47 -3.41 -15.66
N VAL K 125 12.97 -4.57 -16.05
CA VAL K 125 11.69 -4.64 -16.75
C VAL K 125 10.79 -5.68 -16.08
N PRO K 126 9.47 -5.44 -16.06
CA PRO K 126 8.55 -6.31 -15.32
C PRO K 126 8.07 -7.51 -16.11
N TYR K 127 8.96 -8.23 -16.78
CA TYR K 127 8.59 -9.41 -17.54
C TYR K 127 8.88 -10.65 -16.71
N GLU K 128 7.84 -11.42 -16.42
CA GLU K 128 7.99 -12.63 -15.62
C GLU K 128 8.90 -13.63 -16.33
N VAL K 129 9.87 -14.15 -15.59
CA VAL K 129 10.73 -15.24 -16.04
C VAL K 129 10.26 -16.49 -15.33
N LYS K 130 9.90 -17.51 -16.09
CA LYS K 130 9.32 -18.73 -15.54
C LYS K 130 10.24 -19.92 -15.81
N PHE K 131 10.38 -20.78 -14.81
CA PHE K 131 11.16 -21.99 -14.92
C PHE K 131 10.21 -23.16 -15.10
N ASN K 132 10.32 -23.86 -16.23
CA ASN K 132 9.36 -24.89 -16.58
C ASN K 132 9.98 -26.28 -16.44
N PRO K 133 9.64 -27.04 -15.41
CA PRO K 133 10.21 -28.38 -15.27
C PRO K 133 9.74 -29.30 -16.40
N VAL K 134 10.50 -30.38 -16.59
CA VAL K 134 10.22 -31.36 -17.62
C VAL K 134 9.72 -32.63 -16.94
N GLY K 135 8.54 -33.09 -17.33
CA GLY K 135 7.99 -34.31 -16.80
C GLY K 135 6.97 -34.07 -15.69
N ARG K 136 6.81 -35.10 -14.85
CA ARG K 136 5.79 -35.11 -13.81
C ARG K 136 6.38 -34.93 -12.42
N GLU K 137 7.62 -34.45 -12.32
CA GLU K 137 8.24 -34.10 -11.05
C GLU K 137 8.61 -32.63 -11.10
N LEU K 138 8.00 -31.83 -10.23
CA LEU K 138 8.11 -30.39 -10.28
C LEU K 138 9.34 -29.95 -9.50
N TYR K 139 10.49 -29.96 -10.17
CA TYR K 139 11.72 -29.47 -9.59
C TYR K 139 11.90 -27.98 -9.90
N THR K 140 12.77 -27.34 -9.11
CA THR K 140 13.11 -25.94 -9.33
C THR K 140 14.55 -25.76 -9.80
N HIS K 141 15.39 -26.79 -9.66
CA HIS K 141 16.75 -26.79 -10.18
C HIS K 141 16.95 -28.13 -10.89
N PRO K 142 17.50 -28.13 -12.10
CA PRO K 142 17.65 -29.39 -12.85
C PRO K 142 18.41 -30.42 -12.04
N PRO K 143 17.97 -31.67 -12.07
CA PRO K 143 18.59 -32.70 -11.24
C PRO K 143 19.98 -33.09 -11.74
N GLU K 144 20.75 -33.70 -10.84
CA GLU K 144 22.07 -34.20 -11.21
C GLU K 144 21.96 -35.49 -12.02
N HIS K 145 21.03 -36.36 -11.66
CA HIS K 145 20.83 -37.61 -12.36
C HIS K 145 19.33 -37.88 -12.48
N GLY K 146 19.00 -38.79 -13.40
CA GLY K 146 17.62 -39.15 -13.62
C GLY K 146 17.42 -39.96 -14.87
N VAL K 147 16.45 -39.59 -15.69
CA VAL K 147 16.19 -40.25 -16.96
C VAL K 147 16.01 -39.17 -18.02
N GLU K 148 16.36 -39.51 -19.27
CA GLU K 148 16.28 -38.53 -20.34
C GLU K 148 14.87 -38.46 -20.90
N GLN K 149 14.33 -37.25 -20.99
CA GLN K 149 13.01 -37.00 -21.57
C GLN K 149 13.12 -35.92 -22.63
N ALA K 150 12.23 -35.98 -23.60
CA ALA K 150 12.21 -34.97 -24.65
C ALA K 150 11.75 -33.63 -24.09
N CYS K 151 12.39 -32.56 -24.54
CA CYS K 151 12.04 -31.21 -24.11
C CYS K 151 12.41 -30.23 -25.21
N GLN K 152 11.93 -29.00 -25.06
CA GLN K 152 12.23 -27.91 -25.97
C GLN K 152 12.94 -26.82 -25.19
N VAL K 153 14.14 -26.46 -25.64
CA VAL K 153 14.94 -25.44 -24.97
C VAL K 153 15.47 -24.47 -26.02
N TYR K 154 15.79 -23.26 -25.56
CA TYR K 154 16.39 -22.27 -26.44
C TYR K 154 17.81 -22.72 -26.78
N ALA K 155 18.00 -23.21 -28.00
CA ALA K 155 19.27 -23.82 -28.39
C ALA K 155 20.38 -22.78 -28.44
N HIS K 156 21.61 -23.25 -28.19
CA HIS K 156 22.79 -22.40 -28.27
C HIS K 156 23.40 -22.48 -29.68
N ASP K 157 22.63 -22.02 -30.66
CA ASP K 157 23.14 -21.84 -32.01
C ASP K 157 22.55 -20.57 -32.60
N ALA K 158 23.38 -19.82 -33.32
CA ALA K 158 22.97 -18.58 -33.95
C ALA K 158 22.68 -18.73 -35.43
N GLN K 159 22.56 -19.97 -35.91
CA GLN K 159 22.33 -20.20 -37.33
C GLN K 159 20.97 -19.67 -37.76
N ASN K 160 20.80 -19.54 -39.08
CA ASN K 160 19.63 -18.90 -39.66
C ASN K 160 18.53 -19.93 -39.83
N ARG K 161 17.62 -20.00 -38.85
CA ARG K 161 16.42 -20.81 -38.98
C ARG K 161 15.29 -19.93 -39.51
N GLY K 162 14.05 -20.40 -39.43
CA GLY K 162 12.95 -19.73 -40.13
C GLY K 162 12.68 -18.32 -39.65
N ALA K 163 12.83 -18.07 -38.35
CA ALA K 163 12.33 -16.83 -37.75
C ALA K 163 13.11 -15.61 -38.26
N TYR K 164 12.42 -14.47 -38.28
CA TYR K 164 12.99 -13.21 -38.70
C TYR K 164 12.34 -12.06 -37.94
N VAL K 165 13.06 -10.94 -37.89
CA VAL K 165 12.53 -9.65 -37.48
C VAL K 165 12.92 -8.64 -38.56
N GLU K 166 12.44 -7.41 -38.41
CA GLU K 166 12.64 -6.38 -39.42
C GLU K 166 13.66 -5.35 -38.96
N MET K 167 14.55 -4.95 -39.86
CA MET K 167 15.41 -3.79 -39.66
C MET K 167 14.93 -2.67 -40.55
N HIS K 168 14.72 -1.50 -39.96
CA HIS K 168 14.07 -0.36 -40.57
C HIS K 168 15.03 0.83 -40.60
N LEU K 169 14.66 1.84 -41.37
CA LEU K 169 15.44 3.08 -41.41
C LEU K 169 15.19 3.88 -40.14
N PRO K 170 16.21 4.24 -39.38
CA PRO K 170 15.98 4.94 -38.11
C PRO K 170 15.46 6.35 -38.32
N GLY K 171 14.71 6.84 -37.34
CA GLY K 171 14.29 8.22 -37.35
C GLY K 171 15.34 9.13 -36.74
N SER K 172 15.22 10.42 -37.05
CA SER K 172 16.18 11.40 -36.56
C SER K 172 16.09 11.53 -35.04
N GLU K 173 17.24 11.53 -34.38
CA GLU K 173 17.32 11.60 -32.93
C GLU K 173 17.74 13.01 -32.52
N VAL K 174 16.87 13.68 -31.77
CA VAL K 174 17.15 15.04 -31.34
C VAL K 174 18.31 15.06 -30.36
N ASP K 175 19.22 16.01 -30.54
CA ASP K 175 20.37 16.19 -29.66
C ASP K 175 20.47 17.66 -29.32
N SER K 176 20.24 17.99 -28.04
CA SER K 176 20.31 19.38 -27.59
C SER K 176 21.73 19.84 -27.31
N SER K 177 22.71 18.95 -27.38
CA SER K 177 24.10 19.36 -27.18
C SER K 177 24.64 20.13 -28.38
N LEU K 178 24.09 19.87 -29.57
CA LEU K 178 24.53 20.59 -30.76
C LEU K 178 24.24 22.08 -30.65
N VAL K 179 23.07 22.43 -30.13
CA VAL K 179 22.67 23.83 -30.02
C VAL K 179 23.39 24.48 -28.86
N SER K 180 24.05 25.60 -29.12
CA SER K 180 24.72 26.40 -28.11
C SER K 180 24.36 27.86 -28.30
N LEU K 181 24.80 28.71 -27.39
CA LEU K 181 24.56 30.15 -27.46
C LEU K 181 25.92 30.83 -27.59
N SER K 182 26.27 31.24 -28.82
CA SER K 182 27.62 31.74 -29.05
C SER K 182 27.75 33.22 -28.68
N GLY K 183 27.01 34.09 -29.35
CA GLY K 183 27.11 35.52 -29.15
C GLY K 183 25.78 36.15 -28.79
N SER K 184 25.04 35.50 -27.89
CA SER K 184 23.62 35.77 -27.65
C SER K 184 22.78 35.39 -28.87
N SER K 185 23.26 34.41 -29.62
CA SER K 185 22.54 33.85 -30.76
C SER K 185 22.85 32.36 -30.83
N VAL K 186 21.87 31.59 -31.27
CA VAL K 186 22.00 30.13 -31.30
C VAL K 186 22.97 29.72 -32.39
N THR K 187 23.77 28.71 -32.09
CA THR K 187 24.77 28.17 -33.01
C THR K 187 24.64 26.66 -33.00
N VAL K 188 24.50 26.06 -34.17
CA VAL K 188 24.44 24.62 -34.32
C VAL K 188 25.77 24.16 -34.89
N THR K 189 26.43 23.24 -34.19
CA THR K 189 27.72 22.68 -34.59
C THR K 189 27.53 21.17 -34.72
N PRO K 190 27.17 20.68 -35.92
CA PRO K 190 26.96 19.26 -36.08
C PRO K 190 28.25 18.49 -35.83
N PRO K 191 28.14 17.24 -35.39
CA PRO K 191 29.36 16.44 -35.16
C PRO K 191 30.13 16.24 -36.46
N ASP K 192 31.38 15.82 -36.31
CA ASP K 192 32.30 15.74 -37.44
C ASP K 192 31.74 14.86 -38.56
N GLY K 193 31.49 15.48 -39.70
CA GLY K 193 31.01 14.78 -40.87
C GLY K 193 29.62 14.19 -40.73
N THR K 194 28.67 14.94 -40.18
CA THR K 194 27.32 14.45 -40.01
C THR K 194 26.35 15.61 -40.11
N SER K 195 25.28 15.43 -40.89
CA SER K 195 24.27 16.47 -41.03
C SER K 195 23.44 16.58 -39.75
N ALA K 196 22.73 17.70 -39.63
CA ALA K 196 21.91 17.94 -38.45
C ALA K 196 20.79 18.92 -38.85
N LEU K 197 19.59 18.38 -39.05
CA LEU K 197 18.45 19.21 -39.44
C LEU K 197 18.03 20.09 -38.28
N VAL K 198 18.00 21.40 -38.49
CA VAL K 198 17.71 22.38 -37.46
C VAL K 198 16.35 23.00 -37.73
N GLU K 199 15.43 22.84 -36.79
CA GLU K 199 14.09 23.41 -36.87
C GLU K 199 13.92 24.42 -35.75
N CYS K 200 13.56 25.64 -36.11
CA CYS K 200 13.43 26.73 -35.16
C CYS K 200 12.15 27.51 -35.43
N GLU K 201 11.56 28.02 -34.35
CA GLU K 201 10.29 28.74 -34.39
C GLU K 201 10.44 30.15 -33.83
N CYS K 202 11.61 30.76 -34.04
CA CYS K 202 11.77 32.18 -33.73
C CYS K 202 11.24 32.98 -34.92
N GLY K 203 11.58 34.27 -34.99
CA GLY K 203 11.11 35.07 -36.10
C GLY K 203 11.52 34.49 -37.44
N GLY K 204 10.57 33.86 -38.13
CA GLY K 204 10.89 33.12 -39.33
C GLY K 204 11.22 31.68 -39.01
N THR K 205 10.44 30.74 -39.53
CA THR K 205 10.67 29.32 -39.25
C THR K 205 11.91 28.84 -39.98
N LYS K 206 12.78 28.14 -39.27
CA LYS K 206 14.02 27.61 -39.85
C LYS K 206 13.90 26.10 -39.99
N ILE K 207 14.09 25.60 -41.22
CA ILE K 207 13.99 24.18 -41.53
C ILE K 207 15.32 23.77 -42.14
N SER K 208 16.41 24.36 -41.64
CA SER K 208 17.70 24.26 -42.32
C SER K 208 18.26 22.86 -42.15
N GLU K 209 18.31 22.09 -43.24
CA GLU K 209 18.78 20.72 -43.17
C GLU K 209 20.25 20.61 -43.55
N THR K 210 20.61 21.09 -44.73
CA THR K 210 21.94 20.84 -45.29
C THR K 210 23.03 21.69 -44.62
N ILE K 211 23.25 21.46 -43.33
CA ILE K 211 24.40 22.02 -42.62
C ILE K 211 25.30 20.87 -42.21
N ASN K 212 26.59 21.02 -42.41
CA ASN K 212 27.55 19.97 -42.14
C ASN K 212 28.67 20.37 -41.19
N LYS K 213 29.01 21.65 -41.12
CA LYS K 213 30.16 22.11 -40.35
C LYS K 213 29.77 22.97 -39.16
N THR K 214 29.10 24.10 -39.40
CA THR K 214 28.68 25.00 -38.34
C THR K 214 27.77 26.06 -38.93
N LYS K 215 26.71 26.44 -38.21
CA LYS K 215 25.86 27.53 -38.64
C LYS K 215 25.43 28.34 -37.43
N GLN K 216 25.21 29.64 -37.63
CA GLN K 216 24.73 30.53 -36.59
C GLN K 216 23.39 31.10 -37.02
N PHE K 217 22.33 30.79 -36.27
CA PHE K 217 20.99 31.29 -36.57
C PHE K 217 20.73 32.49 -35.67
N SER K 218 21.21 33.66 -36.09
CA SER K 218 21.09 34.86 -35.28
C SER K 218 19.64 35.30 -35.11
N GLN K 219 18.72 34.74 -35.90
CA GLN K 219 17.31 35.08 -35.74
C GLN K 219 16.79 34.65 -34.38
N CYS K 220 17.18 33.46 -33.92
CA CYS K 220 16.72 32.94 -32.64
C CYS K 220 17.73 33.26 -31.56
N THR K 221 17.26 33.81 -30.44
CA THR K 221 18.12 34.24 -29.36
C THR K 221 18.11 33.29 -28.17
N LYS K 222 17.29 32.25 -28.18
CA LYS K 222 17.19 31.31 -27.08
C LYS K 222 17.42 29.89 -27.60
N LYS K 223 18.15 29.10 -26.81
CA LYS K 223 18.39 27.71 -27.19
C LYS K 223 17.11 26.88 -27.15
N GLU K 224 16.17 27.25 -26.29
CA GLU K 224 14.96 26.45 -26.08
C GLU K 224 14.00 26.50 -27.26
N GLN K 225 14.21 27.40 -28.22
CA GLN K 225 13.34 27.53 -29.38
C GLN K 225 13.97 26.99 -30.66
N CYS K 226 14.99 26.15 -30.53
CA CYS K 226 15.60 25.48 -31.66
C CYS K 226 15.82 24.01 -31.33
N ARG K 227 15.70 23.15 -32.34
CA ARG K 227 15.87 21.72 -32.17
C ARG K 227 16.74 21.19 -33.29
N ALA K 228 17.85 20.53 -32.94
CA ALA K 228 18.77 19.95 -33.90
C ALA K 228 18.64 18.43 -33.86
N TYR K 229 18.31 17.84 -35.00
CA TYR K 229 18.14 16.40 -35.14
C TYR K 229 19.33 15.84 -35.90
N ARG K 230 20.03 14.89 -35.29
CA ARG K 230 21.09 14.19 -35.99
C ARG K 230 20.49 13.30 -37.08
N LEU K 231 21.18 13.21 -38.20
CA LEU K 231 20.77 12.38 -39.32
C LEU K 231 21.80 11.27 -39.51
N GLN K 232 21.34 10.02 -39.52
CA GLN K 232 22.22 8.89 -39.75
C GLN K 232 21.95 8.23 -41.11
N ASN K 233 20.73 7.75 -41.33
CA ASN K 233 20.25 7.30 -42.64
C ASN K 233 21.18 6.30 -43.32
N ASP K 234 22.10 5.70 -42.57
CA ASP K 234 23.08 4.77 -43.13
C ASP K 234 23.06 3.40 -42.49
N LYS K 235 22.77 3.30 -41.20
CA LYS K 235 22.69 2.02 -40.50
C LYS K 235 21.27 1.82 -39.99
N TRP K 236 20.72 0.64 -40.23
CA TRP K 236 19.29 0.38 -40.09
C TRP K 236 19.01 -0.25 -38.72
N VAL K 237 18.10 0.37 -37.98
CA VAL K 237 17.85 -0.01 -36.61
C VAL K 237 16.66 -0.97 -36.57
N TYR K 238 16.52 -1.69 -35.46
CA TYR K 238 15.37 -2.54 -35.26
C TYR K 238 14.09 -1.71 -35.19
N ASN K 239 12.99 -2.30 -35.64
CA ASN K 239 11.69 -1.62 -35.67
C ASN K 239 11.12 -1.60 -34.26
N SER K 240 11.78 -0.82 -33.41
CA SER K 240 11.37 -0.72 -32.02
C SER K 240 10.26 0.31 -31.87
N ASP K 241 9.56 0.24 -30.74
CA ASP K 241 8.48 1.17 -30.42
C ASP K 241 8.93 2.28 -29.48
N LYS K 242 10.19 2.29 -29.07
CA LYS K 242 10.73 3.36 -28.25
C LYS K 242 11.55 4.35 -29.06
N LEU K 243 11.47 4.27 -30.39
CA LEU K 243 12.19 5.13 -31.30
C LEU K 243 11.21 5.83 -32.24
N PRO K 244 11.44 7.09 -32.58
CA PRO K 244 10.56 7.76 -33.55
C PRO K 244 10.67 7.12 -34.92
N LYS K 245 9.57 7.17 -35.65
CA LYS K 245 9.49 6.53 -36.96
C LYS K 245 9.92 7.51 -38.05
N ALA K 246 10.81 7.05 -38.92
CA ALA K 246 11.24 7.87 -40.06
C ALA K 246 10.11 7.98 -41.08
N ALA K 247 10.09 9.11 -41.78
CA ALA K 247 9.05 9.34 -42.77
C ALA K 247 9.25 8.47 -44.00
N GLY K 248 8.12 8.13 -44.64
CA GLY K 248 8.17 7.33 -45.84
C GLY K 248 8.33 5.84 -45.55
N ALA K 249 8.53 5.08 -46.62
CA ALA K 249 8.78 3.66 -46.48
C ALA K 249 10.11 3.43 -45.79
N THR K 250 10.11 2.60 -44.74
CA THR K 250 11.27 2.42 -43.89
C THR K 250 11.81 1.01 -43.84
N LEU K 251 11.04 0.00 -44.26
CA LEU K 251 11.49 -1.38 -44.17
C LEU K 251 12.71 -1.59 -45.05
N LYS K 252 13.82 -1.99 -44.44
CA LYS K 252 15.09 -2.14 -45.16
C LYS K 252 15.63 -3.55 -45.19
N GLY K 253 15.22 -4.42 -44.27
CA GLY K 253 15.64 -5.81 -44.39
C GLY K 253 15.15 -6.67 -43.25
N LYS K 254 15.66 -7.90 -43.20
CA LYS K 254 15.28 -8.88 -42.21
C LYS K 254 16.51 -9.37 -41.46
N LEU K 255 16.38 -9.49 -40.14
CA LEU K 255 17.41 -10.02 -39.26
C LEU K 255 16.94 -11.37 -38.74
N HIS K 256 17.75 -12.41 -38.95
CA HIS K 256 17.40 -13.72 -38.45
C HIS K 256 17.48 -13.74 -36.93
N VAL K 257 16.57 -14.49 -36.30
CA VAL K 257 16.50 -14.58 -34.85
C VAL K 257 17.31 -15.81 -34.41
N PRO K 258 18.36 -15.63 -33.61
CA PRO K 258 19.13 -16.78 -33.12
C PRO K 258 18.48 -17.37 -31.88
N PHE K 259 19.09 -18.46 -31.40
CA PHE K 259 18.68 -19.11 -30.15
C PHE K 259 17.21 -19.50 -30.16
N LEU K 260 16.74 -20.01 -31.30
CA LEU K 260 15.35 -20.44 -31.38
C LEU K 260 15.13 -21.71 -30.57
N LEU K 261 13.87 -21.94 -30.22
CA LEU K 261 13.50 -23.14 -29.47
C LEU K 261 13.76 -24.37 -30.33
N ALA K 262 14.37 -25.39 -29.73
CA ALA K 262 14.72 -26.61 -30.43
C ALA K 262 14.48 -27.80 -29.52
N ASP K 263 14.28 -28.96 -30.16
CA ASP K 263 13.99 -30.20 -29.45
C ASP K 263 15.28 -30.91 -29.05
N GLY K 264 15.26 -31.50 -27.86
CA GLY K 264 16.39 -32.26 -27.38
C GLY K 264 15.97 -33.17 -26.26
N LYS K 265 16.97 -33.76 -25.61
CA LYS K 265 16.77 -34.64 -24.47
C LYS K 265 17.40 -33.99 -23.24
N CYS K 266 16.67 -33.99 -22.13
CA CYS K 266 17.15 -33.41 -20.88
C CYS K 266 16.86 -34.37 -19.73
N THR K 267 17.72 -34.33 -18.73
CA THR K 267 17.59 -35.21 -17.57
C THR K 267 16.50 -34.71 -16.63
N VAL K 268 15.62 -35.62 -16.22
CA VAL K 268 14.55 -35.32 -15.28
C VAL K 268 14.70 -36.26 -14.10
N PRO K 269 14.24 -35.89 -12.91
CA PRO K 269 14.46 -36.74 -11.74
C PRO K 269 13.67 -38.04 -11.82
N LEU K 270 13.93 -38.91 -10.85
CA LEU K 270 13.26 -40.20 -10.77
C LEU K 270 12.90 -40.43 -9.31
N ALA K 271 11.60 -40.43 -9.00
CA ALA K 271 11.15 -40.50 -7.63
C ALA K 271 11.49 -41.85 -7.01
N PRO K 272 11.65 -41.90 -5.69
CA PRO K 272 11.88 -43.18 -5.02
C PRO K 272 10.71 -44.13 -5.25
N GLU K 273 11.04 -45.42 -5.36
CA GLU K 273 10.03 -46.42 -5.67
C GLU K 273 8.98 -46.45 -4.57
N PRO K 274 7.70 -46.56 -4.91
CA PRO K 274 6.66 -46.66 -3.88
C PRO K 274 6.72 -48.00 -3.19
N MET K 275 6.21 -48.04 -1.96
CA MET K 275 6.08 -49.29 -1.22
C MET K 275 4.63 -49.76 -1.34
N ILE K 276 4.44 -50.90 -1.97
CA ILE K 276 3.13 -51.36 -2.41
C ILE K 276 2.71 -52.56 -1.56
N THR K 277 1.52 -52.47 -0.98
CA THR K 277 0.94 -53.58 -0.24
C THR K 277 -0.36 -54.00 -0.89
N PHE K 278 -0.54 -55.30 -1.06
CA PHE K 278 -1.71 -55.86 -1.72
C PHE K 278 -2.73 -56.35 -0.72
N GLY K 279 -3.99 -56.30 -1.12
CA GLY K 279 -5.10 -56.81 -0.32
C GLY K 279 -6.22 -57.16 -1.27
N PHE K 280 -7.29 -57.71 -0.70
CA PHE K 280 -8.39 -58.21 -1.52
C PHE K 280 -8.98 -57.08 -2.35
N ARG K 281 -8.71 -57.10 -3.65
CA ARG K 281 -9.11 -56.03 -4.56
C ARG K 281 -8.68 -54.66 -4.04
N SER K 282 -7.42 -54.57 -3.62
CA SER K 282 -6.93 -53.30 -3.08
C SER K 282 -5.41 -53.25 -3.22
N VAL K 283 -4.91 -52.06 -3.56
CA VAL K 283 -3.48 -51.79 -3.61
C VAL K 283 -3.22 -50.49 -2.85
N SER K 284 -2.33 -50.55 -1.86
CA SER K 284 -1.97 -49.39 -1.06
C SER K 284 -0.54 -48.98 -1.38
N LEU K 285 -0.35 -47.72 -1.72
CA LEU K 285 0.98 -47.23 -2.12
C LEU K 285 1.45 -46.20 -1.11
N LYS K 286 2.60 -46.43 -0.46
CA LYS K 286 3.20 -45.43 0.45
C LYS K 286 4.20 -44.68 -0.39
N LEU K 287 3.97 -43.39 -0.59
CA LEU K 287 4.78 -42.60 -1.51
C LEU K 287 5.53 -41.58 -0.70
N HIS K 288 6.84 -41.50 -0.82
CA HIS K 288 7.61 -40.44 -0.13
C HIS K 288 8.25 -39.60 -1.20
N PRO K 289 7.75 -38.39 -1.51
CA PRO K 289 8.28 -37.62 -2.59
C PRO K 289 9.38 -36.65 -2.19
N LYS K 290 10.54 -36.72 -2.85
CA LYS K 290 11.66 -35.75 -2.65
C LYS K 290 11.28 -34.39 -3.23
N ASN K 291 10.63 -34.34 -4.39
CA ASN K 291 10.15 -33.09 -5.02
C ASN K 291 8.69 -33.27 -5.39
N PRO K 292 7.81 -32.26 -5.45
CA PRO K 292 6.38 -32.46 -5.74
C PRO K 292 6.17 -33.32 -6.96
N THR K 293 5.64 -34.52 -6.76
CA THR K 293 5.59 -35.56 -7.77
C THR K 293 4.15 -35.88 -8.14
N TYR K 294 3.89 -36.04 -9.43
CA TYR K 294 2.54 -36.30 -9.92
C TYR K 294 2.25 -37.79 -9.92
N LEU K 295 1.23 -38.19 -9.19
CA LEU K 295 0.71 -39.56 -9.22
C LEU K 295 -0.54 -39.59 -10.07
N ILE K 296 -0.51 -40.34 -11.17
CA ILE K 296 -1.65 -40.45 -12.07
C ILE K 296 -2.10 -41.90 -12.10
N THR K 297 -3.42 -42.09 -12.08
CA THR K 297 -4.00 -43.41 -11.90
C THR K 297 -5.21 -43.58 -12.81
N ARG K 298 -5.38 -44.79 -13.34
CA ARG K 298 -6.57 -45.08 -14.14
C ARG K 298 -6.87 -46.57 -14.11
N GLN K 299 -8.16 -46.90 -14.17
CA GLN K 299 -8.60 -48.28 -14.27
C GLN K 299 -8.72 -48.68 -15.73
N LEU K 300 -8.29 -49.90 -16.04
CA LEU K 300 -8.27 -50.37 -17.42
C LEU K 300 -9.63 -50.94 -17.83
N ALA K 301 -10.69 -50.15 -17.66
CA ALA K 301 -12.04 -50.58 -17.99
C ALA K 301 -12.76 -49.56 -18.84
N ASP K 302 -14.08 -49.75 -19.02
CA ASP K 302 -14.86 -48.80 -19.80
C ASP K 302 -14.89 -47.43 -19.15
N GLU K 303 -14.94 -47.38 -17.82
CA GLU K 303 -14.87 -46.13 -17.08
C GLU K 303 -13.53 -46.07 -16.37
N PRO K 304 -12.55 -45.34 -16.90
CA PRO K 304 -11.22 -45.33 -16.28
C PRO K 304 -11.21 -44.78 -14.86
N HIS K 305 -12.06 -43.80 -14.55
CA HIS K 305 -12.09 -43.16 -13.24
C HIS K 305 -10.71 -42.68 -12.83
N TYR K 306 -10.05 -41.96 -13.74
CA TYR K 306 -8.67 -41.57 -13.54
C TYR K 306 -8.55 -40.50 -12.46
N THR K 307 -7.48 -40.59 -11.69
CA THR K 307 -7.11 -39.59 -10.70
C THR K 307 -5.76 -38.99 -11.07
N HIS K 308 -5.52 -37.76 -10.64
CA HIS K 308 -4.32 -37.03 -11.01
C HIS K 308 -3.98 -36.10 -9.85
N GLU K 309 -3.03 -36.49 -9.01
CA GLU K 309 -2.73 -35.76 -7.79
C GLU K 309 -1.25 -35.35 -7.77
N LEU K 310 -0.95 -34.33 -6.98
CA LEU K 310 0.41 -33.84 -6.79
C LEU K 310 0.81 -34.12 -5.35
N ILE K 311 1.52 -35.22 -5.14
CA ILE K 311 1.99 -35.59 -3.81
C ILE K 311 3.26 -34.80 -3.51
N SER K 312 3.22 -34.01 -2.45
CA SER K 312 4.37 -33.22 -2.02
C SER K 312 5.02 -33.74 -0.74
N GLU K 313 4.22 -34.16 0.23
CA GLU K 313 4.70 -34.79 1.45
C GLU K 313 4.50 -36.29 1.38
N PRO K 314 5.04 -37.04 2.33
CA PRO K 314 4.75 -38.47 2.40
C PRO K 314 3.26 -38.73 2.49
N ALA K 315 2.79 -39.77 1.81
CA ALA K 315 1.37 -40.06 1.74
C ALA K 315 1.16 -41.57 1.60
N VAL K 316 -0.04 -42.00 1.92
CA VAL K 316 -0.49 -43.37 1.70
C VAL K 316 -1.82 -43.32 0.96
N ARG K 317 -1.88 -43.95 -0.20
CA ARG K 317 -3.06 -43.92 -1.05
C ARG K 317 -3.52 -45.34 -1.35
N ASN K 318 -4.78 -45.64 -1.02
CA ASN K 318 -5.36 -46.93 -1.34
C ASN K 318 -6.23 -46.80 -2.59
N PHE K 319 -6.13 -47.79 -3.48
CA PHE K 319 -6.90 -47.82 -4.70
C PHE K 319 -7.54 -49.20 -4.85
N THR K 320 -8.71 -49.22 -5.49
CA THR K 320 -9.47 -50.45 -5.68
C THR K 320 -9.12 -51.05 -7.03
N VAL K 321 -8.44 -52.19 -7.01
CA VAL K 321 -8.05 -52.90 -8.21
C VAL K 321 -8.99 -54.07 -8.42
N THR K 322 -9.61 -54.14 -9.59
CA THR K 322 -10.55 -55.18 -9.92
C THR K 322 -9.94 -56.14 -10.94
N GLU K 323 -10.72 -57.14 -11.33
CA GLU K 323 -10.27 -58.09 -12.35
C GLU K 323 -10.13 -57.46 -13.72
N LYS K 324 -10.68 -56.26 -13.93
CA LYS K 324 -10.55 -55.58 -15.20
C LYS K 324 -9.17 -54.97 -15.37
N GLY K 325 -8.57 -54.50 -14.30
CA GLY K 325 -7.23 -53.94 -14.34
C GLY K 325 -7.06 -52.67 -13.56
N TRP K 326 -5.84 -52.14 -13.53
CA TRP K 326 -5.53 -50.90 -12.83
C TRP K 326 -4.12 -50.49 -13.22
N GLU K 327 -3.85 -49.19 -13.21
CA GLU K 327 -2.55 -48.70 -13.67
C GLU K 327 -2.23 -47.38 -12.98
N PHE K 328 -0.96 -47.20 -12.63
CA PHE K 328 -0.52 -45.95 -12.05
C PHE K 328 0.87 -45.59 -12.58
N VAL K 329 1.09 -44.28 -12.73
CA VAL K 329 2.41 -43.72 -12.99
C VAL K 329 2.76 -42.82 -11.81
N TRP K 330 3.99 -42.96 -11.32
CA TRP K 330 4.48 -42.23 -10.16
C TRP K 330 5.66 -41.38 -10.64
N GLY K 331 5.39 -40.12 -10.97
CA GLY K 331 6.44 -39.27 -11.48
C GLY K 331 6.88 -39.72 -12.85
N ASN K 332 8.19 -39.88 -13.02
CA ASN K 332 8.79 -40.19 -14.31
C ASN K 332 9.08 -41.69 -14.46
N HIS K 333 8.42 -42.53 -13.68
CA HIS K 333 8.55 -43.97 -13.81
C HIS K 333 7.62 -44.49 -14.91
N PRO K 334 7.95 -45.62 -15.52
CA PRO K 334 7.03 -46.22 -16.49
C PRO K 334 5.76 -46.69 -15.82
N PRO K 335 4.65 -46.75 -16.55
CA PRO K 335 3.39 -47.15 -15.93
C PRO K 335 3.45 -48.58 -15.39
N LYS K 336 2.86 -48.78 -14.22
CA LYS K 336 2.75 -50.09 -13.61
C LYS K 336 1.29 -50.51 -13.58
N ARG K 337 1.01 -51.70 -14.08
CA ARG K 337 -0.34 -52.24 -14.18
C ARG K 337 -0.51 -53.43 -13.25
N PHE K 338 -1.68 -53.52 -12.62
CA PHE K 338 -2.01 -54.57 -11.68
C PHE K 338 -3.41 -55.09 -11.96
N TRP K 339 -3.61 -56.38 -11.66
CA TRP K 339 -4.89 -57.04 -11.81
C TRP K 339 -5.20 -57.81 -10.52
N ALA K 340 -6.49 -57.91 -10.20
CA ALA K 340 -6.92 -58.59 -8.99
C ALA K 340 -7.25 -60.06 -9.29
N GLN K 341 -7.10 -60.89 -8.26
CA GLN K 341 -7.44 -62.30 -8.34
C GLN K 341 -8.58 -62.62 -7.37
N GLU K 342 -9.32 -63.67 -7.69
CA GLU K 342 -10.51 -64.04 -6.92
C GLU K 342 -10.07 -64.96 -5.78
N THR K 343 -9.40 -64.37 -4.79
CA THR K 343 -8.74 -65.17 -3.75
C THR K 343 -9.59 -65.30 -2.49
N ALA K 344 -9.90 -64.19 -1.85
CA ALA K 344 -10.27 -64.21 -0.44
C ALA K 344 -11.49 -63.33 -0.19
N PRO K 345 -12.03 -63.28 1.05
CA PRO K 345 -11.80 -64.05 2.27
C PRO K 345 -12.87 -65.11 2.53
N GLY K 346 -12.62 -65.96 3.52
CA GLY K 346 -13.54 -67.01 3.88
C GLY K 346 -13.17 -68.34 3.27
N ASN K 347 -14.16 -69.22 3.17
CA ASN K 347 -13.96 -70.53 2.57
C ASN K 347 -15.30 -71.05 2.06
N PRO K 348 -15.41 -71.36 0.76
CA PRO K 348 -16.70 -71.75 0.19
C PRO K 348 -17.09 -73.21 0.42
N HIS K 349 -16.26 -74.00 1.11
CA HIS K 349 -16.57 -75.40 1.39
C HIS K 349 -16.60 -75.58 2.90
N GLY K 350 -17.75 -75.32 3.50
CA GLY K 350 -17.87 -75.45 4.94
C GLY K 350 -19.16 -74.92 5.52
N LEU K 351 -19.07 -74.33 6.71
CA LEU K 351 -20.26 -73.85 7.40
C LEU K 351 -20.92 -72.74 6.61
N PRO K 352 -22.25 -72.61 6.69
CA PRO K 352 -22.96 -71.63 5.84
C PRO K 352 -22.53 -70.20 6.06
N HIS K 353 -22.11 -69.83 7.27
CA HIS K 353 -21.68 -68.45 7.49
C HIS K 353 -20.38 -68.15 6.73
N GLU K 354 -19.46 -69.11 6.70
CA GLU K 354 -18.24 -68.92 5.90
C GLU K 354 -18.56 -68.79 4.43
N VAL K 355 -19.49 -69.62 3.92
CA VAL K 355 -19.88 -69.54 2.52
C VAL K 355 -20.50 -68.19 2.22
N ILE K 356 -21.38 -67.71 3.11
CA ILE K 356 -22.05 -66.43 2.88
C ILE K 356 -21.04 -65.28 2.90
N THR K 357 -20.08 -65.32 3.84
CA THR K 357 -19.06 -64.28 3.87
C THR K 357 -18.22 -64.29 2.60
N HIS K 358 -17.81 -65.50 2.15
CA HIS K 358 -16.98 -65.58 0.96
C HIS K 358 -17.72 -65.11 -0.29
N TYR K 359 -19.00 -65.45 -0.40
CA TYR K 359 -19.79 -65.05 -1.56
C TYR K 359 -20.43 -63.68 -1.40
N TYR K 360 -20.22 -63.02 -0.26
CA TYR K 360 -20.57 -61.61 -0.12
C TYR K 360 -19.40 -60.69 -0.38
N HIS K 361 -18.19 -61.10 0.02
CA HIS K 361 -17.01 -60.32 -0.34
C HIS K 361 -16.76 -60.37 -1.84
N ARG K 362 -16.80 -61.56 -2.42
CA ARG K 362 -16.81 -61.71 -3.87
C ARG K 362 -18.26 -61.72 -4.36
N TYR K 363 -18.52 -60.97 -5.43
CA TYR K 363 -19.88 -60.71 -5.92
C TYR K 363 -20.73 -60.03 -4.85
N PRO K 364 -20.40 -58.83 -4.40
CA PRO K 364 -21.35 -58.07 -3.58
C PRO K 364 -22.57 -57.67 -4.39
N MET K 365 -23.67 -57.44 -3.68
CA MET K 365 -24.98 -57.06 -4.21
C MET K 365 -25.62 -58.17 -5.04
N SER K 366 -24.95 -59.32 -5.19
CA SER K 366 -25.55 -60.49 -5.83
C SER K 366 -25.93 -61.58 -4.85
N THR K 367 -25.28 -61.63 -3.68
CA THR K 367 -25.65 -62.57 -2.63
C THR K 367 -26.27 -61.87 -1.42
N ILE K 368 -26.53 -60.57 -1.51
CA ILE K 368 -27.40 -59.91 -0.56
C ILE K 368 -28.82 -59.78 -1.11
N LEU K 369 -28.97 -59.82 -2.44
CA LEU K 369 -30.27 -59.98 -3.07
C LEU K 369 -30.60 -61.43 -3.36
N GLY K 370 -29.60 -62.25 -3.69
CA GLY K 370 -29.85 -63.65 -3.94
C GLY K 370 -30.43 -64.37 -2.74
N LEU K 371 -29.74 -64.30 -1.59
CA LEU K 371 -30.28 -64.95 -0.42
C LEU K 371 -31.46 -64.18 0.18
N SER K 372 -31.63 -62.90 -0.18
CA SER K 372 -32.86 -62.20 0.21
C SER K 372 -34.07 -62.82 -0.47
N ILE K 373 -33.99 -63.03 -1.78
CA ILE K 373 -35.05 -63.71 -2.51
C ILE K 373 -35.19 -65.14 -2.01
N CYS K 374 -34.07 -65.79 -1.69
CA CYS K 374 -34.09 -67.13 -1.13
C CYS K 374 -34.88 -67.18 0.18
N ALA K 375 -34.62 -66.24 1.08
CA ALA K 375 -35.32 -66.20 2.36
C ALA K 375 -36.78 -65.84 2.17
N ALA K 376 -37.09 -64.96 1.22
CA ALA K 376 -38.48 -64.64 0.92
C ALA K 376 -39.24 -65.88 0.45
N ILE K 377 -38.63 -66.66 -0.45
CA ILE K 377 -39.26 -67.88 -0.94
C ILE K 377 -39.44 -68.88 0.20
N ALA K 378 -38.41 -69.03 1.05
CA ALA K 378 -38.51 -69.98 2.16
C ALA K 378 -39.61 -69.58 3.13
N THR K 379 -39.70 -68.28 3.46
CA THR K 379 -40.74 -67.83 4.38
C THR K 379 -42.12 -67.99 3.77
N VAL K 380 -42.27 -67.70 2.47
CA VAL K 380 -43.56 -67.91 1.81
C VAL K 380 -43.94 -69.38 1.85
N SER K 381 -42.97 -70.27 1.58
CA SER K 381 -43.21 -71.70 1.65
C SER K 381 -43.69 -72.12 3.03
N VAL K 382 -42.96 -71.69 4.07
CA VAL K 382 -43.30 -72.09 5.43
C VAL K 382 -44.68 -71.57 5.82
N ALA K 383 -44.96 -70.31 5.52
CA ALA K 383 -46.24 -69.71 5.88
C ALA K 383 -47.39 -70.38 5.15
N ALA K 384 -47.23 -70.62 3.83
CA ALA K 384 -48.30 -71.26 3.08
C ALA K 384 -48.54 -72.68 3.55
N SER K 385 -47.48 -73.44 3.81
CA SER K 385 -47.66 -74.81 4.27
C SER K 385 -48.31 -74.85 5.66
N THR K 386 -47.91 -73.94 6.55
CA THR K 386 -48.52 -73.87 7.87
C THR K 386 -50.01 -73.50 7.76
N TRP K 387 -50.34 -72.55 6.88
CA TRP K 387 -51.73 -72.17 6.70
C TRP K 387 -52.56 -73.33 6.16
N LEU K 388 -52.02 -74.06 5.16
CA LEU K 388 -52.74 -75.21 4.63
C LEU K 388 -52.90 -76.30 5.69
N PHE K 389 -51.87 -76.54 6.50
CA PHE K 389 -51.98 -77.55 7.54
C PHE K 389 -53.03 -77.16 8.57
N CYS K 390 -53.05 -75.89 8.99
CA CYS K 390 -54.05 -75.45 9.96
C CYS K 390 -55.45 -75.55 9.39
N ARG K 391 -55.63 -75.14 8.13
CA ARG K 391 -56.94 -75.22 7.50
C ARG K 391 -57.40 -76.67 7.38
N SER K 392 -56.49 -77.57 7.00
CA SER K 392 -56.83 -78.99 6.92
C SER K 392 -57.18 -79.56 8.28
N ARG K 393 -56.43 -79.19 9.32
CA ARG K 393 -56.73 -79.66 10.66
C ARG K 393 -58.11 -79.19 11.11
N VAL K 394 -58.43 -77.92 10.83
CA VAL K 394 -59.75 -77.41 11.21
C VAL K 394 -60.85 -78.14 10.43
N ALA K 395 -60.66 -78.32 9.12
CA ALA K 395 -61.69 -78.96 8.31
C ALA K 395 -61.82 -80.44 8.59
N CYS K 396 -60.81 -81.07 9.20
CA CYS K 396 -60.91 -82.47 9.58
C CYS K 396 -61.39 -82.67 11.02
N LEU K 397 -61.19 -81.69 11.90
CA LEU K 397 -61.64 -81.80 13.28
C LEU K 397 -63.04 -81.25 13.48
N THR K 398 -63.50 -80.33 12.64
CA THR K 398 -64.85 -79.81 12.77
C THR K 398 -65.93 -80.88 12.68
N PRO K 399 -65.89 -81.84 11.75
CA PRO K 399 -66.97 -82.85 11.72
C PRO K 399 -67.10 -83.63 13.02
N TYR K 400 -66.00 -83.91 13.70
CA TYR K 400 -66.05 -84.69 14.94
C TYR K 400 -66.28 -83.81 16.17
N ARG K 401 -65.62 -82.65 16.22
CA ARG K 401 -65.74 -81.77 17.38
C ARG K 401 -67.12 -81.14 17.51
N LEU K 402 -67.91 -81.13 16.42
CA LEU K 402 -69.23 -80.53 16.44
C LEU K 402 -70.32 -81.50 16.87
N THR K 403 -69.99 -82.79 16.98
CA THR K 403 -70.95 -83.76 17.50
C THR K 403 -71.24 -83.48 18.97
N PRO K 404 -72.51 -83.56 19.39
CA PRO K 404 -72.82 -83.30 20.81
C PRO K 404 -72.07 -84.20 21.77
N ASN K 405 -71.84 -85.47 21.40
CA ASN K 405 -71.04 -86.34 22.24
C ASN K 405 -69.58 -85.92 22.29
N ALA K 406 -69.12 -85.17 21.28
CA ALA K 406 -67.73 -84.72 21.19
C ALA K 406 -66.76 -85.90 21.24
N ARG K 407 -67.09 -86.97 20.51
CA ARG K 407 -66.23 -88.15 20.46
C ARG K 407 -65.13 -87.91 19.42
N ILE K 408 -64.23 -87.00 19.77
CA ILE K 408 -63.10 -86.60 18.94
C ILE K 408 -62.09 -87.71 18.66
N PRO K 409 -61.68 -88.56 19.65
CA PRO K 409 -60.40 -89.26 19.52
C PRO K 409 -60.26 -90.23 18.36
N PHE K 410 -61.26 -90.33 17.48
CA PHE K 410 -61.14 -91.20 16.32
C PHE K 410 -59.99 -90.75 15.43
N CYS K 411 -60.09 -89.54 14.86
CA CYS K 411 -59.01 -89.03 14.03
C CYS K 411 -57.74 -88.77 14.84
N LEU K 412 -57.89 -88.23 16.04
CA LEU K 412 -56.75 -87.95 16.91
C LEU K 412 -56.02 -89.22 17.33
N ALA K 413 -56.62 -90.39 17.17
CA ALA K 413 -55.97 -91.66 17.43
C ALA K 413 -55.43 -92.32 16.16
N VAL K 414 -56.18 -92.27 15.06
CA VAL K 414 -55.71 -92.91 13.84
C VAL K 414 -54.52 -92.15 13.24
N LEU K 415 -54.53 -90.82 13.33
CA LEU K 415 -53.46 -90.03 12.73
C LEU K 415 -52.92 -88.92 13.64
N CYS K 416 -53.60 -88.59 14.73
CA CYS K 416 -53.15 -87.57 15.68
C CYS K 416 -53.01 -86.20 14.98
N CYS K 417 -54.12 -85.74 14.40
CA CYS K 417 -54.12 -84.43 13.76
C CYS K 417 -53.88 -83.32 14.77
N ALA K 418 -54.49 -83.41 15.94
CA ALA K 418 -54.33 -82.39 16.98
C ALA K 418 -53.17 -82.75 17.91
N ARG L 1 -101.11 -86.61 18.78
CA ARG L 1 -100.79 -85.56 17.82
C ARG L 1 -99.35 -85.08 18.00
N MET L 2 -98.79 -84.49 16.96
CA MET L 2 -97.39 -84.10 16.97
C MET L 2 -97.13 -82.78 17.70
N VAL L 3 -98.19 -82.09 18.12
CA VAL L 3 -98.02 -80.81 18.81
C VAL L 3 -97.82 -80.96 20.31
N MET L 4 -98.21 -82.09 20.90
CA MET L 4 -97.94 -82.27 22.32
C MET L 4 -96.45 -82.34 22.63
N LYS L 5 -95.58 -82.27 21.63
CA LYS L 5 -94.15 -82.22 21.82
C LYS L 5 -93.60 -80.80 21.86
N LEU L 6 -94.45 -79.78 21.74
CA LEU L 6 -94.00 -78.42 22.02
C LEU L 6 -93.60 -78.24 23.49
N GLU L 7 -94.03 -79.14 24.37
CA GLU L 7 -93.56 -79.09 25.75
C GLU L 7 -92.08 -79.39 25.88
N SER L 8 -91.48 -80.02 24.87
CA SER L 8 -90.05 -80.31 24.85
C SER L 8 -89.22 -79.15 24.33
N ASP L 9 -89.85 -78.04 23.95
CA ASP L 9 -89.13 -76.91 23.37
C ASP L 9 -88.28 -76.23 24.44
N LYS L 10 -86.97 -76.46 24.40
CA LYS L 10 -86.01 -75.74 25.22
C LYS L 10 -85.14 -74.80 24.39
N THR L 11 -85.56 -74.51 23.16
CA THR L 11 -84.83 -73.59 22.31
C THR L 11 -84.96 -72.15 22.82
N PHE L 12 -84.02 -71.30 22.42
CA PHE L 12 -83.96 -69.92 22.89
C PHE L 12 -83.98 -68.97 21.71
N PRO L 13 -84.97 -68.09 21.60
CA PRO L 13 -84.95 -67.08 20.53
C PRO L 13 -83.72 -66.19 20.63
N ILE L 14 -83.26 -65.73 19.47
CA ILE L 14 -82.23 -64.70 19.37
C ILE L 14 -82.89 -63.42 18.92
N MET L 15 -82.74 -62.36 19.72
CA MET L 15 -83.39 -61.08 19.45
C MET L 15 -82.36 -60.06 19.01
N LEU L 16 -82.67 -59.35 17.94
CA LEU L 16 -81.85 -58.25 17.43
C LEU L 16 -82.68 -56.97 17.49
N GLU L 17 -82.38 -56.12 18.47
CA GLU L 17 -83.12 -54.87 18.68
C GLU L 17 -84.61 -55.13 18.82
N GLY L 18 -84.95 -56.19 19.56
CA GLY L 18 -86.33 -56.58 19.75
C GLY L 18 -86.93 -57.43 18.65
N LYS L 19 -86.15 -57.79 17.64
CA LYS L 19 -86.62 -58.60 16.52
C LYS L 19 -85.96 -59.97 16.58
N ILE L 20 -86.78 -61.02 16.54
CA ILE L 20 -86.27 -62.38 16.58
C ILE L 20 -85.81 -62.79 15.20
N ASN L 21 -84.56 -63.25 15.09
CA ASN L 21 -84.00 -63.69 13.83
C ASN L 21 -83.84 -65.20 13.72
N GLY L 22 -83.88 -65.92 14.84
CA GLY L 22 -83.69 -67.35 14.79
C GLY L 22 -83.79 -67.94 16.19
N TYR L 23 -83.53 -69.25 16.25
CA TYR L 23 -83.61 -70.01 17.49
C TYR L 23 -82.33 -70.81 17.69
N ALA L 24 -81.81 -70.81 18.90
CA ALA L 24 -80.61 -71.54 19.26
C ALA L 24 -81.01 -72.74 20.13
N CYS L 25 -80.46 -73.91 19.80
CA CYS L 25 -80.82 -75.15 20.45
C CYS L 25 -79.77 -75.55 21.47
N VAL L 26 -80.15 -76.43 22.38
CA VAL L 26 -79.25 -77.05 23.34
C VAL L 26 -79.43 -78.56 23.17
N VAL L 27 -78.57 -79.17 22.36
CA VAL L 27 -78.68 -80.58 22.02
C VAL L 27 -77.48 -81.31 22.60
N GLY L 28 -77.74 -82.39 23.34
CA GLY L 28 -76.67 -83.23 23.85
C GLY L 28 -75.66 -82.50 24.71
N GLY L 29 -76.12 -81.56 25.53
CA GLY L 29 -75.21 -80.74 26.30
C GLY L 29 -74.31 -79.88 25.44
N LYS L 30 -74.83 -79.35 24.34
CA LYS L 30 -74.05 -78.49 23.45
C LYS L 30 -74.99 -77.46 22.83
N LEU L 31 -74.60 -76.19 22.94
CA LEU L 31 -75.41 -75.09 22.41
C LEU L 31 -75.06 -74.88 20.95
N PHE L 32 -76.07 -74.94 20.08
CA PHE L 32 -75.93 -74.71 18.65
C PHE L 32 -76.69 -73.44 18.28
N ARG L 33 -76.05 -72.58 17.48
CA ARG L 33 -76.65 -71.32 17.09
C ARG L 33 -76.39 -71.06 15.61
N PRO L 34 -77.40 -70.67 14.83
CA PRO L 34 -77.15 -70.31 13.44
C PRO L 34 -76.18 -69.14 13.34
N MET L 35 -75.27 -69.22 12.37
CA MET L 35 -74.29 -68.14 12.21
C MET L 35 -74.89 -66.94 11.50
N HIS L 36 -75.78 -67.17 10.53
CA HIS L 36 -76.31 -66.07 9.73
C HIS L 36 -77.21 -65.14 10.55
N VAL L 37 -77.82 -65.63 11.62
CA VAL L 37 -78.65 -64.74 12.45
C VAL L 37 -77.77 -63.82 13.27
N GLU L 38 -78.36 -62.72 13.74
CA GLU L 38 -77.67 -61.75 14.56
C GLU L 38 -78.52 -61.42 15.78
N GLY L 39 -77.85 -61.07 16.88
CA GLY L 39 -78.54 -60.69 18.09
C GLY L 39 -77.96 -61.32 19.34
N LYS L 40 -78.82 -61.52 20.35
CA LYS L 40 -78.39 -62.04 21.64
C LYS L 40 -79.32 -63.18 22.06
N ILE L 41 -78.76 -64.15 22.78
CA ILE L 41 -79.54 -65.29 23.23
C ILE L 41 -80.59 -64.81 24.24
N ASP L 42 -81.68 -65.58 24.34
CA ASP L 42 -82.80 -65.21 25.19
C ASP L 42 -82.38 -65.04 26.65
N ASN L 43 -81.59 -65.98 27.17
CA ASN L 43 -81.17 -65.94 28.56
C ASN L 43 -79.74 -65.44 28.68
N ASP L 44 -79.44 -64.82 29.82
CA ASP L 44 -78.14 -64.19 30.02
C ASP L 44 -77.00 -65.21 30.11
N VAL L 45 -77.26 -66.37 30.68
CA VAL L 45 -76.19 -67.35 30.90
C VAL L 45 -75.61 -67.82 29.57
N LEU L 46 -76.46 -68.12 28.59
CA LEU L 46 -75.96 -68.46 27.26
C LEU L 46 -75.50 -67.24 26.49
N ALA L 47 -76.06 -66.06 26.80
CA ALA L 47 -75.61 -64.84 26.14
C ALA L 47 -74.15 -64.55 26.46
N ALA L 48 -73.75 -64.76 27.72
CA ALA L 48 -72.36 -64.55 28.12
C ALA L 48 -71.45 -65.69 27.69
N LEU L 49 -71.99 -66.78 27.18
CA LEU L 49 -71.17 -67.91 26.76
C LEU L 49 -70.32 -67.54 25.55
N LYS L 50 -69.17 -68.19 25.43
CA LYS L 50 -68.28 -68.02 24.30
C LYS L 50 -68.53 -69.13 23.28
N THR L 51 -68.70 -68.75 22.02
CA THR L 51 -69.05 -69.67 20.95
C THR L 51 -67.88 -69.82 19.98
N LYS L 52 -67.70 -71.04 19.48
CA LYS L 52 -66.71 -71.34 18.46
C LYS L 52 -67.39 -71.51 17.12
N LYS L 53 -66.87 -70.83 16.10
CA LYS L 53 -67.53 -70.77 14.80
C LYS L 53 -67.30 -72.06 14.01
N ALA L 54 -68.14 -72.24 12.99
CA ALA L 54 -67.95 -73.30 11.99
C ALA L 54 -68.59 -72.78 10.71
N SER L 55 -67.76 -72.21 9.82
CA SER L 55 -68.27 -71.56 8.62
C SER L 55 -68.71 -72.57 7.57
N LYS L 56 -68.02 -73.71 7.48
CA LYS L 56 -68.38 -74.71 6.49
C LYS L 56 -69.79 -75.23 6.72
N TYR L 57 -70.14 -75.51 7.97
CA TYR L 57 -71.48 -75.94 8.34
C TYR L 57 -72.36 -74.79 8.84
N ASP L 58 -71.81 -73.57 8.89
CA ASP L 58 -72.61 -72.35 9.08
C ASP L 58 -73.35 -72.37 10.42
N LEU L 59 -72.58 -72.52 11.50
CA LEU L 59 -73.16 -72.44 12.83
C LEU L 59 -72.07 -72.30 13.88
N GLU L 60 -72.45 -71.77 15.04
CA GLU L 60 -71.57 -71.66 16.19
C GLU L 60 -71.96 -72.71 17.22
N TYR L 61 -70.95 -73.31 17.84
CA TYR L 61 -71.16 -74.32 18.87
C TYR L 61 -70.46 -73.90 20.15
N ALA L 62 -71.10 -74.18 21.28
CA ALA L 62 -70.53 -73.88 22.59
C ALA L 62 -70.85 -75.04 23.53
N ASP L 63 -70.08 -75.13 24.61
CA ASP L 63 -70.27 -76.17 25.60
C ASP L 63 -71.06 -75.62 26.77
N VAL L 64 -72.18 -76.27 27.08
CA VAL L 64 -73.08 -75.83 28.15
C VAL L 64 -72.40 -76.00 29.49
N PRO L 65 -72.76 -75.23 30.51
CA PRO L 65 -72.14 -75.41 31.84
C PRO L 65 -72.61 -76.70 32.49
N GLN L 66 -71.82 -77.13 33.48
CA GLN L 66 -72.08 -78.41 34.14
C GLN L 66 -73.43 -78.45 34.84
N ASN L 67 -73.96 -77.28 35.22
CA ASN L 67 -75.22 -77.25 35.95
C ASN L 67 -76.37 -77.80 35.12
N MET L 68 -76.40 -77.50 33.83
CA MET L 68 -77.55 -77.79 32.98
C MET L 68 -77.25 -78.79 31.87
N ARG L 69 -76.15 -79.55 31.98
CA ARG L 69 -75.82 -80.51 30.93
C ARG L 69 -76.91 -81.58 30.78
N ALA L 70 -77.60 -81.91 31.87
CA ALA L 70 -78.69 -82.88 31.80
C ALA L 70 -79.95 -82.30 31.17
N ASP L 71 -80.22 -81.02 31.41
CA ASP L 71 -81.43 -80.36 30.89
C ASP L 71 -81.15 -79.92 29.45
N THR L 72 -81.32 -80.87 28.53
CA THR L 72 -81.01 -80.63 27.13
C THR L 72 -81.76 -81.64 26.27
N PHE L 73 -81.80 -81.35 24.97
CA PHE L 73 -82.27 -82.33 24.01
C PHE L 73 -81.32 -83.51 23.97
N LYS L 74 -81.85 -84.68 23.58
CA LYS L 74 -81.04 -85.87 23.37
C LYS L 74 -81.18 -86.31 21.93
N TYR L 75 -80.05 -86.55 21.28
CA TYR L 75 -79.96 -86.63 19.83
C TYR L 75 -80.07 -88.09 19.36
N THR L 76 -79.89 -88.29 18.06
CA THR L 76 -80.03 -89.59 17.44
C THR L 76 -79.30 -89.59 16.10
N HIS L 77 -78.61 -90.69 15.81
CA HIS L 77 -77.82 -90.79 14.58
C HIS L 77 -78.60 -91.38 13.42
N GLU L 78 -79.62 -92.20 13.67
CA GLU L 78 -80.37 -92.87 12.62
C GLU L 78 -81.65 -92.11 12.31
N LYS L 79 -82.00 -92.05 11.03
CA LYS L 79 -83.21 -91.36 10.57
C LYS L 79 -83.97 -92.29 9.63
N PRO L 80 -84.85 -93.13 10.17
CA PRO L 80 -85.66 -93.99 9.29
C PRO L 80 -86.54 -93.18 8.35
N GLN L 81 -86.77 -93.75 7.16
CA GLN L 81 -87.62 -93.13 6.15
C GLN L 81 -89.02 -92.87 6.69
N GLY L 82 -89.57 -91.70 6.39
CA GLY L 82 -90.93 -91.41 6.78
C GLY L 82 -91.06 -90.00 7.32
N TYR L 83 -92.23 -89.70 7.88
CA TYR L 83 -92.54 -88.34 8.33
C TYR L 83 -92.31 -88.21 9.83
N TYR L 84 -91.70 -87.09 10.23
CA TYR L 84 -91.36 -86.75 11.60
C TYR L 84 -92.17 -85.53 12.04
N SER L 85 -91.93 -85.11 13.28
CA SER L 85 -92.65 -84.02 13.92
C SER L 85 -91.92 -82.70 13.71
N TRP L 86 -92.65 -81.61 13.89
CA TRP L 86 -92.07 -80.26 13.86
C TRP L 86 -93.09 -79.30 14.44
N HIS L 87 -92.62 -78.09 14.78
CA HIS L 87 -93.52 -77.06 15.28
C HIS L 87 -94.49 -76.59 14.20
N HIS L 88 -94.21 -76.92 12.93
CA HIS L 88 -95.05 -76.50 11.82
C HIS L 88 -95.62 -77.68 11.04
N GLY L 89 -96.03 -78.72 11.75
CA GLY L 89 -96.67 -79.87 11.15
C GLY L 89 -95.70 -80.98 10.85
N ALA L 90 -96.26 -82.11 10.44
CA ALA L 90 -95.45 -83.26 10.04
C ALA L 90 -94.60 -82.92 8.82
N VAL L 91 -93.34 -83.31 8.87
CA VAL L 91 -92.41 -83.05 7.78
C VAL L 91 -91.70 -84.35 7.42
N GLN L 92 -91.66 -84.67 6.13
CA GLN L 92 -91.26 -86.01 5.71
C GLN L 92 -89.80 -86.03 5.28
N TYR L 93 -89.04 -86.93 5.90
CA TYR L 93 -87.69 -87.26 5.47
C TYR L 93 -87.80 -88.41 4.47
N GLU L 94 -87.49 -88.12 3.21
CA GLU L 94 -87.55 -89.09 2.12
C GLU L 94 -86.21 -89.10 1.41
N ASN L 95 -85.60 -90.29 1.34
CA ASN L 95 -84.38 -90.62 0.61
C ASN L 95 -83.37 -89.47 0.55
N GLY L 96 -83.05 -88.89 1.72
CA GLY L 96 -82.01 -87.90 1.80
C GLY L 96 -82.45 -86.46 1.91
N ARG L 97 -83.76 -86.19 1.98
CA ARG L 97 -84.25 -84.82 2.05
C ARG L 97 -85.31 -84.70 3.14
N PHE L 98 -85.15 -83.70 4.00
CA PHE L 98 -86.19 -83.30 4.95
C PHE L 98 -87.07 -82.25 4.28
N THR L 99 -88.20 -82.66 3.74
CA THR L 99 -89.07 -81.75 3.00
C THR L 99 -90.37 -81.51 3.77
N VAL L 100 -90.81 -80.26 3.75
CA VAL L 100 -91.96 -79.80 4.52
C VAL L 100 -93.12 -79.55 3.57
N PRO L 101 -94.33 -79.33 4.05
CA PRO L 101 -95.40 -78.83 3.17
C PRO L 101 -95.04 -77.48 2.58
N LYS L 102 -95.49 -77.26 1.35
CA LYS L 102 -95.15 -76.03 0.64
C LYS L 102 -95.69 -74.81 1.36
N GLY L 103 -94.91 -73.73 1.36
CA GLY L 103 -95.31 -72.49 2.00
C GLY L 103 -95.07 -72.43 3.49
N VAL L 104 -94.31 -73.37 4.05
CA VAL L 104 -94.05 -73.43 5.48
C VAL L 104 -92.58 -73.05 5.71
N GLY L 105 -92.34 -72.13 6.62
CA GLY L 105 -90.99 -71.69 6.92
C GLY L 105 -90.55 -70.52 6.06
N ALA L 106 -90.01 -69.49 6.69
CA ALA L 106 -89.58 -68.29 5.99
C ALA L 106 -88.41 -67.68 6.76
N LYS L 107 -88.08 -66.42 6.46
CA LYS L 107 -87.00 -65.73 7.14
C LYS L 107 -87.29 -65.64 8.63
N GLY L 108 -86.29 -65.97 9.45
CA GLY L 108 -86.43 -65.95 10.89
C GLY L 108 -86.85 -67.26 11.51
N ASP L 109 -87.40 -68.19 10.71
CA ASP L 109 -87.76 -69.51 11.20
C ASP L 109 -86.62 -70.49 10.88
N SER L 110 -85.47 -70.24 11.50
CA SER L 110 -84.24 -70.99 11.24
C SER L 110 -83.67 -71.51 12.54
N GLY L 111 -82.71 -72.43 12.42
CA GLY L 111 -82.08 -73.02 13.59
C GLY L 111 -82.99 -73.92 14.39
N ARG L 112 -84.03 -74.45 13.77
CA ARG L 112 -85.13 -75.07 14.50
C ARG L 112 -84.86 -76.54 14.69
N PRO L 113 -84.93 -77.08 15.91
CA PRO L 113 -84.64 -78.51 16.12
C PRO L 113 -85.79 -79.36 15.61
N ILE L 114 -85.48 -80.30 14.71
CA ILE L 114 -86.52 -81.20 14.21
C ILE L 114 -86.70 -82.34 15.20
N LEU L 115 -87.91 -82.89 15.25
CA LEU L 115 -88.24 -83.92 16.22
C LEU L 115 -88.94 -85.08 15.52
N ASP L 116 -88.89 -86.25 16.14
CA ASP L 116 -89.60 -87.43 15.67
C ASP L 116 -90.58 -87.87 16.76
N ASN L 117 -91.18 -89.04 16.54
CA ASN L 117 -92.21 -89.54 17.45
C ASN L 117 -91.68 -89.81 18.85
N GLN L 118 -90.37 -90.00 19.00
CA GLN L 118 -89.79 -90.32 20.30
C GLN L 118 -89.43 -89.08 21.12
N GLY L 119 -89.70 -87.89 20.61
CA GLY L 119 -89.30 -86.68 21.31
C GLY L 119 -87.81 -86.42 21.29
N ARG L 120 -87.10 -86.96 20.31
CA ARG L 120 -85.65 -86.87 20.23
C ARG L 120 -85.24 -86.16 18.95
N VAL L 121 -84.31 -85.21 19.07
CA VAL L 121 -83.91 -84.40 17.93
C VAL L 121 -82.92 -85.17 17.06
N VAL L 122 -83.11 -85.09 15.75
CA VAL L 122 -82.19 -85.72 14.80
C VAL L 122 -81.52 -84.73 13.87
N ALA L 123 -81.98 -83.48 13.80
CA ALA L 123 -81.41 -82.53 12.87
C ALA L 123 -81.81 -81.12 13.27
N ILE L 124 -81.11 -80.15 12.69
CA ILE L 124 -81.38 -78.73 12.91
C ILE L 124 -81.44 -78.05 11.54
N VAL L 125 -82.58 -77.43 11.24
CA VAL L 125 -82.78 -76.78 9.94
C VAL L 125 -82.17 -75.39 9.98
N LEU L 126 -81.62 -74.95 8.85
CA LEU L 126 -81.03 -73.62 8.72
C LEU L 126 -81.72 -72.77 7.66
N GLY L 127 -82.06 -73.34 6.52
CA GLY L 127 -82.73 -72.64 5.45
C GLY L 127 -83.39 -73.66 4.54
N GLY L 128 -84.05 -73.14 3.51
CA GLY L 128 -84.74 -74.02 2.58
C GLY L 128 -85.10 -73.32 1.30
N VAL L 129 -85.46 -74.13 0.30
CA VAL L 129 -85.88 -73.63 -1.01
C VAL L 129 -87.22 -74.25 -1.34
N ASN L 130 -88.07 -73.47 -2.03
CA ASN L 130 -89.45 -73.86 -2.29
C ASN L 130 -89.55 -74.44 -3.69
N GLU L 131 -89.54 -75.77 -3.78
CA GLU L 131 -89.81 -76.44 -5.05
C GLU L 131 -91.30 -76.36 -5.35
N GLY L 132 -91.66 -76.62 -6.61
CA GLY L 132 -93.04 -76.51 -7.03
C GLY L 132 -93.98 -77.40 -6.22
N SER L 133 -93.56 -78.63 -5.94
CA SER L 133 -94.41 -79.55 -5.20
C SER L 133 -94.34 -79.27 -3.69
N ARG L 134 -93.15 -79.38 -3.11
CA ARG L 134 -92.95 -79.18 -1.68
C ARG L 134 -91.73 -78.30 -1.48
N THR L 135 -91.30 -78.16 -0.23
CA THR L 135 -90.17 -77.32 0.13
C THR L 135 -89.10 -78.17 0.83
N ALA L 136 -87.91 -78.19 0.26
CA ALA L 136 -86.77 -78.87 0.86
C ALA L 136 -85.92 -77.86 1.62
N LEU L 137 -85.28 -78.33 2.69
CA LEU L 137 -84.60 -77.46 3.64
C LEU L 137 -83.13 -77.84 3.78
N SER L 138 -82.28 -76.81 3.83
CA SER L 138 -80.91 -77.00 4.27
C SER L 138 -80.92 -77.37 5.74
N VAL L 139 -80.18 -78.42 6.10
CA VAL L 139 -80.28 -78.98 7.44
C VAL L 139 -78.95 -79.60 7.83
N VAL L 140 -78.66 -79.55 9.13
CA VAL L 140 -77.48 -80.19 9.72
C VAL L 140 -77.99 -81.40 10.48
N MET L 141 -77.60 -82.59 10.05
CA MET L 141 -78.05 -83.84 10.64
C MET L 141 -76.83 -84.66 11.07
N TRP L 142 -77.09 -85.86 11.57
CA TRP L 142 -76.06 -86.69 12.16
C TRP L 142 -76.09 -88.08 11.53
N ASN L 143 -74.96 -88.77 11.61
CA ASN L 143 -74.84 -90.13 11.09
C ASN L 143 -74.26 -91.04 12.18
N GLU L 144 -74.08 -92.32 11.83
CA GLU L 144 -73.72 -93.32 12.83
C GLU L 144 -72.36 -93.04 13.46
N LYS L 145 -71.37 -92.70 12.64
CA LYS L 145 -70.06 -92.38 13.17
C LYS L 145 -70.00 -90.98 13.78
N GLY L 146 -70.99 -90.13 13.49
CA GLY L 146 -71.06 -88.83 14.11
C GLY L 146 -70.08 -87.82 13.55
N VAL L 147 -70.18 -87.54 12.25
CA VAL L 147 -69.30 -86.57 11.59
C VAL L 147 -70.09 -85.35 11.11
N THR L 148 -71.33 -85.20 11.57
CA THR L 148 -72.15 -84.02 11.31
C THR L 148 -72.29 -83.76 9.80
N VAL L 149 -72.96 -84.70 9.13
CA VAL L 149 -73.24 -84.54 7.71
C VAL L 149 -74.25 -83.43 7.52
N LYS L 150 -74.01 -82.59 6.51
CA LYS L 150 -74.86 -81.43 6.23
C LYS L 150 -75.35 -81.50 4.79
N TYR L 151 -76.63 -81.18 4.60
CA TYR L 151 -77.25 -81.18 3.28
C TYR L 151 -77.82 -79.80 3.00
N THR L 152 -77.58 -79.31 1.77
CA THR L 152 -78.17 -78.06 1.31
C THR L 152 -78.74 -78.32 -0.08
N PRO L 153 -80.02 -78.06 -0.32
CA PRO L 153 -80.56 -78.19 -1.68
C PRO L 153 -79.96 -77.14 -2.60
N GLU L 154 -79.92 -77.47 -3.89
CA GLU L 154 -79.35 -76.57 -4.88
C GLU L 154 -80.11 -75.24 -4.89
N ASN L 155 -79.36 -74.14 -4.85
CA ASN L 155 -79.90 -72.79 -4.81
C ASN L 155 -80.85 -72.63 -3.63
N CYS L 156 -80.27 -72.75 -2.43
CA CYS L 156 -81.01 -72.60 -1.19
C CYS L 156 -80.80 -71.20 -0.61
N GLU L 157 -81.85 -70.68 0.03
CA GLU L 157 -81.82 -69.36 0.63
C GLU L 157 -81.79 -69.47 2.15
N GLN L 158 -81.11 -68.53 2.80
CA GLN L 158 -81.01 -68.55 4.25
C GLN L 158 -82.31 -68.05 4.88
N TRP L 159 -82.52 -68.45 6.13
CA TRP L 159 -83.72 -68.07 6.87
C TRP L 159 -83.36 -67.30 8.13
N GLN M 1 -17.52 83.35 -47.65
CA GLN M 1 -16.53 83.77 -46.67
C GLN M 1 -16.62 85.28 -46.42
N VAL M 2 -15.86 85.75 -45.43
CA VAL M 2 -15.85 87.16 -45.09
C VAL M 2 -15.02 87.91 -46.11
N GLN M 3 -15.63 88.87 -46.80
CA GLN M 3 -14.97 89.69 -47.81
C GLN M 3 -14.59 91.04 -47.22
N LEU M 4 -13.33 91.43 -47.41
CA LEU M 4 -12.81 92.71 -46.96
C LEU M 4 -12.26 93.45 -48.17
N VAL M 5 -12.72 94.69 -48.37
CA VAL M 5 -12.41 95.47 -49.55
C VAL M 5 -11.89 96.84 -49.13
N GLN M 6 -10.77 97.25 -49.71
CA GLN M 6 -10.23 98.59 -49.53
C GLN M 6 -10.46 99.42 -50.79
N SER M 7 -10.19 100.72 -50.68
CA SER M 7 -10.33 101.62 -51.81
C SER M 7 -9.08 101.56 -52.67
N GLY M 8 -8.98 102.45 -53.65
CA GLY M 8 -7.83 102.51 -54.53
C GLY M 8 -6.70 103.34 -53.93
N ALA M 9 -5.62 103.44 -54.69
CA ALA M 9 -4.48 104.22 -54.27
C ALA M 9 -4.82 105.71 -54.25
N GLU M 10 -4.39 106.39 -53.19
CA GLU M 10 -4.64 107.82 -53.01
C GLU M 10 -3.32 108.55 -52.85
N VAL M 11 -3.15 109.64 -53.59
CA VAL M 11 -1.93 110.45 -53.55
C VAL M 11 -2.31 111.90 -53.32
N LYS M 12 -1.83 112.48 -52.23
CA LYS M 12 -2.04 113.89 -51.92
C LYS M 12 -0.74 114.49 -51.41
N LYS M 13 -0.63 115.81 -51.56
CA LYS M 13 0.53 116.53 -51.07
C LYS M 13 0.56 116.53 -49.54
N PRO M 14 1.73 116.68 -48.94
CA PRO M 14 1.80 116.75 -47.47
C PRO M 14 0.98 117.90 -46.92
N GLY M 15 0.34 117.65 -45.78
CA GLY M 15 -0.54 118.63 -45.17
C GLY M 15 -1.95 118.64 -45.68
N ALA M 16 -2.28 117.80 -46.65
CA ALA M 16 -3.62 117.73 -47.23
C ALA M 16 -4.49 116.79 -46.40
N SER M 17 -5.64 116.43 -46.95
CA SER M 17 -6.58 115.52 -46.29
C SER M 17 -6.69 114.24 -47.09
N VAL M 18 -6.64 113.10 -46.39
CA VAL M 18 -6.73 111.78 -47.01
C VAL M 18 -7.92 111.04 -46.41
N LYS M 19 -8.74 110.46 -47.28
CA LYS M 19 -9.88 109.65 -46.87
C LYS M 19 -9.81 108.30 -47.57
N VAL M 20 -9.91 107.23 -46.79
CA VAL M 20 -9.83 105.86 -47.31
C VAL M 20 -10.89 105.02 -46.61
N SER M 21 -11.54 104.15 -47.38
CA SER M 21 -12.67 103.36 -46.92
C SER M 21 -12.30 101.89 -46.79
N CYS M 22 -12.89 101.23 -45.79
CA CYS M 22 -12.70 99.79 -45.56
C CYS M 22 -14.07 99.17 -45.36
N LYS M 23 -14.46 98.27 -46.27
CA LYS M 23 -15.77 97.66 -46.26
C LYS M 23 -15.64 96.16 -45.97
N SER M 24 -16.51 95.65 -45.10
CA SER M 24 -16.46 94.26 -44.68
C SER M 24 -17.84 93.63 -44.78
N SER M 25 -17.86 92.34 -45.08
CA SER M 25 -19.13 91.61 -45.15
C SER M 25 -18.87 90.13 -44.90
N GLY M 26 -19.93 89.42 -44.56
CA GLY M 26 -19.88 87.98 -44.42
C GLY M 26 -19.69 87.44 -43.02
N TYR M 27 -19.73 88.29 -42.01
CA TYR M 27 -19.61 87.85 -40.63
C TYR M 27 -20.78 88.40 -39.82
N THR M 28 -21.07 87.75 -38.69
CA THR M 28 -22.12 88.22 -37.80
C THR M 28 -21.78 89.61 -37.29
N PHE M 29 -22.63 90.58 -37.62
CA PHE M 29 -22.34 91.99 -37.39
C PHE M 29 -22.51 92.42 -35.94
N THR M 30 -22.64 91.48 -35.00
CA THR M 30 -22.80 91.85 -33.60
C THR M 30 -21.62 92.67 -33.10
N ASN M 31 -20.43 92.04 -33.06
CA ASN M 31 -19.23 92.71 -32.61
C ASN M 31 -18.01 92.01 -33.21
N TYR M 32 -17.40 92.64 -34.21
CA TYR M 32 -16.14 92.17 -34.78
C TYR M 32 -15.29 93.40 -35.05
N ILE M 33 -14.38 93.69 -34.12
CA ILE M 33 -13.58 94.90 -34.22
C ILE M 33 -12.63 94.79 -35.41
N ILE M 34 -12.56 95.85 -36.21
CA ILE M 34 -11.72 95.92 -37.40
C ILE M 34 -10.49 96.76 -37.06
N HIS M 35 -9.31 96.18 -37.26
CA HIS M 35 -8.06 96.84 -36.96
C HIS M 35 -7.52 97.53 -38.20
N TRP M 36 -6.91 98.70 -38.01
CA TRP M 36 -6.23 99.42 -39.06
C TRP M 36 -4.76 99.53 -38.68
N VAL M 37 -3.88 99.18 -39.62
CA VAL M 37 -2.44 99.26 -39.39
C VAL M 37 -1.78 99.93 -40.59
N ARG M 38 -0.60 100.49 -40.34
CA ARG M 38 0.20 101.17 -41.36
C ARG M 38 1.54 100.46 -41.50
N GLN M 39 2.04 100.42 -42.73
CA GLN M 39 3.29 99.73 -43.06
C GLN M 39 4.14 100.64 -43.94
N ALA M 40 5.27 101.08 -43.42
CA ALA M 40 6.23 101.82 -44.23
C ALA M 40 7.00 100.84 -45.12
N PRO M 41 7.49 101.31 -46.26
CA PRO M 41 8.23 100.41 -47.17
C PRO M 41 9.49 99.87 -46.50
N GLY M 42 9.55 98.54 -46.37
CA GLY M 42 10.69 97.89 -45.75
C GLY M 42 10.88 98.25 -44.29
N GLN M 43 9.78 98.32 -43.52
CA GLN M 43 9.84 98.66 -42.11
C GLN M 43 8.91 97.74 -41.34
N ARG M 44 8.83 97.97 -40.03
CA ARG M 44 7.93 97.21 -39.17
C ARG M 44 6.48 97.66 -39.38
N LEU M 45 5.56 96.76 -39.03
CA LEU M 45 4.14 97.10 -39.02
C LEU M 45 3.83 97.91 -37.76
N GLU M 46 3.22 99.08 -37.96
CA GLU M 46 2.82 99.94 -36.86
C GLU M 46 1.30 99.97 -36.78
N TRP M 47 0.78 99.77 -35.58
CA TRP M 47 -0.65 99.59 -35.35
C TRP M 47 -1.33 100.95 -35.27
N MET M 48 -2.15 101.29 -36.27
CA MET M 48 -2.84 102.57 -36.26
C MET M 48 -3.94 102.60 -35.20
N GLY M 49 -4.75 101.56 -35.13
CA GLY M 49 -5.81 101.51 -34.13
C GLY M 49 -6.84 100.44 -34.47
N TRP M 50 -8.01 100.56 -33.83
CA TRP M 50 -9.11 99.65 -34.10
C TRP M 50 -10.42 100.40 -34.00
N ILE M 51 -11.44 99.86 -34.67
CA ILE M 51 -12.77 100.43 -34.72
C ILE M 51 -13.78 99.32 -34.47
N ASN M 52 -14.95 99.68 -33.94
CA ASN M 52 -16.03 98.73 -33.77
C ASN M 52 -16.86 98.61 -35.04
N ALA M 53 -17.22 97.36 -35.38
CA ALA M 53 -18.09 97.15 -36.53
C ALA M 53 -19.49 97.72 -36.29
N GLY M 54 -20.04 97.48 -35.10
CA GLY M 54 -21.38 97.96 -34.80
C GLY M 54 -21.50 98.82 -33.55
N ASN M 55 -20.57 98.66 -32.61
CA ASN M 55 -20.69 99.34 -31.32
C ASN M 55 -20.55 100.84 -31.48
N GLY M 56 -19.38 101.30 -31.91
CA GLY M 56 -19.17 102.73 -32.12
C GLY M 56 -18.00 103.32 -31.35
N ASN M 57 -17.82 102.91 -30.11
CA ASN M 57 -16.72 103.45 -29.31
C ASN M 57 -15.38 103.05 -29.92
N THR M 58 -14.42 103.98 -29.89
CA THR M 58 -13.18 103.82 -30.62
C THR M 58 -11.99 104.14 -29.71
N LYS M 59 -10.89 103.44 -29.95
CA LYS M 59 -9.62 103.69 -29.27
C LYS M 59 -8.55 103.97 -30.31
N TYR M 60 -7.71 104.97 -30.03
CA TYR M 60 -6.65 105.38 -30.93
C TYR M 60 -5.29 105.12 -30.30
N SER M 61 -4.29 104.88 -31.15
CA SER M 61 -2.95 104.56 -30.67
C SER M 61 -2.38 105.71 -29.85
N GLN M 62 -1.63 105.35 -28.81
CA GLN M 62 -1.08 106.35 -27.90
C GLN M 62 -0.03 107.24 -28.56
N LYS M 63 0.59 106.78 -29.64
CA LYS M 63 1.63 107.54 -30.32
C LYS M 63 1.07 108.57 -31.31
N PHE M 64 -0.11 108.32 -31.87
CA PHE M 64 -0.71 109.19 -32.87
C PHE M 64 -2.02 109.75 -32.35
N GLN M 65 -2.10 111.07 -32.26
CA GLN M 65 -3.27 111.75 -31.72
C GLN M 65 -3.64 112.93 -32.60
N GLY M 66 -4.88 113.38 -32.47
CA GLY M 66 -5.36 114.55 -33.17
C GLY M 66 -5.72 114.30 -34.61
N ARG M 67 -4.69 114.03 -35.44
CA ARG M 67 -4.94 113.79 -36.86
C ARG M 67 -5.73 112.50 -37.10
N ILE M 68 -5.68 111.55 -36.18
CA ILE M 68 -6.42 110.30 -36.34
C ILE M 68 -7.88 110.52 -35.96
N SER M 69 -8.79 110.12 -36.84
CA SER M 69 -10.22 110.18 -36.57
C SER M 69 -10.91 109.21 -37.50
N VAL M 70 -11.37 108.09 -36.97
CA VAL M 70 -12.07 107.07 -37.75
C VAL M 70 -13.51 106.99 -37.27
N THR M 71 -14.44 107.22 -38.20
CA THR M 71 -15.86 107.11 -37.92
C THR M 71 -16.48 106.20 -38.98
N ARG M 72 -17.17 105.15 -38.53
CA ARG M 72 -17.75 104.17 -39.42
C ARG M 72 -19.25 104.42 -39.55
N ASP M 73 -19.83 103.91 -40.62
CA ASP M 73 -21.27 103.95 -40.85
C ASP M 73 -21.76 102.51 -40.81
N THR M 74 -22.52 102.16 -39.76
CA THR M 74 -23.00 100.80 -39.61
C THR M 74 -23.95 100.42 -40.75
N SER M 75 -24.83 101.36 -41.14
CA SER M 75 -25.74 101.10 -42.26
C SER M 75 -24.96 100.87 -43.55
N ALA M 76 -23.93 101.68 -43.80
CA ALA M 76 -23.10 101.51 -44.99
C ALA M 76 -22.18 100.30 -44.90
N SER M 77 -22.05 99.70 -43.72
CA SER M 77 -21.18 98.53 -43.52
C SER M 77 -19.75 98.81 -43.95
N ALA M 78 -19.25 100.00 -43.62
CA ALA M 78 -17.90 100.38 -43.98
C ALA M 78 -17.34 101.29 -42.90
N ALA M 79 -16.01 101.37 -42.85
CA ALA M 79 -15.29 102.20 -41.89
C ALA M 79 -14.51 103.26 -42.64
N TYR M 80 -14.69 104.52 -42.22
CA TYR M 80 -14.01 105.65 -42.85
C TYR M 80 -13.10 106.32 -41.82
N MET M 81 -11.85 106.58 -42.22
CA MET M 81 -10.88 107.21 -41.35
C MET M 81 -10.30 108.42 -42.05
N GLU M 82 -10.20 109.53 -41.33
CA GLU M 82 -9.70 110.78 -41.87
C GLU M 82 -8.43 111.18 -41.12
N LEU M 83 -7.36 111.45 -41.87
CA LEU M 83 -6.09 111.90 -41.30
C LEU M 83 -5.73 113.23 -41.94
N SER M 84 -5.46 114.23 -41.11
CA SER M 84 -5.09 115.56 -41.57
C SER M 84 -3.62 115.82 -41.28
N SER M 85 -3.10 116.87 -41.92
CA SER M 85 -1.71 117.28 -41.78
C SER M 85 -0.76 116.14 -42.15
N LEU M 86 -0.82 115.73 -43.41
CA LEU M 86 0.01 114.65 -43.90
C LEU M 86 1.49 115.03 -43.82
N LYS M 87 2.30 114.09 -43.34
CA LYS M 87 3.74 114.27 -43.24
C LYS M 87 4.45 113.42 -44.30
N SER M 88 5.75 113.67 -44.43
CA SER M 88 6.56 112.91 -45.39
C SER M 88 6.62 111.44 -45.00
N GLU M 89 6.75 111.14 -43.71
CA GLU M 89 6.84 109.75 -43.26
C GLU M 89 5.50 109.01 -43.39
N ASP M 90 4.41 109.73 -43.65
CA ASP M 90 3.10 109.10 -43.77
C ASP M 90 2.95 108.32 -45.07
N THR M 91 3.87 108.47 -46.02
CA THR M 91 3.87 107.70 -47.25
C THR M 91 4.02 106.21 -46.92
N ALA M 92 2.95 105.44 -47.13
CA ALA M 92 2.94 104.06 -46.67
C ALA M 92 1.73 103.26 -47.17
N LEU M 93 1.64 102.00 -46.76
CA LEU M 93 0.51 101.14 -47.07
C LEU M 93 -0.42 101.04 -45.86
N TYR M 94 -1.71 100.95 -46.13
CA TYR M 94 -2.73 100.82 -45.11
C TYR M 94 -3.39 99.46 -45.22
N TYR M 95 -3.57 98.79 -44.08
CA TYR M 95 -4.13 97.45 -44.05
C TYR M 95 -5.25 97.37 -43.02
N CYS M 96 -6.25 96.56 -43.33
CA CYS M 96 -7.38 96.26 -42.46
C CYS M 96 -7.26 94.84 -41.94
N ALA M 97 -7.88 94.58 -40.79
CA ALA M 97 -7.77 93.28 -40.14
C ALA M 97 -9.09 92.90 -39.49
N THR M 98 -9.51 91.65 -39.69
CA THR M 98 -10.77 91.12 -39.17
C THR M 98 -10.58 89.65 -38.87
N LEU M 99 -11.69 88.91 -38.69
CA LEU M 99 -11.65 87.56 -38.15
C LEU M 99 -12.41 86.59 -39.05
N GLN M 100 -11.77 85.45 -39.36
CA GLN M 100 -12.46 84.31 -39.96
C GLN M 100 -12.06 82.97 -39.34
N MET M 101 -11.00 82.90 -38.54
CA MET M 101 -10.51 81.62 -38.05
C MET M 101 -11.57 80.93 -37.20
N ASP M 102 -11.73 79.63 -37.41
CA ASP M 102 -12.91 78.88 -36.96
C ASP M 102 -12.67 78.12 -35.66
N TYR M 103 -11.83 78.63 -34.77
CA TYR M 103 -11.68 78.05 -33.43
C TYR M 103 -11.96 79.08 -32.34
N GLY M 104 -12.69 80.15 -32.65
CA GLY M 104 -13.16 81.08 -31.66
C GLY M 104 -12.07 82.01 -31.15
N GLY M 105 -12.52 83.10 -30.52
CA GLY M 105 -11.62 84.04 -29.89
C GLY M 105 -11.21 85.20 -30.77
N ASN M 106 -11.44 86.42 -30.29
CA ASN M 106 -10.98 87.60 -30.99
C ASN M 106 -9.53 87.89 -30.60
N GLY M 107 -9.01 89.05 -30.97
CA GLY M 107 -7.58 89.27 -30.86
C GLY M 107 -6.78 88.49 -31.87
N ASP M 108 -7.45 87.84 -32.82
CA ASP M 108 -6.83 87.03 -33.88
C ASP M 108 -7.23 87.67 -35.20
N LEU M 109 -6.45 88.65 -35.63
CA LEU M 109 -6.72 89.38 -36.87
C LEU M 109 -6.44 88.44 -38.04
N ASP M 110 -7.49 87.86 -38.61
CA ASP M 110 -7.33 86.78 -39.58
C ASP M 110 -7.04 87.31 -40.99
N TYR M 111 -7.98 88.06 -41.55
CA TYR M 111 -7.89 88.50 -42.93
C TYR M 111 -7.31 89.91 -43.02
N TRP M 112 -6.76 90.23 -44.18
CA TRP M 112 -6.25 91.55 -44.47
C TRP M 112 -6.66 91.94 -45.89
N GLY M 113 -7.06 93.19 -46.06
CA GLY M 113 -7.43 93.67 -47.37
C GLY M 113 -6.22 93.86 -48.26
N GLN M 114 -6.49 94.33 -49.48
CA GLN M 114 -5.39 94.61 -50.41
C GLN M 114 -4.53 95.78 -49.96
N GLY M 115 -5.03 96.61 -49.04
CA GLY M 115 -4.30 97.76 -48.57
C GLY M 115 -4.40 98.92 -49.54
N THR M 116 -4.08 100.11 -49.04
CA THR M 116 -4.11 101.32 -49.86
C THR M 116 -2.79 102.06 -49.71
N LEU M 117 -2.20 102.44 -50.83
CA LEU M 117 -0.86 103.01 -50.86
C LEU M 117 -0.94 104.52 -51.04
N VAL M 118 -0.26 105.26 -50.16
CA VAL M 118 -0.26 106.73 -50.19
C VAL M 118 1.18 107.21 -50.35
N THR M 119 1.41 108.06 -51.35
CA THR M 119 2.72 108.64 -51.63
C THR M 119 2.55 110.11 -52.00
N VAL M 120 3.66 110.77 -52.29
CA VAL M 120 3.68 112.13 -52.82
C VAL M 120 4.63 112.15 -54.01
N SER M 121 4.13 112.64 -55.15
CA SER M 121 4.96 112.64 -56.36
C SER M 121 4.42 113.66 -57.35
N SER M 122 5.33 114.16 -58.19
CA SER M 122 4.98 115.02 -59.31
C SER M 122 4.79 114.16 -60.55
N ALA M 123 4.72 114.80 -61.73
CA ALA M 123 4.59 114.09 -62.99
C ALA M 123 5.65 114.57 -63.97
N SER M 124 6.28 113.62 -64.66
CA SER M 124 7.31 113.93 -65.64
C SER M 124 7.49 112.72 -66.55
N THR M 125 8.16 112.96 -67.69
CA THR M 125 8.42 111.93 -68.67
C THR M 125 9.57 112.38 -69.55
N LYS M 126 9.94 111.53 -70.51
CA LYS M 126 11.01 111.82 -71.44
C LYS M 126 10.59 111.42 -72.85
N GLY M 127 11.41 111.80 -73.83
CA GLY M 127 11.11 111.55 -75.22
C GLY M 127 11.91 110.41 -75.82
N PRO M 128 12.92 110.76 -76.61
CA PRO M 128 13.70 109.73 -77.31
C PRO M 128 14.41 108.80 -76.33
N SER M 129 14.53 107.53 -76.72
CA SER M 129 15.16 106.54 -75.86
C SER M 129 16.67 106.54 -76.01
N VAL M 130 17.17 106.37 -77.24
CA VAL M 130 18.59 106.28 -77.50
C VAL M 130 18.84 106.57 -78.97
N PHE M 131 20.06 106.98 -79.30
CA PHE M 131 20.47 107.19 -80.68
C PHE M 131 21.87 106.64 -80.91
N PRO M 132 22.18 105.45 -80.40
CA PRO M 132 23.53 104.90 -80.61
C PRO M 132 23.63 104.00 -81.83
N LEU M 133 24.83 103.55 -82.15
CA LEU M 133 25.02 102.57 -83.21
C LEU M 133 24.62 101.18 -82.72
N ALA M 134 24.48 100.27 -83.67
CA ALA M 134 24.06 98.91 -83.34
C ALA M 134 25.18 98.18 -82.61
N PRO M 135 24.96 97.69 -81.40
CA PRO M 135 26.01 96.94 -80.70
C PRO M 135 26.29 95.61 -81.37
N SER M 136 27.54 95.16 -81.24
CA SER M 136 27.93 93.87 -81.80
C SER M 136 27.19 92.72 -81.13
N SER M 137 27.06 92.78 -79.80
CA SER M 137 26.37 91.73 -79.06
C SER M 137 24.86 91.81 -79.33
N LYS M 138 24.20 90.65 -79.15
CA LYS M 138 22.75 90.55 -79.37
C LYS M 138 22.00 91.05 -78.13
N SER M 139 22.16 92.33 -77.85
CA SER M 139 21.50 92.96 -76.71
C SER M 139 21.29 94.43 -77.02
N THR M 140 20.33 95.04 -76.31
CA THR M 140 20.01 96.45 -76.48
C THR M 140 20.43 97.19 -75.22
N SER M 141 21.52 97.95 -75.32
CA SER M 141 21.98 98.74 -74.19
C SER M 141 20.97 99.82 -73.81
N GLY M 142 20.37 100.47 -74.81
CA GLY M 142 19.38 101.51 -74.59
C GLY M 142 18.01 101.05 -75.08
N GLY M 143 17.00 101.25 -74.22
CA GLY M 143 15.64 100.89 -74.54
C GLY M 143 14.69 102.03 -74.23
N THR M 144 13.42 101.80 -74.57
CA THR M 144 12.38 102.78 -74.31
C THR M 144 12.26 103.05 -72.81
N ALA M 145 12.60 104.27 -72.40
CA ALA M 145 12.59 104.61 -70.98
C ALA M 145 12.43 106.11 -70.84
N ALA M 146 12.06 106.53 -69.64
CA ALA M 146 11.90 107.95 -69.29
C ALA M 146 12.96 108.33 -68.28
N LEU M 147 13.69 109.40 -68.56
CA LEU M 147 14.76 109.88 -67.69
C LEU M 147 14.26 111.05 -66.87
N GLY M 148 14.54 111.00 -65.56
CA GLY M 148 14.08 112.05 -64.66
C GLY M 148 12.57 112.17 -64.58
N CYS M 149 11.89 111.03 -64.52
CA CYS M 149 10.43 111.00 -64.50
C CYS M 149 9.96 111.02 -63.05
N LEU M 150 9.48 112.18 -62.59
CA LEU M 150 8.93 112.30 -61.25
C LEU M 150 7.61 111.58 -61.09
N VAL M 151 7.02 111.10 -62.19
CA VAL M 151 5.74 110.42 -62.12
C VAL M 151 5.89 109.12 -61.34
N LYS M 152 4.96 108.89 -60.41
CA LYS M 152 4.94 107.66 -59.63
C LYS M 152 4.25 106.55 -60.42
N ASP M 153 4.77 105.33 -60.27
CA ASP M 153 4.25 104.16 -60.96
C ASP M 153 4.23 104.34 -62.48
N TYR M 154 5.25 105.03 -63.01
CA TYR M 154 5.36 105.20 -64.45
C TYR M 154 5.69 103.87 -65.11
N PHE M 155 5.12 103.67 -66.30
CA PHE M 155 5.27 102.41 -67.04
C PHE M 155 5.78 102.73 -68.44
N PRO M 156 7.07 103.04 -68.58
CA PRO M 156 7.64 103.29 -69.91
C PRO M 156 8.02 101.98 -70.59
N GLU M 157 7.35 101.68 -71.70
CA GLU M 157 7.59 100.44 -72.43
C GLU M 157 7.13 100.64 -73.87
N PRO M 158 7.63 99.82 -74.80
CA PRO M 158 7.20 99.97 -76.20
C PRO M 158 5.69 99.75 -76.34
N VAL M 159 5.09 100.53 -77.23
CA VAL M 159 3.64 100.42 -77.46
C VAL M 159 3.30 99.06 -78.05
N THR M 160 4.08 98.60 -79.03
CA THR M 160 3.85 97.30 -79.65
C THR M 160 4.33 96.17 -78.74
N VAL M 161 3.89 94.96 -79.06
CA VAL M 161 4.30 93.79 -78.30
C VAL M 161 5.79 93.52 -78.42
N SER M 162 6.42 93.98 -79.50
CA SER M 162 7.85 93.78 -79.69
C SER M 162 8.65 94.52 -78.62
N TRP M 163 9.82 93.96 -78.30
CA TRP M 163 10.79 94.46 -77.32
C TRP M 163 10.28 94.36 -75.88
N ASN M 164 9.05 93.88 -75.67
CA ASN M 164 8.57 93.71 -74.30
C ASN M 164 9.21 92.51 -73.63
N SER M 165 9.36 91.41 -74.36
CA SER M 165 9.99 90.22 -73.80
C SER M 165 11.48 90.45 -73.61
N GLY M 166 12.02 89.86 -72.55
CA GLY M 166 13.44 90.01 -72.25
C GLY M 166 13.82 91.36 -71.69
N ALA M 167 12.85 92.13 -71.19
CA ALA M 167 13.09 93.45 -70.63
C ALA M 167 12.89 93.41 -69.12
N LEU M 168 13.87 93.91 -68.38
CA LEU M 168 13.81 93.98 -66.92
C LEU M 168 13.37 95.38 -66.51
N THR M 169 12.30 95.45 -65.74
CA THR M 169 11.78 96.74 -65.30
C THR M 169 12.78 97.42 -64.36
N SER M 170 13.06 98.69 -64.62
CA SER M 170 14.02 99.43 -63.82
C SER M 170 13.34 100.06 -62.61
N GLY M 171 14.02 99.99 -61.47
CA GLY M 171 13.49 100.62 -60.27
C GLY M 171 13.49 102.14 -60.38
N VAL M 172 12.53 102.75 -59.70
CA VAL M 172 12.35 104.21 -59.73
C VAL M 172 13.22 104.78 -58.63
N HIS M 173 14.49 105.01 -58.94
CA HIS M 173 15.41 105.63 -58.00
C HIS M 173 15.04 107.11 -57.83
N THR M 174 14.80 107.52 -56.59
CA THR M 174 14.27 108.85 -56.29
C THR M 174 15.20 109.59 -55.33
N PHE M 175 16.50 109.55 -55.65
CA PHE M 175 17.46 110.33 -54.87
C PHE M 175 17.17 111.83 -54.88
N PRO M 176 16.87 112.48 -55.99
CA PRO M 176 16.46 113.89 -55.95
C PRO M 176 14.98 114.01 -55.59
N ALA M 177 14.48 115.24 -55.64
CA ALA M 177 13.07 115.47 -55.37
C ALA M 177 12.18 114.76 -56.39
N VAL M 178 12.58 114.79 -57.67
CA VAL M 178 11.84 114.06 -58.69
C VAL M 178 12.02 112.57 -58.49
N LEU M 179 10.94 111.82 -58.67
CA LEU M 179 10.98 110.36 -58.51
C LEU M 179 11.92 109.69 -59.49
N GLN M 180 12.18 110.29 -60.64
CA GLN M 180 13.13 109.77 -61.63
C GLN M 180 12.84 108.31 -61.97
N SER M 181 11.60 108.04 -62.35
CA SER M 181 11.18 106.69 -62.72
C SER M 181 11.81 106.34 -64.06
N SER M 182 12.87 105.53 -64.02
CA SER M 182 13.59 105.18 -65.24
C SER M 182 12.69 104.36 -66.18
N GLY M 183 12.10 103.29 -65.67
CA GLY M 183 11.24 102.45 -66.49
C GLY M 183 11.93 101.86 -67.70
N LEU M 184 13.17 101.37 -67.53
CA LEU M 184 13.92 100.85 -68.66
C LEU M 184 13.31 99.54 -69.16
N TYR M 185 13.14 99.44 -70.47
CA TYR M 185 12.63 98.24 -71.13
C TYR M 185 13.58 97.91 -72.29
N SER M 186 14.65 97.17 -71.98
CA SER M 186 15.64 96.83 -72.97
C SER M 186 15.12 95.75 -73.91
N LEU M 187 15.30 95.95 -75.21
CA LEU M 187 14.88 94.95 -76.18
C LEU M 187 15.72 93.68 -76.09
N SER M 188 16.97 93.80 -75.62
CA SER M 188 17.87 92.66 -75.44
C SER M 188 18.10 91.90 -76.75
N SER M 189 18.15 92.62 -77.87
CA SER M 189 18.40 92.01 -79.17
C SER M 189 19.03 93.05 -80.08
N VAL M 190 20.05 92.60 -80.84
CA VAL M 190 20.72 93.51 -81.77
C VAL M 190 19.76 93.95 -82.88
N VAL M 191 19.00 93.00 -83.43
CA VAL M 191 18.06 93.34 -84.50
C VAL M 191 16.95 94.24 -83.98
N THR M 192 16.42 93.92 -82.80
CA THR M 192 15.34 94.73 -82.23
C THR M 192 15.82 96.13 -81.87
N VAL M 193 17.07 96.27 -81.42
CA VAL M 193 17.61 97.59 -81.13
C VAL M 193 17.66 98.47 -82.37
N PRO M 194 18.09 97.99 -83.54
CA PRO M 194 18.10 98.86 -84.72
C PRO M 194 16.73 99.39 -85.11
N SER M 195 15.68 98.59 -84.92
CA SER M 195 14.30 99.00 -85.25
C SER M 195 13.44 98.68 -84.03
N SER M 196 13.25 99.68 -83.17
CA SER M 196 12.50 99.54 -81.93
C SER M 196 11.21 100.34 -82.00
N SER M 197 10.13 99.74 -81.52
CA SER M 197 8.83 100.42 -81.51
C SER M 197 8.85 101.58 -80.52
N LEU M 198 7.98 102.55 -80.77
CA LEU M 198 7.89 103.72 -79.90
C LEU M 198 7.45 103.33 -78.50
N GLY M 199 8.05 103.97 -77.50
CA GLY M 199 7.77 103.64 -76.11
C GLY M 199 6.77 104.57 -75.46
N THR M 200 5.61 104.03 -75.08
CA THR M 200 4.59 104.83 -74.42
C THR M 200 5.02 105.20 -73.00
N GLN M 201 4.55 106.36 -72.54
CA GLN M 201 4.85 106.86 -71.20
C GLN M 201 3.52 107.31 -70.57
N THR M 202 2.94 106.43 -69.75
CA THR M 202 1.66 106.74 -69.12
C THR M 202 1.80 107.87 -68.11
N TYR M 203 2.78 107.76 -67.21
CA TYR M 203 3.04 108.72 -66.14
C TYR M 203 1.91 108.73 -65.11
N ILE M 204 2.15 109.42 -63.99
CA ILE M 204 1.16 109.45 -62.91
C ILE M 204 -0.07 110.24 -63.32
N CYS M 205 0.11 111.31 -64.09
CA CYS M 205 -1.01 112.17 -64.46
C CYS M 205 -2.06 111.41 -65.25
N ASN M 206 -1.64 110.58 -66.20
CA ASN M 206 -2.55 109.78 -67.02
C ASN M 206 -2.32 108.31 -66.70
N VAL M 207 -3.31 107.69 -66.05
CA VAL M 207 -3.19 106.28 -65.69
C VAL M 207 -3.09 105.42 -66.95
N ASN M 208 -3.90 105.71 -67.96
CA ASN M 208 -3.84 104.97 -69.21
C ASN M 208 -2.52 105.22 -69.92
N HIS M 209 -2.05 104.22 -70.67
CA HIS M 209 -0.79 104.33 -71.37
C HIS M 209 -0.90 105.24 -72.58
N LYS M 210 -0.60 106.52 -72.41
CA LYS M 210 -0.61 107.46 -73.53
C LYS M 210 0.54 107.16 -74.47
N PRO M 211 0.30 107.17 -75.79
CA PRO M 211 1.37 106.87 -76.74
C PRO M 211 2.49 107.91 -76.67
N SER M 212 3.72 107.43 -76.83
CA SER M 212 4.89 108.29 -76.83
C SER M 212 5.96 107.65 -77.71
N ASN M 213 6.90 108.48 -78.16
CA ASN M 213 7.96 108.05 -79.07
C ASN M 213 9.23 107.79 -78.28
N THR M 214 9.69 106.54 -78.30
CA THR M 214 10.94 106.17 -77.63
C THR M 214 11.48 104.92 -78.32
N LYS M 215 12.53 105.10 -79.13
CA LYS M 215 13.12 104.01 -79.90
C LYS M 215 14.62 103.97 -79.66
N VAL M 216 15.17 102.75 -79.70
CA VAL M 216 16.61 102.57 -79.53
C VAL M 216 17.37 103.17 -80.71
N ASP M 217 16.84 103.00 -81.92
CA ASP M 217 17.44 103.56 -83.14
C ASP M 217 18.90 103.14 -83.29
N LYS M 218 19.18 101.88 -83.01
CA LYS M 218 20.54 101.36 -83.13
C LYS M 218 20.87 100.98 -84.56
N TYR N 1 6.31 101.47 -25.74
CA TYR N 1 6.63 100.06 -25.51
C TYR N 1 6.60 99.27 -26.81
N GLU N 2 7.74 98.70 -27.18
CA GLU N 2 7.87 97.95 -28.42
C GLU N 2 8.58 96.64 -28.14
N LEU N 3 8.07 95.55 -28.72
CA LEU N 3 8.69 94.25 -28.57
C LEU N 3 9.98 94.19 -29.37
N THR N 4 10.98 93.48 -28.84
CA THR N 4 12.26 93.31 -29.50
C THR N 4 12.34 91.95 -30.17
N GLN N 5 13.05 91.91 -31.29
CA GLN N 5 13.15 90.70 -32.11
C GLN N 5 14.28 90.87 -33.12
N PRO N 6 15.03 89.81 -33.42
CA PRO N 6 16.10 89.93 -34.41
C PRO N 6 15.55 90.36 -35.76
N PRO N 7 16.31 91.16 -36.51
CA PRO N 7 15.77 91.73 -37.75
C PRO N 7 15.80 90.78 -38.93
N SER N 8 16.75 89.84 -38.93
CA SER N 8 16.85 88.89 -40.03
C SER N 8 17.63 87.66 -39.58
N VAL N 9 17.33 86.53 -40.21
CA VAL N 9 18.04 85.28 -39.98
C VAL N 9 18.37 84.66 -41.34
N SER N 10 19.38 83.79 -41.35
CA SER N 10 19.81 83.10 -42.56
C SER N 10 20.14 81.66 -42.18
N VAL N 11 19.26 80.74 -42.56
CA VAL N 11 19.41 79.32 -42.25
C VAL N 11 19.25 78.53 -43.54
N SER N 12 20.17 77.60 -43.77
CA SER N 12 20.10 76.76 -44.96
C SER N 12 18.88 75.86 -44.91
N PRO N 13 18.32 75.50 -46.07
CA PRO N 13 17.16 74.61 -46.08
C PRO N 13 17.48 73.26 -45.42
N GLY N 14 16.49 72.71 -44.74
CA GLY N 14 16.66 71.46 -44.02
C GLY N 14 17.07 71.61 -42.57
N GLN N 15 17.29 72.84 -42.10
CA GLN N 15 17.68 73.10 -40.72
C GLN N 15 16.65 73.98 -40.06
N THR N 16 16.41 73.73 -38.76
CA THR N 16 15.39 74.47 -38.03
C THR N 16 15.75 75.94 -37.91
N ALA N 17 14.76 76.80 -38.08
CA ALA N 17 14.91 78.24 -37.94
C ALA N 17 14.20 78.70 -36.68
N ARG N 18 14.90 79.48 -35.86
CA ARG N 18 14.40 79.94 -34.58
C ARG N 18 14.31 81.46 -34.58
N ILE N 19 13.13 81.98 -34.22
CA ILE N 19 12.90 83.42 -34.10
C ILE N 19 12.39 83.71 -32.71
N THR N 20 12.95 84.76 -32.08
CA THR N 20 12.68 85.09 -30.70
C THR N 20 12.00 86.45 -30.61
N CYS N 21 10.90 86.53 -29.85
CA CYS N 21 10.22 87.78 -29.56
C CYS N 21 10.17 87.93 -28.05
N SER N 22 10.59 89.10 -27.55
CA SER N 22 10.73 89.31 -26.12
C SER N 22 10.02 90.59 -25.70
N GLY N 23 9.52 90.58 -24.46
CA GLY N 23 8.86 91.74 -23.87
C GLY N 23 8.67 91.58 -22.38
N ASP N 24 8.68 92.68 -21.63
CA ASP N 24 8.59 92.59 -20.18
C ASP N 24 7.21 92.08 -19.74
N ALA N 25 6.14 92.54 -20.39
CA ALA N 25 4.78 92.12 -20.06
C ALA N 25 4.30 90.96 -20.92
N LEU N 26 5.21 90.12 -21.38
CA LEU N 26 4.91 89.03 -22.30
C LEU N 26 4.29 87.80 -21.63
N PRO N 27 4.79 87.33 -20.48
CA PRO N 27 4.26 86.08 -19.91
C PRO N 27 2.78 86.12 -19.57
N LYS N 28 2.17 87.30 -19.47
CA LYS N 28 0.74 87.42 -19.20
C LYS N 28 -0.08 87.61 -20.46
N GLN N 29 0.53 87.54 -21.64
CA GLN N 29 -0.15 87.81 -22.90
C GLN N 29 0.11 86.70 -23.90
N TYR N 30 -0.78 86.59 -24.87
CA TYR N 30 -0.60 85.69 -26.00
C TYR N 30 0.05 86.42 -27.17
N VAL N 31 0.95 85.73 -27.87
CA VAL N 31 1.56 86.24 -29.07
C VAL N 31 0.89 85.59 -30.28
N TYR N 32 0.87 86.32 -31.39
CA TYR N 32 0.39 85.80 -32.66
C TYR N 32 1.50 85.96 -33.68
N TRP N 33 1.92 84.86 -34.28
CA TRP N 33 3.02 84.86 -35.24
C TRP N 33 2.46 84.99 -36.64
N TYR N 34 2.88 86.06 -37.32
CA TYR N 34 2.36 86.46 -38.62
C TYR N 34 3.43 86.26 -39.68
N GLN N 35 3.05 85.63 -40.79
CA GLN N 35 3.93 85.41 -41.93
C GLN N 35 3.50 86.34 -43.07
N GLN N 36 4.47 87.06 -43.65
CA GLN N 36 4.21 87.98 -44.74
C GLN N 36 5.17 87.69 -45.88
N LYS N 37 4.64 87.23 -47.00
CA LYS N 37 5.44 87.13 -48.21
C LYS N 37 5.69 88.53 -48.77
N PRO N 38 6.80 88.74 -49.47
CA PRO N 38 7.08 90.07 -50.03
C PRO N 38 6.01 90.45 -51.05
N GLY N 39 5.52 91.68 -50.94
CA GLY N 39 4.44 92.14 -51.78
C GLY N 39 3.13 91.41 -51.53
N GLN N 40 2.83 91.10 -50.27
CA GLN N 40 1.61 90.39 -49.93
C GLN N 40 1.25 90.71 -48.48
N ALA N 41 -0.05 90.68 -48.19
CA ALA N 41 -0.53 90.97 -46.85
C ALA N 41 -0.09 89.87 -45.87
N PRO N 42 0.15 90.21 -44.62
CA PRO N 42 0.57 89.20 -43.63
C PRO N 42 -0.51 88.15 -43.42
N VAL N 43 -0.06 86.94 -43.07
CA VAL N 43 -0.94 85.81 -42.82
C VAL N 43 -0.52 85.15 -41.52
N LEU N 44 -1.50 84.83 -40.66
CA LEU N 44 -1.22 84.11 -39.42
C LEU N 44 -0.54 82.78 -39.71
N VAL N 45 0.49 82.48 -38.92
CA VAL N 45 1.12 81.16 -38.99
C VAL N 45 0.97 80.50 -37.63
N ILE N 46 0.91 81.29 -36.56
CA ILE N 46 0.75 80.75 -35.20
C ILE N 46 -0.22 81.63 -34.42
N TYR N 47 -1.13 81.00 -33.68
CA TYR N 47 -2.00 81.71 -32.75
C TYR N 47 -2.06 80.94 -31.44
N LYS N 48 -2.33 81.66 -30.36
CA LYS N 48 -2.39 81.11 -29.00
C LYS N 48 -1.07 80.47 -28.56
N ASP N 49 0.03 80.86 -29.22
CA ASP N 49 1.39 80.52 -28.81
C ASP N 49 1.75 79.06 -29.01
N SER N 50 0.78 78.21 -29.38
CA SER N 50 1.06 76.78 -29.41
C SER N 50 0.60 76.08 -30.69
N GLU N 51 -0.43 76.60 -31.35
CA GLU N 51 -1.02 75.92 -32.49
C GLU N 51 -1.20 76.88 -33.65
N ARG N 52 -1.37 76.30 -34.84
CA ARG N 52 -1.50 76.97 -36.13
C ARG N 52 -2.92 76.90 -36.64
N PRO N 53 -3.35 77.89 -37.44
CA PRO N 53 -4.69 77.81 -38.05
C PRO N 53 -4.79 76.69 -39.08
N SER N 54 -5.97 76.52 -39.65
CA SER N 54 -6.17 75.48 -40.66
C SER N 54 -5.41 75.83 -41.93
N GLY N 55 -4.88 74.79 -42.58
CA GLY N 55 -4.14 74.96 -43.82
C GLY N 55 -2.67 75.30 -43.65
N ILE N 56 -2.19 75.44 -42.43
CA ILE N 56 -0.78 75.73 -42.15
C ILE N 56 -0.04 74.41 -41.96
N PRO N 57 1.03 74.17 -42.69
CA PRO N 57 1.76 72.90 -42.52
C PRO N 57 2.42 72.80 -41.16
N GLU N 58 2.67 71.55 -40.76
CA GLU N 58 3.13 71.22 -39.41
C GLU N 58 4.54 71.74 -39.13
N ARG N 59 5.28 72.17 -40.16
CA ARG N 59 6.69 72.56 -39.96
C ARG N 59 6.85 73.70 -38.98
N PHE N 60 5.83 74.53 -38.79
CA PHE N 60 5.93 75.64 -37.85
C PHE N 60 5.43 75.22 -36.48
N SER N 61 6.03 75.79 -35.44
CA SER N 61 5.59 75.57 -34.07
C SER N 61 5.98 76.78 -33.22
N GLY N 62 5.32 76.92 -32.09
CA GLY N 62 5.58 78.03 -31.19
C GLY N 62 5.68 77.56 -29.76
N SER N 63 6.55 78.23 -29.01
CA SER N 63 6.76 77.92 -27.60
C SER N 63 6.93 79.22 -26.83
N SER N 64 6.66 79.16 -25.53
CA SER N 64 6.82 80.30 -24.64
C SER N 64 7.65 79.88 -23.43
N SER N 65 8.55 80.76 -23.00
CA SER N 65 9.39 80.49 -21.84
C SER N 65 9.76 81.83 -21.21
N GLY N 66 9.33 82.03 -19.98
CA GLY N 66 9.64 83.27 -19.28
C GLY N 66 9.09 84.45 -20.04
N THR N 67 9.99 85.35 -20.44
CA THR N 67 9.63 86.55 -21.18
C THR N 67 9.93 86.45 -22.67
N THR N 68 10.22 85.25 -23.18
CA THR N 68 10.60 85.06 -24.57
C THR N 68 9.73 84.01 -25.22
N VAL N 69 9.19 84.32 -26.40
CA VAL N 69 8.43 83.38 -27.21
C VAL N 69 9.24 83.05 -28.45
N THR N 70 9.27 81.78 -28.82
CA THR N 70 10.11 81.28 -29.89
C THR N 70 9.27 80.59 -30.95
N LEU N 71 9.45 81.02 -32.20
CA LEU N 71 8.91 80.32 -33.36
C LEU N 71 10.00 79.40 -33.91
N THR N 72 9.66 78.14 -34.11
CA THR N 72 10.59 77.13 -34.60
C THR N 72 10.04 76.51 -35.87
N ILE N 73 10.88 76.47 -36.91
CA ILE N 73 10.54 75.85 -38.19
C ILE N 73 11.45 74.64 -38.37
N SER N 74 10.87 73.45 -38.48
CA SER N 74 11.60 72.23 -38.71
C SER N 74 11.55 71.90 -40.19
N GLY N 75 12.72 71.77 -40.81
CA GLY N 75 12.80 71.53 -42.24
C GLY N 75 12.26 72.70 -43.04
N VAL N 76 12.94 73.83 -42.97
CA VAL N 76 12.48 75.03 -43.66
C VAL N 76 12.49 74.80 -45.17
N GLN N 77 11.41 75.21 -45.83
CA GLN N 77 11.24 75.01 -47.26
C GLN N 77 11.65 76.25 -48.03
N ALA N 78 11.68 76.13 -49.36
CA ALA N 78 12.09 77.23 -50.22
C ALA N 78 11.09 78.39 -50.13
N GLU N 79 9.80 78.08 -50.07
CA GLU N 79 8.78 79.12 -50.05
C GLU N 79 8.71 79.87 -48.73
N ASP N 80 9.45 79.43 -47.71
CA ASP N 80 9.35 80.02 -46.38
C ASP N 80 10.06 81.36 -46.27
N ASP N 81 10.85 81.77 -47.26
CA ASP N 81 11.51 83.06 -47.23
C ASP N 81 10.48 84.18 -47.15
N ALA N 82 10.44 84.89 -46.03
CA ALA N 82 9.36 85.86 -45.81
C ALA N 82 9.75 86.75 -44.63
N ASP N 83 8.79 87.54 -44.13
CA ASP N 83 8.99 88.36 -42.95
C ASP N 83 8.03 87.86 -41.87
N TYR N 84 8.57 87.61 -40.68
CA TYR N 84 7.80 87.06 -39.57
C TYR N 84 7.70 88.09 -38.45
N TYR N 85 6.49 88.24 -37.89
CA TYR N 85 6.23 89.22 -36.86
C TYR N 85 5.53 88.57 -35.66
N CYS N 86 5.76 89.14 -34.49
CA CYS N 86 5.07 88.74 -33.27
C CYS N 86 4.11 89.85 -32.86
N GLN N 87 2.87 89.47 -32.56
CA GLN N 87 1.82 90.43 -32.22
C GLN N 87 1.41 90.18 -30.78
N ALA N 88 1.31 91.25 -30.00
CA ALA N 88 0.97 91.15 -28.59
C ALA N 88 0.38 92.48 -28.14
N ALA N 89 0.28 92.66 -26.82
CA ALA N 89 -0.23 93.89 -26.22
C ALA N 89 0.66 94.29 -25.06
N ASP N 90 0.60 95.58 -24.72
CA ASP N 90 1.41 96.11 -23.63
C ASP N 90 0.75 95.79 -22.29
N SER N 91 1.25 96.43 -21.22
CA SER N 91 0.74 96.15 -19.88
C SER N 91 -0.72 96.56 -19.75
N SER N 92 -1.09 97.72 -20.30
CA SER N 92 -2.47 98.19 -20.23
C SER N 92 -3.44 97.33 -21.02
N ASN N 93 -2.94 96.50 -21.94
CA ASN N 93 -3.68 95.54 -22.74
C ASN N 93 -4.66 96.18 -23.72
N THR N 94 -4.76 97.51 -23.77
CA THR N 94 -5.61 98.18 -24.73
C THR N 94 -4.84 98.72 -25.93
N GLU N 95 -3.53 98.50 -26.00
CA GLU N 95 -2.72 98.85 -27.16
C GLU N 95 -2.17 97.59 -27.78
N TYR N 96 -2.36 97.45 -29.09
CA TYR N 96 -1.87 96.29 -29.84
C TYR N 96 -0.56 96.67 -30.52
N VAL N 97 0.44 95.80 -30.38
CA VAL N 97 1.77 96.06 -30.90
C VAL N 97 2.24 94.87 -31.74
N PHE N 98 3.03 95.16 -32.76
CA PHE N 98 3.65 94.16 -33.62
C PHE N 98 5.15 94.11 -33.37
N GLY N 99 5.76 92.98 -33.76
CA GLY N 99 7.18 92.81 -33.58
C GLY N 99 8.00 93.56 -34.60
N THR N 100 9.32 93.54 -34.39
CA THR N 100 10.23 94.21 -35.31
C THR N 100 10.17 93.58 -36.69
N GLY N 101 10.12 92.26 -36.75
CA GLY N 101 10.07 91.56 -38.02
C GLY N 101 11.40 90.94 -38.40
N THR N 102 11.42 89.62 -38.54
CA THR N 102 12.62 88.89 -38.94
C THR N 102 12.46 88.44 -40.38
N LYS N 103 13.44 88.77 -41.22
CA LYS N 103 13.39 88.43 -42.64
C LYS N 103 14.08 87.08 -42.77
N VAL N 104 13.28 86.02 -42.77
CA VAL N 104 13.79 84.65 -42.83
C VAL N 104 14.09 84.29 -44.28
N THR N 105 15.31 83.80 -44.51
CA THR N 105 15.81 83.45 -45.84
C THR N 105 16.44 82.05 -45.79
N VAL N 106 16.32 81.32 -46.88
CA VAL N 106 17.00 80.04 -47.03
C VAL N 106 18.25 80.25 -47.87
N LEU N 107 19.19 79.33 -47.73
CA LEU N 107 20.45 79.40 -48.47
C LEU N 107 20.39 78.53 -49.73
N GLN N 108 19.11 81.89 -51.13
CA GLN N 108 20.29 82.30 -51.88
C GLN N 108 20.03 82.24 -53.39
N PRO N 109 19.93 83.40 -54.02
CA PRO N 109 19.71 83.43 -55.48
C PRO N 109 20.95 83.00 -56.24
N LYS N 110 20.74 82.70 -57.52
CA LYS N 110 21.84 82.26 -58.38
C LYS N 110 22.88 83.36 -58.49
N ALA N 111 24.10 83.05 -58.03
CA ALA N 111 25.18 84.02 -58.05
C ALA N 111 25.56 84.38 -59.49
N ASN N 112 25.78 85.68 -59.73
CA ASN N 112 26.16 86.16 -61.05
C ASN N 112 26.92 87.46 -60.88
N PRO N 113 27.93 87.71 -61.71
CA PRO N 113 28.67 88.97 -61.61
C PRO N 113 27.82 90.15 -62.09
N THR N 114 28.26 91.34 -61.70
CA THR N 114 27.55 92.56 -62.07
C THR N 114 27.59 92.74 -63.59
N VAL N 115 26.45 93.18 -64.15
CA VAL N 115 26.32 93.47 -65.57
C VAL N 115 26.00 94.95 -65.70
N THR N 116 26.84 95.68 -66.43
CA THR N 116 26.68 97.10 -66.63
C THR N 116 26.50 97.40 -68.11
N LEU N 117 25.43 98.13 -68.43
CA LEU N 117 25.13 98.54 -69.80
C LEU N 117 24.74 100.01 -69.76
N PHE N 118 25.66 100.89 -70.15
CA PHE N 118 25.39 102.32 -70.12
C PHE N 118 24.40 102.69 -71.22
N PRO N 119 23.25 103.28 -70.89
CA PRO N 119 22.32 103.67 -71.94
C PRO N 119 22.88 104.79 -72.78
N PRO N 120 22.56 104.84 -74.07
CA PRO N 120 23.06 105.93 -74.91
C PRO N 120 22.46 107.26 -74.52
N SER N 121 23.21 108.33 -74.79
CA SER N 121 22.73 109.67 -74.52
C SER N 121 21.51 109.99 -75.37
N SER N 122 20.47 110.51 -74.72
CA SER N 122 19.24 110.84 -75.43
C SER N 122 19.41 112.10 -76.25
N GLU N 123 18.66 112.19 -77.35
CA GLU N 123 18.71 113.37 -78.19
C GLU N 123 18.22 114.61 -77.43
N GLU N 124 17.14 114.46 -76.66
CA GLU N 124 16.65 115.57 -75.85
C GLU N 124 17.65 115.92 -74.75
N LEU N 125 18.27 114.91 -74.13
CA LEU N 125 19.26 115.17 -73.10
C LEU N 125 20.47 115.90 -73.66
N GLN N 126 20.93 115.49 -74.85
CA GLN N 126 22.03 116.20 -75.50
C GLN N 126 21.64 117.63 -75.85
N ALA N 127 20.42 117.83 -76.33
CA ALA N 127 19.95 119.18 -76.63
C ALA N 127 19.84 120.02 -75.36
N ASN N 128 19.38 119.41 -74.27
CA ASN N 128 19.24 120.10 -72.99
C ASN N 128 20.55 120.17 -72.21
N LYS N 129 21.67 119.77 -72.83
CA LYS N 129 22.99 119.78 -72.19
C LYS N 129 22.99 118.93 -70.92
N ALA N 130 22.27 117.82 -70.95
CA ALA N 130 22.19 116.90 -69.81
C ALA N 130 22.29 115.46 -70.30
N THR N 131 23.19 115.19 -71.24
CA THR N 131 23.35 113.84 -71.75
C THR N 131 23.96 112.95 -70.68
N LEU N 132 23.34 111.80 -70.44
CA LEU N 132 23.77 110.91 -69.36
C LEU N 132 23.56 109.46 -69.78
N VAL N 133 24.24 108.57 -69.07
CA VAL N 133 24.16 107.13 -69.32
C VAL N 133 23.73 106.44 -68.04
N CYS N 134 22.73 105.57 -68.14
CA CYS N 134 22.19 104.85 -66.99
C CYS N 134 22.49 103.36 -67.14
N LEU N 135 22.99 102.76 -66.07
CA LEU N 135 23.37 101.35 -66.06
C LEU N 135 22.38 100.56 -65.22
N ILE N 136 21.87 99.46 -65.78
CA ILE N 136 20.91 98.60 -65.10
C ILE N 136 21.43 97.17 -65.15
N SER N 137 21.47 96.51 -63.99
CA SER N 137 21.93 95.13 -63.91
C SER N 137 20.77 94.18 -64.16
N ASP N 138 20.97 93.23 -65.07
CA ASP N 138 19.91 92.29 -65.41
C ASP N 138 19.56 91.39 -64.23
N PHE N 139 20.56 90.87 -63.54
CA PHE N 139 20.34 89.99 -62.41
C PHE N 139 21.62 89.89 -61.59
N TYR N 140 21.47 89.77 -60.28
CA TYR N 140 22.60 89.63 -59.36
C TYR N 140 22.12 89.12 -58.01
N PRO N 141 22.73 88.07 -57.47
CA PRO N 141 22.31 87.56 -56.16
C PRO N 141 22.98 88.35 -55.04
N GLY N 142 22.17 88.99 -54.21
CA GLY N 142 22.69 89.82 -53.14
C GLY N 142 23.48 91.01 -53.66
N ALA N 143 22.92 91.69 -54.65
CA ALA N 143 23.62 92.80 -55.29
C ALA N 143 23.92 93.91 -54.29
N VAL N 144 25.15 94.40 -54.31
CA VAL N 144 25.56 95.49 -53.44
C VAL N 144 25.14 96.82 -54.07
N THR N 145 24.69 97.76 -53.23
CA THR N 145 24.25 99.07 -53.71
C THR N 145 25.46 100.00 -53.81
N VAL N 146 26.31 99.70 -54.78
CA VAL N 146 27.52 100.47 -55.05
C VAL N 146 27.54 100.83 -56.52
N ALA N 147 27.57 102.13 -56.82
CA ALA N 147 27.64 102.64 -58.19
C ALA N 147 28.77 103.66 -58.27
N TRP N 148 29.64 103.49 -59.26
CA TRP N 148 30.80 104.36 -59.45
C TRP N 148 30.92 104.71 -60.92
N LYS N 149 30.30 105.83 -61.31
CA LYS N 149 30.39 106.31 -62.68
C LYS N 149 31.73 107.02 -62.88
N ALA N 150 32.53 106.54 -63.82
CA ALA N 150 33.86 107.07 -64.10
C ALA N 150 33.93 107.45 -65.57
N ASP N 151 33.53 108.68 -65.89
CA ASP N 151 33.57 109.19 -67.25
C ASP N 151 34.81 110.06 -67.39
N GLY N 152 35.90 109.45 -67.85
CA GLY N 152 37.14 110.18 -68.05
C GLY N 152 37.76 110.73 -66.78
N SER N 153 37.34 110.23 -65.62
CA SER N 153 37.81 110.73 -64.34
C SER N 153 37.44 109.75 -63.24
N PRO N 154 37.80 110.02 -61.98
CA PRO N 154 37.43 109.10 -60.89
C PRO N 154 35.92 109.09 -60.64
N VAL N 155 35.49 108.25 -59.71
CA VAL N 155 34.06 108.12 -59.42
C VAL N 155 33.55 109.43 -58.83
N LYS N 156 32.41 109.90 -59.34
CA LYS N 156 31.78 111.13 -58.89
C LYS N 156 30.45 110.81 -58.23
N ALA N 157 30.21 111.43 -57.07
CA ALA N 157 28.96 111.17 -56.34
C ALA N 157 27.76 111.66 -57.13
N GLY N 158 27.85 112.84 -57.75
CA GLY N 158 26.74 113.38 -58.50
C GLY N 158 26.50 112.74 -59.84
N VAL N 159 27.50 112.03 -60.38
CA VAL N 159 27.35 111.41 -61.69
C VAL N 159 26.32 110.30 -61.65
N GLU N 160 26.38 109.44 -60.63
CA GLU N 160 25.50 108.29 -60.49
C GLU N 160 24.76 108.35 -59.16
N THR N 161 23.47 108.00 -59.20
CA THR N 161 22.63 107.98 -58.00
C THR N 161 22.33 106.53 -57.64
N THR N 162 22.56 106.19 -56.38
CA THR N 162 22.31 104.83 -55.91
C THR N 162 20.82 104.52 -55.93
N LYS N 163 20.50 103.24 -56.13
CA LYS N 163 19.12 102.78 -56.21
C LYS N 163 18.97 101.49 -55.42
N PRO N 164 17.76 101.20 -54.94
CA PRO N 164 17.53 99.93 -54.25
C PRO N 164 17.63 98.75 -55.19
N SER N 165 17.96 97.59 -54.63
CA SER N 165 18.10 96.36 -55.39
C SER N 165 16.74 95.69 -55.52
N LYS N 166 16.12 95.83 -56.69
CA LYS N 166 14.83 95.21 -56.94
C LYS N 166 15.00 93.71 -57.11
N GLN N 167 13.88 92.99 -56.98
CA GLN N 167 13.86 91.54 -57.08
C GLN N 167 13.55 91.12 -58.51
N SER N 168 14.50 90.44 -59.15
CA SER N 168 14.30 89.95 -60.51
C SER N 168 13.39 88.72 -60.50
N ASN N 169 12.64 88.55 -61.59
CA ASN N 169 11.71 87.43 -61.67
C ASN N 169 12.44 86.10 -61.85
N ASN N 170 13.65 86.13 -62.42
CA ASN N 170 14.39 84.90 -62.70
C ASN N 170 15.22 84.44 -61.49
N LYS N 171 14.57 84.32 -60.34
CA LYS N 171 15.19 83.82 -59.12
C LYS N 171 16.48 84.58 -58.78
N TYR N 172 16.44 85.90 -58.92
CA TYR N 172 17.59 86.74 -58.65
C TYR N 172 17.10 88.14 -58.29
N ALA N 173 18.05 89.06 -58.13
CA ALA N 173 17.75 90.45 -57.82
C ALA N 173 18.36 91.33 -58.89
N ALA N 174 17.54 92.21 -59.46
CA ALA N 174 17.95 93.13 -60.51
C ALA N 174 18.09 94.53 -59.93
N SER N 175 19.26 95.14 -60.10
CA SER N 175 19.54 96.48 -59.62
C SER N 175 19.65 97.42 -60.81
N SER N 176 18.83 98.47 -60.81
CA SER N 176 18.81 99.46 -61.87
C SER N 176 18.94 100.85 -61.25
N TYR N 177 20.07 101.50 -61.51
CA TYR N 177 20.35 102.83 -60.97
C TYR N 177 20.52 103.81 -62.12
N LEU N 178 19.78 104.91 -62.07
CA LEU N 178 19.85 105.94 -63.09
C LEU N 178 20.95 106.94 -62.73
N SER N 179 21.86 107.18 -63.67
CA SER N 179 22.98 108.09 -63.49
C SER N 179 22.77 109.32 -64.37
N LEU N 180 22.83 110.49 -63.75
CA LEU N 180 22.63 111.76 -64.45
C LEU N 180 23.92 112.57 -64.40
N THR N 181 24.39 112.98 -65.57
CA THR N 181 25.58 113.80 -65.70
C THR N 181 25.35 114.85 -66.78
N PRO N 182 26.04 115.98 -66.69
CA PRO N 182 25.90 117.01 -67.74
C PRO N 182 26.53 116.56 -69.05
N GLU N 183 25.98 117.10 -70.15
CA GLU N 183 26.53 116.78 -71.47
C GLU N 183 27.93 117.36 -71.65
N GLN N 184 28.19 118.53 -71.06
CA GLN N 184 29.52 119.13 -71.16
C GLN N 184 30.57 118.25 -70.50
N TRP N 185 30.25 117.70 -69.32
CA TRP N 185 31.17 116.77 -68.68
C TRP N 185 31.36 115.51 -69.52
N LYS N 186 30.28 114.99 -70.10
CA LYS N 186 30.39 113.83 -70.97
C LYS N 186 31.20 114.16 -72.22
N SER N 187 30.97 115.33 -72.80
CA SER N 187 31.75 115.75 -73.97
C SER N 187 33.21 115.93 -73.62
N HIS N 188 33.50 116.54 -72.47
CA HIS N 188 34.89 116.68 -72.04
C HIS N 188 35.54 115.33 -71.79
N ARG N 189 34.79 114.40 -71.19
CA ARG N 189 35.31 113.06 -70.94
C ARG N 189 35.54 112.32 -72.25
N SER N 190 36.64 111.58 -72.32
CA SER N 190 36.94 110.80 -73.51
C SER N 190 35.90 109.71 -73.74
N TYR N 191 35.50 109.03 -72.66
CA TYR N 191 34.50 107.97 -72.74
C TYR N 191 33.77 107.87 -71.42
N SER N 192 32.46 107.61 -71.49
CA SER N 192 31.63 107.47 -70.29
C SER N 192 31.74 106.02 -69.80
N CYS N 193 32.84 105.74 -69.11
CA CYS N 193 33.12 104.41 -68.59
C CYS N 193 32.47 104.23 -67.23
N GLN N 194 31.14 104.25 -67.24
CA GLN N 194 30.37 104.05 -66.01
C GLN N 194 30.53 102.61 -65.52
N VAL N 195 30.75 102.47 -64.21
CA VAL N 195 30.97 101.16 -63.59
C VAL N 195 29.89 100.96 -62.53
N THR N 196 29.23 99.81 -62.59
CA THR N 196 28.21 99.43 -61.62
C THR N 196 28.68 98.19 -60.87
N HIS N 197 28.65 98.26 -59.54
CA HIS N 197 29.10 97.17 -58.69
C HIS N 197 27.90 96.44 -58.10
N GLU N 198 27.85 95.13 -58.31
CA GLU N 198 26.75 94.32 -57.78
C GLU N 198 27.22 92.87 -57.67
N GLY N 199 26.68 92.17 -56.68
CA GLY N 199 27.01 90.77 -56.49
C GLY N 199 28.47 90.51 -56.21
N SER N 200 29.10 91.37 -55.39
CA SER N 200 30.52 91.25 -55.06
C SER N 200 31.39 91.29 -56.31
N THR N 201 30.98 92.08 -57.29
CA THR N 201 31.72 92.22 -58.53
C THR N 201 31.47 93.61 -59.11
N VAL N 202 32.40 94.08 -59.93
CA VAL N 202 32.32 95.39 -60.55
C VAL N 202 32.54 95.25 -62.04
N GLU N 203 31.63 95.83 -62.84
CA GLU N 203 31.73 95.84 -64.28
C GLU N 203 31.57 97.26 -64.79
N LYS N 204 32.41 97.63 -65.76
CA LYS N 204 32.43 98.99 -66.31
C LYS N 204 32.05 98.94 -67.78
N THR N 205 31.12 99.80 -68.18
CA THR N 205 30.70 99.94 -69.56
C THR N 205 31.10 101.32 -70.07
N VAL N 206 31.81 101.34 -71.20
CA VAL N 206 32.35 102.57 -71.77
C VAL N 206 31.65 102.84 -73.09
N ALA N 207 31.22 104.08 -73.28
CA ALA N 207 30.55 104.51 -74.51
C ALA N 207 31.24 105.74 -75.06
N PRO N 208 31.15 105.96 -76.37
CA PRO N 208 31.80 107.14 -76.97
C PRO N 208 31.15 108.43 -76.49
N THR N 209 31.97 109.48 -76.44
CA THR N 209 31.51 110.79 -76.01
C THR N 209 30.60 111.43 -77.06
N GLN O 1 52.35 7.45 57.16
CA GLN O 1 53.35 8.00 56.25
C GLN O 1 54.34 6.90 55.83
N VAL O 2 55.30 7.24 54.99
CA VAL O 2 56.22 6.28 54.40
C VAL O 2 57.64 6.60 54.84
N GLN O 3 58.36 5.57 55.26
CA GLN O 3 59.72 5.71 55.75
C GLN O 3 60.71 5.33 54.68
N LEU O 4 61.67 6.21 54.40
CA LEU O 4 62.80 5.95 53.52
C LEU O 4 64.06 6.14 54.35
N VAL O 5 64.57 5.05 54.93
CA VAL O 5 65.70 5.09 55.85
C VAL O 5 66.91 4.48 55.15
N GLN O 6 68.05 5.13 55.26
CA GLN O 6 69.24 4.74 54.53
C GLN O 6 70.42 4.58 55.48
N SER O 7 71.59 4.35 54.90
CA SER O 7 72.83 4.27 55.68
C SER O 7 73.38 5.67 55.94
N GLY O 8 74.35 5.75 56.85
CA GLY O 8 74.95 7.01 57.19
C GLY O 8 76.01 7.44 56.19
N ALA O 9 76.44 8.69 56.33
CA ALA O 9 77.48 9.23 55.48
C ALA O 9 78.82 8.56 55.79
N GLU O 10 79.66 8.45 54.76
CA GLU O 10 80.94 7.78 54.90
C GLU O 10 81.90 8.32 53.85
N VAL O 11 83.18 7.99 54.02
CA VAL O 11 84.25 8.49 53.17
C VAL O 11 84.94 7.32 52.50
N LYS O 12 85.12 7.41 51.18
CA LYS O 12 85.81 6.39 50.40
C LYS O 12 86.91 7.02 49.55
N LYS O 13 88.05 6.37 49.52
CA LYS O 13 89.13 6.80 48.65
C LYS O 13 88.70 6.60 47.19
N PRO O 14 89.00 7.55 46.30
CA PRO O 14 88.64 7.36 44.89
C PRO O 14 89.28 6.11 44.31
N GLY O 15 88.53 5.44 43.43
CA GLY O 15 88.95 4.19 42.84
C GLY O 15 88.30 2.96 43.42
N ALA O 16 87.58 3.09 44.54
CA ALA O 16 86.91 1.97 45.17
C ALA O 16 85.48 1.86 44.64
N SER O 17 84.66 1.03 45.30
CA SER O 17 83.24 0.91 45.00
C SER O 17 82.45 1.15 46.28
N VAL O 18 81.35 1.88 46.18
CA VAL O 18 80.56 2.28 47.34
C VAL O 18 79.20 1.60 47.30
N LYS O 19 78.85 0.95 48.41
CA LYS O 19 77.49 0.53 48.71
C LYS O 19 76.75 1.62 49.47
N VAL O 20 75.54 1.94 49.02
CA VAL O 20 74.59 2.69 49.84
C VAL O 20 73.21 2.07 49.68
N SER O 21 72.51 1.94 50.80
CA SER O 21 71.22 1.28 50.87
C SER O 21 70.10 2.28 51.09
N CYS O 22 68.88 1.83 50.79
CA CYS O 22 67.68 2.67 50.87
C CYS O 22 66.50 1.75 51.14
N LYS O 23 66.08 1.65 52.40
CA LYS O 23 64.94 0.84 52.78
C LYS O 23 63.69 1.69 52.79
N SER O 24 62.68 1.26 52.03
CA SER O 24 61.44 2.00 51.86
C SER O 24 60.28 1.16 52.37
N SER O 25 59.35 1.81 53.08
CA SER O 25 58.19 1.12 53.63
C SER O 25 57.07 2.14 53.83
N GLY O 26 55.87 1.64 54.10
CA GLY O 26 54.72 2.47 54.35
C GLY O 26 53.70 2.56 53.24
N TYR O 27 53.84 1.77 52.18
CA TYR O 27 52.89 1.79 51.07
C TYR O 27 52.91 0.45 50.38
N THR O 28 52.03 0.30 49.39
CA THR O 28 51.87 -0.95 48.64
C THR O 28 53.06 -1.10 47.69
N PHE O 29 54.22 -1.41 48.26
CA PHE O 29 55.55 -1.41 47.65
C PHE O 29 55.72 -2.49 46.58
N THR O 30 54.64 -3.18 46.19
CA THR O 30 54.77 -4.26 45.20
C THR O 30 55.31 -3.74 43.88
N ASN O 31 54.80 -2.61 43.40
CA ASN O 31 55.13 -2.12 42.07
C ASN O 31 55.42 -0.62 42.09
N TYR O 32 56.27 -0.18 43.01
CA TYR O 32 56.73 1.20 43.06
C TYR O 32 58.22 1.26 42.82
N ILE O 33 58.64 2.18 41.96
CA ILE O 33 60.04 2.29 41.54
C ILE O 33 60.76 3.28 42.43
N ILE O 34 62.04 3.00 42.69
CA ILE O 34 62.89 3.86 43.50
C ILE O 34 63.92 4.51 42.58
N HIS O 35 64.01 5.83 42.64
CA HIS O 35 64.93 6.58 41.78
C HIS O 35 66.14 7.06 42.58
N TRP O 36 67.33 6.92 42.00
CA TRP O 36 68.56 7.38 42.61
C TRP O 36 69.01 8.66 41.92
N VAL O 37 69.14 9.76 42.67
CA VAL O 37 69.57 11.02 42.11
C VAL O 37 70.77 11.54 42.90
N ARG O 38 71.65 12.27 42.21
CA ARG O 38 72.87 12.81 42.78
C ARG O 38 72.90 14.32 42.61
N GLN O 39 73.37 15.02 43.63
CA GLN O 39 73.43 16.47 43.64
C GLN O 39 74.76 16.93 44.20
N ALA O 40 75.54 17.63 43.40
CA ALA O 40 76.74 18.28 43.92
C ALA O 40 76.32 19.49 44.77
N PRO O 41 77.17 19.89 45.73
CA PRO O 41 76.79 21.00 46.62
C PRO O 41 76.48 22.29 45.86
N GLY O 42 75.22 22.71 45.90
CA GLY O 42 74.81 23.92 45.21
C GLY O 42 74.74 23.80 43.70
N GLN O 43 74.64 22.58 43.18
CA GLN O 43 74.65 22.34 41.74
C GLN O 43 73.34 21.68 41.32
N ARG O 44 73.31 21.28 40.05
CA ARG O 44 72.10 20.71 39.45
C ARG O 44 71.78 19.34 40.03
N LEU O 45 70.48 19.03 40.09
CA LEU O 45 70.07 17.67 40.37
C LEU O 45 70.29 16.80 39.14
N GLU O 46 70.83 15.61 39.35
CA GLU O 46 71.14 14.68 38.27
C GLU O 46 70.46 13.35 38.54
N TRP O 47 69.70 12.87 37.56
CA TRP O 47 69.04 11.57 37.66
C TRP O 47 69.98 10.51 37.11
N MET O 48 70.22 9.46 37.91
CA MET O 48 71.15 8.40 37.55
C MET O 48 70.44 7.15 37.05
N GLY O 49 69.40 6.72 37.74
CA GLY O 49 68.70 5.51 37.34
C GLY O 49 67.57 5.20 38.30
N TRP O 50 66.89 4.09 38.02
CA TRP O 50 65.81 3.63 38.87
C TRP O 50 65.81 2.11 38.93
N ILE O 51 65.21 1.61 40.02
CA ILE O 51 65.09 0.19 40.31
C ILE O 51 63.62 -0.12 40.60
N ASN O 52 63.10 -1.16 39.96
CA ASN O 52 61.75 -1.62 40.27
C ASN O 52 61.78 -2.48 41.53
N ALA O 53 60.68 -2.42 42.29
CA ALA O 53 60.63 -3.13 43.56
C ALA O 53 60.28 -4.60 43.37
N GLY O 54 59.08 -4.88 42.87
CA GLY O 54 58.68 -6.26 42.65
C GLY O 54 59.42 -6.90 41.49
N ASN O 55 59.53 -6.17 40.38
CA ASN O 55 60.20 -6.72 39.20
C ASN O 55 61.71 -6.83 39.44
N GLY O 56 62.32 -5.82 40.04
CA GLY O 56 63.75 -5.78 40.17
C GLY O 56 64.48 -5.29 38.92
N ASN O 57 63.75 -4.86 37.90
CA ASN O 57 64.37 -4.36 36.69
C ASN O 57 65.15 -3.08 36.97
N THR O 58 66.24 -2.90 36.24
CA THR O 58 67.14 -1.78 36.42
C THR O 58 67.12 -0.86 35.21
N LYS O 59 67.32 0.43 35.45
CA LYS O 59 67.55 1.36 34.35
C LYS O 59 68.57 2.39 34.79
N TYR O 60 69.50 2.71 33.91
CA TYR O 60 70.59 3.62 34.20
C TYR O 60 70.60 4.77 33.20
N SER O 61 71.29 5.84 33.56
CA SER O 61 71.40 7.00 32.68
C SER O 61 72.31 6.68 31.49
N GLN O 62 72.25 7.53 30.47
CA GLN O 62 73.05 7.33 29.28
C GLN O 62 74.55 7.40 29.58
N LYS O 63 74.95 8.39 30.39
CA LYS O 63 76.35 8.56 30.76
C LYS O 63 76.71 7.81 32.04
N PHE O 64 75.94 6.78 32.39
CA PHE O 64 76.22 5.90 33.52
C PHE O 64 76.15 4.46 33.01
N GLN O 65 77.27 3.96 32.49
CA GLN O 65 77.34 2.62 31.91
C GLN O 65 78.42 1.82 32.62
N GLY O 66 78.04 0.68 33.19
CA GLY O 66 78.99 -0.21 33.84
C GLY O 66 79.45 0.29 35.20
N ARG O 67 79.81 1.57 35.27
CA ARG O 67 80.27 2.16 36.52
C ARG O 67 79.17 2.13 37.60
N ILE O 68 77.91 2.12 37.17
CA ILE O 68 76.77 2.11 38.09
C ILE O 68 76.16 0.71 38.10
N SER O 69 75.71 0.28 39.28
CA SER O 69 75.03 -1.01 39.40
C SER O 69 74.15 -0.95 40.64
N VAL O 70 72.83 -1.00 40.44
CA VAL O 70 71.85 -0.93 41.51
C VAL O 70 71.17 -2.29 41.65
N THR O 71 71.00 -2.73 42.89
CA THR O 71 70.34 -4.00 43.19
C THR O 71 69.42 -3.80 44.38
N ARG O 72 68.71 -4.88 44.74
CA ARG O 72 67.78 -4.84 45.85
C ARG O 72 67.58 -6.25 46.38
N ASP O 73 66.93 -6.35 47.53
CA ASP O 73 66.52 -7.64 48.09
C ASP O 73 65.08 -7.55 48.58
N THR O 74 64.34 -8.65 48.41
CA THR O 74 62.96 -8.67 48.86
C THR O 74 62.84 -8.76 50.37
N SER O 75 63.79 -9.42 51.04
CA SER O 75 63.70 -9.63 52.48
C SER O 75 63.72 -8.30 53.23
N ALA O 76 64.72 -7.46 52.96
CA ALA O 76 64.85 -6.17 53.64
C ALA O 76 64.09 -5.05 52.96
N SER O 77 63.55 -5.29 51.75
CA SER O 77 62.82 -4.28 51.00
C SER O 77 63.65 -3.01 50.84
N ALA O 78 64.93 -3.19 50.52
CA ALA O 78 65.88 -2.09 50.43
C ALA O 78 66.72 -2.20 49.17
N ALA O 79 66.94 -1.05 48.53
CA ALA O 79 67.91 -0.96 47.45
C ALA O 79 69.33 -0.94 48.02
N TYR O 80 70.26 -1.52 47.27
CA TYR O 80 71.65 -1.74 47.69
C TYR O 80 72.62 -1.26 46.61
N MET O 81 72.49 -0.01 46.18
CA MET O 81 73.18 0.39 44.96
C MET O 81 74.69 0.49 45.19
N GLU O 82 75.44 -0.03 44.21
CA GLU O 82 76.88 0.16 44.09
C GLU O 82 77.19 1.26 43.10
N LEU O 83 78.18 2.07 43.43
CA LEU O 83 78.82 2.99 42.49
C LEU O 83 80.31 2.68 42.53
N SER O 84 80.82 2.02 41.49
CA SER O 84 82.21 1.62 41.44
C SER O 84 83.07 2.71 40.84
N SER O 85 84.37 2.66 41.14
CA SER O 85 85.37 3.59 40.62
C SER O 85 85.02 5.03 40.96
N LEU O 86 85.02 5.33 42.26
CA LEU O 86 84.73 6.68 42.72
C LEU O 86 85.80 7.65 42.25
N LYS O 87 85.40 8.90 42.06
CA LYS O 87 86.30 9.98 41.66
C LYS O 87 86.11 11.16 42.60
N SER O 88 86.98 12.16 42.43
CA SER O 88 86.86 13.38 43.23
C SER O 88 85.56 14.12 42.95
N GLU O 89 85.16 14.16 41.67
CA GLU O 89 83.91 14.82 41.30
C GLU O 89 82.68 14.12 41.86
N ASP O 90 82.82 12.85 42.27
CA ASP O 90 81.69 12.12 42.85
C ASP O 90 81.30 12.63 44.22
N THR O 91 82.11 13.49 44.85
CA THR O 91 81.77 14.10 46.12
C THR O 91 80.44 14.84 46.00
N ALA O 92 79.40 14.33 46.64
CA ALA O 92 78.06 14.87 46.43
C ALA O 92 77.09 14.22 47.41
N LEU O 93 75.82 14.62 47.31
CA LEU O 93 74.74 14.12 48.15
C LEU O 93 73.81 13.27 47.31
N TYR O 94 73.39 12.13 47.84
CA TYR O 94 72.58 11.17 47.11
C TYR O 94 71.20 11.06 47.73
N TYR O 95 70.17 11.04 46.88
CA TYR O 95 68.78 11.07 47.30
C TYR O 95 68.00 9.93 46.66
N CYS O 96 67.05 9.40 47.43
CA CYS O 96 66.07 8.43 46.94
C CYS O 96 64.78 9.16 46.59
N ALA O 97 64.11 8.70 45.53
CA ALA O 97 62.88 9.32 45.07
C ALA O 97 61.80 8.26 44.95
N THR O 98 60.63 8.54 45.53
CA THR O 98 59.47 7.67 45.56
C THR O 98 58.26 8.54 45.90
N LEU O 99 57.07 8.04 45.57
CA LEU O 99 55.85 8.85 45.64
C LEU O 99 54.91 8.36 46.73
N GLN O 100 54.29 9.32 47.43
CA GLN O 100 53.20 9.05 48.36
C GLN O 100 51.84 9.01 47.67
N MET O 101 51.60 9.90 46.72
CA MET O 101 50.27 10.12 46.17
C MET O 101 49.82 8.90 45.35
N ASP O 102 48.62 9.01 44.79
CA ASP O 102 47.96 7.86 44.19
C ASP O 102 47.76 8.00 42.68
N TYR O 103 48.77 8.53 41.98
CA TYR O 103 48.71 8.64 40.53
C TYR O 103 49.92 7.94 39.91
N GLY O 104 51.02 7.89 40.63
CA GLY O 104 52.17 7.07 40.27
C GLY O 104 52.89 7.47 39.00
N GLY O 105 54.08 6.89 38.80
CA GLY O 105 54.78 7.00 37.54
C GLY O 105 55.82 8.08 37.44
N ASN O 106 55.97 8.63 36.22
CA ASN O 106 57.00 9.63 35.97
C ASN O 106 56.74 10.90 36.75
N GLY O 107 57.83 11.52 37.22
CA GLY O 107 57.77 12.83 37.83
C GLY O 107 57.16 12.86 39.22
N ASP O 108 56.00 12.27 39.37
CA ASP O 108 55.27 12.33 40.64
C ASP O 108 56.01 11.49 41.67
N LEU O 109 56.80 12.15 42.52
CA LEU O 109 57.56 11.48 43.58
C LEU O 109 57.54 12.41 44.79
N ASP O 110 56.73 12.07 45.79
CA ASP O 110 56.48 12.99 46.90
C ASP O 110 57.60 12.96 47.94
N TYR O 111 57.80 11.81 48.57
CA TYR O 111 58.73 11.70 49.70
C TYR O 111 60.10 11.21 49.24
N TRP O 112 61.14 11.87 49.75
CA TRP O 112 62.52 11.55 49.43
C TRP O 112 63.25 11.11 50.69
N GLY O 113 64.47 10.63 50.50
CA GLY O 113 65.36 10.35 51.62
C GLY O 113 66.09 11.59 52.08
N GLN O 114 66.85 11.43 53.16
CA GLN O 114 67.62 12.55 53.71
C GLN O 114 68.97 12.73 53.04
N GLY O 115 69.37 11.82 52.15
CA GLY O 115 70.59 11.97 51.38
C GLY O 115 71.82 11.45 52.13
N THR O 116 72.74 10.89 51.34
CA THR O 116 74.02 10.40 51.85
C THR O 116 75.13 11.20 51.21
N LEU O 117 76.06 11.68 52.03
CA LEU O 117 77.15 12.54 51.57
C LEU O 117 78.40 11.72 51.37
N VAL O 118 79.00 11.82 50.18
CA VAL O 118 80.25 11.14 49.86
C VAL O 118 81.30 12.19 49.56
N THR O 119 82.46 12.08 50.21
CA THR O 119 83.53 13.05 50.11
C THR O 119 84.85 12.36 50.48
N VAL O 120 85.92 13.15 50.54
CA VAL O 120 87.24 12.68 50.95
C VAL O 120 87.85 13.73 51.87
N SER O 121 88.55 13.26 52.91
CA SER O 121 89.14 14.18 53.88
C SER O 121 90.24 13.46 54.65
N SER O 122 91.04 14.26 55.35
CA SER O 122 92.08 13.76 56.24
C SER O 122 92.10 14.61 57.50
N ALA O 123 92.56 14.02 58.59
CA ALA O 123 92.48 14.69 59.90
C ALA O 123 93.62 15.70 60.06
N SER O 124 93.27 16.85 60.63
CA SER O 124 94.25 17.89 60.98
C SER O 124 93.63 18.81 62.02
N THR O 125 94.51 19.50 62.74
CA THR O 125 94.07 20.42 63.79
C THR O 125 95.19 21.42 64.06
N LYS O 126 95.00 22.24 65.10
CA LYS O 126 95.96 23.26 65.49
C LYS O 126 96.06 23.28 67.00
N GLY O 127 96.91 24.18 67.52
CA GLY O 127 97.15 24.27 68.94
C GLY O 127 96.49 25.47 69.58
N PRO O 128 97.30 26.39 70.10
CA PRO O 128 96.74 27.56 70.79
C PRO O 128 95.88 28.41 69.87
N SER O 129 94.79 28.95 70.42
CA SER O 129 93.87 29.74 69.61
C SER O 129 94.48 31.09 69.24
N VAL O 130 95.02 31.80 70.23
CA VAL O 130 95.57 33.14 70.01
C VAL O 130 96.43 33.50 71.21
N PHE O 131 97.34 34.45 71.02
CA PHE O 131 98.16 34.99 72.12
C PHE O 131 98.20 36.51 72.04
N PRO O 132 97.05 37.16 71.79
CA PRO O 132 97.04 38.62 71.70
C PRO O 132 96.69 39.29 73.02
N LEU O 133 96.79 40.62 73.06
CA LEU O 133 96.42 41.38 74.24
C LEU O 133 94.90 41.50 74.33
N ALA O 134 94.43 41.92 75.50
CA ALA O 134 93.00 42.06 75.72
C ALA O 134 92.46 43.27 74.97
N PRO O 135 91.50 43.11 74.07
CA PRO O 135 90.96 44.28 73.37
C PRO O 135 90.14 45.16 74.30
N SER O 136 90.11 46.46 73.96
CA SER O 136 89.33 47.40 74.75
C SER O 136 87.84 47.10 74.67
N SER O 137 87.36 46.76 73.47
CA SER O 137 85.95 46.44 73.29
C SER O 137 85.63 45.09 73.92
N LYS O 138 84.34 44.92 74.24
CA LYS O 138 83.86 43.67 74.85
C LYS O 138 83.65 42.60 73.78
N SER O 139 84.75 42.21 73.16
CA SER O 139 84.73 41.19 72.12
C SER O 139 86.08 40.50 72.08
N THR O 140 86.09 39.30 71.50
CA THR O 140 87.30 38.49 71.36
C THR O 140 87.64 38.39 69.88
N SER O 141 88.77 39.02 69.49
CA SER O 141 89.20 38.94 68.10
C SER O 141 89.56 37.50 67.71
N GLY O 142 90.24 36.78 68.60
CA GLY O 142 90.58 35.40 68.36
C GLY O 142 89.95 34.45 69.34
N GLY O 143 89.35 33.37 68.84
CA GLY O 143 88.70 32.39 69.68
C GLY O 143 89.23 31.00 69.40
N THR O 144 88.71 30.04 70.18
CA THR O 144 89.11 28.64 70.04
C THR O 144 88.83 28.14 68.64
N ALA O 145 89.90 27.86 67.87
CA ALA O 145 89.75 27.46 66.48
C ALA O 145 91.01 26.73 66.04
N ALA O 146 90.90 26.04 64.91
CA ALA O 146 92.01 25.31 64.31
C ALA O 146 92.35 25.94 62.97
N LEU O 147 93.63 26.22 62.77
CA LEU O 147 94.12 26.85 61.54
C LEU O 147 94.66 25.79 60.60
N GLY O 148 94.22 25.83 59.34
CA GLY O 148 94.65 24.83 58.37
C GLY O 148 94.23 23.43 58.72
N CYS O 149 93.01 23.25 59.21
CA CYS O 149 92.51 21.95 59.63
C CYS O 149 91.85 21.27 58.44
N LEU O 150 92.53 20.27 57.89
CA LEU O 150 91.98 19.50 56.78
C LEU O 150 90.82 18.61 57.19
N VAL O 151 90.55 18.49 58.49
CA VAL O 151 89.49 17.61 58.97
C VAL O 151 88.13 18.15 58.53
N LYS O 152 87.38 17.32 57.81
CA LYS O 152 86.03 17.69 57.41
C LYS O 152 85.07 17.56 58.59
N ASP O 153 84.05 18.42 58.59
CA ASP O 153 83.05 18.47 59.65
C ASP O 153 83.69 18.73 61.02
N TYR O 154 84.79 19.47 61.04
CA TYR O 154 85.45 19.80 62.29
C TYR O 154 84.60 20.77 63.09
N PHE O 155 84.61 20.61 64.41
CA PHE O 155 83.81 21.42 65.33
C PHE O 155 84.73 21.97 66.40
N PRO O 156 85.55 22.97 66.08
CA PRO O 156 86.45 23.56 67.08
C PRO O 156 85.68 24.57 67.94
N GLU O 157 85.53 24.25 69.22
CA GLU O 157 84.81 25.10 70.15
C GLU O 157 85.27 24.75 71.56
N PRO O 158 85.06 25.65 72.52
CA PRO O 158 85.46 25.35 73.91
C PRO O 158 84.73 24.14 74.45
N VAL O 159 85.45 23.35 75.26
CA VAL O 159 84.86 22.15 75.84
C VAL O 159 83.73 22.52 76.80
N THR O 160 83.96 23.53 77.63
CA THR O 160 82.94 24.00 78.56
C THR O 160 81.90 24.83 77.83
N VAL O 161 80.77 25.06 78.52
CA VAL O 161 79.70 25.88 77.96
C VAL O 161 80.13 27.32 77.75
N SER O 162 81.14 27.77 78.49
CA SER O 162 81.63 29.14 78.35
C SER O 162 82.20 29.37 76.95
N TRP O 163 82.00 30.59 76.45
CA TRP O 163 82.44 31.08 75.14
C TRP O 163 81.71 30.42 73.98
N ASN O 164 80.82 29.45 74.25
CA ASN O 164 80.04 28.86 73.16
C ASN O 164 78.96 29.80 72.67
N SER O 165 78.27 30.47 73.60
CA SER O 165 77.21 31.40 73.22
C SER O 165 77.82 32.66 72.60
N GLY O 166 77.11 33.21 71.61
CA GLY O 166 77.60 34.39 70.93
C GLY O 166 78.73 34.17 69.96
N ALA O 167 79.02 32.90 69.62
CA ALA O 167 80.11 32.56 68.72
C ALA O 167 79.55 32.15 67.38
N LEU O 168 80.07 32.75 66.31
CA LEU O 168 79.66 32.43 64.94
C LEU O 168 80.67 31.47 64.34
N THR O 169 80.21 30.27 63.99
CA THR O 169 81.09 29.25 63.43
C THR O 169 81.40 29.60 61.98
N SER O 170 82.64 30.02 61.73
CA SER O 170 83.05 30.35 60.37
C SER O 170 83.07 29.11 59.48
N GLY O 171 82.78 29.31 58.20
CA GLY O 171 82.76 28.21 57.28
C GLY O 171 84.14 27.59 57.08
N VAL O 172 84.15 26.31 56.75
CA VAL O 172 85.39 25.57 56.54
C VAL O 172 85.81 25.86 55.10
N HIS O 173 86.61 26.92 54.94
CA HIS O 173 87.06 27.36 53.62
C HIS O 173 88.18 26.43 53.14
N THR O 174 87.91 25.66 52.09
CA THR O 174 88.89 24.74 51.53
C THR O 174 89.72 25.44 50.44
N PHE O 175 90.29 26.59 50.82
CA PHE O 175 91.14 27.33 49.89
C PHE O 175 92.37 26.53 49.47
N PRO O 176 93.13 25.92 50.37
CA PRO O 176 94.26 25.07 49.94
C PRO O 176 93.80 23.64 49.69
N ALA O 177 94.75 22.75 49.40
CA ALA O 177 94.41 21.33 49.26
C ALA O 177 93.80 20.79 50.54
N VAL O 178 94.32 21.21 51.69
CA VAL O 178 93.68 20.86 52.96
C VAL O 178 92.36 21.59 53.08
N LEU O 179 91.42 20.98 53.82
CA LEU O 179 90.11 21.59 53.99
C LEU O 179 90.17 22.90 54.76
N GLN O 180 91.18 23.07 55.62
CA GLN O 180 91.38 24.31 56.37
C GLN O 180 90.13 24.69 57.15
N SER O 181 89.61 23.75 57.93
CA SER O 181 88.41 23.96 58.74
C SER O 181 88.75 24.93 59.87
N SER O 182 88.38 26.20 59.70
CA SER O 182 88.71 27.20 60.71
C SER O 182 88.03 26.90 62.04
N GLY O 183 86.71 26.71 62.01
CA GLY O 183 85.98 26.45 63.24
C GLY O 183 86.08 27.57 64.26
N LEU O 184 85.96 28.82 63.80
CA LEU O 184 86.12 29.95 64.70
C LEU O 184 84.99 30.00 65.71
N TYR O 185 85.34 30.17 66.99
CA TYR O 185 84.39 30.30 68.09
C TYR O 185 84.81 31.52 68.91
N SER O 186 84.33 32.70 68.51
CA SER O 186 84.70 33.94 69.19
C SER O 186 83.95 34.04 70.51
N LEU O 187 84.69 34.40 71.57
CA LEU O 187 84.06 34.57 72.88
C LEU O 187 83.15 35.78 72.91
N SER O 188 83.45 36.80 72.11
CA SER O 188 82.63 38.01 72.01
C SER O 188 82.49 38.71 73.35
N SER O 189 83.54 38.69 74.16
CA SER O 189 83.54 39.37 75.45
C SER O 189 84.97 39.64 75.87
N VAL O 190 85.22 40.84 76.41
CA VAL O 190 86.55 41.19 76.88
C VAL O 190 86.98 40.32 78.04
N VAL O 191 86.07 40.11 79.00
CA VAL O 191 86.39 39.27 80.16
C VAL O 191 86.62 37.82 79.72
N THR O 192 85.75 37.31 78.84
CA THR O 192 85.90 35.93 78.36
C THR O 192 87.18 35.75 77.57
N VAL O 193 87.59 36.78 76.80
CA VAL O 193 88.85 36.70 76.06
C VAL O 193 90.04 36.52 77.00
N PRO O 194 90.16 37.27 78.10
CA PRO O 194 91.31 37.06 78.99
C PRO O 194 91.39 35.66 79.58
N SER O 195 90.25 35.04 79.86
CA SER O 195 90.19 33.69 80.43
C SER O 195 89.22 32.87 79.60
N SER O 196 89.75 32.14 78.61
CA SER O 196 88.95 31.33 77.71
C SER O 196 89.23 29.85 77.93
N SER O 197 88.17 29.04 77.93
CA SER O 197 88.32 27.61 78.12
C SER O 197 88.99 26.97 76.92
N LEU O 198 89.60 25.81 77.15
CA LEU O 198 90.28 25.09 76.09
C LEU O 198 89.29 24.62 75.02
N GLY O 199 89.70 24.71 73.77
CA GLY O 199 88.84 24.36 72.65
C GLY O 199 89.18 22.99 72.08
N THR O 200 88.20 22.09 72.12
CA THR O 200 88.40 20.75 71.60
C THR O 200 88.38 20.73 70.08
N GLN O 201 88.88 19.64 69.51
CA GLN O 201 88.93 19.46 68.06
C GLN O 201 88.19 18.18 67.70
N THR O 202 87.27 18.28 66.73
CA THR O 202 86.49 17.11 66.34
C THR O 202 87.32 16.13 65.52
N TYR O 203 88.15 16.66 64.61
CA TYR O 203 89.02 15.87 63.74
C TYR O 203 88.22 15.05 62.74
N ILE O 204 88.91 14.38 61.81
CA ILE O 204 88.27 13.58 60.76
C ILE O 204 88.54 12.10 60.94
N CYS O 205 89.81 11.74 61.18
CA CYS O 205 90.15 10.33 61.39
C CYS O 205 89.43 9.76 62.60
N ASN O 206 89.38 10.53 63.69
CA ASN O 206 88.60 10.19 64.88
C ASN O 206 87.32 11.01 64.82
N VAL O 207 86.20 10.32 64.57
CA VAL O 207 84.92 11.02 64.44
C VAL O 207 84.55 11.73 65.74
N ASN O 208 84.73 11.05 66.87
CA ASN O 208 84.43 11.66 68.15
C ASN O 208 85.37 12.82 68.43
N HIS O 209 84.83 13.90 69.00
CA HIS O 209 85.63 15.06 69.32
C HIS O 209 86.62 14.74 70.43
N LYS O 210 87.84 15.26 70.29
CA LYS O 210 88.88 15.05 71.29
C LYS O 210 89.29 16.36 71.94
N PRO O 211 89.55 16.36 73.23
CA PRO O 211 89.93 17.61 73.91
C PRO O 211 91.24 18.17 73.37
N SER O 212 91.32 19.49 73.33
CA SER O 212 92.52 20.18 72.86
C SER O 212 92.63 21.53 73.57
N ASN O 213 93.84 22.06 73.59
CA ASN O 213 94.12 23.34 74.26
C ASN O 213 93.99 24.46 73.24
N THR O 214 93.00 25.33 73.44
CA THR O 214 92.78 26.46 72.56
C THR O 214 92.12 27.56 73.38
N LYS O 215 92.90 28.57 73.78
CA LYS O 215 92.41 29.67 74.58
C LYS O 215 92.86 31.00 73.98
N VAL O 216 92.02 32.01 74.14
CA VAL O 216 92.36 33.34 73.63
C VAL O 216 93.55 33.91 74.38
N ASP O 217 93.57 33.73 75.71
CA ASP O 217 94.66 34.23 76.57
C ASP O 217 94.89 35.72 76.38
N LYS O 218 93.80 36.48 76.27
CA LYS O 218 93.89 37.92 76.08
C LYS O 218 94.05 38.65 77.41
N TYR P 1 70.42 15.92 24.88
CA TYR P 1 69.11 16.19 25.46
C TYR P 1 69.26 16.93 26.79
N GLU P 2 68.67 18.12 26.88
CA GLU P 2 68.71 18.91 28.09
C GLU P 2 67.59 19.93 28.06
N LEU P 3 67.03 20.21 29.24
CA LEU P 3 65.95 21.17 29.39
C LEU P 3 66.55 22.52 29.80
N THR P 4 66.53 23.48 28.87
CA THR P 4 67.08 24.79 29.15
C THR P 4 66.23 25.51 30.19
N GLN P 5 66.92 26.28 31.06
CA GLN P 5 66.25 26.99 32.14
C GLN P 5 67.13 28.17 32.52
N PRO P 6 66.56 29.35 32.79
CA PRO P 6 67.40 30.49 33.11
C PRO P 6 68.14 30.28 34.42
N PRO P 7 69.29 30.93 34.59
CA PRO P 7 70.05 30.73 35.83
C PRO P 7 69.32 31.19 37.07
N SER P 8 68.86 32.44 37.11
CA SER P 8 68.21 32.99 38.30
C SER P 8 67.31 34.14 37.89
N VAL P 9 66.37 34.46 38.78
CA VAL P 9 65.47 35.59 38.61
C VAL P 9 65.40 36.36 39.92
N SER P 10 65.02 37.63 39.82
CA SER P 10 64.91 38.52 40.97
C SER P 10 63.56 39.23 40.90
N VAL P 11 62.71 38.98 41.89
CA VAL P 11 61.37 39.58 41.97
C VAL P 11 61.14 40.07 43.38
N SER P 12 60.64 41.30 43.51
CA SER P 12 60.37 41.87 44.82
C SER P 12 59.21 41.15 45.49
N PRO P 13 59.17 41.13 46.82
CA PRO P 13 58.07 40.47 47.51
C PRO P 13 56.73 41.12 47.19
N GLY P 14 55.69 40.29 47.16
CA GLY P 14 54.37 40.77 46.79
C GLY P 14 54.20 41.02 45.30
N GLN P 15 55.10 40.47 44.49
CA GLN P 15 55.02 40.63 43.04
C GLN P 15 55.06 39.26 42.39
N THR P 16 54.19 39.05 41.41
CA THR P 16 54.07 37.76 40.75
C THR P 16 55.31 37.48 39.90
N ALA P 17 55.76 36.22 39.90
CA ALA P 17 57.01 35.82 39.27
C ALA P 17 56.81 34.61 38.36
N ARG P 18 57.55 34.60 37.25
CA ARG P 18 57.57 33.50 36.30
C ARG P 18 58.88 32.72 36.41
N ILE P 19 58.80 31.42 36.14
CA ILE P 19 59.96 30.57 35.92
C ILE P 19 59.71 29.76 34.64
N THR P 20 60.66 29.80 33.71
CA THR P 20 60.46 29.23 32.38
C THR P 20 61.33 28.00 32.19
N CYS P 21 60.76 26.97 31.57
CA CYS P 21 61.48 25.76 31.20
C CYS P 21 61.13 25.40 29.76
N SER P 22 62.06 24.77 29.05
CA SER P 22 61.85 24.45 27.66
C SER P 22 62.53 23.14 27.31
N GLY P 23 62.05 22.51 26.25
CA GLY P 23 62.63 21.27 25.77
C GLY P 23 62.13 20.93 24.39
N ASP P 24 62.88 20.06 23.71
CA ASP P 24 62.54 19.69 22.33
C ASP P 24 61.36 18.72 22.28
N ALA P 25 61.29 17.78 23.23
CA ALA P 25 60.17 16.84 23.32
C ALA P 25 59.15 17.27 24.35
N LEU P 26 59.17 18.54 24.75
CA LEU P 26 58.30 19.02 25.82
C LEU P 26 56.80 18.94 25.49
N PRO P 27 56.33 19.31 24.29
CA PRO P 27 54.86 19.36 24.08
C PRO P 27 54.16 18.03 24.25
N LYS P 28 54.87 16.91 24.20
CA LYS P 28 54.28 15.59 24.43
C LYS P 28 54.74 14.96 25.74
N GLN P 29 54.95 15.78 26.76
CA GLN P 29 55.45 15.29 28.04
C GLN P 29 54.87 16.13 29.16
N TYR P 30 54.90 15.57 30.37
CA TYR P 30 54.46 16.26 31.57
C TYR P 30 55.67 16.77 32.36
N VAL P 31 55.66 18.04 32.69
CA VAL P 31 56.67 18.60 33.57
C VAL P 31 56.22 18.42 35.01
N TYR P 32 57.19 18.33 35.90
CA TYR P 32 56.92 18.32 37.34
C TYR P 32 57.84 19.35 37.98
N TRP P 33 57.25 20.33 38.64
CA TRP P 33 58.01 21.41 39.25
C TRP P 33 58.33 21.03 40.69
N TYR P 34 59.62 21.02 41.00
CA TYR P 34 60.15 20.60 42.29
C TYR P 34 60.79 21.79 42.98
N GLN P 35 60.43 21.98 44.25
CA GLN P 35 61.00 23.04 45.08
C GLN P 35 61.93 22.42 46.11
N GLN P 36 63.16 22.92 46.17
CA GLN P 36 64.19 22.41 47.08
C GLN P 36 64.68 23.55 47.95
N LYS P 37 64.22 23.59 49.19
CA LYS P 37 64.82 24.49 50.16
C LYS P 37 66.20 23.97 50.53
N PRO P 38 67.18 24.86 50.71
CA PRO P 38 68.53 24.40 51.04
C PRO P 38 68.57 23.64 52.36
N GLY P 39 69.40 22.59 52.40
CA GLY P 39 69.64 21.83 53.60
C GLY P 39 68.93 20.49 53.67
N GLN P 40 67.93 20.25 52.82
CA GLN P 40 67.18 19.00 52.88
C GLN P 40 66.70 18.64 51.48
N ALA P 41 66.02 17.50 51.40
CA ALA P 41 65.55 16.97 50.13
C ALA P 41 64.47 17.88 49.53
N PRO P 42 64.33 17.88 48.20
CA PRO P 42 63.29 18.71 47.57
C PRO P 42 61.91 18.18 47.87
N VAL P 43 60.91 19.01 47.55
CA VAL P 43 59.51 18.66 47.71
C VAL P 43 58.76 19.05 46.44
N LEU P 44 57.84 18.19 46.02
CA LEU P 44 57.06 18.46 44.82
C LEU P 44 56.10 19.62 45.04
N VAL P 45 56.08 20.57 44.09
CA VAL P 45 55.21 21.72 44.23
C VAL P 45 54.18 21.73 43.10
N ILE P 46 54.51 21.14 41.95
CA ILE P 46 53.56 21.07 40.84
C ILE P 46 53.72 19.72 40.15
N TYR P 47 52.61 19.04 39.89
CA TYR P 47 52.62 17.77 39.17
C TYR P 47 51.53 17.80 38.11
N LYS P 48 51.59 16.83 37.19
CA LYS P 48 50.66 16.73 36.06
C LYS P 48 50.67 17.97 35.19
N ASP P 49 51.75 18.76 35.25
CA ASP P 49 52.01 19.85 34.32
C ASP P 49 51.11 21.06 34.56
N SER P 50 50.09 20.92 35.41
CA SER P 50 49.18 22.03 35.63
C SER P 50 48.74 22.25 37.08
N GLU P 51 48.78 21.25 37.96
CA GLU P 51 48.12 21.35 39.25
C GLU P 51 49.08 21.01 40.38
N ARG P 52 48.76 21.53 41.58
CA ARG P 52 49.51 21.50 42.82
C ARG P 52 48.98 20.43 43.76
N PRO P 53 49.85 19.84 44.59
CA PRO P 53 49.37 18.85 45.58
C PRO P 53 48.59 19.50 46.71
N SER P 54 48.18 18.70 47.69
CA SER P 54 47.46 19.22 48.84
C SER P 54 48.41 19.88 49.82
N GLY P 55 48.01 21.06 50.30
CA GLY P 55 48.81 21.83 51.23
C GLY P 55 49.71 22.86 50.58
N ILE P 56 49.99 22.74 49.30
CA ILE P 56 50.78 23.75 48.59
C ILE P 56 49.97 25.05 48.51
N PRO P 57 50.58 26.21 48.77
CA PRO P 57 49.82 27.47 48.71
C PRO P 57 49.22 27.70 47.33
N GLU P 58 48.03 28.29 47.31
CA GLU P 58 47.28 28.50 46.09
C GLU P 58 47.95 29.46 45.13
N ARG P 59 48.96 30.20 45.58
CA ARG P 59 49.68 31.11 44.69
C ARG P 59 50.42 30.38 43.58
N PHE P 60 50.78 29.12 43.79
CA PHE P 60 51.49 28.36 42.77
C PHE P 60 50.55 27.97 41.64
N SER P 61 51.03 28.12 40.40
CA SER P 61 50.28 27.68 39.23
C SER P 61 51.27 27.35 38.13
N GLY P 62 50.81 26.60 37.14
CA GLY P 62 51.67 26.23 36.03
C GLY P 62 50.87 26.13 34.75
N SER P 63 51.55 26.39 33.63
CA SER P 63 50.90 26.27 32.34
C SER P 63 51.93 25.91 31.28
N SER P 64 51.44 25.36 30.17
CA SER P 64 52.27 24.90 29.07
C SER P 64 51.81 25.56 27.78
N SER P 65 52.76 26.13 27.03
CA SER P 65 52.48 26.73 25.74
C SER P 65 53.55 26.23 24.77
N GLY P 66 53.15 25.40 23.82
CA GLY P 66 54.09 24.90 22.82
C GLY P 66 55.21 24.13 23.48
N THR P 67 56.45 24.54 23.20
CA THR P 67 57.64 23.92 23.76
C THR P 67 58.12 24.61 25.03
N THR P 68 57.27 25.41 25.67
CA THR P 68 57.64 26.12 26.89
C THR P 68 56.65 25.82 28.00
N VAL P 69 57.14 25.87 29.23
CA VAL P 69 56.32 25.70 30.43
C VAL P 69 56.68 26.79 31.41
N THR P 70 55.67 27.47 31.95
CA THR P 70 55.88 28.54 32.90
C THR P 70 55.23 28.19 34.25
N LEU P 71 56.00 28.38 35.32
CA LEU P 71 55.55 28.23 36.68
C LEU P 71 55.41 29.62 37.29
N THR P 72 54.20 29.95 37.75
CA THR P 72 53.85 31.30 38.16
C THR P 72 53.51 31.32 39.64
N ILE P 73 54.12 32.25 40.37
CA ILE P 73 53.83 32.44 41.79
C ILE P 73 53.26 33.84 41.97
N SER P 74 52.04 33.92 42.49
CA SER P 74 51.37 35.21 42.68
C SER P 74 51.62 35.70 44.10
N GLY P 75 52.20 36.90 44.21
CA GLY P 75 52.53 37.43 45.52
C GLY P 75 53.65 36.66 46.19
N VAL P 76 54.86 36.73 45.64
CA VAL P 76 55.98 35.98 46.17
C VAL P 76 56.33 36.50 47.56
N GLN P 77 56.49 35.57 48.51
CA GLN P 77 56.92 35.90 49.86
C GLN P 77 58.39 35.59 50.03
N ALA P 78 58.93 35.92 51.21
CA ALA P 78 60.35 35.72 51.46
C ALA P 78 60.73 34.26 51.52
N GLU P 79 59.86 33.41 52.06
CA GLU P 79 60.16 31.99 52.21
C GLU P 79 60.10 31.22 50.90
N ASP P 80 59.95 31.87 49.75
CA ASP P 80 59.90 31.17 48.47
C ASP P 80 61.26 31.03 47.80
N ASP P 81 62.32 31.48 48.45
CA ASP P 81 63.67 31.34 47.91
C ASP P 81 64.11 29.89 48.04
N ALA P 82 64.31 29.22 46.91
CA ALA P 82 64.73 27.83 46.89
C ALA P 82 64.97 27.44 45.43
N ASP P 83 65.49 26.23 45.25
CA ASP P 83 65.74 25.73 43.91
C ASP P 83 64.44 25.29 43.26
N TYR P 84 64.19 25.75 42.03
CA TYR P 84 63.02 25.36 41.26
C TYR P 84 63.47 24.57 40.05
N TYR P 85 63.01 23.33 39.94
CA TYR P 85 63.41 22.44 38.85
C TYR P 85 62.21 21.97 38.06
N CYS P 86 62.37 21.89 36.74
CA CYS P 86 61.40 21.27 35.86
C CYS P 86 61.88 19.87 35.51
N GLN P 87 61.04 18.88 35.76
CA GLN P 87 61.36 17.47 35.55
C GLN P 87 60.56 16.94 34.37
N ALA P 88 61.23 16.27 33.45
CA ALA P 88 60.56 15.66 32.30
C ALA P 88 61.33 14.39 31.95
N ALA P 89 61.07 13.85 30.76
CA ALA P 89 61.72 12.63 30.32
C ALA P 89 62.33 12.85 28.94
N ASP P 90 63.12 11.86 28.52
CA ASP P 90 63.76 11.92 27.21
C ASP P 90 62.70 11.76 26.12
N SER P 91 63.09 12.16 24.90
CA SER P 91 62.19 12.02 23.75
C SER P 91 61.82 10.57 23.48
N SER P 92 62.61 9.62 23.98
CA SER P 92 62.29 8.21 23.89
C SER P 92 61.50 7.69 25.10
N ASN P 93 61.13 8.59 26.02
CA ASN P 93 60.35 8.23 27.20
C ASN P 93 61.07 7.16 28.04
N THR P 94 62.39 7.28 28.13
CA THR P 94 63.19 6.32 28.89
C THR P 94 64.21 6.94 29.83
N GLU P 95 64.56 8.22 29.66
CA GLU P 95 65.57 8.88 30.49
C GLU P 95 64.95 10.11 31.13
N TYR P 96 64.98 10.17 32.46
CA TYR P 96 64.42 11.29 33.20
C TYR P 96 65.45 12.41 33.30
N VAL P 97 65.01 13.64 33.02
CA VAL P 97 65.90 14.80 32.96
C VAL P 97 65.34 15.89 33.86
N PHE P 98 66.21 16.46 34.69
CA PHE P 98 65.87 17.61 35.52
C PHE P 98 66.37 18.89 34.85
N GLY P 99 65.73 20.00 35.21
CA GLY P 99 66.14 21.30 34.69
C GLY P 99 67.37 21.83 35.40
N THR P 100 67.92 22.91 34.83
CA THR P 100 69.10 23.53 35.43
C THR P 100 68.78 24.14 36.78
N GLY P 101 67.64 24.78 36.90
CA GLY P 101 67.24 25.37 38.16
C GLY P 101 67.31 26.88 38.12
N THR P 102 66.35 27.52 38.78
CA THR P 102 66.27 28.97 38.88
C THR P 102 66.38 29.40 40.33
N LYS P 103 67.28 30.34 40.60
CA LYS P 103 67.45 30.91 41.93
C LYS P 103 66.60 32.16 42.03
N VAL P 104 65.34 31.99 42.45
CA VAL P 104 64.46 33.13 42.63
C VAL P 104 64.97 33.99 43.79
N THR P 105 65.02 35.30 43.56
CA THR P 105 65.55 36.24 44.54
C THR P 105 64.42 37.10 45.09
N VAL P 106 64.29 37.12 46.41
CA VAL P 106 63.25 37.89 47.09
C VAL P 106 63.92 39.10 47.74
N LEU P 107 63.30 40.26 47.59
CA LEU P 107 63.86 41.50 48.11
C LEU P 107 63.26 41.83 49.48
N GLN P 108 65.91 39.85 50.31
CA GLN P 108 67.25 40.41 50.30
C GLN P 108 67.86 40.42 51.70
N PRO P 109 69.11 40.01 51.80
CA PRO P 109 69.77 40.03 53.11
C PRO P 109 69.97 41.44 53.61
N LYS P 110 70.05 41.56 54.93
CA LYS P 110 70.23 42.87 55.56
C LYS P 110 71.56 43.48 55.12
N ALA P 111 71.50 44.75 54.70
CA ALA P 111 72.67 45.44 54.18
C ALA P 111 73.68 45.66 55.30
N ASN P 112 74.79 44.92 55.25
CA ASN P 112 75.85 45.03 56.23
C ASN P 112 77.18 45.23 55.51
N PRO P 113 78.00 46.19 55.94
CA PRO P 113 79.29 46.39 55.29
C PRO P 113 80.26 45.26 55.63
N THR P 114 81.35 45.22 54.86
CA THR P 114 82.37 44.20 55.07
C THR P 114 82.98 44.33 56.47
N VAL P 115 83.13 43.20 57.15
CA VAL P 115 83.74 43.15 58.48
C VAL P 115 85.00 42.32 58.37
N THR P 116 86.14 42.93 58.69
CA THR P 116 87.44 42.27 58.62
C THR P 116 88.04 42.21 60.02
N LEU P 117 88.38 41.01 60.47
CA LEU P 117 89.01 40.79 61.77
C LEU P 117 90.17 39.83 61.57
N PHE P 118 91.38 40.38 61.55
CA PHE P 118 92.57 39.56 61.34
C PHE P 118 92.84 38.70 62.56
N PRO P 119 92.86 37.37 62.44
CA PRO P 119 93.12 36.53 63.60
C PRO P 119 94.55 36.72 64.08
N PRO P 120 94.79 36.61 65.39
CA PRO P 120 96.17 36.71 65.89
C PRO P 120 97.02 35.55 65.40
N SER P 121 98.31 35.83 65.23
CA SER P 121 99.25 34.81 64.77
C SER P 121 99.36 33.69 65.78
N SER P 122 99.23 32.46 65.31
CA SER P 122 99.31 31.30 66.19
C SER P 122 100.75 31.04 66.62
N GLU P 123 100.89 30.55 67.85
CA GLU P 123 102.23 30.21 68.35
C GLU P 123 102.86 29.09 67.53
N GLU P 124 102.07 28.08 67.18
CA GLU P 124 102.57 27.00 66.32
C GLU P 124 102.92 27.53 64.93
N LEU P 125 102.09 28.42 64.39
CA LEU P 125 102.40 29.03 63.10
C LEU P 125 103.66 29.86 63.16
N GLN P 126 103.85 30.62 64.24
CA GLN P 126 105.08 31.37 64.42
C GLN P 126 106.27 30.44 64.58
N ALA P 127 106.10 29.34 65.31
CA ALA P 127 107.18 28.35 65.45
C ALA P 127 107.49 27.70 64.11
N ASN P 128 106.48 27.41 63.31
CA ASN P 128 106.65 26.82 62.00
C ASN P 128 106.96 27.85 60.92
N LYS P 129 107.18 29.12 61.29
CA LYS P 129 107.47 30.20 60.36
C LYS P 129 106.37 30.35 59.31
N ALA P 130 105.12 30.20 59.75
CA ALA P 130 103.96 30.32 58.87
C ALA P 130 102.86 31.12 59.56
N THR P 131 103.23 32.20 60.24
CA THR P 131 102.25 33.02 60.93
C THR P 131 101.39 33.76 59.91
N LEU P 132 100.08 33.68 60.08
CA LEU P 132 99.15 34.30 59.14
C LEU P 132 97.90 34.75 59.89
N VAL P 133 97.17 35.67 59.26
CA VAL P 133 95.95 36.24 59.83
C VAL P 133 94.81 36.00 58.85
N CYS P 134 93.71 35.46 59.35
CA CYS P 134 92.52 35.17 58.54
C CYS P 134 91.37 36.07 59.00
N LEU P 135 90.66 36.65 58.03
CA LEU P 135 89.54 37.54 58.31
C LEU P 135 88.25 36.90 57.83
N ILE P 136 87.24 36.89 58.71
CA ILE P 136 85.93 36.32 58.41
C ILE P 136 84.87 37.38 58.67
N SER P 137 83.97 37.56 57.71
CA SER P 137 82.90 38.54 57.83
C SER P 137 81.71 37.91 58.55
N ASP P 138 81.21 38.60 59.59
CA ASP P 138 80.08 38.08 60.35
C ASP P 138 78.82 38.00 59.50
N PHE P 139 78.53 39.06 58.73
CA PHE P 139 77.35 39.09 57.89
C PHE P 139 77.53 40.16 56.82
N TYR P 140 76.96 39.89 55.64
CA TYR P 140 77.04 40.82 54.52
C TYR P 140 76.01 40.46 53.47
N PRO P 141 75.22 41.43 52.99
CA PRO P 141 74.23 41.14 51.95
C PRO P 141 74.88 41.09 50.58
N GLY P 142 74.85 39.92 49.95
CA GLY P 142 75.47 39.74 48.66
C GLY P 142 76.97 39.96 48.69
N ALA P 143 77.63 39.35 49.68
CA ALA P 143 79.06 39.54 49.86
C ALA P 143 79.83 39.09 48.62
N VAL P 144 80.76 39.92 48.18
CA VAL P 144 81.60 39.62 47.02
C VAL P 144 82.79 38.80 47.48
N THR P 145 83.21 37.85 46.65
CA THR P 145 84.35 36.98 46.97
C THR P 145 85.64 37.68 46.53
N VAL P 146 85.93 38.79 47.21
CA VAL P 146 87.12 39.59 46.95
C VAL P 146 87.88 39.76 48.26
N ALA P 147 89.11 39.27 48.29
CA ALA P 147 89.99 39.41 49.45
C ALA P 147 91.34 39.95 48.99
N TRP P 148 91.81 41.00 49.65
CA TRP P 148 93.07 41.66 49.29
C TRP P 148 93.86 41.90 50.57
N LYS P 149 94.71 40.94 50.92
CA LYS P 149 95.57 41.09 52.09
C LYS P 149 96.76 41.99 51.74
N ALA P 150 96.94 43.05 52.52
CA ALA P 150 98.00 44.02 52.29
C ALA P 150 98.84 44.12 53.56
N ASP P 151 99.83 43.23 53.68
CA ASP P 151 100.73 43.22 54.83
C ASP P 151 101.98 44.00 54.46
N GLY P 152 101.95 45.31 54.73
CA GLY P 152 103.09 46.17 54.45
C GLY P 152 103.44 46.27 52.98
N SER P 153 102.51 45.93 52.10
CA SER P 153 102.76 45.92 50.65
C SER P 153 101.44 45.85 49.91
N PRO P 154 101.46 45.85 48.58
CA PRO P 154 100.20 45.74 47.82
C PRO P 154 99.53 44.39 48.00
N VAL P 155 98.34 44.22 47.42
CA VAL P 155 97.59 42.98 47.57
C VAL P 155 98.35 41.85 46.88
N LYS P 156 98.49 40.72 47.57
CA LYS P 156 99.20 39.56 47.06
C LYS P 156 98.22 38.41 46.90
N ALA P 157 98.27 37.74 45.75
CA ALA P 157 97.36 36.62 45.49
C ALA P 157 97.61 35.47 46.46
N GLY P 158 98.88 35.18 46.75
CA GLY P 158 99.20 34.10 47.66
C GLY P 158 98.96 34.42 49.12
N VAL P 159 98.89 35.70 49.47
CA VAL P 159 98.68 36.08 50.87
C VAL P 159 97.28 35.69 51.32
N GLU P 160 96.27 36.02 50.53
CA GLU P 160 94.88 35.74 50.85
C GLU P 160 94.24 34.98 49.70
N THR P 161 93.53 33.91 50.03
CA THR P 161 92.84 33.08 49.05
C THR P 161 91.34 33.27 49.19
N THR P 162 90.66 33.48 48.08
CA THR P 162 89.21 33.70 48.10
C THR P 162 88.49 32.41 48.51
N LYS P 163 87.35 32.60 49.18
CA LYS P 163 86.54 31.49 49.66
C LYS P 163 85.08 31.77 49.34
N PRO P 164 84.26 30.73 49.22
CA PRO P 164 82.82 30.94 48.98
C PRO P 164 82.14 31.61 50.16
N SER P 165 81.08 32.35 49.86
CA SER P 165 80.33 33.09 50.88
C SER P 165 79.27 32.16 51.46
N LYS P 166 79.48 31.74 52.71
CA LYS P 166 78.51 30.90 53.39
C LYS P 166 77.27 31.72 53.78
N GLN P 167 76.19 31.00 54.09
CA GLN P 167 74.92 31.62 54.44
C GLN P 167 74.90 31.88 55.93
N SER P 168 74.95 33.16 56.32
CA SER P 168 74.87 33.53 57.73
C SER P 168 73.48 33.25 58.28
N ASN P 169 73.43 32.85 59.55
CA ASN P 169 72.15 32.53 60.18
C ASN P 169 71.27 33.76 60.34
N ASN P 170 71.87 34.95 60.44
CA ASN P 170 71.11 36.17 60.66
C ASN P 170 70.61 36.76 59.34
N LYS P 171 69.96 35.94 58.52
CA LYS P 171 69.35 36.37 57.26
C LYS P 171 70.35 37.14 56.39
N TYR P 172 71.57 36.63 56.32
CA TYR P 172 72.62 37.29 55.55
C TYR P 172 73.59 36.23 55.04
N ALA P 173 74.66 36.69 54.40
CA ALA P 173 75.72 35.83 53.89
C ALA P 173 77.01 36.17 54.59
N ALA P 174 77.69 35.16 55.12
CA ALA P 174 78.94 35.33 55.84
C ALA P 174 80.07 34.73 55.00
N SER P 175 81.09 35.52 54.72
CA SER P 175 82.24 35.10 53.94
C SER P 175 83.42 34.89 54.88
N SER P 176 83.88 33.65 54.98
CA SER P 176 85.02 33.28 55.83
C SER P 176 86.13 32.74 54.92
N TYR P 177 87.19 33.53 54.76
CA TYR P 177 88.32 33.17 53.92
C TYR P 177 89.58 33.08 54.77
N LEU P 178 90.32 31.99 54.63
CA LEU P 178 91.56 31.80 55.36
C LEU P 178 92.73 32.29 54.52
N SER P 179 93.52 33.21 55.08
CA SER P 179 94.68 33.76 54.42
C SER P 179 95.94 33.17 55.02
N LEU P 180 96.80 32.63 54.17
CA LEU P 180 98.06 32.00 54.59
C LEU P 180 99.23 32.80 54.04
N THR P 181 100.12 33.21 54.94
CA THR P 181 101.32 33.94 54.57
C THR P 181 102.47 33.48 55.44
N PRO P 182 103.71 33.59 54.95
CA PRO P 182 104.86 33.21 55.77
C PRO P 182 105.07 34.18 56.92
N GLU P 183 105.63 33.66 58.02
CA GLU P 183 105.93 34.51 59.17
C GLU P 183 107.01 35.52 58.86
N GLN P 184 108.00 35.15 58.03
CA GLN P 184 109.06 36.07 57.67
C GLN P 184 108.51 37.28 56.92
N TRP P 185 107.58 37.05 56.00
CA TRP P 185 106.94 38.17 55.31
C TRP P 185 106.14 39.03 56.29
N LYS P 186 105.42 38.39 57.21
CA LYS P 186 104.69 39.14 58.23
C LYS P 186 105.64 39.91 59.14
N SER P 187 106.74 39.28 59.54
CA SER P 187 107.72 39.96 60.38
C SER P 187 108.36 41.13 59.65
N HIS P 188 108.68 40.94 58.36
CA HIS P 188 109.23 42.04 57.57
C HIS P 188 108.22 43.17 57.42
N ARG P 189 106.95 42.82 57.21
CA ARG P 189 105.91 43.82 57.09
C ARG P 189 105.70 44.55 58.42
N SER P 190 105.44 45.86 58.33
CA SER P 190 105.19 46.63 59.53
C SER P 190 103.93 46.17 60.23
N TYR P 191 102.87 45.91 59.47
CA TYR P 191 101.61 45.44 60.02
C TYR P 191 100.87 44.62 58.97
N SER P 192 100.17 43.59 59.42
CA SER P 192 99.39 42.74 58.53
C SER P 192 98.01 43.37 58.33
N CYS P 193 97.97 44.37 57.46
CA CYS P 193 96.74 45.12 57.18
C CYS P 193 95.95 44.42 56.08
N GLN P 194 95.45 43.24 56.43
CA GLN P 194 94.63 42.47 55.52
C GLN P 194 93.28 43.17 55.33
N VAL P 195 92.82 43.22 54.07
CA VAL P 195 91.57 43.89 53.73
C VAL P 195 90.65 42.87 53.07
N THR P 196 89.41 42.78 53.57
CA THR P 196 88.40 41.88 53.03
C THR P 196 87.26 42.72 52.46
N HIS P 197 86.87 42.42 51.22
CA HIS P 197 85.82 43.14 50.53
C HIS P 197 84.54 42.29 50.50
N GLU P 198 83.45 42.87 50.99
CA GLU P 198 82.17 42.17 51.01
C GLU P 198 81.05 43.19 51.07
N GLY P 199 79.93 42.86 50.44
CA GLY P 199 78.77 43.74 50.45
C GLY P 199 79.01 45.10 49.83
N SER P 200 79.74 45.13 48.71
CA SER P 200 80.07 46.38 48.01
C SER P 200 80.80 47.36 48.93
N THR P 201 81.65 46.81 49.80
CA THR P 201 82.43 47.63 50.71
C THR P 201 83.74 46.91 51.02
N VAL P 202 84.74 47.68 51.44
CA VAL P 202 86.07 47.17 51.74
C VAL P 202 86.46 47.61 53.15
N GLU P 203 86.87 46.66 53.97
CA GLU P 203 87.35 46.93 55.32
C GLU P 203 88.70 46.26 55.52
N LYS P 204 89.62 46.98 56.15
CA LYS P 204 90.99 46.50 56.37
C LYS P 204 91.25 46.38 57.86
N THR P 205 91.79 45.25 58.27
CA THR P 205 92.17 44.99 59.66
C THR P 205 93.69 44.85 59.72
N VAL P 206 94.32 45.66 60.59
CA VAL P 206 95.77 45.70 60.72
C VAL P 206 96.15 45.18 62.10
N ALA P 207 97.13 44.28 62.13
CA ALA P 207 97.63 43.70 63.37
C ALA P 207 99.13 43.85 63.44
N PRO P 208 99.69 43.89 64.65
CA PRO P 208 101.14 44.05 64.78
C PRO P 208 101.89 42.83 64.25
N THR P 209 103.10 43.08 63.77
CA THR P 209 103.94 42.02 63.22
C THR P 209 104.45 41.10 64.34
N GLN Q 1 56.96 -61.35 -39.47
CA GLN Q 1 58.29 -61.04 -38.93
C GLN Q 1 58.96 -59.94 -39.75
N VAL Q 2 59.73 -59.08 -39.07
CA VAL Q 2 60.39 -57.97 -39.75
C VAL Q 2 61.45 -58.52 -40.69
N GLN Q 3 61.38 -58.09 -41.95
CA GLN Q 3 62.28 -58.56 -43.00
C GLN Q 3 62.81 -57.35 -43.75
N LEU Q 4 64.12 -57.10 -43.60
CA LEU Q 4 64.81 -55.99 -44.27
C LEU Q 4 65.92 -56.60 -45.11
N VAL Q 5 65.72 -56.68 -46.42
CA VAL Q 5 66.72 -57.27 -47.31
C VAL Q 5 67.30 -56.14 -48.16
N GLN Q 6 68.61 -55.96 -48.07
CA GLN Q 6 69.30 -54.91 -48.79
C GLN Q 6 69.83 -55.43 -50.13
N SER Q 7 70.26 -54.50 -50.98
CA SER Q 7 70.77 -54.85 -52.28
C SER Q 7 72.14 -55.52 -52.17
N GLY Q 8 72.63 -56.00 -53.30
CA GLY Q 8 73.95 -56.60 -53.34
C GLY Q 8 75.05 -55.56 -53.28
N ALA Q 9 76.27 -56.04 -53.00
CA ALA Q 9 77.42 -55.15 -52.93
C ALA Q 9 77.68 -54.50 -54.28
N GLU Q 10 77.89 -53.18 -54.26
CA GLU Q 10 78.15 -52.41 -55.46
C GLU Q 10 79.60 -51.96 -55.46
N VAL Q 11 80.29 -52.18 -56.58
CA VAL Q 11 81.70 -51.83 -56.73
C VAL Q 11 81.79 -50.63 -57.67
N LYS Q 12 82.40 -49.55 -57.20
CA LYS Q 12 82.50 -48.33 -57.99
C LYS Q 12 83.55 -47.41 -57.36
N LYS Q 13 84.47 -46.91 -58.18
CA LYS Q 13 85.45 -45.96 -57.69
C LYS Q 13 84.76 -44.65 -57.29
N PRO Q 14 85.23 -44.00 -56.22
CA PRO Q 14 84.59 -42.75 -55.80
C PRO Q 14 84.64 -41.69 -56.89
N GLY Q 15 83.56 -40.93 -57.00
CA GLY Q 15 83.44 -39.89 -58.01
C GLY Q 15 82.09 -39.87 -58.70
N ALA Q 16 81.33 -40.95 -58.54
CA ALA Q 16 79.99 -41.08 -59.13
C ALA Q 16 78.97 -41.26 -58.02
N SER Q 17 77.73 -41.56 -58.41
CA SER Q 17 76.62 -41.72 -57.48
C SER Q 17 76.33 -43.19 -57.24
N VAL Q 18 75.78 -43.49 -56.06
CA VAL Q 18 75.48 -44.86 -55.66
C VAL Q 18 74.00 -44.95 -55.30
N LYS Q 19 73.38 -46.05 -55.72
CA LYS Q 19 71.97 -46.32 -55.48
C LYS Q 19 71.85 -47.63 -54.72
N VAL Q 20 71.27 -47.58 -53.53
CA VAL Q 20 71.11 -48.76 -52.68
C VAL Q 20 69.63 -48.96 -52.39
N SER Q 21 69.14 -50.18 -52.63
CA SER Q 21 67.76 -50.55 -52.39
C SER Q 21 67.64 -51.35 -51.10
N CYS Q 22 66.44 -51.31 -50.53
CA CYS Q 22 66.18 -51.96 -49.24
C CYS Q 22 64.70 -52.35 -49.22
N LYS Q 23 64.43 -53.64 -49.43
CA LYS Q 23 63.07 -54.14 -49.42
C LYS Q 23 62.64 -54.44 -47.99
N SER Q 24 61.46 -53.96 -47.63
CA SER Q 24 60.91 -54.09 -46.28
C SER Q 24 59.59 -54.85 -46.35
N SER Q 25 59.44 -55.88 -45.53
CA SER Q 25 58.20 -56.65 -45.54
C SER Q 25 58.06 -57.44 -44.27
N GLY Q 26 56.81 -57.70 -43.89
CA GLY Q 26 56.50 -58.64 -42.82
C GLY Q 26 56.01 -58.04 -41.52
N TYR Q 27 55.39 -56.86 -41.54
CA TYR Q 27 54.85 -56.25 -40.33
C TYR Q 27 53.94 -55.10 -40.75
N THR Q 28 53.51 -54.32 -39.76
CA THR Q 28 52.63 -53.18 -40.01
C THR Q 28 53.41 -52.00 -40.58
N PHE Q 29 53.99 -52.19 -41.77
CA PHE Q 29 54.81 -51.19 -42.43
C PHE Q 29 53.97 -50.10 -43.09
N THR Q 30 52.70 -49.97 -42.72
CA THR Q 30 51.88 -48.89 -43.26
C THR Q 30 52.42 -47.53 -42.86
N ASN Q 31 53.06 -47.43 -41.70
CA ASN Q 31 53.56 -46.14 -41.20
C ASN Q 31 54.97 -46.18 -40.65
N TYR Q 32 55.49 -47.33 -40.21
CA TYR Q 32 56.68 -47.33 -39.39
C TYR Q 32 57.91 -46.89 -40.18
N ILE Q 33 58.77 -46.12 -39.53
CA ILE Q 33 59.91 -45.48 -40.17
C ILE Q 33 60.99 -46.51 -40.48
N ILE Q 34 61.81 -46.20 -41.49
CA ILE Q 34 63.00 -46.99 -41.81
C ILE Q 34 64.20 -46.04 -41.81
N HIS Q 35 65.26 -46.42 -41.12
CA HIS Q 35 66.42 -45.55 -40.92
C HIS Q 35 67.58 -46.00 -41.79
N TRP Q 36 68.19 -45.06 -42.50
CA TRP Q 36 69.41 -45.30 -43.27
C TRP Q 36 70.59 -44.80 -42.44
N VAL Q 37 71.53 -45.71 -42.15
CA VAL Q 37 72.68 -45.36 -41.32
C VAL Q 37 73.93 -45.97 -41.93
N ARG Q 38 75.01 -45.19 -41.96
CA ARG Q 38 76.28 -45.61 -42.56
C ARG Q 38 77.36 -45.64 -41.49
N GLN Q 39 78.09 -46.76 -41.44
CA GLN Q 39 79.24 -46.89 -40.55
C GLN Q 39 80.48 -47.27 -41.34
N ALA Q 40 81.59 -46.61 -41.04
CA ALA Q 40 82.86 -46.99 -41.63
C ALA Q 40 83.32 -48.33 -41.05
N PRO Q 41 84.10 -49.11 -41.81
CA PRO Q 41 84.53 -50.41 -41.30
C PRO Q 41 85.50 -50.29 -40.14
N GLY Q 42 85.04 -50.61 -38.94
CA GLY Q 42 85.84 -50.45 -37.74
C GLY Q 42 85.79 -49.07 -37.12
N GLN Q 43 84.74 -48.29 -37.39
CA GLN Q 43 84.62 -46.96 -36.84
C GLN Q 43 83.20 -46.79 -36.27
N ARG Q 44 82.87 -45.56 -35.90
CA ARG Q 44 81.61 -45.28 -35.24
C ARG Q 44 80.44 -45.41 -36.21
N LEU Q 45 79.27 -45.76 -35.65
CA LEU Q 45 78.02 -45.61 -36.39
C LEU Q 45 77.74 -44.13 -36.64
N GLU Q 46 77.13 -43.83 -37.77
CA GLU Q 46 76.83 -42.45 -38.15
C GLU Q 46 75.43 -42.42 -38.76
N TRP Q 47 74.47 -41.92 -37.99
CA TRP Q 47 73.11 -41.82 -38.50
C TRP Q 47 73.06 -40.89 -39.71
N MET Q 48 72.33 -41.33 -40.74
CA MET Q 48 72.33 -40.62 -42.01
C MET Q 48 70.97 -40.05 -42.38
N GLY Q 49 69.89 -40.78 -42.13
CA GLY Q 49 68.57 -40.22 -42.36
C GLY Q 49 67.48 -41.22 -41.98
N TRP Q 50 66.24 -40.75 -42.07
CA TRP Q 50 65.10 -41.65 -41.89
C TRP Q 50 64.02 -41.31 -42.92
N ILE Q 51 63.26 -42.35 -43.28
CA ILE Q 51 62.23 -42.27 -44.31
C ILE Q 51 60.94 -42.87 -43.76
N ASN Q 52 59.83 -42.15 -43.91
CA ASN Q 52 58.54 -42.69 -43.56
C ASN Q 52 58.12 -43.74 -44.60
N ALA Q 53 57.25 -44.65 -44.16
CA ALA Q 53 56.81 -45.74 -45.03
C ALA Q 53 55.60 -45.37 -45.87
N GLY Q 54 54.49 -45.02 -45.23
CA GLY Q 54 53.29 -44.67 -45.95
C GLY Q 54 53.18 -43.21 -46.31
N ASN Q 55 53.29 -42.34 -45.30
CA ASN Q 55 53.18 -40.91 -45.54
C ASN Q 55 54.31 -40.41 -46.46
N GLY Q 56 55.54 -40.86 -46.19
CA GLY Q 56 56.66 -40.51 -47.04
C GLY Q 56 57.49 -39.34 -46.59
N ASN Q 57 57.28 -38.84 -45.38
CA ASN Q 57 58.13 -37.77 -44.88
C ASN Q 57 59.57 -38.25 -44.77
N THR Q 58 60.49 -37.36 -45.12
CA THR Q 58 61.91 -37.68 -45.18
C THR Q 58 62.68 -36.72 -44.28
N LYS Q 59 63.70 -37.24 -43.60
CA LYS Q 59 64.60 -36.40 -42.82
C LYS Q 59 66.04 -36.84 -43.07
N TYR Q 60 66.91 -35.86 -43.25
CA TYR Q 60 68.31 -36.09 -43.55
C TYR Q 60 69.18 -35.43 -42.48
N SER Q 61 70.40 -35.93 -42.34
CA SER Q 61 71.32 -35.42 -41.34
C SER Q 61 71.69 -33.96 -41.67
N GLN Q 62 72.06 -33.22 -40.63
CA GLN Q 62 72.43 -31.82 -40.79
C GLN Q 62 73.66 -31.68 -41.69
N LYS Q 63 74.64 -32.56 -41.52
CA LYS Q 63 75.83 -32.52 -42.36
C LYS Q 63 75.52 -32.92 -43.79
N PHE Q 64 74.50 -33.76 -43.99
CA PHE Q 64 74.13 -34.22 -45.34
C PHE Q 64 72.97 -33.35 -45.83
N GLN Q 65 73.31 -32.23 -46.44
CA GLN Q 65 72.34 -31.31 -47.01
C GLN Q 65 72.65 -31.10 -48.48
N GLY Q 66 71.68 -31.37 -49.34
CA GLY Q 66 71.86 -31.22 -50.78
C GLY Q 66 72.54 -32.40 -51.42
N ARG Q 67 73.38 -33.10 -50.65
CA ARG Q 67 74.10 -34.26 -51.14
C ARG Q 67 73.27 -35.53 -51.07
N ILE Q 68 72.11 -35.49 -50.42
CA ILE Q 68 71.33 -36.68 -50.10
C ILE Q 68 69.96 -36.57 -50.76
N SER Q 69 69.49 -37.70 -51.31
CA SER Q 69 68.15 -37.80 -51.86
C SER Q 69 67.69 -39.25 -51.76
N VAL Q 70 66.47 -39.45 -51.25
CA VAL Q 70 65.90 -40.79 -51.07
C VAL Q 70 64.53 -40.83 -51.73
N THR Q 71 64.23 -41.95 -52.40
CA THR Q 71 62.97 -42.16 -53.08
C THR Q 71 62.35 -43.47 -52.61
N ARG Q 72 61.02 -43.48 -52.50
CA ARG Q 72 60.28 -44.67 -52.09
C ARG Q 72 59.27 -45.05 -53.16
N ASP Q 73 58.66 -46.23 -52.98
CA ASP Q 73 57.54 -46.66 -53.80
C ASP Q 73 56.80 -47.76 -53.07
N THR Q 74 55.49 -47.58 -52.89
CA THR Q 74 54.68 -48.59 -52.20
C THR Q 74 54.48 -49.83 -53.05
N SER Q 75 54.67 -49.74 -54.37
CA SER Q 75 54.49 -50.90 -55.23
C SER Q 75 55.49 -52.00 -54.89
N ALA Q 76 56.76 -51.62 -54.70
CA ALA Q 76 57.78 -52.57 -54.30
C ALA Q 76 58.01 -52.62 -52.80
N SER Q 77 57.40 -51.71 -52.04
CA SER Q 77 57.57 -51.64 -50.59
C SER Q 77 59.04 -51.58 -50.21
N ALA Q 78 59.82 -50.79 -50.95
CA ALA Q 78 61.26 -50.73 -50.76
C ALA Q 78 61.73 -49.29 -50.82
N ALA Q 79 62.85 -49.03 -50.13
CA ALA Q 79 63.53 -47.76 -50.20
C ALA Q 79 64.63 -47.81 -51.26
N TYR Q 80 64.86 -46.67 -51.90
CA TYR Q 80 65.77 -46.51 -53.04
C TYR Q 80 66.78 -45.41 -52.76
N MET Q 81 67.47 -45.52 -51.63
CA MET Q 81 68.36 -44.44 -51.19
C MET Q 81 69.43 -44.18 -52.24
N GLU Q 82 69.76 -42.90 -52.43
CA GLU Q 82 70.73 -42.48 -53.43
C GLU Q 82 71.68 -41.46 -52.83
N LEU Q 83 72.96 -41.63 -53.13
CA LEU Q 83 74.00 -40.72 -52.65
C LEU Q 83 74.80 -40.22 -53.85
N SER Q 84 75.13 -38.93 -53.84
CA SER Q 84 75.87 -38.30 -54.91
C SER Q 84 77.15 -37.68 -54.37
N SER Q 85 78.09 -37.41 -55.28
CA SER Q 85 79.37 -36.79 -54.94
C SER Q 85 80.12 -37.59 -53.88
N LEU Q 86 80.29 -38.89 -54.15
CA LEU Q 86 80.98 -39.77 -53.22
C LEU Q 86 82.46 -39.39 -53.12
N LYS Q 87 83.05 -39.70 -51.97
CA LYS Q 87 84.46 -39.43 -51.70
C LYS Q 87 85.11 -40.72 -51.20
N SER Q 88 86.40 -40.64 -50.88
CA SER Q 88 87.12 -41.82 -50.42
C SER Q 88 86.58 -42.32 -49.10
N GLU Q 89 86.28 -41.41 -48.17
CA GLU Q 89 85.81 -41.81 -46.85
C GLU Q 89 84.35 -42.23 -46.84
N ASP Q 90 83.58 -41.90 -47.88
CA ASP Q 90 82.20 -42.35 -47.98
C ASP Q 90 82.08 -43.84 -48.23
N THR Q 91 83.15 -44.50 -48.67
CA THR Q 91 83.12 -45.94 -48.89
C THR Q 91 83.01 -46.63 -47.53
N ALA Q 92 81.82 -47.15 -47.22
CA ALA Q 92 81.56 -47.71 -45.91
C ALA Q 92 80.37 -48.67 -46.02
N LEU Q 93 79.97 -49.21 -44.87
CA LEU Q 93 78.86 -50.15 -44.80
C LEU Q 93 77.56 -49.39 -44.53
N TYR Q 94 76.48 -49.85 -45.16
CA TYR Q 94 75.18 -49.22 -45.05
C TYR Q 94 74.21 -50.15 -44.33
N TYR Q 95 73.21 -49.57 -43.69
CA TYR Q 95 72.30 -50.35 -42.87
C TYR Q 95 70.91 -49.73 -42.86
N CYS Q 96 69.90 -50.59 -42.89
CA CYS Q 96 68.50 -50.23 -42.70
C CYS Q 96 68.07 -50.64 -41.30
N ALA Q 97 67.46 -49.73 -40.57
CA ALA Q 97 67.07 -49.94 -39.18
C ALA Q 97 65.56 -49.85 -39.05
N THR Q 98 64.97 -50.82 -38.34
CA THR Q 98 63.52 -50.91 -38.17
C THR Q 98 63.25 -51.78 -36.94
N LEU Q 99 62.06 -51.61 -36.37
CA LEU Q 99 61.65 -52.35 -35.18
C LEU Q 99 61.60 -53.86 -35.46
N GLN Q 100 61.96 -54.64 -34.43
CA GLN Q 100 61.79 -56.10 -34.46
C GLN Q 100 60.83 -56.58 -33.38
N MET Q 101 61.08 -56.21 -32.12
CA MET Q 101 60.24 -56.64 -31.02
C MET Q 101 59.04 -55.71 -30.85
N ASP Q 102 57.87 -56.30 -30.60
CA ASP Q 102 56.60 -55.58 -30.66
C ASP Q 102 56.12 -55.21 -29.26
N TYR Q 103 56.75 -54.17 -28.69
CA TYR Q 103 56.24 -53.51 -27.51
C TYR Q 103 55.82 -52.07 -27.79
N GLY Q 104 55.87 -51.65 -29.06
CA GLY Q 104 55.36 -50.35 -29.45
C GLY Q 104 56.33 -49.21 -29.29
N GLY Q 105 56.46 -48.40 -30.33
CA GLY Q 105 57.25 -47.18 -30.25
C GLY Q 105 58.31 -47.01 -31.32
N ASN Q 106 58.63 -45.76 -31.63
CA ASN Q 106 59.74 -45.42 -32.50
C ASN Q 106 60.93 -45.03 -31.62
N GLY Q 107 62.06 -44.70 -32.25
CA GLY Q 107 63.27 -44.47 -31.50
C GLY Q 107 63.87 -45.78 -31.04
N ASP Q 108 63.20 -46.87 -31.39
CA ASP Q 108 63.60 -48.22 -31.01
C ASP Q 108 63.77 -49.01 -32.31
N LEU Q 109 64.95 -48.90 -32.90
CA LEU Q 109 65.28 -49.65 -34.11
C LEU Q 109 65.99 -50.94 -33.71
N ASP Q 110 65.43 -52.08 -34.12
CA ASP Q 110 65.91 -53.35 -33.62
C ASP Q 110 66.51 -54.24 -34.72
N TYR Q 111 65.79 -54.46 -35.81
CA TYR Q 111 66.28 -55.34 -36.87
C TYR Q 111 67.01 -54.52 -37.91
N TRP Q 112 68.18 -55.01 -38.33
CA TRP Q 112 69.04 -54.31 -39.26
C TRP Q 112 69.32 -55.20 -40.48
N GLY Q 113 69.63 -54.56 -41.60
CA GLY Q 113 69.94 -55.28 -42.82
C GLY Q 113 71.32 -55.87 -42.82
N GLN Q 114 71.61 -56.65 -43.88
CA GLN Q 114 72.91 -57.31 -43.97
C GLN Q 114 74.02 -56.32 -44.29
N GLY Q 115 73.76 -55.34 -45.16
CA GLY Q 115 74.74 -54.33 -45.46
C GLY Q 115 75.22 -54.30 -46.90
N THR Q 116 75.64 -53.12 -47.36
CA THR Q 116 76.20 -52.94 -48.70
C THR Q 116 77.55 -52.25 -48.59
N LEU Q 117 78.53 -52.75 -49.33
CA LEU Q 117 79.90 -52.26 -49.26
C LEU Q 117 80.46 -52.06 -50.66
N VAL Q 118 81.44 -51.16 -50.77
CA VAL Q 118 82.11 -50.84 -52.03
C VAL Q 118 83.56 -51.28 -51.92
N THR Q 119 84.09 -51.84 -53.01
CA THR Q 119 85.43 -52.42 -53.00
C THR Q 119 86.27 -51.96 -54.19
N VAL Q 120 87.41 -52.60 -54.40
CA VAL Q 120 88.36 -52.22 -55.43
C VAL Q 120 88.15 -53.12 -56.64
N SER Q 121 88.73 -52.73 -57.77
CA SER Q 121 88.45 -53.34 -59.07
C SER Q 121 89.63 -54.17 -59.56
N SER Q 122 89.48 -54.67 -60.79
CA SER Q 122 90.42 -55.54 -61.49
C SER Q 122 91.65 -54.74 -61.97
N ALA Q 123 92.77 -55.43 -62.18
CA ALA Q 123 93.03 -56.86 -61.95
C ALA Q 123 94.51 -57.08 -61.66
N SER Q 124 94.86 -58.28 -61.19
CA SER Q 124 96.24 -58.71 -61.05
C SER Q 124 96.24 -60.19 -60.66
N THR Q 125 97.41 -60.82 -60.83
CA THR Q 125 97.59 -62.23 -60.50
C THR Q 125 99.09 -62.50 -60.39
N LYS Q 126 99.43 -63.77 -60.17
CA LYS Q 126 100.81 -64.19 -60.05
C LYS Q 126 100.97 -65.60 -60.63
N GLY Q 127 102.20 -65.94 -60.97
CA GLY Q 127 102.50 -67.21 -61.58
C GLY Q 127 103.08 -68.22 -60.61
N PRO Q 128 104.37 -68.53 -60.77
CA PRO Q 128 104.99 -69.54 -59.91
C PRO Q 128 105.01 -69.10 -58.45
N SER Q 129 104.88 -70.09 -57.55
CA SER Q 129 104.83 -69.79 -56.13
C SER Q 129 106.23 -69.63 -55.53
N VAL Q 130 107.04 -70.68 -55.59
CA VAL Q 130 108.36 -70.68 -54.98
C VAL Q 130 109.16 -71.82 -55.57
N PHE Q 131 110.49 -71.72 -55.47
CA PHE Q 131 111.39 -72.80 -55.89
C PHE Q 131 112.48 -72.99 -54.84
N PRO Q 132 112.13 -73.01 -53.56
CA PRO Q 132 113.14 -73.17 -52.51
C PRO Q 132 113.34 -74.62 -52.11
N LEU Q 133 114.32 -74.84 -51.24
CA LEU Q 133 114.59 -76.17 -50.72
C LEU Q 133 113.54 -76.56 -49.69
N ALA Q 134 113.40 -77.86 -49.49
CA ALA Q 134 112.41 -78.38 -48.54
C ALA Q 134 112.85 -78.08 -47.11
N PRO Q 135 112.02 -77.41 -46.31
CA PRO Q 135 112.42 -77.13 -44.93
C PRO Q 135 112.52 -78.40 -44.10
N SER Q 136 113.42 -78.36 -43.11
CA SER Q 136 113.58 -79.50 -42.21
C SER Q 136 112.32 -79.73 -41.38
N SER Q 137 111.71 -78.66 -40.89
CA SER Q 137 110.49 -78.79 -40.10
C SER Q 137 109.33 -79.25 -40.97
N LYS Q 138 108.34 -79.87 -40.32
CA LYS Q 138 107.16 -80.40 -41.01
C LYS Q 138 106.19 -79.25 -41.31
N SER Q 139 106.65 -78.33 -42.15
CA SER Q 139 105.85 -77.18 -42.56
C SER Q 139 106.33 -76.71 -43.92
N THR Q 140 105.46 -75.95 -44.59
CA THR Q 140 105.75 -75.41 -45.92
C THR Q 140 106.04 -73.92 -45.78
N SER Q 141 107.27 -73.52 -46.13
CA SER Q 141 107.63 -72.10 -46.09
C SER Q 141 106.82 -71.30 -47.10
N GLY Q 142 106.64 -71.85 -48.30
CA GLY Q 142 105.89 -71.18 -49.34
C GLY Q 142 104.69 -72.02 -49.76
N GLY Q 143 103.59 -71.33 -50.09
CA GLY Q 143 102.37 -71.99 -50.50
C GLY Q 143 101.74 -71.27 -51.68
N THR Q 144 100.59 -71.79 -52.10
CA THR Q 144 99.84 -71.19 -53.21
C THR Q 144 99.37 -69.80 -52.81
N ALA Q 145 99.91 -68.78 -53.47
CA ALA Q 145 99.60 -67.40 -53.14
C ALA Q 145 99.87 -66.53 -54.36
N ALA Q 146 99.47 -65.27 -54.27
CA ALA Q 146 99.68 -64.29 -55.33
C ALA Q 146 100.42 -63.09 -54.77
N LEU Q 147 101.38 -62.58 -55.55
CA LEU Q 147 102.20 -61.44 -55.16
C LEU Q 147 101.76 -60.21 -55.93
N GLY Q 148 101.51 -59.12 -55.22
CA GLY Q 148 101.07 -57.88 -55.85
C GLY Q 148 99.74 -58.00 -56.57
N CYS Q 149 98.75 -58.63 -55.91
CA CYS Q 149 97.42 -58.85 -56.56
C CYS Q 149 96.47 -57.69 -56.29
N LEU Q 150 96.35 -56.74 -57.23
CA LEU Q 150 95.43 -55.57 -57.10
C LEU Q 150 93.98 -56.05 -57.26
N VAL Q 151 93.79 -57.30 -57.65
CA VAL Q 151 92.43 -57.88 -57.88
C VAL Q 151 91.71 -58.01 -56.53
N LYS Q 152 90.42 -57.64 -56.47
CA LYS Q 152 89.65 -57.81 -55.25
C LYS Q 152 89.11 -59.23 -55.14
N ASP Q 153 88.82 -59.63 -53.90
CA ASP Q 153 88.27 -60.95 -53.59
C ASP Q 153 89.16 -62.06 -54.12
N TYR Q 154 90.47 -61.86 -54.01
CA TYR Q 154 91.42 -62.88 -54.45
C TYR Q 154 91.39 -64.08 -53.50
N PHE Q 155 91.38 -65.27 -54.08
CA PHE Q 155 91.37 -66.53 -53.32
C PHE Q 155 92.46 -67.44 -53.86
N PRO Q 156 93.73 -67.08 -53.66
CA PRO Q 156 94.83 -67.91 -54.16
C PRO Q 156 95.04 -69.13 -53.28
N GLU Q 157 94.75 -70.30 -53.84
CA GLU Q 157 94.89 -71.56 -53.12
C GLU Q 157 95.03 -72.68 -54.15
N PRO Q 158 95.52 -73.84 -53.73
CA PRO Q 158 95.65 -74.96 -54.67
C PRO Q 158 94.29 -75.37 -55.22
N VAL Q 159 94.28 -75.76 -56.50
CA VAL Q 159 93.04 -76.19 -57.13
C VAL Q 159 92.51 -77.45 -56.46
N THR Q 160 93.38 -78.41 -56.18
CA THR Q 160 92.97 -79.62 -55.48
C THR Q 160 92.77 -79.33 -53.99
N VAL Q 161 92.13 -80.28 -53.31
CA VAL Q 161 91.89 -80.14 -51.88
C VAL Q 161 93.18 -80.19 -51.09
N SER Q 162 94.26 -80.71 -51.67
CA SER Q 162 95.54 -80.78 -50.99
C SER Q 162 96.08 -79.37 -50.70
N TRP Q 163 96.78 -79.25 -49.58
CA TRP Q 163 97.41 -78.03 -49.08
C TRP Q 163 96.40 -76.98 -48.64
N ASN Q 164 95.09 -77.24 -48.76
CA ASN Q 164 94.11 -76.29 -48.29
C ASN Q 164 94.00 -76.30 -46.77
N SER Q 165 94.07 -77.48 -46.16
CA SER Q 165 93.99 -77.60 -44.72
C SER Q 165 95.27 -77.05 -44.08
N GLY Q 166 95.11 -76.42 -42.91
CA GLY Q 166 96.23 -75.85 -42.22
C GLY Q 166 96.82 -74.62 -42.87
N ALA Q 167 96.04 -73.92 -43.70
CA ALA Q 167 96.49 -72.73 -44.39
C ALA Q 167 95.75 -71.51 -43.87
N LEU Q 168 96.51 -70.49 -43.47
CA LEU Q 168 95.95 -69.23 -42.98
C LEU Q 168 96.00 -68.20 -44.09
N THR Q 169 94.83 -67.72 -44.52
CA THR Q 169 94.77 -66.74 -45.59
C THR Q 169 95.36 -65.41 -45.13
N SER Q 170 96.25 -64.85 -45.95
CA SER Q 170 96.87 -63.58 -45.62
C SER Q 170 95.98 -62.42 -46.02
N GLY Q 171 95.98 -61.38 -45.18
CA GLY Q 171 95.17 -60.21 -45.48
C GLY Q 171 95.71 -59.40 -46.64
N VAL Q 172 94.86 -58.52 -47.16
CA VAL Q 172 95.20 -57.67 -48.29
C VAL Q 172 95.79 -56.38 -47.73
N HIS Q 173 97.11 -56.28 -47.65
CA HIS Q 173 97.63 -54.96 -47.21
C HIS Q 173 97.44 -54.05 -48.42
N THR Q 174 96.83 -52.88 -48.21
CA THR Q 174 96.48 -52.07 -49.40
C THR Q 174 97.68 -51.30 -49.95
N PHE Q 175 98.19 -51.71 -51.11
CA PHE Q 175 99.27 -50.94 -51.77
C PHE Q 175 98.55 -49.73 -52.37
N PRO Q 176 99.21 -48.57 -52.65
CA PRO Q 176 98.45 -47.43 -53.15
C PRO Q 176 97.73 -47.86 -54.43
N ALA Q 177 96.40 -47.68 -54.47
CA ALA Q 177 95.59 -48.04 -55.65
C ALA Q 177 95.78 -49.50 -56.04
N VAL Q 178 96.02 -50.38 -55.06
CA VAL Q 178 96.12 -51.84 -55.36
C VAL Q 178 95.63 -52.65 -54.16
N LEU Q 179 94.88 -53.72 -54.40
CA LEU Q 179 94.46 -54.60 -53.27
C LEU Q 179 95.70 -55.25 -52.67
N GLN Q 180 96.66 -55.66 -53.51
CA GLN Q 180 97.87 -56.37 -53.03
C GLN Q 180 97.42 -57.58 -52.20
N SER Q 181 96.38 -58.28 -52.67
CA SER Q 181 95.82 -59.44 -51.93
C SER Q 181 96.76 -60.64 -51.99
N SER Q 182 97.49 -60.90 -50.90
CA SER Q 182 98.40 -62.04 -50.83
C SER Q 182 97.64 -63.36 -50.92
N GLY Q 183 96.74 -63.60 -49.98
CA GLY Q 183 95.99 -64.84 -49.97
C GLY Q 183 96.86 -66.07 -49.81
N LEU Q 184 97.80 -66.01 -48.87
CA LEU Q 184 98.74 -67.11 -48.67
C LEU Q 184 98.00 -68.38 -48.24
N TYR Q 185 98.34 -69.50 -48.87
CA TYR Q 185 97.78 -70.81 -48.55
C TYR Q 185 98.95 -71.78 -48.38
N SER Q 186 99.50 -71.84 -47.17
CA SER Q 186 100.64 -72.70 -46.90
C SER Q 186 100.18 -74.15 -46.74
N LEU Q 187 100.97 -75.08 -47.29
CA LEU Q 187 100.65 -76.49 -47.16
C LEU Q 187 100.84 -76.98 -45.73
N SER Q 188 101.71 -76.33 -44.96
CA SER Q 188 101.97 -76.67 -43.55
C SER Q 188 102.43 -78.11 -43.40
N SER Q 189 103.21 -78.61 -44.35
CA SER Q 189 103.74 -79.96 -44.29
C SER Q 189 105.00 -80.04 -45.15
N VAL Q 190 106.03 -80.69 -44.60
CA VAL Q 190 107.28 -80.85 -45.34
C VAL Q 190 107.07 -81.72 -46.56
N VAL Q 191 106.33 -82.83 -46.41
CA VAL Q 191 106.07 -83.72 -47.54
C VAL Q 191 105.23 -83.02 -48.59
N THR Q 192 104.20 -82.28 -48.17
CA THR Q 192 103.35 -81.57 -49.12
C THR Q 192 104.11 -80.45 -49.82
N VAL Q 193 105.08 -79.84 -49.13
CA VAL Q 193 105.89 -78.80 -49.77
C VAL Q 193 106.66 -79.33 -50.96
N PRO Q 194 107.31 -80.49 -50.90
CA PRO Q 194 108.04 -81.00 -52.07
C PRO Q 194 107.16 -81.23 -53.28
N SER Q 195 105.91 -81.65 -53.08
CA SER Q 195 104.96 -81.92 -54.17
C SER Q 195 103.64 -81.24 -53.81
N SER Q 196 103.46 -80.02 -54.30
CA SER Q 196 102.28 -79.22 -54.02
C SER Q 196 101.48 -79.00 -55.30
N SER Q 197 100.16 -79.05 -55.18
CA SER Q 197 99.29 -78.83 -56.33
C SER Q 197 99.36 -77.38 -56.80
N LEU Q 198 99.03 -77.18 -58.06
CA LEU Q 198 99.06 -75.84 -58.64
C LEU Q 198 98.01 -74.95 -57.98
N GLY Q 199 98.39 -73.70 -57.71
CA GLY Q 199 97.51 -72.78 -57.03
C GLY Q 199 96.74 -71.86 -57.96
N THR Q 200 95.43 -72.02 -58.01
CA THR Q 200 94.59 -71.18 -58.84
C THR Q 200 94.43 -69.80 -58.23
N GLN Q 201 94.20 -68.81 -59.10
CA GLN Q 201 93.99 -67.43 -58.68
C GLN Q 201 92.56 -67.03 -59.04
N THR Q 202 91.80 -66.58 -58.03
CA THR Q 202 90.41 -66.20 -58.26
C THR Q 202 90.33 -64.93 -59.10
N TYR Q 203 91.15 -63.93 -58.79
CA TYR Q 203 91.18 -62.66 -59.51
C TYR Q 203 89.87 -61.90 -59.39
N ILE Q 204 89.78 -60.74 -60.02
CA ILE Q 204 88.57 -59.93 -59.99
C ILE Q 204 87.94 -59.75 -61.35
N CYS Q 205 88.69 -59.89 -62.46
CA CYS Q 205 88.08 -59.81 -63.78
C CYS Q 205 87.04 -60.91 -63.97
N ASN Q 206 87.35 -62.12 -63.52
CA ASN Q 206 86.40 -63.23 -63.46
C ASN Q 206 86.14 -63.55 -62.01
N VAL Q 207 84.87 -63.53 -61.60
CA VAL Q 207 84.52 -63.79 -60.21
C VAL Q 207 84.91 -65.21 -59.82
N ASN Q 208 84.63 -66.18 -60.70
CA ASN Q 208 85.00 -67.55 -60.44
C ASN Q 208 86.52 -67.72 -60.52
N HIS Q 209 87.03 -68.71 -59.79
CA HIS Q 209 88.46 -68.96 -59.75
C HIS Q 209 88.95 -69.46 -61.12
N LYS Q 210 90.13 -69.00 -61.51
CA LYS Q 210 90.76 -69.41 -62.76
C LYS Q 210 91.99 -70.23 -62.47
N PRO Q 211 92.16 -71.38 -63.13
CA PRO Q 211 93.31 -72.23 -62.83
C PRO Q 211 94.63 -71.52 -63.14
N SER Q 212 95.63 -71.78 -62.29
CA SER Q 212 96.94 -71.20 -62.44
C SER Q 212 97.98 -72.17 -61.88
N ASN Q 213 99.21 -72.05 -62.37
CA ASN Q 213 100.30 -72.93 -61.96
C ASN Q 213 101.05 -72.27 -60.81
N THR Q 214 100.95 -72.86 -59.62
CA THR Q 214 101.66 -72.35 -58.45
C THR Q 214 101.95 -73.53 -57.53
N LYS Q 215 103.17 -74.06 -57.62
CA LYS Q 215 103.60 -75.20 -56.82
C LYS Q 215 104.81 -74.82 -56.00
N VAL Q 216 104.84 -75.30 -54.74
CA VAL Q 216 105.95 -74.99 -53.85
C VAL Q 216 107.23 -75.63 -54.39
N ASP Q 217 107.15 -76.89 -54.81
CA ASP Q 217 108.29 -77.62 -55.39
C ASP Q 217 109.49 -77.60 -54.44
N LYS Q 218 109.22 -77.77 -53.15
CA LYS Q 218 110.27 -77.74 -52.15
C LYS Q 218 110.96 -79.09 -52.01
N TYR R 1 74.97 -32.08 -32.22
CA TYR R 1 75.76 -32.50 -31.06
C TYR R 1 75.99 -34.01 -31.06
N GLU R 2 77.15 -34.43 -30.58
CA GLU R 2 77.53 -35.84 -30.52
C GLU R 2 77.64 -36.26 -29.06
N LEU R 3 77.07 -37.42 -28.74
CA LEU R 3 77.11 -37.95 -27.38
C LEU R 3 78.49 -38.54 -27.13
N THR R 4 79.24 -37.94 -26.22
CA THR R 4 80.58 -38.41 -25.90
C THR R 4 80.52 -39.78 -25.24
N GLN R 5 81.45 -40.66 -25.62
CA GLN R 5 81.50 -42.01 -25.10
C GLN R 5 82.95 -42.49 -25.18
N PRO R 6 83.45 -43.17 -24.16
CA PRO R 6 84.83 -43.63 -24.19
C PRO R 6 85.05 -44.57 -25.36
N PRO R 7 86.27 -44.60 -25.91
CA PRO R 7 86.51 -45.43 -27.10
C PRO R 7 86.66 -46.91 -26.78
N SER R 8 87.22 -47.24 -25.62
CA SER R 8 87.41 -48.64 -25.26
C SER R 8 87.49 -48.75 -23.74
N VAL R 9 86.98 -49.88 -23.23
CA VAL R 9 87.05 -50.20 -21.81
C VAL R 9 87.55 -51.64 -21.67
N SER R 10 88.57 -51.83 -20.84
CA SER R 10 89.17 -53.14 -20.63
C SER R 10 88.78 -53.65 -19.25
N VAL R 11 88.33 -54.91 -19.19
CA VAL R 11 87.91 -55.52 -17.94
C VAL R 11 88.16 -57.02 -18.02
N SER R 12 88.54 -57.61 -16.88
CA SER R 12 88.79 -59.03 -16.79
C SER R 12 87.49 -59.82 -16.80
N PRO R 13 87.50 -61.05 -17.33
CA PRO R 13 86.29 -61.88 -17.29
C PRO R 13 85.90 -62.22 -15.86
N GLY R 14 84.62 -62.54 -15.70
CA GLY R 14 84.08 -62.80 -14.37
C GLY R 14 84.05 -61.58 -13.47
N GLN R 15 83.76 -60.41 -14.03
CA GLN R 15 83.69 -59.16 -13.29
C GLN R 15 82.50 -58.36 -13.81
N THR R 16 82.44 -57.10 -13.44
CA THR R 16 81.42 -56.18 -13.92
C THR R 16 82.06 -55.13 -14.83
N ALA R 17 81.35 -54.79 -15.90
CA ALA R 17 81.83 -53.81 -16.87
C ALA R 17 80.83 -52.68 -16.98
N ARG R 18 81.32 -51.44 -16.94
CA ARG R 18 80.47 -50.25 -16.99
C ARG R 18 80.81 -49.43 -18.21
N ILE R 19 79.78 -49.08 -18.99
CA ILE R 19 79.92 -48.25 -20.18
C ILE R 19 79.12 -46.97 -19.95
N THR R 20 79.75 -45.83 -20.18
CA THR R 20 79.19 -44.52 -19.88
C THR R 20 78.89 -43.76 -21.17
N CYS R 21 77.70 -43.17 -21.25
CA CYS R 21 77.31 -42.31 -22.35
C CYS R 21 76.79 -41.00 -21.78
N SER R 22 77.32 -39.88 -22.26
CA SER R 22 77.01 -38.58 -21.71
C SER R 22 76.45 -37.67 -22.80
N GLY R 23 75.62 -36.73 -22.39
CA GLY R 23 75.03 -35.78 -23.32
C GLY R 23 74.36 -34.64 -22.58
N ASP R 24 74.17 -33.54 -23.30
CA ASP R 24 73.57 -32.36 -22.69
C ASP R 24 72.07 -32.52 -22.50
N ALA R 25 71.38 -33.11 -23.47
CA ALA R 25 69.93 -33.25 -23.44
C ALA R 25 69.48 -34.64 -23.01
N LEU R 26 70.39 -35.47 -22.51
CA LEU R 26 70.02 -36.80 -22.06
C LEU R 26 69.06 -36.82 -20.86
N PRO R 27 69.08 -35.85 -19.93
CA PRO R 27 68.07 -35.88 -18.87
C PRO R 27 66.63 -35.85 -19.37
N LYS R 28 66.39 -35.23 -20.53
CA LYS R 28 65.05 -35.13 -21.08
C LYS R 28 64.80 -36.12 -22.23
N GLN R 29 65.70 -37.08 -22.44
CA GLN R 29 65.59 -38.00 -23.56
C GLN R 29 65.91 -39.41 -23.11
N TYR R 30 65.42 -40.37 -23.88
CA TYR R 30 65.73 -41.78 -23.67
C TYR R 30 66.94 -42.19 -24.49
N VAL R 31 67.64 -43.20 -24.00
CA VAL R 31 68.80 -43.75 -24.68
C VAL R 31 68.51 -45.21 -25.04
N TYR R 32 69.21 -45.70 -26.06
CA TYR R 32 69.07 -47.09 -26.48
C TYR R 32 70.45 -47.68 -26.69
N TRP R 33 70.69 -48.84 -26.09
CA TRP R 33 72.02 -49.46 -26.09
C TRP R 33 72.05 -50.61 -27.09
N TYR R 34 73.02 -50.55 -28.00
CA TYR R 34 73.17 -51.47 -29.11
C TYR R 34 74.47 -52.24 -28.97
N GLN R 35 74.40 -53.55 -29.17
CA GLN R 35 75.56 -54.42 -29.22
C GLN R 35 75.82 -54.83 -30.67
N GLN R 36 77.05 -54.62 -31.14
CA GLN R 36 77.44 -54.96 -32.50
C GLN R 36 78.63 -55.90 -32.46
N LYS R 37 78.44 -57.12 -32.98
CA LYS R 37 79.55 -58.03 -33.16
C LYS R 37 80.38 -57.61 -34.36
N PRO R 38 81.68 -57.91 -34.34
CA PRO R 38 82.55 -57.54 -35.48
C PRO R 38 82.15 -58.29 -36.74
N GLY R 39 81.64 -57.54 -37.72
CA GLY R 39 81.21 -58.12 -38.98
C GLY R 39 79.73 -58.46 -39.05
N GLN R 40 78.94 -58.09 -38.06
CA GLN R 40 77.51 -58.38 -38.05
C GLN R 40 76.75 -57.13 -37.64
N ALA R 41 75.47 -57.10 -38.01
CA ALA R 41 74.64 -55.94 -37.75
C ALA R 41 74.46 -55.75 -36.24
N PRO R 42 74.37 -54.50 -35.78
CA PRO R 42 74.14 -54.26 -34.34
C PRO R 42 72.80 -54.84 -33.89
N VAL R 43 72.78 -55.30 -32.64
CA VAL R 43 71.59 -55.89 -32.03
C VAL R 43 71.26 -55.11 -30.77
N LEU R 44 70.00 -54.69 -30.65
CA LEU R 44 69.56 -53.94 -29.48
C LEU R 44 69.74 -54.79 -28.22
N VAL R 45 70.33 -54.18 -27.19
CA VAL R 45 70.54 -54.88 -25.93
C VAL R 45 69.74 -54.18 -24.82
N ILE R 46 69.50 -52.88 -24.97
CA ILE R 46 68.74 -52.14 -23.97
C ILE R 46 67.86 -51.11 -24.68
N TYR R 47 66.58 -51.08 -24.31
CA TYR R 47 65.66 -50.08 -24.81
C TYR R 47 64.93 -49.43 -23.64
N LYS R 48 64.42 -48.22 -23.87
CA LYS R 48 63.71 -47.43 -22.87
C LYS R 48 64.59 -47.14 -21.66
N ASP R 49 65.91 -47.28 -21.81
CA ASP R 49 66.92 -46.81 -20.86
C ASP R 49 66.94 -47.75 -19.65
N SER R 50 65.92 -48.59 -19.49
CA SER R 50 65.80 -49.37 -18.26
C SER R 50 65.86 -50.87 -18.47
N GLU R 51 65.08 -51.42 -19.41
CA GLU R 51 64.93 -52.86 -19.53
C GLU R 51 65.28 -53.34 -20.92
N ARG R 52 65.83 -54.57 -20.98
CA ARG R 52 66.31 -55.36 -22.10
C ARG R 52 65.16 -56.10 -22.78
N PRO R 53 65.31 -56.43 -24.06
CA PRO R 53 64.28 -57.21 -24.75
C PRO R 53 64.34 -58.67 -24.36
N SER R 54 63.34 -59.43 -24.80
CA SER R 54 63.31 -60.86 -24.57
C SER R 54 64.45 -61.54 -25.29
N GLY R 55 65.04 -62.55 -24.66
CA GLY R 55 66.17 -63.27 -25.18
C GLY R 55 67.52 -62.74 -24.72
N ILE R 56 67.61 -61.44 -24.48
CA ILE R 56 68.86 -60.85 -23.96
C ILE R 56 69.11 -61.38 -22.56
N PRO R 57 70.33 -61.81 -22.25
CA PRO R 57 70.60 -62.36 -20.91
C PRO R 57 70.47 -61.29 -19.83
N GLU R 58 70.19 -61.78 -18.61
CA GLU R 58 69.91 -60.90 -17.48
C GLU R 58 71.13 -60.12 -17.00
N ARG R 59 72.34 -60.48 -17.47
CA ARG R 59 73.53 -59.80 -16.97
C ARG R 59 73.58 -58.34 -17.40
N PHE R 60 72.87 -57.98 -18.46
CA PHE R 60 72.83 -56.59 -18.92
C PHE R 60 71.85 -55.79 -18.08
N SER R 61 72.27 -54.57 -17.70
CA SER R 61 71.39 -53.67 -16.98
C SER R 61 71.71 -52.25 -17.38
N GLY R 62 70.73 -51.37 -17.19
CA GLY R 62 70.90 -49.97 -17.52
C GLY R 62 70.44 -49.07 -16.38
N SER R 63 71.11 -47.93 -16.25
CA SER R 63 70.75 -46.95 -15.24
C SER R 63 71.05 -45.57 -15.77
N SER R 64 70.36 -44.57 -15.22
CA SER R 64 70.53 -43.18 -15.63
C SER R 64 70.77 -42.32 -14.40
N SER R 65 71.52 -41.24 -14.60
CA SER R 65 71.82 -40.31 -13.50
C SER R 65 72.12 -38.96 -14.12
N GLY R 66 71.20 -38.01 -13.93
CA GLY R 66 71.42 -36.66 -14.42
C GLY R 66 71.62 -36.66 -15.92
N THR R 67 72.82 -36.25 -16.33
CA THR R 67 73.17 -36.12 -17.74
C THR R 67 73.90 -37.34 -18.30
N THR R 68 74.01 -38.42 -17.54
CA THR R 68 74.76 -39.59 -17.98
C THR R 68 73.93 -40.84 -17.86
N VAL R 69 74.30 -41.85 -18.64
CA VAL R 69 73.65 -43.16 -18.62
C VAL R 69 74.74 -44.24 -18.60
N THR R 70 74.53 -45.27 -17.80
CA THR R 70 75.51 -46.32 -17.60
C THR R 70 74.90 -47.68 -17.89
N LEU R 71 75.58 -48.47 -18.71
CA LEU R 71 75.24 -49.86 -18.93
C LEU R 71 76.20 -50.74 -18.13
N THR R 72 75.65 -51.75 -17.45
CA THR R 72 76.40 -52.56 -16.52
C THR R 72 76.25 -54.03 -16.89
N ILE R 73 77.38 -54.75 -16.91
CA ILE R 73 77.41 -56.19 -17.13
C ILE R 73 77.95 -56.83 -15.85
N SER R 74 77.20 -57.78 -15.32
CA SER R 74 77.62 -58.57 -14.17
C SER R 74 78.01 -59.97 -14.66
N GLY R 75 79.22 -60.41 -14.32
CA GLY R 75 79.69 -61.69 -14.80
C GLY R 75 79.98 -61.68 -16.28
N VAL R 76 81.05 -60.98 -16.68
CA VAL R 76 81.39 -60.86 -18.09
C VAL R 76 81.88 -62.20 -18.62
N GLN R 77 81.31 -62.63 -19.76
CA GLN R 77 81.73 -63.82 -20.48
C GLN R 77 82.42 -63.42 -21.79
N ALA R 78 82.75 -64.42 -22.60
CA ALA R 78 83.50 -64.18 -23.84
C ALA R 78 82.63 -63.49 -24.89
N GLU R 79 81.35 -63.83 -24.97
CA GLU R 79 80.48 -63.25 -25.99
C GLU R 79 80.22 -61.77 -25.76
N ASP R 80 80.54 -61.23 -24.57
CA ASP R 80 80.33 -59.82 -24.30
C ASP R 80 81.27 -58.92 -25.09
N ASP R 81 82.31 -59.46 -25.71
CA ASP R 81 83.25 -58.65 -26.49
C ASP R 81 82.58 -58.21 -27.78
N ALA R 82 82.26 -56.93 -27.87
CA ALA R 82 81.60 -56.35 -29.04
C ALA R 82 81.73 -54.83 -28.92
N ASP R 83 81.02 -54.11 -29.79
CA ASP R 83 80.98 -52.65 -29.77
C ASP R 83 79.64 -52.20 -29.23
N TYR R 84 79.67 -51.32 -28.24
CA TYR R 84 78.46 -50.85 -27.56
C TYR R 84 78.20 -49.40 -27.92
N TYR R 85 77.00 -49.13 -28.43
CA TYR R 85 76.63 -47.78 -28.87
C TYR R 85 75.39 -47.29 -28.14
N CYS R 86 75.34 -45.99 -27.90
CA CYS R 86 74.19 -45.34 -27.27
C CYS R 86 73.53 -44.41 -28.27
N GLN R 87 72.30 -44.73 -28.66
CA GLN R 87 71.53 -43.91 -29.59
C GLN R 87 70.58 -43.03 -28.79
N ALA R 88 70.49 -41.76 -29.19
CA ALA R 88 69.53 -40.85 -28.60
C ALA R 88 69.27 -39.71 -29.58
N ALA R 89 68.15 -39.03 -29.38
CA ALA R 89 67.87 -37.86 -30.20
C ALA R 89 68.73 -36.68 -29.74
N ASP R 90 68.77 -35.65 -30.57
CA ASP R 90 69.56 -34.46 -30.27
C ASP R 90 68.82 -33.59 -29.27
N SER R 91 69.32 -32.36 -29.05
CA SER R 91 68.66 -31.44 -28.14
C SER R 91 67.31 -30.96 -28.68
N SER R 92 67.09 -31.07 -29.98
CA SER R 92 65.83 -30.67 -30.59
C SER R 92 64.88 -31.83 -30.85
N ASN R 93 65.25 -33.04 -30.44
CA ASN R 93 64.44 -34.25 -30.62
C ASN R 93 64.17 -34.56 -32.09
N THR R 94 65.04 -34.12 -32.98
CA THR R 94 64.91 -34.40 -34.41
C THR R 94 66.08 -35.21 -34.95
N GLU R 95 67.31 -34.85 -34.59
CA GLU R 95 68.49 -35.53 -35.11
C GLU R 95 68.83 -36.71 -34.21
N TYR R 96 68.86 -37.92 -34.80
CA TYR R 96 69.28 -39.12 -34.10
C TYR R 96 70.80 -39.22 -34.16
N VAL R 97 71.43 -39.44 -33.02
CA VAL R 97 72.88 -39.57 -32.94
C VAL R 97 73.22 -40.82 -32.15
N PHE R 98 74.17 -41.59 -32.66
CA PHE R 98 74.72 -42.75 -31.97
C PHE R 98 75.92 -42.36 -31.13
N GLY R 99 76.39 -43.31 -30.32
CA GLY R 99 77.57 -43.09 -29.51
C GLY R 99 78.85 -43.40 -30.27
N THR R 100 79.97 -43.03 -29.64
CA THR R 100 81.27 -43.31 -30.24
C THR R 100 81.54 -44.80 -30.32
N GLY R 101 81.15 -45.55 -29.29
CA GLY R 101 81.34 -46.99 -29.29
C GLY R 101 82.51 -47.42 -28.45
N THR R 102 82.27 -48.36 -27.54
CA THR R 102 83.32 -48.90 -26.67
C THR R 102 83.76 -50.26 -27.20
N LYS R 103 85.05 -50.40 -27.48
CA LYS R 103 85.62 -51.68 -27.89
C LYS R 103 86.01 -52.45 -26.63
N VAL R 104 85.00 -53.07 -26.01
CA VAL R 104 85.21 -53.79 -24.77
C VAL R 104 86.10 -55.00 -25.02
N THR R 105 87.03 -55.25 -24.10
CA THR R 105 87.98 -56.35 -24.22
C THR R 105 88.02 -57.13 -22.92
N VAL R 106 88.38 -58.40 -23.01
CA VAL R 106 88.50 -59.28 -21.86
C VAL R 106 89.93 -59.79 -21.78
N LEU R 107 90.45 -59.87 -20.56
CA LEU R 107 91.81 -60.35 -20.35
C LEU R 107 91.81 -61.62 -19.50
N GLN R 108 91.38 -63.32 -22.91
CA GLN R 108 92.22 -62.80 -23.99
C GLN R 108 92.89 -63.94 -24.74
N PRO R 109 93.47 -63.62 -25.90
CA PRO R 109 94.18 -64.63 -26.68
C PRO R 109 95.40 -65.15 -25.94
N LYS R 110 95.74 -66.42 -26.21
CA LYS R 110 96.91 -67.02 -25.59
C LYS R 110 98.16 -66.28 -26.01
N ALA R 111 99.00 -65.95 -25.02
CA ALA R 111 100.21 -65.17 -25.26
C ALA R 111 101.20 -65.98 -26.08
N ASN R 112 101.45 -65.55 -27.31
CA ASN R 112 102.39 -66.20 -28.20
C ASN R 112 103.32 -65.18 -28.83
N PRO R 113 104.54 -65.56 -29.16
CA PRO R 113 105.48 -64.63 -29.78
C PRO R 113 105.19 -64.45 -31.27
N THR R 114 105.92 -63.51 -31.87
CA THR R 114 105.76 -63.26 -33.30
C THR R 114 106.23 -64.46 -34.11
N VAL R 115 105.44 -64.83 -35.11
CA VAL R 115 105.75 -65.93 -36.00
C VAL R 115 105.99 -65.33 -37.38
N THR R 116 107.25 -65.16 -37.75
CA THR R 116 107.63 -64.58 -39.04
C THR R 116 108.15 -65.69 -39.93
N LEU R 117 107.42 -65.98 -41.00
CA LEU R 117 107.81 -67.01 -41.99
C LEU R 117 107.72 -66.36 -43.36
N PHE R 118 108.82 -65.78 -43.81
CA PHE R 118 108.86 -65.12 -45.11
C PHE R 118 108.80 -66.15 -46.22
N PRO R 119 107.82 -66.09 -47.12
CA PRO R 119 107.79 -67.06 -48.22
C PRO R 119 108.92 -66.78 -49.19
N PRO R 120 109.36 -67.80 -49.94
CA PRO R 120 110.44 -67.57 -50.91
C PRO R 120 109.98 -66.64 -52.03
N SER R 121 110.97 -65.94 -52.60
CA SER R 121 110.68 -64.97 -53.65
C SER R 121 110.02 -65.64 -54.84
N SER R 122 108.98 -65.00 -55.38
CA SER R 122 108.25 -65.54 -56.51
C SER R 122 109.11 -65.52 -57.76
N GLU R 123 109.07 -66.60 -58.54
CA GLU R 123 109.82 -66.66 -59.78
C GLU R 123 109.32 -65.63 -60.79
N GLU R 124 107.99 -65.45 -60.88
CA GLU R 124 107.44 -64.47 -61.79
C GLU R 124 107.85 -63.06 -61.40
N LEU R 125 107.85 -62.75 -60.11
CA LEU R 125 108.30 -61.45 -59.65
C LEU R 125 109.79 -61.25 -59.88
N GLN R 126 110.57 -62.33 -59.83
CA GLN R 126 112.00 -62.23 -60.10
C GLN R 126 112.26 -61.80 -61.52
N ALA R 127 111.48 -62.33 -62.48
CA ALA R 127 111.64 -61.94 -63.88
C ALA R 127 111.32 -60.46 -64.07
N ASN R 128 110.29 -59.95 -63.38
CA ASN R 128 109.92 -58.55 -63.44
C ASN R 128 110.77 -57.67 -62.52
N LYS R 129 111.87 -58.21 -61.99
CA LYS R 129 112.76 -57.47 -61.09
C LYS R 129 112.03 -56.94 -59.87
N ALA R 130 111.07 -57.74 -59.36
CA ALA R 130 110.30 -57.35 -58.18
C ALA R 130 110.12 -58.52 -57.22
N THR R 131 111.13 -59.39 -57.11
CA THR R 131 111.05 -60.53 -56.20
C THR R 131 111.05 -60.05 -54.75
N LEU R 132 110.11 -60.55 -53.96
CA LEU R 132 109.94 -60.11 -52.58
C LEU R 132 109.49 -61.28 -51.71
N VAL R 133 109.68 -61.12 -50.41
CA VAL R 133 109.30 -62.12 -49.42
C VAL R 133 108.31 -61.48 -48.46
N CYS R 134 107.17 -62.16 -48.26
CA CYS R 134 106.12 -61.68 -47.37
C CYS R 134 105.98 -62.61 -46.17
N LEU R 135 105.84 -62.03 -44.99
CA LEU R 135 105.73 -62.77 -43.74
C LEU R 135 104.32 -62.62 -43.18
N ILE R 136 103.69 -63.75 -42.85
CA ILE R 136 102.35 -63.77 -42.27
C ILE R 136 102.41 -64.51 -40.94
N SER R 137 101.86 -63.89 -39.89
CA SER R 137 101.86 -64.48 -38.56
C SER R 137 100.65 -65.38 -38.40
N ASP R 138 100.89 -66.63 -37.98
CA ASP R 138 99.79 -67.58 -37.80
C ASP R 138 98.88 -67.16 -36.66
N PHE R 139 99.45 -66.80 -35.50
CA PHE R 139 98.66 -66.39 -34.35
C PHE R 139 99.54 -65.59 -33.40
N TYR R 140 98.94 -64.59 -32.77
CA TYR R 140 99.64 -63.74 -31.81
C TYR R 140 98.64 -62.97 -30.95
N PRO R 141 98.80 -62.97 -29.63
CA PRO R 141 97.88 -62.20 -28.77
C PRO R 141 98.28 -60.74 -28.75
N GLY R 142 97.36 -59.88 -29.20
CA GLY R 142 97.65 -58.46 -29.28
C GLY R 142 98.78 -58.14 -30.24
N ALA R 143 98.72 -58.74 -31.42
CA ALA R 143 99.78 -58.56 -32.41
C ALA R 143 99.93 -57.10 -32.80
N VAL R 144 101.17 -56.62 -32.80
CA VAL R 144 101.48 -55.24 -33.15
C VAL R 144 101.66 -55.14 -34.66
N THR R 145 101.17 -54.03 -35.23
CA THR R 145 101.28 -53.80 -36.67
C THR R 145 102.60 -53.10 -37.00
N VAL R 146 103.69 -53.78 -36.63
CA VAL R 146 105.04 -53.27 -36.86
C VAL R 146 105.83 -54.34 -37.62
N ALA R 147 106.34 -53.97 -38.79
CA ALA R 147 107.14 -54.87 -39.62
C ALA R 147 108.43 -54.18 -39.99
N TRP R 148 109.55 -54.88 -39.81
CA TRP R 148 110.88 -54.35 -40.09
C TRP R 148 111.62 -55.34 -40.98
N LYS R 149 111.45 -55.20 -42.30
CA LYS R 149 112.15 -56.07 -43.24
C LYS R 149 113.59 -55.62 -43.38
N ALA R 150 114.52 -56.52 -43.08
CA ALA R 150 115.96 -56.23 -43.10
C ALA R 150 116.63 -57.23 -44.04
N ASP R 151 116.68 -56.89 -45.33
CA ASP R 151 117.32 -57.73 -46.34
C ASP R 151 118.73 -57.20 -46.57
N GLY R 152 119.67 -57.72 -45.80
CA GLY R 152 121.06 -57.31 -45.92
C GLY R 152 121.32 -55.85 -45.59
N SER R 153 120.39 -55.21 -44.88
CA SER R 153 120.49 -53.79 -44.56
C SER R 153 119.50 -53.45 -43.45
N PRO R 154 119.46 -52.19 -43.00
CA PRO R 154 118.49 -51.81 -41.97
C PRO R 154 117.07 -51.88 -42.50
N VAL R 155 116.12 -51.68 -41.57
CA VAL R 155 114.70 -51.75 -41.92
C VAL R 155 114.36 -50.62 -42.88
N LYS R 156 113.65 -50.97 -43.96
CA LYS R 156 113.25 -50.02 -44.99
C LYS R 156 111.74 -49.89 -45.00
N ALA R 157 111.25 -48.66 -45.04
CA ALA R 157 109.80 -48.43 -45.05
C ALA R 157 109.16 -49.00 -46.30
N GLY R 158 109.80 -48.82 -47.46
CA GLY R 158 109.24 -49.33 -48.70
C GLY R 158 109.37 -50.84 -48.87
N VAL R 159 110.26 -51.47 -48.11
CA VAL R 159 110.46 -52.91 -48.25
C VAL R 159 109.24 -53.68 -47.73
N GLU R 160 108.73 -53.27 -46.57
CA GLU R 160 107.60 -53.94 -45.94
C GLU R 160 106.44 -52.96 -45.76
N THR R 161 105.24 -53.43 -46.10
CA THR R 161 104.03 -52.62 -45.99
C THR R 161 103.22 -53.11 -44.79
N THR R 162 102.87 -52.18 -43.91
CA THR R 162 102.10 -52.53 -42.73
C THR R 162 100.67 -52.89 -43.10
N LYS R 163 100.10 -53.85 -42.37
CA LYS R 163 98.74 -54.31 -42.57
C LYS R 163 98.03 -54.40 -41.23
N PRO R 164 96.71 -54.29 -41.22
CA PRO R 164 95.97 -54.42 -39.96
C PRO R 164 96.05 -55.84 -39.42
N SER R 165 95.93 -55.93 -38.10
CA SER R 165 96.03 -57.21 -37.40
C SER R 165 94.68 -57.91 -37.47
N LYS R 166 94.58 -58.91 -38.35
CA LYS R 166 93.36 -59.69 -38.46
C LYS R 166 93.24 -60.66 -37.29
N GLN R 167 92.04 -61.20 -37.11
CA GLN R 167 91.76 -62.10 -35.99
C GLN R 167 91.94 -63.55 -36.46
N SER R 168 92.86 -64.27 -35.81
CA SER R 168 93.07 -65.67 -36.11
C SER R 168 91.89 -66.50 -35.62
N ASN R 169 91.59 -67.58 -36.36
CA ASN R 169 90.49 -68.45 -35.99
C ASN R 169 90.73 -69.18 -34.68
N ASN R 170 91.98 -69.35 -34.27
CA ASN R 170 92.30 -70.09 -33.05
C ASN R 170 92.35 -69.16 -31.84
N LYS R 171 91.30 -68.37 -31.65
CA LYS R 171 91.15 -67.48 -30.50
C LYS R 171 92.36 -66.57 -30.33
N TYR R 172 92.85 -66.04 -31.44
CA TYR R 172 94.02 -65.18 -31.44
C TYR R 172 93.91 -64.18 -32.58
N ALA R 173 94.96 -63.38 -32.75
CA ALA R 173 95.03 -62.40 -33.82
C ALA R 173 96.17 -62.76 -34.77
N ALA R 174 95.85 -62.86 -36.05
CA ALA R 174 96.83 -63.20 -37.09
C ALA R 174 97.11 -61.95 -37.91
N SER R 175 98.35 -61.47 -37.85
CA SER R 175 98.78 -60.30 -38.60
C SER R 175 99.56 -60.76 -39.83
N SER R 176 99.03 -60.44 -41.01
CA SER R 176 99.65 -60.82 -42.28
C SER R 176 99.94 -59.55 -43.07
N TYR R 177 101.21 -59.20 -43.17
CA TYR R 177 101.65 -58.00 -43.88
C TYR R 177 102.49 -58.42 -45.09
N LEU R 178 102.15 -57.90 -46.26
CA LEU R 178 102.87 -58.21 -47.48
C LEU R 178 104.00 -57.21 -47.68
N SER R 179 105.21 -57.73 -47.87
CA SER R 179 106.40 -56.92 -48.07
C SER R 179 106.82 -56.99 -49.53
N LEU R 180 106.97 -55.82 -50.16
CA LEU R 180 107.35 -55.72 -51.57
C LEU R 180 108.71 -55.06 -51.68
N THR R 181 109.64 -55.74 -52.36
CA THR R 181 110.98 -55.23 -52.59
C THR R 181 111.41 -55.62 -54.00
N PRO R 182 112.33 -54.86 -54.59
CA PRO R 182 112.83 -55.23 -55.92
C PRO R 182 113.72 -56.46 -55.86
N GLU R 183 113.77 -57.18 -56.99
CA GLU R 183 114.63 -58.36 -57.07
C GLU R 183 116.11 -57.98 -57.06
N GLN R 184 116.45 -56.83 -57.64
CA GLN R 184 117.85 -56.39 -57.63
C GLN R 184 118.34 -56.14 -56.20
N TRP R 185 117.50 -55.53 -55.36
CA TRP R 185 117.86 -55.33 -53.97
C TRP R 185 118.00 -56.67 -53.24
N LYS R 186 117.08 -57.60 -53.51
CA LYS R 186 117.18 -58.93 -52.90
C LYS R 186 118.42 -59.67 -53.38
N SER R 187 118.73 -59.58 -54.68
CA SER R 187 119.92 -60.23 -55.21
C SER R 187 121.19 -59.61 -54.62
N HIS R 188 121.22 -58.28 -54.49
CA HIS R 188 122.38 -57.63 -53.88
C HIS R 188 122.51 -58.01 -52.41
N ARG R 189 121.40 -58.10 -51.70
CA ARG R 189 121.43 -58.49 -50.30
C ARG R 189 121.87 -59.94 -50.16
N SER R 190 122.68 -60.21 -49.12
CA SER R 190 123.12 -61.56 -48.87
C SER R 190 121.96 -62.47 -48.51
N TYR R 191 121.05 -61.99 -47.67
CA TYR R 191 119.88 -62.76 -47.26
C TYR R 191 118.74 -61.82 -46.93
N SER R 192 117.52 -62.22 -47.28
CA SER R 192 116.32 -61.43 -47.00
C SER R 192 115.84 -61.77 -45.60
N CYS R 193 116.50 -61.18 -44.60
CA CYS R 193 116.18 -61.43 -43.20
C CYS R 193 115.07 -60.49 -42.74
N GLN R 194 113.90 -60.70 -43.33
CA GLN R 194 112.72 -59.90 -42.95
C GLN R 194 112.27 -60.27 -41.54
N VAL R 195 111.97 -59.24 -40.75
CA VAL R 195 111.57 -59.40 -39.36
C VAL R 195 110.18 -58.80 -39.18
N THR R 196 109.27 -59.59 -38.60
CA THR R 196 107.92 -59.14 -38.31
C THR R 196 107.71 -59.16 -36.80
N HIS R 197 107.26 -58.03 -36.25
CA HIS R 197 107.05 -57.89 -34.81
C HIS R 197 105.56 -58.01 -34.50
N GLU R 198 105.23 -58.93 -33.59
CA GLU R 198 103.84 -59.13 -33.19
C GLU R 198 103.82 -59.78 -31.82
N GLY R 199 102.77 -59.47 -31.05
CA GLY R 199 102.61 -60.06 -29.73
C GLY R 199 103.74 -59.72 -28.77
N SER R 200 104.20 -58.47 -28.78
CA SER R 200 105.29 -58.02 -27.91
C SER R 200 106.55 -58.87 -28.11
N THR R 201 106.81 -59.27 -29.35
CA THR R 201 107.98 -60.06 -29.68
C THR R 201 108.39 -59.76 -31.11
N VAL R 202 109.65 -60.03 -31.41
CA VAL R 202 110.22 -59.80 -32.73
C VAL R 202 110.91 -61.07 -33.20
N GLU R 203 110.55 -61.52 -34.41
CA GLU R 203 111.16 -62.70 -35.02
C GLU R 203 111.57 -62.35 -36.45
N LYS R 204 112.75 -62.83 -36.84
CA LYS R 204 113.30 -62.56 -38.17
C LYS R 204 113.45 -63.87 -38.94
N THR R 205 112.98 -63.86 -40.19
CA THR R 205 113.11 -65.00 -41.08
C THR R 205 114.04 -64.62 -42.23
N VAL R 206 115.07 -65.42 -42.44
CA VAL R 206 116.10 -65.16 -43.44
C VAL R 206 116.01 -66.23 -44.51
N ALA R 207 116.01 -65.81 -45.78
CA ALA R 207 115.96 -66.70 -46.91
C ALA R 207 117.09 -66.40 -47.88
N PRO R 208 117.53 -67.39 -48.65
CA PRO R 208 118.63 -67.15 -49.60
C PRO R 208 118.22 -66.18 -50.70
N THR R 209 119.21 -65.45 -51.20
CA THR R 209 118.98 -64.49 -52.27
C THR R 209 118.74 -65.19 -53.60
N GLN S 1 10.40 43.87 -45.60
CA GLN S 1 11.36 44.49 -46.51
C GLN S 1 12.43 45.25 -45.76
N VAL S 2 13.69 44.83 -45.95
CA VAL S 2 14.83 45.37 -45.22
C VAL S 2 15.33 46.62 -45.94
N GLN S 3 15.32 47.76 -45.24
CA GLN S 3 15.87 48.99 -45.77
C GLN S 3 16.78 49.62 -44.73
N LEU S 4 18.06 49.76 -45.08
CA LEU S 4 18.99 50.56 -44.30
C LEU S 4 19.57 51.64 -45.20
N VAL S 5 19.54 52.86 -44.72
CA VAL S 5 20.07 54.02 -45.45
C VAL S 5 21.07 54.71 -44.54
N GLN S 6 22.21 55.10 -45.11
CA GLN S 6 23.27 55.71 -44.33
C GLN S 6 23.45 57.19 -44.68
N SER S 7 24.38 57.81 -43.97
CA SER S 7 24.60 59.25 -44.12
C SER S 7 25.19 59.56 -45.50
N GLY S 8 25.07 60.82 -45.89
CA GLY S 8 25.56 61.26 -47.17
C GLY S 8 27.06 61.42 -47.19
N ALA S 9 27.58 61.79 -48.36
CA ALA S 9 29.01 61.97 -48.54
C ALA S 9 29.52 63.09 -47.65
N GLU S 10 30.68 62.86 -47.05
CA GLU S 10 31.32 63.86 -46.19
C GLU S 10 32.83 63.72 -46.32
N VAL S 11 33.49 64.80 -46.75
CA VAL S 11 34.93 64.83 -46.96
C VAL S 11 35.54 65.69 -45.87
N LYS S 12 36.64 65.21 -45.29
CA LYS S 12 37.26 65.82 -44.12
C LYS S 12 38.75 65.54 -44.12
N LYS S 13 39.53 66.49 -43.60
CA LYS S 13 40.98 66.45 -43.59
C LYS S 13 41.51 65.31 -42.72
N PRO S 14 42.66 64.73 -43.06
CA PRO S 14 43.19 63.62 -42.24
C PRO S 14 43.54 64.09 -40.83
N GLY S 15 43.44 63.17 -39.87
CA GLY S 15 43.86 63.41 -38.51
C GLY S 15 42.75 63.57 -37.49
N ALA S 16 41.50 63.29 -37.86
CA ALA S 16 40.38 63.40 -36.93
C ALA S 16 39.37 62.29 -37.19
N SER S 17 38.43 62.13 -36.27
CA SER S 17 37.44 61.08 -36.38
C SER S 17 36.37 61.44 -37.41
N VAL S 18 35.92 60.42 -38.14
CA VAL S 18 34.80 60.54 -39.08
C VAL S 18 33.65 59.69 -38.54
N LYS S 19 32.45 60.26 -38.55
CA LYS S 19 31.24 59.63 -38.02
C LYS S 19 30.26 59.38 -39.15
N VAL S 20 30.03 58.11 -39.46
CA VAL S 20 29.07 57.70 -40.48
C VAL S 20 27.93 56.95 -39.82
N SER S 21 26.70 57.32 -40.15
CA SER S 21 25.51 56.76 -39.51
C SER S 21 24.68 56.01 -40.53
N CYS S 22 24.36 54.75 -40.24
CA CYS S 22 23.45 53.98 -41.08
C CYS S 22 22.28 53.49 -40.22
N LYS S 23 21.06 53.79 -40.65
CA LYS S 23 19.85 53.41 -39.95
C LYS S 23 19.15 52.28 -40.70
N SER S 24 18.74 51.26 -39.97
CA SER S 24 18.12 50.07 -40.54
C SER S 24 16.72 49.88 -39.97
N SER S 25 15.77 49.57 -40.84
CA SER S 25 14.37 49.38 -40.44
C SER S 25 13.66 48.59 -41.51
N GLY S 26 12.40 48.27 -41.24
CA GLY S 26 11.58 47.48 -42.13
C GLY S 26 11.56 46.00 -41.86
N TYR S 27 12.22 45.56 -40.79
CA TYR S 27 12.33 44.14 -40.48
C TYR S 27 12.49 43.97 -38.98
N THR S 28 12.22 42.74 -38.51
CA THR S 28 12.35 42.41 -37.10
C THR S 28 13.80 42.63 -36.65
N PHE S 29 14.03 43.64 -35.82
CA PHE S 29 15.37 44.05 -35.42
C PHE S 29 15.64 43.71 -33.96
N THR S 30 15.14 42.57 -33.49
CA THR S 30 15.35 42.17 -32.10
C THR S 30 16.80 41.73 -31.86
N ASN S 31 17.33 40.91 -32.77
CA ASN S 31 18.66 40.35 -32.55
C ASN S 31 19.52 40.30 -33.81
N TYR S 32 19.07 40.89 -34.92
CA TYR S 32 19.85 40.79 -36.15
C TYR S 32 21.08 41.68 -36.05
N ILE S 33 22.12 41.31 -36.80
CA ILE S 33 23.44 41.92 -36.69
C ILE S 33 23.72 42.70 -37.97
N ILE S 34 24.27 43.91 -37.81
CA ILE S 34 24.60 44.79 -38.92
C ILE S 34 26.10 45.00 -38.95
N HIS S 35 26.70 44.87 -40.13
CA HIS S 35 28.15 44.85 -40.28
C HIS S 35 28.63 46.15 -40.90
N TRP S 36 29.59 46.81 -40.23
CA TRP S 36 30.34 47.89 -40.82
C TRP S 36 31.53 47.32 -41.57
N VAL S 37 31.69 47.73 -42.84
CA VAL S 37 32.81 47.27 -43.66
C VAL S 37 33.32 48.44 -44.49
N ARG S 38 34.64 48.48 -44.68
CA ARG S 38 35.28 49.52 -45.47
C ARG S 38 36.00 48.90 -46.65
N GLN S 39 35.70 49.38 -47.85
CA GLN S 39 36.29 48.89 -49.09
C GLN S 39 37.08 50.00 -49.75
N ALA S 40 38.36 49.74 -50.03
CA ALA S 40 39.16 50.68 -50.77
C ALA S 40 38.68 50.74 -52.23
N PRO S 41 38.82 51.90 -52.88
CA PRO S 41 38.33 52.02 -54.26
C PRO S 41 39.09 51.08 -55.20
N GLY S 42 38.35 50.13 -55.75
CA GLY S 42 38.95 49.15 -56.65
C GLY S 42 39.78 48.08 -55.98
N GLN S 43 39.60 47.88 -54.68
CA GLN S 43 40.36 46.88 -53.93
C GLN S 43 39.39 45.97 -53.19
N ARG S 44 39.96 45.01 -52.45
CA ARG S 44 39.15 44.05 -51.70
C ARG S 44 38.42 44.73 -50.56
N LEU S 45 37.29 44.13 -50.18
CA LEU S 45 36.56 44.60 -49.01
C LEU S 45 37.33 44.21 -47.75
N GLU S 46 37.23 45.07 -46.72
CA GLU S 46 37.88 44.85 -45.44
C GLU S 46 36.83 44.97 -44.35
N TRP S 47 36.40 43.83 -43.80
CA TRP S 47 35.40 43.83 -42.75
C TRP S 47 35.91 44.59 -41.53
N MET S 48 35.07 45.46 -40.99
CA MET S 48 35.43 46.29 -39.85
C MET S 48 34.83 45.79 -38.54
N GLY S 49 33.51 45.59 -38.49
CA GLY S 49 32.90 45.13 -37.26
C GLY S 49 31.47 44.71 -37.47
N TRP S 50 30.88 44.15 -36.41
CA TRP S 50 29.48 43.76 -36.41
C TRP S 50 28.82 44.21 -35.12
N ILE S 51 27.57 44.66 -35.23
CA ILE S 51 26.82 45.24 -34.12
C ILE S 51 25.51 44.49 -33.98
N ASN S 52 25.20 44.06 -32.76
CA ASN S 52 23.92 43.44 -32.45
C ASN S 52 23.01 44.45 -31.76
N ALA S 53 21.75 44.47 -32.18
CA ALA S 53 20.79 45.44 -31.65
C ALA S 53 20.58 45.26 -30.15
N GLY S 54 20.01 44.13 -29.74
CA GLY S 54 19.75 43.91 -28.33
C GLY S 54 21.00 43.78 -27.51
N ASN S 55 21.98 43.01 -27.99
CA ASN S 55 23.21 42.79 -27.23
C ASN S 55 24.00 44.09 -27.09
N GLY S 56 24.14 44.83 -28.19
CA GLY S 56 24.99 46.02 -28.16
C GLY S 56 26.45 45.72 -27.92
N ASN S 57 26.93 44.57 -28.40
CA ASN S 57 28.32 44.18 -28.26
C ASN S 57 28.93 43.98 -29.63
N THR S 58 30.18 44.40 -29.79
CA THR S 58 30.85 44.39 -31.08
C THR S 58 32.25 43.83 -30.94
N LYS S 59 32.62 42.93 -31.85
CA LYS S 59 33.98 42.44 -31.98
C LYS S 59 34.69 43.23 -33.08
N TYR S 60 35.71 43.99 -32.69
CA TYR S 60 36.45 44.79 -33.65
C TYR S 60 37.39 43.92 -34.47
N SER S 61 37.82 44.46 -35.61
CA SER S 61 38.77 43.75 -36.46
C SER S 61 40.12 43.63 -35.76
N GLN S 62 40.88 42.62 -36.16
CA GLN S 62 42.19 42.38 -35.55
C GLN S 62 43.17 43.51 -35.81
N LYS S 63 42.99 44.25 -36.90
CA LYS S 63 43.95 45.28 -37.28
C LYS S 63 43.68 46.63 -36.63
N PHE S 64 42.43 46.91 -36.25
CA PHE S 64 42.03 48.23 -35.76
C PHE S 64 41.55 48.10 -34.32
N GLN S 65 42.24 48.79 -33.41
CA GLN S 65 41.86 48.82 -32.00
C GLN S 65 41.84 50.26 -31.51
N GLY S 66 40.92 50.55 -30.58
CA GLY S 66 40.86 51.84 -29.95
C GLY S 66 40.34 52.95 -30.85
N ARG S 67 40.98 53.13 -32.00
CA ARG S 67 40.59 54.17 -32.94
C ARG S 67 39.21 53.95 -33.54
N ILE S 68 38.64 52.76 -33.39
CA ILE S 68 37.29 52.44 -33.85
C ILE S 68 36.38 52.26 -32.65
N SER S 69 35.21 52.89 -32.69
CA SER S 69 34.24 52.81 -31.61
C SER S 69 32.85 52.61 -32.20
N VAL S 70 31.94 52.09 -31.36
CA VAL S 70 30.59 51.73 -31.77
C VAL S 70 29.60 52.61 -31.03
N THR S 71 28.67 53.20 -31.77
CA THR S 71 27.58 54.00 -31.20
C THR S 71 26.28 53.55 -31.84
N ARG S 72 25.26 53.32 -31.02
CA ARG S 72 23.98 52.83 -31.49
C ARG S 72 22.88 53.39 -30.62
N ASP S 73 21.76 53.75 -31.24
CA ASP S 73 20.58 54.27 -30.54
C ASP S 73 19.34 53.53 -31.01
N THR S 74 18.55 53.03 -30.07
CA THR S 74 17.32 52.34 -30.42
C THR S 74 16.25 53.29 -30.92
N SER S 75 16.33 54.57 -30.53
CA SER S 75 15.31 55.53 -30.95
C SER S 75 15.29 55.67 -32.47
N ALA S 76 16.45 55.80 -33.10
CA ALA S 76 16.54 55.89 -34.55
C ALA S 76 16.82 54.55 -35.22
N SER S 77 17.05 53.50 -34.44
CA SER S 77 17.42 52.19 -34.99
C SER S 77 18.63 52.31 -35.91
N ALA S 78 19.59 53.13 -35.50
CA ALA S 78 20.75 53.47 -36.32
C ALA S 78 22.03 53.14 -35.58
N ALA S 79 23.08 52.90 -36.37
CA ALA S 79 24.41 52.64 -35.85
C ALA S 79 25.35 53.74 -36.34
N TYR S 80 26.17 54.25 -35.43
CA TYR S 80 27.12 55.32 -35.70
C TYR S 80 28.54 54.80 -35.56
N MET S 81 29.31 54.92 -36.63
CA MET S 81 30.70 54.44 -36.70
C MET S 81 31.64 55.64 -36.74
N GLU S 82 32.50 55.75 -35.73
CA GLU S 82 33.51 56.80 -35.70
C GLU S 82 34.89 56.19 -35.82
N LEU S 83 35.72 56.80 -36.67
CA LEU S 83 37.06 56.29 -36.94
C LEU S 83 38.07 57.41 -36.75
N SER S 84 38.72 57.43 -35.59
CA SER S 84 39.71 58.46 -35.27
C SER S 84 41.06 58.09 -35.88
N SER S 85 41.97 59.07 -35.84
CA SER S 85 43.32 58.92 -36.38
C SER S 85 43.29 58.48 -37.85
N LEU S 86 42.40 59.10 -38.61
CA LEU S 86 42.27 58.77 -40.03
C LEU S 86 43.51 59.20 -40.80
N LYS S 87 43.94 58.36 -41.74
CA LYS S 87 45.09 58.60 -42.59
C LYS S 87 44.64 58.72 -44.04
N SER S 88 45.59 59.03 -44.93
CA SER S 88 45.25 59.24 -46.34
C SER S 88 44.68 57.97 -46.97
N GLU S 89 45.26 56.82 -46.65
CA GLU S 89 44.76 55.56 -47.20
C GLU S 89 43.46 55.11 -46.54
N ASP S 90 43.13 55.65 -45.36
CA ASP S 90 41.89 55.26 -44.69
C ASP S 90 40.66 55.83 -45.38
N THR S 91 40.80 56.85 -46.21
CA THR S 91 39.68 57.39 -46.97
C THR S 91 39.27 56.37 -48.02
N ALA S 92 38.09 55.77 -47.85
CA ALA S 92 37.65 54.71 -48.75
C ALA S 92 36.13 54.62 -48.66
N LEU S 93 35.56 53.75 -49.50
CA LEU S 93 34.12 53.54 -49.52
C LEU S 93 33.68 52.80 -48.26
N TYR S 94 32.48 53.10 -47.79
CA TYR S 94 31.93 52.52 -46.57
C TYR S 94 30.63 51.81 -46.87
N TYR S 95 30.35 50.73 -46.14
CA TYR S 95 29.15 49.95 -46.36
C TYR S 95 28.62 49.43 -45.02
N CYS S 96 27.29 49.43 -44.89
CA CYS S 96 26.59 48.79 -43.80
C CYS S 96 25.77 47.64 -44.38
N ALA S 97 26.09 46.42 -43.96
CA ALA S 97 25.53 45.21 -44.55
C ALA S 97 24.62 44.51 -43.55
N THR S 98 23.55 43.90 -44.07
CA THR S 98 22.57 43.23 -43.22
C THR S 98 21.80 42.22 -44.06
N LEU S 99 21.28 41.19 -43.39
CA LEU S 99 20.43 40.20 -44.04
C LEU S 99 19.19 40.88 -44.62
N GLN S 100 18.77 40.44 -45.81
CA GLN S 100 17.58 40.94 -46.47
C GLN S 100 16.44 39.93 -46.52
N MET S 101 16.69 38.77 -47.14
CA MET S 101 15.73 37.68 -47.19
C MET S 101 16.37 36.43 -46.60
N ASP S 102 15.64 35.80 -45.68
CA ASP S 102 16.23 34.88 -44.71
C ASP S 102 16.10 33.43 -45.16
N TYR S 103 17.23 32.73 -45.21
CA TYR S 103 17.26 31.27 -45.23
C TYR S 103 18.13 30.72 -44.12
N GLY S 104 18.66 31.58 -43.26
CA GLY S 104 19.49 31.15 -42.15
C GLY S 104 19.62 32.26 -41.13
N GLY S 105 20.79 32.34 -40.51
CA GLY S 105 21.05 33.39 -39.54
C GLY S 105 22.11 34.36 -40.00
N ASN S 106 23.31 34.23 -39.46
CA ASN S 106 24.44 35.07 -39.83
C ASN S 106 25.26 34.38 -40.91
N GLY S 107 26.14 35.16 -41.54
CA GLY S 107 26.89 34.65 -42.68
C GLY S 107 26.11 34.85 -43.96
N ASP S 108 24.83 35.16 -43.82
CA ASP S 108 23.95 35.42 -44.95
C ASP S 108 23.56 36.89 -44.89
N LEU S 109 24.42 37.74 -45.45
CA LEU S 109 24.19 39.19 -45.51
C LEU S 109 23.81 39.52 -46.94
N ASP S 110 22.57 39.96 -47.15
CA ASP S 110 22.05 40.15 -48.49
C ASP S 110 21.81 41.61 -48.87
N TYR S 111 21.62 42.51 -47.91
CA TYR S 111 21.30 43.89 -48.21
C TYR S 111 22.42 44.79 -47.73
N TRP S 112 22.74 45.82 -48.51
CA TRP S 112 23.87 46.69 -48.26
C TRP S 112 23.46 48.15 -48.42
N GLY S 113 24.35 49.04 -47.98
CA GLY S 113 24.13 50.47 -48.15
C GLY S 113 24.55 50.96 -49.53
N GLN S 114 24.26 52.24 -49.79
CA GLN S 114 24.59 52.80 -51.10
C GLN S 114 26.07 53.12 -51.24
N GLY S 115 26.68 53.62 -50.17
CA GLY S 115 28.08 53.99 -50.20
C GLY S 115 28.30 55.45 -49.86
N THR S 116 29.49 55.74 -49.34
CA THR S 116 29.89 57.10 -48.94
C THR S 116 31.28 57.43 -49.46
N LEU S 117 31.55 57.16 -50.72
CA LEU S 117 32.82 57.58 -51.31
C LEU S 117 32.85 59.09 -51.43
N VAL S 118 33.97 59.69 -51.03
CA VAL S 118 34.06 61.13 -50.85
C VAL S 118 35.31 61.67 -51.55
N THR S 119 35.21 62.91 -52.05
CA THR S 119 36.36 63.59 -52.72
C THR S 119 36.15 65.10 -52.56
N VAL S 120 37.11 65.94 -52.96
CA VAL S 120 36.97 67.40 -52.73
C VAL S 120 35.74 67.91 -53.51
N SER S 121 34.88 68.69 -52.86
CA SER S 121 33.65 69.22 -53.50
C SER S 121 33.46 70.71 -53.17
N SER S 122 34.54 71.49 -53.10
CA SER S 122 34.43 72.92 -52.86
C SER S 122 33.98 73.62 -54.14
N ALA S 123 33.14 74.65 -53.99
CA ALA S 123 32.60 75.35 -55.15
C ALA S 123 33.69 76.13 -55.88
N SER S 124 34.12 75.62 -57.04
CA SER S 124 35.12 76.29 -57.85
C SER S 124 34.94 75.88 -59.30
N THR S 125 35.35 76.78 -60.20
CA THR S 125 35.24 76.56 -61.64
C THR S 125 36.13 77.58 -62.35
N LYS S 126 36.03 77.62 -63.67
CA LYS S 126 36.79 78.56 -64.48
C LYS S 126 35.93 79.01 -65.65
N GLY S 127 36.31 80.16 -66.22
CA GLY S 127 35.57 80.73 -67.34
C GLY S 127 36.22 80.41 -68.67
N PRO S 128 36.65 81.45 -69.38
CA PRO S 128 37.28 81.23 -70.69
C PRO S 128 38.60 80.48 -70.55
N SER S 129 38.91 79.69 -71.58
CA SER S 129 40.14 78.91 -71.58
C SER S 129 41.34 79.75 -72.00
N VAL S 130 41.29 80.33 -73.20
CA VAL S 130 42.40 81.11 -73.73
C VAL S 130 41.86 81.97 -74.86
N PHE S 131 42.60 83.02 -75.21
CA PHE S 131 42.21 83.87 -76.33
C PHE S 131 43.41 84.18 -77.21
N PRO S 132 44.24 83.18 -77.54
CA PRO S 132 45.34 83.42 -78.48
C PRO S 132 44.97 83.04 -79.90
N LEU S 133 45.87 83.31 -80.85
CA LEU S 133 45.63 82.97 -82.24
C LEU S 133 45.60 81.46 -82.45
N ALA S 134 44.86 81.03 -83.47
CA ALA S 134 44.73 79.61 -83.78
C ALA S 134 46.02 79.06 -84.39
N PRO S 135 46.27 77.77 -84.23
CA PRO S 135 47.47 77.17 -84.82
C PRO S 135 47.24 76.72 -86.25
N SER S 136 48.35 76.40 -86.92
CA SER S 136 48.28 75.92 -88.29
C SER S 136 47.61 74.56 -88.37
N SER S 137 47.89 73.68 -87.41
CA SER S 137 47.34 72.34 -87.43
C SER S 137 45.83 72.37 -87.20
N LYS S 138 45.16 71.33 -87.71
CA LYS S 138 43.70 71.22 -87.62
C LYS S 138 43.33 70.53 -86.30
N SER S 139 43.64 71.21 -85.21
CA SER S 139 43.32 70.71 -83.88
C SER S 139 43.30 71.89 -82.90
N THR S 140 42.67 71.68 -81.76
CA THR S 140 42.48 72.73 -80.76
C THR S 140 42.94 72.19 -79.41
N SER S 141 43.97 72.82 -78.83
CA SER S 141 44.42 72.47 -77.49
C SER S 141 43.49 73.03 -76.43
N GLY S 142 42.97 74.23 -76.64
CA GLY S 142 42.09 74.87 -75.67
C GLY S 142 40.64 74.57 -75.95
N GLY S 143 39.91 74.22 -74.89
CA GLY S 143 38.50 73.92 -74.99
C GLY S 143 37.79 74.20 -73.68
N THR S 144 36.54 73.77 -73.61
CA THR S 144 35.75 73.94 -72.38
C THR S 144 36.38 73.14 -71.24
N ALA S 145 36.95 73.83 -70.27
CA ALA S 145 37.62 73.17 -69.15
C ALA S 145 37.65 74.13 -67.97
N ALA S 146 37.88 73.56 -66.79
CA ALA S 146 37.98 74.31 -65.55
C ALA S 146 39.37 74.12 -64.95
N LEU S 147 40.07 75.18 -64.57
CA LEU S 147 41.41 74.89 -64.00
C LEU S 147 41.51 75.44 -62.57
N GLY S 148 42.00 74.62 -61.64
CA GLY S 148 42.06 75.03 -60.22
C GLY S 148 40.75 74.72 -59.54
N CYS S 149 39.79 74.18 -60.29
CA CYS S 149 38.44 73.88 -59.73
C CYS S 149 38.53 72.75 -58.69
N LEU S 150 37.72 72.84 -57.63
CA LEU S 150 37.70 71.77 -56.60
C LEU S 150 36.36 71.04 -56.64
N VAL S 151 35.47 71.41 -57.57
CA VAL S 151 34.10 70.81 -57.59
C VAL S 151 34.18 69.30 -57.87
N LYS S 152 33.55 68.48 -57.04
CA LYS S 152 33.62 67.03 -57.21
C LYS S 152 33.10 66.62 -58.57
N ASP S 153 34.00 66.10 -59.41
CA ASP S 153 33.67 65.64 -60.75
C ASP S 153 32.97 66.71 -61.57
N TYR S 154 33.56 67.91 -61.61
CA TYR S 154 33.00 69.01 -62.39
C TYR S 154 33.22 68.73 -63.87
N PHE S 155 32.16 68.31 -64.56
CA PHE S 155 32.26 67.95 -65.98
C PHE S 155 32.12 69.20 -66.85
N PRO S 156 33.21 69.76 -67.33
CA PRO S 156 33.11 70.92 -68.23
C PRO S 156 33.00 70.50 -69.69
N GLU S 157 32.01 71.03 -70.40
CA GLU S 157 31.81 70.71 -71.80
C GLU S 157 30.99 71.82 -72.44
N PRO S 158 31.08 72.00 -73.75
CA PRO S 158 30.25 73.01 -74.41
C PRO S 158 28.77 72.68 -74.28
N VAL S 159 27.96 73.74 -74.17
CA VAL S 159 26.51 73.55 -74.06
C VAL S 159 25.96 72.93 -75.34
N THR S 160 26.41 73.42 -76.49
CA THR S 160 25.99 72.86 -77.76
C THR S 160 26.72 71.56 -78.06
N VAL S 161 26.20 70.81 -79.03
CA VAL S 161 26.81 69.55 -79.42
C VAL S 161 28.15 69.75 -80.11
N SER S 162 28.42 70.95 -80.62
CA SER S 162 29.67 71.21 -81.30
C SER S 162 30.85 71.11 -80.34
N TRP S 163 31.98 70.63 -80.87
CA TRP S 163 33.26 70.47 -80.18
C TRP S 163 33.23 69.39 -79.11
N ASN S 164 32.09 68.73 -78.89
CA ASN S 164 32.04 67.66 -77.90
C ASN S 164 32.72 66.40 -78.42
N SER S 165 32.52 66.09 -79.70
CA SER S 165 33.14 64.90 -80.28
C SER S 165 34.64 65.08 -80.42
N GLY S 166 35.38 63.99 -80.24
CA GLY S 166 36.82 64.02 -80.31
C GLY S 166 37.53 64.66 -79.13
N ALA S 167 36.82 64.85 -78.02
CA ALA S 167 37.38 65.49 -76.83
C ALA S 167 37.57 64.45 -75.74
N LEU S 168 38.74 64.46 -75.11
CA LEU S 168 39.06 63.56 -74.02
C LEU S 168 38.90 64.29 -72.69
N THR S 169 37.96 63.83 -71.88
CA THR S 169 37.68 64.47 -70.60
C THR S 169 38.82 64.21 -69.63
N SER S 170 39.58 65.25 -69.30
CA SER S 170 40.71 65.11 -68.39
C SER S 170 40.24 64.73 -67.00
N GLY S 171 40.90 63.73 -66.40
CA GLY S 171 40.48 63.26 -65.06
C GLY S 171 41.16 64.04 -63.95
N VAL S 172 40.56 64.05 -62.76
CA VAL S 172 41.11 64.86 -61.64
C VAL S 172 42.24 64.06 -60.99
N HIS S 173 43.44 64.14 -61.56
CA HIS S 173 44.59 63.37 -61.04
C HIS S 173 44.94 63.83 -59.62
N THR S 174 44.86 65.14 -59.36
CA THR S 174 45.21 65.70 -58.03
C THR S 174 46.64 65.30 -57.66
N PHE S 175 47.56 65.38 -58.63
CA PHE S 175 48.96 64.93 -58.39
C PHE S 175 49.62 65.76 -57.29
N PRO S 176 49.36 67.09 -57.23
CA PRO S 176 50.04 67.93 -56.23
C PRO S 176 49.19 68.04 -54.96
N ALA S 177 48.10 67.26 -54.87
CA ALA S 177 47.16 67.27 -53.73
C ALA S 177 46.15 68.40 -53.93
N VAL S 178 46.32 69.17 -55.01
CA VAL S 178 45.29 70.22 -55.35
C VAL S 178 44.09 69.43 -55.85
N LEU S 179 42.87 69.97 -55.70
CA LEU S 179 41.70 69.16 -56.09
C LEU S 179 41.85 68.84 -57.58
N GLN S 180 42.30 69.81 -58.37
CA GLN S 180 42.59 69.55 -59.81
C GLN S 180 41.35 69.01 -60.50
N SER S 181 40.16 69.45 -60.10
CA SER S 181 38.96 69.02 -60.85
C SER S 181 39.13 69.57 -62.27
N SER S 182 38.92 68.74 -63.29
CA SER S 182 39.21 69.22 -64.66
C SER S 182 38.03 68.98 -65.57
N GLY S 183 38.23 68.20 -66.63
CA GLY S 183 37.16 67.89 -67.57
C GLY S 183 37.34 68.57 -68.91
N LEU S 184 38.55 68.51 -69.45
CA LEU S 184 38.85 69.24 -70.68
C LEU S 184 38.04 68.69 -71.84
N TYR S 185 37.51 69.60 -72.66
CA TYR S 185 36.73 69.25 -73.86
C TYR S 185 37.32 70.02 -75.02
N SER S 186 38.35 69.46 -75.65
CA SER S 186 39.01 70.12 -76.76
C SER S 186 38.13 70.09 -78.01
N LEU S 187 38.16 71.17 -78.78
CA LEU S 187 37.40 71.22 -80.02
C LEU S 187 37.96 70.25 -81.06
N SER S 188 39.27 69.98 -81.01
CA SER S 188 39.93 69.03 -81.91
C SER S 188 39.79 69.43 -83.37
N SER S 189 39.70 70.74 -83.63
CA SER S 189 39.59 71.25 -84.99
C SER S 189 40.02 72.71 -85.01
N VAL S 190 40.78 73.08 -86.04
CA VAL S 190 41.20 74.48 -86.19
C VAL S 190 40.00 75.37 -86.44
N VAL S 191 39.08 74.93 -87.31
CA VAL S 191 37.89 75.74 -87.60
C VAL S 191 37.03 75.90 -86.35
N THR S 192 36.84 74.80 -85.60
CA THR S 192 36.07 74.88 -84.36
C THR S 192 36.79 75.70 -83.30
N VAL S 193 38.13 75.74 -83.35
CA VAL S 193 38.88 76.56 -82.40
C VAL S 193 38.56 78.04 -82.55
N PRO S 194 38.52 78.61 -83.75
CA PRO S 194 38.20 80.04 -83.88
C PRO S 194 36.83 80.40 -83.34
N SER S 195 35.83 79.52 -83.48
CA SER S 195 34.48 79.76 -83.02
C SER S 195 34.03 78.55 -82.22
N SER S 196 34.19 78.62 -80.90
CA SER S 196 33.82 77.53 -80.01
C SER S 196 32.66 77.97 -79.12
N SER S 197 31.69 77.08 -78.94
CA SER S 197 30.53 77.38 -78.10
C SER S 197 30.94 77.49 -76.63
N LEU S 198 30.10 78.19 -75.88
CA LEU S 198 30.37 78.39 -74.45
C LEU S 198 30.31 77.06 -73.71
N GLY S 199 31.22 76.89 -72.76
CA GLY S 199 31.31 75.65 -72.01
C GLY S 199 30.62 75.69 -70.66
N THR S 200 29.69 74.75 -70.45
CA THR S 200 28.95 74.70 -69.21
C THR S 200 29.86 74.31 -68.05
N GLN S 201 29.57 74.87 -66.87
CA GLN S 201 30.34 74.60 -65.65
C GLN S 201 29.44 73.88 -64.66
N THR S 202 29.93 72.74 -64.14
CA THR S 202 29.13 71.94 -63.22
C THR S 202 29.05 72.58 -61.85
N TYR S 203 30.17 73.11 -61.35
CA TYR S 203 30.27 73.68 -60.01
C TYR S 203 30.01 72.63 -58.94
N ILE S 204 30.02 73.05 -57.67
CA ILE S 204 29.82 72.14 -56.55
C ILE S 204 28.57 72.45 -55.76
N CYS S 205 27.85 73.52 -56.09
CA CYS S 205 26.60 73.82 -55.40
C CYS S 205 25.56 72.74 -55.66
N ASN S 206 25.49 72.23 -56.89
CA ASN S 206 24.54 71.19 -57.24
C ASN S 206 25.10 70.37 -58.39
N VAL S 207 24.50 69.20 -58.63
CA VAL S 207 24.94 68.34 -59.71
C VAL S 207 24.56 68.96 -61.05
N ASN S 208 25.12 68.36 -62.12
CA ASN S 208 24.87 68.74 -63.51
C ASN S 208 25.56 70.05 -63.85
N HIS S 209 25.75 70.32 -65.14
CA HIS S 209 26.50 71.48 -65.61
C HIS S 209 25.54 72.57 -66.06
N LYS S 210 25.55 73.69 -65.34
CA LYS S 210 24.79 74.86 -65.75
C LYS S 210 25.57 75.66 -66.79
N PRO S 211 24.88 76.46 -67.60
CA PRO S 211 25.56 77.20 -68.67
C PRO S 211 26.62 78.16 -68.11
N SER S 212 27.73 78.24 -68.83
CA SER S 212 28.83 79.10 -68.46
C SER S 212 29.61 79.48 -69.71
N ASN S 213 30.41 80.54 -69.60
CA ASN S 213 31.18 81.06 -70.72
C ASN S 213 32.55 80.40 -70.75
N THR S 214 32.81 79.63 -71.80
CA THR S 214 34.11 78.98 -71.99
C THR S 214 34.27 78.67 -73.46
N LYS S 215 35.15 79.41 -74.14
CA LYS S 215 35.36 79.27 -75.57
C LYS S 215 36.84 79.16 -75.88
N VAL S 216 37.16 78.44 -76.96
CA VAL S 216 38.55 78.31 -77.39
C VAL S 216 39.10 79.66 -77.82
N ASP S 217 38.31 80.43 -78.57
CA ASP S 217 38.68 81.79 -78.99
C ASP S 217 40.03 81.80 -79.72
N LYS S 218 40.25 80.80 -80.57
CA LYS S 218 41.48 80.70 -81.32
C LYS S 218 41.31 81.16 -82.76
N TYR T 1 45.46 34.68 -41.27
CA TYR T 1 44.52 33.91 -42.08
C TYR T 1 43.90 34.79 -43.16
N GLU T 2 44.00 34.34 -44.41
CA GLU T 2 43.46 35.09 -45.53
C GLU T 2 43.03 34.11 -46.61
N LEU T 3 42.09 34.54 -47.45
CA LEU T 3 41.54 33.71 -48.51
C LEU T 3 42.24 34.06 -49.82
N THR T 4 42.91 33.09 -50.41
CA THR T 4 43.67 33.29 -51.64
C THR T 4 42.73 33.15 -52.84
N GLN T 5 42.53 34.24 -53.55
CA GLN T 5 41.66 34.28 -54.73
C GLN T 5 42.39 35.01 -55.84
N PRO T 6 42.36 34.49 -57.08
CA PRO T 6 43.11 35.13 -58.17
C PRO T 6 42.62 36.54 -58.44
N PRO T 7 43.49 37.43 -58.89
CA PRO T 7 43.05 38.82 -59.17
C PRO T 7 41.95 38.89 -60.23
N SER T 8 42.02 38.06 -61.27
CA SER T 8 41.03 38.11 -62.34
C SER T 8 41.08 36.81 -63.13
N VAL T 9 40.03 36.58 -63.92
CA VAL T 9 39.94 35.42 -64.80
C VAL T 9 39.42 35.90 -66.15
N SER T 10 39.77 35.13 -67.18
CA SER T 10 39.36 35.43 -68.56
C SER T 10 38.61 34.23 -69.10
N VAL T 11 37.37 34.45 -69.52
CA VAL T 11 36.50 33.40 -70.05
C VAL T 11 35.73 33.95 -71.24
N SER T 12 35.57 33.13 -72.28
CA SER T 12 34.78 33.53 -73.43
C SER T 12 33.29 33.29 -73.15
N PRO T 13 32.40 34.05 -73.81
CA PRO T 13 30.97 33.79 -73.65
C PRO T 13 30.60 32.40 -74.12
N GLY T 14 29.64 31.79 -73.42
CA GLY T 14 29.11 30.50 -73.79
C GLY T 14 29.77 29.30 -73.13
N GLN T 15 30.81 29.50 -72.33
CA GLN T 15 31.49 28.41 -71.67
C GLN T 15 31.62 28.69 -70.18
N THR T 16 31.77 27.63 -69.41
CA THR T 16 31.85 27.74 -67.95
C THR T 16 33.14 28.42 -67.51
N ALA T 17 33.05 29.15 -66.40
CA ALA T 17 34.18 29.81 -65.78
C ALA T 17 34.29 29.39 -64.32
N ARG T 18 35.52 29.17 -63.87
CA ARG T 18 35.81 28.71 -62.52
C ARG T 18 36.55 29.79 -61.75
N ILE T 19 36.15 29.98 -60.49
CA ILE T 19 36.86 30.84 -59.54
C ILE T 19 37.21 30.01 -58.32
N THR T 20 38.48 30.03 -57.94
CA THR T 20 38.99 29.23 -56.83
C THR T 20 39.16 30.09 -55.59
N CYS T 21 38.92 29.49 -54.42
CA CYS T 21 39.07 30.16 -53.14
C CYS T 21 39.67 29.17 -52.16
N SER T 22 40.65 29.62 -51.37
CA SER T 22 41.42 28.71 -50.52
C SER T 22 41.52 29.24 -49.10
N GLY T 23 41.56 28.32 -48.14
CA GLY T 23 41.74 28.66 -46.74
C GLY T 23 42.25 27.48 -45.96
N ASP T 24 43.03 27.76 -44.91
CA ASP T 24 43.66 26.68 -44.16
C ASP T 24 42.65 25.88 -43.35
N ALA T 25 41.75 26.57 -42.64
CA ALA T 25 40.68 25.93 -41.89
C ALA T 25 39.36 25.95 -42.67
N LEU T 26 39.42 26.25 -43.96
CA LEU T 26 38.22 26.52 -44.73
C LEU T 26 37.20 25.36 -44.72
N PRO T 27 37.59 24.08 -44.82
CA PRO T 27 36.57 23.02 -44.76
C PRO T 27 35.78 22.97 -43.47
N LYS T 28 36.10 23.80 -42.47
CA LYS T 28 35.35 23.82 -41.23
C LYS T 28 34.29 24.92 -41.18
N GLN T 29 34.35 25.89 -42.09
CA GLN T 29 33.38 26.97 -42.14
C GLN T 29 32.65 26.98 -43.48
N TYR T 30 31.67 27.89 -43.57
CA TYR T 30 30.89 28.09 -44.78
C TYR T 30 31.38 29.36 -45.47
N VAL T 31 31.52 29.30 -46.79
CA VAL T 31 31.88 30.47 -47.58
C VAL T 31 30.64 30.99 -48.26
N TYR T 32 30.62 32.29 -48.53
CA TYR T 32 29.53 32.91 -49.25
C TYR T 32 30.11 33.77 -50.37
N TRP T 33 29.46 33.71 -51.54
CA TRP T 33 29.94 34.38 -52.73
C TRP T 33 29.14 35.66 -52.98
N TYR T 34 29.86 36.75 -53.25
CA TYR T 34 29.26 38.05 -53.45
C TYR T 34 29.66 38.59 -54.82
N GLN T 35 28.67 39.14 -55.52
CA GLN T 35 28.85 39.75 -56.83
C GLN T 35 28.77 41.26 -56.68
N GLN T 36 29.83 41.96 -57.07
CA GLN T 36 29.90 43.41 -57.03
C GLN T 36 29.92 43.93 -58.46
N LYS T 37 28.83 44.59 -58.85
CA LYS T 37 28.76 45.26 -60.13
C LYS T 37 29.58 46.55 -60.10
N PRO T 38 29.96 47.08 -61.26
CA PRO T 38 30.73 48.34 -61.29
C PRO T 38 29.94 49.47 -60.63
N GLY T 39 30.51 50.05 -59.59
CA GLY T 39 29.85 51.11 -58.86
C GLY T 39 28.57 50.70 -58.15
N GLN T 40 28.54 49.48 -57.62
CA GLN T 40 27.36 48.99 -56.92
C GLN T 40 27.81 48.18 -55.70
N ALA T 41 26.90 48.08 -54.73
CA ALA T 41 27.17 47.28 -53.55
C ALA T 41 27.18 45.79 -53.91
N PRO T 42 28.01 45.01 -53.23
CA PRO T 42 28.06 43.56 -53.52
C PRO T 42 26.72 42.89 -53.23
N VAL T 43 26.38 41.92 -54.07
CA VAL T 43 25.13 41.17 -53.97
C VAL T 43 25.47 39.70 -53.80
N LEU T 44 24.86 39.06 -52.82
CA LEU T 44 25.13 37.65 -52.55
C LEU T 44 24.55 36.80 -53.66
N VAL T 45 25.36 35.87 -54.18
CA VAL T 45 24.95 35.02 -55.29
C VAL T 45 24.88 33.55 -54.87
N ILE T 46 25.79 33.10 -54.02
CA ILE T 46 25.82 31.72 -53.56
C ILE T 46 25.99 31.71 -52.04
N TYR T 47 25.09 30.99 -51.37
CA TYR T 47 25.14 30.83 -49.92
C TYR T 47 25.09 29.35 -49.56
N LYS T 48 25.73 29.02 -48.43
CA LYS T 48 25.83 27.64 -47.93
C LYS T 48 26.51 26.71 -48.93
N ASP T 49 27.35 27.29 -49.78
CA ASP T 49 28.32 26.58 -50.62
C ASP T 49 27.71 25.81 -51.77
N SER T 50 26.38 25.72 -51.85
CA SER T 50 25.76 24.95 -52.91
C SER T 50 24.50 25.55 -53.50
N GLU T 51 23.79 26.43 -52.79
CA GLU T 51 22.51 26.94 -53.26
C GLU T 51 22.59 28.42 -53.54
N ARG T 52 21.66 28.89 -54.37
CA ARG T 52 21.57 30.29 -54.74
C ARG T 52 20.22 30.86 -54.31
N PRO T 53 20.20 32.11 -53.85
CA PRO T 53 18.93 32.72 -53.42
C PRO T 53 18.00 32.96 -54.60
N SER T 54 16.75 33.22 -54.27
CA SER T 54 15.75 33.50 -55.30
C SER T 54 16.12 34.74 -56.08
N GLY T 55 15.87 34.70 -57.39
CA GLY T 55 16.25 35.78 -58.28
C GLY T 55 17.64 35.66 -58.88
N ILE T 56 18.42 34.68 -58.46
CA ILE T 56 19.75 34.43 -59.01
C ILE T 56 19.62 33.38 -60.11
N PRO T 57 20.17 33.63 -61.30
CA PRO T 57 20.08 32.63 -62.38
C PRO T 57 20.75 31.31 -61.99
N GLU T 58 20.19 30.22 -62.53
CA GLU T 58 20.64 28.88 -62.17
C GLU T 58 22.09 28.62 -62.59
N ARG T 59 22.63 29.42 -63.50
CA ARG T 59 23.96 29.16 -64.05
C ARG T 59 25.03 29.14 -62.96
N PHE T 60 24.91 29.99 -61.94
CA PHE T 60 25.88 30.01 -60.86
C PHE T 60 25.75 28.76 -60.01
N SER T 61 26.88 28.18 -59.62
CA SER T 61 26.90 27.02 -58.74
C SER T 61 28.17 27.04 -57.91
N GLY T 62 28.11 26.36 -56.77
CA GLY T 62 29.25 26.32 -55.86
C GLY T 62 29.58 24.90 -55.46
N SER T 63 30.88 24.63 -55.33
CA SER T 63 31.35 23.32 -54.89
C SER T 63 32.46 23.52 -53.87
N SER T 64 32.56 22.57 -52.94
CA SER T 64 33.57 22.61 -51.90
C SER T 64 34.32 21.28 -51.87
N SER T 65 35.65 21.34 -51.89
CA SER T 65 36.51 20.17 -51.77
C SER T 65 37.62 20.55 -50.79
N GLY T 66 37.38 20.30 -49.51
CA GLY T 66 38.35 20.60 -48.47
C GLY T 66 38.78 22.05 -48.47
N THR T 67 40.02 22.28 -48.90
CA THR T 67 40.56 23.64 -48.93
C THR T 67 39.99 24.46 -50.08
N THR T 68 39.72 23.83 -51.22
CA THR T 68 39.40 24.54 -52.45
C THR T 68 37.88 24.66 -52.63
N VAL T 69 37.40 25.89 -52.73
CA VAL T 69 36.00 26.15 -53.03
C VAL T 69 35.93 26.77 -54.43
N THR T 70 35.10 26.18 -55.29
CA THR T 70 35.01 26.57 -56.68
C THR T 70 33.64 27.16 -56.97
N LEU T 71 33.63 28.36 -57.54
CA LEU T 71 32.42 29.00 -58.07
C LEU T 71 32.42 28.80 -59.58
N THR T 72 31.37 28.18 -60.09
CA THR T 72 31.27 27.81 -61.50
C THR T 72 30.10 28.55 -62.13
N ILE T 73 30.36 29.17 -63.28
CA ILE T 73 29.32 29.84 -64.06
C ILE T 73 29.20 29.14 -65.40
N SER T 74 27.98 28.71 -65.73
CA SER T 74 27.71 27.99 -66.97
C SER T 74 27.08 28.92 -67.98
N GLY T 75 27.63 28.94 -69.19
CA GLY T 75 27.13 29.81 -70.24
C GLY T 75 27.28 31.28 -69.90
N VAL T 76 28.53 31.73 -69.73
CA VAL T 76 28.79 33.12 -69.39
C VAL T 76 28.27 34.02 -70.50
N GLN T 77 27.59 35.10 -70.11
CA GLN T 77 27.05 36.06 -71.06
C GLN T 77 27.44 37.49 -70.70
N ALA T 78 26.80 38.46 -71.36
CA ALA T 78 27.29 39.84 -71.33
C ALA T 78 27.31 40.42 -69.92
N GLU T 79 26.18 40.35 -69.22
CA GLU T 79 26.07 41.07 -67.96
C GLU T 79 26.62 40.29 -66.77
N ASP T 80 27.17 39.10 -67.01
CA ASP T 80 27.80 38.33 -65.93
C ASP T 80 29.08 38.98 -65.42
N ASP T 81 29.60 39.98 -66.12
CA ASP T 81 30.85 40.62 -65.69
C ASP T 81 30.65 41.33 -64.36
N ALA T 82 31.54 41.03 -63.41
CA ALA T 82 31.46 41.61 -62.07
C ALA T 82 32.66 41.15 -61.24
N ASP T 83 32.73 41.59 -59.99
CA ASP T 83 33.76 41.12 -59.08
C ASP T 83 33.17 40.07 -58.15
N TYR T 84 33.86 38.94 -58.01
CA TYR T 84 33.39 37.83 -57.20
C TYR T 84 34.25 37.71 -55.95
N TYR T 85 33.61 37.69 -54.78
CA TYR T 85 34.31 37.60 -53.51
C TYR T 85 33.79 36.42 -52.71
N CYS T 86 34.72 35.60 -52.21
CA CYS T 86 34.40 34.54 -51.26
C CYS T 86 34.72 35.05 -49.86
N GLN T 87 33.73 35.04 -48.96
CA GLN T 87 33.95 35.51 -47.61
C GLN T 87 33.54 34.44 -46.61
N ALA T 88 34.25 34.40 -45.49
CA ALA T 88 34.00 33.40 -44.47
C ALA T 88 34.60 33.86 -43.15
N ALA T 89 34.21 33.20 -42.07
CA ALA T 89 34.73 33.54 -40.76
C ALA T 89 36.15 33.01 -40.59
N ASP T 90 36.83 33.53 -39.58
CA ASP T 90 38.18 33.11 -39.23
C ASP T 90 38.12 31.78 -38.48
N SER T 91 39.29 31.30 -38.05
CA SER T 91 39.34 30.07 -37.27
C SER T 91 38.60 30.23 -35.95
N SER T 92 38.73 31.39 -35.33
CA SER T 92 37.98 31.67 -34.10
C SER T 92 36.51 31.95 -34.38
N ASN T 93 36.14 32.18 -35.63
CA ASN T 93 34.79 32.44 -36.12
C ASN T 93 34.21 33.75 -35.62
N THR T 94 34.95 34.50 -34.80
CA THR T 94 34.44 35.78 -34.31
C THR T 94 34.55 36.87 -35.38
N GLU T 95 35.62 36.84 -36.18
CA GLU T 95 35.88 37.85 -37.19
C GLU T 95 35.73 37.26 -38.59
N TYR T 96 35.16 38.03 -39.50
CA TYR T 96 34.93 37.62 -40.86
C TYR T 96 35.98 38.24 -41.78
N VAL T 97 36.32 37.52 -42.84
CA VAL T 97 37.29 37.98 -43.84
C VAL T 97 36.72 37.72 -45.22
N PHE T 98 37.24 38.47 -46.19
CA PHE T 98 36.81 38.44 -47.57
C PHE T 98 37.95 38.00 -48.47
N GLY T 99 37.61 37.58 -49.69
CA GLY T 99 38.62 37.23 -50.66
C GLY T 99 39.18 38.44 -51.40
N THR T 100 40.24 38.18 -52.17
CA THR T 100 40.85 39.26 -52.93
C THR T 100 39.90 39.80 -54.00
N GLY T 101 39.20 38.91 -54.69
CA GLY T 101 38.26 39.30 -55.71
C GLY T 101 38.69 38.93 -57.11
N THR T 102 37.78 38.36 -57.90
CA THR T 102 38.04 37.99 -59.28
C THR T 102 37.24 38.88 -60.20
N LYS T 103 37.92 39.53 -61.15
CA LYS T 103 37.26 40.33 -62.17
C LYS T 103 37.01 39.44 -63.38
N VAL T 104 35.80 38.88 -63.47
CA VAL T 104 35.45 38.04 -64.61
C VAL T 104 35.20 38.92 -65.82
N THR T 105 35.91 38.65 -66.92
CA THR T 105 35.80 39.55 -68.10
C THR T 105 35.64 38.75 -69.39
N VAL T 106 35.16 39.39 -70.46
CA VAL T 106 35.02 38.71 -71.78
C VAL T 106 35.95 39.40 -72.77
N LEU T 107 36.83 38.65 -73.42
CA LEU T 107 37.85 39.22 -74.36
C LEU T 107 37.25 39.82 -75.63
N GLN T 108 36.22 39.18 -76.22
CA GLN T 108 35.71 39.62 -77.55
C GLN T 108 35.15 41.06 -77.62
N PRO T 109 34.25 41.56 -76.73
CA PRO T 109 33.66 42.90 -76.92
C PRO T 109 34.58 44.13 -76.88
N LYS T 110 34.20 45.21 -77.56
CA LYS T 110 34.97 46.49 -77.50
C LYS T 110 36.45 46.27 -77.88
N ALA T 111 36.73 45.57 -78.97
CA ALA T 111 38.13 45.26 -79.33
C ALA T 111 38.76 46.44 -80.10
N ASN T 112 37.94 47.25 -80.79
CA ASN T 112 38.46 48.43 -81.53
C ASN T 112 38.82 49.62 -80.63
N PRO T 113 40.12 49.96 -80.45
CA PRO T 113 40.54 51.16 -79.72
C PRO T 113 39.83 52.41 -80.19
N THR T 114 39.93 52.71 -81.48
CA THR T 114 39.30 53.89 -82.09
C THR T 114 39.68 55.17 -81.34
N VAL T 115 40.99 55.41 -81.20
CA VAL T 115 41.46 56.61 -80.52
C VAL T 115 41.12 57.83 -81.35
N THR T 116 40.52 58.83 -80.71
CA THR T 116 40.10 60.04 -81.38
C THR T 116 40.49 61.33 -80.67
N LEU T 117 41.23 61.24 -79.57
CA LEU T 117 41.66 62.45 -78.86
C LEU T 117 42.66 63.23 -79.71
N PHE T 118 42.53 64.56 -79.69
CA PHE T 118 43.41 65.41 -80.49
C PHE T 118 43.98 66.54 -79.65
N PRO T 119 44.95 66.26 -78.78
CA PRO T 119 45.61 67.35 -78.04
C PRO T 119 46.58 68.10 -78.94
N PRO T 120 46.27 69.35 -79.26
CA PRO T 120 47.08 70.07 -80.27
C PRO T 120 48.36 70.68 -79.71
N SER T 121 48.35 71.04 -78.41
CA SER T 121 49.41 71.86 -77.83
C SER T 121 49.61 73.13 -78.65
N SER T 122 48.50 73.73 -79.04
CA SER T 122 48.51 74.84 -79.98
C SER T 122 48.98 76.13 -79.31
N GLU T 123 48.96 77.22 -80.08
CA GLU T 123 49.36 78.52 -79.58
C GLU T 123 48.34 79.10 -78.62
N GLU T 124 47.14 78.51 -78.51
CA GLU T 124 46.15 79.02 -77.56
C GLU T 124 46.66 78.94 -76.13
N LEU T 125 47.27 77.82 -75.76
CA LEU T 125 47.85 77.66 -74.44
C LEU T 125 49.29 78.18 -74.36
N GLN T 126 49.86 78.61 -75.49
CA GLN T 126 51.22 79.15 -75.49
C GLN T 126 51.29 80.51 -74.83
N ALA T 127 50.16 81.19 -74.62
CA ALA T 127 50.16 82.46 -73.93
C ALA T 127 50.66 82.31 -72.50
N ASN T 128 50.28 81.20 -71.86
CA ASN T 128 50.74 80.91 -70.47
C ASN T 128 51.94 79.97 -70.51
N LYS T 129 52.33 79.49 -71.70
CA LYS T 129 53.53 78.63 -71.88
C LYS T 129 53.30 77.20 -71.38
N ALA T 130 52.04 76.82 -71.14
CA ALA T 130 51.74 75.44 -70.68
C ALA T 130 50.77 74.78 -71.67
N THR T 131 51.16 73.67 -72.29
CA THR T 131 50.31 73.05 -73.35
C THR T 131 50.05 71.56 -73.02
N LEU T 132 48.99 70.97 -73.59
CA LEU T 132 48.61 69.57 -73.27
C LEU T 132 49.76 68.63 -73.65
N VAL T 133 50.16 67.74 -72.73
CA VAL T 133 51.31 66.81 -72.96
C VAL T 133 51.01 65.77 -74.06
N CYS T 134 49.83 65.14 -74.03
CA CYS T 134 49.58 64.03 -75.00
C CYS T 134 48.08 63.79 -75.22
N LEU T 135 47.73 63.05 -76.28
CA LEU T 135 46.32 62.72 -76.58
C LEU T 135 45.99 61.33 -76.02
N ILE T 136 45.28 61.26 -74.90
CA ILE T 136 44.91 59.98 -74.28
C ILE T 136 43.60 59.48 -74.88
N SER T 137 43.61 58.25 -75.36
CA SER T 137 42.44 57.69 -76.04
C SER T 137 41.26 57.58 -75.07
N ASP T 138 40.09 58.03 -75.55
CA ASP T 138 38.85 57.89 -74.74
C ASP T 138 38.57 56.39 -74.57
N PHE T 139 38.57 55.65 -75.69
CA PHE T 139 38.29 54.19 -75.66
C PHE T 139 39.54 53.42 -76.13
N TYR T 140 39.82 52.27 -75.53
CA TYR T 140 40.98 51.42 -75.94
C TYR T 140 40.82 50.04 -75.30
N PRO T 141 40.95 48.92 -76.05
CA PRO T 141 40.88 47.60 -75.42
C PRO T 141 42.16 47.24 -74.68
N GLY T 142 42.08 47.08 -73.37
CA GLY T 142 43.25 46.77 -72.57
C GLY T 142 44.31 47.86 -72.63
N ALA T 143 43.88 49.10 -72.45
CA ALA T 143 44.80 50.24 -72.56
C ALA T 143 45.89 50.14 -71.51
N VAL T 144 47.12 50.49 -71.92
CA VAL T 144 48.29 50.47 -71.06
C VAL T 144 48.76 51.91 -70.88
N THR T 145 49.04 52.29 -69.64
CA THR T 145 49.47 53.66 -69.31
C THR T 145 50.93 53.85 -69.72
N VAL T 146 51.14 53.83 -71.04
CA VAL T 146 52.46 54.03 -71.62
C VAL T 146 52.33 55.11 -72.70
N ALA T 147 53.05 56.21 -72.51
CA ALA T 147 53.01 57.33 -73.45
C ALA T 147 54.29 58.12 -73.32
N TRP T 148 55.04 58.23 -74.43
CA TRP T 148 56.30 58.98 -74.47
C TRP T 148 56.31 59.79 -75.76
N LYS T 149 55.85 61.03 -75.68
CA LYS T 149 55.80 61.89 -76.85
C LYS T 149 57.20 62.25 -77.33
N ALA T 150 57.37 62.28 -78.64
CA ALA T 150 58.66 62.58 -79.28
C ALA T 150 58.48 63.87 -80.10
N ASP T 151 58.67 65.01 -79.44
CA ASP T 151 58.52 66.31 -80.09
C ASP T 151 59.87 66.71 -80.71
N GLY T 152 60.12 66.18 -81.90
CA GLY T 152 61.37 66.47 -82.59
C GLY T 152 62.60 65.98 -81.87
N SER T 153 62.50 64.85 -81.18
CA SER T 153 63.60 64.31 -80.39
C SER T 153 63.30 62.86 -80.03
N PRO T 154 64.21 62.17 -79.34
CA PRO T 154 63.91 60.79 -78.90
C PRO T 154 62.71 60.77 -77.97
N VAL T 155 61.97 59.66 -78.02
CA VAL T 155 60.74 59.53 -77.23
C VAL T 155 61.10 59.56 -75.76
N LYS T 156 60.51 60.51 -75.02
CA LYS T 156 60.77 60.67 -73.60
C LYS T 156 59.45 60.70 -72.86
N ALA T 157 59.41 60.04 -71.70
CA ALA T 157 58.20 60.01 -70.88
C ALA T 157 57.91 61.33 -70.18
N GLY T 158 58.83 62.31 -70.27
CA GLY T 158 58.51 63.62 -69.67
C GLY T 158 57.68 64.48 -70.61
N VAL T 159 57.75 64.24 -71.92
CA VAL T 159 56.94 64.98 -72.92
C VAL T 159 55.43 64.69 -72.74
N GLU T 160 55.10 63.42 -72.49
CA GLU T 160 53.69 62.94 -72.39
C GLU T 160 53.31 62.77 -70.92
N THR T 161 52.01 62.70 -70.62
CA THR T 161 51.56 62.40 -69.23
C THR T 161 50.54 61.27 -69.28
N THR T 162 50.68 60.25 -68.43
CA THR T 162 49.76 59.09 -68.45
C THR T 162 48.89 59.10 -67.20
N LYS T 163 47.76 58.37 -67.22
CA LYS T 163 46.85 58.35 -66.09
C LYS T 163 46.35 56.93 -65.86
N PRO T 164 45.84 56.64 -64.66
CA PRO T 164 45.30 55.30 -64.42
C PRO T 164 44.13 54.99 -65.34
N SER T 165 44.07 53.73 -65.79
CA SER T 165 43.07 53.33 -66.76
C SER T 165 41.67 53.35 -66.15
N LYS T 166 40.68 53.67 -66.98
CA LYS T 166 39.28 53.67 -66.61
C LYS T 166 38.52 52.74 -67.55
N GLN T 167 37.18 52.78 -67.48
CA GLN T 167 36.35 51.98 -68.42
C GLN T 167 35.45 52.94 -69.21
N SER T 168 35.51 52.87 -70.54
CA SER T 168 34.71 53.78 -71.41
C SER T 168 33.24 53.33 -71.49
N ASN T 169 32.35 54.20 -71.99
CA ASN T 169 30.92 53.84 -72.17
C ASN T 169 30.83 52.67 -73.16
N ASN T 170 31.70 52.65 -74.17
CA ASN T 170 31.71 51.56 -75.19
C ASN T 170 32.12 50.24 -74.53
N LYS T 171 32.64 50.28 -73.28
CA LYS T 171 33.07 49.08 -72.50
C LYS T 171 34.55 48.81 -72.77
N TYR T 172 35.18 49.57 -73.66
CA TYR T 172 36.64 49.42 -73.86
C TYR T 172 37.32 49.96 -72.59
N ALA T 173 38.37 49.31 -72.10
CA ALA T 173 38.95 49.75 -70.82
C ALA T 173 39.97 50.86 -71.07
N ALA T 174 39.54 52.13 -70.98
CA ALA T 174 40.46 53.26 -71.25
C ALA T 174 40.07 54.51 -70.46
N SER T 175 41.03 55.42 -70.26
CA SER T 175 40.83 56.66 -69.53
C SER T 175 41.28 57.83 -70.38
N SER T 176 40.75 59.02 -70.10
CA SER T 176 41.11 60.19 -70.93
C SER T 176 41.72 61.30 -70.07
N TYR T 177 42.83 61.88 -70.52
CA TYR T 177 43.45 63.02 -69.79
C TYR T 177 44.03 64.01 -70.82
N LEU T 178 43.75 65.31 -70.67
CA LEU T 178 44.36 66.32 -71.56
C LEU T 178 45.87 66.34 -71.31
N SER T 179 46.30 66.27 -70.04
CA SER T 179 47.73 66.24 -69.65
C SER T 179 48.34 67.65 -69.66
N LEU T 180 49.59 67.79 -69.23
CA LEU T 180 50.24 69.13 -69.17
C LEU T 180 51.74 69.02 -69.49
N THR T 181 52.31 70.04 -70.14
CA THR T 181 53.76 70.05 -70.48
C THR T 181 54.20 71.49 -70.74
N PRO T 182 55.40 71.76 -71.30
CA PRO T 182 55.76 73.15 -71.62
C PRO T 182 55.54 73.48 -73.10
N GLU T 183 54.82 74.58 -73.38
CA GLU T 183 54.56 75.02 -74.78
C GLU T 183 55.86 75.45 -75.46
N GLN T 184 56.75 76.15 -74.74
CA GLN T 184 58.00 76.68 -75.34
C GLN T 184 58.74 75.56 -76.07
N TRP T 185 58.94 74.41 -75.42
CA TRP T 185 59.65 73.29 -76.03
C TRP T 185 59.00 72.87 -77.34
N LYS T 186 57.67 72.86 -77.40
CA LYS T 186 56.98 72.49 -78.63
C LYS T 186 57.27 73.48 -79.75
N SER T 187 57.25 74.78 -79.44
CA SER T 187 57.55 75.78 -80.44
C SER T 187 59.00 75.69 -80.91
N HIS T 188 59.93 75.46 -79.97
CA HIS T 188 61.33 75.34 -80.34
C HIS T 188 61.59 74.10 -81.17
N ARG T 189 60.89 73.01 -80.88
CA ARG T 189 61.08 71.77 -81.62
C ARG T 189 60.65 71.93 -83.07
N SER T 190 61.43 71.36 -83.98
CA SER T 190 61.09 71.43 -85.40
C SER T 190 59.80 70.70 -85.71
N TYR T 191 59.58 69.55 -85.08
CA TYR T 191 58.38 68.75 -85.28
C TYR T 191 57.77 68.39 -83.93
N SER T 192 56.46 68.21 -83.92
CA SER T 192 55.71 67.86 -82.71
C SER T 192 54.97 66.55 -82.97
N CYS T 193 55.50 65.45 -82.44
CA CYS T 193 54.90 64.14 -82.60
C CYS T 193 54.72 63.49 -81.23
N GLN T 194 53.75 62.58 -81.15
CA GLN T 194 53.43 61.89 -79.92
C GLN T 194 53.43 60.38 -80.20
N VAL T 195 54.35 59.66 -79.56
CA VAL T 195 54.41 58.21 -79.68
C VAL T 195 53.48 57.61 -78.64
N THR T 196 52.57 56.75 -79.09
CA THR T 196 51.55 56.18 -78.21
C THR T 196 51.66 54.66 -78.17
N HIS T 197 52.88 54.14 -78.03
CA HIS T 197 53.08 52.69 -77.98
C HIS T 197 52.47 52.10 -76.72
N GLU T 198 51.31 51.45 -76.86
CA GLU T 198 50.62 50.85 -75.73
C GLU T 198 49.63 49.83 -76.27
N GLY T 199 49.41 48.77 -75.49
CA GLY T 199 48.50 47.71 -75.90
C GLY T 199 48.94 47.00 -77.16
N SER T 200 50.23 46.71 -77.28
CA SER T 200 50.81 46.01 -78.43
C SER T 200 50.54 46.76 -79.73
N THR T 201 50.47 48.09 -79.66
CA THR T 201 50.23 48.92 -80.83
C THR T 201 51.04 50.20 -80.71
N VAL T 202 51.90 50.47 -81.68
CA VAL T 202 52.75 51.65 -81.70
C VAL T 202 52.47 52.42 -82.98
N GLU T 203 52.16 53.71 -82.84
CA GLU T 203 51.87 54.54 -84.00
C GLU T 203 52.19 55.99 -83.64
N LYS T 204 52.44 56.79 -84.68
CA LYS T 204 52.73 58.21 -84.53
C LYS T 204 51.84 59.02 -85.45
N THR T 205 51.33 60.13 -84.93
CA THR T 205 50.47 61.01 -85.71
C THR T 205 51.33 61.95 -86.55
N VAL T 206 50.71 62.97 -87.14
CA VAL T 206 51.45 63.95 -87.92
C VAL T 206 52.39 64.74 -87.01
N ALA T 207 53.44 65.30 -87.61
CA ALA T 207 54.44 66.03 -86.85
C ALA T 207 54.56 67.47 -87.36
N PRO T 208 53.45 68.17 -87.53
CA PRO T 208 53.52 69.58 -87.97
C PRO T 208 53.68 70.51 -86.77
N THR T 209 54.44 71.58 -87.00
CA THR T 209 54.69 72.57 -85.95
C THR T 209 54.49 73.98 -86.46
#